data_3KRD
#
_entry.id   3KRD
#
_cell.length_a   170.186
_cell.length_b   118.099
_cell.length_c   194.347
_cell.angle_alpha   90.00
_cell.angle_beta   112.62
_cell.angle_gamma   90.00
#
_symmetry.space_group_name_H-M   'P 1 21 1'
#
loop_
_entity.id
_entity.type
_entity.pdbx_description
1 polymer 'Proteasome subunit alpha'
2 polymer 'Proteasome subunit beta'
3 polymer 'Fellutamide B'
4 non-polymer '(3R)-3-HYDROXYDODECANOIC ACID'
5 water water
#
loop_
_entity_poly.entity_id
_entity_poly.type
_entity_poly.pdbx_seq_one_letter_code
_entity_poly.pdbx_strand_id
1 'polypeptide(L)'
;MSFPYFISPEQAMRERSELARKGIARAKSVVALAYAGGVLFVAENPSRSLQKISELYDRVGFAAAGKFNEFDNLRRGGIQ
FADTRGYAYDRRDVTGRQLANVYAQTLGTIFTEQAKPYEVELCVAEVAHYGETKRPELYRITYDGSIADEPHFVVMGGTT
EPIANALKESYAENASLTDALRIAVAALRAGSADTSGGDQPTLGVASLEVAVLDANRPRRAFRRITGSALQALLVDQESP
QSDGESSG
;
A,B,D,F,I,K,M,O,Q,S,U,W,Y,1
2 'polypeptide(L)'
;TTIVALKYPGGVVMAGDRRSTQGNMISGRDVRKVYITDDYTATGIAGTAAVAVEFARLYAVELEHYEKLEGVPLTFAGKI
NRLAIMVRGNLAAAMQGLLALPLLAGYDIHASDPQSAGRIVSFDAAGGWNIEEEGYQAVGSGSLFAKSSMKKLYSQVTDG
DSGLRVAVEALYDAADDDSATGGPDLVRGIFPTAVIIDADGAVDVPESRIAELARAIIESRSGADTFGSDGGEKHHHHHH
;
C,E,G,H,J,L,N,P,R,T,V,X,Z,2
3 'polypeptide(L)' NQL a,b,c,d,e,f,g,h,i,j,k,l,m,n
#
# COMPACT_ATOMS: atom_id res chain seq x y z
N SER A 8 -70.18 0.92 -20.52
CA SER A 8 -71.37 0.90 -19.64
C SER A 8 -70.99 0.52 -18.22
N PRO A 9 -70.28 1.42 -17.51
CA PRO A 9 -69.83 1.19 -16.13
C PRO A 9 -70.85 0.43 -15.26
N GLU A 10 -72.08 0.92 -15.23
CA GLU A 10 -73.14 0.31 -14.43
C GLU A 10 -73.51 -1.10 -14.90
N GLN A 11 -73.44 -1.33 -16.20
CA GLN A 11 -73.76 -2.65 -16.74
C GLN A 11 -72.68 -3.65 -16.37
N ALA A 12 -71.43 -3.28 -16.65
CA ALA A 12 -70.27 -4.14 -16.35
C ALA A 12 -70.33 -4.56 -14.90
N MET A 13 -70.46 -3.59 -14.00
CA MET A 13 -70.53 -3.92 -12.59
C MET A 13 -71.58 -4.97 -12.34
N ARG A 14 -72.77 -4.82 -12.92
CA ARG A 14 -73.82 -5.81 -12.70
C ARG A 14 -73.49 -7.19 -13.25
N GLU A 15 -72.95 -7.24 -14.47
CA GLU A 15 -72.58 -8.51 -15.07
C GLU A 15 -71.50 -9.22 -14.29
N ARG A 16 -70.41 -8.52 -14.02
CA ARG A 16 -69.31 -9.09 -13.26
C ARG A 16 -69.86 -9.63 -11.94
N SER A 17 -70.65 -8.80 -11.27
CA SER A 17 -71.25 -9.19 -10.00
C SER A 17 -72.08 -10.46 -10.14
N GLU A 18 -72.84 -10.54 -11.22
CA GLU A 18 -73.70 -11.69 -11.47
C GLU A 18 -72.86 -12.94 -11.71
N LEU A 19 -71.87 -12.78 -12.58
CA LEU A 19 -70.96 -13.86 -12.93
C LEU A 19 -70.37 -14.48 -11.66
N ALA A 20 -70.01 -13.62 -10.71
CA ALA A 20 -69.42 -14.05 -9.45
C ALA A 20 -70.44 -14.75 -8.57
N ARG A 21 -71.57 -14.11 -8.33
CA ARG A 21 -72.59 -14.70 -7.48
C ARG A 21 -72.99 -16.09 -7.96
N LYS A 22 -73.16 -16.21 -9.28
CA LYS A 22 -73.53 -17.49 -9.88
C LYS A 22 -72.51 -18.58 -9.57
N GLY A 23 -71.23 -18.27 -9.79
CA GLY A 23 -70.18 -19.24 -9.51
C GLY A 23 -70.19 -19.73 -8.07
N ILE A 24 -70.38 -18.80 -7.14
CA ILE A 24 -70.42 -19.13 -5.73
C ILE A 24 -71.64 -19.97 -5.44
N ALA A 25 -72.72 -19.68 -6.16
CA ALA A 25 -73.97 -20.41 -5.99
C ALA A 25 -73.83 -21.89 -6.35
N ARG A 26 -73.25 -22.18 -7.51
CA ARG A 26 -73.08 -23.56 -7.94
C ARG A 26 -72.04 -24.33 -7.13
N ALA A 27 -71.43 -23.69 -6.13
CA ALA A 27 -70.41 -24.34 -5.31
C ALA A 27 -70.95 -24.92 -4.00
N LYS A 28 -70.24 -25.89 -3.45
CA LYS A 28 -70.64 -26.52 -2.19
C LYS A 28 -70.64 -25.51 -1.05
N SER A 29 -71.39 -25.80 0.01
CA SER A 29 -71.49 -24.88 1.14
C SER A 29 -70.51 -25.09 2.30
N VAL A 30 -70.19 -24.00 2.97
CA VAL A 30 -69.27 -24.00 4.10
C VAL A 30 -69.87 -23.21 5.25
N VAL A 31 -69.63 -23.68 6.46
CA VAL A 31 -70.14 -23.01 7.63
C VAL A 31 -69.09 -22.90 8.73
N ALA A 32 -69.17 -21.82 9.50
CA ALA A 32 -68.33 -21.70 10.70
C ALA A 32 -69.07 -21.00 11.82
N LEU A 33 -68.83 -21.43 13.05
CA LEU A 33 -69.45 -20.79 14.17
C LEU A 33 -68.64 -20.80 15.45
N ALA A 34 -68.89 -19.79 16.27
CA ALA A 34 -68.28 -19.66 17.57
C ALA A 34 -68.86 -20.73 18.44
N TYR A 35 -68.05 -21.32 19.28
CA TYR A 35 -68.52 -22.39 20.09
C TYR A 35 -67.78 -22.33 21.40
N ALA A 36 -68.02 -23.25 22.30
CA ALA A 36 -67.44 -23.14 23.61
C ALA A 36 -65.93 -23.11 23.52
N GLY A 37 -65.38 -23.92 22.65
CA GLY A 37 -63.95 -24.12 22.52
C GLY A 37 -63.24 -23.26 21.51
N GLY A 38 -63.96 -22.34 20.90
CA GLY A 38 -63.40 -21.48 19.89
C GLY A 38 -64.16 -21.41 18.59
N VAL A 39 -63.59 -21.89 17.49
CA VAL A 39 -64.32 -21.80 16.23
C VAL A 39 -64.44 -23.10 15.49
N LEU A 40 -65.61 -23.29 14.90
CA LEU A 40 -65.89 -24.50 14.17
C LEU A 40 -66.02 -24.30 12.69
N PHE A 41 -65.25 -25.06 11.95
CA PHE A 41 -65.30 -25.01 10.52
C PHE A 41 -65.82 -26.34 10.03
N VAL A 42 -66.87 -26.30 9.22
CA VAL A 42 -67.45 -27.50 8.62
C VAL A 42 -67.87 -27.18 7.19
N ALA A 43 -67.32 -27.95 6.25
CA ALA A 43 -67.64 -27.76 4.85
C ALA A 43 -67.91 -29.07 4.14
N GLU A 44 -68.77 -28.99 3.14
CA GLU A 44 -69.13 -30.13 2.32
C GLU A 44 -67.93 -30.30 1.39
N ASN A 45 -67.13 -31.34 1.58
CA ASN A 45 -66.00 -31.55 0.71
C ASN A 45 -65.62 -33.00 0.46
N PRO A 46 -65.78 -33.42 -0.79
CA PRO A 46 -65.42 -34.75 -1.28
C PRO A 46 -63.95 -35.04 -1.26
N SER A 47 -63.13 -34.07 -1.61
CA SER A 47 -61.75 -34.40 -1.83
C SER A 47 -61.03 -35.01 -0.67
N ARG A 48 -60.29 -36.06 -0.97
CA ARG A 48 -59.43 -36.65 -0.01
C ARG A 48 -58.31 -35.65 0.25
N SER A 49 -57.83 -35.03 -0.82
CA SER A 49 -56.72 -34.08 -0.69
C SER A 49 -56.88 -32.58 -1.01
N LEU A 50 -58.07 -32.10 -1.38
CA LEU A 50 -58.17 -30.69 -1.69
C LEU A 50 -59.00 -29.94 -0.66
N GLN A 51 -58.40 -28.91 -0.07
CA GLN A 51 -58.97 -28.24 1.10
C GLN A 51 -59.68 -26.89 0.96
N LYS A 52 -60.70 -26.70 1.76
CA LYS A 52 -61.42 -25.43 1.75
C LYS A 52 -61.26 -24.70 3.08
N ILE A 53 -60.66 -25.38 4.05
CA ILE A 53 -60.44 -24.82 5.37
C ILE A 53 -58.95 -24.91 5.69
N SER A 54 -58.37 -23.82 6.16
CA SER A 54 -56.94 -23.82 6.45
C SER A 54 -56.51 -22.89 7.56
N GLU A 55 -55.35 -23.17 8.08
CA GLU A 55 -54.72 -22.33 9.08
C GLU A 55 -54.12 -21.11 8.40
N LEU A 56 -54.18 -19.95 9.03
CA LEU A 56 -53.55 -18.75 8.46
C LEU A 56 -52.39 -18.33 9.37
N TYR A 57 -52.64 -18.22 10.65
CA TYR A 57 -51.61 -17.88 11.62
C TYR A 57 -51.93 -18.55 12.94
N ASP A 58 -51.22 -18.20 13.97
CA ASP A 58 -51.41 -18.79 15.27
C ASP A 58 -52.84 -18.99 15.73
N ARG A 59 -53.66 -17.96 15.74
CA ARG A 59 -55.01 -18.09 16.21
C ARG A 59 -56.01 -17.75 15.13
N VAL A 60 -55.53 -17.64 13.91
CA VAL A 60 -56.39 -17.23 12.81
C VAL A 60 -56.65 -18.32 11.79
N GLY A 61 -57.93 -18.55 11.51
CA GLY A 61 -58.33 -19.57 10.57
C GLY A 61 -58.95 -19.01 9.30
N PHE A 62 -58.98 -19.87 8.27
CA PHE A 62 -59.50 -19.50 6.95
C PHE A 62 -60.43 -20.57 6.38
N ALA A 63 -61.52 -20.11 5.76
CA ALA A 63 -62.49 -21.01 5.15
C ALA A 63 -63.01 -20.30 3.90
N ALA A 64 -63.26 -21.07 2.84
CA ALA A 64 -63.74 -20.47 1.61
C ALA A 64 -64.67 -21.36 0.79
N ALA A 65 -65.42 -20.71 -0.10
CA ALA A 65 -66.33 -21.39 -0.97
C ALA A 65 -66.20 -20.76 -2.36
N GLY A 66 -66.35 -21.58 -3.40
CA GLY A 66 -66.25 -21.06 -4.74
C GLY A 66 -65.24 -21.84 -5.55
N LYS A 67 -64.63 -21.22 -6.53
CA LYS A 67 -63.64 -21.86 -7.37
C LYS A 67 -62.34 -22.09 -6.59
N PHE A 68 -61.95 -23.35 -6.44
CA PHE A 68 -60.75 -23.74 -5.71
C PHE A 68 -59.46 -23.00 -6.04
N ASN A 69 -59.08 -22.97 -7.30
CA ASN A 69 -57.87 -22.29 -7.65
C ASN A 69 -57.89 -20.82 -7.27
N GLU A 70 -59.06 -20.25 -7.10
CA GLU A 70 -59.13 -18.85 -6.83
C GLU A 70 -59.01 -18.58 -5.36
N PHE A 71 -59.62 -19.43 -4.57
CA PHE A 71 -59.51 -19.18 -3.14
C PHE A 71 -58.27 -19.80 -2.53
N ASP A 72 -57.63 -20.72 -3.26
CA ASP A 72 -56.40 -21.31 -2.74
C ASP A 72 -55.35 -20.22 -2.94
N ASN A 73 -55.49 -19.44 -4.01
CA ASN A 73 -54.58 -18.34 -4.25
C ASN A 73 -54.69 -17.32 -3.16
N LEU A 74 -55.90 -16.97 -2.79
CA LEU A 74 -56.08 -16.03 -1.69
C LEU A 74 -55.55 -16.61 -0.37
N ARG A 75 -55.73 -17.91 -0.16
CA ARG A 75 -55.26 -18.55 1.04
C ARG A 75 -53.73 -18.39 1.15
N ARG A 76 -53.04 -18.68 0.06
CA ARG A 76 -51.60 -18.55 0.03
C ARG A 76 -51.18 -17.12 0.29
N GLY A 77 -51.82 -16.18 -0.40
CA GLY A 77 -51.52 -14.77 -0.22
C GLY A 77 -51.75 -14.36 1.24
N GLY A 78 -52.75 -14.96 1.89
CA GLY A 78 -53.03 -14.64 3.28
C GLY A 78 -51.91 -15.13 4.19
N ILE A 79 -51.46 -16.35 3.96
CA ILE A 79 -50.38 -16.94 4.73
C ILE A 79 -49.12 -16.08 4.50
N GLN A 80 -48.93 -15.64 3.27
CA GLN A 80 -47.79 -14.82 2.93
C GLN A 80 -47.83 -13.52 3.76
N PHE A 81 -48.99 -12.89 3.79
CA PHE A 81 -49.19 -11.65 4.51
C PHE A 81 -48.95 -11.81 6.00
N ALA A 82 -49.59 -12.83 6.60
CA ALA A 82 -49.44 -13.08 8.03
C ALA A 82 -48.01 -13.36 8.46
N ASP A 83 -47.32 -14.24 7.77
CA ASP A 83 -45.97 -14.58 8.13
C ASP A 83 -45.01 -13.44 7.94
N THR A 84 -45.26 -12.62 6.95
CA THR A 84 -44.44 -11.45 6.76
C THR A 84 -44.63 -10.43 7.88
N ARG A 85 -45.88 -10.17 8.26
CA ARG A 85 -46.16 -9.22 9.34
C ARG A 85 -45.59 -9.66 10.67
N GLY A 86 -45.85 -10.92 11.03
CA GLY A 86 -45.36 -11.44 12.28
C GLY A 86 -43.83 -11.35 12.36
N TYR A 87 -43.14 -11.63 11.28
CA TYR A 87 -41.71 -11.51 11.26
C TYR A 87 -41.21 -10.06 11.34
N ALA A 88 -41.83 -9.18 10.59
CA ALA A 88 -41.50 -7.76 10.59
C ALA A 88 -41.80 -7.11 11.94
N TYR A 89 -42.90 -7.49 12.58
CA TYR A 89 -43.25 -6.95 13.89
C TYR A 89 -43.07 -7.96 14.97
N ASP A 90 -44.13 -8.60 15.40
CA ASP A 90 -44.05 -9.74 16.31
C ASP A 90 -45.27 -10.61 16.03
N ARG A 91 -45.24 -11.87 16.43
CA ARG A 91 -46.34 -12.77 16.18
C ARG A 91 -47.66 -12.28 16.68
N ARG A 92 -47.65 -11.80 17.89
CA ARG A 92 -48.87 -11.30 18.51
C ARG A 92 -49.44 -10.02 17.87
N ASP A 93 -48.76 -9.48 16.88
CA ASP A 93 -49.25 -8.29 16.22
C ASP A 93 -50.16 -8.66 15.05
N VAL A 94 -50.16 -9.94 14.67
CA VAL A 94 -51.01 -10.41 13.57
C VAL A 94 -52.41 -10.73 14.10
N THR A 95 -53.43 -10.22 13.43
CA THR A 95 -54.81 -10.44 13.87
C THR A 95 -55.78 -10.83 12.76
N GLY A 96 -56.88 -11.42 13.17
CA GLY A 96 -57.89 -11.80 12.21
C GLY A 96 -58.40 -10.57 11.48
N ARG A 97 -58.55 -9.46 12.22
CA ARG A 97 -59.05 -8.23 11.63
C ARG A 97 -58.15 -7.76 10.49
N GLN A 98 -56.83 -7.81 10.70
CA GLN A 98 -55.89 -7.40 9.67
C GLN A 98 -56.05 -8.25 8.44
N LEU A 99 -56.16 -9.56 8.63
CA LEU A 99 -56.31 -10.45 7.49
C LEU A 99 -57.61 -10.20 6.72
N ALA A 100 -58.70 -10.00 7.44
CA ALA A 100 -59.98 -9.75 6.79
C ALA A 100 -59.85 -8.47 5.99
N ASN A 101 -59.23 -7.47 6.60
CA ASN A 101 -59.03 -6.16 5.96
C ASN A 101 -58.25 -6.32 4.66
N VAL A 102 -57.21 -7.16 4.72
CA VAL A 102 -56.36 -7.40 3.54
C VAL A 102 -57.11 -8.12 2.42
N TYR A 103 -57.93 -9.10 2.80
CA TYR A 103 -58.72 -9.82 1.83
C TYR A 103 -59.72 -8.88 1.19
N ALA A 104 -60.34 -8.05 2.02
CA ALA A 104 -61.30 -7.07 1.55
C ALA A 104 -60.67 -6.22 0.44
N GLN A 105 -59.49 -5.69 0.73
CA GLN A 105 -58.80 -4.84 -0.22
C GLN A 105 -58.39 -5.63 -1.46
N THR A 106 -57.98 -6.87 -1.26
CA THR A 106 -57.54 -7.69 -2.37
C THR A 106 -58.66 -8.01 -3.34
N LEU A 107 -59.76 -8.56 -2.81
CA LEU A 107 -60.90 -8.90 -3.64
C LEU A 107 -61.47 -7.66 -4.31
N GLY A 108 -61.52 -6.54 -3.60
CA GLY A 108 -61.99 -5.31 -4.18
C GLY A 108 -61.18 -4.89 -5.38
N THR A 109 -59.90 -5.16 -5.31
CA THR A 109 -59.06 -4.84 -6.45
C THR A 109 -59.31 -5.81 -7.61
N ILE A 110 -59.37 -7.10 -7.30
CA ILE A 110 -59.60 -8.10 -8.32
C ILE A 110 -60.91 -7.80 -9.05
N PHE A 111 -61.97 -7.59 -8.28
CA PHE A 111 -63.28 -7.34 -8.81
C PHE A 111 -63.30 -6.16 -9.73
N THR A 112 -62.45 -5.20 -9.45
CA THR A 112 -62.37 -3.98 -10.23
C THR A 112 -61.45 -4.04 -11.45
N GLU A 113 -60.19 -4.41 -11.24
CA GLU A 113 -59.24 -4.39 -12.35
C GLU A 113 -58.87 -5.69 -13.08
N GLN A 114 -59.34 -6.83 -12.58
CA GLN A 114 -59.03 -8.08 -13.26
C GLN A 114 -60.04 -8.49 -14.31
N ALA A 115 -59.57 -9.27 -15.28
CA ALA A 115 -60.42 -9.74 -16.37
C ALA A 115 -61.74 -10.30 -15.86
N LYS A 116 -61.65 -11.27 -14.95
CA LYS A 116 -62.82 -11.89 -14.39
C LYS A 116 -62.81 -11.77 -12.88
N PRO A 117 -63.98 -11.55 -12.27
CA PRO A 117 -64.02 -11.44 -10.81
C PRO A 117 -63.71 -12.82 -10.25
N TYR A 118 -63.35 -12.87 -8.97
CA TYR A 118 -63.06 -14.12 -8.33
C TYR A 118 -64.38 -14.69 -7.83
N GLU A 119 -64.71 -15.89 -8.26
CA GLU A 119 -65.95 -16.54 -7.84
C GLU A 119 -65.71 -17.17 -6.48
N VAL A 120 -65.51 -16.33 -5.46
CA VAL A 120 -65.24 -16.83 -4.11
C VAL A 120 -65.90 -16.02 -3.01
N GLU A 121 -65.97 -16.62 -1.82
CA GLU A 121 -66.52 -15.98 -0.64
C GLU A 121 -65.64 -16.52 0.50
N LEU A 122 -65.05 -15.62 1.27
CA LEU A 122 -64.14 -16.03 2.35
C LEU A 122 -64.59 -15.72 3.75
N CYS A 123 -64.04 -16.49 4.68
CA CYS A 123 -64.30 -16.29 6.09
C CYS A 123 -62.99 -16.38 6.88
N VAL A 124 -62.70 -15.32 7.64
CA VAL A 124 -61.50 -15.30 8.47
C VAL A 124 -61.96 -15.38 9.93
N ALA A 125 -61.40 -16.29 10.71
CA ALA A 125 -61.82 -16.41 12.09
C ALA A 125 -60.63 -16.31 13.04
N GLU A 126 -60.89 -15.81 14.25
CA GLU A 126 -59.84 -15.67 15.24
C GLU A 126 -60.36 -15.99 16.64
N VAL A 127 -59.58 -16.72 17.40
CA VAL A 127 -59.95 -17.08 18.75
C VAL A 127 -58.92 -16.44 19.66
N ALA A 128 -59.21 -16.43 20.95
CA ALA A 128 -58.29 -15.83 21.91
C ALA A 128 -56.98 -16.59 22.01
N HIS A 129 -55.98 -15.92 22.56
CA HIS A 129 -54.66 -16.52 22.77
C HIS A 129 -54.78 -17.41 24.00
N TYR A 130 -53.91 -18.40 24.12
CA TYR A 130 -53.97 -19.31 25.27
C TYR A 130 -54.09 -18.57 26.60
N GLY A 131 -54.98 -19.06 27.46
CA GLY A 131 -55.17 -18.46 28.77
C GLY A 131 -55.79 -17.08 28.73
N GLU A 132 -55.95 -16.53 27.54
CA GLU A 132 -56.55 -15.21 27.39
C GLU A 132 -58.05 -15.41 27.36
N THR A 133 -58.80 -14.33 27.56
CA THR A 133 -60.26 -14.43 27.55
C THR A 133 -60.81 -13.38 26.60
N LYS A 134 -61.24 -13.84 25.43
CA LYS A 134 -61.79 -12.96 24.40
C LYS A 134 -62.82 -13.69 23.53
N ARG A 135 -63.83 -12.96 23.10
CA ARG A 135 -64.89 -13.52 22.29
C ARG A 135 -64.40 -13.78 20.87
N PRO A 136 -64.66 -14.97 20.34
CA PRO A 136 -64.23 -15.31 18.98
C PRO A 136 -64.72 -14.27 17.98
N GLU A 137 -63.99 -14.07 16.90
CA GLU A 137 -64.34 -13.09 15.89
C GLU A 137 -64.46 -13.79 14.57
N LEU A 138 -65.49 -13.47 13.82
CA LEU A 138 -65.70 -14.09 12.55
C LEU A 138 -65.91 -13.02 11.52
N TYR A 139 -65.30 -13.17 10.36
CA TYR A 139 -65.42 -12.19 9.31
C TYR A 139 -65.82 -12.80 7.98
N ARG A 140 -66.68 -12.12 7.25
CA ARG A 140 -67.10 -12.55 5.92
C ARG A 140 -66.67 -11.50 4.95
N ILE A 141 -65.97 -11.94 3.90
CA ILE A 141 -65.55 -11.06 2.82
C ILE A 141 -66.06 -11.69 1.57
N THR A 142 -66.60 -10.87 0.69
CA THR A 142 -67.27 -11.32 -0.52
C THR A 142 -66.55 -10.85 -1.77
N TYR A 143 -66.90 -11.48 -2.86
CA TYR A 143 -66.23 -11.27 -4.14
C TYR A 143 -65.98 -9.84 -4.54
N ASP A 144 -66.70 -8.88 -4.01
CA ASP A 144 -66.42 -7.52 -4.44
C ASP A 144 -65.62 -6.75 -3.43
N GLY A 145 -65.27 -7.38 -2.32
CA GLY A 145 -64.48 -6.72 -1.30
C GLY A 145 -65.28 -6.22 -0.11
N SER A 146 -66.54 -6.62 -0.03
CA SER A 146 -67.37 -6.20 1.09
C SER A 146 -66.98 -7.04 2.26
N ILE A 147 -67.02 -6.44 3.45
CA ILE A 147 -66.62 -7.16 4.64
C ILE A 147 -67.67 -6.97 5.74
N ALA A 148 -67.78 -7.95 6.62
CA ALA A 148 -68.75 -7.86 7.70
C ALA A 148 -68.42 -8.92 8.75
N ASP A 149 -68.53 -8.56 10.02
CA ASP A 149 -68.23 -9.51 11.08
C ASP A 149 -69.48 -10.04 11.74
N GLU A 150 -69.64 -11.35 11.69
CA GLU A 150 -70.79 -12.00 12.28
C GLU A 150 -70.43 -12.32 13.72
N PRO A 151 -71.42 -12.24 14.61
CA PRO A 151 -71.18 -12.52 16.03
C PRO A 151 -71.21 -14.01 16.39
N HIS A 152 -71.96 -14.80 15.62
CA HIS A 152 -72.07 -16.22 15.96
C HIS A 152 -71.69 -17.25 14.91
N PHE A 153 -72.06 -17.00 13.65
CA PHE A 153 -71.76 -17.95 12.59
C PHE A 153 -71.72 -17.31 11.21
N VAL A 154 -71.10 -18.01 10.26
CA VAL A 154 -71.00 -17.54 8.89
C VAL A 154 -71.31 -18.70 7.96
N VAL A 155 -72.00 -18.41 6.87
CA VAL A 155 -72.34 -19.44 5.90
C VAL A 155 -71.97 -18.93 4.52
N MET A 156 -71.33 -19.78 3.73
CA MET A 156 -70.92 -19.39 2.38
C MET A 156 -71.06 -20.52 1.37
N GLY A 157 -71.29 -20.16 0.11
CA GLY A 157 -71.41 -21.15 -0.94
C GLY A 157 -72.78 -21.76 -1.19
N GLY A 158 -73.12 -21.93 -2.46
CA GLY A 158 -74.40 -22.51 -2.81
C GLY A 158 -75.57 -21.70 -2.33
N THR A 159 -76.62 -22.41 -1.93
CA THR A 159 -77.84 -21.78 -1.41
C THR A 159 -77.67 -21.60 0.09
N THR A 160 -77.40 -20.37 0.50
CA THR A 160 -77.16 -20.05 1.89
C THR A 160 -78.38 -19.89 2.78
N GLU A 161 -79.36 -19.11 2.33
CA GLU A 161 -80.58 -18.88 3.12
C GLU A 161 -81.10 -20.09 3.87
N PRO A 162 -81.32 -21.22 3.17
CA PRO A 162 -81.82 -22.43 3.84
C PRO A 162 -80.94 -22.80 5.04
N ILE A 163 -79.63 -22.85 4.80
CA ILE A 163 -78.64 -23.19 5.82
C ILE A 163 -78.55 -22.12 6.91
N ALA A 164 -78.66 -20.87 6.49
CA ALA A 164 -78.59 -19.74 7.41
C ALA A 164 -79.73 -19.82 8.40
N ASN A 165 -80.95 -19.87 7.89
CA ASN A 165 -82.14 -19.95 8.72
C ASN A 165 -82.09 -21.15 9.65
N ALA A 166 -81.76 -22.32 9.09
CA ALA A 166 -81.68 -23.56 9.87
C ALA A 166 -80.74 -23.39 11.06
N LEU A 167 -79.66 -22.66 10.84
CA LEU A 167 -78.66 -22.43 11.87
C LEU A 167 -79.16 -21.31 12.78
N LYS A 168 -79.79 -20.31 12.16
CA LYS A 168 -80.32 -19.16 12.88
C LYS A 168 -81.20 -19.54 14.06
N GLU A 169 -81.88 -20.68 13.98
CA GLU A 169 -82.73 -21.11 15.07
C GLU A 169 -82.12 -22.33 15.75
N SER A 170 -80.88 -22.64 15.45
CA SER A 170 -80.28 -23.80 16.11
C SER A 170 -79.16 -23.41 16.99
N TYR A 171 -78.64 -22.20 16.82
CA TYR A 171 -77.40 -21.82 17.46
C TYR A 171 -77.49 -21.63 18.96
N ALA A 172 -76.51 -22.21 19.65
CA ALA A 172 -76.35 -22.03 21.06
C ALA A 172 -74.97 -21.45 21.40
N GLU A 173 -74.93 -20.31 22.07
CA GLU A 173 -73.66 -19.74 22.49
C GLU A 173 -73.08 -20.75 23.44
N ASN A 174 -71.77 -20.94 23.39
CA ASN A 174 -71.11 -21.91 24.24
C ASN A 174 -71.59 -23.32 24.07
N ALA A 175 -71.98 -23.70 22.88
CA ALA A 175 -72.27 -25.10 22.62
C ALA A 175 -71.00 -25.89 22.74
N SER A 176 -71.09 -27.15 23.12
CA SER A 176 -69.91 -27.98 23.20
C SER A 176 -69.48 -28.29 21.78
N LEU A 177 -68.33 -28.92 21.62
CA LEU A 177 -67.84 -29.23 20.28
C LEU A 177 -68.82 -30.17 19.56
N THR A 178 -69.18 -31.26 20.23
CA THR A 178 -70.10 -32.24 19.65
C THR A 178 -71.45 -31.62 19.32
N ASP A 179 -71.96 -30.78 20.23
CA ASP A 179 -73.25 -30.12 20.01
C ASP A 179 -73.19 -29.18 18.80
N ALA A 180 -72.12 -28.38 18.74
CA ALA A 180 -71.92 -27.44 17.66
C ALA A 180 -71.73 -28.17 16.32
N LEU A 181 -70.98 -29.27 16.35
CA LEU A 181 -70.74 -30.04 15.12
C LEU A 181 -72.04 -30.50 14.52
N ARG A 182 -72.83 -31.23 15.31
CA ARG A 182 -74.13 -31.72 14.84
C ARG A 182 -75.02 -30.57 14.38
N ILE A 183 -75.12 -29.52 15.19
CA ILE A 183 -75.93 -28.36 14.83
C ILE A 183 -75.53 -27.89 13.43
N ALA A 184 -74.23 -27.84 13.21
CA ALA A 184 -73.70 -27.34 11.96
C ALA A 184 -73.96 -28.27 10.80
N VAL A 185 -73.86 -29.56 11.03
CA VAL A 185 -74.09 -30.50 9.96
C VAL A 185 -75.52 -30.46 9.39
N ALA A 186 -76.51 -30.32 10.27
CA ALA A 186 -77.89 -30.35 9.83
C ALA A 186 -78.20 -29.21 8.90
N ALA A 187 -77.68 -28.06 9.25
CA ALA A 187 -77.92 -26.85 8.50
C ALA A 187 -77.34 -26.99 7.12
N LEU A 188 -76.21 -27.65 7.05
CA LEU A 188 -75.56 -27.88 5.78
C LEU A 188 -76.51 -28.77 4.98
N ARG A 189 -77.14 -29.69 5.69
CA ARG A 189 -78.22 -30.55 5.19
C ARG A 189 -79.47 -29.78 4.80
N ALA A 190 -79.79 -28.76 5.57
CA ALA A 190 -80.99 -27.97 5.39
C ALA A 190 -80.91 -27.27 4.06
N GLY A 191 -79.75 -27.34 3.43
CA GLY A 191 -79.57 -26.77 2.11
C GLY A 191 -79.66 -27.86 1.06
N VAL A 205 -69.40 -38.22 7.13
CA VAL A 205 -67.97 -38.06 6.83
C VAL A 205 -67.63 -38.40 5.41
N ALA A 206 -66.53 -37.86 4.93
CA ALA A 206 -66.03 -38.13 3.59
C ALA A 206 -66.89 -37.32 2.65
N SER A 207 -67.79 -36.58 3.26
CA SER A 207 -68.63 -35.63 2.60
C SER A 207 -68.28 -34.28 3.24
N LEU A 208 -67.38 -34.34 4.19
CA LEU A 208 -67.03 -33.18 5.00
C LEU A 208 -65.56 -33.00 5.35
N GLU A 209 -65.18 -31.74 5.53
CA GLU A 209 -63.86 -31.36 6.00
C GLU A 209 -64.15 -30.62 7.28
N VAL A 210 -63.58 -31.09 8.38
CA VAL A 210 -63.82 -30.44 9.66
C VAL A 210 -62.54 -30.05 10.40
N ALA A 211 -62.55 -28.87 11.00
CA ALA A 211 -61.41 -28.37 11.75
C ALA A 211 -61.86 -27.27 12.68
N VAL A 212 -61.06 -27.04 13.72
CA VAL A 212 -61.38 -26.01 14.70
C VAL A 212 -60.18 -25.16 15.08
N LEU A 213 -60.50 -23.96 15.56
CA LEU A 213 -59.50 -23.11 16.08
C LEU A 213 -59.71 -23.38 17.55
N ASP A 214 -58.78 -24.08 18.15
CA ASP A 214 -58.93 -24.49 19.52
C ASP A 214 -58.20 -23.58 20.48
N ALA A 215 -58.96 -22.84 21.26
CA ALA A 215 -58.44 -21.86 22.21
C ALA A 215 -57.56 -22.45 23.27
N ASN A 216 -57.79 -23.69 23.68
CA ASN A 216 -56.96 -24.28 24.69
C ASN A 216 -55.58 -24.69 24.25
N ARG A 217 -55.34 -24.75 22.95
CA ARG A 217 -54.03 -25.08 22.42
C ARG A 217 -53.12 -23.91 22.76
N PRO A 218 -51.88 -24.18 23.12
CA PRO A 218 -50.97 -23.12 23.53
C PRO A 218 -50.62 -22.06 22.49
N ARG A 219 -50.29 -22.43 21.27
CA ARG A 219 -49.97 -21.45 20.25
C ARG A 219 -50.75 -21.60 18.96
N ARG A 220 -50.65 -22.75 18.30
CA ARG A 220 -51.37 -22.93 17.08
C ARG A 220 -52.73 -23.56 17.36
N ALA A 221 -53.74 -22.73 17.29
CA ALA A 221 -55.11 -23.09 17.54
C ALA A 221 -55.67 -24.09 16.55
N PHE A 222 -55.31 -23.92 15.29
CA PHE A 222 -55.84 -24.75 14.22
C PHE A 222 -55.55 -26.22 14.30
N ARG A 223 -56.57 -27.02 14.09
CA ARG A 223 -56.41 -28.47 14.10
C ARG A 223 -57.57 -29.13 13.36
N ARG A 224 -57.24 -30.14 12.57
CA ARG A 224 -58.25 -30.87 11.80
C ARG A 224 -58.81 -32.05 12.57
N ILE A 225 -60.11 -32.25 12.44
CA ILE A 225 -60.79 -33.36 13.10
C ILE A 225 -61.14 -34.30 11.96
N THR A 226 -60.38 -35.38 11.86
CA THR A 226 -60.56 -36.33 10.78
C THR A 226 -60.60 -37.80 11.21
N GLY A 227 -61.08 -38.63 10.29
CA GLY A 227 -61.17 -40.06 10.51
C GLY A 227 -62.08 -40.51 11.65
N SER A 228 -61.64 -41.58 12.31
CA SER A 228 -62.39 -42.15 13.44
C SER A 228 -62.75 -41.06 14.45
N ALA A 229 -61.80 -40.16 14.71
CA ALA A 229 -62.00 -39.07 15.66
C ALA A 229 -63.25 -38.27 15.28
N LEU A 230 -63.35 -37.92 14.01
CA LEU A 230 -64.48 -37.17 13.49
C LEU A 230 -65.73 -38.03 13.59
N GLN A 231 -65.60 -39.25 13.08
CA GLN A 231 -66.68 -40.22 13.09
C GLN A 231 -67.34 -40.18 14.47
N ALA A 232 -66.51 -40.21 15.50
CA ALA A 232 -66.98 -40.18 16.87
C ALA A 232 -68.02 -39.09 17.13
N LEU A 233 -67.65 -37.84 16.91
CA LEU A 233 -68.54 -36.70 17.15
C LEU A 233 -69.84 -36.68 16.35
N LEU A 234 -70.00 -37.66 15.47
CA LEU A 234 -71.20 -37.75 14.63
C LEU A 234 -72.07 -38.93 15.06
N SER B 8 -71.13 -10.95 -21.83
CA SER B 8 -69.70 -10.56 -21.74
C SER B 8 -69.58 -9.47 -20.69
N PRO B 9 -68.78 -9.71 -19.63
CA PRO B 9 -67.98 -10.88 -19.29
C PRO B 9 -68.66 -12.26 -19.34
N GLU B 10 -69.98 -12.30 -19.12
CA GLU B 10 -70.67 -13.59 -19.13
C GLU B 10 -70.61 -14.27 -20.50
N GLN B 11 -70.69 -13.47 -21.57
CA GLN B 11 -70.64 -14.01 -22.92
C GLN B 11 -69.24 -14.52 -23.22
N ALA B 12 -68.24 -13.67 -22.97
CA ALA B 12 -66.84 -14.01 -23.19
C ALA B 12 -66.51 -15.32 -22.51
N MET B 13 -66.86 -15.39 -21.23
CA MET B 13 -66.65 -16.57 -20.43
C MET B 13 -67.18 -17.82 -21.14
N ARG B 14 -68.39 -17.71 -21.69
CA ARG B 14 -69.03 -18.82 -22.39
C ARG B 14 -68.33 -19.18 -23.69
N GLU B 15 -68.02 -18.17 -24.51
CA GLU B 15 -67.33 -18.41 -25.78
C GLU B 15 -65.96 -19.05 -25.60
N ARG B 16 -65.13 -18.44 -24.75
CA ARG B 16 -63.79 -18.96 -24.48
C ARG B 16 -63.91 -20.40 -24.02
N SER B 17 -64.83 -20.64 -23.09
CA SER B 17 -65.06 -21.98 -22.57
C SER B 17 -65.46 -22.97 -23.68
N GLU B 18 -66.29 -22.49 -24.60
CA GLU B 18 -66.76 -23.33 -25.71
C GLU B 18 -65.58 -23.63 -26.63
N LEU B 19 -64.86 -22.57 -26.99
CA LEU B 19 -63.70 -22.67 -27.87
C LEU B 19 -62.74 -23.73 -27.35
N ALA B 20 -62.57 -23.77 -26.03
CA ALA B 20 -61.69 -24.74 -25.41
C ALA B 20 -62.26 -26.15 -25.45
N ARG B 21 -63.50 -26.30 -24.98
CA ARG B 21 -64.12 -27.60 -24.97
C ARG B 21 -64.11 -28.23 -26.35
N LYS B 22 -64.39 -27.44 -27.37
CA LYS B 22 -64.41 -27.93 -28.74
C LYS B 22 -63.05 -28.49 -29.16
N GLY B 23 -61.98 -27.73 -28.91
CA GLY B 23 -60.65 -28.17 -29.27
C GLY B 23 -60.27 -29.49 -28.62
N ILE B 24 -60.62 -29.64 -27.35
CA ILE B 24 -60.32 -30.85 -26.62
C ILE B 24 -61.16 -32.01 -27.18
N ALA B 25 -62.36 -31.70 -27.62
CA ALA B 25 -63.27 -32.69 -28.18
C ALA B 25 -62.72 -33.29 -29.47
N ARG B 26 -62.20 -32.44 -30.36
CA ARG B 26 -61.68 -32.92 -31.64
C ARG B 26 -60.32 -33.60 -31.50
N ALA B 27 -59.83 -33.74 -30.27
CA ALA B 27 -58.53 -34.37 -30.04
C ALA B 27 -58.63 -35.83 -29.62
N LYS B 28 -57.56 -36.58 -29.82
CA LYS B 28 -57.54 -37.99 -29.47
C LYS B 28 -57.71 -38.17 -27.97
N SER B 29 -58.14 -39.36 -27.55
CA SER B 29 -58.37 -39.63 -26.13
C SER B 29 -57.22 -40.26 -25.35
N VAL B 30 -57.20 -39.96 -24.05
CA VAL B 30 -56.16 -40.45 -23.16
C VAL B 30 -56.78 -40.98 -21.88
N VAL B 31 -56.19 -42.05 -21.36
CA VAL B 31 -56.70 -42.64 -20.15
C VAL B 31 -55.59 -42.98 -19.16
N ALA B 32 -55.89 -42.81 -17.88
CA ALA B 32 -54.95 -43.12 -16.80
C ALA B 32 -55.76 -43.82 -15.74
N LEU B 33 -55.21 -44.89 -15.21
CA LEU B 33 -55.84 -45.62 -14.09
C LEU B 33 -54.90 -46.38 -13.15
N ALA B 34 -55.33 -46.54 -11.92
CA ALA B 34 -54.59 -47.28 -10.92
C ALA B 34 -54.61 -48.78 -11.11
N TYR B 35 -53.49 -49.43 -10.86
CA TYR B 35 -53.36 -50.87 -10.88
C TYR B 35 -52.40 -51.24 -9.80
N ALA B 36 -52.27 -52.53 -9.55
CA ALA B 36 -51.58 -53.05 -8.40
C ALA B 36 -50.10 -52.68 -8.34
N GLY B 37 -49.53 -52.32 -9.46
CA GLY B 37 -48.16 -51.87 -9.46
C GLY B 37 -47.95 -50.37 -9.66
N GLY B 38 -49.00 -49.57 -9.62
CA GLY B 38 -48.82 -48.18 -9.90
C GLY B 38 -49.95 -47.53 -10.66
N VAL B 39 -49.58 -46.71 -11.62
CA VAL B 39 -50.52 -46.03 -12.48
C VAL B 39 -50.16 -46.36 -13.91
N LEU B 40 -51.18 -46.61 -14.72
CA LEU B 40 -51.00 -46.89 -16.13
C LEU B 40 -51.52 -45.74 -17.00
N PHE B 41 -50.71 -45.36 -18.00
CA PHE B 41 -51.07 -44.30 -18.93
C PHE B 41 -51.21 -44.90 -20.31
N VAL B 42 -52.37 -44.70 -20.94
CA VAL B 42 -52.59 -45.20 -22.29
C VAL B 42 -53.30 -44.13 -23.11
N ALA B 43 -52.68 -43.77 -24.22
CA ALA B 43 -53.24 -42.76 -25.09
C ALA B 43 -53.19 -43.16 -26.57
N GLU B 44 -54.14 -42.61 -27.32
CA GLU B 44 -54.19 -42.80 -28.74
C GLU B 44 -53.12 -41.84 -29.20
N ASN B 45 -52.06 -42.35 -29.80
CA ASN B 45 -51.04 -41.49 -30.37
C ASN B 45 -50.39 -42.13 -31.56
N PRO B 46 -50.61 -41.61 -32.74
CA PRO B 46 -49.96 -42.15 -33.92
C PRO B 46 -48.46 -41.94 -33.92
N SER B 47 -48.03 -40.77 -33.49
CA SER B 47 -46.64 -40.38 -33.65
C SER B 47 -45.54 -41.19 -33.02
N ARG B 48 -44.50 -41.40 -33.80
CA ARG B 48 -43.32 -42.06 -33.34
C ARG B 48 -42.60 -41.24 -32.28
N SER B 49 -42.61 -39.92 -32.45
CA SER B 49 -41.90 -39.01 -31.55
C SER B 49 -42.63 -37.87 -30.83
N LEU B 50 -43.91 -37.64 -31.02
CA LEU B 50 -44.50 -36.53 -30.29
C LEU B 50 -45.31 -37.13 -29.22
N GLN B 51 -44.98 -36.84 -27.97
CA GLN B 51 -45.60 -37.55 -26.85
C GLN B 51 -46.66 -36.79 -26.04
N LYS B 52 -47.63 -37.55 -25.51
CA LYS B 52 -48.74 -37.00 -24.71
C LYS B 52 -48.61 -37.44 -23.24
N ILE B 53 -47.68 -38.36 -23.00
CA ILE B 53 -47.46 -38.88 -21.66
C ILE B 53 -46.01 -38.64 -21.29
N SER B 54 -45.77 -38.07 -20.12
CA SER B 54 -44.39 -37.80 -19.72
C SER B 54 -44.12 -37.88 -18.23
N GLU B 55 -42.85 -38.06 -17.90
CA GLU B 55 -42.41 -38.08 -16.51
C GLU B 55 -42.32 -36.62 -16.04
N LEU B 56 -42.72 -36.35 -14.79
CA LEU B 56 -42.60 -35.00 -14.23
C LEU B 56 -41.51 -35.00 -13.17
N TYR B 57 -41.63 -35.94 -12.24
CA TYR B 57 -40.65 -36.07 -11.18
C TYR B 57 -40.55 -37.54 -10.76
N ASP B 58 -39.70 -37.84 -9.80
CA ASP B 58 -39.50 -39.21 -9.32
C ASP B 58 -40.71 -40.14 -9.31
N ARG B 59 -41.81 -39.73 -8.69
CA ARG B 59 -42.99 -40.60 -8.61
C ARG B 59 -44.21 -39.90 -9.21
N VAL B 60 -43.98 -38.87 -10.01
CA VAL B 60 -45.09 -38.12 -10.58
C VAL B 60 -45.12 -38.14 -12.07
N GLY B 61 -46.27 -38.52 -12.60
CA GLY B 61 -46.44 -38.60 -14.04
C GLY B 61 -47.40 -37.55 -14.59
N PHE B 62 -47.33 -37.37 -15.90
CA PHE B 62 -48.12 -36.40 -16.63
C PHE B 62 -48.73 -36.99 -17.92
N ALA B 63 -49.98 -36.64 -18.18
CA ALA B 63 -50.68 -37.09 -19.37
C ALA B 63 -51.59 -35.95 -19.80
N ALA B 64 -51.73 -35.76 -21.11
CA ALA B 64 -52.57 -34.67 -21.60
C ALA B 64 -53.26 -34.95 -22.91
N ALA B 65 -54.30 -34.17 -23.17
CA ALA B 65 -55.07 -34.25 -24.40
C ALA B 65 -55.38 -32.82 -24.87
N GLY B 66 -55.40 -32.62 -26.18
CA GLY B 66 -55.67 -31.30 -26.70
C GLY B 66 -54.62 -30.89 -27.69
N LYS B 67 -54.36 -29.59 -27.77
CA LYS B 67 -53.39 -29.03 -28.69
C LYS B 67 -51.97 -29.30 -28.17
N PHE B 68 -51.19 -30.08 -28.92
CA PHE B 68 -49.82 -30.45 -28.53
C PHE B 68 -48.94 -29.31 -28.06
N ASN B 69 -48.72 -28.31 -28.91
CA ASN B 69 -47.86 -27.21 -28.54
C ASN B 69 -48.30 -26.56 -27.23
N GLU B 70 -49.59 -26.60 -26.92
CA GLU B 70 -50.04 -26.00 -25.68
C GLU B 70 -49.80 -26.90 -24.46
N PHE B 71 -50.08 -28.19 -24.54
CA PHE B 71 -49.83 -29.02 -23.38
C PHE B 71 -48.36 -29.38 -23.22
N ASP B 72 -47.58 -29.28 -24.30
CA ASP B 72 -46.15 -29.57 -24.19
C ASP B 72 -45.58 -28.41 -23.39
N ASN B 73 -46.13 -27.22 -23.66
CA ASN B 73 -45.74 -26.02 -22.95
C ASN B 73 -45.94 -26.27 -21.44
N LEU B 74 -47.14 -26.71 -21.08
CA LEU B 74 -47.45 -26.98 -19.69
C LEU B 74 -46.59 -28.07 -19.09
N ARG B 75 -46.23 -29.07 -19.90
CA ARG B 75 -45.41 -30.17 -19.46
C ARG B 75 -44.05 -29.62 -19.03
N ARG B 76 -43.44 -28.83 -19.90
CA ARG B 76 -42.13 -28.23 -19.63
C ARG B 76 -42.19 -27.36 -18.37
N GLY B 77 -43.25 -26.57 -18.24
CA GLY B 77 -43.38 -25.72 -17.07
C GLY B 77 -43.47 -26.57 -15.82
N GLY B 78 -44.16 -27.70 -15.93
CA GLY B 78 -44.30 -28.61 -14.82
C GLY B 78 -42.96 -29.18 -14.40
N ILE B 79 -42.15 -29.59 -15.38
CA ILE B 79 -40.86 -30.15 -15.10
C ILE B 79 -40.01 -29.04 -14.46
N GLN B 80 -40.17 -27.83 -14.96
CA GLN B 80 -39.42 -26.69 -14.46
C GLN B 80 -39.74 -26.48 -12.97
N PHE B 81 -41.03 -26.48 -12.66
CA PHE B 81 -41.50 -26.30 -11.30
C PHE B 81 -40.99 -27.37 -10.36
N ALA B 82 -41.16 -28.63 -10.77
CA ALA B 82 -40.71 -29.77 -9.97
C ALA B 82 -39.22 -29.75 -9.66
N ASP B 83 -38.40 -29.61 -10.70
CA ASP B 83 -36.97 -29.61 -10.51
C ASP B 83 -36.51 -28.48 -9.63
N THR B 84 -37.14 -27.33 -9.78
CA THR B 84 -36.78 -26.19 -8.96
C THR B 84 -37.14 -26.45 -7.50
N ARG B 85 -38.34 -26.97 -7.25
CA ARG B 85 -38.73 -27.24 -5.88
C ARG B 85 -37.85 -28.28 -5.19
N GLY B 86 -37.60 -29.39 -5.88
CA GLY B 86 -36.78 -30.44 -5.33
C GLY B 86 -35.39 -29.95 -4.98
N TYR B 87 -34.88 -29.04 -5.81
CA TYR B 87 -33.57 -28.49 -5.57
C TYR B 87 -33.55 -27.47 -4.43
N ALA B 88 -34.56 -26.62 -4.36
CA ALA B 88 -34.63 -25.59 -3.33
C ALA B 88 -34.89 -26.21 -1.96
N TYR B 89 -35.60 -27.35 -1.94
CA TYR B 89 -35.90 -28.05 -0.70
C TYR B 89 -35.26 -29.42 -0.82
N ASP B 90 -36.07 -30.46 -0.95
CA ASP B 90 -35.54 -31.81 -1.16
C ASP B 90 -36.44 -32.54 -2.16
N ARG B 91 -35.88 -33.55 -2.83
CA ARG B 91 -36.66 -34.32 -3.80
C ARG B 91 -37.98 -34.82 -3.23
N ARG B 92 -37.93 -35.43 -2.05
CA ARG B 92 -39.13 -35.95 -1.41
C ARG B 92 -40.18 -34.91 -1.00
N ASP B 93 -39.88 -33.63 -1.21
CA ASP B 93 -40.84 -32.60 -0.87
C ASP B 93 -41.76 -32.32 -2.07
N VAL B 94 -41.39 -32.82 -3.24
CA VAL B 94 -42.19 -32.61 -4.44
C VAL B 94 -43.32 -33.63 -4.45
N THR B 95 -44.53 -33.19 -4.75
CA THR B 95 -45.68 -34.11 -4.77
C THR B 95 -46.65 -33.86 -5.92
N GLY B 96 -47.38 -34.92 -6.28
CA GLY B 96 -48.37 -34.82 -7.33
C GLY B 96 -49.39 -33.72 -7.01
N ARG B 97 -49.79 -33.63 -5.74
CA ARG B 97 -50.74 -32.60 -5.34
C ARG B 97 -50.19 -31.18 -5.66
N GLN B 98 -48.91 -30.93 -5.36
CA GLN B 98 -48.33 -29.63 -5.64
C GLN B 98 -48.41 -29.32 -7.12
N LEU B 99 -48.02 -30.29 -7.96
CA LEU B 99 -48.04 -30.09 -9.40
C LEU B 99 -49.45 -29.86 -9.95
N ALA B 100 -50.43 -30.62 -9.44
CA ALA B 100 -51.79 -30.42 -9.88
C ALA B 100 -52.23 -29.01 -9.53
N ASN B 101 -51.93 -28.57 -8.32
CA ASN B 101 -52.28 -27.23 -7.89
C ASN B 101 -51.71 -26.10 -8.76
N VAL B 102 -50.48 -26.28 -9.23
CA VAL B 102 -49.80 -25.32 -10.07
C VAL B 102 -50.38 -25.21 -11.46
N TYR B 103 -50.80 -26.34 -12.02
CA TYR B 103 -51.39 -26.35 -13.34
C TYR B 103 -52.75 -25.72 -13.23
N ALA B 104 -53.39 -25.95 -12.10
CA ALA B 104 -54.67 -25.36 -11.87
C ALA B 104 -54.61 -23.84 -11.80
N GLN B 105 -53.48 -23.29 -11.42
CA GLN B 105 -53.34 -21.86 -11.33
C GLN B 105 -52.90 -21.29 -12.62
N THR B 106 -52.06 -22.01 -13.30
CA THR B 106 -51.55 -21.59 -14.56
C THR B 106 -52.70 -21.53 -15.52
N LEU B 107 -53.51 -22.58 -15.53
CA LEU B 107 -54.59 -22.69 -16.47
C LEU B 107 -55.71 -21.67 -16.23
N GLY B 108 -56.00 -21.42 -14.98
CA GLY B 108 -56.97 -20.43 -14.63
C GLY B 108 -56.47 -19.07 -15.04
N THR B 109 -55.16 -18.88 -15.01
CA THR B 109 -54.63 -17.61 -15.40
C THR B 109 -54.69 -17.50 -16.89
N ILE B 110 -54.29 -18.55 -17.60
CA ILE B 110 -54.34 -18.53 -19.06
C ILE B 110 -55.78 -18.29 -19.53
N PHE B 111 -56.70 -19.08 -18.98
CA PHE B 111 -58.10 -19.02 -19.32
C PHE B 111 -58.65 -17.62 -19.13
N THR B 112 -58.11 -16.91 -18.15
CA THR B 112 -58.57 -15.58 -17.82
C THR B 112 -57.91 -14.44 -18.57
N GLU B 113 -56.59 -14.38 -18.51
CA GLU B 113 -55.90 -13.27 -19.13
C GLU B 113 -55.24 -13.45 -20.49
N GLN B 114 -55.23 -14.67 -21.03
CA GLN B 114 -54.61 -14.85 -22.34
C GLN B 114 -55.58 -14.67 -23.52
N ALA B 115 -55.02 -14.30 -24.66
CA ALA B 115 -55.81 -14.10 -25.87
C ALA B 115 -56.77 -15.26 -26.09
N LYS B 116 -56.21 -16.47 -26.15
CA LYS B 116 -57.02 -17.66 -26.36
C LYS B 116 -56.82 -18.65 -25.23
N PRO B 117 -57.89 -19.33 -24.81
CA PRO B 117 -57.74 -20.31 -23.74
C PRO B 117 -56.87 -21.45 -24.27
N TYR B 118 -56.38 -22.29 -23.38
CA TYR B 118 -55.57 -23.42 -23.81
C TYR B 118 -56.54 -24.56 -24.05
N GLU B 119 -56.50 -25.13 -25.25
CA GLU B 119 -57.37 -26.24 -25.61
C GLU B 119 -56.70 -27.50 -25.06
N VAL B 120 -56.69 -27.66 -23.74
CA VAL B 120 -56.05 -28.83 -23.13
C VAL B 120 -56.72 -29.32 -21.87
N GLU B 121 -56.43 -30.57 -21.53
CA GLU B 121 -56.97 -31.20 -20.33
C GLU B 121 -55.78 -32.03 -19.81
N LEU B 122 -55.43 -31.85 -18.54
CA LEU B 122 -54.28 -32.57 -17.98
C LEU B 122 -54.59 -33.53 -16.88
N CYS B 123 -53.64 -34.46 -16.70
CA CYS B 123 -53.74 -35.43 -15.63
C CYS B 123 -52.37 -35.59 -14.98
N VAL B 124 -52.33 -35.38 -13.66
CA VAL B 124 -51.12 -35.55 -12.88
C VAL B 124 -51.34 -36.76 -12.00
N ALA B 125 -50.40 -37.70 -12.01
CA ALA B 125 -50.53 -38.91 -11.21
C ALA B 125 -49.30 -39.12 -10.35
N GLU B 126 -49.50 -39.75 -9.19
CA GLU B 126 -48.42 -40.01 -8.27
C GLU B 126 -48.58 -41.38 -7.64
N VAL B 127 -47.48 -42.10 -7.48
CA VAL B 127 -47.51 -43.41 -6.86
C VAL B 127 -46.63 -43.31 -5.63
N ALA B 128 -46.70 -44.32 -4.76
CA ALA B 128 -45.90 -44.33 -3.55
C ALA B 128 -44.40 -44.44 -3.84
N HIS B 129 -43.59 -44.05 -2.85
CA HIS B 129 -42.14 -44.13 -2.96
C HIS B 129 -41.76 -45.60 -2.77
N TYR B 130 -40.58 -45.99 -3.25
CA TYR B 130 -40.17 -47.39 -3.13
C TYR B 130 -40.31 -47.92 -1.70
N GLY B 131 -40.85 -49.12 -1.58
CA GLY B 131 -41.02 -49.72 -0.26
C GLY B 131 -42.10 -49.07 0.60
N GLU B 132 -42.58 -47.93 0.15
CA GLU B 132 -43.62 -47.22 0.89
C GLU B 132 -44.95 -47.82 0.53
N THR B 133 -45.98 -47.55 1.33
CA THR B 133 -47.29 -48.09 1.04
C THR B 133 -48.32 -46.97 1.06
N LYS B 134 -48.75 -46.57 -0.14
CA LYS B 134 -49.71 -45.48 -0.30
C LYS B 134 -50.54 -45.67 -1.57
N ARG B 135 -51.79 -45.27 -1.47
CA ARG B 135 -52.72 -45.39 -2.58
C ARG B 135 -52.41 -44.37 -3.68
N PRO B 136 -52.35 -44.81 -4.94
CA PRO B 136 -52.06 -43.91 -6.05
C PRO B 136 -53.02 -42.73 -6.05
N GLU B 137 -52.57 -41.62 -6.61
CA GLU B 137 -53.39 -40.43 -6.68
C GLU B 137 -53.47 -39.95 -8.13
N LEU B 138 -54.66 -39.55 -8.54
CA LEU B 138 -54.83 -39.07 -9.89
C LEU B 138 -55.53 -37.75 -9.84
N TYR B 139 -55.04 -36.78 -10.61
CA TYR B 139 -55.65 -35.47 -10.63
C TYR B 139 -55.97 -35.06 -12.04
N ARG B 140 -57.10 -34.38 -12.20
CA ARG B 140 -57.50 -33.91 -13.51
C ARG B 140 -57.67 -32.41 -13.43
N ILE B 141 -56.96 -31.70 -14.30
CA ILE B 141 -57.06 -30.26 -14.34
C ILE B 141 -57.61 -29.92 -15.71
N THR B 142 -58.61 -29.04 -15.75
CA THR B 142 -59.24 -28.66 -17.00
C THR B 142 -58.82 -27.27 -17.46
N TYR B 143 -59.13 -26.99 -18.72
CA TYR B 143 -58.79 -25.72 -19.35
C TYR B 143 -59.08 -24.46 -18.57
N ASP B 144 -60.00 -24.56 -17.62
CA ASP B 144 -60.37 -23.39 -16.85
C ASP B 144 -59.77 -23.35 -15.47
N GLY B 145 -58.93 -24.29 -15.18
CA GLY B 145 -58.29 -24.32 -13.87
C GLY B 145 -58.99 -25.13 -12.82
N SER B 146 -60.03 -25.84 -13.21
CA SER B 146 -60.77 -26.68 -12.28
C SER B 146 -59.94 -27.93 -12.01
N ILE B 147 -59.95 -28.39 -10.78
CA ILE B 147 -59.17 -29.54 -10.43
C ILE B 147 -60.05 -30.54 -9.69
N ALA B 148 -59.70 -31.81 -9.75
CA ALA B 148 -60.46 -32.85 -9.09
C ALA B 148 -59.64 -34.12 -9.08
N ASP B 149 -59.67 -34.85 -7.96
CA ASP B 149 -58.91 -36.10 -7.90
C ASP B 149 -59.82 -37.31 -8.02
N GLU B 150 -59.54 -38.14 -9.01
CA GLU B 150 -60.30 -39.36 -9.24
C GLU B 150 -59.64 -40.47 -8.44
N PRO B 151 -60.45 -41.38 -7.89
CA PRO B 151 -59.92 -42.48 -7.09
C PRO B 151 -59.41 -43.66 -7.90
N HIS B 152 -59.95 -43.87 -9.09
CA HIS B 152 -59.54 -45.03 -9.90
C HIS B 152 -59.01 -44.81 -11.31
N PHE B 153 -59.60 -43.86 -12.03
CA PHE B 153 -59.16 -43.60 -13.39
C PHE B 153 -59.55 -42.22 -13.88
N VAL B 154 -58.87 -41.76 -14.93
CA VAL B 154 -59.17 -40.46 -15.52
C VAL B 154 -59.19 -40.61 -17.03
N VAL B 155 -60.11 -39.91 -17.68
CA VAL B 155 -60.23 -39.96 -19.12
C VAL B 155 -60.26 -38.53 -19.65
N MET B 156 -59.50 -38.28 -20.71
CA MET B 156 -59.45 -36.94 -21.30
C MET B 156 -59.36 -36.98 -22.82
N GLY B 157 -59.92 -35.96 -23.46
CA GLY B 157 -59.87 -35.86 -24.91
C GLY B 157 -60.99 -36.52 -25.68
N GLY B 158 -61.43 -35.85 -26.74
CA GLY B 158 -62.49 -36.38 -27.59
C GLY B 158 -63.77 -36.62 -26.84
N THR B 159 -64.44 -37.71 -27.19
CA THR B 159 -65.69 -38.10 -26.56
C THR B 159 -65.36 -39.00 -25.39
N THR B 160 -65.46 -38.44 -24.19
CA THR B 160 -65.12 -39.14 -22.97
C THR B 160 -66.17 -40.08 -22.41
N GLU B 161 -67.42 -39.61 -22.32
CA GLU B 161 -68.51 -40.42 -21.78
C GLU B 161 -68.48 -41.88 -22.20
N PRO B 162 -68.43 -42.17 -23.52
CA PRO B 162 -68.39 -43.56 -23.99
C PRO B 162 -67.26 -44.34 -23.29
N ILE B 163 -66.06 -43.75 -23.32
CA ILE B 163 -64.87 -44.36 -22.72
C ILE B 163 -64.97 -44.43 -21.21
N ALA B 164 -65.56 -43.40 -20.61
CA ALA B 164 -65.73 -43.34 -19.17
C ALA B 164 -66.61 -44.48 -18.70
N ASN B 165 -67.81 -44.54 -19.26
CA ASN B 165 -68.77 -45.59 -18.91
C ASN B 165 -68.17 -46.98 -19.13
N ALA B 166 -67.55 -47.18 -20.29
CA ALA B 166 -66.95 -48.47 -20.62
C ALA B 166 -65.96 -48.90 -19.55
N LEU B 167 -65.21 -47.93 -19.05
CA LEU B 167 -64.20 -48.17 -18.03
C LEU B 167 -64.90 -48.29 -16.69
N LYS B 168 -65.91 -47.45 -16.49
CA LYS B 168 -66.68 -47.43 -15.25
C LYS B 168 -67.10 -48.83 -14.83
N GLU B 169 -67.21 -49.74 -15.78
CA GLU B 169 -67.55 -51.10 -15.45
C GLU B 169 -66.40 -52.04 -15.69
N SER B 170 -65.59 -51.71 -16.67
CA SER B 170 -64.50 -52.58 -16.98
C SER B 170 -63.62 -52.68 -15.76
N TYR B 171 -63.43 -51.54 -15.09
CA TYR B 171 -62.50 -51.41 -13.98
C TYR B 171 -62.76 -52.15 -12.68
N ALA B 172 -61.70 -52.73 -12.16
CA ALA B 172 -61.65 -53.26 -10.82
C ALA B 172 -60.27 -52.91 -10.22
N GLU B 173 -60.22 -52.68 -8.92
CA GLU B 173 -58.96 -52.34 -8.23
C GLU B 173 -57.97 -53.49 -8.20
N ASN B 174 -56.69 -53.19 -8.19
CA ASN B 174 -55.66 -54.22 -8.11
C ASN B 174 -55.40 -55.04 -9.33
N ALA B 175 -55.85 -54.58 -10.47
CA ALA B 175 -55.65 -55.36 -11.66
C ALA B 175 -54.19 -55.48 -11.99
N SER B 176 -53.86 -56.56 -12.67
CA SER B 176 -52.52 -56.83 -13.11
C SER B 176 -52.19 -55.84 -14.24
N LEU B 177 -50.93 -55.61 -14.50
CA LEU B 177 -50.57 -54.69 -15.57
C LEU B 177 -51.27 -55.09 -16.86
N THR B 178 -51.17 -56.37 -17.21
CA THR B 178 -51.79 -56.88 -18.44
C THR B 178 -53.30 -56.70 -18.43
N ASP B 179 -53.92 -56.99 -17.29
CA ASP B 179 -55.37 -56.86 -17.16
C ASP B 179 -55.79 -55.40 -17.31
N ALA B 180 -55.09 -54.52 -16.61
CA ALA B 180 -55.37 -53.09 -16.66
C ALA B 180 -55.17 -52.55 -18.07
N LEU B 181 -54.08 -52.95 -18.72
CA LEU B 181 -53.80 -52.49 -20.08
C LEU B 181 -54.97 -52.80 -21.02
N ARG B 182 -55.37 -54.08 -21.05
CA ARG B 182 -56.45 -54.53 -21.90
C ARG B 182 -57.79 -53.89 -21.56
N ILE B 183 -58.05 -53.73 -20.28
CA ILE B 183 -59.24 -53.03 -19.81
C ILE B 183 -59.25 -51.60 -20.39
N ALA B 184 -58.10 -50.95 -20.28
CA ALA B 184 -57.95 -49.59 -20.76
C ALA B 184 -58.11 -49.50 -22.27
N VAL B 185 -57.30 -50.25 -23.00
CA VAL B 185 -57.37 -50.26 -24.46
C VAL B 185 -58.80 -50.43 -24.94
N ALA B 186 -59.52 -51.38 -24.34
CA ALA B 186 -60.90 -51.63 -24.74
C ALA B 186 -61.79 -50.43 -24.47
N ALA B 187 -61.61 -49.81 -23.31
CA ALA B 187 -62.41 -48.64 -22.98
C ALA B 187 -62.06 -47.55 -23.98
N LEU B 188 -60.78 -47.44 -24.28
CA LEU B 188 -60.29 -46.46 -25.22
C LEU B 188 -60.87 -46.76 -26.60
N ARG B 189 -60.90 -48.05 -26.94
CA ARG B 189 -61.41 -48.48 -28.22
C ARG B 189 -62.89 -48.14 -28.40
N ALA B 190 -63.67 -48.29 -27.34
CA ALA B 190 -65.09 -48.01 -27.42
C ALA B 190 -65.36 -46.52 -27.27
N GLY B 191 -64.99 -45.77 -28.30
CA GLY B 191 -65.18 -44.33 -28.31
C GLY B 191 -64.11 -43.62 -29.11
N VAL B 205 -51.98 -51.10 -31.63
CA VAL B 205 -50.67 -51.70 -31.38
C VAL B 205 -49.55 -50.63 -31.38
N ALA B 206 -48.92 -50.40 -32.52
CA ALA B 206 -47.87 -49.39 -32.59
C ALA B 206 -48.56 -48.02 -32.54
N SER B 207 -49.88 -48.06 -32.73
CA SER B 207 -50.74 -46.89 -32.71
C SER B 207 -50.93 -46.28 -31.31
N LEU B 208 -50.41 -46.95 -30.27
CA LEU B 208 -50.57 -46.46 -28.90
C LEU B 208 -49.35 -45.94 -28.18
N GLU B 209 -49.61 -45.12 -27.17
CA GLU B 209 -48.57 -44.55 -26.32
C GLU B 209 -48.83 -45.11 -24.92
N VAL B 210 -47.94 -45.97 -24.45
CA VAL B 210 -48.11 -46.58 -23.15
C VAL B 210 -46.92 -46.41 -22.20
N ALA B 211 -47.24 -46.10 -20.94
CA ALA B 211 -46.23 -45.93 -19.92
C ALA B 211 -46.86 -46.10 -18.55
N VAL B 212 -46.02 -46.41 -17.56
CA VAL B 212 -46.51 -46.57 -16.21
C VAL B 212 -45.62 -45.89 -15.17
N LEU B 213 -46.25 -45.61 -14.05
CA LEU B 213 -45.58 -45.12 -12.88
C LEU B 213 -45.45 -46.40 -12.09
N ASP B 214 -44.26 -46.93 -12.02
CA ASP B 214 -44.03 -48.20 -11.40
C ASP B 214 -43.50 -48.11 -10.00
N ALA B 215 -44.35 -48.43 -9.05
CA ALA B 215 -44.06 -48.28 -7.64
C ALA B 215 -42.90 -49.12 -7.17
N ASN B 216 -42.60 -50.19 -7.89
CA ASN B 216 -41.48 -51.07 -7.60
C ASN B 216 -40.13 -50.51 -7.99
N ARG B 217 -40.12 -49.44 -8.75
CA ARG B 217 -38.89 -48.78 -9.12
C ARG B 217 -38.25 -48.08 -7.94
N PRO B 218 -36.94 -48.13 -7.85
CA PRO B 218 -36.27 -47.52 -6.69
C PRO B 218 -36.44 -46.01 -6.54
N ARG B 219 -36.24 -45.25 -7.61
CA ARG B 219 -36.46 -43.81 -7.53
C ARG B 219 -37.40 -43.27 -8.58
N ARG B 220 -37.03 -43.47 -9.83
CA ARG B 220 -37.82 -42.96 -10.95
C ARG B 220 -38.84 -43.97 -11.43
N ALA B 221 -40.08 -43.78 -11.02
CA ALA B 221 -41.17 -44.65 -11.33
C ALA B 221 -41.56 -44.76 -12.79
N PHE B 222 -41.52 -43.65 -13.50
CA PHE B 222 -41.91 -43.59 -14.90
C PHE B 222 -41.08 -44.45 -15.83
N ARG B 223 -41.76 -45.15 -16.69
CA ARG B 223 -41.11 -45.98 -17.69
C ARG B 223 -42.10 -46.27 -18.82
N ARG B 224 -41.60 -46.20 -20.05
CA ARG B 224 -42.44 -46.45 -21.22
C ARG B 224 -42.45 -47.92 -21.60
N ILE B 225 -43.62 -48.40 -21.99
CA ILE B 225 -43.81 -49.77 -22.41
C ILE B 225 -44.00 -49.70 -23.90
N THR B 226 -42.95 -50.06 -24.61
CA THR B 226 -42.92 -49.91 -26.03
C THR B 226 -42.54 -51.21 -26.72
N GLY B 227 -42.73 -51.27 -28.04
CA GLY B 227 -42.29 -52.36 -28.88
C GLY B 227 -42.79 -53.77 -28.65
N SER B 228 -41.87 -54.72 -28.66
CA SER B 228 -42.19 -56.14 -28.47
C SER B 228 -42.78 -56.40 -27.12
N ALA B 229 -42.21 -55.76 -26.11
CA ALA B 229 -42.70 -55.90 -24.76
C ALA B 229 -44.13 -55.41 -24.63
N LEU B 230 -44.44 -54.30 -25.28
CA LEU B 230 -45.78 -53.78 -25.26
C LEU B 230 -46.71 -54.75 -25.94
N GLN B 231 -46.21 -55.36 -27.00
CA GLN B 231 -47.01 -56.28 -27.80
C GLN B 231 -47.52 -57.41 -26.92
N ALA B 232 -46.65 -57.96 -26.09
CA ALA B 232 -47.09 -58.95 -25.15
C ALA B 232 -47.99 -58.19 -24.21
N LEU B 233 -48.97 -58.86 -23.62
CA LEU B 233 -49.81 -58.19 -22.66
C LEU B 233 -51.10 -57.76 -23.32
N THR C 1 -7.90 -34.25 0.02
CA THR C 1 -8.79 -35.07 -0.81
C THR C 1 -8.10 -35.67 -2.01
N THR C 2 -8.57 -36.87 -2.38
CA THR C 2 -8.10 -37.50 -3.58
C THR C 2 -9.23 -38.31 -4.16
N ILE C 3 -9.50 -38.07 -5.43
CA ILE C 3 -10.54 -38.79 -6.14
C ILE C 3 -9.83 -39.35 -7.35
N VAL C 4 -10.03 -40.64 -7.60
CA VAL C 4 -9.41 -41.30 -8.74
C VAL C 4 -10.46 -41.87 -9.70
N ALA C 5 -10.03 -42.07 -10.95
CA ALA C 5 -10.90 -42.64 -11.97
C ALA C 5 -10.00 -43.36 -12.95
N LEU C 6 -10.39 -44.56 -13.33
CA LEU C 6 -9.67 -45.36 -14.28
C LEU C 6 -10.53 -46.23 -15.17
N LYS C 7 -10.02 -46.53 -16.36
CA LYS C 7 -10.72 -47.37 -17.32
C LYS C 7 -10.28 -48.81 -17.29
N TYR C 8 -11.24 -49.71 -17.33
CA TYR C 8 -11.00 -51.13 -17.43
C TYR C 8 -11.84 -51.54 -18.59
N PRO C 9 -11.57 -52.69 -19.21
CA PRO C 9 -12.34 -53.04 -20.38
C PRO C 9 -13.83 -53.13 -20.13
N GLY C 10 -14.58 -52.35 -20.90
CA GLY C 10 -16.01 -52.29 -20.74
C GLY C 10 -16.57 -51.42 -19.66
N GLY C 11 -15.75 -50.62 -18.99
CA GLY C 11 -16.23 -49.77 -17.91
C GLY C 11 -15.26 -48.79 -17.29
N VAL C 12 -15.74 -48.04 -16.32
CA VAL C 12 -14.91 -47.12 -15.58
C VAL C 12 -15.14 -47.30 -14.11
N VAL C 13 -14.17 -46.94 -13.31
CA VAL C 13 -14.37 -46.98 -11.88
C VAL C 13 -13.86 -45.65 -11.34
N MET C 14 -14.60 -45.08 -10.39
CA MET C 14 -14.19 -43.85 -9.75
C MET C 14 -14.30 -44.07 -8.25
N ALA C 15 -13.27 -43.64 -7.53
CA ALA C 15 -13.25 -43.82 -6.07
C ALA C 15 -12.69 -42.61 -5.37
N GLY C 16 -13.24 -42.31 -4.19
CA GLY C 16 -12.74 -41.17 -3.45
C GLY C 16 -12.54 -41.44 -1.97
N ASP C 17 -11.70 -40.61 -1.32
CA ASP C 17 -11.44 -40.76 0.11
C ASP C 17 -12.59 -40.13 0.94
N ARG C 18 -12.46 -40.15 2.27
CA ARG C 18 -13.56 -39.69 3.12
C ARG C 18 -13.26 -38.53 4.04
N ARG C 19 -12.06 -37.98 3.90
CA ARG C 19 -11.64 -36.92 4.78
C ARG C 19 -12.08 -35.52 4.43
N SER C 20 -12.20 -34.72 5.50
CA SER C 20 -12.57 -33.33 5.38
C SER C 20 -11.65 -32.58 6.33
N THR C 21 -11.08 -31.46 5.89
CA THR C 21 -10.19 -30.69 6.76
C THR C 21 -10.49 -29.20 6.83
N GLN C 22 -10.07 -28.62 7.95
CA GLN C 22 -10.21 -27.21 8.26
C GLN C 22 -8.79 -26.92 8.73
N GLY C 23 -7.93 -26.51 7.81
CA GLY C 23 -6.54 -26.29 8.15
C GLY C 23 -5.92 -27.65 8.41
N ASN C 24 -5.31 -27.80 9.58
CA ASN C 24 -4.69 -29.04 9.99
C ASN C 24 -5.68 -29.96 10.68
N MET C 25 -6.81 -29.40 11.11
CA MET C 25 -7.79 -30.19 11.80
C MET C 25 -8.65 -31.05 10.90
N ILE C 26 -8.87 -32.29 11.35
CA ILE C 26 -9.70 -33.24 10.64
C ILE C 26 -11.12 -32.87 11.03
N SER C 27 -11.93 -32.45 10.06
CA SER C 27 -13.31 -32.07 10.37
C SER C 27 -14.35 -33.05 9.90
N GLY C 28 -13.94 -34.04 9.11
CA GLY C 28 -14.88 -35.03 8.62
C GLY C 28 -14.17 -36.34 8.40
N ARG C 29 -14.85 -37.46 8.65
CA ARG C 29 -14.26 -38.78 8.51
C ARG C 29 -15.00 -39.68 7.57
N ASP C 30 -16.23 -39.32 7.22
CA ASP C 30 -17.04 -40.15 6.35
C ASP C 30 -17.69 -39.40 5.20
N VAL C 31 -17.04 -38.36 4.69
CA VAL C 31 -17.63 -37.60 3.61
C VAL C 31 -17.68 -38.46 2.34
N ARG C 32 -18.81 -38.41 1.63
CA ARG C 32 -18.95 -39.15 0.37
C ARG C 32 -18.67 -38.17 -0.76
N LYS C 33 -17.61 -38.43 -1.52
CA LYS C 33 -17.23 -37.52 -2.58
C LYS C 33 -17.55 -37.94 -4.00
N VAL C 34 -18.00 -39.18 -4.19
CA VAL C 34 -18.31 -39.68 -5.52
C VAL C 34 -19.82 -39.90 -5.67
N TYR C 35 -20.40 -39.21 -6.65
CA TYR C 35 -21.85 -39.30 -6.87
C TYR C 35 -22.23 -39.90 -8.19
N ILE C 36 -23.31 -40.66 -8.17
CA ILE C 36 -23.83 -41.21 -9.41
C ILE C 36 -24.69 -40.06 -9.96
N THR C 37 -24.22 -39.44 -11.03
CA THR C 37 -24.93 -38.31 -11.62
C THR C 37 -26.15 -38.72 -12.42
N ASP C 38 -26.03 -39.78 -13.21
CA ASP C 38 -27.17 -40.31 -13.97
C ASP C 38 -26.83 -41.80 -14.15
N ASP C 39 -27.63 -42.55 -14.90
CA ASP C 39 -27.38 -43.98 -15.06
C ASP C 39 -26.03 -44.37 -15.61
N TYR C 40 -25.34 -43.47 -16.30
CA TYR C 40 -24.06 -43.83 -16.92
C TYR C 40 -22.95 -42.86 -16.61
N THR C 41 -23.15 -42.06 -15.56
CA THR C 41 -22.17 -41.07 -15.21
C THR C 41 -21.94 -40.94 -13.71
N ALA C 42 -20.71 -40.62 -13.34
CA ALA C 42 -20.38 -40.40 -11.95
C ALA C 42 -19.46 -39.19 -11.86
N THR C 43 -19.64 -38.42 -10.80
CA THR C 43 -18.84 -37.21 -10.61
C THR C 43 -18.17 -37.26 -9.25
N GLY C 44 -16.92 -36.81 -9.22
CA GLY C 44 -16.15 -36.74 -7.99
C GLY C 44 -15.64 -35.33 -7.90
N ILE C 45 -15.88 -34.65 -6.79
CA ILE C 45 -15.42 -33.27 -6.71
C ILE C 45 -14.52 -32.99 -5.52
N ALA C 46 -13.47 -32.23 -5.79
CA ALA C 46 -12.49 -31.87 -4.79
C ALA C 46 -12.55 -30.37 -4.47
N GLY C 47 -11.90 -29.95 -3.39
CA GLY C 47 -11.88 -28.54 -3.04
C GLY C 47 -12.84 -28.16 -1.92
N THR C 48 -13.39 -26.95 -2.04
CA THR C 48 -14.30 -26.46 -1.01
C THR C 48 -15.59 -27.28 -0.96
N ALA C 49 -15.73 -28.04 0.12
CA ALA C 49 -16.88 -28.93 0.31
C ALA C 49 -18.24 -28.36 -0.02
N ALA C 50 -18.54 -27.17 0.47
CA ALA C 50 -19.84 -26.59 0.24
C ALA C 50 -20.07 -26.45 -1.27
N VAL C 51 -19.06 -25.97 -1.98
CA VAL C 51 -19.20 -25.79 -3.41
C VAL C 51 -19.28 -27.12 -4.13
N ALA C 52 -18.42 -28.07 -3.71
CA ALA C 52 -18.36 -29.40 -4.32
C ALA C 52 -19.70 -30.11 -4.30
N VAL C 53 -20.35 -30.08 -3.13
CA VAL C 53 -21.65 -30.71 -2.98
C VAL C 53 -22.70 -30.06 -3.87
N GLU C 54 -22.76 -28.73 -3.83
CA GLU C 54 -23.71 -27.98 -4.63
C GLU C 54 -23.55 -28.37 -6.11
N PHE C 55 -22.31 -28.39 -6.58
CA PHE C 55 -22.01 -28.76 -7.96
C PHE C 55 -22.59 -30.11 -8.34
N ALA C 56 -22.28 -31.14 -7.55
CA ALA C 56 -22.78 -32.46 -7.87
C ALA C 56 -24.30 -32.49 -7.90
N ARG C 57 -24.89 -31.83 -6.92
CA ARG C 57 -26.34 -31.81 -6.81
C ARG C 57 -26.98 -31.08 -7.99
N LEU C 58 -26.50 -29.88 -8.29
CA LEU C 58 -27.02 -29.10 -9.39
C LEU C 58 -26.82 -29.80 -10.72
N TYR C 59 -25.61 -30.31 -10.93
CA TYR C 59 -25.28 -31.01 -12.15
C TYR C 59 -26.21 -32.19 -12.46
N ALA C 60 -26.49 -32.99 -11.44
CA ALA C 60 -27.36 -34.13 -11.67
C ALA C 60 -28.77 -33.66 -12.02
N VAL C 61 -29.23 -32.59 -11.37
CA VAL C 61 -30.54 -32.05 -11.67
C VAL C 61 -30.58 -31.54 -13.12
N GLU C 62 -29.56 -30.83 -13.53
CA GLU C 62 -29.51 -30.30 -14.87
C GLU C 62 -29.56 -31.43 -15.92
N LEU C 63 -28.82 -32.51 -15.69
CA LEU C 63 -28.81 -33.64 -16.60
C LEU C 63 -30.20 -34.27 -16.73
N GLU C 64 -30.84 -34.51 -15.59
CA GLU C 64 -32.14 -35.13 -15.60
C GLU C 64 -33.21 -34.17 -16.15
N HIS C 65 -32.99 -32.89 -15.92
CA HIS C 65 -33.90 -31.86 -16.39
C HIS C 65 -33.96 -31.88 -17.93
N TYR C 66 -32.79 -32.03 -18.56
CA TYR C 66 -32.74 -32.08 -20.00
C TYR C 66 -33.47 -33.33 -20.51
N GLU C 67 -33.21 -34.45 -19.84
CA GLU C 67 -33.78 -35.72 -20.24
C GLU C 67 -35.28 -35.69 -20.23
N LYS C 68 -35.86 -35.18 -19.15
CA LYS C 68 -37.30 -35.14 -19.05
C LYS C 68 -37.93 -34.17 -20.06
N LEU C 69 -37.24 -33.07 -20.29
CA LEU C 69 -37.69 -32.04 -21.22
C LEU C 69 -37.64 -32.48 -22.66
N GLU C 70 -36.55 -33.12 -23.05
CA GLU C 70 -36.35 -33.52 -24.43
C GLU C 70 -36.60 -34.98 -24.71
N GLY C 71 -36.93 -35.74 -23.68
CA GLY C 71 -37.21 -37.15 -23.88
C GLY C 71 -36.01 -38.06 -24.14
N VAL C 72 -34.83 -37.47 -24.23
CA VAL C 72 -33.63 -38.26 -24.46
C VAL C 72 -32.46 -37.69 -23.64
N PRO C 73 -31.52 -38.54 -23.21
CA PRO C 73 -30.39 -38.02 -22.43
C PRO C 73 -29.50 -37.16 -23.30
N LEU C 74 -28.75 -36.28 -22.64
CA LEU C 74 -27.79 -35.43 -23.29
C LEU C 74 -26.65 -36.35 -23.80
N THR C 75 -25.98 -35.96 -24.89
CA THR C 75 -24.89 -36.79 -25.40
C THR C 75 -23.77 -36.63 -24.38
N PHE C 76 -22.81 -37.54 -24.38
CA PHE C 76 -21.72 -37.41 -23.42
C PHE C 76 -21.00 -36.09 -23.58
N ALA C 77 -20.82 -35.63 -24.82
CA ALA C 77 -20.13 -34.36 -25.03
C ALA C 77 -20.94 -33.22 -24.42
N GLY C 78 -22.25 -33.28 -24.54
CA GLY C 78 -23.06 -32.23 -23.95
C GLY C 78 -22.90 -32.20 -22.44
N LYS C 79 -22.85 -33.39 -21.83
CA LYS C 79 -22.68 -33.50 -20.40
C LYS C 79 -21.37 -32.82 -19.99
N ILE C 80 -20.31 -33.07 -20.75
CA ILE C 80 -19.03 -32.49 -20.45
C ILE C 80 -19.14 -30.98 -20.49
N ASN C 81 -19.76 -30.48 -21.55
CA ASN C 81 -19.87 -29.03 -21.75
C ASN C 81 -20.66 -28.37 -20.62
N ARG C 82 -21.75 -28.99 -20.18
CA ARG C 82 -22.54 -28.42 -19.10
C ARG C 82 -21.73 -28.32 -17.81
N LEU C 83 -20.94 -29.36 -17.50
CA LEU C 83 -20.12 -29.36 -16.31
C LEU C 83 -19.03 -28.26 -16.40
N ALA C 84 -18.42 -28.13 -17.57
CA ALA C 84 -17.38 -27.15 -17.77
C ALA C 84 -17.95 -25.74 -17.60
N ILE C 85 -19.17 -25.53 -18.05
CA ILE C 85 -19.75 -24.21 -17.96
C ILE C 85 -19.97 -23.89 -16.49
N MET C 86 -20.39 -24.90 -15.73
CA MET C 86 -20.64 -24.72 -14.30
C MET C 86 -19.32 -24.30 -13.61
N VAL C 87 -18.23 -24.98 -13.94
CA VAL C 87 -16.95 -24.65 -13.34
C VAL C 87 -16.48 -23.25 -13.70
N ARG C 88 -16.55 -22.90 -14.98
CA ARG C 88 -16.15 -21.56 -15.44
C ARG C 88 -16.96 -20.51 -14.69
N GLY C 89 -18.24 -20.75 -14.48
CA GLY C 89 -19.06 -19.78 -13.78
C GLY C 89 -18.65 -19.56 -12.34
N ASN C 90 -17.92 -20.48 -11.76
CA ASN C 90 -17.53 -20.34 -10.39
C ASN C 90 -16.12 -19.83 -10.21
N LEU C 91 -15.51 -19.38 -11.29
CA LEU C 91 -14.15 -18.95 -11.28
C LEU C 91 -13.82 -17.76 -10.39
N ALA C 92 -14.66 -16.74 -10.40
CA ALA C 92 -14.49 -15.62 -9.54
C ALA C 92 -14.61 -15.99 -8.06
N ALA C 93 -15.59 -16.82 -7.73
CA ALA C 93 -15.78 -17.32 -6.38
C ALA C 93 -14.59 -18.17 -5.98
N ALA C 94 -14.08 -18.94 -6.92
CA ALA C 94 -12.96 -19.83 -6.70
C ALA C 94 -11.70 -19.07 -6.31
N MET C 95 -11.53 -17.90 -6.88
CA MET C 95 -10.39 -17.04 -6.62
C MET C 95 -10.40 -16.47 -5.20
N GLN C 96 -11.56 -16.42 -4.60
CA GLN C 96 -11.75 -15.95 -3.24
C GLN C 96 -11.84 -17.10 -2.24
N GLY C 97 -11.38 -18.29 -2.62
CA GLY C 97 -11.47 -19.45 -1.75
C GLY C 97 -12.67 -20.37 -1.86
N LEU C 98 -13.43 -20.26 -2.91
CA LEU C 98 -14.56 -21.12 -3.08
C LEU C 98 -14.37 -22.12 -4.19
N LEU C 99 -13.14 -22.54 -4.43
CA LEU C 99 -12.81 -23.47 -5.49
C LEU C 99 -13.29 -24.90 -5.36
N ALA C 100 -13.86 -25.41 -6.44
CA ALA C 100 -14.26 -26.78 -6.59
C ALA C 100 -13.87 -27.38 -7.95
N LEU C 101 -13.05 -28.41 -7.98
CA LEU C 101 -12.71 -29.09 -9.24
C LEU C 101 -13.32 -30.47 -9.37
N PRO C 102 -14.10 -30.69 -10.44
CA PRO C 102 -14.69 -32.01 -10.61
C PRO C 102 -13.86 -32.95 -11.50
N LEU C 103 -14.19 -34.23 -11.42
CA LEU C 103 -13.57 -35.28 -12.22
C LEU C 103 -14.80 -36.04 -12.68
N LEU C 104 -14.89 -36.28 -13.99
CA LEU C 104 -16.05 -36.95 -14.55
C LEU C 104 -15.70 -38.31 -15.13
N ALA C 105 -16.53 -39.29 -14.87
CA ALA C 105 -16.33 -40.65 -15.36
C ALA C 105 -17.66 -41.17 -15.87
N GLY C 106 -17.62 -41.85 -17.00
CA GLY C 106 -18.81 -42.42 -17.56
C GLY C 106 -18.64 -43.46 -18.63
N TYR C 107 -19.75 -44.09 -18.94
CA TYR C 107 -19.83 -45.05 -20.02
C TYR C 107 -20.72 -44.46 -21.10
N ASP C 108 -20.21 -44.34 -22.32
CA ASP C 108 -20.97 -43.75 -23.40
C ASP C 108 -21.74 -44.75 -24.26
N ILE C 109 -23.05 -44.72 -24.13
CA ILE C 109 -23.95 -45.61 -24.84
C ILE C 109 -23.94 -45.38 -26.36
N HIS C 110 -23.53 -44.21 -26.79
CA HIS C 110 -23.45 -43.95 -28.19
C HIS C 110 -22.06 -44.18 -28.77
N ALA C 111 -21.17 -44.76 -28.00
CA ALA C 111 -19.85 -45.01 -28.50
C ALA C 111 -20.01 -46.16 -29.48
N SER C 112 -19.18 -46.19 -30.50
CA SER C 112 -19.22 -47.23 -31.52
C SER C 112 -18.89 -48.62 -31.01
N ASP C 113 -17.79 -48.74 -30.26
CA ASP C 113 -17.32 -50.00 -29.69
C ASP C 113 -17.48 -49.87 -28.18
N PRO C 114 -18.14 -50.84 -27.57
CA PRO C 114 -18.42 -50.92 -26.16
C PRO C 114 -17.29 -51.15 -25.18
N GLN C 115 -16.31 -51.95 -25.52
CA GLN C 115 -15.30 -52.15 -24.50
C GLN C 115 -14.53 -50.86 -24.45
N SER C 116 -14.86 -50.00 -25.38
CA SER C 116 -14.24 -48.70 -25.49
C SER C 116 -15.22 -47.54 -25.22
N ALA C 117 -16.30 -47.78 -24.50
CA ALA C 117 -17.28 -46.77 -24.21
C ALA C 117 -16.97 -45.97 -22.94
N GLY C 118 -15.96 -46.40 -22.21
CA GLY C 118 -15.55 -45.73 -21.00
C GLY C 118 -14.97 -44.35 -21.18
N ARG C 119 -15.32 -43.41 -20.31
CA ARG C 119 -14.78 -42.08 -20.44
C ARG C 119 -14.35 -41.44 -19.12
N ILE C 120 -13.27 -40.70 -19.18
CA ILE C 120 -12.75 -40.01 -18.02
C ILE C 120 -12.44 -38.58 -18.48
N VAL C 121 -13.00 -37.61 -17.78
CA VAL C 121 -12.76 -36.21 -18.14
C VAL C 121 -12.31 -35.38 -16.92
N SER C 122 -11.20 -34.68 -17.07
CA SER C 122 -10.69 -33.84 -16.00
C SER C 122 -10.98 -32.37 -16.34
N PHE C 123 -11.00 -31.52 -15.32
CA PHE C 123 -11.30 -30.09 -15.52
C PHE C 123 -10.32 -29.20 -14.73
N ASP C 124 -9.98 -28.04 -15.27
CA ASP C 124 -9.13 -27.11 -14.54
C ASP C 124 -10.05 -25.99 -14.01
N ALA C 125 -9.52 -25.12 -13.14
CA ALA C 125 -10.31 -24.06 -12.51
C ALA C 125 -11.03 -23.11 -13.45
N ALA C 126 -10.58 -23.00 -14.70
CA ALA C 126 -11.22 -22.11 -15.66
C ALA C 126 -12.29 -22.83 -16.49
N GLY C 127 -12.54 -24.09 -16.18
CA GLY C 127 -13.54 -24.84 -16.94
C GLY C 127 -12.94 -25.62 -18.11
N GLY C 128 -11.63 -25.52 -18.29
CA GLY C 128 -11.02 -26.25 -19.38
C GLY C 128 -11.16 -27.72 -19.08
N TRP C 129 -11.62 -28.49 -20.06
CA TRP C 129 -11.78 -29.91 -19.87
C TRP C 129 -10.85 -30.69 -20.80
N ASN C 130 -10.57 -31.93 -20.42
CA ASN C 130 -9.72 -32.81 -21.19
C ASN C 130 -10.20 -34.26 -21.03
N ILE C 131 -10.49 -34.90 -22.15
CA ILE C 131 -10.90 -36.30 -22.16
C ILE C 131 -9.59 -37.08 -22.06
N GLU C 132 -9.41 -37.77 -20.93
CA GLU C 132 -8.20 -38.51 -20.68
C GLU C 132 -8.03 -39.71 -21.61
N GLU C 133 -6.88 -39.79 -22.26
CA GLU C 133 -6.63 -40.89 -23.17
C GLU C 133 -5.66 -41.93 -22.61
N GLU C 134 -5.03 -41.66 -21.47
CA GLU C 134 -4.08 -42.61 -20.92
C GLU C 134 -4.60 -43.64 -19.89
N GLY C 135 -5.91 -43.70 -19.68
CA GLY C 135 -6.43 -44.70 -18.78
C GLY C 135 -6.87 -44.31 -17.37
N TYR C 136 -6.24 -43.27 -16.81
CA TYR C 136 -6.60 -42.86 -15.48
C TYR C 136 -6.36 -41.39 -15.26
N GLN C 137 -6.96 -40.86 -14.20
CA GLN C 137 -6.80 -39.47 -13.83
C GLN C 137 -7.16 -39.32 -12.34
N ALA C 138 -6.73 -38.23 -11.73
CA ALA C 138 -7.08 -37.98 -10.33
C ALA C 138 -7.20 -36.49 -10.07
N VAL C 139 -7.96 -36.14 -9.04
CA VAL C 139 -8.08 -34.75 -8.68
C VAL C 139 -7.98 -34.59 -7.15
N GLY C 140 -7.51 -33.45 -6.68
CA GLY C 140 -7.41 -33.21 -5.24
C GLY C 140 -6.00 -33.01 -4.75
N SER C 141 -5.86 -32.68 -3.48
CA SER C 141 -4.54 -32.46 -2.89
C SER C 141 -3.61 -33.67 -2.94
N GLY C 142 -4.17 -34.86 -3.18
CA GLY C 142 -3.33 -36.04 -3.25
C GLY C 142 -3.23 -36.63 -4.65
N SER C 143 -3.76 -35.90 -5.64
CA SER C 143 -3.78 -36.39 -7.01
C SER C 143 -2.41 -36.73 -7.62
N LEU C 144 -1.36 -35.99 -7.30
CA LEU C 144 -0.04 -36.32 -7.87
C LEU C 144 0.43 -37.68 -7.37
N PHE C 145 0.28 -37.91 -6.08
CA PHE C 145 0.70 -39.17 -5.53
C PHE C 145 -0.10 -40.32 -6.11
N ALA C 146 -1.41 -40.10 -6.26
CA ALA C 146 -2.28 -41.14 -6.80
C ALA C 146 -1.95 -41.44 -8.27
N LYS C 147 -1.70 -40.38 -9.04
CA LYS C 147 -1.39 -40.57 -10.43
C LYS C 147 -0.06 -41.27 -10.61
N SER C 148 0.90 -40.96 -9.77
CA SER C 148 2.19 -41.57 -9.87
C SER C 148 2.11 -43.01 -9.46
N SER C 149 1.16 -43.33 -8.61
CA SER C 149 0.99 -44.68 -8.14
C SER C 149 0.32 -45.47 -9.28
N MET C 150 -0.79 -44.94 -9.82
CA MET C 150 -1.50 -45.61 -10.92
C MET C 150 -0.59 -45.83 -12.12
N LYS C 151 0.29 -44.89 -12.39
CA LYS C 151 1.20 -45.02 -13.48
C LYS C 151 1.96 -46.35 -13.41
N LYS C 152 2.34 -46.74 -12.22
CA LYS C 152 3.04 -47.96 -12.05
C LYS C 152 2.16 -49.15 -11.86
N LEU C 153 0.88 -48.96 -11.57
CA LEU C 153 -0.04 -50.07 -11.35
C LEU C 153 -1.04 -50.37 -12.45
N TYR C 154 -1.23 -49.40 -13.33
CA TYR C 154 -2.24 -49.53 -14.35
C TYR C 154 -2.19 -50.81 -15.19
N SER C 155 -0.98 -51.27 -15.50
CA SER C 155 -0.86 -52.46 -16.30
C SER C 155 -1.51 -53.68 -15.65
N GLN C 156 -1.86 -53.60 -14.37
CA GLN C 156 -2.51 -54.74 -13.73
C GLN C 156 -4.01 -54.72 -13.87
N VAL C 157 -4.55 -53.62 -14.39
CA VAL C 157 -5.99 -53.51 -14.54
C VAL C 157 -6.44 -54.31 -15.77
N THR C 158 -7.19 -55.39 -15.55
CA THR C 158 -7.67 -56.23 -16.65
C THR C 158 -9.17 -56.42 -16.65
N ASP C 159 -9.82 -55.95 -15.59
CA ASP C 159 -11.27 -56.05 -15.47
C ASP C 159 -11.72 -55.13 -14.35
N GLY C 160 -13.03 -55.12 -14.10
CA GLY C 160 -13.58 -54.28 -13.07
C GLY C 160 -13.01 -54.51 -11.68
N ASP C 161 -12.80 -55.77 -11.31
CA ASP C 161 -12.29 -56.03 -9.98
C ASP C 161 -10.86 -55.56 -9.79
N SER C 162 -9.99 -55.85 -10.75
CA SER C 162 -8.62 -55.41 -10.61
C SER C 162 -8.54 -53.89 -10.75
N GLY C 163 -9.50 -53.32 -11.47
CA GLY C 163 -9.52 -51.88 -11.66
C GLY C 163 -9.87 -51.20 -10.36
N LEU C 164 -10.87 -51.78 -9.69
CA LEU C 164 -11.32 -51.31 -8.39
C LEU C 164 -10.16 -51.45 -7.38
N ARG C 165 -9.41 -52.54 -7.46
CA ARG C 165 -8.28 -52.73 -6.55
C ARG C 165 -7.17 -51.70 -6.77
N VAL C 166 -6.86 -51.39 -8.03
CA VAL C 166 -5.80 -50.41 -8.31
C VAL C 166 -6.22 -49.00 -7.85
N ALA C 167 -7.52 -48.71 -7.98
CA ALA C 167 -8.08 -47.44 -7.56
C ALA C 167 -7.90 -47.28 -6.05
N VAL C 168 -8.26 -48.32 -5.30
CA VAL C 168 -8.12 -48.27 -3.87
C VAL C 168 -6.67 -48.17 -3.45
N GLU C 169 -5.78 -48.83 -4.16
CA GLU C 169 -4.38 -48.73 -3.79
C GLU C 169 -3.85 -47.34 -4.09
N ALA C 170 -4.35 -46.71 -5.15
CA ALA C 170 -3.90 -45.37 -5.50
C ALA C 170 -4.34 -44.42 -4.37
N LEU C 171 -5.58 -44.59 -3.87
CA LEU C 171 -6.07 -43.72 -2.82
C LEU C 171 -5.23 -43.96 -1.58
N TYR C 172 -4.87 -45.21 -1.35
CA TYR C 172 -4.05 -45.56 -0.20
C TYR C 172 -2.72 -44.82 -0.31
N ASP C 173 -2.09 -44.88 -1.49
CA ASP C 173 -0.81 -44.18 -1.66
C ASP C 173 -0.96 -42.65 -1.47
N ALA C 174 -2.09 -42.12 -1.90
CA ALA C 174 -2.32 -40.70 -1.74
C ALA C 174 -2.36 -40.37 -0.24
N ALA C 175 -3.10 -41.15 0.54
CA ALA C 175 -3.23 -40.92 1.97
C ALA C 175 -1.89 -41.05 2.67
N ASP C 176 -1.02 -41.92 2.13
CA ASP C 176 0.29 -42.17 2.67
C ASP C 176 1.18 -40.92 2.60
N ASP C 177 0.97 -40.08 1.58
CA ASP C 177 1.80 -38.88 1.40
C ASP C 177 1.08 -37.52 1.59
N ASP C 178 -0.24 -37.54 1.63
CA ASP C 178 -1.01 -36.31 1.78
C ASP C 178 -1.88 -36.39 3.02
N SER C 179 -1.55 -35.59 4.03
CA SER C 179 -2.31 -35.58 5.28
C SER C 179 -3.73 -35.13 5.09
N ALA C 180 -4.04 -34.48 3.96
CA ALA C 180 -5.42 -34.05 3.76
C ALA C 180 -6.26 -35.15 3.15
N THR C 181 -5.65 -36.29 2.81
CA THR C 181 -6.44 -37.39 2.26
C THR C 181 -6.52 -38.50 3.32
N GLY C 182 -7.71 -39.03 3.54
CA GLY C 182 -7.86 -40.06 4.54
C GLY C 182 -7.64 -41.49 4.07
N GLY C 183 -6.78 -42.23 4.77
CA GLY C 183 -6.56 -43.62 4.41
C GLY C 183 -7.70 -44.46 4.99
N PRO C 184 -7.69 -45.78 4.76
CA PRO C 184 -8.75 -46.66 5.30
C PRO C 184 -8.70 -46.60 6.84
N ASP C 185 -9.85 -46.47 7.49
CA ASP C 185 -9.91 -46.43 8.96
C ASP C 185 -10.43 -47.80 9.45
N LEU C 186 -9.49 -48.65 9.84
CA LEU C 186 -9.84 -49.98 10.31
C LEU C 186 -10.54 -49.94 11.65
N VAL C 187 -10.16 -49.00 12.52
CA VAL C 187 -10.80 -48.90 13.81
C VAL C 187 -12.28 -48.59 13.66
N ARG C 188 -12.60 -47.60 12.83
CA ARG C 188 -14.00 -47.21 12.67
C ARG C 188 -14.72 -47.91 11.52
N GLY C 189 -13.99 -48.66 10.71
CA GLY C 189 -14.61 -49.33 9.59
C GLY C 189 -15.09 -48.37 8.49
N ILE C 190 -14.30 -47.34 8.24
CA ILE C 190 -14.65 -46.37 7.20
C ILE C 190 -13.68 -46.52 6.06
N PHE C 191 -14.22 -46.70 4.87
CA PHE C 191 -13.38 -46.91 3.70
C PHE C 191 -13.74 -45.96 2.56
N PRO C 192 -12.86 -45.88 1.57
CA PRO C 192 -13.11 -45.05 0.41
C PRO C 192 -14.43 -45.52 -0.22
N THR C 193 -15.13 -44.64 -0.93
CA THR C 193 -16.34 -45.09 -1.62
C THR C 193 -15.97 -45.25 -3.12
N ALA C 194 -16.79 -45.98 -3.84
CA ALA C 194 -16.52 -46.18 -5.25
C ALA C 194 -17.75 -46.46 -6.08
N VAL C 195 -17.67 -46.09 -7.35
CA VAL C 195 -18.75 -46.32 -8.29
C VAL C 195 -18.17 -46.99 -9.51
N ILE C 196 -18.84 -48.04 -9.96
CA ILE C 196 -18.42 -48.72 -11.17
C ILE C 196 -19.47 -48.47 -12.23
N ILE C 197 -19.02 -48.27 -13.47
CA ILE C 197 -19.96 -48.06 -14.56
C ILE C 197 -19.56 -48.90 -15.77
N ASP C 198 -20.54 -49.62 -16.31
CA ASP C 198 -20.34 -50.42 -17.50
C ASP C 198 -21.63 -50.34 -18.30
N ALA C 199 -21.75 -51.17 -19.33
CA ALA C 199 -22.94 -51.15 -20.17
C ALA C 199 -24.26 -51.27 -19.39
N ASP C 200 -24.21 -51.88 -18.21
CA ASP C 200 -25.43 -52.02 -17.43
C ASP C 200 -25.72 -50.84 -16.51
N GLY C 201 -24.88 -49.81 -16.56
CA GLY C 201 -25.13 -48.66 -15.72
C GLY C 201 -24.15 -48.44 -14.57
N ALA C 202 -24.35 -47.34 -13.87
CA ALA C 202 -23.51 -46.97 -12.74
C ALA C 202 -24.03 -47.61 -11.48
N VAL C 203 -23.16 -48.30 -10.74
CA VAL C 203 -23.58 -48.89 -9.46
C VAL C 203 -22.55 -48.64 -8.36
N ASP C 204 -23.06 -48.33 -7.17
CA ASP C 204 -22.20 -48.09 -6.00
C ASP C 204 -21.52 -49.38 -5.61
N VAL C 205 -20.22 -49.33 -5.39
CA VAL C 205 -19.50 -50.52 -4.97
C VAL C 205 -19.80 -50.78 -3.47
N PRO C 206 -20.08 -52.04 -3.12
CA PRO C 206 -20.38 -52.39 -1.71
C PRO C 206 -19.17 -52.16 -0.79
N GLU C 207 -19.40 -51.61 0.40
CA GLU C 207 -18.30 -51.34 1.35
C GLU C 207 -17.45 -52.57 1.67
N SER C 208 -18.12 -53.73 1.81
CA SER C 208 -17.44 -54.97 2.12
C SER C 208 -16.36 -55.33 1.11
N ARG C 209 -16.62 -55.04 -0.18
CA ARG C 209 -15.64 -55.34 -1.23
C ARG C 209 -14.39 -54.45 -1.12
N ILE C 210 -14.61 -53.17 -0.85
CA ILE C 210 -13.50 -52.22 -0.73
C ILE C 210 -12.70 -52.52 0.54
N ALA C 211 -13.38 -52.87 1.62
CA ALA C 211 -12.69 -53.17 2.87
C ALA C 211 -11.73 -54.35 2.69
N GLU C 212 -12.16 -55.37 1.95
CA GLU C 212 -11.31 -56.54 1.69
C GLU C 212 -10.09 -56.13 0.88
N LEU C 213 -10.31 -55.29 -0.13
CA LEU C 213 -9.22 -54.82 -0.97
C LEU C 213 -8.25 -54.04 -0.12
N ALA C 214 -8.81 -53.15 0.72
CA ALA C 214 -8.00 -52.31 1.60
C ALA C 214 -7.15 -53.15 2.52
N ARG C 215 -7.79 -54.13 3.16
CA ARG C 215 -7.06 -55.00 4.08
C ARG C 215 -5.95 -55.74 3.38
N ALA C 216 -6.20 -56.24 2.18
CA ALA C 216 -5.15 -56.95 1.45
C ALA C 216 -4.00 -56.01 1.09
N ILE C 217 -4.31 -54.76 0.76
CA ILE C 217 -3.27 -53.82 0.42
C ILE C 217 -2.42 -53.61 1.68
N ILE C 218 -3.10 -53.42 2.80
CA ILE C 218 -2.40 -53.23 4.05
C ILE C 218 -1.54 -54.46 4.40
N GLU C 219 -2.10 -55.67 4.29
CA GLU C 219 -1.35 -56.91 4.58
C GLU C 219 -0.09 -56.95 3.70
N SER C 220 -0.26 -56.62 2.42
CA SER C 220 0.85 -56.63 1.49
C SER C 220 1.98 -55.65 1.86
N ARG C 221 1.63 -54.41 2.18
CA ARG C 221 2.62 -53.40 2.57
C ARG C 221 3.29 -53.77 3.91
N SER C 222 2.56 -54.48 4.76
CA SER C 222 3.07 -54.89 6.07
C SER C 222 4.11 -55.98 6.03
N SER D 8 67.50 -7.93 25.96
CA SER D 8 68.24 -9.22 26.18
C SER D 8 67.30 -10.42 26.10
N PRO D 9 66.77 -10.71 24.90
CA PRO D 9 65.85 -11.82 24.69
C PRO D 9 66.29 -13.13 25.34
N GLU D 10 67.59 -13.41 25.34
CA GLU D 10 68.08 -14.65 25.92
C GLU D 10 68.00 -14.69 27.45
N GLN D 11 68.23 -13.54 28.08
CA GLN D 11 68.16 -13.46 29.55
C GLN D 11 66.71 -13.59 30.02
N ALA D 12 65.83 -12.77 29.44
CA ALA D 12 64.42 -12.79 29.78
C ALA D 12 63.90 -14.22 29.67
N MET D 13 64.16 -14.84 28.54
CA MET D 13 63.75 -16.22 28.27
C MET D 13 64.13 -17.14 29.45
N ARG D 14 65.36 -16.98 29.93
CA ARG D 14 65.86 -17.80 31.03
C ARG D 14 65.18 -17.47 32.36
N GLU D 15 65.07 -16.18 32.67
CA GLU D 15 64.43 -15.79 33.91
C GLU D 15 62.98 -16.23 33.98
N ARG D 16 62.21 -15.90 32.95
CA ARG D 16 60.81 -16.28 32.90
C ARG D 16 60.70 -17.78 33.09
N SER D 17 61.51 -18.52 32.33
CA SER D 17 61.51 -19.97 32.40
C SER D 17 61.80 -20.48 33.81
N GLU D 18 62.75 -19.81 34.49
CA GLU D 18 63.14 -20.18 35.84
C GLU D 18 61.97 -19.90 36.79
N LEU D 19 61.46 -18.68 36.72
CA LEU D 19 60.34 -18.25 37.54
C LEU D 19 59.23 -19.29 37.49
N ALA D 20 58.98 -19.82 36.30
CA ALA D 20 57.93 -20.81 36.08
C ALA D 20 58.27 -22.15 36.70
N ARG D 21 59.45 -22.66 36.37
CA ARG D 21 59.87 -23.96 36.89
C ARG D 21 59.84 -23.97 38.42
N LYS D 22 60.31 -22.89 39.04
CA LYS D 22 60.32 -22.78 40.49
C LYS D 22 58.91 -22.88 41.07
N GLY D 23 57.97 -22.14 40.51
CA GLY D 23 56.61 -22.19 41.01
C GLY D 23 56.03 -23.59 40.95
N ILE D 24 56.28 -24.28 39.84
CA ILE D 24 55.77 -25.64 39.66
C ILE D 24 56.43 -26.56 40.66
N ALA D 25 57.70 -26.29 40.95
CA ALA D 25 58.47 -27.09 41.90
C ALA D 25 57.89 -27.02 43.31
N ARG D 26 57.57 -25.82 43.77
CA ARG D 26 57.03 -25.65 45.13
C ARG D 26 55.59 -26.14 45.25
N ALA D 27 55.03 -26.68 44.18
CA ALA D 27 53.64 -27.15 44.20
C ALA D 27 53.53 -28.64 44.42
N LYS D 28 52.36 -29.08 44.90
CA LYS D 28 52.13 -30.49 45.15
C LYS D 28 52.21 -31.28 43.85
N SER D 29 52.44 -32.58 43.96
CA SER D 29 52.57 -33.42 42.76
C SER D 29 51.30 -34.14 42.30
N VAL D 30 51.27 -34.40 40.99
CA VAL D 30 50.13 -35.07 40.37
C VAL D 30 50.63 -36.16 39.43
N VAL D 31 49.87 -37.24 39.39
CA VAL D 31 50.23 -38.35 38.53
C VAL D 31 49.03 -38.91 37.77
N ALA D 32 49.29 -39.28 36.51
CA ALA D 32 48.27 -39.86 35.66
C ALA D 32 48.91 -41.06 34.97
N LEU D 33 48.25 -42.19 35.07
CA LEU D 33 48.77 -43.37 34.43
C LEU D 33 47.71 -44.19 33.77
N ALA D 34 48.11 -44.80 32.67
CA ALA D 34 47.25 -45.65 31.90
C ALA D 34 47.14 -46.98 32.62
N TYR D 35 45.93 -47.45 32.83
CA TYR D 35 45.71 -48.73 33.44
C TYR D 35 44.82 -49.54 32.55
N ALA D 36 44.47 -50.73 32.99
CA ALA D 36 43.68 -51.60 32.15
C ALA D 36 42.40 -50.91 31.83
N GLY D 37 41.90 -50.16 32.80
CA GLY D 37 40.58 -49.56 32.73
C GLY D 37 40.50 -48.19 32.11
N GLY D 38 41.59 -47.71 31.59
CA GLY D 38 41.61 -46.40 30.99
C GLY D 38 42.66 -45.50 31.54
N VAL D 39 42.27 -44.46 32.25
CA VAL D 39 43.24 -43.58 32.84
C VAL D 39 42.89 -43.29 34.29
N LEU D 40 43.93 -43.30 35.11
CA LEU D 40 43.80 -42.97 36.52
C LEU D 40 44.52 -41.66 36.85
N PHE D 41 43.82 -40.81 37.59
CA PHE D 41 44.35 -39.51 38.01
C PHE D 41 44.44 -39.51 39.53
N VAL D 42 45.65 -39.25 40.04
CA VAL D 42 45.88 -39.18 41.47
C VAL D 42 46.78 -38.00 41.78
N ALA D 43 46.29 -37.12 42.64
CA ALA D 43 47.03 -35.94 43.02
C ALA D 43 46.96 -35.68 44.52
N GLU D 44 48.04 -35.10 45.04
CA GLU D 44 48.14 -34.75 46.44
C GLU D 44 47.28 -33.49 46.59
N ASN D 45 46.16 -33.61 47.30
CA ASN D 45 45.27 -32.45 47.49
C ASN D 45 44.35 -32.45 48.72
N PRO D 46 44.73 -31.71 49.76
CA PRO D 46 44.01 -31.57 51.02
C PRO D 46 42.70 -30.83 51.00
N SER D 47 42.51 -29.99 49.99
CA SER D 47 41.29 -29.22 49.90
C SER D 47 39.95 -29.89 49.69
N ARG D 48 39.02 -29.44 50.49
CA ARG D 48 37.67 -29.89 50.48
C ARG D 48 37.03 -29.41 49.20
N SER D 49 37.40 -28.18 48.82
CA SER D 49 36.87 -27.51 47.61
C SER D 49 37.73 -27.16 46.39
N LEU D 50 38.99 -27.53 46.30
CA LEU D 50 39.74 -27.15 45.11
C LEU D 50 40.24 -28.37 44.36
N GLN D 51 39.92 -28.44 43.07
CA GLN D 51 40.34 -29.57 42.27
C GLN D 51 41.44 -29.35 41.26
N LYS D 52 42.33 -30.33 41.14
CA LYS D 52 43.44 -30.28 40.22
C LYS D 52 43.14 -31.31 39.14
N ILE D 53 41.99 -31.98 39.22
CA ILE D 53 41.63 -32.98 38.22
C ILE D 53 40.20 -32.73 37.78
N SER D 54 39.99 -32.68 36.47
CA SER D 54 38.66 -32.39 35.97
C SER D 54 38.33 -33.01 34.61
N GLU D 55 37.05 -33.13 34.35
CA GLU D 55 36.54 -33.63 33.08
C GLU D 55 36.65 -32.49 32.06
N LEU D 56 37.00 -32.81 30.81
CA LEU D 56 37.07 -31.80 29.76
C LEU D 56 35.94 -32.06 28.78
N TYR D 57 35.89 -33.29 28.31
CA TYR D 57 34.86 -33.71 27.38
C TYR D 57 34.54 -35.19 27.60
N ASP D 58 33.60 -35.71 26.87
CA ASP D 58 33.17 -37.08 27.04
C ASP D 58 34.18 -38.16 27.44
N ARG D 59 35.35 -38.14 26.87
CA ARG D 59 36.32 -39.15 27.16
C ARG D 59 37.65 -38.50 27.29
N VAL D 60 37.66 -37.20 27.51
CA VAL D 60 38.90 -36.46 27.71
C VAL D 60 38.99 -35.86 29.10
N GLY D 61 40.10 -36.13 29.77
CA GLY D 61 40.32 -35.64 31.12
C GLY D 61 41.44 -34.62 31.23
N PHE D 62 41.45 -33.91 32.35
CA PHE D 62 42.42 -32.87 32.62
C PHE D 62 43.01 -32.95 34.04
N ALA D 63 44.32 -32.73 34.13
CA ALA D 63 44.99 -32.74 35.42
C ALA D 63 46.08 -31.69 35.37
N ALA D 64 46.30 -31.00 36.49
CA ALA D 64 47.32 -29.97 36.49
C ALA D 64 48.01 -29.77 37.84
N ALA D 65 49.17 -29.11 37.77
CA ALA D 65 49.94 -28.82 38.95
C ALA D 65 50.48 -27.41 38.79
N GLY D 66 50.60 -26.70 39.91
CA GLY D 66 51.09 -25.33 39.86
C GLY D 66 50.14 -24.40 40.58
N LYS D 67 50.08 -23.15 40.12
CA LYS D 67 49.22 -22.13 40.70
C LYS D 67 47.75 -22.38 40.31
N PHE D 68 46.90 -22.66 41.30
CA PHE D 68 45.49 -22.95 41.07
C PHE D 68 44.73 -21.98 40.18
N ASN D 69 44.67 -20.71 40.57
CA ASN D 69 43.97 -19.74 39.75
C ASN D 69 44.43 -19.78 38.28
N GLU D 70 45.70 -20.11 38.03
CA GLU D 70 46.20 -20.15 36.66
C GLU D 70 45.78 -21.40 35.89
N PHE D 71 45.84 -22.57 36.52
CA PHE D 71 45.44 -23.75 35.77
C PHE D 71 43.91 -23.94 35.74
N ASP D 72 43.21 -23.33 36.68
CA ASP D 72 41.75 -23.43 36.67
C ASP D 72 41.30 -22.59 35.47
N ASN D 73 42.07 -21.53 35.21
CA ASN D 73 41.83 -20.64 34.09
C ASN D 73 41.94 -21.48 32.82
N LEU D 74 43.02 -22.25 32.71
CA LEU D 74 43.24 -23.11 31.56
C LEU D 74 42.18 -24.20 31.46
N ARG D 75 41.75 -24.71 32.60
CA ARG D 75 40.73 -25.75 32.62
C ARG D 75 39.42 -25.23 31.99
N ARG D 76 39.02 -24.03 32.41
CA ARG D 76 37.81 -23.42 31.91
C ARG D 76 37.92 -23.18 30.40
N GLY D 77 39.07 -22.65 29.97
CA GLY D 77 39.27 -22.40 28.56
C GLY D 77 39.19 -23.69 27.77
N GLY D 78 39.69 -24.77 28.35
CA GLY D 78 39.65 -26.05 27.67
C GLY D 78 38.22 -26.53 27.50
N ILE D 79 37.42 -26.40 28.56
CA ILE D 79 36.04 -26.80 28.52
C ILE D 79 35.32 -25.95 27.47
N GLN D 80 35.67 -24.67 27.42
CA GLN D 80 35.07 -23.73 26.47
C GLN D 80 35.36 -24.22 25.05
N PHE D 81 36.63 -24.53 24.79
CA PHE D 81 37.07 -24.99 23.50
C PHE D 81 36.37 -26.27 23.06
N ALA D 82 36.36 -27.26 23.95
CA ALA D 82 35.74 -28.55 23.64
C ALA D 82 34.25 -28.43 23.35
N ASP D 83 33.53 -27.77 24.25
CA ASP D 83 32.09 -27.63 24.05
C ASP D 83 31.76 -26.89 22.76
N THR D 84 32.55 -25.87 22.44
CA THR D 84 32.31 -25.13 21.22
C THR D 84 32.54 -25.99 19.97
N ARG D 85 33.65 -26.72 19.91
CA ARG D 85 33.94 -27.60 18.78
C ARG D 85 32.89 -28.69 18.60
N GLY D 86 32.50 -29.32 19.70
CA GLY D 86 31.54 -30.40 19.62
C GLY D 86 30.21 -29.90 19.10
N TYR D 87 29.90 -28.66 19.44
CA TYR D 87 28.64 -28.10 18.99
C TYR D 87 28.72 -27.68 17.52
N ALA D 88 29.84 -27.09 17.14
CA ALA D 88 30.07 -26.62 15.78
C ALA D 88 30.18 -27.76 14.78
N TYR D 89 30.64 -28.92 15.25
CA TYR D 89 30.77 -30.10 14.39
C TYR D 89 29.98 -31.19 15.06
N ASP D 90 30.64 -32.20 15.64
CA ASP D 90 29.92 -33.23 16.38
C ASP D 90 30.75 -33.61 17.60
N ARG D 91 30.11 -34.18 18.61
CA ARG D 91 30.80 -34.58 19.82
C ARG D 91 32.00 -35.42 19.55
N ARG D 92 31.83 -36.43 18.70
CA ARG D 92 32.90 -37.35 18.35
C ARG D 92 34.05 -36.74 17.58
N ASP D 93 33.98 -35.45 17.29
CA ASP D 93 35.07 -34.80 16.57
C ASP D 93 36.05 -34.19 17.55
N VAL D 94 35.66 -34.14 18.82
CA VAL D 94 36.53 -33.58 19.87
C VAL D 94 37.51 -34.67 20.33
N THR D 95 38.79 -34.36 20.41
CA THR D 95 39.80 -35.32 20.80
C THR D 95 40.80 -34.68 21.73
N GLY D 96 41.52 -35.53 22.47
CA GLY D 96 42.56 -35.10 23.37
C GLY D 96 43.75 -34.52 22.64
N ARG D 97 44.13 -35.13 21.54
CA ARG D 97 45.22 -34.61 20.76
C ARG D 97 44.95 -33.14 20.48
N GLN D 98 43.67 -32.85 20.32
CA GLN D 98 43.15 -31.53 20.03
C GLN D 98 43.18 -30.61 21.19
N LEU D 99 42.76 -31.09 22.33
CA LEU D 99 42.80 -30.28 23.52
C LEU D 99 44.22 -30.02 23.97
N ALA D 100 45.09 -31.00 23.81
CA ALA D 100 46.48 -30.80 24.15
C ALA D 100 47.12 -29.78 23.23
N ASN D 101 46.82 -29.89 21.95
CA ASN D 101 47.34 -28.97 20.96
C ASN D 101 47.01 -27.54 21.28
N VAL D 102 45.76 -27.32 21.69
CA VAL D 102 45.27 -26.00 22.06
C VAL D 102 46.00 -25.45 23.28
N TYR D 103 46.20 -26.30 24.29
CA TYR D 103 46.91 -25.87 25.49
C TYR D 103 48.35 -25.49 25.13
N ALA D 104 48.97 -26.30 24.28
CA ALA D 104 50.33 -26.04 23.84
C ALA D 104 50.41 -24.62 23.25
N GLN D 105 49.51 -24.32 22.33
CA GLN D 105 49.49 -23.01 21.70
C GLN D 105 49.19 -21.91 22.72
N THR D 106 48.27 -22.19 23.63
CA THR D 106 47.88 -21.20 24.64
C THR D 106 49.01 -20.84 25.58
N LEU D 107 49.61 -21.85 26.20
CA LEU D 107 50.71 -21.60 27.12
C LEU D 107 51.86 -20.97 26.37
N GLY D 108 52.07 -21.41 25.13
CA GLY D 108 53.14 -20.84 24.33
C GLY D 108 52.97 -19.33 24.25
N THR D 109 51.74 -18.90 24.00
CA THR D 109 51.45 -17.49 23.88
C THR D 109 51.61 -16.77 25.21
N ILE D 110 51.09 -17.37 26.27
CA ILE D 110 51.21 -16.76 27.60
C ILE D 110 52.69 -16.54 27.93
N PHE D 111 53.45 -17.63 27.84
CA PHE D 111 54.88 -17.62 28.12
C PHE D 111 55.62 -16.52 27.36
N THR D 112 55.14 -16.22 26.16
CA THR D 112 55.76 -15.20 25.31
C THR D 112 55.27 -13.77 25.52
N GLU D 113 53.96 -13.56 25.44
CA GLU D 113 53.47 -12.21 25.55
C GLU D 113 52.84 -11.70 26.84
N GLN D 114 52.70 -12.56 27.84
CA GLN D 114 52.12 -12.11 29.10
C GLN D 114 53.16 -11.63 30.11
N ALA D 115 52.72 -10.76 31.02
CA ALA D 115 53.60 -10.21 32.05
C ALA D 115 54.40 -11.31 32.74
N LYS D 116 53.68 -12.29 33.28
CA LYS D 116 54.33 -13.38 33.97
C LYS D 116 53.94 -14.71 33.35
N PRO D 117 54.89 -15.65 33.28
CA PRO D 117 54.56 -16.96 32.70
C PRO D 117 53.62 -17.67 33.65
N TYR D 118 52.89 -18.66 33.15
CA TYR D 118 51.98 -19.41 34.00
C TYR D 118 52.77 -20.49 34.72
N GLU D 119 52.69 -20.49 36.03
CA GLU D 119 53.40 -21.47 36.83
C GLU D 119 52.56 -22.73 36.85
N VAL D 120 52.46 -23.40 35.70
CA VAL D 120 51.66 -24.61 35.62
C VAL D 120 52.23 -25.68 34.69
N GLU D 121 51.72 -26.88 34.86
CA GLU D 121 52.09 -28.02 34.05
C GLU D 121 50.79 -28.80 33.88
N LEU D 122 50.42 -29.11 32.63
CA LEU D 122 49.17 -29.79 32.38
C LEU D 122 49.27 -31.17 31.76
N CYS D 123 48.22 -31.95 31.96
CA CYS D 123 48.12 -33.26 31.39
C CYS D 123 46.71 -33.48 30.85
N VAL D 124 46.63 -33.82 29.57
CA VAL D 124 45.36 -34.10 28.93
C VAL D 124 45.36 -35.61 28.63
N ALA D 125 44.30 -36.30 29.02
CA ALA D 125 44.22 -37.74 28.77
C ALA D 125 42.92 -38.12 28.05
N GLU D 126 42.99 -39.19 27.26
CA GLU D 126 41.82 -39.63 26.50
C GLU D 126 41.75 -41.13 26.45
N VAL D 127 40.55 -41.67 26.64
CA VAL D 127 40.37 -43.11 26.58
C VAL D 127 39.46 -43.40 25.40
N ALA D 128 39.32 -44.66 25.04
CA ALA D 128 38.49 -45.04 23.91
C ALA D 128 37.02 -44.78 24.21
N HIS D 129 36.22 -44.75 23.14
CA HIS D 129 34.79 -44.56 23.25
C HIS D 129 34.21 -45.90 23.66
N TYR D 130 33.02 -45.89 24.25
CA TYR D 130 32.40 -47.14 24.70
C TYR D 130 32.40 -48.23 23.63
N GLY D 131 32.76 -49.44 24.03
CA GLY D 131 32.80 -50.56 23.09
C GLY D 131 33.88 -50.47 22.04
N GLU D 132 34.58 -49.35 21.99
CA GLU D 132 35.64 -49.15 21.02
C GLU D 132 36.89 -49.74 21.63
N THR D 133 37.90 -49.97 20.80
CA THR D 133 39.15 -50.53 21.29
C THR D 133 40.32 -49.66 20.84
N LYS D 134 40.86 -48.88 21.78
CA LYS D 134 41.96 -47.99 21.49
C LYS D 134 42.83 -47.78 22.72
N ARG D 135 44.12 -47.61 22.49
CA ARG D 135 45.08 -47.41 23.57
C ARG D 135 44.96 -46.01 24.15
N PRO D 136 44.87 -45.89 25.49
CA PRO D 136 44.76 -44.57 26.13
C PRO D 136 45.86 -43.64 25.65
N GLU D 137 45.61 -42.34 25.73
CA GLU D 137 46.60 -41.35 25.32
C GLU D 137 46.80 -40.36 26.44
N LEU D 138 48.04 -39.96 26.65
CA LEU D 138 48.36 -39.00 27.70
C LEU D 138 49.25 -37.94 27.12
N TYR D 139 48.94 -36.69 27.43
CA TYR D 139 49.73 -35.59 26.93
C TYR D 139 50.21 -34.73 28.05
N ARG D 140 51.39 -34.18 27.89
CA ARG D 140 51.89 -33.30 28.91
C ARG D 140 52.28 -32.00 28.22
N ILE D 141 51.75 -30.90 28.73
CA ILE D 141 52.04 -29.61 28.16
C ILE D 141 52.70 -28.84 29.28
N THR D 142 53.80 -28.16 28.96
CA THR D 142 54.53 -27.40 29.97
C THR D 142 54.37 -25.89 29.81
N TYR D 143 54.74 -25.17 30.86
CA TYR D 143 54.62 -23.72 30.91
C TYR D 143 55.08 -22.95 29.69
N ASP D 144 55.92 -23.54 28.86
CA ASP D 144 56.40 -22.82 27.68
C ASP D 144 55.72 -23.24 26.38
N GLY D 145 54.77 -24.17 26.50
CA GLY D 145 54.06 -24.62 25.32
C GLY D 145 54.59 -25.90 24.71
N SER D 146 55.54 -26.53 25.40
CA SER D 146 56.10 -27.76 24.90
C SER D 146 55.08 -28.85 25.14
N ILE D 147 54.99 -29.78 24.21
CA ILE D 147 54.03 -30.86 24.34
C ILE D 147 54.73 -32.20 24.07
N ALA D 148 54.21 -33.26 24.67
CA ALA D 148 54.78 -34.59 24.50
C ALA D 148 53.78 -35.61 25.00
N ASP D 149 53.66 -36.72 24.30
CA ASP D 149 52.74 -37.76 24.73
C ASP D 149 53.45 -38.96 25.35
N GLU D 150 53.11 -39.25 26.59
CA GLU D 150 53.70 -40.38 27.31
C GLU D 150 52.86 -41.61 27.02
N PRO D 151 53.52 -42.78 26.89
CA PRO D 151 52.81 -44.02 26.61
C PRO D 151 52.17 -44.68 27.82
N HIS D 152 52.73 -44.46 28.99
CA HIS D 152 52.20 -45.10 30.19
C HIS D 152 51.77 -44.24 31.37
N PHE D 153 52.54 -43.19 31.65
CA PHE D 153 52.20 -42.32 32.77
C PHE D 153 52.81 -40.94 32.67
N VAL D 154 52.26 -40.01 33.43
CA VAL D 154 52.74 -38.64 33.43
C VAL D 154 52.81 -38.18 34.88
N VAL D 155 53.85 -37.41 35.20
CA VAL D 155 54.03 -36.89 36.54
C VAL D 155 54.30 -35.38 36.46
N MET D 156 53.65 -34.61 37.32
CA MET D 156 53.81 -33.15 37.31
C MET D 156 53.77 -32.55 38.70
N GLY D 157 54.48 -31.45 38.88
CA GLY D 157 54.48 -30.77 40.15
C GLY D 157 55.53 -31.22 41.15
N GLY D 158 56.13 -30.26 41.83
CA GLY D 158 57.15 -30.53 42.81
C GLY D 158 58.37 -31.24 42.25
N THR D 159 58.91 -32.17 43.02
CA THR D 159 60.08 -32.94 42.63
C THR D 159 59.58 -34.20 41.93
N THR D 160 59.65 -34.16 40.61
CA THR D 160 59.19 -35.27 39.76
C THR D 160 60.04 -36.52 39.66
N GLU D 161 61.35 -36.35 39.51
CA GLU D 161 62.24 -37.49 39.26
C GLU D 161 62.00 -38.56 40.37
N PRO D 162 62.00 -38.24 41.62
CA PRO D 162 61.82 -39.31 42.55
C PRO D 162 60.56 -40.12 42.26
N ILE D 163 59.45 -39.42 42.01
CA ILE D 163 58.15 -40.02 41.69
C ILE D 163 58.19 -40.75 40.35
N ALA D 164 58.88 -40.15 39.41
CA ALA D 164 58.95 -40.74 38.09
C ALA D 164 59.69 -42.02 37.97
N ASN D 165 60.93 -41.92 38.45
CA ASN D 165 61.95 -42.91 38.27
C ASN D 165 61.40 -44.10 38.96
N ALA D 166 60.79 -43.80 40.11
CA ALA D 166 60.13 -44.81 40.91
C ALA D 166 59.12 -45.45 40.02
N LEU D 167 58.43 -44.62 39.25
CA LEU D 167 57.39 -45.12 38.38
C LEU D 167 57.92 -46.04 37.28
N LYS D 168 59.07 -45.73 36.70
CA LYS D 168 59.46 -46.51 35.53
C LYS D 168 59.63 -47.97 35.84
N GLU D 169 60.33 -48.31 36.93
CA GLU D 169 60.36 -49.69 37.38
C GLU D 169 59.00 -50.10 37.92
N SER D 170 58.37 -49.22 38.70
CA SER D 170 57.12 -49.60 39.32
C SER D 170 56.07 -49.90 38.27
N TYR D 171 56.10 -49.18 37.15
CA TYR D 171 55.10 -49.33 36.09
C TYR D 171 55.01 -50.70 35.44
N ALA D 172 53.78 -51.15 35.23
CA ALA D 172 53.44 -52.29 34.43
C ALA D 172 52.30 -51.83 33.51
N GLU D 173 52.17 -52.42 32.33
CA GLU D 173 51.01 -52.17 31.50
C GLU D 173 49.86 -53.00 32.01
N ASN D 174 48.66 -52.45 31.97
CA ASN D 174 47.44 -53.17 32.25
C ASN D 174 47.27 -53.47 33.69
N ALA D 175 48.13 -52.82 34.48
CA ALA D 175 48.04 -52.94 35.90
C ALA D 175 46.66 -52.38 36.13
N SER D 176 45.94 -52.93 37.09
CA SER D 176 44.58 -52.48 37.33
C SER D 176 44.40 -51.25 38.17
N LEU D 177 43.17 -50.85 38.44
CA LEU D 177 43.02 -49.60 39.14
C LEU D 177 43.76 -49.65 40.42
N THR D 178 43.57 -50.75 41.15
CA THR D 178 44.21 -50.90 42.43
C THR D 178 45.71 -50.98 42.39
N ASP D 179 46.24 -51.82 41.52
CA ASP D 179 47.68 -51.99 41.48
C ASP D 179 48.47 -50.76 41.06
N ALA D 180 48.03 -50.17 39.96
CA ALA D 180 48.57 -48.95 39.38
C ALA D 180 48.32 -47.81 40.32
N LEU D 181 47.17 -47.86 40.96
CA LEU D 181 46.76 -46.85 41.88
C LEU D 181 47.72 -46.77 43.05
N ARG D 182 48.14 -47.92 43.54
CA ARG D 182 49.11 -47.96 44.60
C ARG D 182 50.46 -47.53 44.06
N ILE D 183 50.80 -48.01 42.88
CA ILE D 183 52.06 -47.63 42.29
C ILE D 183 51.97 -46.13 42.17
N ALA D 184 50.80 -45.63 41.84
CA ALA D 184 50.74 -44.20 41.74
C ALA D 184 51.01 -43.53 43.09
N VAL D 185 50.34 -44.01 44.13
CA VAL D 185 50.52 -43.47 45.47
C VAL D 185 51.93 -43.67 45.97
N ALA D 186 52.54 -44.78 45.65
CA ALA D 186 53.88 -45.04 46.06
C ALA D 186 54.85 -44.07 45.45
N ALA D 187 54.74 -43.82 44.16
CA ALA D 187 55.69 -42.91 43.53
C ALA D 187 55.42 -41.55 44.11
N LEU D 188 54.17 -41.37 44.49
CA LEU D 188 53.76 -40.12 45.07
C LEU D 188 54.50 -39.88 46.38
N ARG D 189 54.55 -40.88 47.25
CA ARG D 189 55.30 -40.76 48.51
C ARG D 189 56.82 -40.66 48.23
N ALA D 190 57.37 -41.56 47.44
CA ALA D 190 58.78 -41.42 47.12
C ALA D 190 59.18 -39.95 46.99
N VAL D 205 44.41 -39.86 51.91
CA VAL D 205 43.20 -40.69 52.01
C VAL D 205 41.95 -39.82 51.90
N ALA D 206 42.03 -38.62 52.47
CA ALA D 206 40.95 -37.64 52.42
C ALA D 206 41.71 -36.36 52.18
N SER D 207 43.00 -36.55 51.90
CA SER D 207 43.94 -35.48 51.62
C SER D 207 44.46 -35.75 50.21
N LEU D 208 43.71 -36.57 49.47
CA LEU D 208 44.08 -36.92 48.11
C LEU D 208 42.88 -36.89 47.18
N GLU D 209 43.09 -36.45 45.95
CA GLU D 209 42.02 -36.41 44.96
C GLU D 209 42.26 -37.52 43.95
N VAL D 210 41.19 -38.28 43.67
CA VAL D 210 41.27 -39.39 42.74
C VAL D 210 40.09 -39.45 41.79
N ALA D 211 40.39 -39.71 40.53
CA ALA D 211 39.35 -39.83 39.49
C ALA D 211 39.89 -40.62 38.30
N VAL D 212 38.97 -41.20 37.54
CA VAL D 212 39.38 -41.97 36.37
C VAL D 212 38.54 -41.67 35.14
N LEU D 213 39.09 -41.91 33.97
CA LEU D 213 38.29 -41.80 32.81
C LEU D 213 38.00 -43.27 32.65
N ASP D 214 36.74 -43.63 32.81
CA ASP D 214 36.36 -45.01 32.69
C ASP D 214 35.91 -45.33 31.29
N ALA D 215 36.72 -46.09 30.60
CA ALA D 215 36.47 -46.50 29.24
C ALA D 215 35.24 -47.35 29.20
N ASN D 216 34.79 -47.80 30.34
CA ASN D 216 33.63 -48.66 30.37
C ASN D 216 32.30 -47.99 30.53
N ARG D 217 32.31 -46.67 30.57
CA ARG D 217 31.08 -45.93 30.69
C ARG D 217 30.66 -45.51 29.30
N PRO D 218 29.36 -45.44 29.04
CA PRO D 218 28.90 -45.08 27.70
C PRO D 218 29.28 -43.71 27.18
N ARG D 219 29.13 -42.61 27.91
CA ARG D 219 29.56 -41.34 27.32
C ARG D 219 30.49 -40.54 28.13
N ARG D 220 30.11 -40.22 29.34
CA ARG D 220 31.01 -39.43 30.12
C ARG D 220 31.88 -40.38 30.88
N ALA D 221 33.12 -40.51 30.42
CA ALA D 221 34.08 -41.40 31.04
C ALA D 221 34.49 -40.96 32.43
N PHE D 222 34.69 -39.67 32.59
CA PHE D 222 35.15 -39.09 33.86
C PHE D 222 34.26 -39.39 35.05
N ARG D 223 34.91 -39.73 36.16
CA ARG D 223 34.20 -40.03 37.41
C ARG D 223 35.19 -39.98 38.56
N ARG D 224 34.75 -39.37 39.65
CA ARG D 224 35.59 -39.24 40.86
C ARG D 224 35.41 -40.41 41.81
N ILE D 225 36.52 -40.84 42.40
CA ILE D 225 36.50 -41.92 43.36
C ILE D 225 36.76 -41.22 44.68
N THR D 226 35.70 -41.08 45.46
CA THR D 226 35.80 -40.38 46.73
C THR D 226 35.16 -41.09 47.91
N GLY D 227 35.63 -40.70 49.09
CA GLY D 227 35.21 -41.23 50.37
C GLY D 227 35.69 -42.65 50.71
N SER D 228 34.74 -43.43 51.20
CA SER D 228 35.06 -44.79 51.58
C SER D 228 35.67 -45.56 50.43
N ALA D 229 35.13 -45.41 49.22
CA ALA D 229 35.68 -46.12 48.10
C ALA D 229 37.14 -45.78 47.84
N LEU D 230 37.56 -44.61 48.28
CA LEU D 230 38.93 -44.25 48.06
C LEU D 230 39.92 -45.18 48.82
N GLN D 231 39.58 -45.52 50.07
CA GLN D 231 40.44 -46.39 50.88
C GLN D 231 40.43 -47.84 50.45
N ALA D 232 39.29 -48.26 49.94
CA ALA D 232 39.15 -49.62 49.51
C ALA D 232 40.09 -49.97 48.40
N LEU D 233 40.20 -49.11 47.42
CA LEU D 233 41.10 -49.45 46.35
C LEU D 233 42.56 -49.49 46.79
N LEU D 234 42.94 -48.51 47.59
CA LEU D 234 44.30 -48.42 48.06
C LEU D 234 44.98 -49.77 48.22
N THR E 1 2.30 -31.81 14.78
CA THR E 1 3.05 -32.20 15.96
C THR E 1 2.30 -32.12 17.29
N THR E 2 2.57 -33.10 18.13
CA THR E 2 2.06 -33.05 19.47
C THR E 2 3.07 -33.68 20.42
N ILE E 3 3.36 -32.96 21.51
CA ILE E 3 4.30 -33.45 22.49
C ILE E 3 3.54 -33.30 23.79
N VAL E 4 3.52 -34.35 24.59
CA VAL E 4 2.82 -34.30 25.88
C VAL E 4 3.80 -34.56 27.00
N ALA E 5 3.41 -34.15 28.20
CA ALA E 5 4.22 -34.35 29.39
C ALA E 5 3.28 -34.42 30.57
N LEU E 6 3.51 -35.35 31.46
CA LEU E 6 2.67 -35.43 32.62
C LEU E 6 3.41 -35.83 33.88
N LYS E 7 2.87 -35.42 35.01
CA LYS E 7 3.43 -35.76 36.29
C LYS E 7 2.78 -36.98 36.88
N TYR E 8 3.57 -37.86 37.43
CA TYR E 8 3.05 -38.98 38.19
C TYR E 8 3.80 -38.99 39.51
N PRO E 9 3.24 -39.61 40.52
CA PRO E 9 3.92 -39.62 41.78
C PRO E 9 5.27 -40.23 41.58
N GLY E 10 6.29 -39.49 41.98
CA GLY E 10 7.66 -39.88 41.75
C GLY E 10 8.28 -39.53 40.41
N GLY E 11 7.56 -38.87 39.52
CA GLY E 11 8.21 -38.53 38.27
C GLY E 11 7.44 -37.91 37.15
N VAL E 12 8.05 -37.91 35.98
CA VAL E 12 7.47 -37.38 34.76
C VAL E 12 7.68 -38.26 33.56
N VAL E 13 6.76 -38.19 32.62
CA VAL E 13 6.91 -38.88 31.35
C VAL E 13 6.62 -37.85 30.26
N MET E 14 7.42 -37.87 29.20
CA MET E 14 7.20 -36.97 28.08
C MET E 14 7.24 -37.82 26.81
N ALA E 15 6.23 -37.65 25.96
CA ALA E 15 6.17 -38.39 24.71
C ALA E 15 5.81 -37.51 23.52
N GLY E 16 6.32 -37.87 22.36
CA GLY E 16 6.01 -37.09 21.16
C GLY E 16 5.72 -37.94 19.93
N ASP E 17 5.03 -37.35 18.95
CA ASP E 17 4.70 -38.06 17.70
C ASP E 17 5.91 -38.02 16.76
N ARG E 18 5.81 -38.62 15.60
CA ARG E 18 6.92 -38.64 14.67
C ARG E 18 6.74 -38.00 13.29
N ARG E 19 5.64 -37.32 13.10
CA ARG E 19 5.37 -36.70 11.83
C ARG E 19 6.04 -35.36 11.56
N SER E 20 6.26 -35.12 10.28
CA SER E 20 6.86 -33.89 9.82
C SER E 20 6.04 -33.49 8.59
N THR E 21 5.72 -32.21 8.48
CA THR E 21 4.94 -31.78 7.32
C THR E 21 5.49 -30.55 6.64
N GLN E 22 5.12 -30.43 5.36
CA GLN E 22 5.46 -29.33 4.46
C GLN E 22 4.08 -29.04 3.86
N GLY E 23 3.34 -28.14 4.49
CA GLY E 23 2.00 -27.85 4.03
C GLY E 23 1.13 -29.07 4.35
N ASN E 24 0.49 -29.62 3.32
CA ASN E 24 -0.35 -30.80 3.47
C ASN E 24 0.46 -32.09 3.28
N MET E 25 1.66 -31.96 2.73
CA MET E 25 2.50 -33.11 2.48
C MET E 25 3.24 -33.63 3.70
N ILE E 26 3.22 -34.92 3.86
CA ILE E 26 3.92 -35.60 4.91
C ILE E 26 5.35 -35.61 4.46
N SER E 27 6.25 -35.05 5.25
CA SER E 27 7.64 -35.02 4.88
C SER E 27 8.52 -35.85 5.74
N GLY E 28 8.01 -36.33 6.86
CA GLY E 28 8.76 -37.14 7.77
C GLY E 28 7.85 -38.14 8.42
N ARG E 29 8.37 -39.32 8.70
CA ARG E 29 7.60 -40.37 9.34
C ARG E 29 8.17 -40.85 10.63
N ASP E 30 9.43 -40.55 10.86
CA ASP E 30 10.09 -40.95 12.07
C ASP E 30 10.98 -39.92 12.71
N VAL E 31 10.48 -38.73 12.90
CA VAL E 31 11.26 -37.68 13.51
C VAL E 31 11.22 -37.88 15.02
N ARG E 32 12.34 -37.71 15.68
CA ARG E 32 12.42 -37.87 17.12
C ARG E 32 12.26 -36.48 17.70
N LYS E 33 11.20 -36.26 18.45
CA LYS E 33 11.00 -34.92 19.01
C LYS E 33 11.27 -34.73 20.50
N VAL E 34 11.49 -35.82 21.24
CA VAL E 34 11.79 -35.76 22.66
C VAL E 34 13.24 -36.13 22.95
N TYR E 35 13.99 -35.21 23.55
CA TYR E 35 15.39 -35.43 23.84
C TYR E 35 15.68 -35.49 25.31
N ILE E 36 16.70 -36.28 25.68
CA ILE E 36 17.12 -36.33 27.06
C ILE E 36 18.17 -35.24 27.10
N THR E 37 17.87 -34.15 27.82
CA THR E 37 18.78 -33.02 27.88
C THR E 37 19.94 -33.21 28.84
N ASP E 38 19.67 -33.79 29.99
CA ASP E 38 20.68 -34.18 30.97
C ASP E 38 20.08 -35.25 31.81
N ASP E 39 20.82 -35.76 32.79
CA ASP E 39 20.32 -36.92 33.54
C ASP E 39 18.93 -36.81 34.14
N TYR E 40 18.45 -35.60 34.36
CA TYR E 40 17.14 -35.44 34.96
C TYR E 40 16.19 -34.55 34.21
N THR E 41 16.48 -34.34 32.94
CA THR E 41 15.67 -33.43 32.15
C THR E 41 15.41 -33.88 30.74
N ALA E 42 14.20 -33.62 30.26
CA ALA E 42 13.88 -33.96 28.89
C ALA E 42 13.20 -32.75 28.20
N THR E 43 13.53 -32.56 26.92
CA THR E 43 12.95 -31.47 26.15
C THR E 43 12.21 -31.97 24.92
N GLY E 44 11.05 -31.38 24.67
CA GLY E 44 10.26 -31.74 23.51
C GLY E 44 9.97 -30.44 22.79
N ILE E 45 10.30 -30.35 21.50
CA ILE E 45 10.06 -29.10 20.82
C ILE E 45 9.17 -29.21 19.59
N ALA E 46 8.25 -28.26 19.47
CA ALA E 46 7.32 -28.20 18.36
C ALA E 46 7.61 -27.00 17.45
N GLY E 47 7.04 -26.99 16.24
CA GLY E 47 7.26 -25.87 15.34
C GLY E 47 8.20 -26.17 14.18
N THR E 48 9.00 -25.21 13.81
CA THR E 48 9.92 -25.38 12.72
C THR E 48 11.07 -26.31 13.09
N ALA E 49 11.07 -27.47 12.46
CA ALA E 49 12.05 -28.51 12.70
C ALA E 49 13.48 -28.06 12.82
N ALA E 50 13.95 -27.28 11.84
CA ALA E 50 15.33 -26.83 11.88
C ALA E 50 15.63 -26.13 13.21
N VAL E 51 14.74 -25.26 13.65
CA VAL E 51 14.94 -24.51 14.87
C VAL E 51 14.74 -25.36 16.12
N ALA E 52 13.78 -26.25 16.08
CA ALA E 52 13.51 -27.17 17.17
C ALA E 52 14.77 -28.00 17.51
N VAL E 53 15.36 -28.58 16.48
CA VAL E 53 16.54 -29.42 16.66
C VAL E 53 17.70 -28.62 17.20
N GLU E 54 17.94 -27.46 16.62
CA GLU E 54 19.02 -26.60 17.06
C GLU E 54 18.83 -26.29 18.55
N PHE E 55 17.61 -25.93 18.94
CA PHE E 55 17.33 -25.62 20.33
C PHE E 55 17.74 -26.74 21.29
N ALA E 56 17.20 -27.92 21.06
CA ALA E 56 17.49 -29.07 21.90
C ALA E 56 18.99 -29.32 21.98
N ARG E 57 19.66 -29.25 20.85
CA ARG E 57 21.09 -29.51 20.81
C ARG E 57 21.86 -28.47 21.62
N LEU E 58 21.63 -27.21 21.30
CA LEU E 58 22.31 -26.12 22.00
C LEU E 58 22.00 -26.14 23.51
N TYR E 59 20.73 -26.33 23.85
CA TYR E 59 20.33 -26.35 25.23
C TYR E 59 21.07 -27.40 26.05
N ALA E 60 21.17 -28.61 25.52
CA ALA E 60 21.87 -29.68 26.25
C ALA E 60 23.35 -29.32 26.42
N VAL E 61 23.97 -28.75 25.40
CA VAL E 61 25.35 -28.37 25.50
C VAL E 61 25.51 -27.29 26.59
N GLU E 62 24.61 -26.31 26.60
CA GLU E 62 24.68 -25.23 27.59
C GLU E 62 24.58 -25.78 29.04
N LEU E 63 23.66 -26.72 29.26
CA LEU E 63 23.51 -27.32 30.57
C LEU E 63 24.77 -28.10 31.02
N GLU E 64 25.31 -28.89 30.14
CA GLU E 64 26.48 -29.62 30.47
C GLU E 64 27.70 -28.74 30.57
N HIS E 65 27.72 -27.66 29.81
CA HIS E 65 28.81 -26.69 29.84
C HIS E 65 28.94 -26.08 31.23
N TYR E 66 27.81 -25.78 31.84
CA TYR E 66 27.76 -25.19 33.14
C TYR E 66 28.22 -26.17 34.20
N GLU E 67 27.78 -27.38 34.06
CA GLU E 67 28.14 -28.46 34.95
C GLU E 67 29.64 -28.72 35.00
N LYS E 68 30.28 -28.81 33.86
CA LYS E 68 31.72 -29.00 33.81
C LYS E 68 32.49 -27.80 34.36
N LEU E 69 32.04 -26.61 34.00
CA LEU E 69 32.68 -25.40 34.43
C LEU E 69 32.59 -25.16 35.93
N GLU E 70 31.39 -25.36 36.49
CA GLU E 70 31.15 -25.09 37.90
C GLU E 70 31.15 -26.30 38.80
N GLY E 71 31.39 -27.46 38.23
CA GLY E 71 31.43 -28.67 39.04
C GLY E 71 30.10 -29.16 39.56
N VAL E 72 29.02 -28.43 39.32
CA VAL E 72 27.72 -28.86 39.82
C VAL E 72 26.63 -28.51 38.78
N PRO E 73 25.53 -29.28 38.74
CA PRO E 73 24.49 -28.96 37.76
C PRO E 73 23.77 -27.67 38.13
N LEU E 74 23.14 -27.06 37.13
CA LEU E 74 22.36 -25.85 37.30
C LEU E 74 21.11 -26.25 38.10
N THR E 75 20.56 -25.35 38.92
CA THR E 75 19.35 -25.71 39.66
C THR E 75 18.26 -25.83 38.59
N PHE E 76 17.13 -26.43 38.95
CA PHE E 76 16.08 -26.57 37.98
C PHE E 76 15.61 -25.19 37.49
N ALA E 77 15.53 -24.24 38.41
CA ALA E 77 15.09 -22.89 38.03
C ALA E 77 16.08 -22.28 37.02
N GLY E 78 17.37 -22.53 37.23
CA GLY E 78 18.35 -21.99 36.29
C GLY E 78 18.14 -22.62 34.90
N LYS E 79 17.79 -23.90 34.87
CA LYS E 79 17.58 -24.58 33.61
C LYS E 79 16.40 -23.92 32.88
N ILE E 80 15.34 -23.63 33.62
CA ILE E 80 14.17 -23.03 33.04
C ILE E 80 14.51 -21.68 32.46
N ASN E 81 15.23 -20.89 33.24
CA ASN E 81 15.60 -19.56 32.80
C ASN E 81 16.46 -19.58 31.52
N ARG E 82 17.39 -20.50 31.44
CA ARG E 82 18.24 -20.60 30.26
C ARG E 82 17.43 -20.93 29.00
N LEU E 83 16.48 -21.84 29.14
CA LEU E 83 15.63 -22.24 28.04
C LEU E 83 14.75 -21.04 27.60
N ALA E 84 14.21 -20.31 28.58
CA ALA E 84 13.36 -19.17 28.29
C ALA E 84 14.14 -18.09 27.54
N ILE E 85 15.38 -17.88 27.94
CA ILE E 85 16.22 -16.89 27.30
C ILE E 85 16.46 -17.26 25.83
N MET E 86 16.67 -18.54 25.58
CA MET E 86 16.87 -19.05 24.24
C MET E 86 15.62 -18.79 23.37
N VAL E 87 14.42 -19.10 23.90
CA VAL E 87 13.21 -18.87 23.15
C VAL E 87 13.02 -17.38 22.85
N ARG E 88 13.12 -16.53 23.86
CA ARG E 88 12.95 -15.10 23.69
C ARG E 88 13.88 -14.57 22.62
N GLY E 89 15.09 -15.09 22.57
CA GLY E 89 16.04 -14.69 21.58
C GLY E 89 15.73 -15.06 20.15
N ASN E 90 14.71 -15.87 19.94
CA ASN E 90 14.29 -16.29 18.64
C ASN E 90 13.01 -15.61 18.20
N LEU E 91 12.53 -14.66 18.99
CA LEU E 91 11.28 -14.01 18.71
C LEU E 91 11.17 -13.28 17.35
N ALA E 92 12.21 -12.58 16.94
CA ALA E 92 12.19 -11.93 15.64
C ALA E 92 12.09 -12.92 14.46
N ALA E 93 12.94 -13.92 14.47
CA ALA E 93 12.93 -14.98 13.50
C ALA E 93 11.62 -15.75 13.52
N ALA E 94 11.04 -15.91 14.70
CA ALA E 94 9.79 -16.62 14.82
C ALA E 94 8.64 -15.88 14.20
N MET E 95 8.69 -14.56 14.26
CA MET E 95 7.67 -13.70 13.70
C MET E 95 7.70 -13.86 12.19
N GLN E 96 8.85 -14.29 11.71
CA GLN E 96 9.14 -14.52 10.32
C GLN E 96 8.99 -15.97 9.87
N GLY E 97 8.37 -16.82 10.68
CA GLY E 97 8.23 -18.21 10.30
C GLY E 97 9.21 -19.22 10.84
N LEU E 98 10.04 -18.84 11.78
CA LEU E 98 11.01 -19.75 12.35
C LEU E 98 10.64 -20.01 13.79
N LEU E 99 9.36 -20.19 14.03
CA LEU E 99 8.86 -20.44 15.35
C LEU E 99 9.05 -21.82 15.95
N ALA E 100 9.60 -21.84 17.14
CA ALA E 100 9.82 -23.08 17.83
C ALA E 100 9.47 -23.01 19.32
N LEU E 101 8.54 -23.84 19.76
CA LEU E 101 8.14 -23.85 21.16
C LEU E 101 8.53 -25.10 21.91
N PRO E 102 9.30 -24.98 22.99
CA PRO E 102 9.68 -26.18 23.74
C PRO E 102 8.74 -26.48 24.92
N LEU E 103 8.81 -27.73 25.37
CA LEU E 103 8.07 -28.26 26.53
C LEU E 103 9.19 -28.91 27.34
N LEU E 104 9.29 -28.53 28.61
CA LEU E 104 10.34 -29.05 29.47
C LEU E 104 9.79 -29.97 30.56
N ALA E 105 10.44 -31.11 30.76
CA ALA E 105 10.02 -32.06 31.79
C ALA E 105 11.25 -32.47 32.57
N GLY E 106 11.11 -32.58 33.89
CA GLY E 106 12.27 -32.96 34.68
C GLY E 106 11.95 -33.44 36.07
N TYR E 107 12.97 -33.98 36.74
CA TYR E 107 12.82 -34.45 38.10
C TYR E 107 13.79 -33.58 38.89
N ASP E 108 13.28 -32.86 39.88
CA ASP E 108 14.14 -31.99 40.67
C ASP E 108 14.79 -32.72 41.85
N ILE E 109 16.08 -32.96 41.76
CA ILE E 109 16.81 -33.67 42.79
C ILE E 109 16.81 -32.94 44.13
N HIS E 110 16.90 -31.62 44.13
CA HIS E 110 16.93 -30.82 45.33
C HIS E 110 15.61 -30.53 45.99
N ALA E 111 14.51 -30.88 45.37
CA ALA E 111 13.20 -30.65 45.93
C ALA E 111 13.05 -31.47 47.19
N SER E 112 12.35 -30.94 48.18
CA SER E 112 12.22 -31.67 49.44
C SER E 112 11.49 -33.01 49.35
N ASP E 113 10.37 -33.05 48.66
CA ASP E 113 9.58 -34.25 48.54
C ASP E 113 9.72 -34.88 47.18
N PRO E 114 10.23 -36.09 47.18
CA PRO E 114 10.51 -36.86 45.97
C PRO E 114 9.29 -37.25 45.15
N GLN E 115 8.19 -37.56 45.79
CA GLN E 115 6.99 -37.93 45.08
C GLN E 115 6.52 -36.79 44.25
N SER E 116 6.76 -35.58 44.72
CA SER E 116 6.39 -34.39 43.99
C SER E 116 7.51 -33.71 43.21
N ALA E 117 8.67 -34.33 43.08
CA ALA E 117 9.81 -33.71 42.43
C ALA E 117 9.65 -33.51 40.91
N GLY E 118 8.67 -34.21 40.32
CA GLY E 118 8.46 -34.07 38.89
C GLY E 118 8.13 -32.65 38.53
N ARG E 119 8.66 -32.19 37.40
CA ARG E 119 8.42 -30.83 36.93
C ARG E 119 8.04 -30.78 35.42
N ILE E 120 7.07 -29.94 35.13
CA ILE E 120 6.62 -29.73 33.77
C ILE E 120 6.54 -28.23 33.50
N VAL E 121 7.32 -27.74 32.54
CA VAL E 121 7.31 -26.33 32.25
C VAL E 121 6.98 -26.01 30.77
N SER E 122 5.96 -25.18 30.57
CA SER E 122 5.59 -24.80 29.22
C SER E 122 6.14 -23.39 28.92
N PHE E 123 6.27 -23.09 27.62
CA PHE E 123 6.80 -21.81 27.15
C PHE E 123 5.97 -21.20 26.02
N ASP E 124 5.83 -19.88 26.01
CA ASP E 124 5.12 -19.25 24.91
C ASP E 124 6.20 -18.64 24.02
N ALA E 125 5.80 -18.14 22.85
CA ALA E 125 6.76 -17.60 21.87
C ALA E 125 7.64 -16.43 22.32
N ALA E 126 7.24 -15.76 23.40
CA ALA E 126 8.02 -14.64 23.92
C ALA E 126 8.98 -15.08 25.00
N GLY E 127 9.00 -16.39 25.30
CA GLY E 127 9.89 -16.90 26.33
C GLY E 127 9.22 -16.98 27.70
N GLY E 128 7.95 -16.62 27.76
CA GLY E 128 7.23 -16.69 29.01
C GLY E 128 7.11 -18.14 29.41
N TRP E 129 7.50 -18.46 30.63
CA TRP E 129 7.41 -19.83 31.10
C TRP E 129 6.40 -19.99 32.22
N ASN E 130 5.93 -21.22 32.39
CA ASN E 130 4.98 -21.54 33.43
C ASN E 130 5.19 -22.98 33.92
N ILE E 131 5.41 -23.10 35.23
CA ILE E 131 5.56 -24.41 35.85
C ILE E 131 4.16 -24.93 36.04
N GLU E 132 3.81 -25.95 35.27
CA GLU E 132 2.49 -26.52 35.33
C GLU E 132 2.19 -27.12 36.69
N GLU E 133 1.03 -26.78 37.23
CA GLU E 133 0.63 -27.30 38.53
C GLU E 133 -0.51 -28.31 38.43
N GLU E 134 -1.13 -28.41 37.26
CA GLU E 134 -2.23 -29.35 37.13
C GLU E 134 -1.90 -30.76 36.66
N GLY E 135 -0.61 -31.09 36.59
CA GLY E 135 -0.22 -32.45 36.22
C GLY E 135 0.19 -32.80 34.80
N TYR E 136 -0.30 -32.07 33.81
CA TYR E 136 0.04 -32.37 32.42
C TYR E 136 0.05 -31.12 31.57
N GLN E 137 0.67 -31.22 30.40
CA GLN E 137 0.75 -30.10 29.50
C GLN E 137 1.08 -30.66 28.12
N ALA E 138 0.90 -29.85 27.09
CA ALA E 138 1.20 -30.28 25.73
C ALA E 138 1.52 -29.10 24.85
N VAL E 139 2.28 -29.37 23.80
CA VAL E 139 2.63 -28.31 22.88
C VAL E 139 2.55 -28.85 21.43
N GLY E 140 2.27 -27.96 20.48
CA GLY E 140 2.17 -28.35 19.08
C GLY E 140 0.77 -28.19 18.51
N SER E 141 0.63 -28.37 17.20
CA SER E 141 -0.66 -28.25 16.53
C SER E 141 -1.75 -29.19 17.04
N GLY E 142 -1.39 -30.22 17.81
CA GLY E 142 -2.42 -31.11 18.33
C GLY E 142 -2.58 -30.96 19.85
N SER E 143 -1.86 -30.01 20.45
CA SER E 143 -1.91 -29.83 21.89
C SER E 143 -3.31 -29.66 22.51
N LEU E 144 -4.21 -28.92 21.90
CA LEU E 144 -5.52 -28.81 22.51
C LEU E 144 -6.20 -30.15 22.63
N PHE E 145 -6.16 -30.91 21.55
CA PHE E 145 -6.80 -32.21 21.56
C PHE E 145 -6.19 -33.10 22.63
N ALA E 146 -4.87 -33.11 22.72
CA ALA E 146 -4.18 -33.92 23.70
C ALA E 146 -4.52 -33.52 25.13
N LYS E 147 -4.52 -32.20 25.39
CA LYS E 147 -4.85 -31.72 26.72
C LYS E 147 -6.27 -32.07 27.09
N SER E 148 -7.21 -31.96 26.18
CA SER E 148 -8.58 -32.29 26.51
C SER E 148 -8.72 -33.79 26.77
N SER E 149 -7.87 -34.54 26.11
CA SER E 149 -7.90 -35.97 26.30
C SER E 149 -7.34 -36.26 27.70
N MET E 150 -6.16 -35.73 28.00
CA MET E 150 -5.55 -35.95 29.31
C MET E 150 -6.44 -35.48 30.48
N LYS E 151 -7.17 -34.41 30.31
CA LYS E 151 -8.05 -33.93 31.31
C LYS E 151 -9.00 -35.00 31.75
N LYS E 152 -9.50 -35.81 30.86
CA LYS E 152 -10.41 -36.82 31.30
C LYS E 152 -9.73 -38.12 31.65
N LEU E 153 -8.47 -38.27 31.30
CA LEU E 153 -7.77 -39.54 31.61
C LEU E 153 -6.79 -39.45 32.76
N TYR E 154 -6.45 -38.23 33.15
CA TYR E 154 -5.46 -38.02 34.18
C TYR E 154 -5.67 -38.68 35.53
N SER E 155 -6.93 -38.80 35.94
CA SER E 155 -7.21 -39.41 37.22
C SER E 155 -6.76 -40.87 37.25
N GLN E 156 -6.44 -41.45 36.10
CA GLN E 156 -5.99 -42.84 36.08
C GLN E 156 -4.47 -42.91 36.25
N VAL E 157 -3.82 -41.75 36.36
CA VAL E 157 -2.37 -41.77 36.51
C VAL E 157 -1.94 -41.98 37.96
N THR E 158 -1.35 -43.14 38.24
CA THR E 158 -0.92 -43.47 39.60
C THR E 158 0.57 -43.85 39.68
N ASP E 159 1.17 -44.10 38.54
CA ASP E 159 2.59 -44.47 38.50
C ASP E 159 3.11 -44.19 37.08
N GLY E 160 4.38 -44.53 36.83
CA GLY E 160 4.93 -44.29 35.52
C GLY E 160 4.22 -45.07 34.42
N ASP E 161 3.78 -46.29 34.72
CA ASP E 161 3.11 -47.11 33.70
C ASP E 161 1.77 -46.58 33.26
N SER E 162 0.95 -46.15 34.20
CA SER E 162 -0.34 -45.60 33.81
C SER E 162 -0.09 -44.18 33.18
N GLY E 163 0.99 -43.52 33.62
CA GLY E 163 1.34 -42.22 33.09
C GLY E 163 1.67 -42.33 31.60
N LEU E 164 2.62 -43.21 31.32
CA LEU E 164 3.04 -43.47 29.96
C LEU E 164 1.84 -43.90 29.12
N ARG E 165 0.93 -44.68 29.69
CA ARG E 165 -0.23 -45.07 28.90
C ARG E 165 -1.13 -43.86 28.55
N VAL E 166 -1.36 -42.99 29.52
CA VAL E 166 -2.20 -41.84 29.29
C VAL E 166 -1.52 -40.93 28.28
N ALA E 167 -0.20 -40.91 28.28
CA ALA E 167 0.52 -40.07 27.35
C ALA E 167 0.33 -40.54 25.91
N VAL E 168 0.47 -41.85 25.70
CA VAL E 168 0.32 -42.41 24.37
C VAL E 168 -1.12 -42.25 23.88
N GLU E 169 -2.08 -42.42 24.78
CA GLU E 169 -3.46 -42.28 24.34
C GLU E 169 -3.76 -40.80 24.00
N ALA E 170 -3.08 -39.88 24.69
CA ALA E 170 -3.31 -38.47 24.42
C ALA E 170 -2.75 -38.17 23.02
N LEU E 171 -1.56 -38.69 22.72
CA LEU E 171 -0.97 -38.51 21.39
C LEU E 171 -1.87 -39.16 20.33
N TYR E 172 -2.49 -40.28 20.68
CA TYR E 172 -3.37 -40.95 19.74
C TYR E 172 -4.57 -40.07 19.47
N ASP E 173 -5.15 -39.47 20.51
CA ASP E 173 -6.29 -38.59 20.30
C ASP E 173 -5.88 -37.35 19.48
N ALA E 174 -4.69 -36.81 19.73
CA ALA E 174 -4.22 -35.68 18.96
C ALA E 174 -4.18 -36.06 17.46
N ALA E 175 -3.57 -37.19 17.12
CA ALA E 175 -3.49 -37.61 15.72
C ALA E 175 -4.88 -37.85 15.12
N ASP E 176 -5.82 -38.28 15.95
CA ASP E 176 -7.16 -38.54 15.48
C ASP E 176 -7.84 -37.25 14.98
N ASP E 177 -7.45 -36.09 15.52
CA ASP E 177 -8.05 -34.80 15.15
C ASP E 177 -7.15 -33.78 14.42
N ASP E 178 -5.84 -33.98 14.50
CA ASP E 178 -4.89 -33.09 13.84
C ASP E 178 -4.05 -33.84 12.79
N SER E 179 -4.35 -33.58 11.54
CA SER E 179 -3.64 -34.22 10.44
C SER E 179 -2.15 -33.96 10.50
N ALA E 180 -1.71 -32.93 11.23
CA ALA E 180 -0.29 -32.66 11.29
C ALA E 180 0.41 -33.50 12.37
N THR E 181 -0.37 -34.31 13.10
CA THR E 181 0.23 -35.17 14.12
C THR E 181 0.11 -36.62 13.66
N GLY E 182 1.23 -37.36 13.70
CA GLY E 182 1.24 -38.75 13.25
C GLY E 182 0.79 -39.79 14.27
N GLY E 183 -0.18 -40.61 13.90
CA GLY E 183 -0.66 -41.64 14.80
C GLY E 183 0.28 -42.83 14.72
N PRO E 184 0.03 -43.90 15.50
CA PRO E 184 0.92 -45.07 15.45
C PRO E 184 0.84 -45.69 14.05
N ASP E 185 1.98 -46.00 13.44
CA ASP E 185 2.02 -46.62 12.09
C ASP E 185 2.26 -48.14 12.25
N LEU E 186 1.19 -48.92 12.21
CA LEU E 186 1.31 -50.36 12.36
C LEU E 186 1.96 -51.04 11.17
N VAL E 187 1.73 -50.53 9.95
CA VAL E 187 2.33 -51.10 8.77
C VAL E 187 3.85 -50.96 8.80
N ARG E 188 4.37 -49.80 9.16
CA ARG E 188 5.82 -49.62 9.19
C ARG E 188 6.42 -49.87 10.56
N GLY E 189 5.59 -50.02 11.58
CA GLY E 189 6.11 -50.23 12.93
C GLY E 189 6.77 -49.00 13.51
N ILE E 190 6.18 -47.82 13.29
CA ILE E 190 6.75 -46.59 13.85
C ILE E 190 5.79 -46.07 14.89
N PHE E 191 6.32 -45.78 16.08
CA PHE E 191 5.47 -45.32 17.16
C PHE E 191 6.04 -44.08 17.81
N PRO E 192 5.22 -43.40 18.63
CA PRO E 192 5.65 -42.18 19.32
C PRO E 192 6.87 -42.57 20.14
N THR E 193 7.70 -41.61 20.52
CA THR E 193 8.85 -41.89 21.37
C THR E 193 8.52 -41.30 22.76
N ALA E 194 9.22 -41.74 23.79
CA ALA E 194 8.94 -41.27 25.13
C ALA E 194 10.13 -41.39 26.04
N VAL E 195 10.16 -40.51 27.03
CA VAL E 195 11.21 -40.48 28.01
C VAL E 195 10.56 -40.45 29.38
N ILE E 196 11.10 -41.24 30.31
CA ILE E 196 10.58 -41.25 31.66
C ILE E 196 11.69 -40.80 32.59
N ILE E 197 11.31 -39.99 33.56
CA ILE E 197 12.31 -39.51 34.50
C ILE E 197 11.82 -39.68 35.93
N ASP E 198 12.68 -40.26 36.74
CA ASP E 198 12.41 -40.43 38.17
C ASP E 198 13.71 -40.20 38.93
N ALA E 199 13.72 -40.52 40.22
CA ALA E 199 14.92 -40.31 41.01
C ALA E 199 16.14 -40.98 40.39
N ASP E 200 15.96 -42.06 39.64
CA ASP E 200 17.11 -42.71 39.02
C ASP E 200 17.56 -42.11 37.70
N GLY E 201 16.95 -41.00 37.30
CA GLY E 201 17.34 -40.37 36.05
C GLY E 201 16.40 -40.52 34.88
N ALA E 202 16.78 -39.91 33.77
CA ALA E 202 15.99 -39.93 32.55
C ALA E 202 16.32 -41.17 31.70
N VAL E 203 15.30 -41.88 31.27
CA VAL E 203 15.53 -43.06 30.45
C VAL E 203 14.57 -43.15 29.26
N ASP E 204 15.11 -43.52 28.09
CA ASP E 204 14.28 -43.66 26.89
C ASP E 204 13.37 -44.86 27.07
N VAL E 205 12.10 -44.71 26.75
CA VAL E 205 11.18 -45.83 26.87
C VAL E 205 11.40 -46.74 25.66
N PRO E 206 11.40 -48.06 25.88
CA PRO E 206 11.62 -49.00 24.78
C PRO E 206 10.45 -48.99 23.80
N GLU E 207 10.77 -48.96 22.52
CA GLU E 207 9.76 -48.93 21.46
C GLU E 207 8.69 -50.02 21.62
N SER E 208 9.15 -51.21 22.00
CA SER E 208 8.26 -52.36 22.17
C SER E 208 7.17 -52.12 23.20
N ARG E 209 7.46 -51.31 24.23
CA ARG E 209 6.45 -51.04 25.25
C ARG E 209 5.41 -50.06 24.66
N ILE E 210 5.90 -49.05 23.94
CA ILE E 210 4.99 -48.08 23.32
C ILE E 210 4.16 -48.79 22.26
N ALA E 211 4.81 -49.66 21.48
CA ALA E 211 4.10 -50.41 20.43
C ALA E 211 2.94 -51.21 21.04
N GLU E 212 3.19 -51.83 22.20
CA GLU E 212 2.16 -52.60 22.91
C GLU E 212 0.99 -51.67 23.34
N LEU E 213 1.34 -50.51 23.93
CA LEU E 213 0.30 -49.56 24.36
C LEU E 213 -0.52 -49.07 23.16
N ALA E 214 0.17 -48.66 22.10
CA ALA E 214 -0.49 -48.18 20.89
C ALA E 214 -1.46 -49.22 20.37
N ARG E 215 -0.98 -50.44 20.13
CA ARG E 215 -1.84 -51.49 19.64
C ARG E 215 -3.04 -51.73 20.55
N ALA E 216 -2.83 -51.68 21.86
CA ALA E 216 -3.93 -51.89 22.77
C ALA E 216 -4.96 -50.77 22.60
N ILE E 217 -4.48 -49.53 22.53
CA ILE E 217 -5.40 -48.40 22.37
C ILE E 217 -6.24 -48.62 21.12
N ILE E 218 -5.56 -48.98 20.04
CA ILE E 218 -6.24 -49.23 18.78
C ILE E 218 -7.30 -50.35 18.84
N GLU E 219 -6.93 -51.53 19.36
CA GLU E 219 -7.87 -52.65 19.47
C GLU E 219 -9.05 -52.24 20.34
N SER E 220 -8.74 -51.47 21.37
CA SER E 220 -9.75 -50.99 22.29
C SER E 220 -10.77 -50.13 21.51
N ARG E 221 -10.31 -49.09 20.83
CA ARG E 221 -11.20 -48.21 20.08
C ARG E 221 -11.97 -48.99 19.00
N SER E 222 -11.42 -50.10 18.53
CA SER E 222 -12.05 -50.91 17.47
C SER E 222 -13.28 -51.71 17.87
N SER F 8 63.78 9.17 36.57
CA SER F 8 63.15 9.44 37.90
C SER F 8 61.95 10.41 37.84
N PRO F 9 60.78 10.01 38.41
CA PRO F 9 59.57 10.84 38.43
C PRO F 9 59.89 12.30 38.72
N GLU F 10 60.54 12.62 39.83
CA GLU F 10 60.85 14.03 40.15
C GLU F 10 61.84 14.72 39.22
N GLN F 11 62.83 13.97 38.82
CA GLN F 11 63.84 14.48 37.94
C GLN F 11 63.23 14.81 36.58
N ALA F 12 62.33 13.93 36.14
CA ALA F 12 61.67 14.13 34.87
C ALA F 12 60.89 15.42 34.87
N MET F 13 60.14 15.65 35.93
CA MET F 13 59.34 16.83 36.03
C MET F 13 60.26 18.02 36.21
N ARG F 14 61.48 17.72 36.62
CA ARG F 14 62.51 18.71 36.83
C ARG F 14 62.92 19.23 35.48
N GLU F 15 63.29 18.33 34.59
CA GLU F 15 63.74 18.70 33.27
C GLU F 15 62.65 19.34 32.43
N ARG F 16 61.46 18.77 32.45
CA ARG F 16 60.36 19.31 31.69
C ARG F 16 60.17 20.77 31.98
N SER F 17 60.16 21.10 33.24
CA SER F 17 59.99 22.47 33.66
C SER F 17 61.10 23.35 33.18
N GLU F 18 62.26 22.75 33.02
CA GLU F 18 63.43 23.49 32.62
C GLU F 18 63.38 23.69 31.12
N LEU F 19 63.16 22.61 30.40
CA LEU F 19 63.05 22.61 28.96
C LEU F 19 62.04 23.66 28.57
N ALA F 20 60.97 23.73 29.33
CA ALA F 20 59.95 24.70 29.06
C ALA F 20 60.42 26.10 29.40
N ARG F 21 60.95 26.29 30.59
CA ARG F 21 61.39 27.59 31.01
C ARG F 21 62.44 28.17 30.06
N LYS F 22 63.32 27.32 29.55
CA LYS F 22 64.33 27.74 28.61
C LYS F 22 63.69 28.23 27.34
N GLY F 23 62.70 27.50 26.82
CA GLY F 23 62.04 27.92 25.60
C GLY F 23 61.36 29.27 25.68
N ILE F 24 60.70 29.52 26.78
CA ILE F 24 60.02 30.76 26.99
C ILE F 24 61.03 31.90 27.20
N ALA F 25 62.13 31.57 27.87
CA ALA F 25 63.17 32.53 28.15
C ALA F 25 63.79 33.05 26.87
N ARG F 26 63.94 32.18 25.91
CA ARG F 26 64.51 32.50 24.63
C ARG F 26 63.60 33.32 23.74
N ALA F 27 62.34 33.48 24.12
CA ALA F 27 61.41 34.25 23.30
C ALA F 27 61.20 35.71 23.64
N LYS F 28 60.62 36.46 22.72
CA LYS F 28 60.36 37.87 22.95
C LYS F 28 59.29 38.01 23.99
N SER F 29 59.32 39.11 24.69
CA SER F 29 58.36 39.37 25.73
C SER F 29 57.06 40.04 25.35
N VAL F 30 56.07 39.82 26.20
CA VAL F 30 54.76 40.37 25.99
C VAL F 30 54.24 40.93 27.27
N VAL F 31 53.50 42.02 27.16
CA VAL F 31 52.92 42.67 28.31
C VAL F 31 51.46 43.03 28.11
N ALA F 32 50.65 42.84 29.15
CA ALA F 32 49.24 43.21 29.16
C ALA F 32 48.86 44.08 30.34
N LEU F 33 48.20 45.20 30.12
CA LEU F 33 47.78 46.00 31.26
C LEU F 33 46.40 46.58 31.26
N ALA F 34 45.86 46.64 32.45
CA ALA F 34 44.59 47.24 32.71
C ALA F 34 44.75 48.73 32.61
N TYR F 35 43.87 49.39 31.89
CA TYR F 35 43.94 50.81 31.63
C TYR F 35 42.54 51.36 31.70
N ALA F 36 42.37 52.66 31.76
CA ALA F 36 41.04 53.19 32.01
C ALA F 36 40.06 52.79 30.93
N GLY F 37 40.55 52.63 29.71
CA GLY F 37 39.70 52.26 28.61
C GLY F 37 39.53 50.77 28.34
N GLY F 38 40.11 49.90 29.15
CA GLY F 38 40.04 48.50 28.86
C GLY F 38 41.31 47.77 29.19
N VAL F 39 41.71 46.85 28.35
CA VAL F 39 43.00 46.22 28.52
C VAL F 39 43.89 46.51 27.32
N LEU F 40 45.19 46.58 27.56
CA LEU F 40 46.14 46.86 26.51
C LEU F 40 47.16 45.76 26.35
N PHE F 41 47.41 45.36 25.11
CA PHE F 41 48.33 44.29 24.79
C PHE F 41 49.47 44.88 23.96
N VAL F 42 50.70 44.62 24.37
CA VAL F 42 51.85 45.12 23.64
C VAL F 42 52.92 44.05 23.69
N ALA F 43 53.34 43.71 22.50
CA ALA F 43 54.34 42.71 22.28
C ALA F 43 55.36 43.14 21.29
N GLU F 44 56.56 42.67 21.54
CA GLU F 44 57.67 42.97 20.69
C GLU F 44 57.50 41.97 19.59
N ASN F 45 57.15 42.42 18.41
CA ASN F 45 56.98 41.48 17.36
C ASN F 45 57.45 42.01 16.02
N PRO F 46 58.54 41.50 15.51
CA PRO F 46 59.03 41.90 14.20
C PRO F 46 58.06 41.52 13.10
N SER F 47 57.41 40.38 13.26
CA SER F 47 56.55 39.81 12.24
C SER F 47 55.33 40.60 11.89
N ARG F 48 55.19 40.78 10.59
CA ARG F 48 54.05 41.40 9.97
C ARG F 48 52.81 40.55 10.06
N SER F 49 52.98 39.25 9.84
CA SER F 49 51.86 38.34 9.77
C SER F 49 51.62 37.37 10.91
N LEU F 50 52.61 37.12 11.73
CA LEU F 50 52.48 36.16 12.78
C LEU F 50 52.04 36.92 13.99
N GLN F 51 51.02 36.43 14.65
CA GLN F 51 50.48 37.18 15.74
C GLN F 51 50.56 36.50 17.10
N LYS F 52 50.94 37.26 18.11
CA LYS F 52 51.03 36.80 19.48
C LYS F 52 49.80 37.25 20.28
N ILE F 53 49.07 38.19 19.73
CA ILE F 53 47.93 38.73 20.43
C ILE F 53 46.68 38.51 19.57
N SER F 54 45.61 38.01 20.18
CA SER F 54 44.43 37.73 19.39
C SER F 54 43.14 37.84 20.16
N GLU F 55 42.05 38.03 19.42
CA GLU F 55 40.73 38.09 20.01
C GLU F 55 40.33 36.62 20.31
N LEU F 56 39.58 36.41 21.38
CA LEU F 56 39.10 35.06 21.72
C LEU F 56 37.58 35.07 21.59
N TYR F 57 36.95 36.03 22.25
CA TYR F 57 35.51 36.17 22.21
C TYR F 57 35.14 37.65 22.35
N ASP F 58 33.85 37.96 22.38
CA ASP F 58 33.38 39.34 22.47
C ASP F 58 34.19 40.29 23.36
N ARG F 59 34.44 39.89 24.61
CA ARG F 59 35.17 40.76 25.53
C ARG F 59 36.39 40.07 26.08
N VAL F 60 36.82 39.00 25.42
CA VAL F 60 37.97 38.25 25.90
C VAL F 60 39.13 38.24 24.93
N GLY F 61 40.31 38.62 25.43
CA GLY F 61 41.51 38.70 24.61
C GLY F 61 42.54 37.66 24.98
N PHE F 62 43.51 37.46 24.09
CA PHE F 62 44.54 36.45 24.26
C PHE F 62 45.92 36.97 23.86
N ALA F 63 46.92 36.62 24.66
CA ALA F 63 48.29 37.02 24.39
C ALA F 63 49.18 35.87 24.82
N ALA F 64 50.28 35.66 24.10
CA ALA F 64 51.16 34.57 24.44
C ALA F 64 52.62 34.82 24.09
N ALA F 65 53.50 34.04 24.73
CA ALA F 65 54.92 34.14 24.48
C ALA F 65 55.48 32.72 24.42
N GLY F 66 56.48 32.51 23.58
CA GLY F 66 57.03 31.18 23.49
C GLY F 66 57.11 30.71 22.06
N LYS F 67 56.95 29.42 21.87
CA LYS F 67 56.99 28.79 20.57
C LYS F 67 55.70 29.03 19.81
N PHE F 68 55.78 29.78 18.73
CA PHE F 68 54.61 30.15 17.96
C PHE F 68 53.66 28.99 17.64
N ASN F 69 54.16 27.99 16.93
CA ASN F 69 53.32 26.88 16.56
C ASN F 69 52.54 26.32 17.73
N GLU F 70 53.13 26.35 18.91
CA GLU F 70 52.47 25.79 20.09
C GLU F 70 51.41 26.70 20.70
N PHE F 71 51.67 27.99 20.83
CA PHE F 71 50.66 28.89 21.35
C PHE F 71 49.58 29.26 20.34
N ASP F 72 49.83 29.05 19.06
CA ASP F 72 48.87 29.34 18.02
C ASP F 72 47.89 28.21 18.08
N ASN F 73 48.42 27.06 18.42
CA ASN F 73 47.62 25.88 18.61
C ASN F 73 46.63 26.14 19.74
N LEU F 74 47.13 26.64 20.86
CA LEU F 74 46.28 26.92 21.99
C LEU F 74 45.26 28.02 21.70
N ARG F 75 45.67 29.02 20.95
CA ARG F 75 44.79 30.10 20.59
C ARG F 75 43.59 29.59 19.77
N ARG F 76 43.84 28.73 18.80
CA ARG F 76 42.79 28.12 18.00
C ARG F 76 41.85 27.31 18.89
N GLY F 77 42.42 26.50 19.77
CA GLY F 77 41.61 25.69 20.67
C GLY F 77 40.74 26.56 21.55
N GLY F 78 41.26 27.74 21.91
CA GLY F 78 40.52 28.63 22.77
C GLY F 78 39.36 29.20 22.00
N ILE F 79 39.61 29.56 20.75
CA ILE F 79 38.55 30.11 19.93
C ILE F 79 37.48 29.04 19.71
N GLN F 80 37.94 27.80 19.52
CA GLN F 80 37.04 26.68 19.34
C GLN F 80 36.12 26.56 20.56
N PHE F 81 36.75 26.55 21.75
CA PHE F 81 36.03 26.41 23.01
C PHE F 81 35.01 27.51 23.23
N ALA F 82 35.44 28.75 23.02
CA ALA F 82 34.57 29.89 23.23
C ALA F 82 33.37 29.87 22.29
N ASP F 83 33.62 29.72 20.99
CA ASP F 83 32.54 29.71 20.01
C ASP F 83 31.53 28.58 20.30
N THR F 84 32.04 27.41 20.67
CA THR F 84 31.17 26.29 20.98
C THR F 84 30.28 26.59 22.20
N ARG F 85 30.88 27.10 23.27
CA ARG F 85 30.12 27.43 24.47
C ARG F 85 29.06 28.49 24.21
N GLY F 86 29.47 29.55 23.50
CA GLY F 86 28.55 30.64 23.21
C GLY F 86 27.34 30.16 22.43
N TYR F 87 27.60 29.21 21.54
CA TYR F 87 26.54 28.65 20.72
C TYR F 87 25.67 27.68 21.49
N ALA F 88 26.28 26.83 22.29
CA ALA F 88 25.56 25.85 23.08
C ALA F 88 24.63 26.52 24.09
N TYR F 89 25.09 27.60 24.70
CA TYR F 89 24.28 28.30 25.67
C TYR F 89 23.97 29.70 25.13
N ASP F 90 24.80 30.67 25.49
CA ASP F 90 24.59 32.04 25.03
C ASP F 90 25.92 32.77 24.98
N ARG F 91 26.02 33.82 24.17
CA ARG F 91 27.26 34.55 24.08
C ARG F 91 27.72 35.06 25.45
N ARG F 92 26.80 35.68 26.18
CA ARG F 92 27.11 36.25 27.49
C ARG F 92 27.48 35.25 28.57
N ASP F 93 27.45 33.96 28.25
CA ASP F 93 27.82 32.94 29.22
C ASP F 93 29.32 32.62 29.10
N VAL F 94 29.96 33.11 28.05
CA VAL F 94 31.39 32.88 27.85
C VAL F 94 32.16 33.91 28.69
N THR F 95 33.19 33.48 29.41
CA THR F 95 33.95 34.41 30.24
C THR F 95 35.45 34.16 30.23
N GLY F 96 36.21 35.21 30.57
CA GLY F 96 37.65 35.08 30.60
C GLY F 96 38.06 34.00 31.59
N ARG F 97 37.35 33.93 32.71
CA ARG F 97 37.66 32.94 33.74
C ARG F 97 37.54 31.52 33.17
N GLN F 98 36.47 31.26 32.41
CA GLN F 98 36.28 29.95 31.80
C GLN F 98 37.45 29.61 30.88
N LEU F 99 37.84 30.55 30.04
CA LEU F 99 38.94 30.31 29.12
C LEU F 99 40.25 30.04 29.83
N ALA F 100 40.55 30.85 30.85
CA ALA F 100 41.78 30.67 31.64
C ALA F 100 41.77 29.25 32.25
N ASN F 101 40.64 28.91 32.87
CA ASN F 101 40.46 27.58 33.48
C ASN F 101 40.76 26.47 32.45
N VAL F 102 40.21 26.62 31.24
CA VAL F 102 40.39 25.62 30.18
C VAL F 102 41.87 25.52 29.79
N TYR F 103 42.53 26.67 29.63
CA TYR F 103 43.94 26.64 29.26
C TYR F 103 44.74 25.98 30.40
N ALA F 104 44.37 26.27 31.64
CA ALA F 104 45.05 25.70 32.78
C ALA F 104 44.99 24.19 32.68
N GLN F 105 43.79 23.68 32.46
CA GLN F 105 43.60 22.24 32.35
C GLN F 105 44.33 21.65 31.14
N THR F 106 44.30 22.37 30.03
CA THR F 106 44.93 21.90 28.80
C THR F 106 46.45 21.81 28.93
N LEU F 107 47.07 22.89 29.39
CA LEU F 107 48.53 22.90 29.53
C LEU F 107 48.93 21.88 30.57
N GLY F 108 48.12 21.76 31.63
CA GLY F 108 48.41 20.79 32.68
C GLY F 108 48.54 19.43 32.06
N THR F 109 47.59 19.07 31.21
CA THR F 109 47.62 17.77 30.56
C THR F 109 48.80 17.62 29.59
N ILE F 110 49.07 18.65 28.80
CA ILE F 110 50.19 18.58 27.87
C ILE F 110 51.48 18.33 28.66
N PHE F 111 51.69 19.13 29.70
CA PHE F 111 52.87 19.04 30.57
C PHE F 111 53.09 17.69 31.12
N THR F 112 52.00 17.02 31.37
CA THR F 112 52.01 15.69 31.96
C THR F 112 52.14 14.52 30.99
N GLU F 113 51.23 14.44 30.03
CA GLU F 113 51.23 13.30 29.12
C GLU F 113 51.82 13.44 27.72
N GLN F 114 52.23 14.64 27.32
CA GLN F 114 52.81 14.80 25.99
C GLN F 114 54.34 14.61 25.95
N ALA F 115 54.85 14.18 24.81
CA ALA F 115 56.28 13.97 24.65
C ALA F 115 57.08 15.15 25.19
N LYS F 116 56.77 16.34 24.70
CA LYS F 116 57.47 17.53 25.14
C LYS F 116 56.51 18.55 25.69
N PRO F 117 56.91 19.27 26.75
CA PRO F 117 56.01 20.27 27.32
C PRO F 117 55.90 21.40 26.29
N TYR F 118 54.89 22.24 26.45
CA TYR F 118 54.69 23.37 25.54
C TYR F 118 55.51 24.53 26.08
N GLU F 119 56.40 25.05 25.25
CA GLU F 119 57.25 26.16 25.64
C GLU F 119 56.41 27.42 25.47
N VAL F 120 55.40 27.58 26.30
CA VAL F 120 54.54 28.76 26.20
C VAL F 120 54.05 29.30 27.52
N GLU F 121 53.57 30.55 27.49
CA GLU F 121 53.03 31.22 28.66
C GLU F 121 51.89 32.04 28.08
N LEU F 122 50.69 31.90 28.65
CA LEU F 122 49.54 32.61 28.11
C LEU F 122 48.89 33.59 29.04
N CYS F 123 48.18 34.53 28.43
CA CYS F 123 47.44 35.52 29.18
C CYS F 123 46.05 35.69 28.57
N VAL F 124 45.04 35.52 29.41
CA VAL F 124 43.67 35.70 29.00
C VAL F 124 43.15 36.95 29.72
N ALA F 125 42.57 37.89 28.98
CA ALA F 125 42.05 39.10 29.60
C ALA F 125 40.59 39.31 29.25
N GLU F 126 39.87 40.00 30.12
CA GLU F 126 38.47 40.27 29.88
C GLU F 126 38.10 41.65 30.40
N VAL F 127 37.29 42.38 29.63
CA VAL F 127 36.84 43.70 30.02
C VAL F 127 35.33 43.64 30.17
N ALA F 128 34.73 44.69 30.72
CA ALA F 128 33.30 44.70 30.92
C ALA F 128 32.54 44.75 29.62
N HIS F 129 31.26 44.40 29.68
CA HIS F 129 30.39 44.46 28.53
C HIS F 129 30.03 45.93 28.32
N TYR F 130 29.61 46.30 27.12
CA TYR F 130 29.27 47.69 26.83
C TYR F 130 28.30 48.28 27.85
N GLY F 131 28.60 49.49 28.31
CA GLY F 131 27.74 50.16 29.28
C GLY F 131 27.74 49.54 30.67
N GLU F 132 28.39 48.39 30.79
CA GLU F 132 28.48 47.69 32.07
C GLU F 132 29.66 48.30 32.82
N THR F 133 29.73 48.04 34.12
CA THR F 133 30.81 48.59 34.92
C THR F 133 31.45 47.49 35.73
N LYS F 134 32.63 47.06 35.30
CA LYS F 134 33.36 45.97 35.95
C LYS F 134 34.86 46.14 35.76
N ARG F 135 35.61 45.71 36.76
CA ARG F 135 37.06 45.82 36.74
C ARG F 135 37.66 44.78 35.82
N PRO F 136 38.57 45.19 34.90
CA PRO F 136 39.22 44.25 33.98
C PRO F 136 39.82 43.08 34.74
N GLU F 137 39.97 41.95 34.06
CA GLU F 137 40.55 40.77 34.67
C GLU F 137 41.67 40.27 33.77
N LEU F 138 42.74 39.81 34.39
CA LEU F 138 43.88 39.31 33.63
C LEU F 138 44.25 37.98 34.26
N TYR F 139 44.54 37.00 33.43
CA TYR F 139 44.92 35.68 33.94
C TYR F 139 46.18 35.25 33.26
N ARG F 140 47.04 34.58 34.02
CA ARG F 140 48.28 34.11 33.47
C ARG F 140 48.31 32.59 33.66
N ILE F 141 48.52 31.89 32.57
CA ILE F 141 48.56 30.46 32.58
C ILE F 141 49.96 30.08 32.19
N THR F 142 50.57 29.24 33.01
CA THR F 142 51.92 28.79 32.76
C THR F 142 52.04 27.45 32.06
N TYR F 143 53.26 27.08 31.76
CA TYR F 143 53.52 25.87 31.05
C TYR F 143 53.05 24.63 31.80
N ASP F 144 53.00 24.69 33.11
CA ASP F 144 52.54 23.54 33.86
C ASP F 144 51.06 23.54 34.17
N GLY F 145 50.36 24.57 33.75
CA GLY F 145 48.94 24.66 34.01
C GLY F 145 48.63 25.46 35.24
N SER F 146 49.65 26.10 35.79
CA SER F 146 49.47 26.90 36.97
C SER F 146 48.77 28.13 36.47
N ILE F 147 47.92 28.73 37.27
CA ILE F 147 47.24 29.91 36.84
C ILE F 147 47.05 30.90 37.92
N ALA F 148 47.06 32.17 37.59
CA ALA F 148 46.89 33.21 38.57
C ALA F 148 46.33 34.46 37.95
N ASP F 149 45.55 35.23 38.71
CA ASP F 149 45.01 36.46 38.16
C ASP F 149 45.68 37.69 38.73
N GLU F 150 46.28 38.49 37.84
CA GLU F 150 46.95 39.70 38.23
C GLU F 150 45.92 40.83 38.22
N PRO F 151 46.04 41.75 39.17
CA PRO F 151 45.10 42.88 39.25
C PRO F 151 45.40 44.01 38.29
N HIS F 152 46.67 44.20 37.94
CA HIS F 152 47.02 45.32 37.08
C HIS F 152 47.72 45.02 35.76
N PHE F 153 48.68 44.10 35.78
CA PHE F 153 49.40 43.81 34.55
C PHE F 153 50.02 42.42 34.57
N VAL F 154 50.37 41.93 33.39
CA VAL F 154 50.99 40.61 33.24
C VAL F 154 52.15 40.75 32.27
N VAL F 155 53.23 40.04 32.55
CA VAL F 155 54.41 40.06 31.71
C VAL F 155 54.82 38.62 31.41
N MET F 156 55.10 38.35 30.15
CA MET F 156 55.50 37.04 29.67
C MET F 156 56.58 37.06 28.60
N GLY F 157 57.45 36.06 28.63
CA GLY F 157 58.52 35.95 27.68
C GLY F 157 59.87 36.51 28.06
N GLY F 158 60.93 35.88 27.58
CA GLY F 158 62.28 36.32 27.86
C GLY F 158 62.53 36.55 29.33
N THR F 159 63.25 37.63 29.64
CA THR F 159 63.60 38.04 30.99
C THR F 159 62.49 38.97 31.48
N THR F 160 61.64 38.44 32.36
CA THR F 160 60.50 39.18 32.88
C THR F 160 60.78 40.16 34.01
N GLU F 161 61.51 39.71 35.03
CA GLU F 161 61.83 40.54 36.20
C GLU F 161 62.16 41.99 35.85
N PRO F 162 63.12 42.22 34.94
CA PRO F 162 63.46 43.59 34.57
C PRO F 162 62.23 44.37 34.15
N ILE F 163 61.45 43.76 33.26
CA ILE F 163 60.20 44.29 32.68
C ILE F 163 59.11 44.43 33.70
N ALA F 164 59.05 43.49 34.64
CA ALA F 164 58.07 43.47 35.70
C ALA F 164 58.33 44.64 36.66
N ASN F 165 59.54 44.70 37.19
CA ASN F 165 59.93 45.76 38.11
C ASN F 165 59.72 47.14 37.50
N ALA F 166 60.18 47.31 36.27
CA ALA F 166 60.05 48.58 35.55
C ALA F 166 58.58 49.03 35.48
N LEU F 167 57.70 48.05 35.29
CA LEU F 167 56.28 48.33 35.19
C LEU F 167 55.71 48.50 36.59
N LYS F 168 56.19 47.68 37.52
CA LYS F 168 55.77 47.69 38.92
C LYS F 168 55.86 49.09 39.49
N GLU F 169 56.79 49.87 38.92
CA GLU F 169 57.08 51.26 39.32
C GLU F 169 56.52 52.24 38.30
N SER F 170 56.45 51.69 37.11
CA SER F 170 55.97 52.30 35.93
C SER F 170 54.47 52.54 36.01
N TYR F 171 53.75 51.53 36.48
CA TYR F 171 52.31 51.47 36.35
C TYR F 171 51.45 52.40 37.17
N ALA F 172 50.47 53.00 36.51
CA ALA F 172 49.44 53.76 37.20
C ALA F 172 48.07 53.19 36.83
N GLU F 173 47.24 52.86 37.81
CA GLU F 173 45.91 52.34 37.47
C GLU F 173 45.05 53.48 36.92
N ASN F 174 44.30 53.20 35.85
CA ASN F 174 43.41 54.19 35.21
C ASN F 174 44.04 55.15 34.20
N ALA F 175 45.24 54.85 33.76
CA ALA F 175 45.96 55.68 32.80
C ALA F 175 45.23 55.74 31.48
N SER F 176 45.54 56.76 30.69
CA SER F 176 44.98 56.90 29.36
C SER F 176 45.61 55.89 28.41
N LEU F 177 45.05 55.77 27.24
CA LEU F 177 45.62 54.85 26.29
C LEU F 177 47.06 55.24 26.00
N THR F 178 47.24 56.52 25.70
CA THR F 178 48.54 57.09 25.38
C THR F 178 49.56 56.92 26.50
N ASP F 179 49.12 57.14 27.72
CA ASP F 179 49.99 57.01 28.87
C ASP F 179 50.30 55.56 29.18
N ALA F 180 49.37 54.67 28.84
CA ALA F 180 49.56 53.26 29.09
C ALA F 180 50.47 52.62 28.08
N LEU F 181 50.35 53.03 26.83
CA LEU F 181 51.18 52.49 25.80
C LEU F 181 52.63 52.79 26.12
N ARG F 182 52.90 54.05 26.43
CA ARG F 182 54.26 54.48 26.76
C ARG F 182 54.85 53.71 27.90
N ILE F 183 54.09 53.52 28.96
CA ILE F 183 54.60 52.78 30.10
C ILE F 183 55.04 51.39 29.67
N ALA F 184 54.25 50.78 28.79
CA ALA F 184 54.51 49.43 28.29
C ALA F 184 55.74 49.29 27.43
N VAL F 185 55.92 50.20 26.48
CA VAL F 185 57.09 50.13 25.62
C VAL F 185 58.35 50.30 26.43
N ALA F 186 58.34 51.28 27.31
CA ALA F 186 59.47 51.55 28.15
C ALA F 186 59.88 50.31 28.88
N ALA F 187 58.91 49.63 29.45
CA ALA F 187 59.16 48.41 30.19
C ALA F 187 59.61 47.31 29.25
N LEU F 188 58.93 47.22 28.12
CA LEU F 188 59.28 46.19 27.15
C LEU F 188 60.65 46.60 26.71
N ARG F 189 60.85 47.90 26.53
CA ARG F 189 62.15 48.42 26.12
C ARG F 189 63.24 48.07 27.12
N ALA F 190 62.93 48.10 28.41
CA ALA F 190 63.94 47.76 29.38
C ALA F 190 64.41 46.38 29.10
N GLY F 191 63.50 45.47 28.83
CA GLY F 191 63.90 44.11 28.55
C GLY F 191 65.03 44.11 27.54
N GLY F 204 58.92 51.19 18.27
CA GLY F 204 58.67 51.46 16.86
C GLY F 204 57.57 50.59 16.30
N VAL F 205 56.67 51.18 15.51
CA VAL F 205 55.55 50.41 14.94
C VAL F 205 55.97 49.20 14.12
N ALA F 206 57.15 49.25 13.52
CA ALA F 206 57.64 48.14 12.71
C ALA F 206 58.14 46.98 13.57
N SER F 207 58.16 47.19 14.88
CA SER F 207 58.65 46.17 15.82
C SER F 207 57.67 45.86 16.97
N LEU F 208 56.44 46.35 16.86
CA LEU F 208 55.42 46.13 17.89
C LEU F 208 54.07 45.65 17.38
N GLU F 209 53.46 44.74 18.14
CA GLU F 209 52.12 44.24 17.82
C GLU F 209 51.28 44.82 18.95
N VAL F 210 50.41 45.77 18.65
CA VAL F 210 49.59 46.40 19.67
C VAL F 210 48.09 46.26 19.43
N ALA F 211 47.34 46.00 20.49
CA ALA F 211 45.88 45.86 20.40
C ALA F 211 45.27 46.06 21.79
N VAL F 212 43.98 46.36 21.80
CA VAL F 212 43.29 46.57 23.06
C VAL F 212 41.92 45.92 23.09
N LEU F 213 41.43 45.70 24.30
CA LEU F 213 40.10 45.27 24.51
C LEU F 213 39.49 46.56 24.97
N ASP F 214 38.63 47.10 24.14
CA ASP F 214 37.97 48.36 24.42
C ASP F 214 36.62 48.17 25.01
N ALA F 215 36.47 48.55 26.27
CA ALA F 215 35.19 48.43 26.96
C ALA F 215 34.11 49.24 26.25
N ASN F 216 34.52 50.33 25.61
CA ASN F 216 33.61 51.20 24.89
C ASN F 216 32.83 50.61 23.71
N ARG F 217 33.47 49.73 22.94
CA ARG F 217 32.82 49.12 21.78
C ARG F 217 31.53 48.38 22.17
N PRO F 218 30.52 48.45 21.30
CA PRO F 218 29.24 47.78 21.59
C PRO F 218 29.31 46.27 21.77
N ARG F 219 30.02 45.54 20.92
CA ARG F 219 30.10 44.12 21.12
C ARG F 219 31.49 43.55 21.11
N ARG F 220 32.19 43.65 20.00
CA ARG F 220 33.51 43.09 19.98
C ARG F 220 34.54 44.12 20.39
N ALA F 221 35.06 43.96 21.60
CA ALA F 221 36.06 44.84 22.16
C ALA F 221 37.41 44.84 21.50
N PHE F 222 37.90 43.66 21.13
CA PHE F 222 39.22 43.56 20.54
C PHE F 222 39.41 44.37 19.29
N ARG F 223 40.53 45.06 19.23
CA ARG F 223 40.88 45.89 18.07
C ARG F 223 42.38 46.15 18.06
N ARG F 224 42.98 46.07 16.88
CA ARG F 224 44.41 46.30 16.72
C ARG F 224 44.72 47.75 16.44
N ILE F 225 45.81 48.23 17.00
CA ILE F 225 46.25 49.60 16.81
C ILE F 225 47.51 49.46 15.97
N THR F 226 47.36 49.76 14.68
CA THR F 226 48.48 49.60 13.77
C THR F 226 48.74 50.78 12.86
N GLY F 227 49.94 50.79 12.28
CA GLY F 227 50.34 51.83 11.36
C GLY F 227 50.45 53.23 11.91
N SER F 228 50.07 54.20 11.08
CA SER F 228 50.08 55.61 11.44
C SER F 228 49.36 55.84 12.77
N ALA F 229 48.22 55.17 12.94
CA ALA F 229 47.44 55.28 14.16
C ALA F 229 48.31 54.94 15.38
N LEU F 230 49.11 53.89 15.26
CA LEU F 230 49.98 53.50 16.34
C LEU F 230 51.04 54.58 16.50
N GLN F 231 51.50 55.18 15.42
CA GLN F 231 52.51 56.21 15.51
C GLN F 231 52.01 57.41 16.26
N ALA F 232 50.77 57.77 16.01
CA ALA F 232 50.26 58.91 16.70
C ALA F 232 50.33 58.70 18.21
N LEU F 233 50.02 57.49 18.67
CA LEU F 233 50.05 57.17 20.09
C LEU F 233 51.40 57.15 20.77
N LEU F 234 52.45 56.98 19.98
CA LEU F 234 53.79 56.94 20.55
C LEU F 234 54.54 58.27 20.64
N VAL F 235 53.97 59.33 20.09
CA VAL F 235 54.58 60.64 20.13
C VAL F 235 56.01 60.58 20.65
N THR G 1 5.46 34.42 5.24
CA THR G 1 6.71 35.18 5.32
C THR G 1 7.17 35.76 4.00
N THR G 2 7.74 36.96 4.08
CA THR G 2 8.33 37.56 2.90
C THR G 2 9.55 38.35 3.33
N ILE G 3 10.68 38.13 2.64
CA ILE G 3 11.88 38.84 2.94
C ILE G 3 12.34 39.37 1.59
N VAL G 4 12.74 40.63 1.56
CA VAL G 4 13.20 41.24 0.32
C VAL G 4 14.58 41.85 0.47
N ALA G 5 15.25 42.03 -0.66
CA ALA G 5 16.56 42.63 -0.67
C ALA G 5 16.71 43.29 -2.02
N LEU G 6 17.29 44.49 -2.04
CA LEU G 6 17.51 45.19 -3.28
C LEU G 6 18.70 46.09 -3.21
N LYS G 7 19.35 46.27 -4.34
CA LYS G 7 20.51 47.11 -4.46
C LYS G 7 20.14 48.56 -4.72
N TYR G 8 20.82 49.50 -4.09
CA TYR G 8 20.65 50.91 -4.31
C TYR G 8 22.06 51.37 -4.56
N PRO G 9 22.27 52.56 -5.07
CA PRO G 9 23.64 52.98 -5.39
C PRO G 9 24.48 53.20 -4.14
N GLY G 10 25.55 52.45 -4.07
CA GLY G 10 26.43 52.40 -2.94
C GLY G 10 25.99 51.45 -1.82
N GLY G 11 24.89 50.72 -1.97
CA GLY G 11 24.45 49.79 -0.93
C GLY G 11 23.34 48.80 -1.19
N VAL G 12 23.02 48.01 -0.18
CA VAL G 12 21.88 47.09 -0.25
C VAL G 12 21.01 47.30 0.98
N VAL G 13 19.76 46.91 0.85
CA VAL G 13 18.82 46.99 1.95
C VAL G 13 18.06 45.65 1.94
N MET G 14 17.80 45.10 3.13
CA MET G 14 17.05 43.86 3.26
C MET G 14 15.98 44.11 4.32
N ALA G 15 14.75 43.71 4.03
CA ALA G 15 13.68 43.90 4.97
C ALA G 15 12.76 42.69 5.03
N GLY G 16 12.22 42.42 6.22
CA GLY G 16 11.32 41.28 6.37
C GLY G 16 10.09 41.58 7.20
N ASP G 17 9.05 40.77 7.03
CA ASP G 17 7.82 40.95 7.79
C ASP G 17 7.97 40.36 9.21
N ARG G 18 6.90 40.36 9.99
CA ARG G 18 6.96 39.90 11.38
C ARG G 18 6.04 38.77 11.75
N ARG G 19 5.36 38.20 10.76
CA ARG G 19 4.39 37.16 11.06
C ARG G 19 4.94 35.76 11.16
N SER G 20 4.23 34.98 11.96
CA SER G 20 4.53 33.59 12.20
C SER G 20 3.19 32.84 12.17
N THR G 21 3.17 31.69 11.50
CA THR G 21 1.92 30.94 11.42
C THR G 21 2.07 29.45 11.72
N GLN G 22 0.94 28.91 12.15
CA GLN G 22 0.80 27.51 12.47
C GLN G 22 -0.49 27.19 11.72
N GLY G 23 -0.35 26.82 10.44
CA GLY G 23 -1.52 26.57 9.62
C GLY G 23 -2.15 27.92 9.34
N ASN G 24 -3.43 28.06 9.66
CA ASN G 24 -4.15 29.31 9.45
C ASN G 24 -4.03 30.24 10.66
N MET G 25 -3.60 29.71 11.79
CA MET G 25 -3.47 30.52 12.98
C MET G 25 -2.22 31.37 13.01
N ILE G 26 -2.39 32.62 13.43
CA ILE G 26 -1.27 33.53 13.53
C ILE G 26 -0.64 33.16 14.88
N SER G 27 0.64 32.79 14.87
CA SER G 27 1.28 32.39 16.10
C SER G 27 2.36 33.39 16.54
N GLY G 28 2.68 34.36 15.69
CA GLY G 28 3.66 35.35 16.05
C GLY G 28 3.35 36.66 15.34
N ARG G 29 3.62 37.78 16.00
CA ARG G 29 3.37 39.11 15.42
C ARG G 29 4.58 40.00 15.39
N ASP G 30 5.70 39.58 16.00
CA ASP G 30 6.88 40.43 16.02
C ASP G 30 8.18 39.70 15.73
N VAL G 31 8.10 38.57 15.06
CA VAL G 31 9.31 37.82 14.79
C VAL G 31 10.28 38.68 13.98
N ARG G 32 11.57 38.59 14.27
CA ARG G 32 12.61 39.32 13.59
C ARG G 32 13.23 38.32 12.63
N LYS G 33 13.13 38.57 11.34
CA LYS G 33 13.67 37.63 10.38
C LYS G 33 14.94 38.05 9.67
N VAL G 34 15.38 39.28 9.87
CA VAL G 34 16.60 39.77 9.20
C VAL G 34 17.69 40.00 10.23
N TYR G 35 18.80 39.32 10.08
CA TYR G 35 19.89 39.47 11.00
C TYR G 35 21.16 40.00 10.42
N ILE G 36 21.91 40.76 11.20
CA ILE G 36 23.17 41.31 10.73
C ILE G 36 24.13 40.16 11.04
N THR G 37 24.70 39.55 10.00
CA THR G 37 25.58 38.41 10.17
C THR G 37 27.00 38.80 10.53
N ASP G 38 27.51 39.84 9.91
CA ASP G 38 28.83 40.38 10.24
C ASP G 38 28.75 41.85 9.85
N ASP G 39 29.85 42.58 9.91
CA ASP G 39 29.79 44.01 9.59
C ASP G 39 29.28 44.39 8.19
N TYR G 40 29.37 43.47 7.24
CA TYR G 40 28.96 43.77 5.88
C TYR G 40 27.98 42.80 5.26
N THR G 41 27.29 42.05 6.11
CA THR G 41 26.40 41.03 5.61
C THR G 41 25.15 40.89 6.44
N ALA G 42 24.04 40.62 5.76
CA ALA G 42 22.79 40.41 6.46
C ALA G 42 22.14 39.16 5.88
N THR G 43 21.43 38.43 6.73
CA THR G 43 20.75 37.23 6.31
C THR G 43 19.28 37.29 6.67
N GLY G 44 18.44 36.83 5.76
CA GLY G 44 17.01 36.77 6.00
C GLY G 44 16.59 35.33 5.74
N ILE G 45 15.86 34.69 6.66
CA ILE G 45 15.50 33.32 6.41
C ILE G 45 14.03 33.05 6.51
N ALA G 46 13.52 32.27 5.57
CA ALA G 46 12.10 31.93 5.50
C ALA G 46 11.91 30.44 5.72
N GLY G 47 10.68 30.06 6.00
CA GLY G 47 10.40 28.64 6.21
C GLY G 47 10.17 28.29 7.66
N THR G 48 10.58 27.09 8.04
CA THR G 48 10.40 26.63 9.41
C THR G 48 11.25 27.48 10.40
N ALA G 49 10.54 28.23 11.25
CA ALA G 49 11.15 29.13 12.23
C ALA G 49 12.31 28.54 13.03
N ALA G 50 12.12 27.36 13.59
CA ALA G 50 13.18 26.76 14.40
C ALA G 50 14.46 26.66 13.58
N VAL G 51 14.36 26.12 12.38
CA VAL G 51 15.53 25.95 11.52
C VAL G 51 16.11 27.29 11.03
N ALA G 52 15.23 28.22 10.65
CA ALA G 52 15.66 29.53 10.18
C ALA G 52 16.54 30.24 11.22
N VAL G 53 16.08 30.24 12.47
CA VAL G 53 16.82 30.88 13.54
C VAL G 53 18.18 30.19 13.75
N GLU G 54 18.16 28.88 13.80
CA GLU G 54 19.36 28.11 13.98
C GLU G 54 20.38 28.41 12.90
N PHE G 55 19.93 28.50 11.67
CA PHE G 55 20.79 28.85 10.55
C PHE G 55 21.48 30.20 10.72
N ALA G 56 20.67 31.23 10.96
CA ALA G 56 21.21 32.57 11.11
C ALA G 56 22.26 32.62 12.21
N ARG G 57 21.94 31.98 13.34
CA ARG G 57 22.83 31.97 14.48
C ARG G 57 24.13 31.22 14.18
N LEU G 58 24.00 30.01 13.65
CA LEU G 58 25.16 29.22 13.34
C LEU G 58 26.04 29.91 12.29
N TYR G 59 25.40 30.39 11.23
CA TYR G 59 26.10 31.07 10.17
C TYR G 59 26.97 32.22 10.67
N ALA G 60 26.39 33.11 11.47
CA ALA G 60 27.15 34.24 12.00
C ALA G 60 28.35 33.74 12.83
N VAL G 61 28.12 32.71 13.64
CA VAL G 61 29.21 32.17 14.42
C VAL G 61 30.31 31.67 13.50
N GLU G 62 29.94 30.87 12.50
CA GLU G 62 30.92 30.34 11.58
C GLU G 62 31.74 31.45 10.90
N LEU G 63 31.09 32.53 10.48
CA LEU G 63 31.79 33.64 9.85
C LEU G 63 32.80 34.30 10.80
N GLU G 64 32.38 34.57 12.02
CA GLU G 64 33.27 35.21 12.99
C GLU G 64 34.37 34.23 13.43
N HIS G 65 34.04 32.95 13.45
CA HIS G 65 34.99 31.93 13.84
C HIS G 65 36.17 31.95 12.90
N TYR G 66 35.89 32.07 11.60
CA TYR G 66 36.93 32.09 10.59
C TYR G 66 37.80 33.31 10.77
N GLU G 67 37.14 34.45 10.94
CA GLU G 67 37.84 35.71 11.11
C GLU G 67 38.86 35.68 12.26
N LYS G 68 38.42 35.21 13.42
CA LYS G 68 39.30 35.16 14.57
C LYS G 68 40.44 34.19 14.36
N LEU G 69 40.13 33.06 13.77
CA LEU G 69 41.11 32.04 13.49
C LEU G 69 42.16 32.47 12.47
N GLU G 70 41.71 33.06 11.37
CA GLU G 70 42.62 33.46 10.31
C GLU G 70 43.01 34.92 10.27
N GLY G 71 42.48 35.71 11.19
CA GLY G 71 42.83 37.11 11.27
C GLY G 71 42.25 38.01 10.19
N VAL G 72 41.50 37.41 9.27
CA VAL G 72 40.89 38.19 8.19
C VAL G 72 39.52 37.61 7.88
N PRO G 73 38.59 38.37 7.37
CA PRO G 73 37.31 37.73 7.08
C PRO G 73 37.32 36.92 5.79
N LEU G 74 36.33 36.07 5.67
CA LEU G 74 36.11 35.29 4.50
C LEU G 74 35.74 36.21 3.36
N THR G 75 36.18 35.87 2.16
CA THR G 75 35.80 36.61 0.98
C THR G 75 34.31 36.49 0.84
N PHE G 76 33.70 37.32 0.01
CA PHE G 76 32.27 37.25 -0.19
C PHE G 76 31.85 35.95 -0.83
N ALA G 77 32.71 35.42 -1.66
CA ALA G 77 32.41 34.12 -2.26
C ALA G 77 32.47 33.03 -1.19
N GLY G 78 33.45 33.12 -0.30
CA GLY G 78 33.54 32.11 0.75
C GLY G 78 32.29 32.12 1.61
N LYS G 79 31.79 33.31 1.91
CA LYS G 79 30.58 33.42 2.74
C LYS G 79 29.41 32.73 2.07
N ILE G 80 29.29 32.91 0.76
CA ILE G 80 28.21 32.32 0.01
C ILE G 80 28.34 30.80 0.11
N ASN G 81 29.54 30.31 -0.19
CA ASN G 81 29.76 28.88 -0.17
C ASN G 81 29.40 28.24 1.16
N ARG G 82 29.78 28.89 2.25
CA ARG G 82 29.49 28.38 3.57
C ARG G 82 27.99 28.30 3.84
N LEU G 83 27.27 29.30 3.37
CA LEU G 83 25.82 29.30 3.58
C LEU G 83 25.17 28.20 2.70
N ALA G 84 25.70 28.03 1.50
CA ALA G 84 25.17 27.02 0.59
C ALA G 84 25.35 25.62 1.17
N ILE G 85 26.51 25.38 1.72
CA ILE G 85 26.82 24.10 2.31
C ILE G 85 25.85 23.80 3.45
N MET G 86 25.55 24.82 4.25
CA MET G 86 24.63 24.68 5.38
C MET G 86 23.23 24.30 4.87
N VAL G 87 22.78 24.95 3.79
CA VAL G 87 21.47 24.65 3.23
C VAL G 87 21.43 23.23 2.69
N ARG G 88 22.47 22.85 1.94
CA ARG G 88 22.52 21.51 1.38
C ARG G 88 22.43 20.47 2.51
N GLY G 89 23.16 20.72 3.59
CA GLY G 89 23.16 19.79 4.71
C GLY G 89 21.78 19.55 5.29
N ASN G 90 20.88 20.49 5.12
CA ASN G 90 19.53 20.36 5.67
C ASN G 90 18.51 19.76 4.69
N LEU G 91 18.98 19.35 3.52
CA LEU G 91 18.08 18.80 2.51
C LEU G 91 17.19 17.65 2.99
N ALA G 92 17.70 16.60 3.59
CA ALA G 92 16.79 15.58 4.05
C ALA G 92 15.77 16.07 5.09
N ALA G 93 16.20 16.88 6.04
CA ALA G 93 15.31 17.44 7.03
C ALA G 93 14.28 18.33 6.35
N ALA G 94 14.70 19.04 5.31
CA ALA G 94 13.82 19.90 4.56
C ALA G 94 12.72 19.07 3.93
N MET G 95 13.08 17.90 3.46
CA MET G 95 12.14 16.97 2.85
C MET G 95 11.08 16.46 3.79
N GLN G 96 11.38 16.47 5.06
CA GLN G 96 10.48 16.04 6.10
C GLN G 96 9.74 17.16 6.83
N GLY G 97 9.66 18.35 6.25
CA GLY G 97 9.01 19.46 6.90
C GLY G 97 9.87 20.43 7.66
N LEU G 98 11.16 20.40 7.47
CA LEU G 98 12.06 21.27 8.17
C LEU G 98 12.80 22.17 7.24
N LEU G 99 12.17 22.62 6.19
CA LEU G 99 12.83 23.46 5.23
C LEU G 99 12.99 24.93 5.54
N ALA G 100 14.19 25.43 5.38
CA ALA G 100 14.48 26.81 5.57
C ALA G 100 15.32 27.40 4.44
N LEU G 101 14.82 28.45 3.80
CA LEU G 101 15.57 29.09 2.72
C LEU G 101 16.09 30.48 3.10
N PRO G 102 17.39 30.71 2.95
CA PRO G 102 17.91 32.02 3.31
C PRO G 102 18.03 32.92 2.09
N LEU G 103 18.20 34.21 2.35
CA LEU G 103 18.42 35.25 1.35
C LEU G 103 19.60 36.01 1.92
N LEU G 104 20.63 36.19 1.11
CA LEU G 104 21.83 36.86 1.59
C LEU G 104 22.08 38.22 0.93
N ALA G 105 22.37 39.23 1.74
CA ALA G 105 22.66 40.57 1.22
C ALA G 105 23.94 41.06 1.86
N GLY G 106 24.78 41.71 1.07
CA GLY G 106 26.00 42.22 1.64
C GLY G 106 26.62 43.29 0.80
N TYR G 107 27.72 43.85 1.31
CA TYR G 107 28.49 44.87 0.62
C TYR G 107 29.89 44.27 0.56
N ASP G 108 30.42 44.09 -0.62
CA ASP G 108 31.70 43.46 -0.78
C ASP G 108 32.78 44.53 -0.74
N ILE G 109 33.51 44.60 0.34
CA ILE G 109 34.50 45.64 0.49
C ILE G 109 35.67 45.46 -0.44
N HIS G 110 35.85 44.25 -0.95
CA HIS G 110 36.88 43.97 -1.94
C HIS G 110 36.40 43.95 -3.36
N ALA G 111 35.25 44.56 -3.62
CA ALA G 111 34.75 44.65 -4.99
C ALA G 111 35.45 45.83 -5.65
N SER G 112 35.50 45.80 -6.97
CA SER G 112 36.14 46.88 -7.73
C SER G 112 35.38 48.19 -7.56
N ASP G 113 34.16 48.25 -8.07
CA ASP G 113 33.39 49.49 -7.98
C ASP G 113 32.48 49.62 -6.77
N PRO G 114 32.75 50.62 -5.90
CA PRO G 114 32.00 50.92 -4.67
C PRO G 114 30.50 51.16 -4.85
N GLN G 115 30.12 51.83 -5.93
CA GLN G 115 28.70 52.09 -6.18
C GLN G 115 28.02 50.78 -6.48
N SER G 116 28.82 49.79 -6.85
CA SER G 116 28.29 48.49 -7.23
C SER G 116 28.65 47.34 -6.29
N ALA G 117 29.30 47.63 -5.18
CA ALA G 117 29.70 46.57 -4.25
C ALA G 117 28.56 45.82 -3.55
N GLY G 118 27.32 46.25 -3.79
CA GLY G 118 26.20 45.59 -3.16
C GLY G 118 26.06 44.18 -3.70
N ARG G 119 25.59 43.26 -2.87
CA ARG G 119 25.42 41.88 -3.30
C ARG G 119 24.14 41.30 -2.77
N ILE G 120 23.48 40.50 -3.61
CA ILE G 120 22.25 39.85 -3.21
C ILE G 120 22.34 38.43 -3.73
N VAL G 121 22.21 37.46 -2.84
CA VAL G 121 22.32 36.06 -3.23
C VAL G 121 21.12 35.25 -2.77
N SER G 122 20.48 34.53 -3.69
CA SER G 122 19.34 33.71 -3.34
C SER G 122 19.81 32.25 -3.33
N PHE G 123 19.05 31.37 -2.66
CA PHE G 123 19.39 29.97 -2.51
C PHE G 123 18.16 29.09 -2.69
N ASP G 124 18.34 27.92 -3.30
CA ASP G 124 17.20 27.01 -3.42
C ASP G 124 17.40 25.94 -2.34
N ALA G 125 16.40 25.07 -2.14
CA ALA G 125 16.47 24.04 -1.10
C ALA G 125 17.63 23.07 -1.18
N ALA G 126 18.28 22.94 -2.33
CA ALA G 126 19.41 22.01 -2.46
C ALA G 126 20.72 22.74 -2.25
N GLY G 127 20.63 24.02 -1.92
CA GLY G 127 21.85 24.78 -1.69
C GLY G 127 22.39 25.48 -2.92
N GLY G 128 21.68 25.39 -4.02
CA GLY G 128 22.12 26.07 -5.21
C GLY G 128 21.94 27.56 -4.96
N TRP G 129 22.98 28.31 -5.28
CA TRP G 129 22.97 29.75 -5.11
C TRP G 129 23.05 30.54 -6.40
N ASN G 130 22.60 31.78 -6.35
CA ASN G 130 22.62 32.72 -7.46
C ASN G 130 22.86 34.14 -6.99
N ILE G 131 23.91 34.74 -7.51
CA ILE G 131 24.15 36.13 -7.27
C ILE G 131 23.25 36.92 -8.19
N GLU G 132 22.23 37.55 -7.63
CA GLU G 132 21.27 38.31 -8.38
C GLU G 132 21.90 39.46 -9.13
N GLU G 133 21.57 39.56 -10.42
CA GLU G 133 22.10 40.63 -11.25
C GLU G 133 21.06 41.67 -11.62
N GLU G 134 19.79 41.40 -11.36
CA GLU G 134 18.75 42.35 -11.72
C GLU G 134 18.35 43.37 -10.64
N GLY G 135 19.09 43.43 -9.54
CA GLY G 135 18.80 44.42 -8.52
C GLY G 135 18.01 44.08 -7.26
N TYR G 136 17.14 43.08 -7.33
CA TYR G 136 16.35 42.72 -6.17
C TYR G 136 16.03 41.24 -6.18
N GLN G 137 15.55 40.75 -5.05
CA GLN G 137 15.19 39.35 -4.91
C GLN G 137 14.33 39.21 -3.65
N ALA G 138 13.64 38.09 -3.53
CA ALA G 138 12.80 37.87 -2.37
C ALA G 138 12.67 36.38 -2.07
N VAL G 139 12.35 36.06 -0.83
CA VAL G 139 12.16 34.68 -0.47
C VAL G 139 10.96 34.58 0.50
N GLY G 140 10.33 33.42 0.54
CA GLY G 140 9.16 33.18 1.35
C GLY G 140 7.89 32.99 0.59
N SER G 141 6.80 32.73 1.29
CA SER G 141 5.52 32.50 0.66
C SER G 141 4.89 33.71 -0.03
N GLY G 142 5.47 34.88 0.17
CA GLY G 142 4.93 36.05 -0.49
C GLY G 142 5.94 36.62 -1.45
N SER G 143 7.03 35.92 -1.65
CA SER G 143 8.08 36.39 -2.52
C SER G 143 7.70 36.59 -3.99
N LEU G 144 6.66 35.93 -4.48
CA LEU G 144 6.24 36.19 -5.85
C LEU G 144 5.60 37.56 -5.96
N PHE G 145 4.70 37.84 -5.02
CA PHE G 145 4.03 39.11 -4.98
C PHE G 145 5.00 40.26 -4.78
N ALA G 146 5.99 40.05 -3.92
CA ALA G 146 6.95 41.10 -3.64
C ALA G 146 7.81 41.35 -4.86
N LYS G 147 8.25 40.28 -5.52
CA LYS G 147 9.08 40.45 -6.70
C LYS G 147 8.35 41.13 -7.85
N SER G 148 7.08 40.83 -8.04
CA SER G 148 6.33 41.47 -9.10
C SER G 148 6.12 42.93 -8.76
N SER G 149 6.02 43.22 -7.47
CA SER G 149 5.85 44.59 -7.02
C SER G 149 7.16 45.37 -7.26
N MET G 150 8.28 44.80 -6.84
CA MET G 150 9.55 45.48 -7.03
C MET G 150 9.86 45.69 -8.52
N LYS G 151 9.46 44.76 -9.36
CA LYS G 151 9.66 44.88 -10.78
C LYS G 151 9.06 46.17 -11.35
N LYS G 152 7.93 46.57 -10.83
CA LYS G 152 7.30 47.82 -11.24
C LYS G 152 7.82 49.04 -10.48
N LEU G 153 8.41 48.85 -9.30
CA LEU G 153 8.87 49.97 -8.51
C LEU G 153 10.38 50.24 -8.50
N TYR G 154 11.16 49.25 -8.91
CA TYR G 154 12.61 49.37 -8.87
C TYR G 154 13.22 50.60 -9.51
N SER G 155 12.59 51.06 -10.59
CA SER G 155 13.08 52.22 -11.31
C SER G 155 13.18 53.41 -10.37
N GLN G 156 12.32 53.44 -9.36
CA GLN G 156 12.28 54.54 -8.40
C GLN G 156 13.43 54.55 -7.39
N VAL G 157 14.17 53.46 -7.31
CA VAL G 157 15.26 53.45 -6.36
C VAL G 157 16.44 54.21 -6.90
N THR G 158 16.75 55.34 -6.26
CA THR G 158 17.87 56.18 -6.63
C THR G 158 18.86 56.36 -5.48
N ASP G 159 18.48 55.89 -4.28
CA ASP G 159 19.34 56.01 -3.11
C ASP G 159 18.83 55.12 -1.99
N GLY G 160 19.56 55.14 -0.87
CA GLY G 160 19.19 54.37 0.29
C GLY G 160 17.77 54.62 0.76
N ASP G 161 17.32 55.86 0.71
CA ASP G 161 15.97 56.09 1.20
C ASP G 161 14.85 55.59 0.29
N SER G 162 14.98 55.81 -1.02
CA SER G 162 13.96 55.32 -1.93
C SER G 162 14.07 53.77 -1.96
N GLY G 163 15.28 53.25 -1.76
CA GLY G 163 15.49 51.81 -1.74
C GLY G 163 14.70 51.20 -0.59
N LEU G 164 14.78 51.86 0.56
CA LEU G 164 14.07 51.43 1.75
C LEU G 164 12.56 51.54 1.53
N ARG G 165 12.11 52.60 0.86
CA ARG G 165 10.67 52.77 0.64
C ARG G 165 10.13 51.65 -0.26
N VAL G 166 10.88 51.34 -1.31
CA VAL G 166 10.47 50.31 -2.25
C VAL G 166 10.38 48.95 -1.54
N ALA G 167 11.38 48.66 -0.70
CA ALA G 167 11.42 47.42 0.06
C ALA G 167 10.17 47.28 0.92
N VAL G 168 9.83 48.36 1.64
CA VAL G 168 8.66 48.32 2.50
C VAL G 168 7.39 48.20 1.68
N GLU G 169 7.35 48.87 0.53
CA GLU G 169 6.14 48.75 -0.29
C GLU G 169 6.03 47.31 -0.82
N ALA G 170 7.16 46.70 -1.18
CA ALA G 170 7.11 45.33 -1.67
C ALA G 170 6.53 44.41 -0.58
N LEU G 171 7.01 44.57 0.65
CA LEU G 171 6.50 43.78 1.76
C LEU G 171 5.04 44.06 1.96
N TYR G 172 4.65 45.31 1.73
CA TYR G 172 3.24 45.65 1.92
C TYR G 172 2.39 44.92 0.87
N ASP G 173 2.89 44.86 -0.37
CA ASP G 173 2.15 44.17 -1.42
C ASP G 173 2.09 42.67 -1.13
N ALA G 174 3.19 42.12 -0.62
CA ALA G 174 3.21 40.71 -0.27
C ALA G 174 2.11 40.40 0.76
N ALA G 175 2.01 41.24 1.78
CA ALA G 175 1.00 40.99 2.83
C ALA G 175 -0.40 41.14 2.27
N ASP G 176 -0.55 42.05 1.34
CA ASP G 176 -1.85 42.29 0.71
C ASP G 176 -2.38 41.03 0.02
N ASP G 177 -1.49 40.17 -0.48
CA ASP G 177 -1.90 38.95 -1.20
C ASP G 177 -1.60 37.62 -0.52
N ASP G 178 -0.68 37.64 0.44
CA ASP G 178 -0.33 36.40 1.15
C ASP G 178 -0.69 36.51 2.64
N SER G 179 -1.70 35.75 3.05
CA SER G 179 -2.15 35.76 4.45
C SER G 179 -1.06 35.34 5.41
N ALA G 180 -0.04 34.65 4.91
CA ALA G 180 1.05 34.21 5.77
C ALA G 180 2.11 35.30 5.96
N THR G 181 1.93 36.46 5.33
CA THR G 181 2.89 37.56 5.51
C THR G 181 2.15 38.67 6.25
N GLY G 182 2.80 39.25 7.25
CA GLY G 182 2.10 40.27 8.02
C GLY G 182 2.31 41.69 7.55
N GLY G 183 1.21 42.43 7.43
CA GLY G 183 1.37 43.80 7.00
C GLY G 183 1.69 44.67 8.20
N PRO G 184 1.87 45.99 7.99
CA PRO G 184 2.18 46.88 9.10
C PRO G 184 1.00 46.84 10.07
N ASP G 185 1.27 46.72 11.38
CA ASP G 185 0.20 46.68 12.40
C ASP G 185 0.16 48.05 13.10
N LEU G 186 -0.75 48.90 12.65
CA LEU G 186 -0.88 50.23 13.20
C LEU G 186 -1.42 50.23 14.64
N VAL G 187 -2.30 49.30 14.98
CA VAL G 187 -2.86 49.20 16.31
C VAL G 187 -1.82 48.90 17.34
N ARG G 188 -0.91 47.98 17.04
CA ARG G 188 0.14 47.62 18.00
C ARG G 188 1.46 48.27 17.72
N GLY G 189 1.57 48.98 16.62
CA GLY G 189 2.84 49.63 16.29
C GLY G 189 3.97 48.67 15.90
N ILE G 190 3.62 47.60 15.18
CA ILE G 190 4.63 46.65 14.75
C ILE G 190 4.82 46.82 13.26
N PHE G 191 6.07 46.93 12.86
CA PHE G 191 6.41 47.12 11.46
C PHE G 191 7.54 46.19 11.03
N PRO G 192 7.68 46.02 9.71
CA PRO G 192 8.73 45.16 9.14
C PRO G 192 10.06 45.65 9.68
N THR G 193 11.05 44.78 9.80
CA THR G 193 12.37 45.24 10.24
C THR G 193 13.23 45.37 8.97
N ALA G 194 14.35 46.06 9.06
CA ALA G 194 15.21 46.23 7.89
C ALA G 194 16.64 46.54 8.25
N VAL G 195 17.56 46.14 7.40
CA VAL G 195 18.98 46.39 7.58
C VAL G 195 19.50 47.05 6.32
N ILE G 196 20.36 48.05 6.46
CA ILE G 196 20.95 48.76 5.33
C ILE G 196 22.44 48.56 5.47
N ILE G 197 23.09 48.23 4.36
CA ILE G 197 24.52 48.02 4.35
C ILE G 197 25.18 48.83 3.23
N ASP G 198 26.22 49.59 3.59
CA ASP G 198 26.98 50.35 2.61
C ASP G 198 28.44 50.28 3.03
N ALA G 199 29.28 51.08 2.41
CA ALA G 199 30.71 51.05 2.77
C ALA G 199 30.98 51.21 4.27
N ASP G 200 30.06 51.82 5.01
CA ASP G 200 30.28 51.99 6.43
C ASP G 200 29.80 50.84 7.28
N GLY G 201 29.34 49.76 6.65
CA GLY G 201 28.88 48.60 7.39
C GLY G 201 27.37 48.39 7.42
N ALA G 202 26.95 47.32 8.09
CA ALA G 202 25.53 46.99 8.21
C ALA G 202 24.92 47.69 9.43
N VAL G 203 23.76 48.30 9.25
CA VAL G 203 23.08 49.01 10.32
C VAL G 203 21.59 48.65 10.39
N ASP G 204 21.04 48.52 11.59
CA ASP G 204 19.62 48.24 11.68
C ASP G 204 18.87 49.55 11.40
N VAL G 205 17.83 49.48 10.60
CA VAL G 205 17.05 50.67 10.30
C VAL G 205 16.13 50.96 11.49
N PRO G 206 16.04 52.22 11.91
CA PRO G 206 15.18 52.59 13.06
C PRO G 206 13.68 52.38 12.77
N GLU G 207 12.95 51.77 13.69
CA GLU G 207 11.53 51.51 13.49
C GLU G 207 10.72 52.75 13.08
N SER G 208 11.00 53.87 13.71
CA SER G 208 10.28 55.11 13.42
C SER G 208 10.32 55.48 11.93
N ARG G 209 11.46 55.22 11.29
CA ARG G 209 11.62 55.50 9.87
C ARG G 209 10.72 54.55 9.06
N ILE G 210 10.74 53.28 9.41
CA ILE G 210 9.92 52.35 8.67
C ILE G 210 8.45 52.66 8.87
N ALA G 211 8.07 53.13 10.06
CA ALA G 211 6.67 53.46 10.29
C ALA G 211 6.20 54.65 9.41
N GLU G 212 7.05 55.66 9.23
CA GLU G 212 6.69 56.83 8.40
C GLU G 212 6.42 56.38 6.97
N LEU G 213 7.36 55.59 6.43
CA LEU G 213 7.26 55.05 5.09
C LEU G 213 5.97 54.18 4.97
N ALA G 214 5.75 53.31 5.96
CA ALA G 214 4.58 52.45 5.89
C ALA G 214 3.30 53.26 5.96
N ARG G 215 3.30 54.25 6.86
CA ARG G 215 2.13 55.08 7.02
C ARG G 215 1.87 55.87 5.74
N ALA G 216 2.95 56.27 5.07
CA ALA G 216 2.82 57.01 3.82
C ALA G 216 2.33 56.12 2.68
N ILE G 217 2.77 54.86 2.66
CA ILE G 217 2.30 53.94 1.62
C ILE G 217 0.80 53.77 1.80
N ILE G 218 0.39 53.57 3.05
CA ILE G 218 -1.02 53.40 3.35
C ILE G 218 -1.86 54.64 2.98
N GLU G 219 -1.35 55.84 3.23
CA GLU G 219 -2.08 57.06 2.91
C GLU G 219 -2.29 57.10 1.40
N SER G 220 -1.22 56.80 0.68
CA SER G 220 -1.26 56.77 -0.76
C SER G 220 -2.33 55.78 -1.27
N ARG G 221 -2.29 54.51 -0.83
CA ARG G 221 -3.29 53.54 -1.31
C ARG G 221 -4.74 53.93 -0.94
N SER G 222 -4.93 54.69 0.13
CA SER G 222 -6.28 55.05 0.53
C SER G 222 -6.93 56.11 -0.35
N THR H 1 -18.90 -18.97 23.37
CA THR H 1 -20.09 -19.77 23.17
C THR H 1 -19.82 -21.23 22.86
N THR H 2 -20.68 -22.08 23.39
CA THR H 2 -20.61 -23.48 23.08
C THR H 2 -22.02 -24.05 23.09
N ILE H 3 -22.33 -24.80 22.02
CA ILE H 3 -23.62 -25.43 21.91
C ILE H 3 -23.23 -26.85 21.53
N VAL H 4 -23.88 -27.82 22.17
CA VAL H 4 -23.57 -29.21 21.88
C VAL H 4 -24.87 -29.93 21.59
N ALA H 5 -24.74 -31.03 20.84
CA ALA H 5 -25.90 -31.86 20.51
C ALA H 5 -25.42 -33.30 20.46
N LEU H 6 -26.26 -34.18 20.98
CA LEU H 6 -25.91 -35.58 20.98
C LEU H 6 -27.07 -36.50 20.87
N LYS H 7 -26.79 -37.67 20.35
CA LYS H 7 -27.79 -38.69 20.15
C LYS H 7 -27.75 -39.73 21.24
N TYR H 8 -28.93 -40.08 21.71
CA TYR H 8 -29.18 -41.08 22.70
C TYR H 8 -30.29 -41.94 22.13
N PRO H 9 -30.54 -43.14 22.66
CA PRO H 9 -31.59 -44.05 22.16
C PRO H 9 -32.98 -43.44 22.05
N GLY H 10 -33.47 -43.27 20.83
CA GLY H 10 -34.76 -42.69 20.60
C GLY H 10 -34.83 -41.17 20.64
N GLY H 11 -33.70 -40.48 20.67
CA GLY H 11 -33.72 -39.03 20.73
C GLY H 11 -32.46 -38.23 20.54
N VAL H 12 -32.58 -36.93 20.66
CA VAL H 12 -31.46 -36.06 20.59
C VAL H 12 -31.63 -35.05 21.68
N VAL H 13 -30.51 -34.53 22.17
CA VAL H 13 -30.54 -33.46 23.13
C VAL H 13 -29.58 -32.39 22.62
N MET H 14 -29.97 -31.13 22.76
CA MET H 14 -29.13 -29.99 22.38
C MET H 14 -29.10 -29.02 23.57
N ALA H 15 -27.91 -28.55 23.93
CA ALA H 15 -27.78 -27.63 25.05
C ALA H 15 -26.76 -26.56 24.75
N GLY H 16 -26.98 -25.36 25.29
CA GLY H 16 -26.03 -24.28 25.06
C GLY H 16 -25.80 -23.44 26.32
N ASP H 17 -24.69 -22.72 26.34
CA ASP H 17 -24.34 -21.87 27.49
C ASP H 17 -25.14 -20.57 27.43
N ARG H 18 -24.85 -19.64 28.33
CA ARG H 18 -25.60 -18.40 28.42
C ARG H 18 -24.79 -17.11 28.26
N ARG H 19 -23.51 -17.23 27.98
CA ARG H 19 -22.66 -16.06 27.89
C ARG H 19 -22.65 -15.30 26.58
N SER H 20 -22.38 -14.01 26.72
CA SER H 20 -22.28 -13.10 25.60
C SER H 20 -21.05 -12.23 25.87
N THR H 21 -20.24 -12.00 24.85
CA THR H 21 -19.05 -11.18 25.04
C THR H 21 -18.86 -10.10 23.99
N GLN H 22 -18.10 -9.09 24.39
CA GLN H 22 -17.74 -7.93 23.59
C GLN H 22 -16.26 -7.84 23.90
N GLY H 23 -15.45 -8.54 23.12
CA GLY H 23 -14.03 -8.60 23.38
C GLY H 23 -13.83 -9.45 24.64
N ASN H 24 -13.19 -8.87 25.65
CA ASN H 24 -12.97 -9.55 26.91
C ASN H 24 -14.11 -9.29 27.86
N MET H 25 -14.95 -8.31 27.57
CA MET H 25 -16.05 -8.00 28.48
C MET H 25 -17.23 -8.92 28.37
N ILE H 26 -17.77 -9.31 29.52
CA ILE H 26 -18.93 -10.17 29.58
C ILE H 26 -20.12 -9.22 29.37
N SER H 27 -20.85 -9.40 28.28
CA SER H 27 -21.96 -8.53 27.99
C SER H 27 -23.32 -9.17 28.22
N GLY H 28 -23.33 -10.47 28.44
CA GLY H 28 -24.60 -11.14 28.69
C GLY H 28 -24.38 -12.32 29.61
N ARG H 29 -25.37 -12.63 30.45
CA ARG H 29 -25.27 -13.78 31.37
C ARG H 29 -26.42 -14.78 31.23
N ASP H 30 -27.48 -14.40 30.55
CA ASP H 30 -28.62 -15.29 30.42
C ASP H 30 -29.15 -15.42 28.98
N VAL H 31 -28.27 -15.28 28.01
CA VAL H 31 -28.71 -15.42 26.61
C VAL H 31 -29.19 -16.87 26.36
N ARG H 32 -30.28 -17.01 25.64
CA ARG H 32 -30.80 -18.33 25.30
C ARG H 32 -30.35 -18.64 23.88
N LYS H 33 -29.54 -19.69 23.70
CA LYS H 33 -29.01 -19.98 22.36
C LYS H 33 -29.60 -21.18 21.64
N VAL H 34 -30.44 -21.93 22.32
CA VAL H 34 -31.08 -23.10 21.73
C VAL H 34 -32.59 -22.89 21.53
N TYR H 35 -33.05 -22.96 20.28
CA TYR H 35 -34.46 -22.72 19.99
C TYR H 35 -35.15 -23.93 19.47
N ILE H 36 -36.43 -24.07 19.82
CA ILE H 36 -37.23 -25.14 19.29
C ILE H 36 -37.73 -24.55 17.96
N THR H 37 -37.25 -25.08 16.85
CA THR H 37 -37.64 -24.56 15.54
C THR H 37 -39.01 -25.01 15.09
N ASP H 38 -39.34 -26.28 15.29
CA ASP H 38 -40.66 -26.81 14.99
C ASP H 38 -40.84 -27.97 15.96
N ASP H 39 -41.92 -28.73 15.85
CA ASP H 39 -42.16 -29.81 16.79
C ASP H 39 -41.07 -30.88 16.90
N TYR H 40 -40.25 -31.04 15.88
CA TYR H 40 -39.22 -32.07 15.91
C TYR H 40 -37.84 -31.57 15.61
N THR H 41 -37.62 -30.26 15.76
CA THR H 41 -36.33 -29.70 15.42
C THR H 41 -35.87 -28.64 16.39
N ALA H 42 -34.57 -28.58 16.62
CA ALA H 42 -34.02 -27.54 17.48
C ALA H 42 -32.78 -26.96 16.80
N THR H 43 -32.57 -25.66 16.97
CA THR H 43 -31.44 -25.00 16.36
C THR H 43 -30.64 -24.28 17.42
N GLY H 44 -29.32 -24.34 17.27
CA GLY H 44 -28.43 -23.66 18.20
C GLY H 44 -27.48 -22.88 17.34
N ILE H 45 -27.34 -21.58 17.60
CA ILE H 45 -26.43 -20.81 16.76
C ILE H 45 -25.35 -20.06 17.52
N ALA H 46 -24.14 -20.10 16.97
CA ALA H 46 -23.00 -19.45 17.58
C ALA H 46 -22.51 -18.29 16.72
N GLY H 47 -21.67 -17.43 17.29
CA GLY H 47 -21.15 -16.31 16.51
C GLY H 47 -21.78 -14.98 16.87
N THR H 48 -21.86 -14.10 15.89
CA THR H 48 -22.45 -12.78 16.08
C THR H 48 -23.92 -12.88 16.48
N ALA H 49 -24.18 -12.50 17.73
CA ALA H 49 -25.52 -12.58 18.31
C ALA H 49 -26.66 -12.04 17.44
N ALA H 50 -26.48 -10.85 16.89
CA ALA H 50 -27.55 -10.26 16.10
C ALA H 50 -27.93 -11.21 14.96
N VAL H 51 -26.93 -11.72 14.27
CA VAL H 51 -27.18 -12.62 13.17
C VAL H 51 -27.75 -13.96 13.64
N ALA H 52 -27.18 -14.50 14.71
CA ALA H 52 -27.63 -15.77 15.24
C ALA H 52 -29.11 -15.75 15.54
N VAL H 53 -29.56 -14.70 16.22
CA VAL H 53 -30.98 -14.59 16.58
C VAL H 53 -31.86 -14.47 15.33
N GLU H 54 -31.45 -13.61 14.41
CA GLU H 54 -32.19 -13.42 13.19
C GLU H 54 -32.36 -14.76 12.48
N PHE H 55 -31.28 -15.53 12.37
CA PHE H 55 -31.32 -16.84 11.72
C PHE H 55 -32.36 -17.76 12.31
N ALA H 56 -32.29 -17.99 13.62
CA ALA H 56 -33.22 -18.87 14.27
C ALA H 56 -34.65 -18.44 14.05
N ARG H 57 -34.90 -17.14 14.16
CA ARG H 57 -36.23 -16.60 14.00
C ARG H 57 -36.75 -16.80 12.56
N LEU H 58 -35.96 -16.37 11.59
CA LEU H 58 -36.31 -16.51 10.21
C LEU H 58 -36.50 -17.98 9.87
N TYR H 59 -35.53 -18.81 10.21
CA TYR H 59 -35.60 -20.24 9.94
C TYR H 59 -36.89 -20.89 10.41
N ALA H 60 -37.31 -20.61 11.65
CA ALA H 60 -38.55 -21.21 12.15
C ALA H 60 -39.76 -20.72 11.34
N VAL H 61 -39.77 -19.43 11.00
CA VAL H 61 -40.86 -18.90 10.21
C VAL H 61 -40.89 -19.59 8.84
N GLU H 62 -39.74 -19.73 8.20
CA GLU H 62 -39.71 -20.38 6.89
C GLU H 62 -40.24 -21.85 6.95
N LEU H 63 -39.91 -22.57 8.01
CA LEU H 63 -40.35 -23.95 8.15
C LEU H 63 -41.87 -24.01 8.33
N GLU H 64 -42.41 -23.13 9.14
CA GLU H 64 -43.82 -23.12 9.40
C GLU H 64 -44.58 -22.59 8.22
N HIS H 65 -43.95 -21.71 7.47
CA HIS H 65 -44.52 -21.12 6.28
C HIS H 65 -44.79 -22.22 5.24
N TYR H 66 -43.81 -23.10 5.07
CA TYR H 66 -43.95 -24.19 4.12
C TYR H 66 -45.11 -25.10 4.55
N GLU H 67 -45.15 -25.47 5.80
CA GLU H 67 -46.16 -26.37 6.26
C GLU H 67 -47.58 -25.84 6.03
N LYS H 68 -47.81 -24.59 6.34
CA LYS H 68 -49.12 -24.00 6.22
C LYS H 68 -49.51 -23.91 4.77
N LEU H 69 -48.55 -23.62 3.93
CA LEU H 69 -48.75 -23.50 2.51
C LEU H 69 -49.03 -24.85 1.83
N GLU H 70 -48.21 -25.85 2.17
CA GLU H 70 -48.33 -27.15 1.54
C GLU H 70 -49.06 -28.20 2.35
N GLY H 71 -49.51 -27.85 3.54
CA GLY H 71 -50.25 -28.80 4.35
C GLY H 71 -49.45 -29.91 4.98
N VAL H 72 -48.15 -29.95 4.74
CA VAL H 72 -47.30 -30.99 5.30
C VAL H 72 -45.92 -30.41 5.62
N PRO H 73 -45.27 -30.90 6.67
CA PRO H 73 -43.94 -30.38 7.02
C PRO H 73 -42.93 -30.73 5.95
N LEU H 74 -41.85 -29.99 5.94
CA LEU H 74 -40.76 -30.21 5.01
C LEU H 74 -40.06 -31.49 5.48
N THR H 75 -39.46 -32.25 4.56
CA THR H 75 -38.75 -33.47 4.96
C THR H 75 -37.52 -33.00 5.71
N PHE H 76 -36.90 -33.88 6.49
CA PHE H 76 -35.73 -33.43 7.24
C PHE H 76 -34.63 -32.91 6.31
N ALA H 77 -34.44 -33.57 5.18
CA ALA H 77 -33.42 -33.14 4.23
C ALA H 77 -33.74 -31.73 3.74
N GLY H 78 -35.00 -31.44 3.50
CA GLY H 78 -35.40 -30.12 3.05
C GLY H 78 -35.07 -29.08 4.11
N LYS H 79 -35.31 -29.43 5.37
CA LYS H 79 -35.01 -28.50 6.46
C LYS H 79 -33.52 -28.18 6.46
N ILE H 80 -32.69 -29.20 6.29
CA ILE H 80 -31.25 -29.00 6.25
C ILE H 80 -30.90 -28.04 5.11
N ASN H 81 -31.41 -28.34 3.91
CA ASN H 81 -31.10 -27.51 2.74
C ASN H 81 -31.47 -26.02 2.93
N ARG H 82 -32.63 -25.78 3.51
CA ARG H 82 -33.05 -24.40 3.75
C ARG H 82 -32.11 -23.68 4.68
N LEU H 83 -31.64 -24.38 5.72
CA LEU H 83 -30.73 -23.77 6.68
C LEU H 83 -29.39 -23.50 6.01
N ALA H 84 -28.92 -24.46 5.21
CA ALA H 84 -27.65 -24.30 4.52
C ALA H 84 -27.66 -23.10 3.57
N ILE H 85 -28.79 -22.91 2.88
CA ILE H 85 -28.93 -21.82 1.95
C ILE H 85 -28.84 -20.48 2.72
N MET H 86 -29.49 -20.42 3.88
CA MET H 86 -29.46 -19.22 4.72
C MET H 86 -28.00 -18.92 5.14
N VAL H 87 -27.26 -19.93 5.56
CA VAL H 87 -25.87 -19.67 5.94
C VAL H 87 -25.06 -19.19 4.74
N ARG H 88 -25.16 -19.87 3.59
CA ARG H 88 -24.43 -19.47 2.39
C ARG H 88 -24.74 -18.00 2.04
N GLY H 89 -26.02 -17.64 2.12
CA GLY H 89 -26.40 -16.28 1.83
C GLY H 89 -25.73 -15.22 2.71
N ASN H 90 -25.23 -15.61 3.87
CA ASN H 90 -24.62 -14.71 4.80
C ASN H 90 -23.12 -14.68 4.71
N LEU H 91 -22.54 -15.36 3.75
CA LEU H 91 -21.11 -15.45 3.66
C LEU H 91 -20.33 -14.17 3.48
N ALA H 92 -20.82 -13.27 2.66
CA ALA H 92 -20.10 -12.02 2.48
C ALA H 92 -20.04 -11.25 3.79
N ALA H 93 -21.16 -11.19 4.48
CA ALA H 93 -21.27 -10.54 5.77
C ALA H 93 -20.39 -11.23 6.81
N ALA H 94 -20.31 -12.56 6.72
CA ALA H 94 -19.49 -13.35 7.63
C ALA H 94 -18.05 -12.95 7.53
N MET H 95 -17.60 -12.71 6.31
CA MET H 95 -16.25 -12.31 6.03
C MET H 95 -15.96 -10.95 6.61
N GLN H 96 -16.99 -10.17 6.83
CA GLN H 96 -16.85 -8.84 7.39
C GLN H 96 -17.12 -8.78 8.91
N GLY H 97 -17.07 -9.91 9.59
CA GLY H 97 -17.35 -9.93 10.99
C GLY H 97 -18.76 -10.23 11.42
N LEU H 98 -19.61 -10.62 10.50
CA LEU H 98 -20.97 -10.97 10.85
C LEU H 98 -21.24 -12.44 10.80
N LEU H 99 -20.25 -13.26 11.06
CA LEU H 99 -20.41 -14.69 11.01
C LEU H 99 -21.31 -15.36 12.03
N ALA H 100 -22.22 -16.18 11.56
CA ALA H 100 -23.06 -16.98 12.43
C ALA H 100 -23.15 -18.45 11.98
N LEU H 101 -22.87 -19.38 12.87
CA LEU H 101 -22.93 -20.79 12.56
C LEU H 101 -23.95 -21.56 13.34
N PRO H 102 -24.80 -22.26 12.65
CA PRO H 102 -25.81 -23.02 13.40
C PRO H 102 -25.44 -24.47 13.57
N LEU H 103 -26.18 -25.13 14.46
CA LEU H 103 -26.03 -26.55 14.72
C LEU H 103 -27.50 -26.98 14.73
N LEU H 104 -27.80 -28.05 14.01
CA LEU H 104 -29.18 -28.51 13.92
C LEU H 104 -29.38 -29.88 14.54
N ALA H 105 -30.45 -30.04 15.30
CA ALA H 105 -30.77 -31.32 15.90
C ALA H 105 -32.25 -31.57 15.69
N GLY H 106 -32.59 -32.83 15.41
CA GLY H 106 -33.98 -33.16 15.22
C GLY H 106 -34.25 -34.65 15.31
N TYR H 107 -35.54 -34.99 15.24
CA TYR H 107 -36.00 -36.36 15.29
C TYR H 107 -36.76 -36.53 13.98
N ASP H 108 -36.29 -37.43 13.12
CA ASP H 108 -36.95 -37.66 11.84
C ASP H 108 -38.11 -38.66 11.99
N ILE H 109 -39.33 -38.18 11.88
CA ILE H 109 -40.52 -38.99 12.04
C ILE H 109 -40.66 -40.04 10.95
N HIS H 110 -40.02 -39.80 9.84
CA HIS H 110 -40.08 -40.73 8.73
C HIS H 110 -38.92 -41.65 8.63
N ALA H 111 -38.09 -41.69 9.65
CA ALA H 111 -36.98 -42.61 9.69
C ALA H 111 -37.46 -44.07 9.85
N SER H 112 -36.74 -44.98 9.25
CA SER H 112 -37.12 -46.37 9.32
C SER H 112 -37.11 -46.92 10.73
N ASP H 113 -36.05 -46.61 11.46
CA ASP H 113 -35.86 -47.13 12.80
C ASP H 113 -35.84 -46.01 13.83
N PRO H 114 -36.76 -46.05 14.75
CA PRO H 114 -36.97 -45.03 15.77
C PRO H 114 -35.89 -44.78 16.80
N GLN H 115 -35.24 -45.82 17.30
CA GLN H 115 -34.20 -45.59 18.30
C GLN H 115 -33.07 -44.89 17.61
N SER H 116 -33.06 -44.97 16.30
CA SER H 116 -32.04 -44.33 15.50
C SER H 116 -32.42 -43.01 14.81
N ALA H 117 -33.62 -42.53 15.02
CA ALA H 117 -34.19 -41.37 14.33
C ALA H 117 -33.61 -39.97 14.64
N GLY H 118 -32.80 -39.85 15.68
CA GLY H 118 -32.21 -38.60 16.03
C GLY H 118 -31.25 -38.14 14.97
N ARG H 119 -31.27 -36.86 14.66
CA ARG H 119 -30.38 -36.32 13.65
C ARG H 119 -29.61 -35.15 14.16
N ILE H 120 -28.37 -35.07 13.72
CA ILE H 120 -27.50 -33.99 14.09
C ILE H 120 -26.80 -33.47 12.87
N VAL H 121 -26.92 -32.18 12.60
CA VAL H 121 -26.28 -31.66 11.40
C VAL H 121 -25.45 -30.43 11.73
N SER H 122 -24.19 -30.43 11.31
CA SER H 122 -23.32 -29.29 11.54
C SER H 122 -23.12 -28.53 10.21
N PHE H 123 -22.73 -27.26 10.31
CA PHE H 123 -22.58 -26.41 9.13
C PHE H 123 -21.30 -25.59 9.16
N ASP H 124 -20.66 -25.39 8.02
CA ASP H 124 -19.49 -24.53 8.02
C ASP H 124 -19.94 -23.14 7.49
N ALA H 125 -19.03 -22.16 7.52
CA ALA H 125 -19.35 -20.80 7.07
C ALA H 125 -19.86 -20.66 5.64
N ALA H 126 -19.53 -21.61 4.77
CA ALA H 126 -19.98 -21.54 3.39
C ALA H 126 -21.31 -22.25 3.16
N GLY H 127 -21.90 -22.77 4.24
CA GLY H 127 -23.17 -23.46 4.09
C GLY H 127 -23.00 -24.97 3.94
N GLY H 128 -21.76 -25.44 3.89
CA GLY H 128 -21.55 -26.86 3.77
C GLY H 128 -22.12 -27.53 5.00
N TRP H 129 -22.96 -28.54 4.80
CA TRP H 129 -23.54 -29.25 5.93
C TRP H 129 -23.01 -30.68 6.00
N ASN H 130 -23.16 -31.28 7.16
CA ASN H 130 -22.75 -32.64 7.41
C ASN H 130 -23.64 -33.29 8.48
N ILE H 131 -24.27 -34.40 8.11
CA ILE H 131 -25.11 -35.14 9.04
C ILE H 131 -24.12 -35.97 9.85
N GLU H 132 -24.03 -35.65 11.13
CA GLU H 132 -23.09 -36.32 12.01
C GLU H 132 -23.44 -37.78 12.22
N GLU H 133 -22.45 -38.64 12.06
CA GLU H 133 -22.67 -40.06 12.23
C GLU H 133 -22.04 -40.61 13.49
N GLU H 134 -21.22 -39.82 14.18
CA GLU H 134 -20.58 -40.33 15.38
C GLU H 134 -21.27 -40.05 16.71
N GLY H 135 -22.52 -39.62 16.67
CA GLY H 135 -23.25 -39.39 17.91
C GLY H 135 -23.31 -38.01 18.55
N TYR H 136 -22.34 -37.16 18.30
CA TYR H 136 -22.38 -35.83 18.90
C TYR H 136 -21.66 -34.80 18.04
N GLN H 137 -21.90 -33.53 18.33
CA GLN H 137 -21.27 -32.43 17.60
C GLN H 137 -21.41 -31.15 18.44
N ALA H 138 -20.60 -30.15 18.14
CA ALA H 138 -20.63 -28.89 18.88
C ALA H 138 -20.20 -27.75 17.99
N VAL H 139 -20.62 -26.56 18.35
CA VAL H 139 -20.27 -25.38 17.59
C VAL H 139 -20.00 -24.23 18.56
N GLY H 140 -19.14 -23.30 18.16
CA GLY H 140 -18.80 -22.14 18.98
C GLY H 140 -17.34 -22.12 19.37
N SER H 141 -16.91 -21.06 20.07
CA SER H 141 -15.53 -20.91 20.50
C SER H 141 -15.08 -21.98 21.48
N GLY H 142 -16.01 -22.72 22.08
CA GLY H 142 -15.60 -23.78 22.99
C GLY H 142 -15.92 -25.18 22.44
N SER H 143 -16.25 -25.25 21.15
CA SER H 143 -16.64 -26.54 20.57
C SER H 143 -15.56 -27.62 20.53
N LEU H 144 -14.30 -27.25 20.36
CA LEU H 144 -13.28 -28.25 20.35
C LEU H 144 -13.15 -28.88 21.74
N PHE H 145 -13.25 -28.09 22.78
CA PHE H 145 -13.15 -28.60 24.10
C PHE H 145 -14.31 -29.49 24.43
N ALA H 146 -15.48 -29.08 24.03
CA ALA H 146 -16.70 -29.86 24.30
C ALA H 146 -16.66 -31.20 23.57
N LYS H 147 -16.16 -31.19 22.35
CA LYS H 147 -16.11 -32.40 21.57
C LYS H 147 -15.09 -33.38 22.14
N SER H 148 -13.98 -32.87 22.63
CA SER H 148 -12.96 -33.69 23.19
C SER H 148 -13.48 -34.28 24.50
N SER H 149 -14.41 -33.60 25.12
CA SER H 149 -14.99 -34.05 26.35
C SER H 149 -16.02 -35.13 26.04
N MET H 150 -16.89 -34.87 25.10
CA MET H 150 -17.91 -35.86 24.74
C MET H 150 -17.29 -37.15 24.18
N LYS H 151 -16.17 -37.02 23.48
CA LYS H 151 -15.50 -38.20 22.98
C LYS H 151 -15.20 -39.23 24.12
N LYS H 152 -14.78 -38.74 25.29
CA LYS H 152 -14.49 -39.59 26.42
C LYS H 152 -15.74 -39.94 27.24
N LEU H 153 -16.82 -39.17 27.07
CA LEU H 153 -18.01 -39.41 27.88
C LEU H 153 -19.16 -40.06 27.17
N TYR H 154 -19.14 -40.04 25.85
CA TYR H 154 -20.24 -40.58 25.07
C TYR H 154 -20.69 -42.01 25.37
N SER H 155 -19.75 -42.89 25.72
CA SER H 155 -20.13 -44.28 26.00
C SER H 155 -21.03 -44.36 27.20
N GLN H 156 -21.13 -43.30 27.98
CA GLN H 156 -22.04 -43.29 29.12
C GLN H 156 -23.47 -42.97 28.69
N VAL H 157 -23.65 -42.47 27.49
CA VAL H 157 -25.01 -42.13 27.08
C VAL H 157 -25.83 -43.37 26.71
N THR H 158 -26.92 -43.61 27.46
CA THR H 158 -27.79 -44.76 27.22
C THR H 158 -29.27 -44.39 27.23
N ASP H 159 -29.54 -43.13 27.55
CA ASP H 159 -30.90 -42.64 27.60
C ASP H 159 -30.92 -41.11 27.68
N GLY H 160 -32.11 -40.55 27.74
CA GLY H 160 -32.26 -39.10 27.82
C GLY H 160 -31.53 -38.47 29.00
N ASP H 161 -31.76 -38.99 30.20
CA ASP H 161 -31.13 -38.42 31.36
C ASP H 161 -29.61 -38.44 31.27
N SER H 162 -29.02 -39.56 30.85
CA SER H 162 -27.56 -39.60 30.75
C SER H 162 -27.05 -38.74 29.57
N GLY H 163 -27.84 -38.70 28.49
CA GLY H 163 -27.47 -37.88 27.33
C GLY H 163 -27.44 -36.42 27.78
N LEU H 164 -28.47 -36.04 28.54
CA LEU H 164 -28.56 -34.70 29.08
C LEU H 164 -27.38 -34.44 30.01
N ARG H 165 -27.08 -35.41 30.87
CA ARG H 165 -25.97 -35.25 31.80
C ARG H 165 -24.65 -35.05 31.09
N VAL H 166 -24.41 -35.83 30.04
CA VAL H 166 -23.17 -35.71 29.28
C VAL H 166 -23.09 -34.36 28.55
N ALA H 167 -24.24 -33.88 28.06
CA ALA H 167 -24.27 -32.59 27.37
C ALA H 167 -23.85 -31.46 28.32
N VAL H 168 -24.43 -31.48 29.53
CA VAL H 168 -24.12 -30.46 30.53
C VAL H 168 -22.67 -30.53 30.94
N GLU H 169 -22.14 -31.74 31.08
CA GLU H 169 -20.74 -31.83 31.47
C GLU H 169 -19.83 -31.32 30.35
N ALA H 170 -20.25 -31.52 29.10
CA ALA H 170 -19.44 -31.08 27.97
C ALA H 170 -19.37 -29.56 27.99
N LEU H 171 -20.52 -28.91 28.25
CA LEU H 171 -20.58 -27.46 28.31
C LEU H 171 -19.71 -26.99 29.46
N TYR H 172 -19.76 -27.73 30.56
CA TYR H 172 -18.96 -27.38 31.72
C TYR H 172 -17.49 -27.37 31.35
N ASP H 173 -17.03 -28.40 30.66
CA ASP H 173 -15.65 -28.51 30.22
C ASP H 173 -15.26 -27.40 29.26
N ALA H 174 -16.18 -27.03 28.39
CA ALA H 174 -15.97 -25.98 27.44
C ALA H 174 -15.70 -24.63 28.13
N ALA H 175 -16.51 -24.34 29.13
CA ALA H 175 -16.38 -23.14 29.92
C ALA H 175 -15.10 -23.14 30.75
N ASP H 176 -14.73 -24.28 31.27
CA ASP H 176 -13.49 -24.43 31.96
C ASP H 176 -12.26 -24.03 31.14
N ASP H 177 -12.27 -24.33 29.85
CA ASP H 177 -11.16 -24.00 28.97
C ASP H 177 -11.34 -22.77 28.07
N ASP H 178 -12.56 -22.32 27.85
CA ASP H 178 -12.85 -21.16 26.99
C ASP H 178 -13.55 -20.01 27.72
N SER H 179 -12.85 -18.90 27.97
CA SER H 179 -13.42 -17.76 28.69
C SER H 179 -14.67 -17.21 28.03
N ALA H 180 -14.85 -17.49 26.74
CA ALA H 180 -16.04 -16.97 26.07
C ALA H 180 -17.26 -17.84 26.26
N THR H 181 -17.12 -18.96 26.97
CA THR H 181 -18.29 -19.80 27.24
C THR H 181 -18.58 -19.69 28.74
N GLY H 182 -19.85 -19.54 29.10
CA GLY H 182 -20.18 -19.38 30.51
C GLY H 182 -20.52 -20.65 31.26
N GLY H 183 -19.87 -20.84 32.41
CA GLY H 183 -20.14 -22.03 33.19
C GLY H 183 -21.40 -21.81 34.00
N PRO H 184 -21.85 -22.84 34.78
CA PRO H 184 -23.06 -22.67 35.60
C PRO H 184 -22.81 -21.54 36.61
N ASP H 185 -23.78 -20.65 36.80
CA ASP H 185 -23.62 -19.55 37.76
C ASP H 185 -24.46 -19.87 38.99
N LEU H 186 -23.81 -20.39 40.02
CA LEU H 186 -24.50 -20.78 41.24
C LEU H 186 -24.99 -19.60 42.02
N VAL H 187 -24.23 -18.51 42.00
CA VAL H 187 -24.63 -17.32 42.72
C VAL H 187 -25.95 -16.76 42.16
N ARG H 188 -26.04 -16.63 40.84
CA ARG H 188 -27.26 -16.07 40.25
C ARG H 188 -28.30 -17.11 39.86
N GLY H 189 -27.95 -18.38 39.90
CA GLY H 189 -28.93 -19.38 39.53
C GLY H 189 -29.17 -19.46 38.03
N ILE H 190 -28.14 -19.21 37.24
CA ILE H 190 -28.27 -19.28 35.78
C ILE H 190 -27.52 -20.52 35.25
N PHE H 191 -28.24 -21.34 34.50
CA PHE H 191 -27.65 -22.55 33.97
C PHE H 191 -27.85 -22.65 32.46
N PRO H 192 -27.10 -23.55 31.82
CA PRO H 192 -27.19 -23.77 30.37
C PRO H 192 -28.65 -24.11 30.10
N THR H 193 -29.11 -23.92 28.87
CA THR H 193 -30.49 -24.30 28.55
C THR H 193 -30.37 -25.54 27.68
N ALA H 194 -31.46 -26.28 27.53
CA ALA H 194 -31.43 -27.50 26.74
C ALA H 194 -32.79 -27.91 26.20
N VAL H 195 -32.76 -28.61 25.08
CA VAL H 195 -33.96 -29.11 24.45
C VAL H 195 -33.77 -30.60 24.19
N ILE H 196 -34.80 -31.40 24.49
CA ILE H 196 -34.76 -32.82 24.22
C ILE H 196 -35.81 -33.11 23.16
N ILE H 197 -35.46 -33.94 22.18
CA ILE H 197 -36.42 -34.28 21.17
C ILE H 197 -36.47 -35.79 21.00
N ASP H 198 -37.68 -36.34 20.99
CA ASP H 198 -37.92 -37.76 20.77
C ASP H 198 -39.21 -37.91 19.97
N ALA H 199 -39.70 -39.14 19.83
CA ALA H 199 -40.92 -39.35 19.05
C ALA H 199 -42.10 -38.46 19.47
N ASP H 200 -42.12 -38.02 20.72
CA ASP H 200 -43.22 -37.17 21.15
C ASP H 200 -43.01 -35.69 20.91
N GLY H 201 -41.91 -35.33 20.24
CA GLY H 201 -41.66 -33.92 19.96
C GLY H 201 -40.54 -33.24 20.74
N ALA H 202 -40.28 -31.97 20.41
CA ALA H 202 -39.23 -31.21 21.06
C ALA H 202 -39.76 -30.56 22.33
N VAL H 203 -39.08 -30.77 23.46
CA VAL H 203 -39.49 -30.18 24.73
C VAL H 203 -38.33 -29.48 25.43
N ASP H 204 -38.58 -28.27 25.98
CA ASP H 204 -37.55 -27.51 26.72
C ASP H 204 -37.25 -28.23 28.03
N VAL H 205 -35.98 -28.41 28.36
CA VAL H 205 -35.63 -29.09 29.61
C VAL H 205 -35.81 -28.11 30.76
N PRO H 206 -36.43 -28.55 31.87
CA PRO H 206 -36.65 -27.68 33.03
C PRO H 206 -35.36 -27.26 33.70
N GLU H 207 -35.27 -26.00 34.08
CA GLU H 207 -34.04 -25.50 34.72
C GLU H 207 -33.64 -26.32 35.95
N SER H 208 -34.63 -26.69 36.76
CA SER H 208 -34.38 -27.47 37.97
C SER H 208 -33.54 -28.72 37.72
N ARG H 209 -33.89 -29.48 36.69
CA ARG H 209 -33.16 -30.68 36.37
C ARG H 209 -31.72 -30.35 36.01
N ILE H 210 -31.56 -29.40 35.10
CA ILE H 210 -30.23 -29.00 34.68
C ILE H 210 -29.36 -28.54 35.85
N ALA H 211 -29.94 -27.75 36.76
CA ALA H 211 -29.22 -27.27 37.93
C ALA H 211 -28.75 -28.45 38.81
N GLU H 212 -29.61 -29.46 38.99
CA GLU H 212 -29.22 -30.63 39.77
C GLU H 212 -27.99 -31.28 39.13
N LEU H 213 -28.00 -31.44 37.80
CA LEU H 213 -26.88 -32.05 37.09
C LEU H 213 -25.62 -31.22 37.25
N ALA H 214 -25.76 -29.91 37.14
CA ALA H 214 -24.60 -29.04 37.26
C ALA H 214 -23.96 -29.15 38.65
N ARG H 215 -24.79 -29.16 39.69
CA ARG H 215 -24.23 -29.26 41.03
C ARG H 215 -23.52 -30.59 41.22
N ALA H 216 -24.11 -31.67 40.69
CA ALA H 216 -23.49 -32.98 40.81
C ALA H 216 -22.15 -32.99 40.10
N ILE H 217 -22.08 -32.41 38.90
CA ILE H 217 -20.82 -32.35 38.17
C ILE H 217 -19.78 -31.56 39.00
N ILE H 218 -20.20 -30.40 39.52
CA ILE H 218 -19.33 -29.56 40.33
C ILE H 218 -18.84 -30.33 41.56
N GLU H 219 -19.77 -30.89 42.32
CA GLU H 219 -19.44 -31.65 43.52
C GLU H 219 -18.46 -32.76 43.13
N SER H 220 -18.70 -33.37 41.98
CA SER H 220 -17.83 -34.43 41.52
C SER H 220 -16.39 -33.96 41.30
N ARG H 221 -16.18 -32.80 40.67
CA ARG H 221 -14.81 -32.32 40.42
C ARG H 221 -14.16 -31.75 41.68
N SER H 222 -14.95 -31.44 42.70
CA SER H 222 -14.44 -30.86 43.96
C SER H 222 -13.64 -31.85 44.82
N SER I 8 -66.16 -12.45 -30.75
CA SER I 8 -66.21 -13.90 -30.66
C SER I 8 -64.85 -14.47 -30.93
N PRO I 9 -64.30 -15.13 -29.93
CA PRO I 9 -62.99 -15.73 -30.05
C PRO I 9 -63.02 -16.74 -31.17
N GLU I 10 -64.12 -17.49 -31.29
CA GLU I 10 -64.22 -18.47 -32.37
C GLU I 10 -64.20 -17.70 -33.69
N GLN I 11 -64.88 -16.57 -33.73
CA GLN I 11 -64.93 -15.76 -34.93
C GLN I 11 -63.57 -15.16 -35.22
N ALA I 12 -62.91 -14.68 -34.17
CA ALA I 12 -61.59 -14.09 -34.32
C ALA I 12 -60.71 -15.19 -34.78
N MET I 13 -60.87 -16.32 -34.14
CA MET I 13 -60.09 -17.47 -34.50
C MET I 13 -60.39 -17.96 -35.89
N ARG I 14 -61.66 -17.96 -36.28
CA ARG I 14 -61.99 -18.41 -37.62
C ARG I 14 -61.40 -17.57 -38.73
N GLU I 15 -61.47 -16.27 -38.59
CA GLU I 15 -60.92 -15.42 -39.61
C GLU I 15 -59.43 -15.50 -39.78
N ARG I 16 -58.71 -15.51 -38.67
CA ARG I 16 -57.27 -15.56 -38.76
C ARG I 16 -56.90 -16.82 -39.46
N SER I 17 -57.57 -17.90 -39.13
CA SER I 17 -57.22 -19.10 -39.80
C SER I 17 -57.54 -19.02 -41.26
N GLU I 18 -58.70 -18.46 -41.55
CA GLU I 18 -59.16 -18.31 -42.92
C GLU I 18 -58.23 -17.39 -43.62
N LEU I 19 -57.81 -16.36 -42.93
CA LEU I 19 -56.90 -15.40 -43.53
C LEU I 19 -55.59 -16.07 -43.89
N ALA I 20 -55.09 -16.90 -42.99
CA ALA I 20 -53.84 -17.60 -43.18
C ALA I 20 -53.91 -18.67 -44.24
N ARG I 21 -55.01 -19.38 -44.28
CA ARG I 21 -55.19 -20.43 -45.26
C ARG I 21 -55.20 -19.88 -46.66
N LYS I 22 -55.87 -18.73 -46.83
CA LYS I 22 -55.97 -18.08 -48.13
C LYS I 22 -54.62 -17.66 -48.61
N GLY I 23 -53.82 -17.11 -47.72
CA GLY I 23 -52.49 -16.68 -48.10
C GLY I 23 -51.64 -17.84 -48.51
N ILE I 24 -51.75 -18.95 -47.80
CA ILE I 24 -50.96 -20.11 -48.15
C ILE I 24 -51.41 -20.69 -49.48
N ALA I 25 -52.72 -20.67 -49.72
CA ALA I 25 -53.26 -21.20 -50.97
C ALA I 25 -52.78 -20.47 -52.22
N ARG I 26 -52.69 -19.16 -52.17
CA ARG I 26 -52.25 -18.41 -53.32
C ARG I 26 -50.75 -18.51 -53.55
N ALA I 27 -50.05 -19.31 -52.74
CA ALA I 27 -48.60 -19.42 -52.89
C ALA I 27 -48.17 -20.65 -53.66
N LYS I 28 -46.95 -20.61 -54.20
CA LYS I 28 -46.43 -21.75 -54.96
C LYS I 28 -46.28 -22.97 -54.06
N SER I 29 -46.24 -24.16 -54.67
CA SER I 29 -46.14 -25.40 -53.90
C SER I 29 -44.74 -25.96 -53.67
N VAL I 30 -44.60 -26.66 -52.54
CA VAL I 30 -43.33 -27.27 -52.17
C VAL I 30 -43.56 -28.72 -51.73
N VAL I 31 -42.59 -29.56 -52.06
CA VAL I 31 -42.69 -30.97 -51.71
C VAL I 31 -41.39 -31.54 -51.14
N ALA I 32 -41.53 -32.37 -50.11
CA ALA I 32 -40.38 -33.01 -49.47
C ALA I 32 -40.72 -34.48 -49.31
N LEU I 33 -39.76 -35.30 -49.71
CA LEU I 33 -39.90 -36.74 -49.53
C LEU I 33 -38.67 -37.53 -49.14
N ALA I 34 -38.94 -38.57 -48.38
CA ALA I 34 -37.91 -39.51 -48.02
C ALA I 34 -37.58 -40.25 -49.28
N TYR I 35 -36.32 -40.56 -49.45
CA TYR I 35 -35.84 -41.31 -50.57
C TYR I 35 -34.65 -42.07 -50.08
N ALA I 36 -34.07 -42.90 -50.91
CA ALA I 36 -33.10 -43.85 -50.46
C ALA I 36 -31.87 -43.23 -49.80
N GLY I 37 -31.41 -42.11 -50.34
CA GLY I 37 -30.23 -41.44 -49.86
C GLY I 37 -30.39 -40.28 -48.88
N GLY I 38 -31.59 -40.02 -48.41
CA GLY I 38 -31.79 -38.86 -47.60
C GLY I 38 -33.16 -38.28 -47.75
N VAL I 39 -33.22 -36.98 -47.82
CA VAL I 39 -34.48 -36.32 -48.06
C VAL I 39 -34.36 -35.41 -49.26
N LEU I 40 -35.40 -35.41 -50.08
CA LEU I 40 -35.38 -34.54 -51.24
C LEU I 40 -36.38 -33.39 -51.08
N PHE I 41 -35.90 -32.20 -51.41
CA PHE I 41 -36.71 -30.99 -51.35
C PHE I 41 -36.86 -30.46 -52.77
N VAL I 42 -38.11 -30.23 -53.18
CA VAL I 42 -38.36 -29.68 -54.49
C VAL I 42 -39.50 -28.69 -54.38
N ALA I 43 -39.24 -27.48 -54.84
CA ALA I 43 -40.24 -26.42 -54.79
C ALA I 43 -40.28 -25.62 -56.09
N GLU I 44 -41.47 -25.13 -56.40
CA GLU I 44 -41.69 -24.31 -57.58
C GLU I 44 -41.13 -22.93 -57.20
N ASN I 45 -40.02 -22.58 -57.81
CA ASN I 45 -39.40 -21.29 -57.63
C ASN I 45 -38.73 -20.70 -58.87
N PRO I 46 -39.29 -19.61 -59.37
CA PRO I 46 -38.74 -18.85 -60.49
C PRO I 46 -37.48 -18.11 -60.12
N SER I 47 -37.47 -17.59 -58.91
CA SER I 47 -36.39 -16.75 -58.50
C SER I 47 -35.01 -17.35 -58.46
N ARG I 48 -34.07 -16.56 -58.91
CA ARG I 48 -32.69 -16.91 -58.86
C ARG I 48 -32.13 -16.91 -57.45
N SER I 49 -32.52 -15.91 -56.66
CA SER I 49 -32.01 -15.69 -55.31
C SER I 49 -32.95 -15.83 -54.14
N LEU I 50 -34.17 -16.21 -54.32
CA LEU I 50 -35.02 -16.31 -53.17
C LEU I 50 -35.32 -17.77 -53.06
N GLN I 51 -34.99 -18.31 -51.90
CA GLN I 51 -35.09 -19.72 -51.65
C GLN I 51 -36.08 -20.03 -50.58
N LYS I 52 -36.83 -21.09 -50.80
CA LYS I 52 -37.79 -21.59 -49.86
C LYS I 52 -37.25 -22.84 -49.17
N ILE I 53 -36.05 -23.26 -49.52
CA ILE I 53 -35.46 -24.47 -48.94
C ILE I 53 -34.10 -24.12 -48.34
N SER I 54 -33.93 -24.46 -47.08
CA SER I 54 -32.67 -24.15 -46.40
C SER I 54 -32.12 -25.17 -45.42
N GLU I 55 -30.81 -25.13 -45.22
CA GLU I 55 -30.14 -26.01 -44.31
C GLU I 55 -30.48 -25.43 -42.95
N LEU I 56 -30.76 -26.25 -41.96
CA LEU I 56 -31.08 -25.76 -40.63
C LEU I 56 -29.92 -26.07 -39.65
N TYR I 57 -29.42 -27.30 -39.70
CA TYR I 57 -28.33 -27.77 -38.88
C TYR I 57 -27.65 -28.87 -39.66
N ASP I 58 -26.74 -29.60 -39.06
CA ASP I 58 -26.02 -30.65 -39.73
C ASP I 58 -26.81 -31.69 -40.47
N ARG I 59 -27.88 -32.19 -39.90
CA ARG I 59 -28.65 -33.20 -40.58
C ARG I 59 -30.07 -32.72 -40.70
N VAL I 60 -30.28 -31.45 -40.46
CA VAL I 60 -31.60 -30.92 -40.55
C VAL I 60 -31.81 -29.90 -41.65
N GLY I 61 -32.93 -30.04 -42.35
CA GLY I 61 -33.30 -29.18 -43.43
C GLY I 61 -34.64 -28.53 -43.25
N PHE I 62 -34.80 -27.40 -43.89
CA PHE I 62 -36.02 -26.62 -43.81
C PHE I 62 -36.64 -26.26 -45.15
N ALA I 63 -37.95 -26.32 -45.22
CA ALA I 63 -38.65 -25.95 -46.44
C ALA I 63 -39.95 -25.26 -46.03
N ALA I 64 -40.35 -24.27 -46.80
CA ALA I 64 -41.59 -23.58 -46.47
C ALA I 64 -42.34 -23.04 -47.68
N ALA I 65 -43.60 -22.70 -47.46
CA ALA I 65 -44.46 -22.14 -48.47
C ALA I 65 -45.29 -21.02 -47.82
N GLY I 66 -45.57 -19.98 -48.60
CA GLY I 66 -46.35 -18.87 -48.07
C GLY I 66 -45.63 -17.56 -48.32
N LYS I 67 -45.82 -16.60 -47.41
CA LYS I 67 -45.21 -15.29 -47.53
C LYS I 67 -43.71 -15.35 -47.22
N PHE I 68 -42.88 -15.05 -48.20
CA PHE I 68 -41.42 -15.11 -48.02
C PHE I 68 -40.87 -14.43 -46.77
N ASN I 69 -41.09 -13.13 -46.62
CA ASN I 69 -40.57 -12.44 -45.47
C ASN I 69 -40.98 -13.10 -44.15
N GLU I 70 -42.12 -13.79 -44.13
CA GLU I 70 -42.54 -14.42 -42.89
C GLU I 70 -41.86 -15.76 -42.63
N PHE I 71 -41.70 -16.60 -43.63
CA PHE I 71 -41.03 -17.85 -43.38
C PHE I 71 -39.52 -17.70 -43.39
N ASP I 72 -39.00 -16.62 -43.97
CA ASP I 72 -37.56 -16.44 -43.94
C ASP I 72 -37.27 -16.05 -42.48
N ASN I 73 -38.21 -15.33 -41.89
CA ASN I 73 -38.11 -14.92 -40.50
C ASN I 73 -37.97 -16.17 -39.65
N LEU I 74 -38.86 -17.13 -39.87
CA LEU I 74 -38.85 -18.36 -39.12
C LEU I 74 -37.61 -19.17 -39.38
N ARG I 75 -37.11 -19.12 -40.61
CA ARG I 75 -35.93 -19.86 -40.98
C ARG I 75 -34.73 -19.36 -40.16
N ARG I 76 -34.60 -18.05 -40.09
CA ARG I 76 -33.50 -17.45 -39.34
C ARG I 76 -33.62 -17.83 -37.87
N GLY I 77 -34.83 -17.73 -37.32
CA GLY I 77 -35.05 -18.07 -35.94
C GLY I 77 -34.67 -19.52 -35.67
N GLY I 78 -34.93 -20.37 -36.65
CA GLY I 78 -34.62 -21.77 -36.49
C GLY I 78 -33.12 -21.96 -36.46
N ILE I 79 -32.41 -21.28 -37.34
CA ILE I 79 -30.97 -21.39 -37.39
C ILE I 79 -30.41 -20.88 -36.06
N GLN I 80 -31.01 -19.79 -35.57
CA GLN I 80 -30.61 -19.19 -34.30
C GLN I 80 -30.72 -20.23 -33.19
N PHE I 81 -31.88 -20.85 -33.11
CA PHE I 81 -32.17 -21.87 -32.10
C PHE I 81 -31.21 -23.06 -32.17
N ALA I 82 -31.03 -23.60 -33.37
CA ALA I 82 -30.16 -24.75 -33.56
C ALA I 82 -28.72 -24.46 -33.15
N ASP I 83 -28.17 -23.37 -33.68
CA ASP I 83 -26.79 -23.03 -33.38
C ASP I 83 -26.56 -22.76 -31.89
N THR I 84 -27.54 -22.13 -31.23
CA THR I 84 -27.43 -21.85 -29.81
C THR I 84 -27.45 -23.16 -29.02
N ARG I 85 -28.38 -24.07 -29.31
CA ARG I 85 -28.42 -25.35 -28.61
C ARG I 85 -27.16 -26.19 -28.80
N GLY I 86 -26.68 -26.25 -30.03
CA GLY I 86 -25.52 -27.06 -30.30
C GLY I 86 -24.33 -26.56 -29.54
N TYR I 87 -24.25 -25.24 -29.39
CA TYR I 87 -23.16 -24.62 -28.70
C TYR I 87 -23.29 -24.79 -27.18
N ALA I 88 -24.50 -24.64 -26.67
CA ALA I 88 -24.74 -24.77 -25.24
C ALA I 88 -24.58 -26.21 -24.75
N TYR I 89 -24.85 -27.17 -25.63
CA TYR I 89 -24.70 -28.59 -25.32
C TYR I 89 -23.71 -29.14 -26.32
N ASP I 90 -24.16 -29.97 -27.24
CA ASP I 90 -23.26 -30.48 -28.26
C ASP I 90 -24.04 -30.53 -29.56
N ARG I 91 -23.33 -30.55 -30.68
CA ARG I 91 -23.93 -30.61 -31.99
C ARG I 91 -24.93 -31.73 -32.08
N ARG I 92 -24.51 -32.93 -31.72
CA ARG I 92 -25.36 -34.10 -31.78
C ARG I 92 -26.59 -34.09 -30.87
N ASP I 93 -26.77 -33.03 -30.09
CA ASP I 93 -27.95 -32.94 -29.24
C ASP I 93 -29.07 -32.19 -29.96
N VAL I 94 -28.76 -31.60 -31.11
CA VAL I 94 -29.75 -30.88 -31.91
C VAL I 94 -30.49 -31.89 -32.78
N THR I 95 -31.82 -31.81 -32.83
CA THR I 95 -32.60 -32.75 -33.63
C THR I 95 -33.76 -32.10 -34.38
N GLY I 96 -34.19 -32.77 -35.44
CA GLY I 96 -35.31 -32.29 -36.23
C GLY I 96 -36.55 -32.17 -35.36
N ARG I 97 -36.75 -33.13 -34.44
CA ARG I 97 -37.91 -33.09 -33.55
C ARG I 97 -37.90 -31.81 -32.70
N GLN I 98 -36.74 -31.41 -32.17
CA GLN I 98 -36.64 -30.19 -31.36
C GLN I 98 -37.05 -28.97 -32.17
N LEU I 99 -36.51 -28.86 -33.39
CA LEU I 99 -36.82 -27.73 -34.26
C LEU I 99 -38.30 -27.66 -34.63
N ALA I 100 -38.88 -28.82 -34.91
CA ALA I 100 -40.28 -28.87 -35.26
C ALA I 100 -41.07 -28.37 -34.07
N ASN I 101 -40.70 -28.89 -32.90
CA ASN I 101 -41.35 -28.53 -31.64
C ASN I 101 -41.30 -27.01 -31.42
N VAL I 102 -40.13 -26.42 -31.66
CA VAL I 102 -39.94 -24.98 -31.50
C VAL I 102 -40.81 -24.20 -32.48
N TYR I 103 -40.84 -24.63 -33.74
CA TYR I 103 -41.65 -23.94 -34.73
C TYR I 103 -43.12 -24.02 -34.32
N ALA I 104 -43.52 -25.21 -33.87
CA ALA I 104 -44.89 -25.43 -33.41
C ALA I 104 -45.25 -24.41 -32.35
N GLN I 105 -44.40 -24.26 -31.35
CA GLN I 105 -44.66 -23.32 -30.27
C GLN I 105 -44.63 -21.87 -30.78
N THR I 106 -43.70 -21.57 -31.70
CA THR I 106 -43.57 -20.22 -32.23
C THR I 106 -44.78 -19.79 -33.05
N LEU I 107 -45.20 -20.61 -34.02
CA LEU I 107 -46.35 -20.27 -34.84
C LEU I 107 -47.60 -20.20 -33.97
N GLY I 108 -47.70 -21.13 -33.00
CA GLY I 108 -48.83 -21.12 -32.10
C GLY I 108 -48.97 -19.76 -31.44
N THR I 109 -47.85 -19.22 -30.97
CA THR I 109 -47.85 -17.91 -30.32
C THR I 109 -48.20 -16.80 -31.30
N ILE I 110 -47.58 -16.80 -32.48
CA ILE I 110 -47.86 -15.77 -33.49
C ILE I 110 -49.36 -15.77 -33.81
N PHE I 111 -49.87 -16.95 -34.15
CA PHE I 111 -51.28 -17.13 -34.49
C PHE I 111 -52.20 -16.56 -33.41
N THR I 112 -51.75 -16.62 -32.17
CA THR I 112 -52.54 -16.16 -31.05
C THR I 112 -52.41 -14.70 -30.66
N GLU I 113 -51.19 -14.24 -30.44
CA GLU I 113 -50.99 -12.88 -29.98
C GLU I 113 -50.51 -11.84 -30.98
N GLN I 114 -50.22 -12.21 -32.21
CA GLN I 114 -49.77 -11.22 -33.19
C GLN I 114 -50.92 -10.61 -33.99
N ALA I 115 -50.69 -9.40 -34.49
CA ALA I 115 -51.70 -8.69 -35.28
C ALA I 115 -52.29 -9.59 -36.37
N LYS I 116 -51.41 -10.13 -37.20
CA LYS I 116 -51.84 -10.98 -38.28
C LYS I 116 -51.15 -12.32 -38.18
N PRO I 117 -51.85 -13.40 -38.52
CA PRO I 117 -51.24 -14.73 -38.46
C PRO I 117 -50.18 -14.80 -39.54
N TYR I 118 -49.27 -15.73 -39.43
CA TYR I 118 -48.24 -15.88 -40.44
C TYR I 118 -48.84 -16.75 -41.55
N GLU I 119 -48.78 -16.26 -42.77
CA GLU I 119 -49.31 -17.00 -43.91
C GLU I 119 -48.19 -17.97 -44.35
N VAL I 120 -47.93 -18.99 -43.54
CA VAL I 120 -46.88 -19.94 -43.86
C VAL I 120 -47.16 -21.36 -43.42
N GLU I 121 -46.44 -22.30 -44.03
CA GLU I 121 -46.54 -23.71 -43.73
C GLU I 121 -45.10 -24.21 -43.81
N LEU I 122 -44.63 -24.87 -42.76
CA LEU I 122 -43.23 -25.32 -42.72
C LEU I 122 -43.02 -26.80 -42.63
N CYS I 123 -41.86 -27.21 -43.12
CA CYS I 123 -41.46 -28.61 -43.06
C CYS I 123 -40.03 -28.70 -42.55
N VAL I 124 -39.84 -29.50 -41.50
CA VAL I 124 -38.51 -29.72 -40.95
C VAL I 124 -38.21 -31.19 -41.24
N ALA I 125 -37.04 -31.46 -41.78
CA ALA I 125 -36.65 -32.85 -42.09
C ALA I 125 -35.29 -33.16 -41.49
N GLU I 126 -35.09 -34.44 -41.18
CA GLU I 126 -33.83 -34.91 -40.58
C GLU I 126 -33.47 -36.29 -41.10
N VAL I 127 -32.19 -36.47 -41.43
CA VAL I 127 -31.71 -37.75 -41.91
C VAL I 127 -30.71 -38.27 -40.88
N ALA I 128 -30.30 -39.51 -41.03
CA ALA I 128 -29.36 -40.12 -40.12
C ALA I 128 -27.99 -39.47 -40.18
N HIS I 129 -27.21 -39.66 -39.13
CA HIS I 129 -25.85 -39.16 -39.08
C HIS I 129 -25.02 -40.10 -39.97
N TYR I 130 -23.86 -39.64 -40.42
CA TYR I 130 -23.02 -40.45 -41.29
C TYR I 130 -22.75 -41.84 -40.71
N GLY I 131 -22.88 -42.86 -41.55
CA GLY I 131 -22.63 -44.22 -41.10
C GLY I 131 -23.69 -44.76 -40.15
N GLU I 132 -24.59 -43.89 -39.71
CA GLU I 132 -25.64 -44.30 -38.80
C GLU I 132 -26.77 -44.88 -39.65
N THR I 133 -27.69 -45.58 -39.02
CA THR I 133 -28.80 -46.17 -39.74
C THR I 133 -30.12 -45.83 -39.06
N LYS I 134 -30.83 -44.87 -39.65
CA LYS I 134 -32.09 -44.41 -39.09
C LYS I 134 -33.01 -43.91 -40.20
N ARG I 135 -34.31 -44.11 -40.01
CA ARG I 135 -35.31 -43.73 -40.98
C ARG I 135 -35.51 -42.21 -40.99
N PRO I 136 -35.51 -41.59 -42.18
CA PRO I 136 -35.69 -40.14 -42.28
C PRO I 136 -36.95 -39.70 -41.55
N GLU I 137 -36.96 -38.46 -41.08
CA GLU I 137 -38.11 -37.92 -40.39
C GLU I 137 -38.57 -36.64 -41.06
N LEU I 138 -39.88 -36.46 -41.19
CA LEU I 138 -40.42 -35.25 -41.80
C LEU I 138 -41.50 -34.70 -40.90
N TYR I 139 -41.44 -33.41 -40.64
CA TYR I 139 -42.44 -32.79 -39.79
C TYR I 139 -43.08 -31.64 -40.53
N ARG I 140 -44.38 -31.47 -40.31
CA ARG I 140 -45.11 -30.39 -40.94
C ARG I 140 -45.73 -29.55 -39.85
N ILE I 141 -45.43 -28.26 -39.87
CA ILE I 141 -45.98 -27.35 -38.89
C ILE I 141 -46.81 -26.34 -39.65
N THR I 142 -48.03 -26.11 -39.18
CA THR I 142 -48.93 -25.19 -39.84
C THR I 142 -49.08 -23.84 -39.14
N TYR I 143 -49.66 -22.88 -39.86
CA TYR I 143 -49.83 -21.55 -39.35
C TYR I 143 -50.39 -21.40 -37.94
N ASP I 144 -51.08 -22.41 -37.44
CA ASP I 144 -51.64 -22.28 -36.10
C ASP I 144 -50.82 -23.03 -35.03
N GLY I 145 -49.71 -23.61 -35.44
CA GLY I 145 -48.89 -24.34 -34.49
C GLY I 145 -49.13 -25.83 -34.41
N SER I 146 -49.94 -26.35 -35.32
CA SER I 146 -50.22 -27.77 -35.33
C SER I 146 -49.00 -28.46 -35.92
N ILE I 147 -48.74 -29.66 -35.45
CA ILE I 147 -47.56 -30.37 -35.92
C ILE I 147 -47.94 -31.81 -36.20
N ALA I 148 -47.22 -32.43 -37.12
CA ALA I 148 -47.50 -33.81 -37.48
C ALA I 148 -46.31 -34.32 -38.27
N ASP I 149 -45.96 -35.58 -38.05
CA ASP I 149 -44.83 -36.16 -38.79
C ASP I 149 -45.32 -37.14 -39.85
N GLU I 150 -44.93 -36.88 -41.09
CA GLU I 150 -45.30 -37.74 -42.21
C GLU I 150 -44.22 -38.79 -42.37
N PRO I 151 -44.60 -40.03 -42.72
CA PRO I 151 -43.64 -41.11 -42.89
C PRO I 151 -42.91 -41.10 -44.22
N HIS I 152 -43.56 -40.58 -45.27
CA HIS I 152 -42.94 -40.60 -46.59
C HIS I 152 -42.73 -39.28 -47.31
N PHE I 153 -43.72 -38.41 -47.26
CA PHE I 153 -43.60 -37.12 -47.95
C PHE I 153 -44.50 -36.04 -47.35
N VAL I 154 -44.18 -34.80 -47.68
CA VAL I 154 -44.95 -33.66 -47.21
C VAL I 154 -45.15 -32.70 -48.39
N VAL I 155 -46.33 -32.11 -48.45
CA VAL I 155 -46.67 -31.16 -49.50
C VAL I 155 -47.26 -29.89 -48.87
N MET I 156 -46.77 -28.74 -49.31
CA MET I 156 -47.24 -27.47 -48.77
C MET I 156 -47.38 -26.40 -49.85
N GLY I 157 -48.29 -25.46 -49.63
CA GLY I 157 -48.49 -24.36 -50.56
C GLY I 157 -49.45 -24.59 -51.71
N GLY I 158 -50.29 -23.59 -51.98
CA GLY I 158 -51.25 -23.69 -53.05
C GLY I 158 -52.27 -24.79 -52.87
N THR I 159 -52.61 -25.45 -53.97
CA THR I 159 -53.57 -26.55 -53.96
C THR I 159 -52.79 -27.84 -53.75
N THR I 160 -52.87 -28.37 -52.52
CA THR I 160 -52.13 -29.56 -52.15
C THR I 160 -52.73 -30.88 -52.56
N GLU I 161 -54.03 -31.06 -52.32
CA GLU I 161 -54.70 -32.32 -52.65
C GLU I 161 -54.28 -32.94 -53.99
N PRO I 162 -54.35 -32.16 -55.08
CA PRO I 162 -53.95 -32.70 -56.39
C PRO I 162 -52.55 -33.31 -56.33
N ILE I 163 -51.62 -32.54 -55.78
CA ILE I 163 -50.21 -32.94 -55.65
C ILE I 163 -50.03 -34.08 -54.67
N ALA I 164 -50.79 -34.04 -53.59
CA ALA I 164 -50.74 -35.07 -52.56
C ALA I 164 -51.15 -36.41 -53.16
N ASN I 165 -52.34 -36.45 -53.76
CA ASN I 165 -52.86 -37.67 -54.37
C ASN I 165 -51.90 -38.19 -55.44
N ALA I 166 -51.44 -37.30 -56.31
CA ALA I 166 -50.52 -37.68 -57.38
C ALA I 166 -49.27 -38.35 -56.83
N LEU I 167 -48.82 -37.87 -55.68
CA LEU I 167 -47.63 -38.40 -55.03
C LEU I 167 -48.03 -39.67 -54.27
N LYS I 168 -49.19 -39.62 -53.64
CA LYS I 168 -49.73 -40.73 -52.86
C LYS I 168 -49.70 -42.03 -53.65
N GLU I 169 -49.70 -41.91 -54.98
CA GLU I 169 -49.65 -43.07 -55.86
C GLU I 169 -48.25 -43.29 -56.38
N SER I 170 -47.64 -42.21 -56.79
CA SER I 170 -46.32 -42.22 -57.41
C SER I 170 -45.24 -42.72 -56.49
N TYR I 171 -45.31 -42.35 -55.23
CA TYR I 171 -44.23 -42.60 -54.28
C TYR I 171 -43.96 -44.03 -53.84
N ALA I 172 -42.67 -44.33 -53.83
CA ALA I 172 -42.13 -45.58 -53.35
C ALA I 172 -41.04 -45.28 -52.35
N GLU I 173 -41.09 -45.97 -51.21
CA GLU I 173 -40.08 -45.82 -50.21
C GLU I 173 -38.77 -46.30 -50.79
N ASN I 174 -37.67 -45.63 -50.49
CA ASN I 174 -36.36 -46.08 -50.95
C ASN I 174 -36.00 -45.94 -52.42
N ALA I 175 -36.65 -45.01 -53.10
CA ALA I 175 -36.40 -44.77 -54.52
C ALA I 175 -35.10 -44.04 -54.77
N SER I 176 -34.62 -44.06 -55.99
CA SER I 176 -33.35 -43.45 -56.31
C SER I 176 -33.40 -41.94 -56.36
N LEU I 177 -32.25 -41.29 -56.40
CA LEU I 177 -32.28 -39.85 -56.46
C LEU I 177 -32.92 -39.33 -57.75
N THR I 178 -32.50 -39.86 -58.90
CA THR I 178 -33.04 -39.42 -60.17
C THR I 178 -34.50 -39.74 -60.27
N ASP I 179 -34.81 -40.94 -59.84
CA ASP I 179 -36.17 -41.38 -59.92
C ASP I 179 -37.04 -40.50 -59.07
N ALA I 180 -36.53 -40.19 -57.89
CA ALA I 180 -37.25 -39.36 -56.95
C ALA I 180 -37.46 -37.97 -57.50
N LEU I 181 -36.43 -37.41 -58.10
CA LEU I 181 -36.56 -36.07 -58.64
C LEU I 181 -37.61 -36.05 -59.72
N ARG I 182 -37.56 -37.03 -60.61
CA ARG I 182 -38.49 -37.11 -61.71
C ARG I 182 -39.93 -37.25 -61.23
N ILE I 183 -40.12 -38.14 -60.27
CA ILE I 183 -41.45 -38.33 -59.73
C ILE I 183 -41.89 -37.03 -59.13
N ALA I 184 -40.94 -36.33 -58.52
CA ALA I 184 -41.26 -35.11 -57.85
C ALA I 184 -41.82 -33.98 -58.68
N VAL I 185 -41.24 -33.68 -59.83
CA VAL I 185 -41.81 -32.59 -60.62
C VAL I 185 -43.20 -32.94 -61.05
N ALA I 186 -43.39 -34.21 -61.39
CA ALA I 186 -44.68 -34.65 -61.84
C ALA I 186 -45.73 -34.46 -60.80
N ALA I 187 -45.46 -34.84 -59.57
CA ALA I 187 -46.49 -34.65 -58.59
C ALA I 187 -46.73 -33.16 -58.53
N LEU I 188 -45.65 -32.42 -58.58
CA LEU I 188 -45.73 -30.99 -58.51
C LEU I 188 -46.45 -30.43 -59.72
N ARG I 189 -46.02 -30.91 -60.89
CA ARG I 189 -46.55 -30.51 -62.17
C ARG I 189 -47.98 -30.90 -62.29
N ALA I 190 -48.36 -31.96 -61.62
CA ALA I 190 -49.72 -32.41 -61.74
C ALA I 190 -50.61 -31.51 -60.94
N GLY I 191 -50.68 -30.28 -61.39
CA GLY I 191 -51.52 -29.28 -60.76
C GLY I 191 -50.79 -27.98 -60.46
N GLY I 204 -38.85 -27.67 -65.06
CA GLY I 204 -37.69 -27.06 -65.67
C GLY I 204 -36.67 -26.51 -64.66
N VAL I 205 -35.41 -26.47 -65.05
CA VAL I 205 -34.34 -25.98 -64.18
C VAL I 205 -34.53 -24.54 -63.69
N ALA I 206 -34.88 -23.63 -64.59
CA ALA I 206 -35.04 -22.21 -64.24
C ALA I 206 -36.35 -21.91 -63.50
N SER I 207 -37.08 -22.97 -63.17
CA SER I 207 -38.35 -22.84 -62.46
C SER I 207 -38.35 -23.72 -61.20
N LEU I 208 -37.21 -24.33 -60.91
CA LEU I 208 -37.11 -25.21 -59.74
C LEU I 208 -35.95 -24.92 -58.79
N GLU I 209 -36.21 -25.16 -57.50
CA GLU I 209 -35.23 -25.01 -56.43
C GLU I 209 -35.16 -26.42 -55.86
N VAL I 210 -34.02 -27.08 -56.04
CA VAL I 210 -33.86 -28.43 -55.55
C VAL I 210 -32.67 -28.62 -54.61
N ALA I 211 -32.86 -29.44 -53.59
CA ALA I 211 -31.80 -29.72 -52.62
C ALA I 211 -32.12 -30.99 -51.83
N VAL I 212 -31.08 -31.60 -51.28
CA VAL I 212 -31.28 -32.80 -50.50
C VAL I 212 -30.48 -32.81 -49.20
N LEU I 213 -30.93 -33.62 -48.27
CA LEU I 213 -30.18 -33.85 -47.07
C LEU I 213 -29.59 -35.15 -47.46
N ASP I 214 -28.30 -35.21 -47.65
CA ASP I 214 -27.70 -36.44 -48.09
C ASP I 214 -27.10 -37.19 -46.91
N ALA I 215 -27.70 -38.32 -46.56
CA ALA I 215 -27.27 -39.10 -45.43
C ALA I 215 -25.86 -39.57 -45.61
N ASN I 216 -25.39 -39.58 -46.84
CA ASN I 216 -24.04 -40.00 -47.08
C ASN I 216 -22.96 -39.00 -46.81
N ARG I 217 -23.32 -37.75 -46.55
CA ARG I 217 -22.33 -36.72 -46.26
C ARG I 217 -21.91 -36.89 -44.78
N PRO I 218 -20.62 -36.78 -44.50
CA PRO I 218 -20.13 -36.96 -43.13
C PRO I 218 -20.75 -35.99 -42.14
N ARG I 219 -20.91 -34.75 -42.57
CA ARG I 219 -21.51 -33.70 -41.76
C ARG I 219 -22.04 -32.73 -42.79
N ARG I 220 -22.93 -31.82 -42.40
CA ARG I 220 -23.46 -30.88 -43.38
C ARG I 220 -24.10 -31.60 -44.55
N ALA I 221 -25.15 -32.36 -44.24
CA ALA I 221 -25.87 -33.15 -45.22
C ALA I 221 -26.55 -32.33 -46.32
N PHE I 222 -27.10 -31.18 -45.95
CA PHE I 222 -27.77 -30.33 -46.92
C PHE I 222 -26.84 -29.90 -48.05
N ARG I 223 -27.38 -29.98 -49.25
CA ARG I 223 -26.66 -29.62 -50.48
C ARG I 223 -27.68 -29.34 -51.59
N ARG I 224 -27.43 -28.26 -52.34
CA ARG I 224 -28.32 -27.88 -53.43
C ARG I 224 -27.93 -28.53 -54.74
N ILE I 225 -28.95 -28.93 -55.50
CA ILE I 225 -28.73 -29.53 -56.80
C ILE I 225 -29.17 -28.46 -57.79
N THR I 226 -28.20 -27.82 -58.41
CA THR I 226 -28.48 -26.73 -59.32
C THR I 226 -27.75 -26.79 -60.66
N GLY I 227 -28.26 -26.03 -61.62
CA GLY I 227 -27.66 -25.95 -62.94
C GLY I 227 -27.63 -27.22 -63.75
N SER I 228 -26.56 -27.39 -64.51
CA SER I 228 -26.37 -28.56 -65.36
C SER I 228 -26.59 -29.85 -64.58
N ALA I 229 -26.08 -29.89 -63.36
CA ALA I 229 -26.22 -31.05 -62.48
C ALA I 229 -27.70 -31.41 -62.31
N LEU I 230 -28.51 -30.40 -62.03
CA LEU I 230 -29.93 -30.60 -61.86
C LEU I 230 -30.52 -31.05 -63.18
N GLN I 231 -30.08 -30.38 -64.26
CA GLN I 231 -30.54 -30.69 -65.62
C GLN I 231 -30.32 -32.16 -65.92
N ALA I 232 -29.13 -32.65 -65.55
CA ALA I 232 -28.75 -34.04 -65.76
C ALA I 232 -29.75 -35.04 -65.18
N LEU I 233 -30.37 -34.69 -64.05
CA LEU I 233 -31.34 -35.59 -63.42
C LEU I 233 -32.73 -35.40 -64.01
N LEU I 234 -32.83 -34.57 -65.03
CA LEU I 234 -34.10 -34.30 -65.71
C LEU I 234 -34.04 -34.72 -67.18
N THR J 1 3.57 -24.09 -25.54
CA THR J 1 2.84 -24.24 -26.77
C THR J 1 3.46 -23.56 -27.97
N THR J 2 3.37 -24.24 -29.11
CA THR J 2 3.83 -23.64 -30.33
C THR J 2 2.93 -24.10 -31.46
N ILE J 3 2.42 -23.11 -32.21
CA ILE J 3 1.57 -23.39 -33.33
C ILE J 3 2.23 -22.66 -34.49
N VAL J 4 2.42 -23.37 -35.60
CA VAL J 4 3.02 -22.75 -36.77
C VAL J 4 2.09 -22.79 -37.98
N ALA J 5 2.34 -21.88 -38.93
CA ALA J 5 1.58 -21.82 -40.19
C ALA J 5 2.48 -21.27 -41.26
N LEU J 6 2.47 -21.90 -42.41
CA LEU J 6 3.30 -21.44 -43.49
C LEU J 6 2.61 -21.61 -44.80
N LYS J 7 2.98 -20.77 -45.74
CA LYS J 7 2.44 -20.82 -47.09
C LYS J 7 3.33 -21.62 -47.98
N TYR J 8 2.72 -22.47 -48.78
CA TYR J 8 3.38 -23.23 -49.83
C TYR J 8 2.57 -23.00 -51.08
N PRO J 9 3.13 -23.27 -52.25
CA PRO J 9 2.38 -23.05 -53.49
C PRO J 9 1.12 -23.89 -53.59
N GLY J 10 -0.01 -23.22 -53.68
CA GLY J 10 -1.30 -23.86 -53.69
C GLY J 10 -2.01 -24.08 -52.36
N GLY J 11 -1.46 -23.61 -51.27
CA GLY J 11 -2.13 -23.76 -50.00
C GLY J 11 -1.35 -23.33 -48.79
N VAL J 12 -1.90 -23.70 -47.66
CA VAL J 12 -1.27 -23.41 -46.39
C VAL J 12 -1.29 -24.65 -45.52
N VAL J 13 -0.35 -24.71 -44.58
CA VAL J 13 -0.30 -25.79 -43.62
C VAL J 13 -0.17 -25.16 -42.22
N MET J 14 -0.89 -25.72 -41.26
CA MET J 14 -0.83 -25.25 -39.88
C MET J 14 -0.61 -26.46 -39.00
N ALA J 15 0.34 -26.36 -38.09
CA ALA J 15 0.60 -27.49 -37.21
C ALA J 15 0.89 -27.02 -35.79
N GLY J 16 0.46 -27.84 -34.83
CA GLY J 16 0.68 -27.52 -33.44
C GLY J 16 1.18 -28.67 -32.59
N ASP J 17 1.77 -28.36 -31.43
CA ASP J 17 2.30 -29.37 -30.54
C ASP J 17 1.16 -29.94 -29.69
N ARG J 18 1.48 -30.84 -28.76
CA ARG J 18 0.45 -31.51 -27.98
C ARG J 18 0.52 -31.33 -26.46
N ARG J 19 1.44 -30.48 -26.02
CA ARG J 19 1.64 -30.28 -24.60
C ARG J 19 0.72 -29.31 -23.88
N SER J 20 0.53 -29.60 -22.60
CA SER J 20 -0.28 -28.79 -21.72
C SER J 20 0.50 -28.68 -20.41
N THR J 21 0.57 -27.50 -19.83
CA THR J 21 1.30 -27.30 -18.60
C THR J 21 0.54 -26.54 -17.56
N GLN J 22 0.92 -26.79 -16.32
CA GLN J 22 0.40 -26.17 -15.11
C GLN J 22 1.72 -25.85 -14.39
N GLY J 23 2.23 -24.65 -14.61
CA GLY J 23 3.52 -24.28 -14.11
C GLY J 23 4.57 -25.13 -14.79
N ASN J 24 5.38 -25.79 -13.99
CA ASN J 24 6.37 -26.69 -14.51
C ASN J 24 5.86 -28.09 -14.76
N MET J 25 4.70 -28.42 -14.27
CA MET J 25 4.15 -29.75 -14.48
C MET J 25 3.49 -29.96 -15.83
N ILE J 26 3.75 -31.13 -16.41
CA ILE J 26 3.16 -31.48 -17.67
C ILE J 26 1.75 -31.98 -17.35
N SER J 27 0.72 -31.29 -17.81
CA SER J 27 -0.62 -31.71 -17.49
C SER J 27 -1.37 -32.35 -18.65
N GLY J 28 -0.80 -32.28 -19.85
CA GLY J 28 -1.44 -32.88 -21.00
C GLY J 28 -0.38 -33.30 -22.01
N ARG J 29 -0.63 -34.40 -22.71
CA ARG J 29 0.31 -34.90 -23.69
C ARG J 29 -0.29 -35.14 -25.04
N ASP J 30 -1.59 -34.99 -25.16
CA ASP J 30 -2.23 -35.20 -26.45
C ASP J 30 -3.24 -34.11 -26.80
N VAL J 31 -3.02 -32.89 -26.34
CA VAL J 31 -3.96 -31.82 -26.64
C VAL J 31 -3.92 -31.50 -28.13
N ARG J 32 -5.10 -31.29 -28.73
CA ARG J 32 -5.21 -30.96 -30.16
C ARG J 32 -5.44 -29.46 -30.23
N LYS J 33 -4.48 -28.73 -30.78
CA LYS J 33 -4.60 -27.28 -30.81
C LYS J 33 -4.97 -26.63 -32.13
N VAL J 34 -5.00 -27.41 -33.21
CA VAL J 34 -5.34 -26.89 -34.53
C VAL J 34 -6.70 -27.43 -34.97
N TYR J 35 -7.64 -26.53 -35.21
CA TYR J 35 -8.98 -26.90 -35.62
C TYR J 35 -9.33 -26.50 -37.04
N ILE J 36 -10.15 -27.31 -37.69
CA ILE J 36 -10.61 -26.95 -39.02
C ILE J 36 -11.87 -26.13 -38.69
N THR J 37 -11.80 -24.84 -38.95
CA THR J 37 -12.91 -23.95 -38.65
C THR J 37 -14.05 -24.03 -39.64
N ASP J 38 -13.74 -24.06 -40.93
CA ASP J 38 -14.74 -24.24 -41.98
C ASP J 38 -13.99 -24.94 -43.11
N ASP J 39 -14.63 -25.15 -44.27
CA ASP J 39 -13.96 -25.84 -45.36
C ASP J 39 -12.63 -25.25 -45.83
N TYR J 40 -12.39 -23.97 -45.59
CA TYR J 40 -11.15 -23.36 -46.09
C TYR J 40 -10.36 -22.61 -45.03
N THR J 41 -10.66 -22.91 -43.77
CA THR J 41 -10.01 -22.20 -42.69
C THR J 41 -9.62 -23.07 -41.53
N ALA J 42 -8.47 -22.77 -40.93
CA ALA J 42 -8.03 -23.51 -39.76
C ALA J 42 -7.56 -22.51 -38.71
N THR J 43 -7.83 -22.84 -37.45
CA THR J 43 -7.42 -21.97 -36.35
C THR J 43 -6.56 -22.72 -35.36
N GLY J 44 -5.51 -22.07 -34.89
CA GLY J 44 -4.64 -22.65 -33.89
C GLY J 44 -4.59 -21.67 -32.73
N ILE J 45 -4.89 -22.10 -31.51
CA ILE J 45 -4.86 -21.15 -30.41
C ILE J 45 -3.93 -21.50 -29.27
N ALA J 46 -3.19 -20.49 -28.80
CA ALA J 46 -2.23 -20.62 -27.72
C ALA J 46 -2.70 -19.89 -26.46
N GLY J 47 -2.08 -20.19 -25.33
CA GLY J 47 -2.47 -19.56 -24.08
C GLY J 47 -3.31 -20.44 -23.16
N THR J 48 -4.22 -19.82 -22.43
CA THR J 48 -5.07 -20.52 -21.50
C THR J 48 -6.02 -21.49 -22.21
N ALA J 49 -5.74 -22.77 -22.05
CA ALA J 49 -6.51 -23.83 -22.66
C ALA J 49 -8.02 -23.65 -22.66
N ALA J 50 -8.60 -23.37 -21.50
CA ALA J 50 -10.04 -23.22 -21.42
C ALA J 50 -10.54 -22.18 -22.43
N VAL J 51 -9.86 -21.04 -22.47
CA VAL J 51 -10.26 -19.97 -23.36
C VAL J 51 -9.96 -20.31 -24.82
N ALA J 52 -8.80 -20.90 -25.08
CA ALA J 52 -8.43 -21.29 -26.42
C ALA J 52 -9.49 -22.22 -27.08
N VAL J 53 -9.96 -23.20 -26.32
CA VAL J 53 -10.94 -24.14 -26.82
C VAL J 53 -12.29 -23.44 -27.06
N GLU J 54 -12.70 -22.62 -26.11
CA GLU J 54 -13.95 -21.91 -26.26
C GLU J 54 -13.90 -21.07 -27.57
N PHE J 55 -12.81 -20.35 -27.77
CA PHE J 55 -12.64 -19.52 -28.96
C PHE J 55 -12.84 -20.30 -30.26
N ALA J 56 -12.06 -21.36 -30.44
CA ALA J 56 -12.16 -22.17 -31.65
C ALA J 56 -13.58 -22.68 -31.87
N ARG J 57 -14.23 -23.12 -30.80
CA ARG J 57 -15.56 -23.65 -30.90
C ARG J 57 -16.55 -22.56 -31.29
N LEU J 58 -16.54 -21.47 -30.54
CA LEU J 58 -17.43 -20.36 -30.80
C LEU J 58 -17.23 -19.78 -32.20
N TYR J 59 -15.98 -19.60 -32.58
CA TYR J 59 -15.62 -19.06 -33.89
C TYR J 59 -16.17 -19.93 -35.06
N ALA J 60 -16.02 -21.23 -34.98
CA ALA J 60 -16.53 -22.08 -36.06
C ALA J 60 -18.06 -21.97 -36.14
N VAL J 61 -18.72 -21.93 -34.99
CA VAL J 61 -20.15 -21.81 -34.97
C VAL J 61 -20.57 -20.49 -35.59
N GLU J 62 -19.84 -19.43 -35.30
CA GLU J 62 -20.16 -18.13 -35.83
C GLU J 62 -20.07 -18.10 -37.35
N LEU J 63 -19.00 -18.64 -37.88
CA LEU J 63 -18.78 -18.69 -39.30
C LEU J 63 -19.89 -19.48 -40.02
N GLU J 64 -20.24 -20.62 -39.49
CA GLU J 64 -21.26 -21.41 -40.08
C GLU J 64 -22.61 -20.79 -39.90
N HIS J 65 -22.78 -20.07 -38.82
CA HIS J 65 -24.05 -19.42 -38.53
C HIS J 65 -24.36 -18.39 -39.62
N TYR J 66 -23.33 -17.65 -40.02
CA TYR J 66 -23.47 -16.64 -41.04
C TYR J 66 -23.85 -17.30 -42.38
N GLU J 67 -23.11 -18.35 -42.72
CA GLU J 67 -23.32 -19.07 -43.95
C GLU J 67 -24.76 -19.56 -44.11
N LYS J 68 -25.29 -20.19 -43.08
CA LYS J 68 -26.64 -20.72 -43.15
C LYS J 68 -27.66 -19.59 -43.24
N LEU J 69 -27.42 -18.53 -42.49
CA LEU J 69 -28.31 -17.40 -42.47
C LEU J 69 -28.34 -16.63 -43.79
N GLU J 70 -27.16 -16.38 -44.35
CA GLU J 70 -27.06 -15.59 -45.56
C GLU J 70 -26.89 -16.36 -46.85
N GLY J 71 -26.83 -17.68 -46.75
CA GLY J 71 -26.68 -18.48 -47.95
C GLY J 71 -25.30 -18.52 -48.56
N VAL J 72 -24.37 -17.71 -48.05
CA VAL J 72 -23.02 -17.67 -48.60
C VAL J 72 -21.96 -17.52 -47.48
N PRO J 73 -20.74 -18.02 -47.70
CA PRO J 73 -19.73 -17.88 -46.65
C PRO J 73 -19.30 -16.44 -46.51
N LEU J 74 -18.75 -16.11 -45.35
CA LEU J 74 -18.22 -14.81 -45.04
C LEU J 74 -16.94 -14.65 -45.92
N THR J 75 -16.61 -13.43 -46.33
CA THR J 75 -15.41 -13.21 -47.11
C THR J 75 -14.25 -13.47 -46.17
N PHE J 76 -13.05 -13.63 -46.69
CA PHE J 76 -11.96 -13.91 -45.78
C PHE J 76 -11.75 -12.75 -44.82
N ALA J 77 -11.88 -11.53 -45.32
CA ALA J 77 -11.72 -10.35 -44.48
C ALA J 77 -12.74 -10.35 -43.35
N GLY J 78 -13.97 -10.75 -43.66
CA GLY J 78 -15.00 -10.82 -42.64
C GLY J 78 -14.64 -11.82 -41.55
N LYS J 79 -14.07 -12.96 -41.96
CA LYS J 79 -13.68 -13.98 -41.01
C LYS J 79 -12.63 -13.41 -40.04
N ILE J 80 -11.65 -12.70 -40.60
CA ILE J 80 -10.60 -12.09 -39.82
C ILE J 80 -11.19 -11.13 -38.81
N ASN J 81 -12.10 -10.27 -39.27
CA ASN J 81 -12.69 -9.28 -38.41
C ASN J 81 -13.46 -9.88 -37.24
N ARG J 82 -14.22 -10.91 -37.51
CA ARG J 82 -14.94 -11.59 -36.49
C ARG J 82 -14.04 -12.28 -35.47
N LEU J 83 -12.88 -12.79 -35.86
CA LEU J 83 -11.95 -13.38 -34.92
C LEU J 83 -11.33 -12.25 -34.08
N ALA J 84 -10.95 -11.15 -34.73
CA ALA J 84 -10.34 -10.03 -34.03
C ALA J 84 -11.28 -9.46 -32.98
N ILE J 85 -12.56 -9.42 -33.30
CA ILE J 85 -13.54 -8.89 -32.37
C ILE J 85 -13.60 -9.78 -31.13
N MET J 86 -13.53 -11.10 -31.35
CA MET J 86 -13.58 -12.07 -30.28
C MET J 86 -12.38 -11.89 -29.33
N VAL J 87 -11.19 -11.70 -29.92
CA VAL J 87 -9.99 -11.51 -29.12
C VAL J 87 -10.08 -10.22 -28.31
N ARG J 88 -10.49 -9.13 -28.96
CA ARG J 88 -10.60 -7.85 -28.27
C ARG J 88 -11.56 -8.00 -27.09
N GLY J 89 -12.68 -8.68 -27.32
CA GLY J 89 -13.64 -8.87 -26.26
C GLY J 89 -13.10 -9.60 -25.02
N ASN J 90 -12.00 -10.33 -25.18
CA ASN J 90 -11.44 -11.07 -24.06
C ASN J 90 -10.30 -10.30 -23.36
N LEU J 91 -10.02 -9.09 -23.82
CA LEU J 91 -8.92 -8.29 -23.25
C LEU J 91 -8.92 -8.15 -21.71
N ALA J 92 -10.04 -7.83 -21.09
CA ALA J 92 -10.08 -7.73 -19.64
C ALA J 92 -9.79 -9.04 -18.91
N ALA J 93 -10.36 -10.14 -19.38
CA ALA J 93 -10.12 -11.45 -18.81
C ALA J 93 -8.69 -11.85 -19.02
N ALA J 94 -8.14 -11.52 -20.15
CA ALA J 94 -6.76 -11.81 -20.50
C ALA J 94 -5.79 -11.10 -19.58
N MET J 95 -6.13 -9.89 -19.22
CA MET J 95 -5.35 -9.06 -18.34
C MET J 95 -5.31 -9.72 -16.98
N GLN J 96 -6.26 -10.60 -16.76
CA GLN J 96 -6.38 -11.34 -15.53
C GLN J 96 -5.91 -12.78 -15.57
N GLY J 97 -5.14 -13.16 -16.57
CA GLY J 97 -4.67 -14.53 -16.69
C GLY J 97 -5.45 -15.47 -17.56
N LEU J 98 -6.40 -14.96 -18.31
CA LEU J 98 -7.19 -15.76 -19.21
C LEU J 98 -6.88 -15.44 -20.68
N LEU J 99 -5.64 -15.13 -20.99
CA LEU J 99 -5.21 -14.82 -22.32
C LEU J 99 -5.16 -15.96 -23.29
N ALA J 100 -5.74 -15.77 -24.46
CA ALA J 100 -5.72 -16.73 -25.53
C ALA J 100 -5.34 -16.05 -26.84
N LEU J 101 -4.34 -16.52 -27.54
CA LEU J 101 -3.99 -15.91 -28.83
C LEU J 101 -4.15 -16.84 -30.04
N PRO J 102 -5.00 -16.46 -30.98
CA PRO J 102 -5.16 -17.38 -32.11
C PRO J 102 -4.24 -17.05 -33.29
N LEU J 103 -4.08 -18.04 -34.15
CA LEU J 103 -3.30 -17.92 -35.39
C LEU J 103 -4.29 -18.48 -36.43
N LEU J 104 -4.54 -17.72 -37.49
CA LEU J 104 -5.50 -18.13 -38.51
C LEU J 104 -4.83 -18.45 -39.84
N ALA J 105 -5.24 -19.54 -40.46
CA ALA J 105 -4.69 -19.96 -41.74
C ALA J 105 -5.85 -20.31 -42.64
N GLY J 106 -5.77 -19.91 -43.91
CA GLY J 106 -6.86 -20.21 -44.82
C GLY J 106 -6.47 -20.15 -46.28
N TYR J 107 -7.43 -20.55 -47.11
CA TYR J 107 -7.26 -20.53 -48.56
C TYR J 107 -8.43 -19.66 -49.01
N ASP J 108 -8.14 -18.56 -49.68
CA ASP J 108 -9.19 -17.67 -50.14
C ASP J 108 -9.69 -18.11 -51.54
N ILE J 109 -10.82 -18.80 -51.59
CA ILE J 109 -11.35 -19.26 -52.87
C ILE J 109 -11.68 -18.07 -53.76
N HIS J 110 -11.84 -16.88 -53.16
CA HIS J 110 -12.14 -15.71 -53.96
C HIS J 110 -10.92 -14.88 -54.32
N ALA J 111 -9.73 -15.35 -53.99
CA ALA J 111 -8.53 -14.60 -54.33
C ALA J 111 -8.34 -14.61 -55.85
N SER J 112 -7.56 -13.64 -56.35
CA SER J 112 -7.29 -13.55 -57.79
C SER J 112 -6.40 -14.70 -58.25
N ASP J 113 -5.21 -14.79 -57.66
CA ASP J 113 -4.26 -15.83 -57.99
C ASP J 113 -4.21 -17.00 -57.04
N PRO J 114 -4.80 -18.10 -57.45
CA PRO J 114 -4.83 -19.32 -56.67
C PRO J 114 -3.48 -19.89 -56.21
N GLN J 115 -2.34 -19.48 -56.74
CA GLN J 115 -1.11 -20.06 -56.23
C GLN J 115 -0.81 -19.46 -54.88
N SER J 116 -1.36 -18.29 -54.64
CA SER J 116 -1.12 -17.60 -53.39
C SER J 116 -2.42 -17.27 -52.69
N ALA J 117 -3.46 -18.04 -52.92
CA ALA J 117 -4.71 -17.81 -52.26
C ALA J 117 -4.54 -18.16 -50.80
N GLY J 118 -3.37 -18.62 -50.45
CA GLY J 118 -3.11 -19.00 -49.08
C GLY J 118 -3.06 -17.77 -48.18
N ARG J 119 -3.59 -17.89 -46.98
CA ARG J 119 -3.59 -16.77 -46.05
C ARG J 119 -3.14 -17.16 -44.66
N ILE J 120 -2.35 -16.28 -44.05
CA ILE J 120 -1.89 -16.50 -42.70
C ILE J 120 -2.08 -15.20 -41.93
N VAL J 121 -2.89 -15.24 -40.87
CA VAL J 121 -3.16 -14.04 -40.07
C VAL J 121 -2.80 -14.21 -38.59
N SER J 122 -2.02 -13.28 -38.06
CA SER J 122 -1.69 -13.31 -36.67
C SER J 122 -2.45 -12.27 -35.89
N PHE J 123 -2.58 -12.48 -34.60
CA PHE J 123 -3.32 -11.55 -33.75
C PHE J 123 -2.58 -11.24 -32.44
N ASP J 124 -2.74 -10.01 -31.95
CA ASP J 124 -2.13 -9.67 -30.67
C ASP J 124 -3.25 -9.65 -29.62
N ALA J 125 -2.88 -9.52 -28.35
CA ALA J 125 -3.85 -9.55 -27.27
C ALA J 125 -4.97 -8.53 -27.33
N ALA J 126 -4.75 -7.42 -28.04
CA ALA J 126 -5.79 -6.41 -28.16
C ALA J 126 -6.71 -6.64 -29.37
N GLY J 127 -6.45 -7.70 -30.12
CA GLY J 127 -7.27 -8.00 -31.27
C GLY J 127 -6.66 -7.46 -32.55
N GLY J 128 -5.49 -6.84 -32.46
CA GLY J 128 -4.85 -6.33 -33.64
C GLY J 128 -4.45 -7.49 -34.54
N TRP J 129 -4.83 -7.44 -35.80
CA TRP J 129 -4.49 -8.51 -36.71
C TRP J 129 -3.51 -8.05 -37.77
N ASN J 130 -2.75 -8.97 -38.34
CA ASN J 130 -1.84 -8.72 -39.47
C ASN J 130 -1.84 -9.91 -40.39
N ILE J 131 -2.06 -9.65 -41.67
CA ILE J 131 -2.00 -10.66 -42.71
C ILE J 131 -0.51 -10.80 -43.02
N GLU J 132 0.05 -11.97 -42.70
CA GLU J 132 1.46 -12.21 -42.90
C GLU J 132 1.82 -12.24 -44.37
N GLU J 133 2.84 -11.47 -44.72
CA GLU J 133 3.30 -11.42 -46.11
C GLU J 133 4.62 -12.15 -46.34
N GLU J 134 5.31 -12.53 -45.27
CA GLU J 134 6.57 -13.23 -45.45
C GLU J 134 6.53 -14.77 -45.53
N GLY J 135 5.33 -15.35 -45.61
CA GLY J 135 5.26 -16.81 -45.76
C GLY J 135 5.00 -17.70 -44.57
N TYR J 136 5.32 -17.26 -43.36
CA TYR J 136 5.09 -18.07 -42.18
C TYR J 136 4.86 -17.21 -40.96
N GLN J 137 4.36 -17.82 -39.90
CA GLN J 137 4.11 -17.14 -38.65
C GLN J 137 3.96 -18.23 -37.58
N ALA J 138 4.04 -17.83 -36.32
CA ALA J 138 3.89 -18.77 -35.20
C ALA J 138 3.37 -18.05 -33.99
N VAL J 139 2.74 -18.78 -33.10
CA VAL J 139 2.22 -18.22 -31.88
C VAL J 139 2.47 -19.22 -30.72
N GLY J 140 2.65 -18.67 -29.53
CA GLY J 140 2.88 -19.43 -28.33
C GLY J 140 4.23 -19.24 -27.68
N SER J 141 4.42 -19.87 -26.55
CA SER J 141 5.67 -19.75 -25.83
C SER J 141 6.91 -20.19 -26.59
N GLY J 142 6.73 -20.95 -27.68
CA GLY J 142 7.90 -21.36 -28.45
C GLY J 142 7.97 -20.68 -29.81
N SER J 143 7.06 -19.75 -30.06
CA SER J 143 6.97 -19.08 -31.33
C SER J 143 8.25 -18.41 -31.80
N LEU J 144 9.02 -17.80 -30.93
CA LEU J 144 10.25 -17.19 -31.40
C LEU J 144 11.19 -18.24 -31.97
N PHE J 145 11.31 -19.39 -31.30
CA PHE J 145 12.24 -20.41 -31.76
C PHE J 145 11.78 -21.00 -33.09
N ALA J 146 10.46 -21.19 -33.19
CA ALA J 146 9.91 -21.74 -34.41
C ALA J 146 10.10 -20.78 -35.58
N LYS J 147 9.88 -19.48 -35.35
CA LYS J 147 10.04 -18.52 -36.44
C LYS J 147 11.49 -18.39 -36.87
N SER J 148 12.44 -18.44 -35.96
CA SER J 148 13.81 -18.32 -36.36
C SER J 148 14.23 -19.58 -37.11
N SER J 149 13.59 -20.70 -36.79
CA SER J 149 13.90 -21.93 -37.46
C SER J 149 13.32 -21.85 -38.89
N MET J 150 12.06 -21.46 -39.01
CA MET J 150 11.44 -21.34 -40.32
C MET J 150 12.16 -20.34 -41.22
N LYS J 151 12.65 -19.26 -40.68
CA LYS J 151 13.35 -18.34 -41.48
C LYS J 151 14.50 -19.00 -42.23
N LYS J 152 15.16 -19.97 -41.64
CA LYS J 152 16.23 -20.63 -42.31
C LYS J 152 15.77 -21.82 -43.15
N LEU J 153 14.62 -22.39 -42.84
CA LEU J 153 14.10 -23.53 -43.58
C LEU J 153 13.05 -23.28 -44.65
N TYR J 154 12.57 -22.05 -44.78
CA TYR J 154 11.55 -21.67 -45.74
C TYR J 154 11.87 -21.78 -47.24
N SER J 155 13.09 -21.53 -47.60
CA SER J 155 13.49 -21.59 -48.95
C SER J 155 13.33 -23.04 -49.41
N GLN J 156 13.24 -23.97 -48.48
CA GLN J 156 13.08 -25.36 -48.84
C GLN J 156 11.65 -25.75 -49.15
N VAL J 157 10.70 -24.87 -48.89
CA VAL J 157 9.32 -25.19 -49.17
C VAL J 157 8.95 -24.95 -50.62
N THR J 158 8.66 -26.05 -51.30
CA THR J 158 8.29 -26.01 -52.69
C THR J 158 6.97 -26.66 -52.99
N ASP J 159 6.32 -27.20 -51.97
CA ASP J 159 5.03 -27.86 -52.14
C ASP J 159 4.53 -28.33 -50.79
N GLY J 160 3.31 -28.83 -50.75
CA GLY J 160 2.73 -29.31 -49.53
C GLY J 160 3.59 -30.23 -48.66
N ASP J 161 4.17 -31.28 -49.23
CA ASP J 161 4.92 -32.16 -48.37
C ASP J 161 6.16 -31.51 -47.76
N SER J 162 6.84 -30.67 -48.53
CA SER J 162 8.01 -30.01 -47.99
C SER J 162 7.57 -28.91 -47.01
N GLY J 163 6.33 -28.42 -47.14
CA GLY J 163 5.88 -27.40 -46.22
C GLY J 163 5.54 -28.05 -44.88
N LEU J 164 4.88 -29.19 -45.00
CA LEU J 164 4.48 -29.98 -43.87
C LEU J 164 5.77 -30.35 -43.13
N ARG J 165 6.79 -30.73 -43.88
CA ARG J 165 8.04 -31.09 -43.26
C ARG J 165 8.70 -29.94 -42.51
N VAL J 166 8.65 -28.73 -43.09
CA VAL J 166 9.27 -27.57 -42.46
C VAL J 166 8.50 -27.20 -41.20
N ALA J 167 7.19 -27.29 -41.27
CA ALA J 167 6.35 -26.99 -40.14
C ALA J 167 6.72 -27.89 -38.97
N VAL J 168 6.82 -29.20 -39.23
CA VAL J 168 7.15 -30.16 -38.20
C VAL J 168 8.55 -29.90 -37.66
N GLU J 169 9.48 -29.53 -38.52
CA GLU J 169 10.81 -29.28 -38.02
C GLU J 169 10.83 -28.01 -37.15
N ALA J 170 10.00 -27.03 -37.49
CA ALA J 170 9.90 -25.78 -36.71
C ALA J 170 9.37 -26.12 -35.29
N LEU J 171 8.34 -26.96 -35.23
CA LEU J 171 7.78 -27.38 -33.96
C LEU J 171 8.83 -28.17 -33.18
N TYR J 172 9.66 -28.93 -33.88
CA TYR J 172 10.69 -29.70 -33.22
C TYR J 172 11.71 -28.76 -32.60
N ASP J 173 12.10 -27.73 -33.34
CA ASP J 173 13.06 -26.77 -32.80
C ASP J 173 12.44 -26.00 -31.63
N ALA J 174 11.15 -25.71 -31.72
CA ALA J 174 10.48 -25.01 -30.64
C ALA J 174 10.56 -25.87 -29.36
N ALA J 175 10.25 -27.17 -29.46
CA ALA J 175 10.31 -28.05 -28.29
C ALA J 175 11.72 -28.20 -27.76
N ASP J 176 12.69 -28.08 -28.65
CA ASP J 176 14.09 -28.22 -28.28
C ASP J 176 14.51 -27.09 -27.35
N ASP J 177 13.88 -25.91 -27.48
CA ASP J 177 14.25 -24.75 -26.64
C ASP J 177 13.19 -24.25 -25.63
N ASP J 178 11.96 -24.74 -25.75
CA ASP J 178 10.91 -24.31 -24.88
C ASP J 178 10.27 -25.51 -24.20
N SER J 179 10.55 -25.63 -22.90
CA SER J 179 10.03 -26.74 -22.10
C SER J 179 8.51 -26.81 -22.12
N ALA J 180 7.85 -25.69 -22.41
CA ALA J 180 6.40 -25.70 -22.45
C ALA J 180 5.87 -26.23 -23.78
N THR J 181 6.75 -26.56 -24.73
CA THR J 181 6.28 -27.11 -26.00
C THR J 181 6.68 -28.59 -26.09
N GLY J 182 5.74 -29.45 -26.43
CA GLY J 182 6.05 -30.86 -26.52
C GLY J 182 6.66 -31.37 -27.81
N GLY J 183 7.78 -32.08 -27.72
CA GLY J 183 8.41 -32.65 -28.90
C GLY J 183 7.71 -33.94 -29.29
N PRO J 184 8.13 -34.59 -30.39
CA PRO J 184 7.49 -35.86 -30.80
C PRO J 184 7.72 -36.88 -29.70
N ASP J 185 6.69 -37.62 -29.29
CA ASP J 185 6.84 -38.63 -28.22
C ASP J 185 6.91 -40.03 -28.88
N LEU J 186 8.11 -40.53 -29.08
CA LEU J 186 8.30 -41.83 -29.71
C LEU J 186 7.82 -43.00 -28.85
N VAL J 187 7.99 -42.90 -27.55
CA VAL J 187 7.54 -43.96 -26.66
C VAL J 187 6.04 -44.12 -26.71
N ARG J 188 5.29 -43.03 -26.69
CA ARG J 188 3.82 -43.13 -26.71
C ARG J 188 3.19 -42.98 -28.09
N GLY J 189 4.00 -42.65 -29.08
CA GLY J 189 3.47 -42.46 -30.43
C GLY J 189 2.59 -41.22 -30.58
N ILE J 190 2.92 -40.14 -29.88
CA ILE J 190 2.14 -38.92 -29.99
C ILE J 190 2.95 -37.89 -30.77
N PHE J 191 2.32 -37.31 -31.77
CA PHE J 191 3.01 -36.35 -32.61
C PHE J 191 2.18 -35.12 -32.78
N PRO J 192 2.81 -34.06 -33.29
CA PRO J 192 2.12 -32.79 -33.53
C PRO J 192 0.98 -33.09 -34.51
N THR J 193 -0.09 -32.27 -34.46
CA THR J 193 -1.19 -32.44 -35.41
C THR J 193 -1.02 -31.36 -36.48
N ALA J 194 -1.65 -31.54 -37.64
CA ALA J 194 -1.55 -30.58 -38.73
C ALA J 194 -2.76 -30.59 -39.64
N VAL J 195 -2.99 -29.43 -40.25
CA VAL J 195 -4.09 -29.26 -41.19
C VAL J 195 -3.48 -28.64 -42.43
N ILE J 196 -3.90 -29.13 -43.59
CA ILE J 196 -3.43 -28.58 -44.85
C ILE J 196 -4.66 -28.06 -45.59
N ILE J 197 -4.53 -26.89 -46.17
CA ILE J 197 -5.63 -26.33 -46.91
C ILE J 197 -5.18 -25.90 -48.28
N ASP J 198 -5.95 -26.28 -49.28
CA ASP J 198 -5.71 -25.92 -50.67
C ASP J 198 -7.03 -25.74 -51.37
N ALA J 199 -7.03 -25.54 -52.68
CA ALA J 199 -8.27 -25.34 -53.42
C ALA J 199 -9.34 -26.37 -53.11
N ASP J 200 -8.97 -27.58 -52.76
CA ASP J 200 -10.01 -28.55 -52.46
C ASP J 200 -10.44 -28.63 -51.00
N GLY J 201 -10.10 -27.62 -50.21
CA GLY J 201 -10.51 -27.60 -48.82
C GLY J 201 -9.50 -27.98 -47.77
N ALA J 202 -9.89 -27.80 -46.52
CA ALA J 202 -9.04 -28.09 -45.37
C ALA J 202 -9.09 -29.58 -45.01
N VAL J 203 -7.93 -30.17 -44.80
CA VAL J 203 -7.82 -31.60 -44.52
C VAL J 203 -6.90 -31.88 -43.36
N ASP J 204 -7.29 -32.78 -42.47
CA ASP J 204 -6.42 -33.16 -41.36
C ASP J 204 -5.29 -34.02 -41.89
N VAL J 205 -4.06 -33.73 -41.50
CA VAL J 205 -2.95 -34.54 -41.96
C VAL J 205 -2.93 -35.86 -41.15
N PRO J 206 -2.72 -36.99 -41.84
CA PRO J 206 -2.69 -38.28 -41.13
C PRO J 206 -1.46 -38.36 -40.19
N GLU J 207 -1.65 -38.91 -38.99
CA GLU J 207 -0.57 -39.05 -38.00
C GLU J 207 0.67 -39.79 -38.52
N SER J 208 0.43 -40.84 -39.30
CA SER J 208 1.51 -41.64 -39.87
C SER J 208 2.44 -40.76 -40.70
N ARG J 209 1.86 -39.87 -41.49
CA ARG J 209 2.66 -38.97 -42.32
C ARG J 209 3.58 -38.14 -41.40
N ILE J 210 3.02 -37.55 -40.35
CA ILE J 210 3.81 -36.71 -39.45
C ILE J 210 4.87 -37.50 -38.68
N ALA J 211 4.51 -38.73 -38.27
CA ALA J 211 5.45 -39.58 -37.56
C ALA J 211 6.66 -39.86 -38.43
N GLU J 212 6.42 -40.09 -39.72
CA GLU J 212 7.51 -40.33 -40.66
C GLU J 212 8.42 -39.12 -40.75
N LEU J 213 7.84 -37.93 -40.90
CA LEU J 213 8.63 -36.72 -40.98
C LEU J 213 9.43 -36.50 -39.69
N ALA J 214 8.76 -36.67 -38.55
CA ALA J 214 9.40 -36.49 -37.24
C ALA J 214 10.60 -37.42 -37.10
N ARG J 215 10.40 -38.69 -37.45
CA ARG J 215 11.49 -39.67 -37.34
C ARG J 215 12.64 -39.31 -38.26
N ALA J 216 12.31 -38.76 -39.43
CA ALA J 216 13.34 -38.38 -40.38
C ALA J 216 14.11 -37.18 -39.85
N ILE J 217 13.42 -36.26 -39.18
CA ILE J 217 14.10 -35.10 -38.63
C ILE J 217 15.05 -35.56 -37.55
N ILE J 218 14.53 -36.39 -36.64
CA ILE J 218 15.31 -36.92 -35.54
C ILE J 218 16.52 -37.66 -36.07
N GLU J 219 16.32 -38.53 -37.06
CA GLU J 219 17.44 -39.28 -37.61
C GLU J 219 18.53 -38.32 -38.09
N SER J 220 18.11 -37.29 -38.82
CA SER J 220 19.02 -36.28 -39.34
C SER J 220 19.81 -35.53 -38.24
N ARG J 221 19.17 -35.20 -37.12
CA ARG J 221 19.89 -34.52 -36.04
C ARG J 221 20.84 -35.51 -35.32
N SER J 222 20.46 -36.78 -35.25
CA SER J 222 21.30 -37.79 -34.58
C SER J 222 22.62 -38.01 -35.31
N SER K 8 64.48 -7.56 36.94
CA SER K 8 64.53 -9.00 37.19
C SER K 8 63.14 -9.49 37.54
N PRO K 9 62.56 -10.33 36.69
CA PRO K 9 61.22 -10.84 36.94
C PRO K 9 61.16 -11.54 38.27
N GLU K 10 62.17 -12.31 38.64
CA GLU K 10 62.11 -12.98 39.92
C GLU K 10 62.12 -11.87 40.98
N GLN K 11 62.96 -10.88 40.77
CA GLN K 11 63.10 -9.76 41.67
C GLN K 11 61.81 -8.93 41.74
N ALA K 12 61.20 -8.70 40.58
CA ALA K 12 59.98 -7.93 40.52
C ALA K 12 58.85 -8.57 41.30
N MET K 13 58.73 -9.87 41.13
CA MET K 13 57.71 -10.60 41.83
C MET K 13 57.92 -10.46 43.31
N ARG K 14 59.18 -10.50 43.73
CA ARG K 14 59.51 -10.38 45.12
C ARG K 14 59.15 -9.03 45.67
N GLU K 15 59.50 -7.98 44.93
CA GLU K 15 59.18 -6.66 45.41
C GLU K 15 57.70 -6.52 45.49
N ARG K 16 56.97 -7.06 44.52
CA ARG K 16 55.54 -6.93 44.59
C ARG K 16 54.97 -7.59 45.81
N SER K 17 55.38 -8.82 46.08
CA SER K 17 54.85 -9.50 47.25
C SER K 17 55.23 -8.75 48.51
N GLU K 18 56.42 -8.20 48.52
CA GLU K 18 56.86 -7.46 49.67
C GLU K 18 56.00 -6.23 49.93
N LEU K 19 55.70 -5.51 48.87
CA LEU K 19 54.88 -4.30 48.98
C LEU K 19 53.50 -4.65 49.52
N ALA K 20 52.90 -5.69 48.99
CA ALA K 20 51.60 -6.08 49.45
C ALA K 20 51.64 -6.52 50.88
N ARG K 21 52.66 -7.28 51.23
CA ARG K 21 52.73 -7.71 52.58
C ARG K 21 52.86 -6.54 53.52
N LYS K 22 53.68 -5.57 53.17
CA LYS K 22 53.81 -4.43 54.06
C LYS K 22 52.51 -3.73 54.21
N GLY K 23 51.79 -3.51 53.11
CA GLY K 23 50.53 -2.83 53.26
C GLY K 23 49.55 -3.59 54.12
N ILE K 24 49.47 -4.90 53.93
CA ILE K 24 48.54 -5.66 54.72
C ILE K 24 48.93 -5.63 56.19
N ALA K 25 50.23 -5.67 56.45
CA ALA K 25 50.79 -5.64 57.79
C ALA K 25 50.48 -4.38 58.55
N ARG K 26 50.62 -3.25 57.90
CA ARG K 26 50.33 -2.00 58.59
C ARG K 26 48.83 -1.72 58.75
N ALA K 27 47.99 -2.66 58.30
CA ALA K 27 46.53 -2.47 58.40
C ALA K 27 45.92 -3.19 59.59
N LYS K 28 44.73 -2.72 60.01
CA LYS K 28 44.04 -3.30 61.15
C LYS K 28 43.67 -4.75 60.87
N SER K 29 43.42 -5.51 61.92
CA SER K 29 43.10 -6.92 61.75
C SER K 29 41.63 -7.29 61.71
N VAL K 30 41.36 -8.39 61.00
CA VAL K 30 40.00 -8.90 60.85
C VAL K 30 39.95 -10.38 61.11
N VAL K 31 38.85 -10.83 61.70
CA VAL K 31 38.69 -12.25 61.99
C VAL K 31 37.31 -12.78 61.66
N ALA K 32 37.28 -14.00 61.13
CA ALA K 32 36.02 -14.65 60.77
C ALA K 32 36.08 -16.07 61.30
N LEU K 33 35.05 -16.49 62.03
CA LEU K 33 35.01 -17.81 62.61
C LEU K 33 33.65 -18.46 62.61
N ALA K 34 33.65 -19.78 62.50
CA ALA K 34 32.44 -20.57 62.53
C ALA K 34 31.84 -20.58 63.92
N TYR K 35 30.54 -20.76 64.02
CA TYR K 35 29.86 -20.75 65.28
C TYR K 35 28.58 -21.54 65.13
N ALA K 36 27.83 -21.73 66.19
CA ALA K 36 26.65 -22.56 66.11
C ALA K 36 25.55 -22.06 65.18
N GLY K 37 25.34 -20.76 65.16
CA GLY K 37 24.28 -20.19 64.37
C GLY K 37 24.71 -19.64 63.02
N GLY K 38 25.96 -19.83 62.65
CA GLY K 38 26.42 -19.26 61.41
C GLY K 38 27.89 -18.97 61.27
N VAL K 39 28.22 -17.79 60.78
CA VAL K 39 29.58 -17.35 60.74
C VAL K 39 29.64 -15.98 61.33
N LEU K 40 30.78 -15.65 61.94
CA LEU K 40 30.93 -14.38 62.63
C LEU K 40 32.07 -13.57 62.14
N PHE K 41 31.79 -12.31 61.90
CA PHE K 41 32.79 -11.40 61.37
C PHE K 41 33.07 -10.33 62.40
N VAL K 42 34.32 -10.18 62.77
CA VAL K 42 34.71 -9.13 63.69
C VAL K 42 35.95 -8.40 63.22
N ALA K 43 35.86 -7.09 63.12
CA ALA K 43 36.97 -6.28 62.67
C ALA K 43 37.20 -5.09 63.54
N GLU K 44 38.46 -4.67 63.65
CA GLU K 44 38.78 -3.48 64.41
C GLU K 44 38.52 -2.38 63.46
N ASN K 45 37.56 -1.53 63.77
CA ASN K 45 37.26 -0.42 62.91
C ASN K 45 36.72 0.79 63.63
N PRO K 46 37.48 1.87 63.63
CA PRO K 46 37.06 3.10 64.24
C PRO K 46 35.87 3.72 63.58
N SER K 47 35.90 3.71 62.26
CA SER K 47 34.87 4.41 61.50
C SER K 47 33.47 3.89 61.50
N ARG K 48 32.56 4.84 61.60
CA ARG K 48 31.14 4.59 61.51
C ARG K 48 30.72 4.22 60.11
N SER K 49 31.25 4.97 59.14
CA SER K 49 30.86 4.85 57.74
C SER K 49 31.64 3.98 56.78
N LEU K 50 32.91 3.72 57.04
CA LEU K 50 33.67 2.90 56.13
C LEU K 50 33.74 1.48 56.65
N GLN K 51 33.20 0.54 55.89
CA GLN K 51 33.06 -0.84 56.31
C GLN K 51 34.04 -1.88 55.78
N LYS K 52 34.40 -2.85 56.59
CA LYS K 52 35.35 -3.87 56.16
C LYS K 52 34.67 -5.21 55.95
N ILE K 53 33.43 -5.27 56.32
CA ILE K 53 32.64 -6.49 56.28
C ILE K 53 31.37 -6.20 55.52
N SER K 54 31.03 -7.05 54.56
CA SER K 54 29.82 -6.80 53.77
C SER K 54 29.13 -8.05 53.26
N GLU K 55 27.85 -7.89 52.95
CA GLU K 55 27.05 -8.96 52.36
C GLU K 55 27.44 -9.07 50.86
N LEU K 56 27.48 -10.28 50.31
CA LEU K 56 27.80 -10.47 48.90
C LEU K 56 26.55 -10.99 48.20
N TYR K 57 25.98 -12.05 48.77
CA TYR K 57 24.78 -12.64 48.24
C TYR K 57 23.98 -13.25 49.38
N ASP K 58 22.96 -14.00 49.06
CA ASP K 58 22.09 -14.64 50.04
C ASP K 58 22.71 -15.27 51.28
N ARG K 59 23.68 -16.12 51.09
CA ARG K 59 24.28 -16.82 52.18
C ARG K 59 25.76 -16.59 52.10
N VAL K 60 26.17 -15.57 51.37
CA VAL K 60 27.60 -15.36 51.24
C VAL K 60 28.05 -14.02 51.77
N GLY K 61 29.08 -14.07 52.64
CA GLY K 61 29.63 -12.87 53.25
C GLY K 61 31.04 -12.54 52.81
N PHE K 62 31.42 -11.29 53.03
CA PHE K 62 32.74 -10.77 52.64
C PHE K 62 33.40 -9.96 53.76
N ALA K 63 34.70 -10.15 53.89
CA ALA K 63 35.47 -9.45 54.89
C ALA K 63 36.85 -9.22 54.28
N ALA K 64 37.44 -8.06 54.55
CA ALA K 64 38.76 -7.77 54.01
C ALA K 64 39.61 -6.90 54.92
N ALA K 65 40.91 -6.91 54.64
CA ALA K 65 41.88 -6.12 55.39
C ALA K 65 42.85 -5.57 54.37
N GLY K 66 43.34 -4.35 54.62
CA GLY K 66 44.27 -3.75 53.69
C GLY K 66 43.85 -2.35 53.32
N LYS K 67 44.17 -1.93 52.11
CA LYS K 67 43.82 -0.59 51.61
C LYS K 67 42.32 -0.56 51.23
N PHE K 68 41.56 0.28 51.94
CA PHE K 68 40.12 0.39 51.72
C PHE K 68 39.67 0.53 50.26
N ASN K 69 40.14 1.57 49.59
CA ASN K 69 39.72 1.78 48.22
C ASN K 69 39.97 0.56 47.35
N GLU K 70 40.97 -0.25 47.68
CA GLU K 70 41.24 -1.43 46.87
C GLU K 70 40.32 -2.60 47.19
N PHE K 71 40.03 -2.85 48.47
CA PHE K 71 39.15 -3.97 48.74
C PHE K 71 37.69 -3.61 48.58
N ASP K 72 37.37 -2.32 48.62
CA ASP K 72 35.97 -1.92 48.42
C ASP K 72 35.74 -2.17 46.92
N ASN K 73 36.78 -1.95 46.13
CA ASN K 73 36.71 -2.18 44.71
C ASN K 73 36.39 -3.65 44.48
N LEU K 74 37.10 -4.53 45.16
CA LEU K 74 36.85 -5.95 45.01
C LEU K 74 35.48 -6.35 45.53
N ARG K 75 35.01 -5.66 46.55
CA ARG K 75 33.71 -5.95 47.14
C ARG K 75 32.61 -5.68 46.10
N ARG K 76 32.69 -4.51 45.46
CA ARG K 76 31.71 -4.12 44.46
C ARG K 76 31.73 -5.11 43.30
N GLY K 77 32.94 -5.48 42.86
CA GLY K 77 33.07 -6.42 41.77
C GLY K 77 32.40 -7.73 42.14
N GLY K 78 32.60 -8.14 43.39
CA GLY K 78 32.01 -9.38 43.86
C GLY K 78 30.50 -9.32 43.82
N ILE K 79 29.94 -8.22 44.30
CA ILE K 79 28.50 -8.05 44.30
C ILE K 79 28.00 -8.07 42.83
N GLN K 80 28.78 -7.46 41.95
CA GLN K 80 28.44 -7.41 40.53
C GLN K 80 28.35 -8.83 39.98
N PHE K 81 29.39 -9.60 40.25
CA PHE K 81 29.47 -10.97 39.79
C PHE K 81 28.31 -11.81 40.31
N ALA K 82 28.08 -11.75 41.61
CA ALA K 82 27.01 -12.54 42.22
C ALA K 82 25.64 -12.21 41.66
N ASP K 83 25.31 -10.92 41.63
CA ASP K 83 24.01 -10.52 41.15
C ASP K 83 23.83 -10.92 39.70
N THR K 84 24.88 -10.77 38.90
CA THR K 84 24.78 -11.17 37.52
C THR K 84 24.52 -12.68 37.35
N ARG K 85 25.24 -13.51 38.09
CA ARG K 85 25.06 -14.93 37.99
C ARG K 85 23.72 -15.35 38.42
N GLY K 86 23.27 -14.84 39.53
CA GLY K 86 21.97 -15.21 40.05
C GLY K 86 20.87 -14.90 39.10
N TYR K 87 21.02 -13.77 38.42
CA TYR K 87 20.06 -13.32 37.45
C TYR K 87 20.10 -14.12 36.15
N ALA K 88 21.28 -14.45 35.68
CA ALA K 88 21.45 -15.24 34.46
C ALA K 88 21.02 -16.70 34.64
N TYR K 89 21.13 -17.22 35.85
CA TYR K 89 20.77 -18.58 36.19
C TYR K 89 19.68 -18.59 37.23
N ASP K 90 20.01 -18.91 38.48
CA ASP K 90 19.09 -18.77 39.57
C ASP K 90 19.89 -18.44 40.80
N ARG K 91 19.23 -17.85 41.78
CA ARG K 91 19.83 -17.41 43.03
C ARG K 91 20.62 -18.50 43.68
N ARG K 92 20.00 -19.65 43.81
CA ARG K 92 20.62 -20.82 44.44
C ARG K 92 21.83 -21.40 43.70
N ASP K 93 22.17 -20.83 42.55
CA ASP K 93 23.31 -21.31 41.81
C ASP K 93 24.55 -20.53 42.21
N VAL K 94 24.36 -19.45 42.97
CA VAL K 94 25.49 -18.64 43.42
C VAL K 94 26.07 -19.26 44.71
N THR K 95 27.38 -19.42 44.76
CA THR K 95 28.02 -20.02 45.93
C THR K 95 29.29 -19.32 46.36
N GLY K 96 29.61 -19.52 47.63
CA GLY K 96 30.81 -18.92 48.18
C GLY K 96 32.03 -19.38 47.41
N ARG K 97 32.04 -20.65 47.03
CA ARG K 97 33.17 -21.20 46.29
C ARG K 97 33.39 -20.42 44.98
N GLN K 98 32.30 -20.12 44.26
CA GLN K 98 32.41 -19.39 43.00
C GLN K 98 33.01 -18.02 43.26
N LEU K 99 32.52 -17.35 44.29
CA LEU K 99 33.05 -16.04 44.59
C LEU K 99 34.52 -16.05 44.95
N ALA K 100 34.93 -17.02 45.78
CA ALA K 100 36.34 -17.14 46.17
C ALA K 100 37.17 -17.36 44.91
N ASN K 101 36.69 -18.26 44.07
CA ASN K 101 37.36 -18.60 42.82
C ASN K 101 37.56 -17.36 41.96
N VAL K 102 36.51 -16.53 41.88
CA VAL K 102 36.56 -15.30 41.10
C VAL K 102 37.58 -14.31 41.67
N TYR K 103 37.58 -14.16 43.00
CA TYR K 103 38.52 -13.26 43.64
C TYR K 103 39.94 -13.74 43.41
N ALA K 104 40.12 -15.05 43.53
CA ALA K 104 41.42 -15.67 43.30
C ALA K 104 41.93 -15.26 41.91
N GLN K 105 41.11 -15.49 40.90
CA GLN K 105 41.50 -15.14 39.53
C GLN K 105 41.70 -13.64 39.36
N THR K 106 40.88 -12.84 40.01
CA THR K 106 40.98 -11.38 39.89
C THR K 106 42.28 -10.85 40.48
N LEU K 107 42.56 -11.21 41.72
CA LEU K 107 43.75 -10.77 42.43
C LEU K 107 44.98 -11.28 41.70
N GLY K 108 44.89 -12.50 41.19
CA GLY K 108 45.99 -13.09 40.46
C GLY K 108 46.35 -12.22 39.28
N THR K 109 45.34 -11.74 38.59
CA THR K 109 45.56 -10.89 37.43
C THR K 109 46.13 -9.53 37.83
N ILE K 110 45.56 -8.93 38.87
CA ILE K 110 46.04 -7.62 39.33
C ILE K 110 47.52 -7.72 39.69
N PHE K 111 47.84 -8.69 40.55
CA PHE K 111 49.19 -8.95 41.01
C PHE K 111 50.19 -9.12 39.89
N THR K 112 49.72 -9.60 38.75
CA THR K 112 50.55 -9.85 37.58
C THR K 112 50.64 -8.68 36.59
N GLU K 113 49.50 -8.18 36.13
CA GLU K 113 49.52 -7.14 35.12
C GLU K 113 49.27 -5.70 35.52
N GLN K 114 48.95 -5.44 36.78
CA GLN K 114 48.72 -4.06 37.19
C GLN K 114 49.96 -3.36 37.71
N ALA K 115 49.96 -2.03 37.62
CA ALA K 115 51.09 -1.24 38.07
C ALA K 115 51.52 -1.65 39.47
N LYS K 116 50.58 -1.60 40.40
CA LYS K 116 50.86 -1.96 41.77
C LYS K 116 49.96 -3.07 42.24
N PRO K 117 50.48 -4.00 43.05
CA PRO K 117 49.64 -5.10 43.53
C PRO K 117 48.61 -4.50 44.48
N TYR K 118 47.55 -5.22 44.76
CA TYR K 118 46.55 -4.73 45.64
C TYR K 118 46.98 -5.12 47.05
N GLU K 119 47.06 -4.16 47.95
CA GLU K 119 47.46 -4.39 49.33
C GLU K 119 46.23 -4.86 50.10
N VAL K 120 45.75 -6.05 49.78
CA VAL K 120 44.59 -6.57 50.48
C VAL K 120 44.61 -8.07 50.71
N GLU K 121 43.71 -8.53 51.55
CA GLU K 121 43.56 -9.94 51.89
C GLU K 121 42.05 -10.10 52.11
N LEU K 122 41.44 -11.07 51.41
CA LEU K 122 39.99 -11.26 51.49
C LEU K 122 39.53 -12.58 52.07
N CYS K 123 38.32 -12.55 52.60
CA CYS K 123 37.69 -13.73 53.15
C CYS K 123 36.24 -13.84 52.66
N VAL K 124 35.91 -14.95 52.03
CA VAL K 124 34.56 -15.17 51.56
C VAL K 124 33.97 -16.30 52.40
N ALA K 125 32.81 -16.07 53.00
CA ALA K 125 32.19 -17.09 53.84
C ALA K 125 30.79 -17.42 53.37
N GLU K 126 30.38 -18.66 53.61
CA GLU K 126 29.06 -19.11 53.21
C GLU K 126 28.44 -20.02 54.27
N VAL K 127 27.17 -19.82 54.54
CA VAL K 127 26.46 -20.65 55.50
C VAL K 127 25.38 -21.40 54.73
N ALA K 128 24.79 -22.39 55.36
CA ALA K 128 23.73 -23.17 54.73
C ALA K 128 22.49 -22.33 54.48
N HIS K 129 21.65 -22.83 53.59
CA HIS K 129 20.40 -22.17 53.27
C HIS K 129 19.43 -22.49 54.41
N TYR K 130 18.39 -21.68 54.57
CA TYR K 130 17.43 -21.88 55.63
C TYR K 130 16.91 -23.31 55.67
N GLY K 131 16.86 -23.86 56.88
CA GLY K 131 16.38 -25.23 57.05
C GLY K 131 17.29 -26.30 56.50
N GLU K 132 18.31 -25.88 55.78
CA GLU K 132 19.26 -26.82 55.19
C GLU K 132 20.29 -27.13 56.27
N THR K 133 21.05 -28.19 56.05
CA THR K 133 22.06 -28.57 57.03
C THR K 133 23.39 -28.75 56.34
N LYS K 134 24.29 -27.79 56.52
CA LYS K 134 25.61 -27.83 55.88
C LYS K 134 26.63 -27.07 56.72
N ARG K 135 27.86 -27.55 56.70
CA ARG K 135 28.94 -26.95 57.46
C ARG K 135 29.39 -25.66 56.82
N PRO K 136 29.53 -24.57 57.61
CA PRO K 136 29.97 -23.29 57.08
C PRO K 136 31.27 -23.43 56.32
N GLU K 137 31.51 -22.54 55.37
CA GLU K 137 32.71 -22.55 54.57
C GLU K 137 33.39 -21.21 54.63
N LEU K 138 34.71 -21.21 54.75
CA LEU K 138 35.50 -19.99 54.83
C LEU K 138 36.63 -20.06 53.85
N TYR K 139 36.88 -19.00 53.11
CA TYR K 139 37.95 -19.04 52.16
C TYR K 139 38.78 -17.82 52.33
N ARG K 140 40.04 -17.93 52.02
CA ARG K 140 40.89 -16.79 52.16
C ARG K 140 41.56 -16.66 50.86
N ILE K 141 41.62 -15.44 50.36
CA ILE K 141 42.26 -15.19 49.11
C ILE K 141 43.24 -14.09 49.44
N THR K 142 44.49 -14.32 49.08
CA THR K 142 45.53 -13.38 49.32
C THR K 142 45.75 -12.52 48.12
N TYR K 143 46.64 -11.58 48.26
CA TYR K 143 46.98 -10.66 47.22
C TYR K 143 47.57 -11.24 45.97
N ASP K 144 47.98 -12.49 45.99
CA ASP K 144 48.55 -13.01 44.76
C ASP K 144 47.63 -13.95 44.02
N GLY K 145 46.49 -14.22 44.62
CA GLY K 145 45.53 -15.10 44.02
C GLY K 145 45.57 -16.47 44.63
N SER K 146 46.23 -16.61 45.75
CA SER K 146 46.28 -17.91 46.37
C SER K 146 45.04 -18.08 47.17
N ILE K 147 44.42 -19.23 47.09
CA ILE K 147 43.22 -19.44 47.84
C ILE K 147 43.26 -20.65 48.73
N ALA K 148 42.64 -20.53 49.89
CA ALA K 148 42.62 -21.64 50.81
C ALA K 148 41.38 -21.65 51.67
N ASP K 149 40.79 -22.80 51.92
CA ASP K 149 39.61 -22.82 52.77
C ASP K 149 39.91 -23.30 54.17
N GLU K 150 39.64 -22.45 55.14
CA GLU K 150 39.86 -22.79 56.55
C GLU K 150 38.61 -23.47 57.10
N PRO K 151 38.79 -24.48 57.96
CA PRO K 151 37.65 -25.19 58.53
C PRO K 151 36.97 -24.50 59.71
N HIS K 152 37.71 -23.67 60.44
CA HIS K 152 37.11 -23.02 61.61
C HIS K 152 37.15 -21.51 61.70
N PHE K 153 38.28 -20.92 61.31
CA PHE K 153 38.41 -19.46 61.37
C PHE K 153 39.47 -18.91 60.42
N VAL K 154 39.39 -17.61 60.15
CA VAL K 154 40.33 -16.94 59.27
C VAL K 154 40.72 -15.63 59.93
N VAL K 155 41.99 -15.26 59.77
CA VAL K 155 42.51 -14.02 60.33
C VAL K 155 43.26 -13.27 59.26
N MET K 156 43.04 -11.96 59.17
CA MET K 156 43.71 -11.18 58.15
C MET K 156 44.07 -9.79 58.65
N GLY K 157 45.13 -9.23 58.08
CA GLY K 157 45.55 -7.89 58.44
C GLY K 157 46.49 -7.75 59.64
N GLY K 158 47.46 -6.85 59.50
CA GLY K 158 48.41 -6.63 60.56
C GLY K 158 49.21 -7.86 60.92
N THR K 159 49.47 -8.02 62.22
CA THR K 159 50.22 -9.16 62.74
C THR K 159 49.22 -10.27 63.06
N THR K 160 49.17 -11.26 62.17
CA THR K 160 48.23 -12.35 62.32
C THR K 160 48.59 -13.46 63.30
N GLU K 161 49.83 -13.94 63.25
CA GLU K 161 50.29 -15.02 64.12
C GLU K 161 49.80 -14.91 65.56
N PRO K 162 50.03 -13.76 66.21
CA PRO K 162 49.58 -13.60 67.60
C PRO K 162 48.08 -13.94 67.75
N ILE K 163 47.27 -13.33 66.87
CA ILE K 163 45.81 -13.51 66.84
C ILE K 163 45.42 -14.93 66.44
N ALA K 164 46.16 -15.49 65.49
CA ALA K 164 45.91 -16.84 65.01
C ALA K 164 46.08 -17.84 66.15
N ASN K 165 47.26 -17.80 66.78
CA ASN K 165 47.56 -18.70 67.89
C ASN K 165 46.56 -18.54 69.04
N ALA K 166 46.28 -17.29 69.41
CA ALA K 166 45.35 -17.00 70.48
C ALA K 166 43.99 -17.64 70.22
N LEU K 167 43.59 -17.63 68.96
CA LEU K 167 42.31 -18.19 68.53
C LEU K 167 42.46 -19.69 68.40
N LYS K 168 43.60 -20.13 67.90
CA LYS K 168 43.92 -21.54 67.71
C LYS K 168 43.70 -22.36 68.97
N GLU K 169 43.79 -21.71 70.12
CA GLU K 169 43.62 -22.38 71.41
C GLU K 169 42.22 -22.18 71.97
N SER K 170 41.73 -20.97 71.79
CA SER K 170 40.46 -20.51 72.31
C SER K 170 39.26 -21.18 71.67
N TYR K 171 39.43 -21.67 70.45
CA TYR K 171 38.30 -22.09 69.63
C TYR K 171 37.48 -23.31 70.00
N ALA K 172 36.17 -23.11 70.02
CA ALA K 172 35.22 -24.18 70.25
C ALA K 172 34.12 -24.24 69.20
N GLU K 173 33.92 -25.40 68.61
CA GLU K 173 32.83 -25.55 67.66
C GLU K 173 31.48 -25.34 68.33
N ASN K 174 30.56 -24.77 67.59
CA ASN K 174 29.21 -24.58 68.07
C ASN K 174 29.10 -23.69 69.29
N ALA K 175 30.02 -22.75 69.38
CA ALA K 175 30.00 -21.79 70.46
C ALA K 175 28.82 -20.88 70.26
N SER K 176 28.38 -20.24 71.32
CA SER K 176 27.25 -19.35 71.21
C SER K 176 27.72 -18.10 70.55
N LEU K 177 26.80 -17.25 70.17
CA LEU K 177 27.23 -16.03 69.57
C LEU K 177 28.03 -15.22 70.59
N THR K 178 27.56 -15.14 71.84
CA THR K 178 28.31 -14.37 72.84
C THR K 178 29.68 -14.93 73.09
N ASP K 179 29.76 -16.24 73.18
CA ASP K 179 31.04 -16.86 73.42
C ASP K 179 31.97 -16.62 72.29
N ALA K 180 31.44 -16.79 71.09
CA ALA K 180 32.22 -16.59 69.89
C ALA K 180 32.69 -15.16 69.76
N LEU K 181 31.83 -14.23 70.10
CA LEU K 181 32.23 -12.84 70.00
C LEU K 181 33.40 -12.60 70.90
N ARG K 182 33.34 -13.14 72.11
CA ARG K 182 34.40 -12.97 73.09
C ARG K 182 35.76 -13.51 72.68
N ILE K 183 35.80 -14.70 72.12
CA ILE K 183 37.04 -15.29 71.70
C ILE K 183 37.67 -14.42 70.66
N ALA K 184 36.83 -13.94 69.77
CA ALA K 184 37.27 -13.08 68.71
C ALA K 184 37.84 -11.77 69.16
N VAL K 185 37.16 -11.07 70.07
CA VAL K 185 37.63 -9.78 70.57
C VAL K 185 38.90 -9.96 71.37
N ALA K 186 38.88 -10.98 72.20
CA ALA K 186 40.00 -11.30 73.03
C ALA K 186 41.17 -11.73 72.18
N ALA K 187 40.90 -12.55 71.19
CA ALA K 187 41.95 -13.02 70.32
C ALA K 187 42.54 -11.86 69.56
N LEU K 188 41.68 -10.97 69.17
CA LEU K 188 42.11 -9.82 68.42
C LEU K 188 43.05 -8.89 69.18
N ARG K 189 42.73 -8.56 70.43
CA ARG K 189 43.58 -7.67 71.22
C ARG K 189 44.92 -8.30 71.50
N ALA K 190 44.95 -9.63 71.46
CA ALA K 190 46.15 -10.38 71.70
C ALA K 190 47.00 -10.42 70.44
N GLY K 191 47.51 -9.26 70.03
CA GLY K 191 48.32 -9.12 68.85
C GLY K 191 48.21 -7.70 68.31
N GLY K 204 36.12 -2.81 72.22
CA GLY K 204 34.97 -1.93 72.33
C GLY K 204 34.05 -1.86 71.10
N VAL K 205 32.91 -1.19 71.23
CA VAL K 205 32.00 -1.11 70.11
C VAL K 205 32.32 0.04 69.17
N ALA K 206 32.75 1.17 69.72
CA ALA K 206 33.10 2.32 68.89
C ALA K 206 34.42 2.07 68.17
N SER K 207 34.89 0.83 68.14
CA SER K 207 36.13 0.49 67.47
C SER K 207 36.05 -0.88 66.79
N LEU K 208 34.87 -1.50 66.88
CA LEU K 208 34.65 -2.80 66.27
C LEU K 208 33.48 -2.82 65.29
N GLU K 209 33.68 -3.54 64.19
CA GLU K 209 32.63 -3.72 63.18
C GLU K 209 32.25 -5.20 63.34
N VAL K 210 30.99 -5.47 63.65
CA VAL K 210 30.55 -6.85 63.83
C VAL K 210 29.32 -7.20 63.00
N ALA K 211 29.34 -8.41 62.43
CA ALA K 211 28.22 -8.90 61.62
C ALA K 211 28.28 -10.41 61.50
N VAL K 212 27.15 -11.05 61.27
CA VAL K 212 27.10 -12.49 61.15
C VAL K 212 26.35 -12.90 59.91
N LEU K 213 26.55 -14.15 59.50
CA LEU K 213 25.74 -14.74 58.47
C LEU K 213 24.89 -15.62 59.34
N ASP K 214 23.64 -15.27 59.47
CA ASP K 214 22.76 -15.99 60.35
C ASP K 214 22.03 -17.06 59.57
N ALA K 215 22.42 -18.29 59.78
CA ALA K 215 21.88 -19.41 59.08
C ALA K 215 20.40 -19.52 59.34
N ASN K 216 19.94 -19.00 60.45
CA ASN K 216 18.52 -19.04 60.74
C ASN K 216 17.62 -18.14 59.90
N ARG K 217 18.16 -17.06 59.36
CA ARG K 217 17.39 -16.17 58.52
C ARG K 217 16.96 -16.92 57.26
N PRO K 218 15.72 -16.69 56.82
CA PRO K 218 15.15 -17.37 55.66
C PRO K 218 15.84 -17.15 54.32
N ARG K 219 16.19 -15.92 53.98
CA ARG K 219 16.92 -15.71 52.73
C ARG K 219 18.21 -14.98 52.88
N ARG K 220 18.16 -13.79 53.45
CA ARG K 220 19.38 -13.03 53.58
C ARG K 220 20.00 -13.23 54.94
N ALA K 221 21.05 -14.02 54.98
CA ALA K 221 21.77 -14.36 56.18
C ALA K 221 22.51 -13.22 56.87
N PHE K 222 23.17 -12.38 56.10
CA PHE K 222 23.97 -11.29 56.61
C PHE K 222 23.16 -10.30 57.37
N ARG K 223 23.73 -9.87 58.48
CA ARG K 223 23.12 -8.90 59.39
C ARG K 223 24.18 -8.34 60.32
N ARG K 224 24.16 -7.03 60.50
CA ARG K 224 25.11 -6.35 61.37
C ARG K 224 24.62 -6.31 62.82
N ILE K 225 25.58 -6.45 63.73
CA ILE K 225 25.28 -6.39 65.15
C ILE K 225 25.95 -5.09 65.59
N THR K 226 25.11 -4.08 65.82
CA THR K 226 25.61 -2.77 66.18
C THR K 226 24.89 -2.11 67.37
N GLY K 227 25.55 -1.11 67.94
CA GLY K 227 25.00 -0.36 69.06
C GLY K 227 24.77 -1.13 70.35
N SER K 228 23.69 -0.76 71.04
CA SER K 228 23.33 -1.41 72.29
C SER K 228 23.31 -2.93 72.15
N ALA K 229 22.76 -3.41 71.04
CA ALA K 229 22.69 -4.84 70.77
C ALA K 229 24.07 -5.49 70.85
N LEU K 230 25.06 -4.83 70.24
CA LEU K 230 26.44 -5.32 70.25
C LEU K 230 27.03 -5.20 71.65
N GLN K 231 26.92 -3.99 72.19
CA GLN K 231 27.40 -3.67 73.54
C GLN K 231 27.01 -4.87 74.38
N ALA K 232 25.69 -5.09 74.47
CA ALA K 232 25.15 -6.20 75.22
C ALA K 232 26.02 -7.46 75.03
N LEU K 233 26.02 -8.03 73.83
CA LEU K 233 26.79 -9.24 73.55
C LEU K 233 28.23 -9.23 74.07
N LEU K 234 28.75 -8.04 74.33
CA LEU K 234 30.11 -7.90 74.84
C LEU K 234 30.14 -7.99 76.36
N THR L 1 -6.63 -10.15 33.16
CA THR L 1 -5.87 -9.75 34.34
C THR L 1 -6.35 -8.51 35.07
N THR L 2 -6.31 -8.59 36.39
CA THR L 2 -6.61 -7.43 37.21
C THR L 2 -5.74 -7.48 38.45
N ILE L 3 -5.06 -6.37 38.72
CA ILE L 3 -4.22 -6.26 39.87
C ILE L 3 -4.72 -5.00 40.54
N VAL L 4 -5.01 -5.08 41.83
CA VAL L 4 -5.49 -3.92 42.57
C VAL L 4 -4.49 -3.58 43.70
N ALA L 5 -4.54 -2.33 44.16
CA ALA L 5 -3.68 -1.86 45.26
C ALA L 5 -4.42 -0.76 45.99
N LEU L 6 -4.45 -0.83 47.30
CA LEU L 6 -5.10 0.19 48.06
C LEU L 6 -4.32 0.56 49.29
N LYS L 7 -4.46 1.81 49.67
CA LYS L 7 -3.83 2.34 50.84
C LYS L 7 -4.78 2.27 52.00
N TYR L 8 -4.24 1.99 53.15
CA TYR L 8 -5.01 1.99 54.36
C TYR L 8 -4.09 2.71 55.30
N PRO L 9 -4.59 3.18 56.42
CA PRO L 9 -3.72 3.89 57.34
C PRO L 9 -2.65 2.95 57.86
N GLY L 10 -1.41 3.34 57.68
CA GLY L 10 -0.32 2.50 58.07
C GLY L 10 0.17 1.49 57.06
N GLY L 11 -0.42 1.40 55.88
CA GLY L 11 0.07 0.47 54.89
C GLY L 11 -0.65 0.32 53.56
N VAL L 12 -0.22 -0.67 52.80
CA VAL L 12 -0.82 -0.99 51.52
C VAL L 12 -1.07 -2.46 51.35
N VAL L 13 -2.09 -2.80 50.59
CA VAL L 13 -2.33 -4.17 50.22
C VAL L 13 -2.40 -4.20 48.68
N MET L 14 -1.81 -5.23 48.09
CA MET L 14 -1.86 -5.42 46.65
C MET L 14 -2.32 -6.84 46.37
N ALA L 15 -3.28 -7.00 45.49
CA ALA L 15 -3.78 -8.32 45.19
C ALA L 15 -3.98 -8.51 43.68
N GLY L 16 -3.74 -9.73 43.20
CA GLY L 16 -3.91 -10.01 41.78
C GLY L 16 -4.65 -11.30 41.53
N ASP L 17 -5.22 -11.44 40.33
CA ASP L 17 -5.96 -12.66 39.96
C ASP L 17 -4.98 -13.70 39.45
N ARG L 18 -5.48 -14.87 39.08
CA ARG L 18 -4.59 -15.98 38.66
C ARG L 18 -4.67 -16.44 37.20
N ARG L 19 -5.50 -15.78 36.41
CA ARG L 19 -5.70 -16.19 35.04
C ARG L 19 -4.68 -15.74 34.00
N SER L 20 -4.56 -16.57 32.98
CA SER L 20 -3.68 -16.33 31.87
C SER L 20 -4.50 -16.70 30.64
N THR L 21 -4.42 -15.89 29.58
CA THR L 21 -5.16 -16.20 28.37
C THR L 21 -4.34 -16.09 27.10
N GLN L 22 -4.80 -16.85 26.10
CA GLN L 22 -4.22 -16.89 24.76
C GLN L 22 -5.50 -16.68 23.91
N GLY L 23 -5.82 -15.42 23.61
CA GLY L 23 -7.04 -15.12 22.90
C GLY L 23 -8.20 -15.41 23.85
N ASN L 24 -9.12 -16.27 23.43
CA ASN L 24 -10.24 -16.66 24.25
C ASN L 24 -9.91 -17.85 25.16
N MET L 25 -8.82 -18.52 24.91
CA MET L 25 -8.51 -19.66 25.72
C MET L 25 -7.83 -19.35 27.02
N ILE L 26 -8.26 -20.06 28.04
CA ILE L 26 -7.61 -19.98 29.30
C ILE L 26 -6.32 -20.77 29.18
N SER L 27 -5.20 -20.15 29.43
CA SER L 27 -3.96 -20.87 29.36
C SER L 27 -3.27 -21.03 30.68
N GLY L 28 -3.79 -20.40 31.73
CA GLY L 28 -3.21 -20.52 33.05
C GLY L 28 -4.31 -20.31 34.07
N ARG L 29 -4.23 -21.04 35.18
CA ARG L 29 -5.19 -20.89 36.25
C ARG L 29 -4.55 -20.56 37.58
N ASP L 30 -3.24 -20.54 37.64
CA ASP L 30 -2.54 -20.33 38.89
C ASP L 30 -1.35 -19.41 38.79
N VAL L 31 -1.43 -18.45 37.87
CA VAL L 31 -0.30 -17.52 37.73
C VAL L 31 -0.24 -16.59 38.94
N ARG L 32 0.97 -16.31 39.42
CA ARG L 32 1.16 -15.40 40.55
C ARG L 32 1.60 -14.08 39.96
N LYS L 33 0.79 -13.04 40.12
CA LYS L 33 1.15 -11.77 39.51
C LYS L 33 1.71 -10.68 40.42
N VAL L 34 1.61 -10.91 41.73
CA VAL L 34 2.09 -9.94 42.72
C VAL L 34 3.38 -10.45 43.38
N TYR L 35 4.46 -9.69 43.25
CA TYR L 35 5.75 -10.05 43.82
C TYR L 35 6.25 -9.10 44.90
N ILE L 36 6.90 -9.67 45.90
CA ILE L 36 7.49 -8.86 46.95
C ILE L 36 8.83 -8.49 46.32
N THR L 37 9.01 -7.21 46.03
CA THR L 37 10.23 -6.73 45.38
C THR L 37 11.38 -6.54 46.33
N ASP L 38 11.09 -5.97 47.51
CA ASP L 38 12.09 -5.80 48.57
C ASP L 38 11.30 -5.80 49.87
N ASP L 39 11.93 -5.54 51.01
CA ASP L 39 11.20 -5.60 52.27
C ASP L 39 10.01 -4.69 52.40
N TYR L 40 9.99 -3.60 51.65
CA TYR L 40 8.90 -2.63 51.74
C TYR L 40 8.20 -2.30 50.41
N THR L 41 8.38 -3.18 49.43
CA THR L 41 7.80 -2.94 48.12
C THR L 41 7.22 -4.18 47.46
N ALA L 42 6.12 -3.97 46.74
CA ALA L 42 5.49 -5.05 46.01
C ALA L 42 5.15 -4.53 44.60
N THR L 43 5.29 -5.42 43.62
CA THR L 43 5.00 -5.08 42.24
C THR L 43 4.01 -6.04 41.64
N GLY L 44 3.04 -5.50 40.91
CA GLY L 44 2.05 -6.33 40.25
C GLY L 44 2.12 -5.94 38.79
N ILE L 45 2.24 -6.90 37.88
CA ILE L 45 2.35 -6.50 36.47
C ILE L 45 1.33 -7.17 35.58
N ALA L 46 0.73 -6.38 34.69
CA ALA L 46 -0.27 -6.87 33.75
C ALA L 46 0.24 -6.86 32.32
N GLY L 47 -0.43 -7.59 31.43
CA GLY L 47 0.00 -7.60 30.05
C GLY L 47 0.63 -8.89 29.57
N THR L 48 1.68 -8.76 28.75
CA THR L 48 2.37 -9.92 28.22
C THR L 48 3.20 -10.63 29.30
N ALA L 49 2.73 -11.81 29.71
CA ALA L 49 3.34 -12.61 30.76
C ALA L 49 4.86 -12.69 30.72
N ALA L 50 5.42 -13.02 29.57
CA ALA L 50 6.87 -13.14 29.50
C ALA L 50 7.53 -11.86 29.99
N VAL L 51 7.05 -10.74 29.47
CA VAL L 51 7.63 -9.45 29.83
C VAL L 51 7.35 -9.08 31.27
N ALA L 52 6.12 -9.34 31.73
CA ALA L 52 5.78 -9.03 33.11
C ALA L 52 6.73 -9.74 34.10
N VAL L 53 6.96 -11.03 33.89
CA VAL L 53 7.81 -11.78 34.79
C VAL L 53 9.23 -11.26 34.76
N GLU L 54 9.73 -11.00 33.57
CA GLU L 54 11.08 -10.50 33.43
C GLU L 54 11.23 -9.19 34.18
N PHE L 55 10.24 -8.32 34.07
CA PHE L 55 10.28 -7.03 34.74
C PHE L 55 10.41 -7.17 36.25
N ALA L 56 9.52 -7.95 36.85
CA ALA L 56 9.52 -8.12 38.29
C ALA L 56 10.84 -8.69 38.75
N ARG L 57 11.37 -9.66 38.03
CA ARG L 57 12.62 -10.29 38.41
C ARG L 57 13.81 -9.35 38.27
N LEU L 58 13.90 -8.69 37.14
CA LEU L 58 14.98 -7.74 36.95
C LEU L 58 14.91 -6.58 37.98
N TYR L 59 13.71 -6.00 38.13
CA TYR L 59 13.48 -4.91 39.07
C TYR L 59 13.95 -5.24 40.50
N ALA L 60 13.61 -6.43 40.99
CA ALA L 60 14.02 -6.82 42.35
C ALA L 60 15.53 -6.93 42.44
N VAL L 61 16.14 -7.51 41.42
CA VAL L 61 17.58 -7.62 41.42
C VAL L 61 18.19 -6.22 41.41
N GLU L 62 17.68 -5.32 40.57
CA GLU L 62 18.25 -3.99 40.53
C GLU L 62 18.18 -3.28 41.90
N LEU L 63 17.06 -3.41 42.60
CA LEU L 63 16.88 -2.79 43.91
C LEU L 63 17.86 -3.34 44.94
N GLU L 64 18.02 -4.64 45.01
CA GLU L 64 18.94 -5.26 45.93
C GLU L 64 20.37 -5.03 45.53
N HIS L 65 20.60 -4.90 44.25
CA HIS L 65 21.95 -4.62 43.77
C HIS L 65 22.42 -3.27 44.32
N TYR L 66 21.53 -2.29 44.35
CA TYR L 66 21.90 -0.97 44.79
C TYR L 66 22.18 -0.99 46.26
N GLU L 67 21.31 -1.66 46.99
CA GLU L 67 21.43 -1.78 48.43
C GLU L 67 22.79 -2.39 48.86
N LYS L 68 23.18 -3.50 48.25
CA LYS L 68 24.43 -4.14 48.60
C LYS L 68 25.61 -3.26 48.21
N LEU L 69 25.50 -2.60 47.07
CA LEU L 69 26.58 -1.76 46.58
C LEU L 69 26.77 -0.50 47.45
N GLU L 70 25.66 0.16 47.77
CA GLU L 70 25.73 1.41 48.51
C GLU L 70 25.45 1.29 49.99
N GLY L 71 25.21 0.07 50.44
CA GLY L 71 24.97 -0.11 51.86
C GLY L 71 23.63 0.39 52.36
N VAL L 72 22.84 1.05 51.54
CA VAL L 72 21.52 1.40 51.99
C VAL L 72 20.52 1.25 50.88
N PRO L 73 19.25 1.17 51.20
CA PRO L 73 18.22 1.01 50.16
C PRO L 73 17.96 2.31 49.41
N LEU L 74 17.50 2.18 48.18
CA LEU L 74 17.17 3.31 47.33
C LEU L 74 15.99 4.00 48.02
N THR L 75 15.87 5.32 47.86
CA THR L 75 14.72 6.04 48.45
C THR L 75 13.51 5.57 47.64
N PHE L 76 12.31 5.77 48.16
CA PHE L 76 11.15 5.34 47.39
C PHE L 76 11.08 6.03 46.02
N ALA L 77 11.42 7.31 45.97
CA ALA L 77 11.40 8.02 44.69
C ALA L 77 12.36 7.36 43.71
N GLY L 78 13.53 6.92 44.20
CA GLY L 78 14.49 6.27 43.33
C GLY L 78 13.92 4.96 42.78
N LYS L 79 13.19 4.25 43.62
CA LYS L 79 12.59 3.01 43.20
C LYS L 79 11.62 3.26 42.06
N ILE L 80 10.81 4.30 42.22
CA ILE L 80 9.84 4.65 41.19
C ILE L 80 10.56 4.92 39.88
N ASN L 81 11.55 5.80 39.94
CA ASN L 81 12.31 6.16 38.75
C ASN L 81 12.91 4.96 38.01
N ARG L 82 13.50 4.04 38.75
CA ARG L 82 14.09 2.86 38.13
C ARG L 82 13.05 2.02 37.41
N LEU L 83 11.89 1.85 38.01
CA LEU L 83 10.84 1.12 37.40
C LEU L 83 10.35 1.82 36.13
N ALA L 84 10.27 3.13 36.21
CA ALA L 84 9.84 3.98 35.14
C ALA L 84 10.76 3.89 33.97
N ILE L 85 12.04 3.80 34.23
CA ILE L 85 13.05 3.65 33.23
C ILE L 85 12.92 2.33 32.50
N MET L 86 12.64 1.28 33.23
CA MET L 86 12.47 -0.02 32.65
C MET L 86 11.27 -0.05 31.71
N VAL L 87 10.18 0.57 32.11
CA VAL L 87 8.99 0.62 31.29
C VAL L 87 9.18 1.37 29.99
N ARG L 88 9.88 2.49 30.09
CA ARG L 88 10.21 3.36 29.00
C ARG L 88 11.08 2.62 27.98
N GLY L 89 11.97 1.81 28.49
CA GLY L 89 12.85 1.01 27.69
C GLY L 89 12.16 -0.03 26.86
N ASN L 90 10.99 -0.48 27.28
CA ASN L 90 10.26 -1.51 26.57
C ASN L 90 9.22 -0.95 25.59
N LEU L 91 9.17 0.37 25.44
CA LEU L 91 8.18 1.01 24.57
C LEU L 91 8.12 0.48 23.13
N ALA L 92 9.26 0.34 22.49
CA ALA L 92 9.31 -0.15 21.14
C ALA L 92 8.63 -1.53 21.07
N ALA L 93 9.06 -2.45 21.91
CA ALA L 93 8.52 -3.78 21.95
C ALA L 93 7.05 -3.78 22.31
N ALA L 94 6.64 -2.88 23.18
CA ALA L 94 5.26 -2.80 23.58
C ALA L 94 4.37 -2.45 22.41
N MET L 95 4.87 -1.63 21.52
CA MET L 95 4.17 -1.22 20.33
C MET L 95 3.93 -2.42 19.40
N GLN L 96 4.83 -3.37 19.49
CA GLN L 96 4.79 -4.56 18.72
C GLN L 96 4.11 -5.73 19.44
N GLY L 97 3.39 -5.48 20.51
CA GLY L 97 2.73 -6.55 21.24
C GLY L 97 3.36 -7.15 22.47
N LEU L 98 4.41 -6.53 22.96
CA LEU L 98 5.08 -6.99 24.16
C LEU L 98 4.84 -6.01 25.29
N LEU L 99 3.66 -5.42 25.32
CA LEU L 99 3.31 -4.45 26.32
C LEU L 99 3.09 -5.02 27.68
N ALA L 100 3.69 -4.42 28.68
CA ALA L 100 3.48 -4.80 30.05
C ALA L 100 3.49 -3.59 30.99
N LEU L 101 2.46 -3.49 31.79
CA LEU L 101 2.31 -2.38 32.72
C LEU L 101 2.36 -2.77 34.19
N PRO L 102 3.28 -2.16 34.94
CA PRO L 102 3.35 -2.48 36.37
C PRO L 102 2.52 -1.56 37.26
N LEU L 103 2.27 -2.03 38.47
CA LEU L 103 1.56 -1.31 39.51
C LEU L 103 2.49 -1.48 40.71
N LEU L 104 2.88 -0.38 41.34
CA LEU L 104 3.80 -0.43 42.47
C LEU L 104 3.13 -0.07 43.79
N ALA L 105 3.41 -0.86 44.82
CA ALA L 105 2.84 -0.58 46.14
C ALA L 105 3.98 -0.65 47.13
N GLY L 106 4.00 0.24 48.12
CA GLY L 106 5.06 0.19 49.09
C GLY L 106 4.78 0.98 50.35
N TYR L 107 5.66 0.83 51.32
CA TYR L 107 5.56 1.54 52.60
C TYR L 107 6.86 2.35 52.63
N ASP L 108 6.76 3.65 52.74
CA ASP L 108 7.97 4.47 52.75
C ASP L 108 8.46 4.66 54.19
N ILE L 109 9.60 4.06 54.48
CA ILE L 109 10.23 4.15 55.80
C ILE L 109 10.72 5.53 56.18
N HIS L 110 10.98 6.38 55.20
CA HIS L 110 11.44 7.72 55.47
C HIS L 110 10.37 8.79 55.48
N ALA L 111 9.13 8.42 55.30
CA ALA L 111 8.05 9.38 55.31
C ALA L 111 7.80 9.89 56.72
N SER L 112 7.50 11.18 56.84
CA SER L 112 7.30 11.78 58.16
C SER L 112 6.14 11.20 58.94
N ASP L 113 5.01 10.99 58.31
CA ASP L 113 3.88 10.47 59.05
C ASP L 113 3.64 8.99 58.69
N PRO L 114 3.91 8.13 59.65
CA PRO L 114 3.87 6.69 59.47
C PRO L 114 2.54 6.09 59.10
N GLN L 115 1.44 6.61 59.59
CA GLN L 115 0.17 6.04 59.21
C GLN L 115 -0.15 6.43 57.80
N SER L 116 0.59 7.39 57.28
CA SER L 116 0.39 7.85 55.93
C SER L 116 1.47 7.42 54.94
N ALA L 117 2.38 6.56 55.36
CA ALA L 117 3.54 6.11 54.59
C ALA L 117 3.25 5.21 53.40
N GLY L 118 2.06 4.68 53.33
CA GLY L 118 1.71 3.80 52.23
C GLY L 118 1.85 4.52 50.90
N ARG L 119 2.30 3.80 49.89
CA ARG L 119 2.46 4.36 48.56
C ARG L 119 1.91 3.45 47.45
N ILE L 120 1.25 4.08 46.49
CA ILE L 120 0.70 3.38 45.35
C ILE L 120 1.08 4.17 44.11
N VAL L 121 1.82 3.54 43.22
CA VAL L 121 2.24 4.22 42.00
C VAL L 121 1.82 3.47 40.73
N SER L 122 1.14 4.17 39.84
CA SER L 122 0.73 3.56 38.58
C SER L 122 1.68 4.04 37.46
N PHE L 123 1.73 3.28 36.37
CA PHE L 123 2.57 3.57 35.22
C PHE L 123 1.86 3.41 33.88
N ASP L 124 2.18 4.28 32.92
CA ASP L 124 1.58 4.13 31.60
C ASP L 124 2.64 3.50 30.68
N ALA L 125 2.24 3.10 29.48
CA ALA L 125 3.17 2.45 28.56
C ALA L 125 4.42 3.21 28.20
N ALA L 126 4.43 4.51 28.43
CA ALA L 126 5.61 5.30 28.07
C ALA L 126 6.49 5.50 29.29
N GLY L 127 6.10 4.91 30.41
CA GLY L 127 6.91 5.05 31.62
C GLY L 127 6.46 6.22 32.49
N GLY L 128 5.38 6.89 32.10
CA GLY L 128 4.87 7.98 32.90
C GLY L 128 4.35 7.37 34.17
N TRP L 129 4.76 7.93 35.31
CA TRP L 129 4.30 7.41 36.58
C TRP L 129 3.47 8.43 37.33
N ASN L 130 2.65 7.94 38.25
CA ASN L 130 1.80 8.81 39.04
C ASN L 130 1.58 8.20 40.42
N ILE L 131 1.91 8.98 41.45
CA ILE L 131 1.70 8.54 42.82
C ILE L 131 0.23 8.80 43.12
N GLU L 132 -0.52 7.71 43.29
CA GLU L 132 -1.94 7.81 43.54
C GLU L 132 -2.26 8.49 44.86
N GLU L 133 -3.14 9.49 44.81
CA GLU L 133 -3.51 10.21 46.01
C GLU L 133 -4.91 9.87 46.48
N GLU L 134 -5.68 9.15 45.68
CA GLU L 134 -7.03 8.82 46.09
C GLU L 134 -7.25 7.50 46.81
N GLY L 135 -6.17 6.80 47.16
CA GLY L 135 -6.31 5.57 47.93
C GLY L 135 -6.18 4.22 47.28
N TYR L 136 -6.56 4.14 46.02
CA TYR L 136 -6.49 2.87 45.32
C TYR L 136 -6.18 3.06 43.86
N GLN L 137 -5.85 1.96 43.19
CA GLN L 137 -5.52 1.98 41.78
C GLN L 137 -5.60 0.55 41.29
N ALA L 138 -5.63 0.37 39.98
CA ALA L 138 -5.70 -0.97 39.42
C ALA L 138 -5.11 -0.95 38.04
N VAL L 139 -4.63 -2.12 37.60
CA VAL L 139 -4.06 -2.24 36.28
C VAL L 139 -4.54 -3.56 35.64
N GLY L 140 -4.57 -3.61 34.31
CA GLY L 140 -5.03 -4.81 33.62
C GLY L 140 -6.37 -4.64 32.92
N SER L 141 -6.76 -5.63 32.13
CA SER L 141 -8.00 -5.64 31.39
C SER L 141 -9.27 -5.53 32.22
N GLY L 142 -9.17 -5.67 33.54
CA GLY L 142 -10.39 -5.56 34.33
C GLY L 142 -10.26 -4.40 35.31
N SER L 143 -9.20 -3.60 35.14
CA SER L 143 -8.95 -2.49 36.03
C SER L 143 -10.06 -1.46 36.15
N LEU L 144 -10.80 -1.20 35.06
CA LEU L 144 -11.88 -0.20 35.18
C LEU L 144 -12.96 -0.74 36.10
N PHE L 145 -13.30 -2.02 35.92
CA PHE L 145 -14.34 -2.61 36.73
C PHE L 145 -13.92 -2.64 38.19
N ALA L 146 -12.63 -2.89 38.42
CA ALA L 146 -12.12 -2.97 39.78
C ALA L 146 -12.14 -1.59 40.44
N LYS L 147 -11.65 -0.61 39.69
CA LYS L 147 -11.62 0.74 40.21
C LYS L 147 -13.00 1.26 40.52
N SER L 148 -13.97 0.98 39.66
CA SER L 148 -15.31 1.46 39.89
C SER L 148 -15.92 0.75 41.08
N SER L 149 -15.44 -0.46 41.33
CA SER L 149 -15.94 -1.19 42.48
C SER L 149 -15.32 -0.57 43.75
N MET L 150 -14.01 -0.38 43.75
CA MET L 150 -13.34 0.20 44.90
C MET L 150 -13.84 1.60 45.22
N LYS L 151 -14.26 2.33 44.22
CA LYS L 151 -14.75 3.64 44.44
C LYS L 151 -15.93 3.60 45.40
N LYS L 152 -16.79 2.62 45.25
CA LYS L 152 -17.95 2.49 46.11
C LYS L 152 -17.64 1.76 47.43
N LEU L 153 -16.52 1.04 47.49
CA LEU L 153 -16.21 0.24 48.67
C LEU L 153 -15.10 0.77 49.54
N TYR L 154 -14.34 1.71 49.00
CA TYR L 154 -13.20 2.26 49.71
C TYR L 154 -13.43 2.84 51.11
N SER L 155 -14.58 3.46 51.32
CA SER L 155 -14.86 4.05 52.60
C SER L 155 -14.70 2.96 53.67
N GLN L 156 -14.89 1.71 53.28
CA GLN L 156 -14.77 0.59 54.21
C GLN L 156 -13.36 0.23 54.59
N VAL L 157 -12.39 0.68 53.80
CA VAL L 157 -11.02 0.32 54.11
C VAL L 157 -10.52 1.16 55.29
N THR L 158 -10.63 0.60 56.49
CA THR L 158 -10.22 1.30 57.69
C THR L 158 -8.94 0.71 58.28
N ASP L 159 -8.51 -0.43 57.76
CA ASP L 159 -7.33 -1.11 58.26
C ASP L 159 -6.85 -2.08 57.19
N GLY L 160 -5.74 -2.76 57.44
CA GLY L 160 -5.22 -3.70 56.49
C GLY L 160 -6.13 -4.89 56.25
N ASP L 161 -7.03 -5.17 57.18
CA ASP L 161 -7.93 -6.32 57.05
C ASP L 161 -9.10 -6.11 56.12
N SER L 162 -9.76 -4.99 56.33
CA SER L 162 -10.91 -4.64 55.53
C SER L 162 -10.36 -4.24 54.12
N GLY L 163 -9.11 -3.79 54.10
CA GLY L 163 -8.48 -3.43 52.85
C GLY L 163 -8.26 -4.70 52.00
N LEU L 164 -7.81 -5.76 52.66
CA LEU L 164 -7.59 -7.04 52.00
C LEU L 164 -8.93 -7.56 51.54
N ARG L 165 -9.95 -7.37 52.36
CA ARG L 165 -11.26 -7.84 52.02
C ARG L 165 -11.83 -7.07 50.82
N VAL L 166 -11.61 -5.76 50.80
CA VAL L 166 -12.10 -4.94 49.71
C VAL L 166 -11.35 -5.30 48.42
N ALA L 167 -10.03 -5.42 48.53
CA ALA L 167 -9.22 -5.79 47.40
C ALA L 167 -9.80 -7.03 46.71
N VAL L 168 -10.07 -8.05 47.51
CA VAL L 168 -10.62 -9.29 47.01
C VAL L 168 -12.00 -9.08 46.37
N GLU L 169 -12.82 -8.23 46.96
CA GLU L 169 -14.11 -8.00 46.34
C GLU L 169 -13.93 -7.24 45.01
N ALA L 170 -12.94 -6.36 44.91
CA ALA L 170 -12.73 -5.62 43.67
C ALA L 170 -12.31 -6.62 42.59
N LEU L 171 -11.42 -7.57 42.93
CA LEU L 171 -10.96 -8.55 41.97
C LEU L 171 -12.13 -9.39 41.55
N TYR L 172 -13.01 -9.67 42.49
CA TYR L 172 -14.18 -10.48 42.20
C TYR L 172 -15.07 -9.72 41.21
N ASP L 173 -15.27 -8.42 41.43
CA ASP L 173 -16.08 -7.64 40.51
C ASP L 173 -15.43 -7.59 39.12
N ALA L 174 -14.12 -7.48 39.10
CA ALA L 174 -13.40 -7.44 37.85
C ALA L 174 -13.69 -8.74 37.05
N ALA L 175 -13.56 -9.91 37.69
CA ALA L 175 -13.78 -11.19 37.02
C ALA L 175 -15.23 -11.37 36.62
N ASP L 176 -16.12 -10.69 37.34
CA ASP L 176 -17.54 -10.76 37.03
C ASP L 176 -17.84 -10.08 35.69
N ASP L 177 -17.00 -9.11 35.30
CA ASP L 177 -17.21 -8.40 34.03
C ASP L 177 -16.14 -8.58 32.93
N ASP L 178 -14.96 -9.04 33.32
CA ASP L 178 -13.87 -9.26 32.37
C ASP L 178 -13.50 -10.75 32.31
N SER L 179 -13.82 -11.39 31.18
CA SER L 179 -13.54 -12.81 31.00
C SER L 179 -12.04 -13.09 31.08
N ALA L 180 -11.19 -12.08 30.86
CA ALA L 180 -9.76 -12.30 30.96
C ALA L 180 -9.25 -12.27 32.41
N THR L 181 -10.14 -12.03 33.36
CA THR L 181 -9.73 -12.02 34.77
C THR L 181 -10.40 -13.22 35.44
N GLY L 182 -9.58 -14.00 36.18
CA GLY L 182 -10.12 -15.19 36.84
C GLY L 182 -10.72 -14.98 38.22
N GLY L 183 -11.94 -15.46 38.41
CA GLY L 183 -12.59 -15.32 39.71
C GLY L 183 -12.09 -16.41 40.67
N PRO L 184 -12.57 -16.42 41.92
CA PRO L 184 -12.14 -17.47 42.86
C PRO L 184 -12.55 -18.84 42.33
N ASP L 185 -11.64 -19.81 42.28
CA ASP L 185 -11.99 -21.16 41.79
C ASP L 185 -12.23 -22.07 43.00
N LEU L 186 -13.49 -22.26 43.37
CA LEU L 186 -13.83 -23.08 44.50
C LEU L 186 -13.60 -24.56 44.26
N VAL L 187 -13.82 -25.02 43.04
CA VAL L 187 -13.61 -26.41 42.73
C VAL L 187 -12.14 -26.79 42.89
N ARG L 188 -11.24 -25.97 42.37
CA ARG L 188 -9.82 -26.30 42.48
C ARG L 188 -9.11 -25.67 43.68
N GLY L 189 -9.82 -24.80 44.40
CA GLY L 189 -9.22 -24.14 45.53
C GLY L 189 -8.12 -23.14 45.15
N ILE L 190 -8.33 -22.40 44.05
CA ILE L 190 -7.34 -21.40 43.64
C ILE L 190 -7.95 -20.01 43.87
N PHE L 191 -7.19 -19.15 44.52
CA PHE L 191 -7.68 -17.82 44.84
C PHE L 191 -6.65 -16.76 44.49
N PRO L 192 -7.11 -15.50 44.40
CA PRO L 192 -6.20 -14.39 44.08
C PRO L 192 -5.07 -14.42 45.12
N THR L 193 -3.90 -13.91 44.78
CA THR L 193 -2.83 -13.82 45.76
C THR L 193 -2.79 -12.36 46.25
N ALA L 194 -2.13 -12.11 47.39
CA ALA L 194 -2.06 -10.76 47.92
C ALA L 194 -0.85 -10.55 48.80
N VAL L 195 -0.38 -9.31 48.84
CA VAL L 195 0.74 -8.92 49.66
C VAL L 195 0.30 -7.73 50.48
N ILE L 196 0.68 -7.74 51.75
CA ILE L 196 0.38 -6.62 52.63
C ILE L 196 1.70 -5.99 53.08
N ILE L 197 1.73 -4.67 53.16
CA ILE L 197 2.95 -4.03 53.61
C ILE L 197 2.64 -2.96 54.63
N ASP L 198 3.32 -3.01 55.76
CA ASP L 198 3.17 -2.01 56.81
C ASP L 198 4.56 -1.65 57.31
N ALA L 199 4.66 -1.04 58.49
CA ALA L 199 5.96 -0.73 59.08
C ALA L 199 6.83 -1.95 59.33
N ASP L 200 6.25 -3.13 59.46
CA ASP L 200 7.05 -4.32 59.72
C ASP L 200 7.49 -5.02 58.45
N GLY L 201 7.21 -4.41 57.30
CA GLY L 201 7.61 -5.02 56.03
C GLY L 201 6.52 -5.69 55.20
N ALA L 202 6.91 -6.16 54.03
CA ALA L 202 6.02 -6.83 53.10
C ALA L 202 5.83 -8.31 53.42
N VAL L 203 4.58 -8.76 53.43
CA VAL L 203 4.30 -10.14 53.72
C VAL L 203 3.25 -10.73 52.80
N ASP L 204 3.43 -12.01 52.43
CA ASP L 204 2.46 -12.68 51.59
C ASP L 204 1.25 -13.03 52.42
N VAL L 205 0.06 -12.77 51.90
CA VAL L 205 -1.14 -13.10 52.65
C VAL L 205 -1.40 -14.60 52.50
N PRO L 206 -1.73 -15.28 53.60
CA PRO L 206 -2.00 -16.72 53.55
C PRO L 206 -3.22 -17.03 52.68
N GLU L 207 -3.07 -17.98 51.78
CA GLU L 207 -4.16 -18.36 50.88
C GLU L 207 -5.47 -18.67 51.61
N SER L 208 -5.35 -19.26 52.80
CA SER L 208 -6.52 -19.63 53.58
C SER L 208 -7.28 -18.38 54.00
N ARG L 209 -6.55 -17.30 54.23
CA ARG L 209 -7.20 -16.05 54.60
C ARG L 209 -8.04 -15.54 53.39
N ILE L 210 -7.41 -15.48 52.23
CA ILE L 210 -8.10 -15.03 51.02
C ILE L 210 -9.30 -15.92 50.67
N ALA L 211 -9.15 -17.23 50.88
CA ALA L 211 -10.22 -18.16 50.56
C ALA L 211 -11.45 -17.92 51.45
N GLU L 212 -11.19 -17.58 52.71
CA GLU L 212 -12.26 -17.31 53.66
C GLU L 212 -13.03 -16.07 53.22
N LEU L 213 -12.30 -15.00 52.87
CA LEU L 213 -12.90 -13.76 52.38
C LEU L 213 -13.70 -14.04 51.11
N ALA L 214 -13.10 -14.79 50.20
CA ALA L 214 -13.76 -15.13 48.96
C ALA L 214 -15.08 -15.86 49.20
N ARG L 215 -15.04 -16.88 50.05
CA ARG L 215 -16.27 -17.62 50.28
C ARG L 215 -17.35 -16.73 50.88
N ALA L 216 -16.96 -15.82 51.78
CA ALA L 216 -17.93 -14.93 52.40
C ALA L 216 -18.58 -14.01 51.36
N ILE L 217 -17.76 -13.46 50.47
CA ILE L 217 -18.29 -12.59 49.42
C ILE L 217 -19.34 -13.36 48.59
N ILE L 218 -18.99 -14.58 48.21
CA ILE L 218 -19.87 -15.41 47.41
C ILE L 218 -21.17 -15.68 48.14
N GLU L 219 -21.09 -15.95 49.44
CA GLU L 219 -22.28 -16.20 50.26
C GLU L 219 -23.13 -14.96 50.31
N SER L 220 -22.48 -13.82 50.46
CA SER L 220 -23.16 -12.54 50.51
C SER L 220 -23.98 -12.32 49.21
N ARG L 221 -23.32 -12.33 48.06
CA ARG L 221 -24.03 -12.13 46.80
C ARG L 221 -25.09 -13.22 46.54
N SER L 222 -24.93 -14.40 47.16
CA SER L 222 -25.89 -15.48 46.98
C SER L 222 -27.26 -15.21 47.61
N SER M 8 61.06 -1.65 39.45
CA SER M 8 61.22 -1.41 40.92
C SER M 8 59.92 -0.90 41.52
N PRO M 9 58.94 -1.79 41.72
CA PRO M 9 57.64 -1.42 42.28
C PRO M 9 57.71 -0.64 43.61
N GLU M 10 58.81 -0.78 44.34
CA GLU M 10 58.93 -0.10 45.63
C GLU M 10 59.54 1.30 45.56
N GLN M 11 60.50 1.50 44.66
CA GLN M 11 61.12 2.80 44.51
C GLN M 11 60.14 3.80 43.90
N ALA M 12 59.54 3.42 42.78
CA ALA M 12 58.57 4.26 42.09
C ALA M 12 57.50 4.71 43.07
N MET M 13 56.94 3.74 43.79
CA MET M 13 55.91 4.01 44.78
C MET M 13 56.36 5.14 45.72
N ARG M 14 57.60 5.06 46.18
CA ARG M 14 58.14 6.06 47.09
C ARG M 14 58.33 7.43 46.45
N GLU M 15 58.92 7.44 45.24
CA GLU M 15 59.14 8.70 44.54
C GLU M 15 57.84 9.41 44.21
N ARG M 16 56.91 8.69 43.57
CA ARG M 16 55.63 9.27 43.22
C ARG M 16 55.01 9.85 44.50
N SER M 17 54.98 9.05 45.56
CA SER M 17 54.41 9.48 46.81
C SER M 17 55.08 10.75 47.34
N GLU M 18 56.39 10.81 47.19
CA GLU M 18 57.14 11.97 47.66
C GLU M 18 56.77 13.20 46.83
N LEU M 19 56.81 13.02 45.52
CA LEU M 19 56.49 14.08 44.56
C LEU M 19 55.15 14.71 44.91
N ALA M 20 54.20 13.87 45.29
CA ALA M 20 52.87 14.33 45.65
C ALA M 20 52.86 15.09 46.96
N ARG M 21 53.40 14.46 48.00
CA ARG M 21 53.43 15.08 49.32
C ARG M 21 54.08 16.46 49.25
N LYS M 22 55.19 16.56 48.53
CA LYS M 22 55.89 17.82 48.38
C LYS M 22 55.01 18.92 47.78
N GLY M 23 54.32 18.58 46.68
CA GLY M 23 53.46 19.53 46.03
C GLY M 23 52.38 20.05 46.98
N ILE M 24 51.79 19.14 47.73
CA ILE M 24 50.75 19.51 48.68
C ILE M 24 51.32 20.39 49.78
N ALA M 25 52.56 20.10 50.16
CA ALA M 25 53.24 20.84 51.20
C ALA M 25 53.47 22.31 50.81
N ARG M 26 53.91 22.54 49.58
CA ARG M 26 54.18 23.89 49.14
C ARG M 26 52.90 24.69 48.86
N ALA M 27 51.74 24.06 49.08
CA ALA M 27 50.48 24.73 48.81
C ALA M 27 49.86 25.35 50.05
N LYS M 28 48.96 26.32 49.84
CA LYS M 28 48.28 26.98 50.94
C LYS M 28 47.40 25.99 51.71
N SER M 29 47.06 26.33 52.95
CA SER M 29 46.28 25.44 53.80
C SER M 29 44.78 25.66 53.84
N VAL M 30 44.06 24.57 54.05
CA VAL M 30 42.60 24.60 54.11
C VAL M 30 42.10 23.86 55.30
N VAL M 31 41.04 24.38 55.91
CA VAL M 31 40.46 23.74 57.08
C VAL M 31 38.95 23.63 57.01
N ALA M 32 38.44 22.52 57.52
CA ALA M 32 37.01 22.28 57.55
C ALA M 32 36.69 21.73 58.93
N LEU M 33 35.66 22.28 59.57
CA LEU M 33 35.21 21.79 60.87
C LEU M 33 33.71 21.80 61.13
N ALA M 34 33.26 20.85 61.96
CA ALA M 34 31.87 20.77 62.33
C ALA M 34 31.55 21.91 63.27
N TYR M 35 30.33 22.38 63.26
CA TYR M 35 29.95 23.47 64.12
C TYR M 35 28.47 23.43 64.22
N ALA M 36 27.87 24.25 65.06
CA ALA M 36 26.49 24.06 65.37
C ALA M 36 25.52 24.13 64.19
N GLY M 37 25.73 25.04 63.27
CA GLY M 37 24.82 25.21 62.15
C GLY M 37 25.13 24.48 60.85
N GLY M 38 26.13 23.60 60.85
CA GLY M 38 26.56 22.97 59.64
C GLY M 38 28.02 22.62 59.68
N VAL M 39 28.72 22.87 58.58
CA VAL M 39 30.13 22.66 58.49
C VAL M 39 30.69 23.96 57.99
N LEU M 40 31.91 24.29 58.38
CA LEU M 40 32.56 25.51 57.97
C LEU M 40 33.84 25.23 57.20
N PHE M 41 33.97 25.92 56.08
CA PHE M 41 35.12 25.78 55.22
C PHE M 41 35.88 27.11 55.21
N VAL M 42 37.17 27.03 55.54
CA VAL M 42 38.02 28.21 55.55
C VAL M 42 39.39 27.86 54.95
N ALA M 43 39.74 28.61 53.92
CA ALA M 43 41.01 28.39 53.24
C ALA M 43 41.74 29.70 52.94
N GLU M 44 43.06 29.60 52.96
CA GLU M 44 43.92 30.73 52.66
C GLU M 44 43.84 30.86 51.14
N ASN M 45 43.18 31.89 50.66
CA ASN M 45 43.05 32.04 49.23
C ASN M 45 43.12 33.50 48.78
N PRO M 46 44.25 33.87 48.22
CA PRO M 46 44.48 35.22 47.73
C PRO M 46 43.60 35.62 46.58
N SER M 47 43.38 34.70 45.64
CA SER M 47 42.58 34.98 44.43
C SER M 47 41.09 35.24 44.55
N ARG M 48 40.65 36.31 43.88
CA ARG M 48 39.26 36.71 43.85
C ARG M 48 38.30 35.76 43.11
N SER M 49 38.73 35.26 41.94
CA SER M 49 37.89 34.35 41.15
C SER M 49 38.24 32.85 41.13
N LEU M 50 39.28 32.44 41.82
CA LEU M 50 39.64 31.01 41.83
C LEU M 50 39.19 30.45 43.17
N GLN M 51 38.35 29.43 43.14
CA GLN M 51 37.81 28.83 44.36
C GLN M 51 38.34 27.45 44.75
N LYS M 52 38.72 27.32 46.02
CA LYS M 52 39.22 26.07 46.56
C LYS M 52 38.11 25.36 47.35
N ILE M 53 36.93 25.98 47.43
CA ILE M 53 35.84 25.40 48.15
C ILE M 53 34.66 25.43 47.23
N SER M 54 33.91 24.35 47.17
CA SER M 54 32.77 24.34 46.27
C SER M 54 31.63 23.42 46.69
N GLU M 55 30.46 23.70 46.17
CA GLU M 55 29.28 22.87 46.42
C GLU M 55 29.37 21.65 45.51
N LEU M 56 28.96 20.48 46.01
CA LEU M 56 28.97 19.26 45.19
C LEU M 56 27.54 18.84 44.90
N TYR M 57 26.74 18.79 45.95
CA TYR M 57 25.34 18.44 45.80
C TYR M 57 24.58 19.14 46.93
N ASP M 58 23.28 18.91 46.96
CA ASP M 58 22.39 19.50 47.93
C ASP M 58 22.99 19.74 49.31
N ARG M 59 23.44 18.70 49.98
CA ARG M 59 23.98 18.82 51.30
C ARG M 59 25.44 18.45 51.38
N VAL M 60 26.14 18.38 50.27
CA VAL M 60 27.50 17.94 50.24
C VAL M 60 28.46 19.00 49.73
N GLY M 61 29.52 19.24 50.50
CA GLY M 61 30.52 20.24 50.14
C GLY M 61 31.87 19.65 49.80
N PHE M 62 32.70 20.46 49.16
CA PHE M 62 34.02 20.04 48.71
C PHE M 62 35.09 21.11 49.01
N ALA M 63 36.27 20.66 49.43
CA ALA M 63 37.37 21.57 49.74
C ALA M 63 38.65 20.86 49.34
N ALA M 64 39.61 21.60 48.82
CA ALA M 64 40.86 20.95 48.41
C ALA M 64 42.08 21.84 48.52
N ALA M 65 43.22 21.18 48.54
CA ALA M 65 44.49 21.88 48.62
C ALA M 65 45.43 21.21 47.64
N GLY M 66 46.32 22.00 47.06
CA GLY M 66 47.26 21.42 46.11
C GLY M 66 47.24 22.18 44.80
N LYS M 67 47.54 21.48 43.71
CA LYS M 67 47.57 22.08 42.39
C LYS M 67 46.14 22.34 41.92
N PHE M 68 45.77 23.60 41.68
CA PHE M 68 44.41 23.98 41.24
C PHE M 68 43.84 23.27 40.03
N ASN M 69 44.54 23.25 38.92
CA ASN M 69 44.03 22.57 37.76
C ASN M 69 43.71 21.09 38.07
N GLU M 70 44.49 20.46 38.96
CA GLU M 70 44.23 19.06 39.30
C GLU M 70 43.02 18.87 40.22
N PHE M 71 42.86 19.71 41.24
CA PHE M 71 41.72 19.56 42.11
C PHE M 71 40.44 20.11 41.51
N ASP M 72 40.55 21.02 40.58
CA ASP M 72 39.35 21.58 39.96
C ASP M 72 38.83 20.45 39.04
N ASN M 73 39.77 19.70 38.47
CA ASN M 73 39.41 18.57 37.66
C ASN M 73 38.57 17.60 38.50
N LEU M 74 39.03 17.31 39.70
CA LEU M 74 38.32 16.38 40.59
C LEU M 74 36.99 16.96 41.03
N ARG M 75 36.96 18.27 41.23
CA ARG M 75 35.73 18.93 41.64
C ARG M 75 34.65 18.72 40.56
N ARG M 76 35.02 18.98 39.30
CA ARG M 76 34.11 18.82 38.19
C ARG M 76 33.62 17.40 38.09
N GLY M 77 34.54 16.45 38.20
CA GLY M 77 34.17 15.05 38.13
C GLY M 77 33.20 14.69 39.23
N GLY M 78 33.41 15.28 40.41
CA GLY M 78 32.53 15.02 41.53
C GLY M 78 31.14 15.51 41.22
N ILE M 79 31.05 16.75 40.74
CA ILE M 79 29.76 17.33 40.38
C ILE M 79 29.09 16.45 39.32
N GLN M 80 29.89 15.99 38.35
CA GLN M 80 29.40 15.13 37.30
C GLN M 80 28.76 13.88 37.92
N PHE M 81 29.51 13.19 38.78
CA PHE M 81 29.05 11.98 39.44
C PHE M 81 27.76 12.18 40.25
N ALA M 82 27.73 13.24 41.04
CA ALA M 82 26.59 13.52 41.88
C ALA M 82 25.32 13.78 41.08
N ASP M 83 25.43 14.67 40.10
CA ASP M 83 24.26 15.02 39.29
C ASP M 83 23.73 13.80 38.55
N THR M 84 24.64 13.00 37.99
CA THR M 84 24.24 11.79 37.30
C THR M 84 23.51 10.81 38.23
N ARG M 85 24.02 10.58 39.43
CA ARG M 85 23.36 9.72 40.37
C ARG M 85 22.00 10.20 40.74
N GLY M 86 21.96 11.43 41.14
CA GLY M 86 20.71 12.00 41.60
C GLY M 86 19.65 11.86 40.56
N TYR M 87 20.04 12.04 39.31
CA TYR M 87 19.11 11.94 38.20
C TYR M 87 18.70 10.49 37.92
N ALA M 88 19.67 9.58 37.89
CA ALA M 88 19.40 8.17 37.64
C ALA M 88 18.55 7.51 38.76
N TYR M 89 18.65 8.03 39.98
CA TYR M 89 17.89 7.52 41.11
C TYR M 89 17.02 8.60 41.73
N ASP M 90 17.42 9.20 42.82
CA ASP M 90 16.74 10.37 43.36
C ASP M 90 17.78 11.23 44.06
N ARG M 91 17.47 12.50 44.26
CA ARG M 91 18.41 13.41 44.88
C ARG M 91 18.88 12.95 46.22
N ARG M 92 17.95 12.53 47.05
CA ARG M 92 18.26 12.04 48.38
C ARG M 92 19.06 10.75 48.43
N ASP M 93 19.38 10.18 47.29
CA ASP M 93 20.19 8.99 47.27
C ASP M 93 21.66 9.31 47.15
N VAL M 94 21.97 10.57 46.92
CA VAL M 94 23.37 11.02 46.81
C VAL M 94 23.86 11.31 48.22
N THR M 95 25.08 10.87 48.56
CA THR M 95 25.64 11.10 49.89
C THR M 95 27.11 11.43 49.90
N GLY M 96 27.53 12.09 50.98
CA GLY M 96 28.92 12.46 51.13
C GLY M 96 29.81 11.22 51.11
N ARG M 97 29.31 10.13 51.70
CA ARG M 97 30.08 8.89 51.73
C ARG M 97 30.35 8.39 50.29
N GLN M 98 29.33 8.40 49.43
CA GLN M 98 29.51 7.98 48.07
C GLN M 98 30.52 8.82 47.34
N LEU M 99 30.46 10.13 47.51
CA LEU M 99 31.44 11.00 46.85
C LEU M 99 32.87 10.76 47.34
N ALA M 100 33.03 10.59 48.64
CA ALA M 100 34.35 10.32 49.20
C ALA M 100 34.88 9.02 48.60
N ASN M 101 34.01 8.00 48.62
CA ASN M 101 34.35 6.69 48.08
C ASN M 101 34.82 6.81 46.61
N VAL M 102 34.12 7.63 45.84
CA VAL M 102 34.45 7.84 44.44
C VAL M 102 35.81 8.53 44.28
N TYR M 103 36.04 9.57 45.09
CA TYR M 103 37.31 10.27 45.02
C TYR M 103 38.45 9.32 45.40
N ALA M 104 38.20 8.51 46.43
CA ALA M 104 39.17 7.53 46.90
C ALA M 104 39.57 6.62 45.75
N GLN M 105 38.59 6.07 45.06
CA GLN M 105 38.85 5.20 43.93
C GLN M 105 39.55 5.93 42.79
N THR M 106 39.13 7.18 42.54
CA THR M 106 39.69 7.98 41.46
C THR M 106 41.14 8.33 41.67
N LEU M 107 41.47 8.87 42.84
CA LEU M 107 42.85 9.23 43.14
C LEU M 107 43.72 7.98 43.18
N GLY M 108 43.17 6.89 43.72
CA GLY M 108 43.90 5.64 43.76
C GLY M 108 44.35 5.24 42.37
N THR M 109 43.44 5.37 41.40
CA THR M 109 43.74 5.02 40.02
C THR M 109 44.77 5.97 39.42
N ILE M 110 44.59 7.27 39.64
CA ILE M 110 45.53 8.27 39.12
C ILE M 110 46.93 7.97 39.65
N PHE M 111 47.02 7.84 40.97
CA PHE M 111 48.26 7.57 41.66
C PHE M 111 48.98 6.35 41.09
N THR M 112 48.20 5.39 40.62
CA THR M 112 48.73 4.16 40.07
C THR M 112 49.08 4.17 38.60
N GLU M 113 48.11 4.51 37.77
CA GLU M 113 48.33 4.46 36.34
C GLU M 113 48.63 5.74 35.55
N GLN M 114 48.60 6.89 36.21
CA GLN M 114 48.90 8.12 35.48
C GLN M 114 50.38 8.52 35.54
N ALA M 115 50.80 9.29 34.55
CA ALA M 115 52.20 9.74 34.45
C ALA M 115 52.68 10.34 35.76
N LYS M 116 51.93 11.32 36.26
CA LYS M 116 52.27 11.96 37.50
C LYS M 116 51.13 11.88 38.48
N PRO M 117 51.44 11.70 39.77
CA PRO M 117 50.37 11.62 40.76
C PRO M 117 49.75 12.99 40.86
N TYR M 118 48.53 13.07 41.38
CA TYR M 118 47.87 14.35 41.55
C TYR M 118 48.36 14.95 42.86
N GLU M 119 48.91 16.15 42.79
CA GLU M 119 49.41 16.83 43.98
C GLU M 119 48.21 17.47 44.68
N VAL M 120 47.32 16.65 45.24
CA VAL M 120 46.13 17.20 45.90
C VAL M 120 45.69 16.43 47.13
N GLU M 121 44.85 17.07 47.93
CA GLU M 121 44.29 16.48 49.14
C GLU M 121 42.86 17.03 49.20
N LEU M 122 41.88 16.14 49.30
CA LEU M 122 40.49 16.55 49.30
C LEU M 122 39.71 16.31 50.55
N CYS M 123 38.66 17.11 50.70
CA CYS M 123 37.76 16.94 51.82
C CYS M 123 36.31 17.03 51.34
N VAL M 124 35.53 16.00 51.66
CA VAL M 124 34.13 15.95 51.30
C VAL M 124 33.36 16.05 52.61
N ALA M 125 32.39 16.96 52.67
CA ALA M 125 31.60 17.12 53.89
C ALA M 125 30.12 17.03 53.59
N GLU M 126 29.35 16.60 54.58
CA GLU M 126 27.92 16.48 54.43
C GLU M 126 27.23 16.85 55.73
N VAL M 127 26.13 17.58 55.62
CA VAL M 127 25.35 17.96 56.79
C VAL M 127 23.98 17.32 56.63
N ALA M 128 23.19 17.34 57.69
CA ALA M 128 21.85 16.76 57.64
C ALA M 128 20.93 17.51 56.66
N HIS M 129 19.83 16.85 56.28
CA HIS M 129 18.85 17.45 55.41
C HIS M 129 18.01 18.38 56.28
N TYR M 130 17.35 19.37 55.68
CA TYR M 130 16.54 20.29 56.45
C TYR M 130 15.57 19.60 57.42
N GLY M 131 15.53 20.10 58.65
CA GLY M 131 14.65 19.52 59.64
C GLY M 131 15.06 18.15 60.15
N GLU M 132 16.04 17.55 59.50
CA GLU M 132 16.53 16.25 59.89
C GLU M 132 17.54 16.49 61.00
N THR M 133 17.89 15.43 61.71
CA THR M 133 18.85 15.56 62.78
C THR M 133 19.93 14.50 62.62
N LYS M 134 21.11 14.94 62.18
CA LYS M 134 22.22 14.02 61.96
C LYS M 134 23.54 14.73 62.17
N ARG M 135 24.54 14.00 62.65
CA ARG M 135 25.86 14.55 62.93
C ARG M 135 26.63 14.77 61.62
N PRO M 136 27.20 15.97 61.44
CA PRO M 136 27.96 16.26 60.22
C PRO M 136 29.01 15.21 59.97
N GLU M 137 29.38 15.02 58.72
CA GLU M 137 30.40 14.03 58.35
C GLU M 137 31.50 14.70 57.54
N LEU M 138 32.75 14.35 57.81
CA LEU M 138 33.87 14.93 57.11
C LEU M 138 34.76 13.80 56.64
N TYR M 139 35.20 13.88 55.39
CA TYR M 139 36.05 12.84 54.83
C TYR M 139 37.26 13.47 54.23
N ARG M 140 38.38 12.78 54.36
CA ARG M 140 39.62 13.27 53.82
C ARG M 140 40.17 12.20 52.90
N ILE M 141 40.42 12.59 51.66
CA ILE M 141 40.96 11.65 50.68
C ILE M 141 42.32 12.22 50.29
N THR M 142 43.32 11.36 50.24
CA THR M 142 44.67 11.78 49.92
C THR M 142 45.10 11.33 48.54
N TYR M 143 46.19 11.93 48.08
CA TYR M 143 46.72 11.66 46.76
C TYR M 143 46.85 10.21 46.35
N ASP M 144 46.92 9.30 47.31
CA ASP M 144 47.07 7.89 46.94
C ASP M 144 45.76 7.10 47.02
N GLY M 145 44.67 7.80 47.35
CA GLY M 145 43.39 7.13 47.44
C GLY M 145 43.01 6.67 48.83
N SER M 146 43.76 7.12 49.82
CA SER M 146 43.47 6.73 51.19
C SER M 146 42.31 7.59 51.65
N ILE M 147 41.43 7.01 52.44
CA ILE M 147 40.27 7.76 52.91
C ILE M 147 40.14 7.60 54.40
N ALA M 148 39.56 8.60 55.06
CA ALA M 148 39.37 8.58 56.51
C ALA M 148 38.37 9.63 56.91
N ASP M 149 37.48 9.31 57.84
CA ASP M 149 36.49 10.30 58.28
C ASP M 149 36.82 10.88 59.64
N GLU M 150 36.96 12.21 59.68
CA GLU M 150 37.26 12.91 60.92
C GLU M 150 35.96 13.29 61.58
N PRO M 151 35.90 13.20 62.91
CA PRO M 151 34.69 13.53 63.65
C PRO M 151 34.46 15.02 63.88
N HIS M 152 35.53 15.80 63.89
CA HIS M 152 35.38 17.22 64.18
C HIS M 152 35.95 18.21 63.17
N PHE M 153 37.13 17.93 62.65
CA PHE M 153 37.74 18.84 61.70
C PHE M 153 38.77 18.17 60.79
N VAL M 154 39.05 18.82 59.67
CA VAL M 154 40.03 18.32 58.72
C VAL M 154 40.93 19.47 58.30
N VAL M 155 42.21 19.17 58.11
CA VAL M 155 43.19 20.16 57.70
C VAL M 155 43.97 19.61 56.54
N MET M 156 44.18 20.44 55.52
CA MET M 156 44.93 20.01 54.35
C MET M 156 45.80 21.12 53.76
N GLY M 157 46.91 20.72 53.16
CA GLY M 157 47.80 21.66 52.52
C GLY M 157 48.88 22.29 53.38
N GLY M 158 50.06 22.44 52.79
CA GLY M 158 51.17 23.04 53.51
C GLY M 158 51.56 22.26 54.75
N THR M 159 51.94 22.99 55.80
CA THR M 159 52.33 22.38 57.07
C THR M 159 51.08 22.24 57.92
N THR M 160 50.58 21.02 58.02
CA THR M 160 49.36 20.73 58.75
C THR M 160 49.49 20.61 60.25
N GLU M 161 50.48 19.85 60.73
CA GLU M 161 50.66 19.65 62.16
C GLU M 161 50.44 20.89 63.01
N PRO M 162 51.13 21.97 62.71
CA PRO M 162 50.94 23.22 63.43
C PRO M 162 49.50 23.71 63.46
N ILE M 163 48.71 23.36 62.46
CA ILE M 163 47.36 23.89 62.34
C ILE M 163 46.45 22.92 62.99
N ALA M 164 46.88 21.69 62.87
CA ALA M 164 46.12 20.59 63.44
C ALA M 164 46.12 20.69 64.96
N ASN M 165 47.31 20.76 65.54
CA ASN M 165 47.46 20.88 66.99
C ASN M 165 46.75 22.13 67.53
N ALA M 166 46.95 23.26 66.87
CA ALA M 166 46.32 24.51 67.28
C ALA M 166 44.82 24.36 67.35
N LEU M 167 44.27 23.61 66.40
CA LEU M 167 42.83 23.39 66.32
C LEU M 167 42.45 22.31 67.33
N LYS M 168 43.30 21.29 67.42
CA LYS M 168 43.10 20.16 68.33
C LYS M 168 42.85 20.62 69.77
N GLU M 169 43.53 21.69 70.18
CA GLU M 169 43.39 22.23 71.52
C GLU M 169 42.27 23.27 71.51
N SER M 170 42.13 23.95 70.38
CA SER M 170 41.13 24.99 70.22
C SER M 170 39.68 24.56 70.11
N TYR M 171 39.41 23.60 69.22
CA TYR M 171 38.07 23.10 68.94
C TYR M 171 37.17 22.60 70.06
N ALA M 172 35.88 22.86 69.86
CA ALA M 172 34.79 22.47 70.74
C ALA M 172 33.56 22.45 69.84
N GLU M 173 32.96 21.28 69.66
CA GLU M 173 31.78 21.16 68.79
C GLU M 173 30.57 21.92 69.32
N ASN M 174 29.63 22.19 68.43
CA ASN M 174 28.41 22.92 68.76
C ASN M 174 28.69 24.40 68.96
N ALA M 175 29.90 24.82 68.58
CA ALA M 175 30.31 26.21 68.67
C ALA M 175 29.45 27.03 67.69
N SER M 176 29.46 28.33 67.88
CA SER M 176 28.71 29.24 67.05
C SER M 176 29.46 29.41 65.76
N LEU M 177 28.82 30.01 64.78
CA LEU M 177 29.52 30.18 63.56
C LEU M 177 30.75 30.98 63.82
N THR M 178 30.63 32.10 64.52
CA THR M 178 31.79 32.94 64.79
C THR M 178 32.87 32.36 65.70
N ASP M 179 32.49 31.72 66.78
CA ASP M 179 33.55 31.21 67.59
C ASP M 179 34.27 30.22 66.69
N ALA M 180 33.52 29.42 65.93
CA ALA M 180 34.18 28.45 65.07
C ALA M 180 35.06 29.07 63.99
N LEU M 181 34.61 30.13 63.39
CA LEU M 181 35.39 30.75 62.37
C LEU M 181 36.69 31.17 62.98
N ARG M 182 36.64 31.81 64.15
CA ARG M 182 37.87 32.26 64.78
C ARG M 182 38.80 31.14 65.16
N ILE M 183 38.25 30.08 65.70
CA ILE M 183 39.14 29.02 66.07
C ILE M 183 39.85 28.54 64.81
N ALA M 184 39.11 28.38 63.73
CA ALA M 184 39.67 27.90 62.48
C ALA M 184 40.78 28.78 61.95
N VAL M 185 40.55 30.07 61.87
CA VAL M 185 41.57 30.98 61.36
C VAL M 185 42.88 30.94 62.17
N ALA M 186 42.74 30.88 63.49
CA ALA M 186 43.87 30.84 64.37
C ALA M 186 44.71 29.62 64.18
N ALA M 187 44.09 28.46 63.97
CA ALA M 187 44.89 27.24 63.75
C ALA M 187 45.69 27.38 62.48
N LEU M 188 45.10 28.00 61.49
CA LEU M 188 45.77 28.19 60.24
C LEU M 188 46.98 29.06 60.49
N ARG M 189 46.78 30.04 61.36
CA ARG M 189 47.78 31.02 61.74
C ARG M 189 49.00 30.28 62.27
N ALA M 190 48.83 29.16 62.94
CA ALA M 190 49.97 28.43 63.47
C ALA M 190 50.95 28.00 62.38
N GLY M 191 50.44 27.49 61.27
CA GLY M 191 51.26 27.06 60.15
C GLY M 191 51.14 27.91 58.93
N VAL M 205 40.42 39.26 55.32
CA VAL M 205 39.41 38.64 54.49
C VAL M 205 39.78 38.63 53.02
N ALA M 206 40.47 39.68 52.57
CA ALA M 206 40.89 39.76 51.18
C ALA M 206 41.85 38.62 50.82
N SER M 207 42.13 37.77 51.81
CA SER M 207 43.00 36.63 51.63
C SER M 207 42.33 35.35 52.13
N LEU M 208 41.02 35.40 52.33
CA LEU M 208 40.27 34.24 52.82
C LEU M 208 39.02 33.87 52.06
N GLU M 209 38.88 32.58 51.80
CA GLU M 209 37.74 32.03 51.10
C GLU M 209 36.94 31.32 52.18
N VAL M 210 35.72 31.78 52.43
CA VAL M 210 34.90 31.16 53.45
C VAL M 210 33.52 30.75 52.94
N ALA M 211 33.08 29.58 53.38
CA ALA M 211 31.78 29.04 53.04
C ALA M 211 31.30 28.04 54.07
N VAL M 212 29.99 27.83 54.09
CA VAL M 212 29.40 26.85 54.99
C VAL M 212 28.36 25.93 54.35
N LEU M 213 28.22 24.74 54.90
CA LEU M 213 27.15 23.86 54.54
C LEU M 213 26.24 24.14 55.68
N ASP M 214 25.19 24.87 55.38
CA ASP M 214 24.25 25.31 56.37
C ASP M 214 23.02 24.41 56.48
N ALA M 215 22.88 23.73 57.61
CA ALA M 215 21.82 22.77 57.82
C ALA M 215 20.45 23.38 57.85
N ASN M 216 20.36 24.69 57.91
CA ASN M 216 19.06 25.31 57.95
C ASN M 216 18.48 25.78 56.62
N ARG M 217 19.24 25.65 55.56
CA ARG M 217 18.73 26.02 54.28
C ARG M 217 17.86 24.84 53.87
N PRO M 218 16.77 25.07 53.15
CA PRO M 218 15.86 24.01 52.77
C PRO M 218 16.43 22.93 51.84
N ARG M 219 17.16 23.33 50.80
CA ARG M 219 17.71 22.32 49.93
C ARG M 219 19.19 22.44 49.69
N ARG M 220 19.63 23.61 49.28
CA ARG M 220 21.01 23.74 48.99
C ARG M 220 21.73 24.43 50.13
N ALA M 221 22.43 23.61 50.90
CA ALA M 221 23.15 24.04 52.06
C ALA M 221 24.30 24.99 51.80
N PHE M 222 25.01 24.77 50.72
CA PHE M 222 26.18 25.55 50.39
C PHE M 222 25.95 27.03 50.24
N ARG M 223 26.73 27.83 50.94
CA ARG M 223 26.60 29.27 50.82
C ARG M 223 27.91 29.93 51.14
N ARG M 224 28.28 30.90 50.33
CA ARG M 224 29.52 31.62 50.53
C ARG M 224 29.28 32.78 51.44
N ILE M 225 30.28 33.07 52.24
CA ILE M 225 30.23 34.14 53.20
C ILE M 225 31.36 35.02 52.81
N THR M 226 31.02 36.08 52.09
CA THR M 226 31.97 37.00 51.51
C THR M 226 31.70 38.47 51.78
N GLY M 227 32.73 39.28 51.55
CA GLY M 227 32.63 40.72 51.72
C GLY M 227 32.36 41.23 53.12
N SER M 228 31.57 42.30 53.20
CA SER M 228 31.21 42.90 54.47
C SER M 228 30.67 41.86 55.45
N ALA M 229 29.81 41.00 54.91
CA ALA M 229 29.15 40.00 55.69
C ALA M 229 30.17 39.12 56.31
N LEU M 230 31.25 38.85 55.59
CA LEU M 230 32.42 38.13 56.14
C LEU M 230 33.15 38.95 57.21
N GLN M 231 33.20 40.26 57.00
CA GLN M 231 33.93 41.15 57.89
C GLN M 231 33.37 41.04 59.30
N ALA M 232 32.06 41.06 59.36
CA ALA M 232 31.37 41.07 60.60
C ALA M 232 31.74 39.82 61.34
N LEU M 233 31.82 38.72 60.63
CA LEU M 233 32.15 37.48 61.33
C LEU M 233 33.53 37.56 61.93
N LEU M 234 34.43 38.11 61.14
CA LEU M 234 35.82 38.23 61.46
C LEU M 234 36.03 39.22 62.61
N THR N 1 -5.15 19.53 28.95
CA THR N 1 -4.18 20.35 29.69
C THR N 1 -4.14 21.80 29.24
N THR N 2 -3.97 22.68 30.21
CA THR N 2 -3.78 24.07 29.93
C THR N 2 -2.83 24.65 30.98
N ILE N 3 -1.79 25.35 30.48
CA ILE N 3 -0.84 25.99 31.34
C ILE N 3 -0.78 27.44 30.83
N VAL N 4 -0.92 28.40 31.73
CA VAL N 4 -0.87 29.81 31.32
C VAL N 4 0.26 30.50 32.08
N ALA N 5 0.77 31.55 31.48
CA ALA N 5 1.79 32.39 32.10
C ALA N 5 1.50 33.81 31.72
N LEU N 6 1.69 34.71 32.65
CA LEU N 6 1.49 36.09 32.36
C LEU N 6 2.39 36.97 33.17
N LYS N 7 2.73 38.12 32.63
CA LYS N 7 3.58 39.06 33.31
C LYS N 7 2.73 40.03 34.06
N TYR N 8 3.23 40.46 35.20
CA TYR N 8 2.61 41.47 36.03
C TYR N 8 3.78 42.34 36.37
N PRO N 9 3.53 43.53 36.86
CA PRO N 9 4.64 44.42 37.16
C PRO N 9 5.52 43.86 38.25
N GLY N 10 6.79 43.70 37.95
CA GLY N 10 7.74 43.12 38.85
C GLY N 10 7.86 41.61 38.89
N GLY N 11 7.15 40.90 38.04
CA GLY N 11 7.23 39.47 38.04
C GLY N 11 6.41 38.72 37.03
N VAL N 12 6.32 37.42 37.23
CA VAL N 12 5.58 36.55 36.36
C VAL N 12 4.81 35.59 37.19
N VAL N 13 3.73 35.07 36.64
CA VAL N 13 2.97 34.03 37.32
C VAL N 13 2.67 32.95 36.26
N MET N 14 2.81 31.69 36.65
CA MET N 14 2.51 30.57 35.77
C MET N 14 1.57 29.63 36.52
N ALA N 15 0.50 29.20 35.87
CA ALA N 15 -0.42 28.30 36.53
C ALA N 15 -0.88 27.20 35.59
N GLY N 16 -1.18 26.01 36.16
CA GLY N 16 -1.60 24.88 35.34
C GLY N 16 -2.71 24.08 35.97
N ASP N 17 -3.46 23.37 35.13
CA ASP N 17 -4.56 22.56 35.64
C ASP N 17 -4.02 21.23 36.18
N ARG N 18 -4.91 20.36 36.62
CA ARG N 18 -4.50 19.10 37.26
C ARG N 18 -4.97 17.83 36.57
N ARG N 19 -5.58 17.97 35.39
CA ARG N 19 -6.11 16.80 34.72
C ARG N 19 -5.16 15.98 33.88
N SER N 20 -5.45 14.70 33.82
CA SER N 20 -4.67 13.77 33.00
C SER N 20 -5.70 12.91 32.28
N THR N 21 -5.49 12.66 30.99
CA THR N 21 -6.44 11.83 30.24
C THR N 21 -5.81 10.75 29.39
N GLN N 22 -6.63 9.73 29.13
CA GLN N 22 -6.28 8.56 28.33
C GLN N 22 -7.52 8.51 27.43
N GLY N 23 -7.43 9.16 26.27
CA GLY N 23 -8.57 9.24 25.40
C GLY N 23 -9.63 10.11 26.09
N ASN N 24 -10.81 9.55 26.26
CA ASN N 24 -11.89 10.26 26.92
C ASN N 24 -11.87 10.00 28.43
N MET N 25 -11.09 9.04 28.88
CA MET N 25 -11.09 8.75 30.30
C MET N 25 -10.20 9.66 31.09
N ILE N 26 -10.70 10.09 32.24
CA ILE N 26 -9.92 10.93 33.14
C ILE N 26 -8.99 9.97 33.89
N SER N 27 -7.69 10.14 33.74
CA SER N 27 -6.77 9.24 34.40
C SER N 27 -6.02 9.86 35.57
N GLY N 28 -6.19 11.17 35.74
CA GLY N 28 -5.52 11.85 36.81
C GLY N 28 -6.31 13.08 37.21
N ARG N 29 -6.29 13.41 38.50
CA ARG N 29 -7.01 14.56 39.02
C ARG N 29 -6.17 15.56 39.79
N ASP N 30 -4.90 15.23 40.03
CA ASP N 30 -4.03 16.04 40.85
C ASP N 30 -2.64 16.21 40.29
N VAL N 31 -2.45 16.00 39.00
CA VAL N 31 -1.13 16.13 38.43
C VAL N 31 -0.61 17.56 38.61
N ARG N 32 0.67 17.69 38.90
CA ARG N 32 1.30 19.01 39.08
C ARG N 32 2.11 19.27 37.80
N LYS N 33 1.72 20.29 37.06
CA LYS N 33 2.37 20.55 35.78
C LYS N 33 3.33 21.71 35.73
N VAL N 34 3.36 22.51 36.79
CA VAL N 34 4.26 23.67 36.85
C VAL N 34 5.37 23.40 37.87
N TYR N 35 6.61 23.48 37.41
CA TYR N 35 7.76 23.21 38.27
C TYR N 35 8.65 24.43 38.44
N ILE N 36 9.24 24.54 39.62
CA ILE N 36 10.17 25.62 39.86
C ILE N 36 11.47 25.01 39.39
N THR N 37 12.02 25.52 38.29
CA THR N 37 13.24 24.95 37.72
C THR N 37 14.51 25.39 38.42
N ASP N 38 14.57 26.66 38.79
CA ASP N 38 15.69 27.20 39.57
C ASP N 38 15.08 28.37 40.34
N ASP N 39 15.90 29.14 41.05
CA ASP N 39 15.38 30.25 41.85
C ASP N 39 14.57 31.31 41.12
N TYR N 40 14.82 31.47 39.82
CA TYR N 40 14.13 32.50 39.04
C TYR N 40 13.42 31.98 37.78
N THR N 41 13.16 30.69 37.75
CA THR N 41 12.56 30.10 36.57
C THR N 41 11.55 29.02 36.89
N ALA N 42 10.49 29.00 36.10
CA ALA N 42 9.48 27.98 36.26
C ALA N 42 9.16 27.40 34.86
N THR N 43 8.86 26.10 34.82
CA THR N 43 8.53 25.42 33.58
C THR N 43 7.20 24.73 33.70
N GLY N 44 6.43 24.82 32.62
CA GLY N 44 5.11 24.18 32.57
C GLY N 44 5.12 23.35 31.30
N ILE N 45 4.79 22.06 31.38
CA ILE N 45 4.82 21.27 30.17
C ILE N 45 3.54 20.54 29.87
N ALA N 46 3.14 20.57 28.60
CA ALA N 46 1.91 19.94 28.16
C ALA N 46 2.22 18.79 27.22
N GLY N 47 1.21 17.95 26.95
CA GLY N 47 1.43 16.83 26.05
C GLY N 47 1.55 15.51 26.77
N THR N 48 2.43 14.65 26.28
CA THR N 48 2.62 13.32 26.85
C THR N 48 3.29 13.40 28.24
N ALA N 49 2.50 13.09 29.25
CA ALA N 49 2.94 13.12 30.64
C ALA N 49 4.34 12.55 30.90
N ALA N 50 4.59 11.32 30.46
CA ALA N 50 5.90 10.73 30.71
C ALA N 50 7.01 11.66 30.22
N VAL N 51 6.87 12.17 28.99
CA VAL N 51 7.89 13.03 28.44
C VAL N 51 7.93 14.40 29.11
N ALA N 52 6.78 14.94 29.44
CA ALA N 52 6.70 16.23 30.11
C ALA N 52 7.46 16.21 31.43
N VAL N 53 7.26 15.15 32.22
CA VAL N 53 7.91 15.04 33.51
C VAL N 53 9.42 14.90 33.38
N GLU N 54 9.83 14.05 32.45
CA GLU N 54 11.24 13.84 32.21
C GLU N 54 11.91 15.17 31.84
N PHE N 55 11.27 15.93 30.96
CA PHE N 55 11.81 17.22 30.54
C PHE N 55 12.07 18.17 31.69
N ALA N 56 11.05 18.39 32.50
CA ALA N 56 11.17 19.29 33.64
C ALA N 56 12.30 18.84 34.57
N ARG N 57 12.34 17.54 34.85
CA ARG N 57 13.34 16.99 35.73
C ARG N 57 14.75 17.18 35.15
N LEU N 58 14.94 16.73 33.91
CA LEU N 58 16.24 16.85 33.27
C LEU N 58 16.67 18.30 33.13
N TYR N 59 15.75 19.15 32.71
CA TYR N 59 16.04 20.57 32.55
C TYR N 59 16.56 21.22 33.84
N ALA N 60 15.89 20.97 34.96
CA ALA N 60 16.33 21.56 36.22
C ALA N 60 17.73 21.06 36.58
N VAL N 61 17.97 19.77 36.35
CA VAL N 61 19.27 19.22 36.65
C VAL N 61 20.31 19.90 35.77
N GLU N 62 20.04 20.04 34.49
CA GLU N 62 21.00 20.68 33.60
C GLU N 62 21.34 22.13 34.00
N LEU N 63 20.34 22.90 34.42
CA LEU N 63 20.56 24.28 34.86
C LEU N 63 21.45 24.33 36.12
N GLU N 64 21.16 23.51 37.11
CA GLU N 64 21.97 23.48 38.30
C GLU N 64 23.34 22.93 38.06
N HIS N 65 23.42 22.00 37.15
CA HIS N 65 24.69 21.38 36.81
C HIS N 65 25.64 22.44 36.31
N TYR N 66 25.12 23.32 35.45
CA TYR N 66 25.94 24.39 34.91
C TYR N 66 26.43 25.31 36.04
N GLU N 67 25.49 25.72 36.88
CA GLU N 67 25.75 26.61 38.01
C GLU N 67 26.89 26.10 38.91
N LYS N 68 26.78 24.86 39.35
CA LYS N 68 27.80 24.27 40.19
C LYS N 68 29.15 24.21 39.49
N LEU N 69 29.14 23.80 38.24
CA LEU N 69 30.35 23.66 37.46
C LEU N 69 31.04 24.99 37.19
N GLU N 70 30.27 26.00 36.83
CA GLU N 70 30.84 27.30 36.46
C GLU N 70 30.76 28.37 37.52
N GLY N 71 30.16 28.04 38.64
CA GLY N 71 30.08 29.00 39.73
C GLY N 71 29.07 30.12 39.54
N VAL N 72 28.40 30.16 38.40
CA VAL N 72 27.41 31.20 38.14
C VAL N 72 26.23 30.62 37.34
N PRO N 73 25.04 31.19 37.51
CA PRO N 73 23.90 30.67 36.75
C PRO N 73 24.03 30.99 35.27
N LEU N 74 23.31 30.24 34.46
CA LEU N 74 23.30 30.44 33.02
C LEU N 74 22.50 31.72 32.80
N THR N 75 22.84 32.49 31.75
CA THR N 75 22.08 33.69 31.45
C THR N 75 20.67 33.22 31.05
N PHE N 76 19.68 34.11 31.07
CA PHE N 76 18.34 33.69 30.72
C PHE N 76 18.30 33.15 29.29
N ALA N 77 19.05 33.78 28.39
CA ALA N 77 19.08 33.33 27.01
C ALA N 77 19.66 31.92 26.94
N GLY N 78 20.66 31.63 27.77
CA GLY N 78 21.24 30.30 27.76
C GLY N 78 20.21 29.28 28.19
N LYS N 79 19.40 29.65 29.18
CA LYS N 79 18.37 28.74 29.68
C LYS N 79 17.39 28.42 28.56
N ILE N 80 17.03 29.43 27.79
CA ILE N 80 16.10 29.26 26.69
C ILE N 80 16.68 28.28 25.70
N ASN N 81 17.91 28.53 25.30
CA ASN N 81 18.58 27.70 24.32
C ASN N 81 18.64 26.23 24.72
N ARG N 82 18.93 25.97 25.99
CA ARG N 82 19.04 24.61 26.48
C ARG N 82 17.71 23.89 26.42
N LEU N 83 16.65 24.61 26.77
CA LEU N 83 15.32 24.04 26.75
C LEU N 83 14.92 23.77 25.28
N ALA N 84 15.25 24.68 24.38
CA ALA N 84 14.92 24.51 22.96
C ALA N 84 15.63 23.29 22.38
N ILE N 85 16.90 23.13 22.75
CA ILE N 85 17.68 21.99 22.28
C ILE N 85 17.05 20.69 22.71
N MET N 86 16.54 20.65 23.94
CA MET N 86 15.90 19.47 24.48
C MET N 86 14.63 19.15 23.67
N VAL N 87 13.84 20.17 23.34
CA VAL N 87 12.62 19.93 22.57
C VAL N 87 12.96 19.40 21.18
N ARG N 88 13.91 20.04 20.52
CA ARG N 88 14.34 19.62 19.22
C ARG N 88 14.81 18.20 19.20
N GLY N 89 15.53 17.79 20.22
CA GLY N 89 15.96 16.41 20.34
C GLY N 89 14.84 15.37 20.44
N ASN N 90 13.65 15.79 20.84
CA ASN N 90 12.53 14.88 20.97
C ASN N 90 11.63 14.88 19.72
N LEU N 91 12.00 15.60 18.67
CA LEU N 91 11.16 15.70 17.49
C LEU N 91 10.77 14.38 16.82
N ALA N 92 11.70 13.45 16.65
CA ALA N 92 11.33 12.17 16.07
C ALA N 92 10.34 11.41 16.95
N ALA N 93 10.56 11.37 18.24
CA ALA N 93 9.63 10.71 19.17
C ALA N 93 8.26 11.38 19.22
N ALA N 94 8.26 12.69 19.16
CA ALA N 94 7.04 13.46 19.18
C ALA N 94 6.14 13.14 18.01
N MET N 95 6.75 12.90 16.87
CA MET N 95 6.06 12.57 15.65
C MET N 95 5.36 11.23 15.79
N GLN N 96 5.78 10.45 16.75
CA GLN N 96 5.20 9.17 17.00
C GLN N 96 4.30 9.10 18.22
N GLY N 97 3.80 10.23 18.69
CA GLY N 97 2.96 10.22 19.87
C GLY N 97 3.58 10.54 21.21
N LEU N 98 4.82 10.99 21.21
CA LEU N 98 5.52 11.38 22.41
C LEU N 98 5.79 12.88 22.46
N LEU N 99 4.84 13.67 22.00
CA LEU N 99 5.01 15.10 21.97
C LEU N 99 4.80 15.79 23.29
N ALA N 100 5.74 16.63 23.64
CA ALA N 100 5.63 17.45 24.80
C ALA N 100 6.11 18.87 24.49
N LEU N 101 5.36 19.85 24.92
CA LEU N 101 5.71 21.23 24.68
C LEU N 101 5.79 22.02 25.95
N PRO N 102 6.91 22.67 26.18
CA PRO N 102 7.03 23.44 27.41
C PRO N 102 6.70 24.93 27.25
N LEU N 103 6.42 25.55 28.39
CA LEU N 103 6.17 26.99 28.49
C LEU N 103 7.15 27.41 29.59
N LEU N 104 7.96 28.42 29.30
CA LEU N 104 8.95 28.89 30.26
C LEU N 104 8.63 30.28 30.80
N ALA N 105 8.78 30.47 32.10
CA ALA N 105 8.51 31.77 32.72
C ALA N 105 9.65 32.07 33.69
N GLY N 106 10.13 33.29 33.69
CA GLY N 106 11.22 33.60 34.59
C GLY N 106 11.38 35.07 34.86
N TYR N 107 12.25 35.39 35.81
CA TYR N 107 12.54 36.76 36.16
C TYR N 107 14.03 36.86 35.84
N ASP N 108 14.40 37.81 34.99
CA ASP N 108 15.80 37.96 34.61
C ASP N 108 16.50 38.92 35.55
N ILE N 109 17.35 38.39 36.41
CA ILE N 109 18.05 39.23 37.35
C ILE N 109 19.04 40.15 36.63
N HIS N 110 19.53 39.74 35.46
CA HIS N 110 20.47 40.57 34.72
C HIS N 110 19.78 41.51 33.73
N ALA N 111 18.47 41.60 33.83
CA ALA N 111 17.78 42.49 32.92
C ALA N 111 18.13 43.90 33.39
N SER N 112 17.89 44.87 32.52
CA SER N 112 18.15 46.28 32.81
C SER N 112 17.08 46.84 33.77
N ASP N 113 15.84 46.97 33.27
CA ASP N 113 14.76 47.48 34.09
C ASP N 113 14.10 46.32 34.84
N PRO N 114 14.18 46.33 36.18
CA PRO N 114 13.60 45.30 37.04
C PRO N 114 12.09 45.19 36.94
N GLN N 115 11.42 46.31 36.68
CA GLN N 115 9.97 46.29 36.57
C GLN N 115 9.57 45.53 35.32
N SER N 116 10.58 45.28 34.48
CA SER N 116 10.38 44.58 33.21
C SER N 116 11.31 43.36 33.07
N ALA N 117 11.71 42.79 34.20
CA ALA N 117 12.59 41.64 34.18
C ALA N 117 11.83 40.31 33.96
N GLY N 118 10.49 40.36 33.94
CA GLY N 118 9.70 39.18 33.73
C GLY N 118 9.86 38.63 32.32
N ARG N 119 9.89 37.32 32.18
CA ARG N 119 10.04 36.70 30.86
C ARG N 119 9.08 35.54 30.65
N ILE N 120 8.56 35.44 29.43
CA ILE N 120 7.68 34.36 29.07
C ILE N 120 8.15 33.86 27.72
N VAL N 121 8.47 32.57 27.64
CA VAL N 121 8.95 31.98 26.40
C VAL N 121 8.13 30.76 25.99
N SER N 122 7.65 30.74 24.76
CA SER N 122 6.87 29.61 24.27
C SER N 122 7.73 28.82 23.29
N PHE N 123 7.40 27.55 23.07
CA PHE N 123 8.18 26.69 22.17
C PHE N 123 7.29 25.85 21.27
N ASP N 124 7.71 25.61 20.03
CA ASP N 124 6.92 24.78 19.15
C ASP N 124 7.61 23.40 19.11
N ALA N 125 6.96 22.41 18.50
CA ALA N 125 7.50 21.05 18.47
C ALA N 125 8.86 20.87 17.85
N ALA N 126 9.35 21.84 17.10
CA ALA N 126 10.67 21.72 16.48
C ALA N 126 11.74 22.43 17.33
N GLY N 127 11.31 22.97 18.46
CA GLY N 127 12.26 23.66 19.32
C GLY N 127 12.34 25.13 19.04
N GLY N 128 11.47 25.63 18.16
CA GLY N 128 11.48 27.04 17.86
C GLY N 128 10.95 27.75 19.07
N TRP N 129 11.67 28.75 19.53
CA TRP N 129 11.23 29.50 20.69
C TRP N 129 10.87 30.94 20.35
N ASN N 130 10.08 31.56 21.21
CA ASN N 130 9.66 32.93 21.04
C ASN N 130 9.42 33.59 22.38
N ILE N 131 10.15 34.70 22.59
CA ILE N 131 10.01 35.48 23.80
C ILE N 131 8.73 36.30 23.63
N GLU N 132 7.70 35.99 24.40
CA GLU N 132 6.43 36.68 24.30
C GLU N 132 6.55 38.13 24.69
N GLU N 133 6.02 39.02 23.85
CA GLU N 133 6.07 40.44 24.11
C GLU N 133 4.71 41.03 24.46
N GLU N 134 3.65 40.26 24.31
CA GLU N 134 2.33 40.78 24.60
C GLU N 134 1.80 40.53 26.01
N GLY N 135 2.62 40.00 26.91
CA GLY N 135 2.16 39.84 28.27
C GLY N 135 1.70 38.48 28.77
N TYR N 136 1.21 37.63 27.88
CA TYR N 136 0.77 36.32 28.34
C TYR N 136 0.93 35.30 27.26
N GLN N 137 0.80 34.04 27.62
CA GLN N 137 0.92 32.93 26.69
C GLN N 137 0.32 31.69 27.35
N ALA N 138 0.09 30.66 26.56
CA ALA N 138 -0.47 29.45 27.11
C ALA N 138 -0.09 28.29 26.22
N VAL N 139 -0.14 27.09 26.77
CA VAL N 139 0.18 25.89 26.01
C VAL N 139 -0.77 24.76 26.44
N GLY N 140 -0.98 23.79 25.56
CA GLY N 140 -1.89 22.69 25.86
C GLY N 140 -3.18 22.71 25.07
N SER N 141 -3.96 21.64 25.16
CA SER N 141 -5.21 21.51 24.44
C SER N 141 -6.26 22.59 24.74
N GLY N 142 -6.02 23.39 25.77
CA GLY N 142 -6.98 24.44 26.12
C GLY N 142 -6.34 25.81 25.96
N SER N 143 -5.13 25.85 25.39
CA SER N 143 -4.45 27.12 25.24
C SER N 143 -5.16 28.21 24.40
N LEU N 144 -5.98 27.82 23.43
CA LEU N 144 -6.67 28.82 22.63
C LEU N 144 -7.70 29.52 23.48
N PHE N 145 -8.44 28.71 24.21
CA PHE N 145 -9.47 29.21 25.06
C PHE N 145 -8.91 30.11 26.15
N ALA N 146 -7.76 29.75 26.69
CA ALA N 146 -7.14 30.52 27.74
C ALA N 146 -6.59 31.83 27.18
N LYS N 147 -5.96 31.76 26.01
CA LYS N 147 -5.41 32.96 25.43
C LYS N 147 -6.48 33.96 25.06
N SER N 148 -7.61 33.49 24.57
CA SER N 148 -8.68 34.39 24.20
C SER N 148 -9.31 34.98 25.42
N SER N 149 -9.22 34.26 26.54
CA SER N 149 -9.78 34.74 27.79
C SER N 149 -8.84 35.81 28.33
N MET N 150 -7.55 35.52 28.36
CA MET N 150 -6.60 36.49 28.86
C MET N 150 -6.57 37.77 28.02
N LYS N 151 -6.79 37.65 26.71
CA LYS N 151 -6.79 38.81 25.86
C LYS N 151 -7.82 39.82 26.39
N LYS N 152 -8.96 39.35 26.84
CA LYS N 152 -9.98 40.23 27.37
C LYS N 152 -9.77 40.63 28.84
N LEU N 153 -8.96 39.88 29.57
CA LEU N 153 -8.79 40.17 31.00
C LEU N 153 -7.46 40.79 31.37
N TYR N 154 -6.51 40.72 30.47
CA TYR N 154 -5.18 41.20 30.79
C TYR N 154 -5.05 42.63 31.31
N SER N 155 -5.93 43.51 30.87
CA SER N 155 -5.82 44.88 31.31
C SER N 155 -6.13 45.00 32.80
N GLN N 156 -6.67 43.95 33.40
CA GLN N 156 -6.96 43.98 34.82
C GLN N 156 -5.76 43.64 35.67
N VAL N 157 -4.68 43.19 35.03
CA VAL N 157 -3.50 42.79 35.79
C VAL N 157 -2.61 43.96 36.16
N THR N 158 -2.70 44.38 37.42
CA THR N 158 -1.91 45.49 37.92
C THR N 158 -0.79 45.04 38.88
N ASP N 159 -0.94 43.85 39.45
CA ASP N 159 0.06 43.29 40.36
C ASP N 159 -0.01 41.76 40.41
N GLY N 160 0.83 41.17 41.26
CA GLY N 160 0.88 39.73 41.38
C GLY N 160 -0.45 39.11 41.71
N ASP N 161 -1.19 39.73 42.61
CA ASP N 161 -2.44 39.14 42.98
C ASP N 161 -3.49 39.19 41.87
N SER N 162 -3.57 40.30 41.16
CA SER N 162 -4.57 40.35 40.09
C SER N 162 -4.02 39.47 38.94
N GLY N 163 -2.70 39.38 38.82
CA GLY N 163 -2.14 38.53 37.77
C GLY N 163 -2.57 37.09 38.01
N LEU N 164 -2.44 36.66 39.26
CA LEU N 164 -2.84 35.32 39.69
C LEU N 164 -4.32 35.12 39.44
N ARG N 165 -5.15 36.10 39.77
CA ARG N 165 -6.57 35.94 39.53
C ARG N 165 -6.85 35.77 38.03
N VAL N 166 -6.17 36.52 37.18
CA VAL N 166 -6.43 36.39 35.78
C VAL N 166 -6.00 35.02 35.25
N ALA N 167 -4.86 34.54 35.77
CA ALA N 167 -4.37 33.23 35.38
C ALA N 167 -5.41 32.15 35.72
N VAL N 168 -5.92 32.19 36.94
CA VAL N 168 -6.89 31.20 37.37
C VAL N 168 -8.15 31.29 36.58
N GLU N 169 -8.57 32.51 36.23
CA GLU N 169 -9.79 32.63 35.45
C GLU N 169 -9.52 32.09 34.03
N ALA N 170 -8.33 32.30 33.50
CA ALA N 170 -8.04 31.78 32.17
C ALA N 170 -8.11 30.25 32.18
N LEU N 171 -7.55 29.62 33.23
CA LEU N 171 -7.60 28.17 33.32
C LEU N 171 -9.06 27.72 33.45
N TYR N 172 -9.85 28.50 34.16
CA TYR N 172 -11.25 28.18 34.34
C TYR N 172 -11.95 28.22 32.99
N ASP N 173 -11.65 29.21 32.17
CA ASP N 173 -12.24 29.32 30.86
C ASP N 173 -11.79 28.22 29.92
N ALA N 174 -10.56 27.77 30.10
CA ALA N 174 -10.05 26.66 29.29
C ALA N 174 -10.82 25.38 29.66
N ALA N 175 -11.00 25.12 30.96
CA ALA N 175 -11.72 23.92 31.36
C ALA N 175 -13.18 23.96 30.95
N ASP N 176 -13.73 25.16 30.83
CA ASP N 176 -15.12 25.34 30.43
C ASP N 176 -15.35 24.89 29.00
N ASP N 177 -14.32 24.92 28.18
CA ASP N 177 -14.44 24.57 26.79
C ASP N 177 -13.64 23.35 26.34
N ASP N 178 -12.63 22.97 27.09
CA ASP N 178 -11.79 21.82 26.75
C ASP N 178 -11.95 20.70 27.80
N SER N 179 -12.60 19.61 27.42
CA SER N 179 -12.81 18.48 28.36
C SER N 179 -11.49 17.89 28.86
N ALA N 180 -10.38 18.15 28.15
CA ALA N 180 -9.10 17.62 28.60
C ALA N 180 -8.42 18.51 29.61
N THR N 181 -9.06 19.62 30.00
CA THR N 181 -8.46 20.49 31.00
C THR N 181 -9.39 20.41 32.20
N GLY N 182 -8.81 20.25 33.39
CA GLY N 182 -9.66 20.12 34.57
C GLY N 182 -9.98 21.41 35.28
N GLY N 183 -11.25 21.65 35.56
CA GLY N 183 -11.61 22.86 36.29
C GLY N 183 -11.40 22.67 37.78
N PRO N 184 -11.67 23.69 38.61
CA PRO N 184 -11.49 23.55 40.06
C PRO N 184 -12.42 22.43 40.56
N ASP N 185 -11.92 21.52 41.39
CA ASP N 185 -12.76 20.44 41.93
C ASP N 185 -13.13 20.81 43.37
N LEU N 186 -14.32 21.36 43.55
CA LEU N 186 -14.78 21.77 44.87
C LEU N 186 -15.10 20.59 45.77
N VAL N 187 -15.58 19.50 45.20
CA VAL N 187 -15.90 18.34 46.00
C VAL N 187 -14.64 17.75 46.64
N ARG N 188 -13.57 17.63 45.88
CA ARG N 188 -12.33 17.06 46.37
C ARG N 188 -11.31 18.08 46.84
N GLY N 189 -11.62 19.37 46.66
CA GLY N 189 -10.68 20.40 47.07
C GLY N 189 -9.39 20.41 46.25
N ILE N 190 -9.48 20.13 44.94
CA ILE N 190 -8.28 20.15 44.10
C ILE N 190 -8.36 21.38 43.19
N PHE N 191 -7.27 22.14 43.16
CA PHE N 191 -7.24 23.35 42.39
C PHE N 191 -5.96 23.44 41.58
N PRO N 192 -5.98 24.32 40.57
CA PRO N 192 -4.81 24.54 39.71
C PRO N 192 -3.63 24.90 40.62
N THR N 193 -2.41 24.63 40.19
CA THR N 193 -1.26 25.03 40.97
C THR N 193 -0.68 26.25 40.28
N ALA N 194 0.18 26.99 40.98
CA ALA N 194 0.78 28.18 40.40
C ALA N 194 2.10 28.54 41.06
N VAL N 195 2.93 29.24 40.30
CA VAL N 195 4.22 29.70 40.79
C VAL N 195 4.31 31.19 40.45
N ILE N 196 4.74 32.01 41.41
CA ILE N 196 4.92 33.44 41.17
C ILE N 196 6.41 33.69 41.25
N ILE N 197 6.95 34.50 40.37
CA ILE N 197 8.37 34.79 40.46
C ILE N 197 8.56 36.31 40.36
N ASP N 198 9.37 36.87 41.27
CA ASP N 198 9.71 38.29 41.22
C ASP N 198 11.17 38.42 41.63
N ALA N 199 11.62 39.63 41.93
CA ALA N 199 13.02 39.82 42.32
C ALA N 199 13.47 38.94 43.49
N ASP N 200 12.56 38.50 44.32
CA ASP N 200 12.96 37.67 45.44
C ASP N 200 12.99 36.18 45.12
N GLY N 201 12.74 35.82 43.86
CA GLY N 201 12.76 34.41 43.48
C GLY N 201 11.41 33.78 43.20
N ALA N 202 11.44 32.51 42.80
CA ALA N 202 10.24 31.75 42.46
C ALA N 202 9.62 31.16 43.70
N VAL N 203 8.32 31.28 43.84
CA VAL N 203 7.62 30.77 45.01
C VAL N 203 6.33 30.02 44.65
N ASP N 204 6.06 28.90 45.28
CA ASP N 204 4.82 28.17 45.00
C ASP N 204 3.67 28.95 45.63
N VAL N 205 2.57 29.11 44.91
CA VAL N 205 1.44 29.83 45.45
C VAL N 205 0.67 28.88 46.36
N PRO N 206 0.25 29.36 47.53
CA PRO N 206 -0.51 28.52 48.48
C PRO N 206 -1.85 28.09 47.91
N GLU N 207 -2.19 26.82 48.05
CA GLU N 207 -3.45 26.32 47.52
C GLU N 207 -4.65 27.15 47.96
N SER N 208 -4.68 27.55 49.23
CA SER N 208 -5.80 28.29 49.78
C SER N 208 -6.10 29.60 49.05
N ARG N 209 -5.05 30.25 48.53
CA ARG N 209 -5.22 31.51 47.81
C ARG N 209 -5.96 31.21 46.50
N ILE N 210 -5.48 30.19 45.80
CA ILE N 210 -6.07 29.80 44.54
C ILE N 210 -7.52 29.38 44.72
N ALA N 211 -7.80 28.61 45.77
CA ALA N 211 -9.18 28.18 46.03
C ALA N 211 -10.09 29.39 46.28
N GLU N 212 -9.57 30.42 46.92
CA GLU N 212 -10.37 31.61 47.21
C GLU N 212 -10.77 32.25 45.89
N LEU N 213 -9.75 32.49 45.06
CA LEU N 213 -9.90 33.08 43.75
C LEU N 213 -10.89 32.28 42.89
N ALA N 214 -10.72 30.96 42.89
CA ALA N 214 -11.59 30.10 42.12
C ALA N 214 -13.02 30.20 42.58
N ARG N 215 -13.21 30.27 43.89
CA ARG N 215 -14.58 30.38 44.36
C ARG N 215 -15.16 31.74 43.98
N ALA N 216 -14.32 32.78 43.99
CA ALA N 216 -14.88 34.09 43.63
C ALA N 216 -15.31 34.08 42.15
N ILE N 217 -14.45 33.51 41.28
CA ILE N 217 -14.76 33.41 39.85
C ILE N 217 -16.08 32.65 39.60
N ILE N 218 -16.27 31.53 40.30
CA ILE N 218 -17.48 30.73 40.16
C ILE N 218 -18.71 31.45 40.67
N GLU N 219 -18.56 32.17 41.79
CA GLU N 219 -19.68 32.90 42.38
C GLU N 219 -20.04 33.97 41.35
N SER N 220 -19.01 34.58 40.80
CA SER N 220 -19.18 35.59 39.80
C SER N 220 -20.00 35.05 38.62
N ARG N 221 -19.67 33.87 38.10
CA ARG N 221 -20.43 33.34 37.00
C ARG N 221 -21.76 32.80 37.40
N SER N 222 -22.07 32.74 38.68
CA SER N 222 -23.38 32.23 39.10
C SER N 222 -24.48 33.29 39.27
N SER O 8 -68.08 7.77 -25.19
CA SER O 8 -68.54 9.17 -25.10
C SER O 8 -68.24 9.78 -23.73
N PRO O 9 -67.19 10.56 -23.60
CA PRO O 9 -66.88 11.09 -22.27
C PRO O 9 -67.99 11.64 -21.45
N GLU O 10 -68.93 12.42 -21.93
CA GLU O 10 -69.93 12.87 -20.99
C GLU O 10 -70.74 11.71 -20.43
N GLN O 11 -71.15 10.78 -21.29
CA GLN O 11 -71.92 9.65 -20.79
C GLN O 11 -71.10 8.79 -19.83
N ALA O 12 -69.84 8.54 -20.19
CA ALA O 12 -68.94 7.75 -19.38
C ALA O 12 -68.81 8.40 -18.03
N MET O 13 -68.57 9.69 -18.04
CA MET O 13 -68.43 10.44 -16.81
C MET O 13 -69.72 10.54 -16.01
N ARG O 14 -70.84 10.41 -16.70
CA ARG O 14 -72.13 10.49 -16.04
C ARG O 14 -72.46 9.21 -15.34
N GLU O 15 -72.13 8.10 -15.95
CA GLU O 15 -72.41 6.81 -15.35
C GLU O 15 -71.60 6.59 -14.09
N ARG O 16 -70.34 6.99 -14.15
CA ARG O 16 -69.41 6.84 -13.04
C ARG O 16 -69.89 7.62 -11.87
N SER O 17 -70.36 8.82 -12.14
CA SER O 17 -70.87 9.68 -11.09
C SER O 17 -72.07 9.02 -10.47
N GLU O 18 -72.91 8.51 -11.36
CA GLU O 18 -74.12 7.85 -10.93
C GLU O 18 -73.79 6.61 -10.16
N LEU O 19 -72.79 5.91 -10.65
CA LEU O 19 -72.33 4.69 -10.03
C LEU O 19 -71.80 4.88 -8.62
N ALA O 20 -70.99 5.91 -8.45
CA ALA O 20 -70.40 6.24 -7.17
C ALA O 20 -71.43 6.75 -6.22
N ARG O 21 -72.35 7.53 -6.76
CA ARG O 21 -73.42 8.11 -6.01
C ARG O 21 -74.30 7.03 -5.40
N LYS O 22 -74.61 5.99 -6.18
CA LYS O 22 -75.44 4.90 -5.71
C LYS O 22 -74.81 4.19 -4.55
N GLY O 23 -73.51 3.96 -4.62
CA GLY O 23 -72.86 3.29 -3.51
C GLY O 23 -72.94 4.13 -2.26
N ILE O 24 -72.69 5.41 -2.38
CA ILE O 24 -72.74 6.25 -1.21
C ILE O 24 -74.12 6.27 -0.59
N ALA O 25 -75.12 6.31 -1.46
CA ALA O 25 -76.51 6.33 -1.06
C ALA O 25 -76.96 5.09 -0.32
N ARG O 26 -76.43 3.93 -0.68
CA ARG O 26 -76.87 2.73 0.02
C ARG O 26 -76.04 2.47 1.27
N ALA O 27 -75.23 3.43 1.67
CA ALA O 27 -74.38 3.27 2.85
C ALA O 27 -74.90 4.02 4.06
N LYS O 28 -74.47 3.59 5.24
CA LYS O 28 -74.88 4.22 6.49
C LYS O 28 -74.37 5.66 6.55
N SER O 29 -75.03 6.48 7.37
CA SER O 29 -74.67 7.89 7.49
C SER O 29 -73.68 8.28 8.58
N VAL O 30 -72.93 9.35 8.31
CA VAL O 30 -71.94 9.85 9.23
C VAL O 30 -72.08 11.35 9.36
N VAL O 31 -71.85 11.85 10.58
CA VAL O 31 -71.96 13.27 10.82
C VAL O 31 -70.80 13.79 11.65
N ALA O 32 -70.29 14.94 11.28
CA ALA O 32 -69.26 15.58 12.03
C ALA O 32 -69.68 16.98 12.29
N LEU O 33 -69.58 17.42 13.54
CA LEU O 33 -69.91 18.79 13.87
C LEU O 33 -68.96 19.52 14.82
N ALA O 34 -68.75 20.79 14.55
CA ALA O 34 -67.92 21.58 15.42
C ALA O 34 -68.70 21.84 16.69
N TYR O 35 -68.03 21.90 17.83
CA TYR O 35 -68.69 22.12 19.11
C TYR O 35 -67.69 22.82 20.00
N ALA O 36 -68.07 23.17 21.22
CA ALA O 36 -67.15 23.87 22.10
C ALA O 36 -65.84 23.21 22.31
N GLY O 37 -65.95 21.94 22.52
CA GLY O 37 -64.79 21.10 22.77
C GLY O 37 -63.80 20.94 21.63
N GLY O 38 -64.31 20.89 20.40
CA GLY O 38 -63.50 20.61 19.26
C GLY O 38 -64.46 20.04 18.26
N VAL O 39 -64.10 18.94 17.63
CA VAL O 39 -65.00 18.32 16.71
C VAL O 39 -65.57 17.03 17.27
N LEU O 40 -66.80 16.73 16.88
CA LEU O 40 -67.43 15.51 17.26
C LEU O 40 -67.79 14.70 16.03
N PHE O 41 -67.44 13.42 16.08
CA PHE O 41 -67.70 12.50 15.00
C PHE O 41 -68.68 11.47 15.51
N VAL O 42 -69.77 11.28 14.76
CA VAL O 42 -70.79 10.29 15.12
C VAL O 42 -71.28 9.60 13.85
N ALA O 43 -71.17 8.29 13.84
CA ALA O 43 -71.59 7.53 12.68
C ALA O 43 -72.38 6.29 13.08
N GLU O 44 -73.27 5.89 12.18
CA GLU O 44 -74.15 4.77 12.41
C GLU O 44 -73.37 3.54 12.07
N ASN O 45 -72.67 3.00 13.03
CA ASN O 45 -71.86 1.82 12.79
C ASN O 45 -72.06 0.70 13.80
N PRO O 46 -72.70 -0.39 13.40
CA PRO O 46 -72.92 -1.52 14.28
C PRO O 46 -71.66 -2.26 14.67
N SER O 47 -70.75 -2.38 13.72
CA SER O 47 -69.56 -3.20 13.87
C SER O 47 -68.63 -2.89 15.01
N ARG O 48 -68.24 -3.96 15.68
CA ARG O 48 -67.30 -3.87 16.77
C ARG O 48 -65.92 -3.43 16.32
N SER O 49 -65.44 -4.01 15.24
CA SER O 49 -64.09 -3.82 14.81
C SER O 49 -63.84 -2.98 13.59
N LEU O 50 -64.84 -2.69 12.80
CA LEU O 50 -64.60 -1.92 11.60
C LEU O 50 -64.99 -0.50 11.84
N GLN O 51 -64.06 0.41 11.61
CA GLN O 51 -64.28 1.82 11.92
C GLN O 51 -64.33 2.75 10.73
N LYS O 52 -65.22 3.73 10.82
CA LYS O 52 -65.39 4.77 9.82
C LYS O 52 -64.84 6.11 10.27
N ILE O 53 -64.36 6.16 11.50
CA ILE O 53 -63.79 7.39 12.05
C ILE O 53 -62.39 7.09 12.54
N SER O 54 -61.44 7.93 12.18
CA SER O 54 -60.06 7.66 12.58
C SER O 54 -59.19 8.89 12.75
N GLU O 55 -58.12 8.73 13.52
CA GLU O 55 -57.17 9.79 13.72
C GLU O 55 -56.28 9.82 12.45
N LEU O 56 -55.84 11.00 12.03
CA LEU O 56 -54.95 11.14 10.88
C LEU O 56 -53.61 11.66 11.39
N TYR O 57 -53.67 12.75 12.17
CA TYR O 57 -52.47 13.34 12.74
C TYR O 57 -52.82 14.01 14.07
N ASP O 58 -51.88 14.65 14.72
CA ASP O 58 -52.13 15.22 16.03
C ASP O 58 -53.48 15.87 16.22
N ARG O 59 -53.81 16.85 15.37
CA ARG O 59 -55.06 17.57 15.54
C ARG O 59 -55.97 17.38 14.36
N VAL O 60 -55.73 16.33 13.58
CA VAL O 60 -56.53 16.11 12.38
C VAL O 60 -57.26 14.79 12.41
N GLY O 61 -58.57 14.84 12.18
CA GLY O 61 -59.40 13.66 12.21
C GLY O 61 -59.97 13.30 10.85
N PHE O 62 -60.42 12.06 10.74
CA PHE O 62 -60.95 11.55 9.49
C PHE O 62 -62.25 10.79 9.71
N ALA O 63 -63.20 10.97 8.80
CA ALA O 63 -64.49 10.29 8.85
C ALA O 63 -64.89 9.99 7.42
N ALA O 64 -65.57 8.85 7.21
CA ALA O 64 -65.98 8.49 5.86
C ALA O 64 -67.24 7.63 5.80
N ALA O 65 -67.85 7.64 4.63
CA ALA O 65 -69.04 6.86 4.37
C ALA O 65 -68.88 6.22 2.99
N GLY O 66 -69.42 5.02 2.83
CA GLY O 66 -69.31 4.38 1.54
C GLY O 66 -68.79 2.97 1.68
N LYS O 67 -68.09 2.48 0.67
CA LYS O 67 -67.55 1.16 0.69
C LYS O 67 -66.28 1.12 1.56
N PHE O 68 -66.33 0.35 2.64
CA PHE O 68 -65.23 0.24 3.62
C PHE O 68 -63.82 0.05 3.04
N ASN O 69 -63.63 -1.01 2.27
CA ASN O 69 -62.31 -1.27 1.74
C ASN O 69 -61.77 -0.06 0.95
N GLU O 70 -62.64 0.72 0.37
CA GLU O 70 -62.19 1.87 -0.38
C GLU O 70 -61.82 3.06 0.48
N PHE O 71 -62.62 3.36 1.47
CA PHE O 71 -62.24 4.51 2.29
C PHE O 71 -61.16 4.16 3.33
N ASP O 72 -61.00 2.86 3.62
CA ASP O 72 -59.97 2.47 4.58
C ASP O 72 -58.67 2.67 3.81
N ASN O 73 -58.73 2.37 2.53
CA ASN O 73 -57.59 2.55 1.66
C ASN O 73 -57.15 4.02 1.75
N LEU O 74 -58.11 4.94 1.56
CA LEU O 74 -57.83 6.37 1.63
C LEU O 74 -57.34 6.81 3.00
N ARG O 75 -57.90 6.21 4.05
CA ARG O 75 -57.49 6.51 5.41
C ARG O 75 -55.98 6.21 5.58
N ARG O 76 -55.57 5.02 5.17
CA ARG O 76 -54.18 4.61 5.28
C ARG O 76 -53.28 5.55 4.49
N GLY O 77 -53.71 5.88 3.27
CA GLY O 77 -52.93 6.77 2.43
C GLY O 77 -52.78 8.14 3.08
N GLY O 78 -53.80 8.54 3.82
CA GLY O 78 -53.77 9.83 4.49
C GLY O 78 -52.77 9.80 5.63
N ILE O 79 -52.81 8.72 6.39
CA ILE O 79 -51.91 8.56 7.50
C ILE O 79 -50.49 8.52 6.93
N GLN O 80 -50.34 7.86 5.79
CA GLN O 80 -49.03 7.77 5.15
C GLN O 80 -48.52 9.17 4.79
N PHE O 81 -49.39 9.96 4.20
CA PHE O 81 -49.04 11.30 3.78
C PHE O 81 -48.67 12.18 4.96
N ALA O 82 -49.52 12.17 5.99
CA ALA O 82 -49.30 13.00 7.18
C ALA O 82 -47.99 12.68 7.89
N ASP O 83 -47.80 11.40 8.22
CA ASP O 83 -46.59 10.98 8.89
C ASP O 83 -45.34 11.34 8.07
N THR O 84 -45.41 11.16 6.75
CA THR O 84 -44.26 11.49 5.90
C THR O 84 -43.94 12.99 5.91
N ARG O 85 -44.96 13.83 5.81
CA ARG O 85 -44.76 15.27 5.83
C ARG O 85 -44.20 15.74 7.16
N GLY O 86 -44.80 15.26 8.26
CA GLY O 86 -44.38 15.66 9.58
C GLY O 86 -42.93 15.34 9.80
N TYR O 87 -42.51 14.17 9.30
CA TYR O 87 -41.14 13.74 9.42
C TYR O 87 -40.18 14.51 8.52
N ALA O 88 -40.61 14.83 7.31
CA ALA O 88 -39.81 15.55 6.36
C ALA O 88 -39.62 17.01 6.73
N TYR O 89 -40.58 17.54 7.44
CA TYR O 89 -40.53 18.94 7.88
C TYR O 89 -40.68 18.93 9.39
N ASP O 90 -41.85 19.33 9.89
CA ASP O 90 -42.08 19.25 11.34
C ASP O 90 -43.53 18.90 11.54
N ARG O 91 -43.86 18.35 12.70
CA ARG O 91 -45.21 17.96 13.03
C ARG O 91 -46.21 19.07 12.85
N ARG O 92 -45.87 20.25 13.30
CA ARG O 92 -46.75 21.41 13.20
C ARG O 92 -46.93 21.92 11.77
N ASP O 93 -46.26 21.30 10.82
CA ASP O 93 -46.42 21.73 9.44
C ASP O 93 -47.55 20.97 8.75
N VAL O 94 -48.04 19.92 9.41
CA VAL O 94 -49.13 19.13 8.86
C VAL O 94 -50.46 19.79 9.21
N THR O 95 -51.35 19.92 8.24
CA THR O 95 -52.63 20.57 8.50
C THR O 95 -53.79 19.85 7.85
N GLY O 96 -54.98 20.10 8.38
CA GLY O 96 -56.16 19.47 7.82
C GLY O 96 -56.34 19.94 6.38
N ARG O 97 -56.03 21.20 6.10
CA ARG O 97 -56.18 21.72 4.76
C ARG O 97 -55.34 20.88 3.79
N GLN O 98 -54.08 20.60 4.16
CA GLN O 98 -53.22 19.81 3.31
C GLN O 98 -53.82 18.45 3.02
N LEU O 99 -54.31 17.79 4.07
CA LEU O 99 -54.90 16.47 3.89
C LEU O 99 -56.14 16.48 3.00
N ALA O 100 -56.99 17.48 3.18
CA ALA O 100 -58.19 17.61 2.38
C ALA O 100 -57.76 17.75 0.91
N ASN O 101 -56.79 18.64 0.69
CA ASN O 101 -56.24 18.92 -0.63
C ASN O 101 -55.73 17.62 -1.28
N VAL O 102 -55.00 16.83 -0.51
CA VAL O 102 -54.46 15.57 -1.02
C VAL O 102 -55.59 14.60 -1.39
N TYR O 103 -56.60 14.49 -0.52
CA TYR O 103 -57.72 13.61 -0.81
C TYR O 103 -58.45 14.07 -2.05
N ALA O 104 -58.60 15.39 -2.19
CA ALA O 104 -59.26 15.96 -3.35
C ALA O 104 -58.54 15.53 -4.62
N GLN O 105 -57.22 15.66 -4.62
CA GLN O 105 -56.43 15.27 -5.78
C GLN O 105 -56.46 13.75 -6.00
N THR O 106 -56.44 12.98 -4.92
CA THR O 106 -56.45 11.54 -5.04
C THR O 106 -57.76 11.01 -5.62
N LEU O 107 -58.89 11.42 -5.03
CA LEU O 107 -60.18 10.96 -5.53
C LEU O 107 -60.40 11.47 -6.96
N GLY O 108 -59.93 12.68 -7.23
CA GLY O 108 -60.06 13.22 -8.56
C GLY O 108 -59.41 12.29 -9.57
N THR O 109 -58.21 11.81 -9.23
CA THR O 109 -57.49 10.89 -10.11
C THR O 109 -58.19 9.54 -10.22
N ILE O 110 -58.63 8.97 -9.12
CA ILE O 110 -59.30 7.70 -9.16
C ILE O 110 -60.52 7.75 -10.08
N PHE O 111 -61.35 8.74 -9.83
CA PHE O 111 -62.56 8.97 -10.58
C PHE O 111 -62.30 9.04 -12.05
N THR O 112 -61.19 9.62 -12.38
CA THR O 112 -60.80 9.77 -13.78
C THR O 112 -60.14 8.58 -14.43
N GLU O 113 -59.05 8.09 -13.84
CA GLU O 113 -58.32 7.00 -14.47
C GLU O 113 -58.50 5.56 -13.98
N GLN O 114 -59.23 5.29 -12.93
CA GLN O 114 -59.35 3.89 -12.55
C GLN O 114 -60.54 3.20 -13.23
N ALA O 115 -60.70 1.90 -13.00
CA ALA O 115 -61.79 1.15 -13.62
C ALA O 115 -63.13 1.58 -13.09
N LYS O 116 -63.21 1.75 -11.80
CA LYS O 116 -64.43 2.17 -11.20
C LYS O 116 -64.06 3.26 -10.25
N PRO O 117 -64.99 4.14 -9.96
CA PRO O 117 -64.71 5.20 -9.03
C PRO O 117 -64.84 4.63 -7.64
N TYR O 118 -64.39 5.38 -6.65
CA TYR O 118 -64.50 4.93 -5.30
C TYR O 118 -65.87 5.39 -4.86
N GLU O 119 -66.63 4.53 -4.21
CA GLU O 119 -67.95 4.86 -3.73
C GLU O 119 -67.79 5.42 -2.34
N VAL O 120 -67.19 6.58 -2.22
CA VAL O 120 -66.94 7.14 -0.90
C VAL O 120 -67.11 8.65 -0.82
N GLU O 121 -67.24 9.13 0.40
CA GLU O 121 -67.37 10.55 0.69
C GLU O 121 -66.57 10.75 1.99
N LEU O 122 -65.61 11.68 1.98
CA LEU O 122 -64.77 11.87 3.16
C LEU O 122 -64.91 13.20 3.84
N CYS O 123 -64.53 13.20 5.11
CA CYS O 123 -64.51 14.41 5.90
C CYS O 123 -63.18 14.51 6.65
N VAL O 124 -62.47 15.61 6.48
CA VAL O 124 -61.24 15.83 7.21
C VAL O 124 -61.53 16.98 8.18
N ALA O 125 -61.21 16.81 9.46
CA ALA O 125 -61.44 17.87 10.45
C ALA O 125 -60.18 18.23 11.21
N GLU O 126 -60.10 19.46 11.70
CA GLU O 126 -58.92 19.91 12.44
C GLU O 126 -59.32 20.87 13.54
N VAL O 127 -58.70 20.72 14.70
CA VAL O 127 -58.97 21.60 15.83
C VAL O 127 -57.67 22.32 16.17
N ALA O 128 -57.77 23.36 16.99
CA ALA O 128 -56.58 24.12 17.34
C ALA O 128 -55.60 23.28 18.13
N HIS O 129 -54.36 23.75 18.19
CA HIS O 129 -53.32 23.10 18.96
C HIS O 129 -53.58 23.46 20.43
N TYR O 130 -53.04 22.67 21.36
CA TYR O 130 -53.24 22.93 22.78
C TYR O 130 -52.92 24.37 23.17
N GLY O 131 -53.83 24.99 23.93
CA GLY O 131 -53.62 26.35 24.38
C GLY O 131 -53.74 27.40 23.29
N GLU O 132 -53.88 26.94 22.05
CA GLU O 132 -54.01 27.84 20.91
C GLU O 132 -55.49 28.17 20.79
N THR O 133 -55.80 29.22 20.03
CA THR O 133 -57.18 29.63 19.87
C THR O 133 -57.49 29.78 18.39
N LYS O 134 -58.22 28.80 17.86
CA LYS O 134 -58.56 28.78 16.44
C LYS O 134 -59.87 28.03 16.23
N ARG O 135 -60.63 28.50 15.26
CA ARG O 135 -61.92 27.93 14.93
C ARG O 135 -61.75 26.60 14.21
N PRO O 136 -62.46 25.56 14.66
CA PRO O 136 -62.37 24.24 14.03
C PRO O 136 -62.61 24.34 12.53
N GLU O 137 -62.05 23.39 11.78
CA GLU O 137 -62.22 23.37 10.33
C GLU O 137 -62.73 22.01 9.90
N LEU O 138 -63.67 22.01 8.97
CA LEU O 138 -64.23 20.77 8.47
C LEU O 138 -64.19 20.79 6.96
N TYR O 139 -63.74 19.70 6.36
CA TYR O 139 -63.66 19.62 4.92
C TYR O 139 -64.40 18.41 4.43
N ARG O 140 -65.07 18.56 3.30
CA ARG O 140 -65.78 17.43 2.72
C ARG O 140 -65.23 17.21 1.32
N ILE O 141 -64.79 15.98 1.06
CA ILE O 141 -64.25 15.67 -0.26
C ILE O 141 -65.17 14.58 -0.80
N THR O 142 -65.59 14.75 -2.05
CA THR O 142 -66.49 13.80 -2.68
C THR O 142 -65.83 12.90 -3.70
N TYR O 143 -66.55 11.85 -4.08
CA TYR O 143 -66.02 10.86 -4.99
C TYR O 143 -65.35 11.38 -6.26
N ASP O 144 -65.66 12.61 -6.66
CA ASP O 144 -65.05 13.12 -7.89
C ASP O 144 -63.89 14.08 -7.65
N GLY O 145 -63.55 14.31 -6.38
CA GLY O 145 -62.46 15.20 -6.07
C GLY O 145 -62.87 16.60 -5.72
N SER O 146 -64.17 16.80 -5.55
CA SER O 146 -64.66 18.12 -5.20
C SER O 146 -64.43 18.30 -3.72
N ILE O 147 -64.07 19.53 -3.34
CA ILE O 147 -63.78 19.82 -1.95
C ILE O 147 -64.54 21.06 -1.50
N ALA O 148 -64.87 21.12 -0.22
CA ALA O 148 -65.61 22.26 0.30
C ALA O 148 -65.51 22.25 1.81
N ASP O 149 -65.33 23.42 2.42
CA ASP O 149 -65.23 23.47 3.87
C ASP O 149 -66.51 24.00 4.50
N GLU O 150 -67.09 23.20 5.38
CA GLU O 150 -68.30 23.59 6.08
C GLU O 150 -67.90 24.31 7.36
N PRO O 151 -68.66 25.34 7.76
CA PRO O 151 -68.35 26.10 8.97
C PRO O 151 -68.80 25.46 10.26
N HIS O 152 -69.87 24.66 10.20
CA HIS O 152 -70.42 24.06 11.41
C HIS O 152 -70.56 22.54 11.47
N PHE O 153 -70.99 21.93 10.37
CA PHE O 153 -71.14 20.48 10.37
C PHE O 153 -71.09 19.86 8.99
N VAL O 154 -70.85 18.55 8.93
CA VAL O 154 -70.79 17.83 7.67
C VAL O 154 -71.57 16.53 7.82
N VAL O 155 -72.27 16.14 6.75
CA VAL O 155 -73.07 14.92 6.76
C VAL O 155 -72.75 14.13 5.50
N MET O 156 -72.54 12.83 5.65
CA MET O 156 -72.21 11.99 4.50
C MET O 156 -72.85 10.61 4.61
N GLY O 157 -73.09 10.01 3.44
CA GLY O 157 -73.68 8.68 3.41
C GLY O 157 -75.18 8.59 3.47
N GLY O 158 -75.74 7.67 2.68
CA GLY O 158 -77.18 7.48 2.67
C GLY O 158 -77.94 8.71 2.25
N THR O 159 -79.11 8.91 2.86
CA THR O 159 -79.96 10.06 2.57
C THR O 159 -79.53 11.19 3.52
N THR O 160 -78.72 12.09 3.00
CA THR O 160 -78.18 13.20 3.74
C THR O 160 -79.08 14.31 4.20
N GLU O 161 -80.00 14.70 3.33
CA GLU O 161 -80.85 15.86 3.59
C GLU O 161 -81.69 15.86 4.83
N PRO O 162 -82.30 14.75 5.18
CA PRO O 162 -83.09 14.76 6.39
C PRO O 162 -82.21 15.08 7.58
N ILE O 163 -81.05 14.42 7.62
CA ILE O 163 -80.12 14.64 8.73
C ILE O 163 -79.64 16.05 8.77
N ALA O 164 -79.32 16.60 7.61
CA ALA O 164 -78.82 17.95 7.54
C ALA O 164 -79.85 18.93 8.02
N ASN O 165 -81.10 18.68 7.65
CA ASN O 165 -82.20 19.53 8.04
C ASN O 165 -82.30 19.50 9.54
N ALA O 166 -82.22 18.32 10.13
CA ALA O 166 -82.34 18.24 11.57
C ALA O 166 -81.19 18.98 12.23
N LEU O 167 -80.02 18.82 11.64
CA LEU O 167 -78.84 19.52 12.09
C LEU O 167 -78.91 21.00 11.72
N LYS O 168 -79.43 21.29 10.54
CA LYS O 168 -79.45 22.68 10.12
C LYS O 168 -80.24 23.57 11.07
N GLU O 169 -81.26 23.01 11.72
CA GLU O 169 -82.07 23.76 12.66
C GLU O 169 -81.66 23.44 14.09
N SER O 170 -81.29 22.19 14.29
CA SER O 170 -80.84 21.68 15.55
C SER O 170 -79.55 22.32 16.04
N TYR O 171 -78.65 22.59 15.11
CA TYR O 171 -77.32 23.03 15.45
C TYR O 171 -77.16 24.33 16.19
N ALA O 172 -76.36 24.27 17.25
CA ALA O 172 -75.99 25.46 17.99
C ALA O 172 -74.45 25.52 18.19
N GLU O 173 -73.85 26.62 17.76
CA GLU O 173 -72.43 26.84 17.90
C GLU O 173 -72.00 26.91 19.36
N ASN O 174 -70.92 26.21 19.68
CA ASN O 174 -70.38 26.14 21.02
C ASN O 174 -71.11 25.27 22.02
N ALA O 175 -71.78 24.26 21.51
CA ALA O 175 -72.53 23.35 22.34
C ALA O 175 -71.58 22.58 23.20
N SER O 176 -72.09 22.10 24.31
CA SER O 176 -71.33 21.29 25.22
C SER O 176 -71.19 19.96 24.51
N LEU O 177 -70.29 19.11 24.97
CA LEU O 177 -70.16 17.81 24.33
C LEU O 177 -71.44 17.00 24.50
N THR O 178 -71.99 17.00 25.72
CA THR O 178 -73.19 16.24 26.02
C THR O 178 -74.34 16.76 25.22
N ASP O 179 -74.44 18.07 25.14
CA ASP O 179 -75.51 18.67 24.38
C ASP O 179 -75.33 18.45 22.91
N ALA O 180 -74.11 18.62 22.46
CA ALA O 180 -73.77 18.43 21.05
C ALA O 180 -73.97 17.02 20.58
N LEU O 181 -73.57 16.08 21.40
CA LEU O 181 -73.71 14.69 21.04
C LEU O 181 -75.12 14.22 20.86
N ARG O 182 -75.99 14.54 21.82
CA ARG O 182 -77.37 14.12 21.76
C ARG O 182 -78.12 14.71 20.57
N ILE O 183 -77.86 15.97 20.24
CA ILE O 183 -78.50 16.60 19.12
C ILE O 183 -78.12 15.92 17.82
N ALA O 184 -76.85 15.61 17.68
CA ALA O 184 -76.35 14.96 16.49
C ALA O 184 -76.85 13.53 16.45
N VAL O 185 -76.89 12.87 17.60
CA VAL O 185 -77.36 11.50 17.63
C VAL O 185 -78.78 11.55 17.19
N ALA O 186 -79.49 12.54 17.71
CA ALA O 186 -80.87 12.69 17.36
C ALA O 186 -81.04 12.92 15.89
N ALA O 187 -80.20 13.76 15.32
CA ALA O 187 -80.29 14.07 13.90
C ALA O 187 -80.12 12.88 12.97
N LEU O 188 -79.25 11.94 13.29
CA LEU O 188 -79.10 10.81 12.40
C LEU O 188 -80.40 10.05 12.36
N ARG O 189 -80.95 9.82 13.53
CA ARG O 189 -82.22 9.10 13.69
C ARG O 189 -83.34 9.91 13.04
N ALA O 190 -83.17 11.22 13.02
CA ALA O 190 -84.11 12.16 12.44
C ALA O 190 -84.25 11.90 10.96
N GLY O 191 -83.27 11.23 10.40
CA GLY O 191 -83.33 10.92 8.98
C GLY O 191 -83.54 9.43 8.84
N VAL O 205 -76.15 3.01 21.13
CA VAL O 205 -74.82 2.78 21.70
C VAL O 205 -74.10 1.62 21.02
N ALA O 206 -74.67 0.42 21.13
CA ALA O 206 -74.07 -0.75 20.51
C ALA O 206 -74.29 -0.66 19.00
N SER O 207 -74.59 0.55 18.55
CA SER O 207 -74.85 0.83 17.15
C SER O 207 -74.17 2.13 16.72
N LEU O 208 -73.41 2.71 17.64
CA LEU O 208 -72.72 3.97 17.37
C LEU O 208 -71.22 3.99 17.54
N GLU O 209 -70.56 4.67 16.62
CA GLU O 209 -69.11 4.87 16.67
C GLU O 209 -68.99 6.35 16.98
N VAL O 210 -68.40 6.68 18.13
CA VAL O 210 -68.25 8.07 18.51
C VAL O 210 -66.82 8.41 18.89
N ALA O 211 -66.37 9.59 18.48
CA ALA O 211 -65.03 10.06 18.80
C ALA O 211 -64.96 11.57 18.61
N VAL O 212 -63.98 12.19 19.26
CA VAL O 212 -63.83 13.63 19.14
C VAL O 212 -62.39 14.06 18.97
N LEU O 213 -62.21 15.27 18.47
CA LEU O 213 -60.93 15.88 18.47
C LEU O 213 -61.06 16.85 19.65
N ASP O 214 -60.39 16.54 20.74
CA ASP O 214 -60.46 17.36 21.93
C ASP O 214 -59.31 18.32 21.91
N ALA O 215 -59.65 19.59 21.78
CA ALA O 215 -58.68 20.67 21.70
C ALA O 215 -57.96 20.81 22.99
N ASN O 216 -58.53 20.26 24.04
CA ASN O 216 -57.92 20.23 25.35
C ASN O 216 -56.77 19.28 25.62
N ARG O 217 -56.51 18.33 24.71
CA ARG O 217 -55.39 17.40 24.80
C ARG O 217 -54.06 18.06 24.46
N PRO O 218 -53.00 17.66 25.14
CA PRO O 218 -51.71 18.29 24.88
C PRO O 218 -51.13 18.07 23.49
N ARG O 219 -51.19 16.86 22.97
CA ARG O 219 -50.70 16.67 21.61
C ARG O 219 -51.71 16.00 20.75
N ARG O 220 -52.17 14.82 21.13
CA ARG O 220 -53.11 14.10 20.30
C ARG O 220 -54.55 14.33 20.72
N ALA O 221 -55.27 15.08 19.90
CA ALA O 221 -56.68 15.39 20.11
C ALA O 221 -57.64 14.24 20.01
N PHE O 222 -57.43 13.35 19.06
CA PHE O 222 -58.34 12.26 18.83
C PHE O 222 -58.49 11.28 19.95
N ARG O 223 -59.73 11.01 20.27
CA ARG O 223 -60.07 10.00 21.24
C ARG O 223 -61.47 9.48 21.03
N ARG O 224 -61.62 8.18 21.25
CA ARG O 224 -62.91 7.53 21.10
C ARG O 224 -63.71 7.53 22.38
N ILE O 225 -65.01 7.72 22.24
CA ILE O 225 -65.92 7.72 23.37
C ILE O 225 -66.72 6.44 23.20
N THR O 226 -66.36 5.44 24.00
CA THR O 226 -66.99 4.14 23.91
C THR O 226 -67.45 3.56 25.24
N GLY O 227 -68.33 2.57 25.12
CA GLY O 227 -68.86 1.88 26.29
C GLY O 227 -69.69 2.69 27.27
N SER O 228 -69.55 2.36 28.55
CA SER O 228 -70.27 3.05 29.60
C SER O 228 -70.10 4.56 29.48
N ALA O 229 -68.89 5.00 29.17
CA ALA O 229 -68.60 6.43 29.02
C ALA O 229 -69.54 7.05 27.99
N LEU O 230 -69.71 6.37 26.86
CA LEU O 230 -70.59 6.85 25.79
C LEU O 230 -72.04 6.82 26.23
N GLN O 231 -72.47 5.67 26.77
CA GLN O 231 -73.84 5.48 27.24
C GLN O 231 -74.20 6.64 28.18
N ALA O 232 -73.26 6.96 29.06
CA ALA O 232 -73.44 8.03 30.03
C ALA O 232 -73.89 9.35 29.41
N LEU O 233 -73.25 9.76 28.32
CA LEU O 233 -73.58 11.02 27.66
C LEU O 233 -74.91 11.00 26.91
N LEU O 234 -75.72 9.99 27.19
CA LEU O 234 -77.02 9.85 26.53
C LEU O 234 -78.16 9.67 27.52
N THR P 1 -20.89 10.67 26.59
CA THR P 1 -22.29 10.43 26.86
C THR P 1 -22.57 9.23 27.75
N THR P 2 -23.60 9.36 28.56
CA THR P 2 -24.02 8.23 29.35
C THR P 2 -25.52 8.33 29.51
N ILE P 3 -26.19 7.20 29.29
CA ILE P 3 -27.62 7.14 29.44
C ILE P 3 -27.82 5.90 30.28
N VAL P 4 -28.64 6.00 31.30
CA VAL P 4 -28.90 4.87 32.19
C VAL P 4 -30.39 4.60 32.28
N ALA P 5 -30.71 3.35 32.60
CA ALA P 5 -32.11 2.95 32.75
C ALA P 5 -32.16 1.90 33.83
N LEU P 6 -33.19 1.98 34.64
CA LEU P 6 -33.39 1.04 35.72
C LEU P 6 -34.84 0.71 36.06
N LYS P 7 -35.04 -0.42 36.71
CA LYS P 7 -36.35 -0.87 37.14
C LYS P 7 -36.53 -0.65 38.61
N TYR P 8 -37.69 -0.17 38.99
CA TYR P 8 -38.08 0.01 40.36
C TYR P 8 -39.44 -0.65 40.41
N PRO P 9 -39.96 -1.03 41.57
CA PRO P 9 -41.23 -1.72 41.57
C PRO P 9 -42.32 -0.89 40.97
N GLY P 10 -42.93 -1.44 39.95
CA GLY P 10 -43.96 -0.77 39.19
C GLY P 10 -43.49 0.16 38.10
N GLY P 11 -42.20 0.30 37.88
CA GLY P 11 -41.75 1.20 36.85
C GLY P 11 -40.33 1.14 36.35
N VAL P 12 -40.04 2.01 35.40
CA VAL P 12 -38.71 2.19 34.85
C VAL P 12 -38.39 3.65 34.86
N VAL P 13 -37.12 3.96 34.94
CA VAL P 13 -36.66 5.33 34.86
C VAL P 13 -35.46 5.32 33.92
N MET P 14 -35.37 6.32 33.05
CA MET P 14 -34.24 6.47 32.13
C MET P 14 -33.76 7.91 32.26
N ALA P 15 -32.45 8.08 32.36
CA ALA P 15 -31.88 9.40 32.51
C ALA P 15 -30.60 9.52 31.70
N GLY P 16 -30.32 10.71 31.16
CA GLY P 16 -29.12 10.91 30.37
C GLY P 16 -28.46 12.25 30.68
N ASP P 17 -27.18 12.37 30.35
CA ASP P 17 -26.43 13.60 30.59
C ASP P 17 -26.72 14.60 29.48
N ARG P 18 -26.05 15.74 29.49
CA ARG P 18 -26.32 16.81 28.52
C ARG P 18 -25.14 17.24 27.65
N ARG P 19 -24.05 16.54 27.74
CA ARG P 19 -22.86 16.92 27.00
C ARG P 19 -22.77 16.49 25.55
N SER P 20 -22.04 17.28 24.79
CA SER P 20 -21.82 17.00 23.39
C SER P 20 -20.35 17.35 23.14
N THR P 21 -19.63 16.51 22.42
CA THR P 21 -18.22 16.78 22.16
C THR P 21 -17.79 16.62 20.72
N GLN P 22 -16.71 17.31 20.41
CA GLN P 22 -16.08 17.32 19.10
C GLN P 22 -14.64 17.10 19.52
N GLY P 23 -14.19 15.87 19.55
CA GLY P 23 -12.87 15.59 20.04
C GLY P 23 -12.81 16.01 21.49
N ASN P 24 -11.78 16.76 21.83
CA ASN P 24 -11.68 17.27 23.17
C ASN P 24 -12.59 18.44 23.46
N MET P 25 -13.07 19.14 22.44
CA MET P 25 -13.91 20.29 22.69
C MET P 25 -15.31 20.00 23.12
N ILE P 26 -15.80 20.74 24.09
CA ILE P 26 -17.16 20.63 24.52
C ILE P 26 -17.96 21.41 23.50
N SER P 27 -18.90 20.74 22.83
CA SER P 27 -19.66 21.43 21.82
C SER P 27 -21.13 21.62 22.19
N GLY P 28 -21.55 21.04 23.30
CA GLY P 28 -22.94 21.21 23.71
C GLY P 28 -23.02 21.03 25.21
N ARG P 29 -23.90 21.79 25.84
CA ARG P 29 -24.10 21.71 27.28
C ARG P 29 -25.52 21.46 27.69
N ASP P 30 -26.43 21.39 26.75
CA ASP P 30 -27.82 21.15 27.11
C ASP P 30 -28.54 20.19 26.19
N VAL P 31 -27.81 19.25 25.60
CA VAL P 31 -28.43 18.30 24.70
C VAL P 31 -29.36 17.40 25.48
N ARG P 32 -30.53 17.12 24.92
CA ARG P 32 -31.52 16.25 25.56
C ARG P 32 -31.40 14.91 24.86
N LYS P 33 -31.01 13.89 25.60
CA LYS P 33 -30.80 12.58 24.99
C LYS P 33 -31.85 11.50 25.23
N VAL P 34 -32.79 11.76 26.13
CA VAL P 34 -33.85 10.81 26.43
C VAL P 34 -35.19 11.31 25.88
N TYR P 35 -35.84 10.51 25.05
CA TYR P 35 -37.10 10.92 24.44
C TYR P 35 -38.24 10.02 24.85
N ILE P 36 -39.43 10.60 24.93
CA ILE P 36 -40.60 9.78 25.23
C ILE P 36 -41.04 9.34 23.82
N THR P 37 -40.93 8.06 23.53
CA THR P 37 -41.29 7.51 22.25
C THR P 37 -42.76 7.28 22.04
N ASP P 38 -43.43 6.73 23.03
CA ASP P 38 -44.86 6.64 23.00
C ASP P 38 -45.32 6.72 24.42
N ASP P 39 -46.61 6.55 24.66
CA ASP P 39 -47.06 6.67 26.04
C ASP P 39 -46.36 5.77 27.06
N TYR P 40 -45.83 4.64 26.62
CA TYR P 40 -45.20 3.71 27.53
C TYR P 40 -43.77 3.35 27.18
N THR P 41 -43.12 4.19 26.40
CA THR P 41 -41.76 3.89 25.97
C THR P 41 -40.86 5.12 25.92
N ALA P 42 -39.59 4.92 26.28
CA ALA P 42 -38.61 6.00 26.24
C ALA P 42 -37.33 5.48 25.59
N THR P 43 -36.70 6.32 24.77
CA THR P 43 -35.48 5.93 24.11
C THR P 43 -34.36 6.90 24.45
N GLY P 44 -33.16 6.36 24.62
CA GLY P 44 -32.01 7.20 24.90
C GLY P 44 -30.96 6.76 23.91
N ILE P 45 -30.34 7.69 23.21
CA ILE P 45 -29.37 7.25 22.24
C ILE P 45 -28.01 7.90 22.40
N ALA P 46 -26.97 7.10 22.22
CA ALA P 46 -25.61 7.58 22.34
C ALA P 46 -24.90 7.50 21.01
N GLY P 47 -23.73 8.10 20.91
CA GLY P 47 -22.98 8.05 19.67
C GLY P 47 -23.05 9.35 18.87
N THR P 48 -23.01 9.24 17.56
CA THR P 48 -23.07 10.36 16.68
C THR P 48 -24.42 11.06 16.80
N ALA P 49 -24.39 12.29 17.32
CA ALA P 49 -25.57 13.11 17.54
C ALA P 49 -26.57 13.16 16.37
N ALA P 50 -26.08 13.50 15.19
CA ALA P 50 -26.96 13.57 14.02
C ALA P 50 -27.78 12.29 13.85
N VAL P 51 -27.13 11.16 13.88
CA VAL P 51 -27.81 9.90 13.75
C VAL P 51 -28.68 9.55 14.94
N ALA P 52 -28.21 9.85 16.15
CA ALA P 52 -28.99 9.59 17.36
C ALA P 52 -30.37 10.27 17.30
N VAL P 53 -30.36 11.55 16.94
CA VAL P 53 -31.60 12.32 16.88
C VAL P 53 -32.52 11.79 15.81
N GLU P 54 -31.96 11.53 14.63
CA GLU P 54 -32.75 10.98 13.54
C GLU P 54 -33.43 9.69 13.99
N PHE P 55 -32.68 8.81 14.65
CA PHE P 55 -33.26 7.55 15.14
C PHE P 55 -34.48 7.75 16.03
N ALA P 56 -34.31 8.54 17.09
CA ALA P 56 -35.40 8.78 18.03
C ALA P 56 -36.63 9.36 17.32
N ARG P 57 -36.38 10.29 16.43
CA ARG P 57 -37.47 10.93 15.70
C ARG P 57 -38.18 9.92 14.77
N LEU P 58 -37.41 9.22 13.96
CA LEU P 58 -37.97 8.25 13.05
C LEU P 58 -38.71 7.16 13.80
N TYR P 59 -38.05 6.63 14.84
CA TYR P 59 -38.63 5.56 15.63
C TYR P 59 -40.01 5.90 16.20
N ALA P 60 -40.14 7.08 16.80
CA ALA P 60 -41.40 7.55 17.34
C ALA P 60 -42.48 7.74 16.28
N VAL P 61 -42.07 8.11 15.09
CA VAL P 61 -43.02 8.21 14.00
C VAL P 61 -43.48 6.82 13.59
N GLU P 62 -42.54 5.89 13.42
CA GLU P 62 -42.89 4.53 13.02
C GLU P 62 -43.85 3.83 14.02
N LEU P 63 -43.66 4.01 15.30
CA LEU P 63 -44.55 3.46 16.27
C LEU P 63 -45.94 4.10 16.25
N GLU P 64 -46.02 5.40 16.00
CA GLU P 64 -47.31 6.05 15.98
C GLU P 64 -48.01 5.74 14.68
N HIS P 65 -47.21 5.50 13.67
CA HIS P 65 -47.71 5.18 12.34
C HIS P 65 -48.46 3.84 12.36
N TYR P 66 -47.87 2.87 13.05
CA TYR P 66 -48.48 1.56 13.15
C TYR P 66 -49.80 1.67 13.90
N GLU P 67 -49.76 2.36 15.04
CA GLU P 67 -50.94 2.54 15.87
C GLU P 67 -52.14 3.12 15.09
N LYS P 68 -51.90 4.21 14.37
CA LYS P 68 -52.96 4.85 13.61
C LYS P 68 -53.48 3.95 12.52
N LEU P 69 -52.56 3.26 11.86
CA LEU P 69 -52.91 2.37 10.78
C LEU P 69 -53.70 1.15 11.22
N GLU P 70 -53.26 0.52 12.31
CA GLU P 70 -53.89 -0.70 12.79
C GLU P 70 -54.82 -0.53 13.96
N GLY P 71 -54.97 0.70 14.42
CA GLY P 71 -55.89 0.94 15.53
C GLY P 71 -55.42 0.45 16.89
N VAL P 72 -54.25 -0.17 16.96
CA VAL P 72 -53.75 -0.69 18.23
C VAL P 72 -52.25 -0.52 18.26
N PRO P 73 -51.67 -0.33 19.45
CA PRO P 73 -50.22 -0.17 19.52
C PRO P 73 -49.51 -1.48 19.23
N LEU P 74 -48.25 -1.37 18.81
CA LEU P 74 -47.40 -2.52 18.55
C LEU P 74 -47.12 -3.20 19.90
N THR P 75 -46.95 -4.52 19.91
CA THR P 75 -46.63 -5.21 21.17
C THR P 75 -45.23 -4.76 21.54
N PHE P 76 -44.86 -4.94 22.81
CA PHE P 76 -43.52 -4.50 23.20
C PHE P 76 -42.44 -5.19 22.37
N ALA P 77 -42.65 -6.47 22.05
CA ALA P 77 -41.68 -7.22 21.26
C ALA P 77 -41.55 -6.60 19.88
N GLY P 78 -42.68 -6.21 19.30
CA GLY P 78 -42.64 -5.58 18.00
C GLY P 78 -41.83 -4.29 18.05
N LYS P 79 -42.00 -3.51 19.12
CA LYS P 79 -41.27 -2.25 19.24
C LYS P 79 -39.78 -2.53 19.24
N ILE P 80 -39.37 -3.55 19.99
CA ILE P 80 -37.96 -3.92 20.07
C ILE P 80 -37.45 -4.27 18.67
N ASN P 81 -38.18 -5.12 17.98
CA ASN P 81 -37.76 -5.58 16.67
C ASN P 81 -37.59 -4.41 15.68
N ARG P 82 -38.51 -3.47 15.71
CA ARG P 82 -38.44 -2.32 14.82
C ARG P 82 -37.18 -1.49 15.08
N LEU P 83 -36.85 -1.31 16.36
CA LEU P 83 -35.68 -0.53 16.72
C LEU P 83 -34.40 -1.27 16.32
N ALA P 84 -34.42 -2.59 16.46
CA ALA P 84 -33.25 -3.40 16.11
C ALA P 84 -32.99 -3.32 14.61
N ILE P 85 -34.07 -3.37 13.83
CA ILE P 85 -33.96 -3.31 12.38
C ILE P 85 -33.35 -1.97 11.97
N MET P 86 -33.76 -0.90 12.64
CA MET P 86 -33.23 0.43 12.34
C MET P 86 -31.72 0.44 12.64
N VAL P 87 -31.31 -0.12 13.76
CA VAL P 87 -29.90 -0.16 14.10
C VAL P 87 -29.09 -0.98 13.13
N ARG P 88 -29.62 -2.14 12.75
CA ARG P 88 -28.95 -2.99 11.77
C ARG P 88 -28.77 -2.24 10.44
N GLY P 89 -29.81 -1.52 10.03
CA GLY P 89 -29.75 -0.77 8.80
C GLY P 89 -28.64 0.26 8.74
N ASN P 90 -28.21 0.76 9.87
CA ASN P 90 -27.17 1.75 9.97
C ASN P 90 -25.77 1.21 10.10
N LEU P 91 -25.58 -0.09 10.02
CA LEU P 91 -24.27 -0.70 10.14
C LEU P 91 -23.18 -0.28 9.14
N ALA P 92 -23.52 -0.08 7.88
CA ALA P 92 -22.50 0.33 6.93
C ALA P 92 -21.96 1.70 7.34
N ALA P 93 -22.87 2.59 7.73
CA ALA P 93 -22.60 3.95 8.18
C ALA P 93 -21.86 3.99 9.52
N ALA P 94 -22.24 3.10 10.42
CA ALA P 94 -21.64 3.02 11.72
C ALA P 94 -20.17 2.72 11.59
N MET P 95 -19.83 1.84 10.66
CA MET P 95 -18.47 1.45 10.40
C MET P 95 -17.65 2.62 9.88
N GLN P 96 -18.32 3.60 9.29
CA GLN P 96 -17.64 4.75 8.76
C GLN P 96 -17.62 5.98 9.64
N GLY P 97 -18.07 5.87 10.88
CA GLY P 97 -18.10 6.98 11.81
C GLY P 97 -19.45 7.54 12.20
N LEU P 98 -20.52 6.93 11.76
CA LEU P 98 -21.85 7.38 12.07
C LEU P 98 -22.59 6.41 12.96
N LEU P 99 -21.90 5.93 13.97
CA LEU P 99 -22.49 4.99 14.89
C LEU P 99 -23.32 5.56 16.00
N ALA P 100 -24.52 5.07 16.14
CA ALA P 100 -25.44 5.51 17.16
C ALA P 100 -26.07 4.29 17.87
N LEU P 101 -26.02 4.25 19.18
CA LEU P 101 -26.59 3.14 19.94
C LEU P 101 -27.74 3.53 20.84
N PRO P 102 -28.84 2.81 20.73
CA PRO P 102 -30.02 3.11 21.52
C PRO P 102 -30.18 2.26 22.79
N LEU P 103 -30.90 2.78 23.74
CA LEU P 103 -31.21 2.07 24.98
C LEU P 103 -32.71 2.31 25.07
N LEU P 104 -33.47 1.24 25.26
CA LEU P 104 -34.91 1.32 25.31
C LEU P 104 -35.46 0.99 26.67
N ALA P 105 -36.41 1.78 27.13
CA ALA P 105 -37.04 1.54 28.42
C ALA P 105 -38.53 1.66 28.24
N GLY P 106 -39.30 0.77 28.86
CA GLY P 106 -40.74 0.88 28.71
C GLY P 106 -41.51 0.16 29.79
N TYR P 107 -42.82 0.33 29.74
CA TYR P 107 -43.68 -0.35 30.63
C TYR P 107 -44.58 -1.12 29.72
N ASP P 108 -44.73 -2.42 29.95
CA ASP P 108 -45.54 -3.26 29.12
C ASP P 108 -46.91 -3.50 29.73
N ILE P 109 -47.95 -2.94 29.15
CA ILE P 109 -49.28 -3.08 29.72
C ILE P 109 -49.92 -4.46 29.57
N HIS P 110 -49.37 -5.27 28.68
CA HIS P 110 -49.83 -6.64 28.50
C HIS P 110 -48.99 -7.64 29.23
N ALA P 111 -48.13 -7.16 30.12
CA ALA P 111 -47.28 -8.05 30.90
C ALA P 111 -48.19 -8.78 31.87
N SER P 112 -47.81 -9.99 32.26
CA SER P 112 -48.62 -10.77 33.18
C SER P 112 -48.75 -10.08 34.55
N ASP P 113 -47.66 -9.50 35.04
CA ASP P 113 -47.69 -8.81 36.34
C ASP P 113 -47.35 -7.33 36.17
N PRO P 114 -48.16 -6.48 36.77
CA PRO P 114 -47.96 -5.02 36.69
C PRO P 114 -46.68 -4.51 37.35
N GLN P 115 -46.34 -5.03 38.52
CA GLN P 115 -45.14 -4.61 39.22
C GLN P 115 -43.88 -4.96 38.45
N SER P 116 -43.90 -6.13 37.81
CA SER P 116 -42.78 -6.64 37.02
C SER P 116 -42.82 -6.28 35.53
N ALA P 117 -43.80 -5.46 35.14
CA ALA P 117 -43.99 -5.03 33.76
C ALA P 117 -42.89 -4.19 33.10
N GLY P 118 -42.08 -3.51 33.91
CA GLY P 118 -41.01 -2.67 33.41
C GLY P 118 -40.05 -3.40 32.52
N ARG P 119 -39.56 -2.74 31.48
CA ARG P 119 -38.64 -3.35 30.56
C ARG P 119 -37.48 -2.46 30.23
N ILE P 120 -36.33 -3.07 30.02
CA ILE P 120 -35.11 -2.39 29.64
C ILE P 120 -34.42 -3.24 28.56
N VAL P 121 -34.19 -2.64 27.40
CA VAL P 121 -33.58 -3.36 26.28
C VAL P 121 -32.35 -2.63 25.77
N SER P 122 -31.22 -3.35 25.68
CA SER P 122 -29.98 -2.76 25.17
C SER P 122 -29.74 -3.32 23.76
N PHE P 123 -28.91 -2.62 22.99
CA PHE P 123 -28.65 -3.00 21.61
C PHE P 123 -27.18 -2.85 21.27
N ASP P 124 -26.67 -3.73 20.41
CA ASP P 124 -25.28 -3.59 19.98
C ASP P 124 -25.28 -3.00 18.55
N ALA P 125 -24.13 -2.68 18.01
CA ALA P 125 -24.03 -2.04 16.71
C ALA P 125 -24.51 -2.86 15.51
N ALA P 126 -24.79 -4.12 15.70
CA ALA P 126 -25.34 -4.93 14.61
C ALA P 126 -26.85 -5.12 14.78
N GLY P 127 -27.42 -4.45 15.78
CA GLY P 127 -28.84 -4.59 16.01
C GLY P 127 -29.20 -5.71 16.95
N GLY P 128 -28.19 -6.38 17.52
CA GLY P 128 -28.48 -7.44 18.46
C GLY P 128 -29.11 -6.79 19.69
N TRP P 129 -30.23 -7.33 20.14
CA TRP P 129 -30.88 -6.75 21.31
C TRP P 129 -30.90 -7.72 22.47
N ASN P 130 -31.03 -7.18 23.66
CA ASN P 130 -31.09 -8.01 24.85
C ASN P 130 -31.99 -7.37 25.90
N ILE P 131 -33.01 -8.11 26.33
CA ILE P 131 -33.91 -7.65 27.37
C ILE P 131 -33.17 -7.88 28.69
N GLU P 132 -32.80 -6.78 29.34
CA GLU P 132 -32.05 -6.84 30.58
C GLU P 132 -32.84 -7.47 31.70
N GLU P 133 -32.22 -8.44 32.37
CA GLU P 133 -32.90 -9.12 33.46
C GLU P 133 -32.33 -8.74 34.81
N GLU P 134 -31.21 -8.04 34.84
CA GLU P 134 -30.63 -7.67 36.13
C GLU P 134 -31.03 -6.31 36.72
N GLY P 135 -32.01 -5.64 36.14
CA GLY P 135 -32.46 -4.38 36.71
C GLY P 135 -31.99 -3.05 36.14
N TYR P 136 -30.81 -3.02 35.56
CA TYR P 136 -30.33 -1.76 35.04
C TYR P 136 -29.42 -2.00 33.84
N GLN P 137 -29.14 -0.93 33.11
CA GLN P 137 -28.30 -1.00 31.93
C GLN P 137 -27.89 0.41 31.58
N ALA P 138 -26.85 0.55 30.77
CA ALA P 138 -26.41 1.88 30.38
C ALA P 138 -25.76 1.81 29.01
N VAL P 139 -25.69 2.95 28.33
CA VAL P 139 -25.06 2.99 27.03
C VAL P 139 -24.31 4.32 26.93
N GLY P 140 -23.23 4.33 26.14
CA GLY P 140 -22.44 5.52 25.96
C GLY P 140 -21.01 5.36 26.44
N SER P 141 -20.19 6.37 26.20
CA SER P 141 -18.78 6.34 26.61
C SER P 141 -18.55 6.25 28.11
N GLY P 142 -19.59 6.44 28.92
CA GLY P 142 -19.41 6.34 30.35
C GLY P 142 -20.25 5.21 30.92
N SER P 143 -20.81 4.37 30.05
CA SER P 143 -21.67 3.29 30.51
C SER P 143 -21.03 2.27 31.43
N LEU P 144 -19.74 2.01 31.27
CA LEU P 144 -19.10 1.07 32.15
C LEU P 144 -19.10 1.63 33.57
N PHE P 145 -18.66 2.85 33.69
CA PHE P 145 -18.63 3.46 34.97
C PHE P 145 -20.01 3.51 35.61
N ALA P 146 -21.04 3.87 34.86
CA ALA P 146 -22.39 3.96 35.38
C ALA P 146 -22.92 2.61 35.81
N LYS P 147 -22.58 1.58 35.04
CA LYS P 147 -23.03 0.23 35.40
C LYS P 147 -22.36 -0.29 36.66
N SER P 148 -21.07 0.00 36.81
CA SER P 148 -20.39 -0.42 37.99
C SER P 148 -20.90 0.34 39.20
N SER P 149 -21.37 1.57 38.98
CA SER P 149 -21.92 2.37 40.06
C SER P 149 -23.27 1.79 40.48
N MET P 150 -24.11 1.53 39.48
CA MET P 150 -25.43 0.99 39.78
C MET P 150 -25.37 -0.39 40.43
N LYS P 151 -24.35 -1.16 40.07
CA LYS P 151 -24.20 -2.47 40.64
C LYS P 151 -24.13 -2.38 42.17
N LYS P 152 -23.46 -1.36 42.68
CA LYS P 152 -23.33 -1.17 44.11
C LYS P 152 -24.49 -0.41 44.74
N LEU P 153 -25.27 0.29 43.93
CA LEU P 153 -26.35 1.08 44.47
C LEU P 153 -27.74 0.53 44.26
N TYR P 154 -27.86 -0.42 43.34
CA TYR P 154 -29.18 -0.94 42.99
C TYR P 154 -30.03 -1.46 44.16
N SER P 155 -29.36 -2.00 45.17
CA SER P 155 -30.11 -2.53 46.32
C SER P 155 -30.86 -1.42 47.04
N GLN P 156 -30.52 -0.16 46.78
CA GLN P 156 -31.23 0.96 47.43
C GLN P 156 -32.50 1.35 46.68
N VAL P 157 -32.70 0.81 45.50
CA VAL P 157 -33.88 1.17 44.75
C VAL P 157 -35.10 0.44 45.28
N THR P 158 -35.97 1.18 45.94
CA THR P 158 -37.19 0.60 46.52
C THR P 158 -38.43 1.21 45.92
N ASP P 159 -38.26 2.32 45.22
CA ASP P 159 -39.39 3.02 44.59
C ASP P 159 -38.95 3.98 43.49
N GLY P 160 -39.93 4.67 42.89
CA GLY P 160 -39.67 5.62 41.84
C GLY P 160 -38.68 6.71 42.22
N ASP P 161 -38.75 7.21 43.45
CA ASP P 161 -37.81 8.26 43.77
C ASP P 161 -36.39 7.78 44.05
N SER P 162 -36.26 6.65 44.75
CA SER P 162 -34.93 6.11 45.03
C SER P 162 -34.29 5.63 43.70
N GLY P 163 -35.14 5.18 42.77
CA GLY P 163 -34.64 4.74 41.48
C GLY P 163 -34.08 5.89 40.64
N LEU P 164 -34.76 7.04 40.75
CA LEU P 164 -34.34 8.25 40.04
C LEU P 164 -33.07 8.74 40.72
N ARG P 165 -32.97 8.56 42.04
CA ARG P 165 -31.78 9.01 42.73
C ARG P 165 -30.56 8.16 42.32
N VAL P 166 -30.74 6.84 42.26
CA VAL P 166 -29.63 6.00 41.86
C VAL P 166 -29.23 6.34 40.41
N ALA P 167 -30.24 6.56 39.56
CA ALA P 167 -29.98 6.90 38.18
C ALA P 167 -29.08 8.15 38.08
N VAL P 168 -29.46 9.22 38.79
CA VAL P 168 -28.69 10.47 38.79
C VAL P 168 -27.29 10.25 39.38
N GLU P 169 -27.19 9.45 40.44
CA GLU P 169 -25.88 9.21 41.02
C GLU P 169 -25.01 8.41 40.02
N ALA P 170 -25.62 7.48 39.29
CA ALA P 170 -24.89 6.71 38.31
C ALA P 170 -24.31 7.66 37.22
N LEU P 171 -25.15 8.59 36.74
CA LEU P 171 -24.70 9.57 35.75
C LEU P 171 -23.58 10.42 36.32
N TYR P 172 -23.71 10.75 37.61
CA TYR P 172 -22.70 11.56 38.28
C TYR P 172 -21.37 10.80 38.29
N ASP P 173 -21.42 9.52 38.61
CA ASP P 173 -20.25 8.66 38.65
C ASP P 173 -19.64 8.54 37.26
N ALA P 174 -20.47 8.49 36.24
CA ALA P 174 -20.01 8.41 34.86
C ALA P 174 -19.24 9.69 34.53
N ALA P 175 -19.82 10.85 34.87
CA ALA P 175 -19.16 12.12 34.57
C ALA P 175 -17.84 12.27 35.32
N ASP P 176 -17.78 11.69 36.52
CA ASP P 176 -16.59 11.76 37.33
C ASP P 176 -15.40 11.05 36.66
N ASP P 177 -15.64 10.03 35.87
CA ASP P 177 -14.57 9.31 35.19
C ASP P 177 -14.45 9.46 33.66
N ASP P 178 -15.53 9.87 33.03
CA ASP P 178 -15.55 10.05 31.58
C ASP P 178 -15.73 11.52 31.19
N SER P 179 -14.66 12.13 30.68
CA SER P 179 -14.71 13.53 30.31
C SER P 179 -15.74 13.82 29.22
N ALA P 180 -16.17 12.79 28.50
CA ALA P 180 -17.19 13.01 27.48
C ALA P 180 -18.61 12.98 28.04
N THR P 181 -18.77 12.79 29.35
CA THR P 181 -20.12 12.80 29.95
C THR P 181 -20.19 14.03 30.86
N GLY P 182 -21.27 14.80 30.75
CA GLY P 182 -21.37 16.00 31.55
C GLY P 182 -21.98 15.86 32.93
N GLY P 183 -21.30 16.38 33.94
CA GLY P 183 -21.86 16.29 35.28
C GLY P 183 -22.85 17.41 35.47
N PRO P 184 -23.54 17.48 36.60
CA PRO P 184 -24.45 18.60 36.86
C PRO P 184 -23.73 19.93 36.80
N ASP P 185 -24.31 20.90 36.14
CA ASP P 185 -23.67 22.20 36.02
C ASP P 185 -24.41 23.16 36.96
N LEU P 186 -23.86 23.37 38.15
CA LEU P 186 -24.49 24.24 39.14
C LEU P 186 -24.42 25.71 38.77
N VAL P 187 -23.35 26.14 38.11
CA VAL P 187 -23.25 27.53 37.70
C VAL P 187 -24.33 27.87 36.69
N ARG P 188 -24.55 27.02 35.70
CA ARG P 188 -25.57 27.30 34.69
C ARG P 188 -26.92 26.73 34.99
N GLY P 189 -27.02 25.89 36.01
CA GLY P 189 -28.31 25.30 36.31
C GLY P 189 -28.77 24.26 35.28
N ILE P 190 -27.83 23.50 34.73
CA ILE P 190 -28.16 22.45 33.77
C ILE P 190 -27.93 21.10 34.41
N PHE P 191 -28.94 20.24 34.35
CA PHE P 191 -28.89 18.92 34.96
C PHE P 191 -29.32 17.84 33.97
N PRO P 192 -29.02 16.58 34.29
CA PRO P 192 -29.37 15.43 33.47
C PRO P 192 -30.89 15.47 33.25
N THR P 193 -31.39 14.86 32.18
CA THR P 193 -32.84 14.81 32.02
C THR P 193 -33.27 13.38 32.35
N ALA P 194 -34.56 13.16 32.57
CA ALA P 194 -35.02 11.83 32.91
C ALA P 194 -36.49 11.64 32.63
N VAL P 195 -36.84 10.39 32.36
CA VAL P 195 -38.22 10.03 32.09
C VAL P 195 -38.57 8.87 33.02
N ILE P 196 -39.76 8.89 33.61
CA ILE P 196 -40.20 7.80 34.47
C ILE P 196 -41.40 7.21 33.78
N ILE P 197 -41.52 5.89 33.77
CA ILE P 197 -42.66 5.26 33.16
C ILE P 197 -43.25 4.23 34.12
N ASP P 198 -44.57 4.27 34.28
CA ASP P 198 -45.30 3.29 35.11
C ASP P 198 -46.62 3.02 34.43
N ALA P 199 -47.54 2.38 35.14
CA ALA P 199 -48.85 2.05 34.56
C ALA P 199 -49.59 3.27 34.03
N ASP P 200 -49.28 4.46 34.55
CA ASP P 200 -49.97 5.65 34.06
C ASP P 200 -49.30 6.30 32.87
N GLY P 201 -48.23 5.69 32.36
CA GLY P 201 -47.57 6.26 31.21
C GLY P 201 -46.21 6.91 31.44
N ALA P 202 -45.58 7.32 30.35
CA ALA P 202 -44.27 7.95 30.43
C ALA P 202 -44.40 9.44 30.71
N VAL P 203 -43.64 9.91 31.70
CA VAL P 203 -43.68 11.33 32.04
C VAL P 203 -42.27 11.90 32.24
N ASP P 204 -42.04 13.13 31.75
CA ASP P 204 -40.74 13.79 31.92
C ASP P 204 -40.59 14.16 33.38
N VAL P 205 -39.42 13.93 33.94
CA VAL P 205 -39.20 14.28 35.34
C VAL P 205 -38.89 15.77 35.38
N PRO P 206 -39.46 16.50 36.34
CA PRO P 206 -39.22 17.94 36.46
C PRO P 206 -37.78 18.24 36.82
N GLU P 207 -37.19 19.21 36.14
CA GLU P 207 -35.81 19.57 36.43
C GLU P 207 -35.58 19.78 37.92
N SER P 208 -36.47 20.52 38.56
CA SER P 208 -36.31 20.82 39.99
C SER P 208 -36.07 19.61 40.86
N ARG P 209 -36.71 18.49 40.54
CA ARG P 209 -36.55 17.25 41.32
C ARG P 209 -35.12 16.72 41.10
N ILE P 210 -34.69 16.73 39.84
CA ILE P 210 -33.36 16.26 39.49
C ILE P 210 -32.30 17.14 40.13
N ALA P 211 -32.53 18.46 40.08
CA ALA P 211 -31.59 19.43 40.63
C ALA P 211 -31.37 19.24 42.15
N GLU P 212 -32.44 18.92 42.88
CA GLU P 212 -32.33 18.66 44.31
C GLU P 212 -31.48 17.42 44.54
N LEU P 213 -31.84 16.33 43.84
CA LEU P 213 -31.10 15.06 43.96
C LEU P 213 -29.63 15.28 43.62
N ALA P 214 -29.36 16.06 42.57
CA ALA P 214 -28.00 16.32 42.15
C ALA P 214 -27.22 17.09 43.22
N ARG P 215 -27.79 18.19 43.71
CA ARG P 215 -27.08 18.96 44.72
C ARG P 215 -26.82 18.06 45.95
N ALA P 216 -27.82 17.26 46.31
CA ALA P 216 -27.68 16.33 47.43
C ALA P 216 -26.54 15.35 47.19
N ILE P 217 -26.49 14.76 45.99
CA ILE P 217 -25.41 13.85 45.67
C ILE P 217 -24.07 14.58 45.82
N ILE P 218 -23.99 15.78 45.26
CA ILE P 218 -22.77 16.57 45.37
C ILE P 218 -22.42 16.94 46.84
N GLU P 219 -23.42 17.38 47.61
CA GLU P 219 -23.20 17.70 49.02
C GLU P 219 -22.64 16.46 49.74
N SER P 220 -23.20 15.29 49.43
CA SER P 220 -22.76 14.04 50.03
C SER P 220 -21.28 13.76 49.75
N ARG P 221 -20.87 13.90 48.49
CA ARG P 221 -19.49 13.65 48.10
C ARG P 221 -18.53 14.67 48.67
N SER P 222 -19.02 15.82 49.12
CA SER P 222 -18.09 16.80 49.68
C SER P 222 -17.68 16.48 51.11
N SER Q 8 71.43 -2.99 21.93
CA SER Q 8 71.64 -2.38 20.62
C SER Q 8 71.05 -3.20 19.51
N PRO Q 9 70.81 -2.57 18.39
CA PRO Q 9 70.14 -3.19 17.24
C PRO Q 9 70.86 -4.44 16.72
N GLU Q 10 72.18 -4.43 16.75
CA GLU Q 10 72.98 -5.59 16.41
C GLU Q 10 72.88 -6.66 17.49
N GLN Q 11 72.79 -6.23 18.74
CA GLN Q 11 72.63 -7.16 19.85
C GLN Q 11 71.26 -7.85 19.73
N ALA Q 12 70.25 -7.09 19.35
CA ALA Q 12 68.94 -7.68 19.21
C ALA Q 12 69.01 -8.80 18.21
N MET Q 13 69.30 -8.45 16.96
CA MET Q 13 69.42 -9.41 15.90
C MET Q 13 70.28 -10.58 16.30
N ARG Q 14 71.43 -10.28 16.88
CA ARG Q 14 72.35 -11.32 17.30
C ARG Q 14 71.72 -12.22 18.31
N GLU Q 15 71.12 -11.60 19.28
CA GLU Q 15 70.46 -12.32 20.34
C GLU Q 15 69.24 -13.13 19.88
N ARG Q 16 68.41 -12.53 19.04
CA ARG Q 16 67.21 -13.16 18.49
C ARG Q 16 67.57 -14.33 17.62
N SER Q 17 68.58 -14.12 16.81
CA SER Q 17 69.02 -15.16 15.91
C SER Q 17 69.57 -16.36 16.67
N GLU Q 18 70.31 -16.12 17.73
CA GLU Q 18 70.86 -17.23 18.47
C GLU Q 18 69.78 -18.10 19.07
N LEU Q 19 68.74 -17.49 19.61
CA LEU Q 19 67.65 -18.22 20.22
C LEU Q 19 66.93 -19.13 19.25
N ALA Q 20 66.69 -18.66 18.05
CA ALA Q 20 66.02 -19.48 17.08
C ALA Q 20 66.86 -20.69 16.74
N ARG Q 21 68.15 -20.49 16.54
CA ARG Q 21 69.05 -21.58 16.20
C ARG Q 21 69.14 -22.59 17.33
N LYS Q 22 69.27 -22.10 18.54
CA LYS Q 22 69.37 -22.98 19.65
C LYS Q 22 68.12 -23.82 19.76
N GLY Q 23 66.96 -23.19 19.59
CA GLY Q 23 65.73 -23.95 19.69
C GLY Q 23 65.64 -25.01 18.63
N ILE Q 24 65.95 -24.66 17.41
CA ILE Q 24 65.89 -25.61 16.34
C ILE Q 24 66.93 -26.73 16.51
N ALA Q 25 68.12 -26.36 17.01
CA ALA Q 25 69.21 -27.31 17.22
C ALA Q 25 68.82 -28.42 18.19
N ARG Q 26 68.20 -28.06 19.30
CA ARG Q 26 67.80 -29.05 20.29
C ARG Q 26 66.59 -29.89 19.85
N ALA Q 27 66.12 -29.68 18.63
CA ALA Q 27 64.96 -30.41 18.16
C ALA Q 27 65.34 -31.56 17.24
N LYS Q 28 64.44 -32.54 17.12
CA LYS Q 28 64.68 -33.69 16.28
C LYS Q 28 64.83 -33.27 14.82
N SER Q 29 65.46 -34.13 14.02
CA SER Q 29 65.70 -33.80 12.62
C SER Q 29 64.65 -34.32 11.62
N VAL Q 30 64.54 -33.62 10.51
CA VAL Q 30 63.59 -33.98 9.46
C VAL Q 30 64.29 -33.89 8.12
N VAL Q 31 63.91 -34.77 7.22
CA VAL Q 31 64.49 -34.77 5.89
C VAL Q 31 63.44 -34.93 4.81
N ALA Q 32 63.68 -34.28 3.68
CA ALA Q 32 62.78 -34.34 2.53
C ALA Q 32 63.66 -34.46 1.30
N LEU Q 33 63.32 -35.37 0.40
CA LEU Q 33 64.11 -35.56 -0.81
C LEU Q 33 63.29 -36.06 -2.00
N ALA Q 34 63.70 -35.64 -3.18
CA ALA Q 34 63.01 -36.04 -4.40
C ALA Q 34 63.37 -37.47 -4.80
N TYR Q 35 62.42 -38.13 -5.42
CA TYR Q 35 62.58 -39.49 -5.84
C TYR Q 35 61.77 -39.73 -7.09
N ALA Q 36 61.86 -40.89 -7.68
CA ALA Q 36 61.19 -41.10 -8.96
C ALA Q 36 59.70 -40.86 -8.89
N GLY Q 37 59.06 -41.27 -7.81
CA GLY Q 37 57.63 -41.14 -7.71
C GLY Q 37 57.06 -39.88 -7.07
N GLY Q 38 57.91 -38.96 -6.63
CA GLY Q 38 57.40 -37.79 -5.95
C GLY Q 38 58.40 -37.16 -5.02
N VAL Q 39 57.96 -36.91 -3.80
CA VAL Q 39 58.84 -36.44 -2.76
C VAL Q 39 58.64 -37.36 -1.60
N LEU Q 40 59.68 -37.50 -0.80
CA LEU Q 40 59.60 -38.32 0.41
C LEU Q 40 59.94 -37.49 1.64
N PHE Q 41 59.11 -37.65 2.65
CA PHE Q 41 59.29 -36.94 3.91
C PHE Q 41 59.55 -37.96 4.99
N VAL Q 42 60.65 -37.76 5.71
CA VAL Q 42 61.01 -38.66 6.81
C VAL Q 42 61.53 -37.85 8.00
N ALA Q 43 60.87 -38.02 9.14
CA ALA Q 43 61.26 -37.30 10.33
C ALA Q 43 61.32 -38.21 11.55
N GLU Q 44 62.22 -37.86 12.46
CA GLU Q 44 62.39 -38.60 13.70
C GLU Q 44 61.22 -38.14 14.55
N ASN Q 45 60.31 -39.05 14.82
CA ASN Q 45 59.13 -38.74 15.58
C ASN Q 45 58.66 -39.88 16.46
N PRO Q 46 58.79 -39.76 17.76
CA PRO Q 46 58.41 -40.83 18.66
C PRO Q 46 56.96 -40.80 18.99
N SER Q 47 56.25 -39.84 18.41
CA SER Q 47 54.84 -39.67 18.69
C SER Q 47 53.90 -40.19 17.63
N ARG Q 48 52.94 -40.97 18.07
CA ARG Q 48 51.89 -41.46 17.20
C ARG Q 48 50.97 -40.35 16.70
N SER Q 49 50.56 -39.50 17.64
CA SER Q 49 49.60 -38.44 17.39
C SER Q 49 50.06 -37.03 17.05
N LEU Q 50 51.30 -36.64 17.27
CA LEU Q 50 51.71 -35.29 16.94
C LEU Q 50 52.52 -35.29 15.68
N GLN Q 51 52.03 -34.57 14.68
CA GLN Q 51 52.62 -34.57 13.38
C GLN Q 51 53.51 -33.40 13.01
N LYS Q 52 54.62 -33.72 12.37
CA LYS Q 52 55.58 -32.75 11.84
C LYS Q 52 55.55 -32.65 10.31
N ILE Q 53 54.90 -33.60 9.67
CA ILE Q 53 54.75 -33.64 8.22
C ILE Q 53 53.27 -33.58 7.91
N SER Q 54 52.87 -32.73 6.98
CA SER Q 54 51.46 -32.59 6.66
C SER Q 54 51.17 -32.17 5.23
N GLU Q 55 49.94 -32.45 4.81
CA GLU Q 55 49.49 -32.07 3.47
C GLU Q 55 49.10 -30.58 3.55
N LEU Q 56 49.40 -29.82 2.50
CA LEU Q 56 49.03 -28.40 2.47
C LEU Q 56 47.92 -28.23 1.44
N TYR Q 57 48.17 -28.74 0.24
CA TYR Q 57 47.20 -28.67 -0.85
C TYR Q 57 47.39 -29.88 -1.78
N ASP Q 58 46.59 -29.97 -2.81
CA ASP Q 58 46.63 -31.06 -3.76
C ASP Q 58 47.99 -31.68 -4.05
N ARG Q 59 48.97 -30.90 -4.45
CA ARG Q 59 50.29 -31.40 -4.78
C ARG Q 59 51.35 -30.76 -3.92
N VAL Q 60 50.96 -30.15 -2.81
CA VAL Q 60 51.93 -29.47 -1.98
C VAL Q 60 52.01 -30.03 -0.57
N GLY Q 61 53.24 -30.33 -0.16
CA GLY Q 61 53.49 -30.88 1.16
C GLY Q 61 54.22 -29.96 2.12
N PHE Q 62 54.13 -30.28 3.41
CA PHE Q 62 54.75 -29.47 4.45
C PHE Q 62 55.49 -30.34 5.47
N ALA Q 63 56.65 -29.85 5.89
CA ALA Q 63 57.44 -30.55 6.90
C ALA Q 63 58.13 -29.46 7.73
N ALA Q 64 58.28 -29.72 9.02
CA ALA Q 64 58.92 -28.74 9.90
C ALA Q 64 59.66 -29.36 11.07
N ALA Q 65 60.57 -28.56 11.62
CA ALA Q 65 61.35 -28.96 12.77
C ALA Q 65 61.40 -27.76 13.71
N GLY Q 66 61.39 -28.03 15.00
CA GLY Q 66 61.44 -26.95 15.96
C GLY Q 66 60.37 -27.12 17.00
N LYS Q 67 59.89 -26.01 17.56
CA LYS Q 67 58.84 -26.04 18.58
C LYS Q 67 57.49 -26.39 17.93
N PHE Q 68 56.89 -27.48 18.35
CA PHE Q 68 55.64 -27.93 17.78
C PHE Q 68 54.55 -26.85 17.69
N ASN Q 69 54.09 -26.36 18.81
CA ASN Q 69 53.03 -25.37 18.82
C ASN Q 69 53.29 -24.24 17.84
N GLU Q 70 54.56 -23.90 17.58
CA GLU Q 70 54.87 -22.83 16.65
C GLU Q 70 54.78 -23.25 15.19
N PHE Q 71 55.32 -24.40 14.82
CA PHE Q 71 55.20 -24.78 13.44
C PHE Q 71 53.82 -25.34 13.10
N ASP Q 72 53.07 -25.77 14.10
CA ASP Q 72 51.72 -26.24 13.88
C ASP Q 72 50.89 -25.05 13.55
N ASN Q 73 51.23 -23.97 14.17
CA ASN Q 73 50.58 -22.70 13.94
C ASN Q 73 50.77 -22.33 12.46
N LEU Q 74 52.01 -22.41 12.00
CA LEU Q 74 52.34 -22.08 10.63
C LEU Q 74 51.67 -23.02 9.64
N ARG Q 75 51.54 -24.27 10.03
CA ARG Q 75 50.96 -25.30 9.21
C ARG Q 75 49.50 -24.99 8.95
N ARG Q 76 48.79 -24.61 9.99
CA ARG Q 76 47.40 -24.22 9.89
C ARG Q 76 47.21 -22.99 9.01
N GLY Q 77 48.05 -21.97 9.24
CA GLY Q 77 47.99 -20.75 8.46
C GLY Q 77 48.26 -21.05 7.00
N GLY Q 78 49.12 -22.06 6.75
CA GLY Q 78 49.43 -22.43 5.38
C GLY Q 78 48.20 -23.03 4.72
N ILE Q 79 47.56 -23.94 5.43
CA ILE Q 79 46.37 -24.59 4.93
C ILE Q 79 45.29 -23.54 4.69
N GLN Q 80 45.22 -22.57 5.60
CA GLN Q 80 44.25 -21.49 5.49
C GLN Q 80 44.48 -20.72 4.18
N PHE Q 81 45.75 -20.38 3.95
CA PHE Q 81 46.14 -19.63 2.77
C PHE Q 81 45.81 -20.36 1.49
N ALA Q 82 46.25 -21.61 1.43
CA ALA Q 82 46.04 -22.45 0.27
C ALA Q 82 44.57 -22.64 -0.08
N ASP Q 83 43.77 -23.00 0.92
CA ASP Q 83 42.35 -23.23 0.68
C ASP Q 83 41.63 -21.95 0.23
N THR Q 84 42.02 -20.82 0.78
CA THR Q 84 41.42 -19.56 0.41
C THR Q 84 41.79 -19.19 -1.03
N ARG Q 85 43.05 -19.36 -1.41
CA ARG Q 85 43.47 -19.06 -2.76
C ARG Q 85 42.84 -19.93 -3.79
N GLY Q 86 42.76 -21.20 -3.51
CA GLY Q 86 42.15 -22.13 -4.44
C GLY Q 86 40.68 -21.85 -4.67
N TYR Q 87 40.04 -21.37 -3.62
CA TYR Q 87 38.63 -21.06 -3.71
C TYR Q 87 38.39 -19.75 -4.43
N ALA Q 88 39.20 -18.74 -4.15
CA ALA Q 88 39.04 -17.44 -4.78
C ALA Q 88 39.38 -17.47 -6.28
N TYR Q 89 40.28 -18.34 -6.69
CA TYR Q 89 40.70 -18.48 -8.08
C TYR Q 89 40.39 -19.91 -8.40
N ASP Q 90 41.38 -20.73 -8.66
CA ASP Q 90 41.12 -22.13 -8.95
C ASP Q 90 42.18 -22.99 -8.24
N ARG Q 91 41.87 -24.26 -8.06
CA ARG Q 91 42.75 -25.21 -7.38
C ARG Q 91 44.14 -25.22 -7.97
N ARG Q 92 44.19 -25.27 -9.29
CA ARG Q 92 45.45 -25.32 -10.01
C ARG Q 92 46.26 -24.03 -9.97
N ASP Q 93 45.73 -23.01 -9.32
CA ASP Q 93 46.47 -21.76 -9.24
C ASP Q 93 47.31 -21.75 -7.97
N VAL Q 94 47.09 -22.73 -7.09
CA VAL Q 94 47.86 -22.81 -5.85
C VAL Q 94 49.17 -23.54 -6.15
N THR Q 95 50.29 -22.98 -5.68
CA THR Q 95 51.59 -23.61 -5.94
C THR Q 95 52.50 -23.61 -4.73
N GLY Q 96 53.46 -24.53 -4.76
CA GLY Q 96 54.40 -24.61 -3.66
C GLY Q 96 55.18 -23.32 -3.53
N ARG Q 97 55.50 -22.68 -4.67
CA ARG Q 97 56.25 -21.44 -4.64
C ARG Q 97 55.49 -20.38 -3.86
N GLN Q 98 54.17 -20.29 -4.08
CA GLN Q 98 53.34 -19.31 -3.39
C GLN Q 98 53.41 -19.55 -1.89
N LEU Q 99 53.22 -20.81 -1.49
CA LEU Q 99 53.25 -21.13 -0.07
C LEU Q 99 54.60 -20.82 0.58
N ALA Q 100 55.68 -21.14 -0.12
CA ALA Q 100 57.01 -20.87 0.39
C ALA Q 100 57.15 -19.37 0.61
N ASN Q 101 56.74 -18.62 -0.42
CA ASN Q 101 56.79 -17.16 -0.41
C ASN Q 101 56.05 -16.60 0.81
N VAL Q 102 54.85 -17.13 1.05
CA VAL Q 102 54.02 -16.71 2.16
C VAL Q 102 54.70 -16.98 3.49
N TYR Q 103 55.24 -18.19 3.64
CA TYR Q 103 55.94 -18.55 4.88
C TYR Q 103 57.13 -17.62 5.10
N ALA Q 104 57.87 -17.36 4.02
CA ALA Q 104 59.02 -16.48 4.08
C ALA Q 104 58.61 -15.12 4.63
N GLN Q 105 57.51 -14.58 4.11
CA GLN Q 105 57.03 -13.29 4.56
C GLN Q 105 56.53 -13.38 6.01
N THR Q 106 55.85 -14.47 6.33
CA THR Q 106 55.30 -14.62 7.66
C THR Q 106 56.37 -14.71 8.73
N LEU Q 107 57.33 -15.61 8.55
CA LEU Q 107 58.42 -15.77 9.51
C LEU Q 107 59.23 -14.49 9.58
N GLY Q 108 59.43 -13.86 8.43
CA GLY Q 108 60.18 -12.61 8.41
C GLY Q 108 59.55 -11.62 9.38
N THR Q 109 58.23 -11.53 9.33
CA THR Q 109 57.50 -10.62 10.20
C THR Q 109 57.60 -11.05 11.66
N ILE Q 110 57.38 -12.33 11.93
CA ILE Q 110 57.46 -12.81 13.31
C ILE Q 110 58.82 -12.47 13.90
N PHE Q 111 59.86 -12.85 13.19
CA PHE Q 111 61.24 -12.63 13.59
C PHE Q 111 61.53 -11.17 13.93
N THR Q 112 60.82 -10.28 13.24
CA THR Q 112 60.99 -8.85 13.41
C THR Q 112 60.14 -8.20 14.49
N GLU Q 113 58.83 -8.39 14.40
CA GLU Q 113 57.95 -7.72 15.35
C GLU Q 113 57.37 -8.49 16.52
N GLN Q 114 57.60 -9.80 16.58
CA GLN Q 114 57.07 -10.56 17.72
C GLN Q 114 58.02 -10.64 18.90
N ALA Q 115 57.44 -10.83 20.09
CA ALA Q 115 58.22 -10.92 21.31
C ALA Q 115 59.40 -11.88 21.13
N LYS Q 116 59.10 -13.12 20.77
CA LYS Q 116 60.13 -14.12 20.57
C LYS Q 116 60.08 -14.65 19.15
N PRO Q 117 61.25 -14.96 18.59
CA PRO Q 117 61.28 -15.49 17.22
C PRO Q 117 60.70 -16.89 17.28
N TYR Q 118 60.31 -17.40 16.13
CA TYR Q 118 59.77 -18.75 16.08
C TYR Q 118 60.95 -19.69 15.93
N GLU Q 119 61.04 -20.64 16.85
CA GLU Q 119 62.12 -21.64 16.84
C GLU Q 119 61.70 -22.74 15.85
N VAL Q 120 61.66 -22.39 14.57
CA VAL Q 120 61.24 -23.36 13.56
C VAL Q 120 61.99 -23.22 12.25
N GLU Q 121 61.93 -24.29 11.45
CA GLU Q 121 62.54 -24.35 10.13
C GLU Q 121 61.52 -25.15 9.30
N LEU Q 122 61.09 -24.60 8.17
CA LEU Q 122 60.09 -25.28 7.35
C LEU Q 122 60.55 -25.69 5.99
N CYS Q 123 59.83 -26.66 5.45
CA CYS Q 123 60.09 -27.14 4.11
C CYS Q 123 58.74 -27.29 3.37
N VAL Q 124 58.65 -26.69 2.19
CA VAL Q 124 57.45 -26.80 1.38
C VAL Q 124 57.87 -27.54 0.12
N ALA Q 125 57.11 -28.57 -0.26
CA ALA Q 125 57.46 -29.35 -1.44
C ALA Q 125 56.27 -29.49 -2.37
N GLU Q 126 56.56 -29.60 -3.66
CA GLU Q 126 55.51 -29.72 -4.65
C GLU Q 126 55.93 -30.70 -5.73
N VAL Q 127 54.99 -31.54 -6.17
CA VAL Q 127 55.25 -32.49 -7.22
C VAL Q 127 54.33 -32.14 -8.38
N ALA Q 128 54.55 -32.77 -9.52
CA ALA Q 128 53.75 -32.49 -10.70
C ALA Q 128 52.32 -32.95 -10.51
N HIS Q 129 51.43 -32.43 -11.35
CA HIS Q 129 50.03 -32.80 -11.35
C HIS Q 129 49.93 -34.13 -12.08
N TYR Q 130 48.88 -34.90 -11.80
CA TYR Q 130 48.75 -36.21 -12.42
C TYR Q 130 48.95 -36.17 -13.92
N GLY Q 131 49.73 -37.13 -14.43
CA GLY Q 131 49.99 -37.20 -15.86
C GLY Q 131 50.84 -36.07 -16.41
N GLU Q 132 51.15 -35.10 -15.56
CA GLU Q 132 51.96 -33.97 -15.98
C GLU Q 132 53.41 -34.39 -15.79
N THR Q 133 54.32 -33.67 -16.40
CA THR Q 133 55.72 -34.00 -16.25
C THR Q 133 56.48 -32.77 -15.81
N LYS Q 134 56.91 -32.76 -14.55
CA LYS Q 134 57.64 -31.63 -13.98
C LYS Q 134 58.55 -32.10 -12.85
N ARG Q 135 59.66 -31.42 -12.68
CA ARG Q 135 60.56 -31.79 -11.64
C ARG Q 135 60.08 -31.32 -10.29
N PRO Q 136 60.23 -32.18 -9.30
CA PRO Q 136 59.79 -31.80 -7.95
C PRO Q 136 60.49 -30.53 -7.49
N GLU Q 137 59.87 -29.81 -6.56
CA GLU Q 137 60.45 -28.58 -6.03
C GLU Q 137 60.45 -28.62 -4.51
N LEU Q 138 61.54 -28.19 -3.91
CA LEU Q 138 61.66 -28.19 -2.48
C LEU Q 138 62.10 -26.82 -2.03
N TYR Q 139 61.45 -26.31 -0.99
CA TYR Q 139 61.78 -24.99 -0.49
C TYR Q 139 62.05 -25.07 0.99
N ARG Q 140 63.03 -24.30 1.42
CA ARG Q 140 63.36 -24.27 2.82
C ARG Q 140 63.25 -22.84 3.28
N ILE Q 141 62.50 -22.62 4.33
CA ILE Q 141 62.34 -21.29 4.84
C ILE Q 141 62.87 -21.29 6.25
N THR Q 142 63.76 -20.37 6.55
CA THR Q 142 64.36 -20.25 7.88
C THR Q 142 63.58 -19.38 8.84
N TYR Q 143 63.99 -19.38 10.09
CA TYR Q 143 63.32 -18.58 11.10
C TYR Q 143 63.35 -17.09 10.81
N ASP Q 144 64.27 -16.68 9.97
CA ASP Q 144 64.40 -15.28 9.61
C ASP Q 144 63.70 -14.89 8.30
N GLY Q 145 63.04 -15.85 7.68
CA GLY Q 145 62.34 -15.61 6.44
C GLY Q 145 63.21 -15.87 5.25
N SER Q 146 64.41 -16.34 5.49
CA SER Q 146 65.30 -16.61 4.40
C SER Q 146 64.65 -17.74 3.65
N ILE Q 147 64.77 -17.74 2.35
CA ILE Q 147 64.16 -18.79 1.56
C ILE Q 147 65.15 -19.33 0.57
N ALA Q 148 65.01 -20.58 0.18
CA ALA Q 148 65.94 -21.15 -0.79
C ALA Q 148 65.38 -22.47 -1.28
N ASP Q 149 65.51 -22.72 -2.58
CA ASP Q 149 65.02 -23.98 -3.12
C ASP Q 149 66.13 -24.97 -3.41
N GLU Q 150 66.04 -26.14 -2.79
CA GLU Q 150 67.04 -27.17 -2.98
C GLU Q 150 66.59 -28.02 -4.16
N PRO Q 151 67.55 -28.52 -4.96
CA PRO Q 151 67.22 -29.34 -6.13
C PRO Q 151 66.97 -30.80 -5.82
N HIS Q 152 67.54 -31.31 -4.73
CA HIS Q 152 67.33 -32.71 -4.41
C HIS Q 152 66.84 -33.08 -3.03
N PHE Q 153 67.33 -32.41 -2.02
CA PHE Q 153 66.89 -32.74 -0.67
C PHE Q 153 67.04 -31.59 0.30
N VAL Q 154 66.31 -31.68 1.41
CA VAL Q 154 66.35 -30.64 2.43
C VAL Q 154 66.46 -31.31 3.79
N VAL Q 155 67.24 -30.71 4.69
CA VAL Q 155 67.39 -31.27 6.02
C VAL Q 155 67.16 -30.15 7.03
N MET Q 156 66.43 -30.44 8.10
CA MET Q 156 66.14 -29.44 9.12
C MET Q 156 66.08 -30.04 10.52
N GLY Q 157 66.41 -29.23 11.52
CA GLY Q 157 66.36 -29.67 12.91
C GLY Q 157 67.61 -30.34 13.45
N GLY Q 158 67.97 -30.00 14.69
CA GLY Q 158 69.14 -30.58 15.31
C GLY Q 158 70.44 -30.29 14.59
N THR Q 159 71.33 -31.28 14.55
CA THR Q 159 72.61 -31.16 13.87
C THR Q 159 72.42 -31.64 12.44
N THR Q 160 72.36 -30.68 11.52
CA THR Q 160 72.13 -30.97 10.13
C THR Q 160 73.33 -31.43 9.31
N GLU Q 161 74.46 -30.74 9.45
CA GLU Q 161 75.67 -31.06 8.70
C GLU Q 161 75.93 -32.56 8.57
N PRO Q 162 75.97 -33.27 9.71
CA PRO Q 162 76.22 -34.73 9.65
C PRO Q 162 75.26 -35.41 8.68
N ILE Q 163 73.97 -35.12 8.85
CA ILE Q 163 72.90 -35.69 8.02
C ILE Q 163 72.97 -35.20 6.59
N ALA Q 164 73.32 -33.93 6.42
CA ALA Q 164 73.43 -33.31 5.12
C ALA Q 164 74.51 -34.02 4.32
N ASN Q 165 75.72 -34.08 4.90
CA ASN Q 165 76.85 -34.72 4.23
C ASN Q 165 76.56 -36.18 3.90
N ALA Q 166 76.02 -36.90 4.87
CA ALA Q 166 75.69 -38.31 4.68
C ALA Q 166 74.76 -38.51 3.49
N LEU Q 167 73.83 -37.58 3.33
CA LEU Q 167 72.85 -37.62 2.26
C LEU Q 167 73.50 -37.12 0.96
N LYS Q 168 74.32 -36.09 1.11
CA LYS Q 168 75.04 -35.48 0.01
C LYS Q 168 75.77 -36.54 -0.81
N GLU Q 169 76.26 -37.55 -0.10
CA GLU Q 169 76.97 -38.71 -0.63
C GLU Q 169 76.17 -39.71 -1.41
N SER Q 170 74.98 -40.01 -0.89
CA SER Q 170 74.19 -41.03 -1.48
C SER Q 170 73.07 -40.62 -2.39
N TYR Q 171 72.83 -39.34 -2.55
CA TYR Q 171 71.73 -38.97 -3.40
C TYR Q 171 71.78 -39.50 -4.83
N ALA Q 172 70.71 -40.14 -5.20
CA ALA Q 172 70.57 -40.70 -6.53
C ALA Q 172 69.27 -40.13 -7.10
N GLU Q 173 69.39 -39.19 -8.00
CA GLU Q 173 68.16 -38.67 -8.51
C GLU Q 173 67.41 -39.76 -9.20
N ASN Q 174 66.11 -39.77 -8.95
CA ASN Q 174 65.22 -40.74 -9.54
C ASN Q 174 65.30 -42.10 -8.91
N ALA Q 175 65.68 -42.10 -7.66
CA ALA Q 175 65.79 -43.32 -6.91
C ALA Q 175 64.41 -43.91 -6.65
N SER Q 176 64.41 -45.16 -6.25
CA SER Q 176 63.19 -45.89 -5.96
C SER Q 176 62.64 -45.41 -4.66
N LEU Q 177 61.39 -45.71 -4.39
CA LEU Q 177 60.84 -45.26 -3.14
C LEU Q 177 61.57 -45.93 -1.97
N THR Q 178 61.81 -47.22 -2.09
CA THR Q 178 62.50 -47.98 -1.05
C THR Q 178 63.93 -47.50 -0.93
N ASP Q 179 64.55 -47.19 -2.06
CA ASP Q 179 65.92 -46.72 -2.00
C ASP Q 179 66.00 -45.48 -1.17
N ALA Q 180 65.11 -44.54 -1.47
CA ALA Q 180 65.07 -43.29 -0.78
C ALA Q 180 64.71 -43.46 0.64
N LEU Q 181 63.77 -44.34 0.91
CA LEU Q 181 63.40 -44.52 2.27
C LEU Q 181 64.58 -44.97 3.05
N ARG Q 182 65.21 -46.03 2.52
CA ARG Q 182 66.38 -46.65 3.12
C ARG Q 182 67.47 -45.61 3.27
N ILE Q 183 67.75 -44.85 2.22
CA ILE Q 183 68.78 -43.84 2.30
C ILE Q 183 68.42 -42.79 3.32
N ALA Q 184 67.15 -42.43 3.35
CA ALA Q 184 66.68 -41.41 4.26
C ALA Q 184 66.88 -41.76 5.70
N VAL Q 185 66.60 -42.99 6.06
CA VAL Q 185 66.77 -43.38 7.45
C VAL Q 185 68.23 -43.30 7.90
N ALA Q 186 69.15 -43.75 7.07
CA ALA Q 186 70.55 -43.70 7.47
C ALA Q 186 71.07 -42.32 7.73
N ALA Q 187 70.78 -41.41 6.83
CA ALA Q 187 71.24 -40.07 7.00
C ALA Q 187 70.59 -39.60 8.27
N LEU Q 188 69.34 -39.97 8.41
CA LEU Q 188 68.63 -39.56 9.58
C LEU Q 188 69.31 -40.20 10.78
N ARG Q 189 69.64 -41.48 10.65
CA ARG Q 189 70.30 -42.23 11.72
C ARG Q 189 71.67 -41.67 12.09
N ALA Q 190 72.41 -41.17 11.11
CA ALA Q 190 73.72 -40.63 11.42
C ALA Q 190 73.59 -39.23 11.97
N GLY Q 191 72.89 -39.08 13.08
CA GLY Q 191 72.71 -37.77 13.67
C GLY Q 191 71.81 -37.75 14.88
N VAL Q 205 61.09 -47.33 13.15
CA VAL Q 205 59.82 -47.48 12.45
C VAL Q 205 58.64 -47.11 13.35
N ALA Q 206 58.78 -47.39 14.63
CA ALA Q 206 57.74 -47.05 15.58
C ALA Q 206 58.04 -45.62 16.04
N SER Q 207 59.18 -45.13 15.58
CA SER Q 207 59.66 -43.79 15.93
C SER Q 207 59.91 -42.92 14.68
N LEU Q 208 59.27 -43.30 13.58
CA LEU Q 208 59.42 -42.55 12.33
C LEU Q 208 58.08 -42.06 11.77
N GLU Q 209 58.09 -40.85 11.22
CA GLU Q 209 56.90 -40.28 10.60
C GLU Q 209 57.27 -40.24 9.13
N VAL Q 210 56.60 -41.06 8.33
CA VAL Q 210 56.91 -41.09 6.91
C VAL Q 210 55.69 -40.81 6.04
N ALA Q 211 55.90 -40.03 4.99
CA ALA Q 211 54.83 -39.69 4.05
C ALA Q 211 55.43 -39.22 2.73
N VAL Q 212 54.66 -39.33 1.67
CA VAL Q 212 55.13 -38.90 0.37
C VAL Q 212 54.11 -38.09 -0.42
N LEU Q 213 54.59 -37.35 -1.40
CA LEU Q 213 53.73 -36.73 -2.35
C LEU Q 213 53.87 -37.64 -3.54
N ASP Q 214 52.85 -38.39 -3.86
CA ASP Q 214 52.91 -39.36 -4.92
C ASP Q 214 52.37 -38.76 -6.19
N ALA Q 215 53.28 -38.38 -7.07
CA ALA Q 215 52.94 -37.77 -8.33
C ALA Q 215 52.00 -38.64 -9.09
N ASN Q 216 52.00 -39.92 -8.82
CA ASN Q 216 51.10 -40.83 -9.50
C ASN Q 216 49.65 -40.72 -9.07
N ARG Q 217 49.37 -40.14 -7.91
CA ARG Q 217 47.99 -39.99 -7.45
C ARG Q 217 47.25 -38.97 -8.31
N PRO Q 218 45.99 -39.22 -8.59
CA PRO Q 218 45.18 -38.31 -9.41
C PRO Q 218 44.96 -36.91 -8.86
N ARG Q 219 44.59 -36.71 -7.60
CA ARG Q 219 44.42 -35.35 -7.17
C ARG Q 219 45.28 -35.04 -6.00
N ARG Q 220 44.95 -35.66 -4.89
CA ARG Q 220 45.68 -35.48 -3.68
C ARG Q 220 46.89 -36.41 -3.58
N ALA Q 221 48.05 -35.82 -3.77
CA ALA Q 221 49.32 -36.49 -3.74
C ALA Q 221 49.79 -36.98 -2.39
N PHE Q 222 49.54 -36.20 -1.35
CA PHE Q 222 49.97 -36.56 -0.01
C PHE Q 222 49.38 -37.87 0.51
N ARG Q 223 50.24 -38.67 1.12
CA ARG Q 223 49.81 -39.94 1.71
C ARG Q 223 50.85 -40.44 2.71
N ARG Q 224 50.38 -40.90 3.86
CA ARG Q 224 51.28 -41.39 4.89
C ARG Q 224 51.59 -42.86 4.74
N ILE Q 225 52.84 -43.21 5.00
CA ILE Q 225 53.27 -44.60 4.94
C ILE Q 225 53.48 -45.00 6.39
N THR Q 226 52.52 -45.77 6.91
CA THR Q 226 52.56 -46.17 8.30
C THR Q 226 52.32 -47.65 8.56
N GLY Q 227 52.72 -48.08 9.75
CA GLY Q 227 52.53 -49.47 10.15
C GLY Q 227 53.27 -50.52 9.36
N SER Q 228 52.62 -51.68 9.21
CA SER Q 228 53.19 -52.80 8.48
C SER Q 228 53.71 -52.36 7.12
N ALA Q 229 52.94 -51.50 6.46
CA ALA Q 229 53.32 -50.99 5.15
C ALA Q 229 54.69 -50.32 5.22
N LEU Q 230 54.89 -49.48 6.24
CA LEU Q 230 56.17 -48.81 6.42
C LEU Q 230 57.26 -49.83 6.72
N GLN Q 231 56.97 -50.74 7.63
CA GLN Q 231 57.90 -51.79 8.02
C GLN Q 231 58.46 -52.44 6.76
N ALA Q 232 57.55 -52.88 5.91
CA ALA Q 232 57.88 -53.53 4.65
C ALA Q 232 59.09 -52.89 3.98
N LEU Q 233 59.15 -51.56 3.94
CA LEU Q 233 60.26 -50.89 3.27
C LEU Q 233 61.52 -50.70 4.13
N LEU Q 234 61.57 -51.36 5.28
CA LEU Q 234 62.74 -51.23 6.12
C LEU Q 234 63.48 -52.56 6.26
N THR R 1 14.55 -29.58 -12.26
CA THR R 1 15.62 -30.40 -11.71
C THR R 1 15.16 -31.55 -10.83
N THR R 2 15.85 -32.68 -10.95
CA THR R 2 15.58 -33.78 -10.07
C THR R 2 16.89 -34.49 -9.75
N ILE R 3 17.13 -34.71 -8.45
CA ILE R 3 18.30 -35.40 -7.97
C ILE R 3 17.75 -36.47 -7.05
N VAL R 4 18.16 -37.70 -7.26
CA VAL R 4 17.69 -38.81 -6.43
C VAL R 4 18.88 -39.46 -5.74
N ALA R 5 18.59 -40.20 -4.67
CA ALA R 5 19.62 -40.92 -3.94
C ALA R 5 18.96 -42.11 -3.32
N LEU R 6 19.63 -43.24 -3.36
CA LEU R 6 19.11 -44.43 -2.74
C LEU R 6 20.16 -45.36 -2.12
N LYS R 7 19.71 -46.10 -1.11
CA LYS R 7 20.58 -47.04 -0.44
C LYS R 7 20.41 -48.44 -0.99
N TYR R 8 21.53 -49.11 -1.24
CA TYR R 8 21.57 -50.47 -1.75
C TYR R 8 22.54 -51.18 -0.82
N PRO R 9 22.49 -52.50 -0.73
CA PRO R 9 23.41 -53.18 0.18
C PRO R 9 24.87 -52.87 -0.10
N GLY R 10 25.53 -52.37 0.94
CA GLY R 10 26.94 -52.02 0.89
C GLY R 10 27.22 -50.68 0.21
N GLY R 11 26.17 -49.95 -0.17
CA GLY R 11 26.39 -48.68 -0.85
C GLY R 11 25.22 -47.73 -1.06
N VAL R 12 25.53 -46.57 -1.62
CA VAL R 12 24.55 -45.55 -1.93
C VAL R 12 24.79 -45.02 -3.34
N VAL R 13 23.73 -44.68 -4.06
CA VAL R 13 23.89 -44.13 -5.41
C VAL R 13 23.09 -42.82 -5.46
N MET R 14 23.68 -41.81 -6.10
CA MET R 14 23.02 -40.53 -6.28
C MET R 14 23.09 -40.17 -7.77
N ALA R 15 21.99 -39.75 -8.35
CA ALA R 15 21.98 -39.40 -9.75
C ALA R 15 21.16 -38.13 -9.99
N GLY R 16 21.59 -37.32 -10.94
CA GLY R 16 20.85 -36.11 -11.26
C GLY R 16 20.64 -35.88 -12.76
N ASP R 17 19.64 -35.08 -13.11
CA ASP R 17 19.37 -34.75 -14.51
C ASP R 17 20.34 -33.63 -14.97
N ARG R 18 20.23 -33.19 -16.23
CA ARG R 18 21.16 -32.21 -16.81
C ARG R 18 20.55 -30.87 -17.28
N ARG R 19 19.27 -30.68 -17.03
CA ARG R 19 18.59 -29.49 -17.47
C ARG R 19 18.77 -28.26 -16.62
N SER R 20 18.68 -27.13 -17.29
CA SER R 20 18.77 -25.83 -16.66
C SER R 20 17.70 -25.00 -17.36
N THR R 21 16.91 -24.27 -16.57
CA THR R 21 15.86 -23.44 -17.13
C THR R 21 15.85 -21.99 -16.64
N GLN R 22 15.31 -21.13 -17.50
CA GLN R 22 15.12 -19.70 -17.27
C GLN R 22 13.63 -19.54 -17.64
N GLY R 23 12.75 -19.65 -16.67
CA GLY R 23 11.34 -19.67 -16.98
C GLY R 23 11.02 -20.92 -17.75
N ASN R 24 10.38 -20.74 -18.89
CA ASN R 24 10.05 -21.85 -19.75
C ASN R 24 11.21 -22.26 -20.64
N MET R 25 12.17 -21.37 -20.83
CA MET R 25 13.26 -21.63 -21.74
C MET R 25 14.32 -22.56 -21.17
N ILE R 26 14.79 -23.46 -22.02
CA ILE R 26 15.79 -24.41 -21.63
C ILE R 26 17.10 -23.66 -21.79
N SER R 27 17.81 -23.46 -20.70
CA SER R 27 19.07 -22.72 -20.79
C SER R 27 20.32 -23.58 -20.64
N GLY R 28 20.14 -24.85 -20.29
CA GLY R 28 21.30 -25.74 -20.18
C GLY R 28 20.86 -27.16 -20.49
N ARG R 29 21.76 -27.95 -21.08
CA ARG R 29 21.42 -29.33 -21.43
C ARG R 29 22.41 -30.31 -20.85
N ASP R 30 23.50 -29.80 -20.30
CA ASP R 30 24.56 -30.66 -19.79
C ASP R 30 25.08 -30.30 -18.42
N VAL R 31 24.24 -29.67 -17.61
CA VAL R 31 24.67 -29.28 -16.28
C VAL R 31 24.93 -30.52 -15.42
N ARG R 32 26.05 -30.52 -14.68
CA ARG R 32 26.39 -31.63 -13.78
C ARG R 32 25.96 -31.23 -12.39
N LYS R 33 24.98 -31.91 -11.83
CA LYS R 33 24.46 -31.54 -10.54
C LYS R 33 24.89 -32.37 -9.34
N VAL R 34 25.59 -33.49 -9.58
CA VAL R 34 26.04 -34.36 -8.51
C VAL R 34 27.56 -34.28 -8.37
N TYR R 35 28.00 -33.88 -7.20
CA TYR R 35 29.40 -33.76 -6.94
C TYR R 35 29.97 -34.68 -5.89
N ILE R 36 31.20 -35.09 -6.12
CA ILE R 36 31.85 -35.95 -5.18
C ILE R 36 32.46 -34.94 -4.20
N THR R 37 31.98 -34.91 -2.98
CA THR R 37 32.48 -33.98 -1.98
C THR R 37 33.79 -34.39 -1.33
N ASP R 38 33.93 -35.67 -1.04
CA ASP R 38 35.12 -36.23 -0.43
C ASP R 38 35.13 -37.68 -0.81
N ASP R 39 36.07 -38.47 -0.35
CA ASP R 39 36.12 -39.88 -0.73
C ASP R 39 34.89 -40.71 -0.42
N TYR R 40 34.08 -40.28 0.53
CA TYR R 40 32.90 -41.06 0.91
C TYR R 40 31.61 -40.28 0.94
N THR R 41 31.61 -39.13 0.26
CA THR R 41 30.43 -38.26 0.20
C THR R 41 30.12 -37.66 -1.13
N ALA R 42 28.84 -37.46 -1.37
CA ALA R 42 28.36 -36.89 -2.61
C ALA R 42 27.25 -35.88 -2.34
N THR R 43 27.25 -34.80 -3.09
CA THR R 43 26.23 -33.81 -2.91
C THR R 43 25.52 -33.49 -4.19
N GLY R 44 24.23 -33.32 -4.10
CA GLY R 44 23.45 -32.99 -5.27
C GLY R 44 22.62 -31.80 -4.88
N ILE R 45 22.69 -30.72 -5.65
CA ILE R 45 21.94 -29.54 -5.27
C ILE R 45 20.93 -29.05 -6.30
N ALA R 46 19.75 -28.69 -5.82
CA ALA R 46 18.69 -28.21 -6.67
C ALA R 46 18.44 -26.72 -6.39
N GLY R 47 17.70 -26.06 -7.28
CA GLY R 47 17.40 -24.65 -7.09
C GLY R 47 18.20 -23.70 -7.98
N THR R 48 18.51 -22.52 -7.45
CA THR R 48 19.26 -21.52 -8.19
C THR R 48 20.70 -21.98 -8.46
N ALA R 49 20.97 -22.23 -9.73
CA ALA R 49 22.25 -22.72 -10.19
C ALA R 49 23.47 -22.08 -9.58
N ALA R 50 23.53 -20.78 -9.61
CA ALA R 50 24.66 -20.04 -9.10
C ALA R 50 24.92 -20.31 -7.65
N VAL R 51 23.86 -20.47 -6.87
CA VAL R 51 24.02 -20.80 -5.48
C VAL R 51 24.37 -22.27 -5.30
N ALA R 52 23.68 -23.14 -6.02
CA ALA R 52 23.92 -24.58 -5.94
C ALA R 52 25.39 -24.93 -6.16
N VAL R 53 25.96 -24.35 -7.20
CA VAL R 53 27.35 -24.57 -7.53
C VAL R 53 28.31 -24.05 -6.49
N GLU R 54 28.02 -22.89 -5.94
CA GLU R 54 28.85 -22.30 -4.89
C GLU R 54 28.83 -23.23 -3.67
N PHE R 55 27.65 -23.71 -3.31
CA PHE R 55 27.49 -24.58 -2.16
C PHE R 55 28.38 -25.82 -2.24
N ALA R 56 28.25 -26.55 -3.34
CA ALA R 56 29.02 -27.76 -3.52
C ALA R 56 30.49 -27.48 -3.44
N ARG R 57 30.94 -26.43 -4.11
CA ARG R 57 32.34 -26.07 -4.12
C ARG R 57 32.87 -25.71 -2.72
N LEU R 58 32.15 -24.81 -2.03
CA LEU R 58 32.54 -24.37 -0.70
C LEU R 58 32.50 -25.54 0.29
N TYR R 59 31.45 -26.33 0.27
CA TYR R 59 31.30 -27.46 1.15
C TYR R 59 32.41 -28.45 1.03
N ALA R 60 32.87 -28.71 -0.18
CA ALA R 60 33.94 -29.65 -0.40
C ALA R 60 35.20 -29.09 0.18
N VAL R 61 35.46 -27.82 -0.05
CA VAL R 61 36.65 -27.18 0.48
C VAL R 61 36.63 -27.23 2.02
N GLU R 62 35.48 -26.93 2.62
CA GLU R 62 35.39 -26.96 4.07
C GLU R 62 35.69 -28.35 4.67
N LEU R 63 35.22 -29.43 4.05
CA LEU R 63 35.44 -30.81 4.49
C LEU R 63 36.91 -31.20 4.40
N GLU R 64 37.57 -30.79 3.33
CA GLU R 64 38.95 -31.08 3.12
C GLU R 64 39.81 -30.17 3.99
N HIS R 65 39.30 -29.00 4.29
CA HIS R 65 40.02 -28.03 5.12
C HIS R 65 40.18 -28.59 6.54
N TYR R 66 39.10 -29.18 7.05
CA TYR R 66 39.08 -29.75 8.36
C TYR R 66 40.06 -30.91 8.43
N GLU R 67 39.98 -31.79 7.42
CA GLU R 67 40.82 -32.97 7.34
C GLU R 67 42.30 -32.61 7.41
N LYS R 68 42.73 -31.64 6.61
CA LYS R 68 44.12 -31.25 6.61
C LYS R 68 44.55 -30.64 7.95
N LEU R 69 43.68 -29.82 8.49
CA LEU R 69 43.94 -29.15 9.74
C LEU R 69 44.02 -30.09 10.93
N GLU R 70 43.11 -31.04 10.99
CA GLU R 70 43.01 -31.93 12.12
C GLU R 70 43.57 -33.32 11.89
N GLY R 71 44.07 -33.58 10.70
CA GLY R 71 44.64 -34.88 10.40
C GLY R 71 43.64 -36.01 10.27
N VAL R 72 42.36 -35.75 10.46
CA VAL R 72 41.35 -36.81 10.33
C VAL R 72 40.07 -36.22 9.74
N PRO R 73 39.31 -37.04 9.00
CA PRO R 73 38.06 -36.52 8.41
C PRO R 73 37.02 -36.23 9.50
N LEU R 74 36.09 -35.37 9.16
CA LEU R 74 34.99 -35.02 10.03
C LEU R 74 34.11 -36.28 10.12
N THR R 75 33.42 -36.46 11.24
CA THR R 75 32.50 -37.58 11.33
C THR R 75 31.31 -37.28 10.45
N PHE R 76 30.59 -38.31 10.07
CA PHE R 76 29.48 -38.11 9.19
C PHE R 76 28.47 -37.11 9.73
N ALA R 77 28.22 -37.14 11.02
CA ALA R 77 27.34 -36.18 11.69
C ALA R 77 27.91 -34.76 11.58
N GLY R 78 29.22 -34.61 11.67
CA GLY R 78 29.83 -33.30 11.55
C GLY R 78 29.60 -32.78 10.13
N LYS R 79 29.74 -33.65 9.14
CA LYS R 79 29.53 -33.27 7.76
C LYS R 79 28.11 -32.74 7.58
N ILE R 80 27.14 -33.49 8.13
CA ILE R 80 25.74 -33.09 8.05
C ILE R 80 25.54 -31.69 8.62
N ASN R 81 26.07 -31.49 9.82
CA ASN R 81 25.94 -30.22 10.50
C ASN R 81 26.52 -29.07 9.73
N ARG R 82 27.68 -29.27 9.16
CA ARG R 82 28.32 -28.20 8.41
C ARG R 82 27.48 -27.78 7.20
N LEU R 83 26.86 -28.76 6.54
CA LEU R 83 26.06 -28.48 5.38
C LEU R 83 24.78 -27.76 5.81
N ALA R 84 24.21 -28.18 6.96
CA ALA R 84 22.99 -27.57 7.44
C ALA R 84 23.23 -26.13 7.81
N ILE R 85 24.40 -25.86 8.36
CA ILE R 85 24.73 -24.49 8.73
C ILE R 85 24.81 -23.60 7.47
N MET R 86 25.41 -24.14 6.43
CA MET R 86 25.55 -23.43 5.17
C MET R 86 24.14 -23.10 4.60
N VAL R 87 23.24 -24.06 4.62
CA VAL R 87 21.89 -23.81 4.10
C VAL R 87 21.17 -22.76 4.93
N ARG R 88 21.21 -22.90 6.25
CA ARG R 88 20.57 -21.92 7.12
C ARG R 88 21.11 -20.51 6.80
N GLY R 89 22.43 -20.39 6.67
CA GLY R 89 23.02 -19.11 6.36
C GLY R 89 22.50 -18.42 5.10
N ASN R 90 21.91 -19.18 4.17
CA ASN R 90 21.39 -18.64 2.92
C ASN R 90 19.90 -18.39 2.98
N LEU R 91 19.30 -18.58 4.13
CA LEU R 91 17.88 -18.37 4.26
C LEU R 91 17.33 -17.00 3.85
N ALA R 92 18.00 -15.91 4.19
CA ALA R 92 17.56 -14.61 3.73
C ALA R 92 17.61 -14.43 2.21
N ALA R 93 18.71 -14.85 1.60
CA ALA R 93 18.93 -14.80 0.17
C ALA R 93 17.97 -15.70 -0.56
N ALA R 94 17.66 -16.84 0.04
CA ALA R 94 16.76 -17.81 -0.52
C ALA R 94 15.38 -17.23 -0.70
N MET R 95 14.98 -16.41 0.24
CA MET R 95 13.71 -15.70 0.20
C MET R 95 13.67 -14.65 -0.89
N GLN R 96 14.83 -14.20 -1.29
CA GLN R 96 14.98 -13.21 -2.31
C GLN R 96 15.20 -13.86 -3.66
N GLY R 97 14.91 -15.15 -3.78
CA GLY R 97 15.11 -15.83 -5.03
C GLY R 97 16.44 -16.53 -5.27
N LEU R 98 17.24 -16.70 -4.24
CA LEU R 98 18.47 -17.41 -4.37
C LEU R 98 18.48 -18.76 -3.61
N LEU R 99 17.37 -19.48 -3.61
CA LEU R 99 17.25 -20.75 -2.94
C LEU R 99 18.01 -21.91 -3.55
N ALA R 100 18.69 -22.67 -2.72
CA ALA R 100 19.37 -23.88 -3.12
C ALA R 100 19.22 -24.98 -2.05
N LEU R 101 18.71 -26.14 -2.42
CA LEU R 101 18.54 -27.22 -1.48
C LEU R 101 19.41 -28.38 -1.83
N PRO R 102 20.22 -28.81 -0.88
CA PRO R 102 21.07 -29.95 -1.21
C PRO R 102 20.50 -31.30 -0.77
N LEU R 103 21.08 -32.37 -1.30
CA LEU R 103 20.73 -33.74 -0.95
C LEU R 103 22.10 -34.35 -0.71
N LEU R 104 22.29 -34.98 0.44
CA LEU R 104 23.58 -35.56 0.77
C LEU R 104 23.56 -37.08 0.78
N ALA R 105 24.58 -37.69 0.19
CA ALA R 105 24.66 -39.16 0.22
C ALA R 105 26.08 -39.54 0.61
N GLY R 106 26.20 -40.57 1.43
CA GLY R 106 27.55 -40.97 1.84
C GLY R 106 27.59 -42.39 2.36
N TYR R 107 28.82 -42.84 2.61
CA TYR R 107 29.05 -44.17 3.17
C TYR R 107 29.81 -43.86 4.44
N ASP R 108 29.31 -44.33 5.57
CA ASP R 108 30.00 -44.07 6.82
C ASP R 108 30.97 -45.18 7.14
N ILE R 109 32.25 -44.91 6.98
CA ILE R 109 33.26 -45.93 7.28
C ILE R 109 33.27 -46.36 8.76
N HIS R 110 32.68 -45.56 9.65
CA HIS R 110 32.65 -45.91 11.06
C HIS R 110 31.35 -46.52 11.54
N ALA R 111 30.35 -46.61 10.69
CA ALA R 111 29.11 -47.21 11.13
C ALA R 111 29.45 -48.63 11.58
N SER R 112 28.52 -49.27 12.26
CA SER R 112 28.70 -50.62 12.76
C SER R 112 28.66 -51.68 11.65
N ASP R 113 27.51 -51.77 10.98
CA ASP R 113 27.29 -52.75 9.92
C ASP R 113 27.53 -52.21 8.51
N PRO R 114 28.61 -52.67 7.86
CA PRO R 114 29.02 -52.27 6.51
C PRO R 114 27.99 -52.42 5.38
N GLN R 115 27.02 -53.31 5.55
CA GLN R 115 25.99 -53.48 4.53
C GLN R 115 24.96 -52.37 4.64
N SER R 116 24.94 -51.71 5.80
CA SER R 116 24.00 -50.65 6.08
C SER R 116 24.64 -49.28 6.30
N ALA R 117 25.94 -49.18 6.05
CA ALA R 117 26.70 -47.95 6.24
C ALA R 117 26.33 -46.79 5.31
N GLY R 118 25.46 -47.06 4.34
CA GLY R 118 25.04 -46.01 3.42
C GLY R 118 24.22 -44.96 4.14
N ARG R 119 24.34 -43.71 3.69
CA ARG R 119 23.60 -42.62 4.31
C ARG R 119 22.98 -41.68 3.30
N ILE R 120 21.78 -41.22 3.60
CA ILE R 120 21.06 -40.30 2.76
C ILE R 120 20.47 -39.21 3.66
N VAL R 121 20.78 -37.96 3.38
CA VAL R 121 20.27 -36.88 4.19
C VAL R 121 19.62 -35.77 3.39
N SER R 122 18.38 -35.44 3.71
CA SER R 122 17.68 -34.39 3.02
C SER R 122 17.70 -33.12 3.86
N PHE R 123 17.53 -31.97 3.22
CA PHE R 123 17.54 -30.68 3.90
C PHE R 123 16.40 -29.77 3.46
N ASP R 124 15.81 -29.01 4.40
CA ASP R 124 14.77 -28.07 4.01
C ASP R 124 15.41 -26.69 3.93
N ALA R 125 14.67 -25.69 3.43
CA ALA R 125 15.24 -24.34 3.25
C ALA R 125 15.80 -23.66 4.47
N ALA R 126 15.38 -24.11 5.67
CA ALA R 126 15.84 -23.52 6.93
C ALA R 126 17.06 -24.25 7.47
N GLY R 127 17.52 -25.26 6.74
CA GLY R 127 18.68 -26.01 7.18
C GLY R 127 18.29 -27.23 8.00
N GLY R 128 17.00 -27.48 8.13
CA GLY R 128 16.58 -28.64 8.88
C GLY R 128 17.01 -29.87 8.09
N TRP R 129 17.65 -30.80 8.74
CA TRP R 129 18.10 -32.00 8.09
C TRP R 129 17.35 -33.24 8.60
N ASN R 130 17.46 -34.35 7.87
CA ASN R 130 16.82 -35.58 8.21
C ASN R 130 17.49 -36.73 7.50
N ILE R 131 17.92 -37.72 8.28
CA ILE R 131 18.56 -38.90 7.78
C ILE R 131 17.41 -39.81 7.44
N GLU R 132 17.37 -40.23 6.19
CA GLU R 132 16.35 -41.08 5.69
C GLU R 132 16.45 -42.54 6.07
N GLU R 133 15.35 -43.13 6.46
CA GLU R 133 15.36 -44.53 6.83
C GLU R 133 14.62 -45.40 5.89
N GLU R 134 14.08 -44.87 4.80
CA GLU R 134 13.36 -45.71 3.87
C GLU R 134 14.11 -46.11 2.61
N GLY R 135 15.37 -45.74 2.52
CA GLY R 135 16.19 -46.06 1.39
C GLY R 135 16.36 -45.10 0.25
N TYR R 136 15.48 -44.13 0.13
CA TYR R 136 15.58 -43.16 -0.93
C TYR R 136 15.03 -41.81 -0.62
N GLN R 137 15.47 -40.86 -1.40
CA GLN R 137 15.04 -39.50 -1.22
C GLN R 137 15.31 -38.78 -2.53
N ALA R 138 14.67 -37.62 -2.70
CA ALA R 138 14.88 -36.83 -3.91
C ALA R 138 14.66 -35.34 -3.61
N VAL R 139 15.27 -34.49 -4.42
CA VAL R 139 15.12 -33.09 -4.24
C VAL R 139 14.99 -32.42 -5.63
N GLY R 140 14.28 -31.30 -5.70
CA GLY R 140 14.11 -30.57 -6.95
C GLY R 140 12.67 -30.52 -7.40
N SER R 141 12.39 -29.78 -8.47
CA SER R 141 11.04 -29.65 -8.99
C SER R 141 10.40 -30.97 -9.42
N GLY R 142 11.19 -32.01 -9.61
CA GLY R 142 10.59 -33.28 -10.00
C GLY R 142 10.67 -34.33 -8.91
N SER R 143 11.08 -33.92 -7.71
CA SER R 143 11.26 -34.86 -6.62
C SER R 143 10.02 -35.65 -6.20
N LEU R 144 8.84 -35.03 -6.21
CA LEU R 144 7.65 -35.79 -5.84
C LEU R 144 7.41 -36.93 -6.82
N PHE R 145 7.62 -36.66 -8.10
CA PHE R 145 7.42 -37.65 -9.11
C PHE R 145 8.43 -38.79 -8.99
N ALA R 146 9.68 -38.45 -8.73
CA ALA R 146 10.76 -39.40 -8.57
C ALA R 146 10.54 -40.29 -7.34
N LYS R 147 10.10 -39.72 -6.23
CA LYS R 147 9.86 -40.51 -5.04
C LYS R 147 8.70 -41.44 -5.20
N SER R 148 7.64 -41.00 -5.83
CA SER R 148 6.52 -41.91 -6.00
C SER R 148 6.89 -43.04 -6.95
N SER R 149 7.83 -42.77 -7.84
CA SER R 149 8.29 -43.78 -8.75
C SER R 149 9.15 -44.78 -7.93
N MET R 150 10.12 -44.25 -7.19
CA MET R 150 11.00 -45.11 -6.39
C MET R 150 10.22 -45.97 -5.38
N LYS R 151 9.12 -45.42 -4.86
CA LYS R 151 8.30 -46.14 -3.90
C LYS R 151 7.87 -47.49 -4.47
N LYS R 152 7.48 -47.49 -5.74
CA LYS R 152 7.04 -48.70 -6.41
C LYS R 152 8.21 -49.53 -6.95
N LEU R 153 9.36 -48.96 -7.13
CA LEU R 153 10.48 -49.69 -7.65
C LEU R 153 11.59 -50.08 -6.69
N TYR R 154 11.58 -49.54 -5.49
CA TYR R 154 12.62 -49.85 -4.53
C TYR R 154 12.87 -51.30 -4.18
N SER R 155 11.85 -52.13 -4.24
CA SER R 155 12.06 -53.53 -3.94
C SER R 155 12.91 -54.23 -5.02
N GLN R 156 13.26 -53.53 -6.09
CA GLN R 156 14.09 -54.17 -7.11
C GLN R 156 15.54 -53.87 -6.84
N VAL R 157 15.81 -53.03 -5.86
CA VAL R 157 17.20 -52.70 -5.58
C VAL R 157 17.88 -53.75 -4.70
N THR R 158 18.71 -54.58 -5.34
CA THR R 158 19.44 -55.64 -4.63
C THR R 158 20.96 -55.46 -4.74
N ASP R 159 21.41 -54.41 -5.41
CA ASP R 159 22.85 -54.14 -5.53
C ASP R 159 23.13 -52.81 -6.24
N GLY R 160 24.40 -52.46 -6.38
CA GLY R 160 24.74 -51.22 -7.04
C GLY R 160 24.12 -51.03 -8.42
N ASP R 161 24.21 -52.03 -9.31
CA ASP R 161 23.64 -51.86 -10.66
C ASP R 161 22.13 -51.72 -10.68
N SER R 162 21.42 -52.52 -9.91
CA SER R 162 19.97 -52.39 -9.93
C SER R 162 19.54 -51.08 -9.27
N GLY R 163 20.39 -50.58 -8.36
CA GLY R 163 20.11 -49.32 -7.68
C GLY R 163 20.30 -48.19 -8.67
N LEU R 164 21.38 -48.27 -9.43
CA LEU R 164 21.67 -47.28 -10.45
C LEU R 164 20.51 -47.27 -11.46
N ARG R 165 20.03 -48.46 -11.82
CA ARG R 165 18.95 -48.56 -12.77
C ARG R 165 17.68 -47.92 -12.23
N VAL R 166 17.35 -48.21 -10.98
CA VAL R 166 16.15 -47.67 -10.41
C VAL R 166 16.26 -46.14 -10.32
N ALA R 167 17.44 -45.65 -10.01
CA ALA R 167 17.66 -44.21 -9.90
C ALA R 167 17.41 -43.57 -11.24
N VAL R 168 17.98 -44.15 -12.29
CA VAL R 168 17.82 -43.61 -13.64
C VAL R 168 16.35 -43.68 -14.04
N GLU R 169 15.66 -44.74 -13.66
CA GLU R 169 14.27 -44.84 -13.99
C GLU R 169 13.45 -43.80 -13.23
N ALA R 170 13.86 -43.45 -12.02
CA ALA R 170 13.16 -42.45 -11.21
C ALA R 170 13.36 -41.07 -11.87
N LEU R 171 14.56 -40.78 -12.37
CA LEU R 171 14.84 -39.51 -13.04
C LEU R 171 14.02 -39.45 -14.33
N TYR R 172 13.89 -40.59 -15.00
CA TYR R 172 13.13 -40.67 -16.22
C TYR R 172 11.68 -40.32 -15.93
N ASP R 173 11.14 -40.89 -14.87
CA ASP R 173 9.77 -40.67 -14.44
C ASP R 173 9.55 -39.19 -14.06
N ALA R 174 10.58 -38.57 -13.48
CA ALA R 174 10.50 -37.17 -13.10
C ALA R 174 10.42 -36.34 -14.39
N ALA R 175 11.30 -36.60 -15.36
CA ALA R 175 11.28 -35.82 -16.61
C ALA R 175 9.97 -36.02 -17.37
N ASP R 176 9.36 -37.18 -17.21
CA ASP R 176 8.11 -37.47 -17.89
C ASP R 176 6.98 -36.54 -17.40
N ASP R 177 7.04 -36.10 -16.16
CA ASP R 177 6.02 -35.24 -15.57
C ASP R 177 6.42 -33.80 -15.20
N ASP R 178 7.71 -33.51 -15.21
CA ASP R 178 8.22 -32.19 -14.87
C ASP R 178 9.09 -31.63 -16.01
N SER R 179 8.53 -30.64 -16.73
CA SER R 179 9.22 -30.01 -17.85
C SER R 179 10.51 -29.37 -17.41
N ALA R 180 10.67 -29.14 -16.11
CA ALA R 180 11.93 -28.53 -15.69
C ALA R 180 13.03 -29.57 -15.51
N THR R 181 12.67 -30.86 -15.62
CA THR R 181 13.66 -31.91 -15.48
C THR R 181 13.96 -32.51 -16.87
N GLY R 182 15.24 -32.67 -17.19
CA GLY R 182 15.59 -33.21 -18.49
C GLY R 182 15.70 -34.72 -18.58
N GLY R 183 15.00 -35.31 -19.55
CA GLY R 183 15.09 -36.74 -19.75
C GLY R 183 16.34 -37.07 -20.53
N PRO R 184 16.59 -38.36 -20.81
CA PRO R 184 17.79 -38.75 -21.57
C PRO R 184 17.70 -38.15 -22.98
N ASP R 185 18.77 -37.53 -23.47
CA ASP R 185 18.79 -36.96 -24.82
C ASP R 185 19.53 -37.91 -25.77
N LEU R 186 18.77 -38.74 -26.47
CA LEU R 186 19.35 -39.70 -27.39
C LEU R 186 20.01 -39.08 -28.61
N VAL R 187 19.44 -38.00 -29.12
CA VAL R 187 20.00 -37.31 -30.26
C VAL R 187 21.38 -36.74 -29.91
N ARG R 188 21.51 -36.08 -28.77
CA ARG R 188 22.81 -35.51 -28.45
C ARG R 188 23.70 -36.42 -27.60
N GLY R 189 23.13 -37.52 -27.09
CA GLY R 189 23.92 -38.43 -26.26
C GLY R 189 24.23 -37.85 -24.89
N ILE R 190 23.25 -37.17 -24.30
CA ILE R 190 23.44 -36.59 -22.97
C ILE R 190 22.53 -37.34 -22.03
N PHE R 191 23.11 -37.80 -20.91
CA PHE R 191 22.37 -38.57 -19.93
C PHE R 191 22.60 -38.08 -18.51
N PRO R 192 21.76 -38.53 -17.59
CA PRO R 192 21.87 -38.16 -16.19
C PRO R 192 23.28 -38.53 -15.74
N THR R 193 23.80 -37.86 -14.71
CA THR R 193 25.10 -38.25 -14.19
C THR R 193 24.84 -39.00 -12.86
N ALA R 194 25.81 -39.78 -12.40
CA ALA R 194 25.62 -40.52 -11.16
C ALA R 194 26.91 -40.83 -10.45
N VAL R 195 26.81 -40.89 -9.13
CA VAL R 195 27.94 -41.24 -8.29
C VAL R 195 27.56 -42.43 -7.46
N ILE R 196 28.49 -43.35 -7.32
CA ILE R 196 28.23 -44.53 -6.51
C ILE R 196 29.22 -44.53 -5.34
N ILE R 197 28.74 -44.86 -4.15
CA ILE R 197 29.63 -44.90 -3.01
C ILE R 197 29.47 -46.18 -2.19
N ASP R 198 30.59 -46.85 -1.95
CA ASP R 198 30.63 -48.04 -1.12
C ASP R 198 31.92 -48.00 -0.27
N ALA R 199 32.23 -49.10 0.41
CA ALA R 199 33.42 -49.15 1.24
C ALA R 199 34.71 -48.71 0.53
N ASP R 200 34.75 -48.83 -0.79
CA ASP R 200 35.95 -48.43 -1.49
C ASP R 200 35.96 -46.97 -1.88
N GLY R 201 34.93 -46.22 -1.47
CA GLY R 201 34.89 -44.80 -1.82
C GLY R 201 33.88 -44.39 -2.88
N ALA R 202 33.84 -43.08 -3.13
CA ALA R 202 32.90 -42.50 -4.10
C ALA R 202 33.47 -42.51 -5.50
N VAL R 203 32.66 -42.97 -6.44
CA VAL R 203 33.09 -43.05 -7.83
C VAL R 203 32.06 -42.52 -8.80
N ASP R 204 32.52 -41.88 -9.86
CA ASP R 204 31.62 -41.38 -10.90
C ASP R 204 31.21 -42.55 -11.75
N VAL R 205 29.91 -42.67 -12.03
CA VAL R 205 29.46 -43.77 -12.87
C VAL R 205 29.79 -43.42 -14.31
N PRO R 206 30.27 -44.39 -15.10
CA PRO R 206 30.62 -44.13 -16.50
C PRO R 206 29.39 -43.83 -17.34
N GLU R 207 29.50 -42.82 -18.18
CA GLU R 207 28.40 -42.43 -19.04
C GLU R 207 27.82 -43.65 -19.76
N SER R 208 28.68 -44.52 -20.28
CA SER R 208 28.23 -45.68 -21.03
C SER R 208 27.23 -46.58 -20.30
N ARG R 209 27.44 -46.84 -19.01
CA ARG R 209 26.48 -47.69 -18.34
C ARG R 209 25.14 -46.96 -18.22
N ILE R 210 25.21 -45.66 -17.90
CA ILE R 210 23.99 -44.84 -17.77
C ILE R 210 23.27 -44.73 -19.11
N ALA R 211 24.03 -44.58 -20.19
CA ALA R 211 23.41 -44.47 -21.51
C ALA R 211 22.69 -45.77 -21.89
N GLU R 212 23.31 -46.92 -21.59
CA GLU R 212 22.66 -48.22 -21.89
C GLU R 212 21.39 -48.37 -21.08
N LEU R 213 21.51 -48.05 -19.79
CA LEU R 213 20.39 -48.17 -18.89
C LEU R 213 19.24 -47.33 -19.40
N ALA R 214 19.54 -46.08 -19.77
CA ALA R 214 18.49 -45.20 -20.24
C ALA R 214 17.81 -45.72 -21.51
N ARG R 215 18.60 -46.21 -22.48
CA ARG R 215 17.95 -46.74 -23.68
C ARG R 215 17.09 -47.93 -23.30
N ALA R 216 17.58 -48.75 -22.38
CA ALA R 216 16.79 -49.93 -22.00
C ALA R 216 15.46 -49.52 -21.37
N ILE R 217 15.46 -48.44 -20.57
CA ILE R 217 14.24 -48.02 -19.92
C ILE R 217 13.28 -47.56 -21.01
N ILE R 218 13.80 -46.74 -21.92
CA ILE R 218 12.98 -46.21 -23.01
C ILE R 218 12.36 -47.34 -23.84
N GLU R 219 13.17 -48.32 -24.23
CA GLU R 219 12.66 -49.46 -25.02
C GLU R 219 11.58 -50.19 -24.26
N SER R 220 11.79 -50.37 -22.96
CA SER R 220 10.80 -51.05 -22.11
C SER R 220 9.52 -50.26 -22.11
N ARG R 221 9.66 -48.95 -21.94
CA ARG R 221 8.52 -48.05 -21.92
C ARG R 221 7.79 -48.13 -23.24
N SER R 222 8.49 -48.16 -24.37
CA SER R 222 7.80 -48.27 -25.68
C SER R 222 7.01 -49.55 -25.76
N GLY R 223 7.67 -50.67 -25.43
CA GLY R 223 7.02 -51.95 -25.48
C GLY R 223 5.74 -51.99 -24.69
N ALA R 224 5.85 -51.57 -23.43
CA ALA R 224 4.72 -51.57 -22.51
C ALA R 224 3.60 -50.66 -22.99
N ASP R 225 3.96 -49.53 -23.59
CA ASP R 225 2.95 -48.61 -24.11
C ASP R 225 2.14 -49.31 -25.21
N THR R 226 2.83 -49.95 -26.15
CA THR R 226 2.20 -50.69 -27.24
C THR R 226 1.32 -51.85 -26.72
N PHE R 227 1.76 -52.50 -25.64
CA PHE R 227 1.00 -53.63 -25.08
C PHE R 227 -0.32 -53.17 -24.49
N GLY R 228 -0.31 -51.98 -23.87
CA GLY R 228 -1.53 -51.49 -23.24
C GLY R 228 -2.34 -50.58 -24.12
N SER R 229 -3.09 -49.69 -23.48
CA SER R 229 -3.92 -48.73 -24.18
C SER R 229 -3.34 -47.32 -23.96
N SER S 8 -62.58 -7.63 -37.69
CA SER S 8 -62.70 -8.21 -39.06
C SER S 8 -61.33 -8.37 -39.71
N PRO S 9 -60.46 -9.23 -39.12
CA PRO S 9 -59.11 -9.49 -39.63
C PRO S 9 -59.01 -9.41 -41.15
N GLU S 10 -60.01 -9.96 -41.84
CA GLU S 10 -60.02 -9.95 -43.30
C GLU S 10 -60.39 -8.58 -43.88
N GLN S 11 -61.27 -7.87 -43.19
CA GLN S 11 -61.68 -6.54 -43.65
C GLN S 11 -60.53 -5.55 -43.49
N ALA S 12 -59.94 -5.52 -42.30
CA ALA S 12 -58.83 -4.63 -42.01
C ALA S 12 -57.75 -4.83 -43.06
N MET S 13 -57.39 -6.09 -43.27
CA MET S 13 -56.37 -6.46 -44.25
C MET S 13 -56.66 -5.79 -45.60
N ARG S 14 -57.93 -5.85 -46.02
CA ARG S 14 -58.33 -5.28 -47.30
C ARG S 14 -58.26 -3.75 -47.31
N GLU S 15 -58.81 -3.12 -46.28
CA GLU S 15 -58.78 -1.66 -46.19
C GLU S 15 -57.37 -1.11 -46.16
N ARG S 16 -56.54 -1.62 -45.25
CA ARG S 16 -55.16 -1.16 -45.14
C ARG S 16 -54.48 -1.29 -46.51
N SER S 17 -54.63 -2.45 -47.12
CA SER S 17 -54.05 -2.72 -48.42
C SER S 17 -54.54 -1.71 -49.46
N GLU S 18 -55.83 -1.39 -49.41
CA GLU S 18 -56.41 -0.44 -50.35
C GLU S 18 -55.81 0.94 -50.13
N LEU S 19 -55.85 1.37 -48.87
CA LEU S 19 -55.32 2.66 -48.48
C LEU S 19 -53.91 2.84 -49.02
N ALA S 20 -53.13 1.76 -48.97
CA ALA S 20 -51.76 1.80 -49.44
C ALA S 20 -51.68 1.89 -50.95
N ARG S 21 -52.35 0.98 -51.64
CA ARG S 21 -52.31 0.97 -53.09
C ARG S 21 -52.72 2.32 -53.65
N LYS S 22 -53.77 2.90 -53.08
CA LYS S 22 -54.27 4.19 -53.51
C LYS S 22 -53.20 5.26 -53.42
N GLY S 23 -52.53 5.33 -52.27
CA GLY S 23 -51.48 6.33 -52.10
C GLY S 23 -50.37 6.20 -53.13
N ILE S 24 -49.97 4.97 -53.41
CA ILE S 24 -48.92 4.70 -54.38
C ILE S 24 -49.39 5.09 -55.77
N ALA S 25 -50.69 4.87 -56.01
CA ALA S 25 -51.30 5.19 -57.29
C ALA S 25 -51.26 6.69 -57.60
N ARG S 26 -51.61 7.52 -56.61
CA ARG S 26 -51.62 8.97 -56.82
C ARG S 26 -50.20 9.57 -56.85
N ALA S 27 -49.18 8.74 -56.78
CA ALA S 27 -47.81 9.23 -56.78
C ALA S 27 -47.14 9.12 -58.12
N LYS S 28 -46.12 9.93 -58.34
CA LYS S 28 -45.38 9.93 -59.59
C LYS S 28 -44.73 8.58 -59.81
N SER S 29 -44.40 8.27 -61.06
CA SER S 29 -43.81 6.99 -61.40
C SER S 29 -42.29 6.93 -61.46
N VAL S 30 -41.75 5.74 -61.16
CA VAL S 30 -40.32 5.51 -61.18
C VAL S 30 -40.03 4.24 -61.95
N VAL S 31 -38.90 4.24 -62.65
CA VAL S 31 -38.48 3.08 -63.41
C VAL S 31 -36.99 2.77 -63.25
N ALA S 32 -36.68 1.47 -63.22
CA ALA S 32 -35.31 1.03 -63.10
C ALA S 32 -35.14 -0.12 -64.07
N LEU S 33 -34.03 -0.10 -64.81
CA LEU S 33 -33.75 -1.13 -65.78
C LEU S 33 -32.28 -1.41 -66.02
N ALA S 34 -31.98 -2.66 -66.33
CA ALA S 34 -30.62 -3.11 -66.60
C ALA S 34 -30.24 -2.66 -67.98
N TYR S 35 -28.99 -2.29 -68.12
CA TYR S 35 -28.42 -1.83 -69.36
C TYR S 35 -27.01 -2.32 -69.36
N ALA S 36 -26.29 -2.16 -70.44
CA ALA S 36 -24.98 -2.74 -70.56
C ALA S 36 -24.06 -2.26 -69.47
N GLY S 37 -24.20 -1.01 -69.07
CA GLY S 37 -23.34 -0.45 -68.04
C GLY S 37 -23.77 -0.66 -66.60
N GLY S 38 -24.91 -1.30 -66.36
CA GLY S 38 -25.38 -1.42 -65.02
C GLY S 38 -26.86 -1.28 -64.90
N VAL S 39 -27.29 -0.55 -63.89
CA VAL S 39 -28.68 -0.25 -63.75
C VAL S 39 -28.86 1.23 -63.95
N LEU S 40 -29.98 1.57 -64.55
CA LEU S 40 -30.39 2.95 -64.73
C LEU S 40 -31.66 3.25 -63.94
N PHE S 41 -31.65 4.38 -63.25
CA PHE S 41 -32.78 4.83 -62.46
C PHE S 41 -33.32 6.12 -63.07
N VAL S 42 -34.62 6.14 -63.36
CA VAL S 42 -35.25 7.32 -63.92
C VAL S 42 -36.61 7.49 -63.27
N ALA S 43 -36.82 8.65 -62.68
CA ALA S 43 -38.07 8.94 -62.02
C ALA S 43 -38.56 10.33 -62.34
N GLU S 44 -39.88 10.47 -62.34
CA GLU S 44 -40.54 11.74 -62.59
C GLU S 44 -40.39 12.52 -61.29
N ASN S 45 -39.53 13.53 -61.28
CA ASN S 45 -39.31 14.27 -60.07
C ASN S 45 -39.19 15.76 -60.34
N PRO S 46 -40.26 16.49 -60.05
CA PRO S 46 -40.31 17.93 -60.24
C PRO S 46 -39.32 18.65 -59.36
N SER S 47 -39.18 18.15 -58.14
CA SER S 47 -38.32 18.77 -57.14
C SER S 47 -36.83 18.74 -57.34
N ARG S 48 -36.24 19.88 -57.05
CA ARG S 48 -34.81 20.09 -57.07
C ARG S 48 -34.03 19.37 -56.00
N SER S 49 -34.58 19.33 -54.79
CA SER S 49 -33.89 18.73 -53.66
C SER S 49 -34.49 17.50 -53.00
N LEU S 50 -35.64 17.02 -53.42
CA LEU S 50 -36.13 15.81 -52.79
C LEU S 50 -35.89 14.59 -53.63
N GLN S 51 -34.90 13.79 -53.23
CA GLN S 51 -34.50 12.60 -53.93
C GLN S 51 -35.45 11.40 -53.80
N LYS S 52 -35.60 10.66 -54.89
CA LYS S 52 -36.43 9.46 -54.96
C LYS S 52 -35.53 8.26 -55.27
N ILE S 53 -34.30 8.58 -55.59
CA ILE S 53 -33.30 7.60 -55.97
C ILE S 53 -32.06 7.88 -55.15
N SER S 54 -31.51 6.83 -54.54
CA SER S 54 -30.34 7.03 -53.71
C SER S 54 -29.38 5.85 -53.65
N GLU S 55 -28.14 6.14 -53.29
CA GLU S 55 -27.11 5.12 -53.11
C GLU S 55 -27.38 4.45 -51.75
N LEU S 56 -27.20 3.13 -51.66
CA LEU S 56 -27.37 2.41 -50.40
C LEU S 56 -25.99 1.95 -49.92
N TYR S 57 -25.27 1.26 -50.80
CA TYR S 57 -23.94 0.78 -50.50
C TYR S 57 -23.12 0.75 -51.78
N ASP S 58 -21.86 0.35 -51.70
CA ASP S 58 -20.97 0.33 -52.83
C ASP S 58 -21.54 0.04 -54.22
N ARG S 59 -22.37 -0.97 -54.35
CA ARG S 59 -22.87 -1.40 -55.63
C ARG S 59 -24.35 -1.54 -55.55
N VAL S 60 -24.92 -1.09 -54.46
CA VAL S 60 -26.35 -1.24 -54.28
C VAL S 60 -27.10 0.08 -54.34
N GLY S 61 -28.12 0.13 -55.19
CA GLY S 61 -28.92 1.33 -55.36
C GLY S 61 -30.33 1.19 -54.82
N PHE S 62 -31.00 2.32 -54.63
CA PHE S 62 -32.35 2.38 -54.07
C PHE S 62 -33.21 3.37 -54.84
N ALA S 63 -34.47 2.99 -55.06
CA ALA S 63 -35.41 3.87 -55.74
C ALA S 63 -36.78 3.61 -55.12
N ALA S 64 -37.60 4.66 -55.00
CA ALA S 64 -38.91 4.47 -54.42
C ALA S 64 -40.00 5.39 -54.96
N ALA S 65 -41.24 4.99 -54.72
CA ALA S 65 -42.39 5.76 -55.14
C ALA S 65 -43.40 5.76 -53.99
N GLY S 66 -44.13 6.85 -53.84
CA GLY S 66 -45.10 6.91 -52.76
C GLY S 66 -44.88 8.14 -51.89
N LYS S 67 -45.25 8.04 -50.61
CA LYS S 67 -45.11 9.15 -49.68
C LYS S 67 -43.63 9.38 -49.34
N PHE S 68 -43.10 10.56 -49.68
CA PHE S 68 -41.68 10.86 -49.44
C PHE S 68 -41.16 10.58 -48.02
N ASN S 69 -41.77 11.21 -47.02
CA ASN S 69 -41.32 11.01 -45.65
C ASN S 69 -41.26 9.55 -45.27
N GLU S 70 -42.13 8.74 -45.84
CA GLU S 70 -42.13 7.31 -45.50
C GLU S 70 -41.02 6.53 -46.21
N PHE S 71 -40.77 6.79 -47.48
CA PHE S 71 -39.71 6.04 -48.13
C PHE S 71 -38.34 6.63 -47.86
N ASP S 72 -38.29 7.86 -47.39
CA ASP S 72 -36.99 8.44 -47.06
C ASP S 72 -36.59 7.76 -45.74
N ASN S 73 -37.61 7.47 -44.93
CA ASN S 73 -37.43 6.79 -43.68
C ASN S 73 -36.77 5.45 -43.99
N LEU S 74 -37.37 4.69 -44.92
CA LEU S 74 -36.85 3.39 -45.30
C LEU S 74 -35.46 3.48 -45.90
N ARG S 75 -35.22 4.53 -46.68
CA ARG S 75 -33.92 4.74 -47.29
C ARG S 75 -32.85 4.86 -46.20
N ARG S 76 -33.14 5.68 -45.19
CA ARG S 76 -32.18 5.90 -44.09
C ARG S 76 -31.93 4.61 -43.34
N GLY S 77 -32.99 3.88 -43.09
CA GLY S 77 -32.95 2.62 -42.39
C GLY S 77 -32.09 1.63 -43.16
N GLY S 78 -32.15 1.68 -44.48
CA GLY S 78 -31.37 0.80 -45.33
C GLY S 78 -29.89 1.16 -45.27
N ILE S 79 -29.59 2.44 -45.32
CA ILE S 79 -28.21 2.88 -45.26
C ILE S 79 -27.64 2.46 -43.90
N GLN S 80 -28.47 2.58 -42.87
CA GLN S 80 -28.08 2.22 -41.51
C GLN S 80 -27.68 0.74 -41.51
N PHE S 81 -28.58 -0.10 -42.00
CA PHE S 81 -28.35 -1.53 -42.07
C PHE S 81 -27.08 -1.89 -42.84
N ALA S 82 -26.95 -1.36 -44.04
CA ALA S 82 -25.79 -1.66 -44.87
C ALA S 82 -24.49 -1.28 -44.21
N ASP S 83 -24.40 -0.04 -43.73
CA ASP S 83 -23.18 0.44 -43.11
C ASP S 83 -22.80 -0.39 -41.87
N THR S 84 -23.81 -0.78 -41.09
CA THR S 84 -23.56 -1.58 -39.90
C THR S 84 -23.03 -2.96 -40.29
N ARG S 85 -23.65 -3.62 -41.26
CA ARG S 85 -23.19 -4.94 -41.69
C ARG S 85 -21.80 -4.91 -42.25
N GLY S 86 -21.52 -3.92 -43.08
CA GLY S 86 -20.23 -3.81 -43.67
C GLY S 86 -19.18 -3.66 -42.64
N TYR S 87 -19.48 -2.89 -41.59
CA TYR S 87 -18.55 -2.67 -40.50
C TYR S 87 -18.30 -3.90 -39.62
N ALA S 88 -19.39 -4.60 -39.32
CA ALA S 88 -19.38 -5.80 -38.50
C ALA S 88 -18.64 -6.98 -39.09
N TYR S 89 -18.74 -7.10 -40.40
CA TYR S 89 -18.11 -8.14 -41.15
C TYR S 89 -17.16 -7.49 -42.09
N ASP S 90 -17.53 -7.39 -43.37
CA ASP S 90 -16.69 -6.76 -44.40
C ASP S 90 -17.59 -6.06 -45.42
N ARG S 91 -17.03 -5.12 -46.17
CA ARG S 91 -17.79 -4.38 -47.18
C ARG S 91 -18.42 -5.30 -48.20
N ARG S 92 -17.62 -6.21 -48.74
CA ARG S 92 -18.07 -7.18 -49.73
C ARG S 92 -19.09 -8.20 -49.23
N ASP S 93 -19.46 -8.12 -47.97
CA ASP S 93 -20.45 -9.05 -47.47
C ASP S 93 -21.85 -8.47 -47.58
N VAL S 94 -21.95 -7.18 -47.91
CA VAL S 94 -23.24 -6.49 -48.07
C VAL S 94 -23.75 -6.75 -49.50
N THR S 95 -25.02 -7.13 -49.63
CA THR S 95 -25.56 -7.42 -50.95
C THR S 95 -26.97 -6.89 -51.15
N GLY S 96 -27.34 -6.71 -52.42
CA GLY S 96 -28.66 -6.22 -52.77
C GLY S 96 -29.72 -7.15 -52.23
N ARG S 97 -29.44 -8.45 -52.27
CA ARG S 97 -30.40 -9.43 -51.77
C ARG S 97 -30.66 -9.20 -50.27
N GLN S 98 -29.60 -8.93 -49.50
CA GLN S 98 -29.78 -8.71 -48.06
C GLN S 98 -30.68 -7.52 -47.82
N LEU S 99 -30.38 -6.43 -48.50
CA LEU S 99 -31.19 -5.22 -48.35
C LEU S 99 -32.66 -5.41 -48.72
N ALA S 100 -32.91 -6.10 -49.83
CA ALA S 100 -34.27 -6.36 -50.28
C ALA S 100 -34.98 -7.16 -49.19
N ASN S 101 -34.28 -8.18 -48.68
CA ASN S 101 -34.80 -9.07 -47.64
C ASN S 101 -35.20 -8.26 -46.41
N VAL S 102 -34.33 -7.34 -46.01
CA VAL S 102 -34.56 -6.48 -44.85
C VAL S 102 -35.79 -5.57 -45.07
N TYR S 103 -35.88 -4.97 -46.26
CA TYR S 103 -37.01 -4.11 -46.58
C TYR S 103 -38.28 -4.91 -46.55
N ALA S 104 -38.21 -6.13 -47.09
CA ALA S 104 -39.36 -7.02 -47.10
C ALA S 104 -39.86 -7.23 -45.67
N GLN S 105 -38.93 -7.59 -44.79
CA GLN S 105 -39.30 -7.84 -43.41
C GLN S 105 -39.79 -6.57 -42.72
N THR S 106 -39.19 -5.44 -43.05
CA THR S 106 -39.58 -4.17 -42.45
C THR S 106 -40.96 -3.70 -42.84
N LEU S 107 -41.24 -3.68 -44.13
CA LEU S 107 -42.56 -3.29 -44.60
C LEU S 107 -43.62 -4.27 -44.12
N GLY S 108 -43.27 -5.55 -44.10
CA GLY S 108 -44.20 -6.56 -43.63
C GLY S 108 -44.65 -6.22 -42.22
N THR S 109 -43.68 -5.83 -41.39
CA THR S 109 -43.99 -5.48 -40.01
C THR S 109 -44.84 -4.20 -39.93
N ILE S 110 -44.45 -3.19 -40.71
CA ILE S 110 -45.20 -1.92 -40.71
C ILE S 110 -46.64 -2.18 -41.09
N PHE S 111 -46.81 -2.86 -42.22
CA PHE S 111 -48.13 -3.19 -42.74
C PHE S 111 -49.00 -3.90 -41.72
N THR S 112 -48.37 -4.70 -40.86
CA THR S 112 -49.06 -5.47 -39.84
C THR S 112 -49.34 -4.74 -38.52
N GLU S 113 -48.29 -4.22 -37.89
CA GLU S 113 -48.46 -3.61 -36.59
C GLU S 113 -48.52 -2.11 -36.45
N GLN S 114 -48.34 -1.37 -37.54
CA GLN S 114 -48.40 0.08 -37.44
C GLN S 114 -49.79 0.65 -37.71
N ALA S 115 -50.05 1.82 -37.17
CA ALA S 115 -51.33 2.49 -37.33
C ALA S 115 -51.76 2.51 -38.78
N LYS S 116 -50.90 3.06 -39.63
CA LYS S 116 -51.19 3.15 -41.05
C LYS S 116 -50.10 2.47 -41.86
N PRO S 117 -50.48 1.79 -42.95
CA PRO S 117 -49.49 1.12 -43.78
C PRO S 117 -48.66 2.20 -44.45
N TYR S 118 -47.48 1.84 -44.92
CA TYR S 118 -46.62 2.77 -45.62
C TYR S 118 -47.04 2.80 -47.08
N GLU S 119 -47.41 3.99 -47.56
CA GLU S 119 -47.82 4.16 -48.94
C GLU S 119 -46.57 4.23 -49.82
N VAL S 120 -45.87 3.10 -49.93
CA VAL S 120 -44.64 3.11 -50.72
C VAL S 120 -44.39 1.82 -51.47
N GLU S 121 -43.47 1.90 -52.42
CA GLU S 121 -43.07 0.76 -53.23
C GLU S 121 -41.58 1.01 -53.45
N LEU S 122 -40.76 -0.01 -53.17
CA LEU S 122 -39.32 0.15 -53.29
C LEU S 122 -38.67 -0.77 -54.28
N CYS S 123 -37.49 -0.34 -54.72
CA CYS S 123 -36.69 -1.12 -55.63
C CYS S 123 -35.23 -1.08 -55.18
N VAL S 124 -34.64 -2.26 -55.03
CA VAL S 124 -33.25 -2.36 -54.62
C VAL S 124 -32.52 -2.97 -55.80
N ALA S 125 -31.42 -2.36 -56.22
CA ALA S 125 -30.67 -2.89 -57.35
C ALA S 125 -29.21 -3.04 -57.01
N GLU S 126 -28.60 -4.08 -57.54
CA GLU S 126 -27.22 -4.40 -57.27
C GLU S 126 -26.48 -4.61 -58.58
N VAL S 127 -25.31 -4.04 -58.70
CA VAL S 127 -24.52 -4.27 -59.89
C VAL S 127 -23.28 -5.08 -59.54
N ALA S 128 -22.47 -5.34 -60.55
CA ALA S 128 -21.28 -6.15 -60.39
C ALA S 128 -20.15 -5.36 -59.83
N HIS S 129 -19.27 -6.02 -59.10
CA HIS S 129 -18.12 -5.38 -58.52
C HIS S 129 -17.15 -5.08 -59.64
N TYR S 130 -16.34 -4.04 -59.50
CA TYR S 130 -15.41 -3.67 -60.56
C TYR S 130 -14.62 -4.87 -61.09
N GLY S 131 -14.52 -4.97 -62.40
CA GLY S 131 -13.78 -6.05 -63.02
C GLY S 131 -14.43 -7.42 -62.88
N GLU S 132 -15.55 -7.46 -62.20
CA GLU S 132 -16.22 -8.72 -62.05
C GLU S 132 -17.26 -8.86 -63.08
N THR S 133 -17.78 -10.05 -63.20
CA THR S 133 -18.74 -10.28 -64.26
C THR S 133 -19.96 -10.97 -63.68
N LYS S 134 -21.05 -10.21 -63.56
CA LYS S 134 -22.30 -10.71 -63.02
C LYS S 134 -23.48 -9.90 -63.48
N ARG S 135 -24.56 -10.57 -63.68
CA ARG S 135 -25.76 -9.92 -64.13
C ARG S 135 -26.39 -9.06 -63.08
N PRO S 136 -26.84 -7.89 -63.49
CA PRO S 136 -27.50 -6.98 -62.55
C PRO S 136 -28.70 -7.64 -61.90
N GLU S 137 -29.05 -7.18 -60.70
CA GLU S 137 -30.19 -7.74 -59.99
C GLU S 137 -31.11 -6.61 -59.60
N LEU S 138 -32.40 -6.87 -59.68
CA LEU S 138 -33.39 -5.89 -59.34
C LEU S 138 -34.41 -6.50 -58.43
N TYR S 139 -34.78 -5.79 -57.39
CA TYR S 139 -35.77 -6.32 -56.46
C TYR S 139 -36.85 -5.30 -56.22
N ARG S 140 -38.07 -5.79 -56.11
CA ARG S 140 -39.19 -4.92 -55.86
C ARG S 140 -39.86 -5.39 -54.59
N ILE S 141 -40.00 -4.47 -53.65
CA ILE S 141 -40.65 -4.79 -52.40
C ILE S 141 -41.86 -3.88 -52.34
N THR S 142 -43.00 -4.46 -51.98
CA THR S 142 -44.24 -3.71 -51.89
C THR S 142 -44.68 -3.41 -50.47
N TYR S 143 -45.63 -2.50 -50.36
CA TYR S 143 -46.14 -2.06 -49.08
C TYR S 143 -46.51 -3.14 -48.09
N ASP S 144 -46.74 -4.36 -48.55
CA ASP S 144 -47.11 -5.42 -47.61
C ASP S 144 -45.93 -6.34 -47.30
N GLY S 145 -44.78 -6.07 -47.88
CA GLY S 145 -43.62 -6.90 -47.61
C GLY S 145 -43.35 -7.96 -48.66
N SER S 146 -44.10 -7.90 -49.74
CA SER S 146 -43.92 -8.88 -50.79
C SER S 146 -42.65 -8.51 -51.52
N ILE S 147 -41.92 -9.51 -51.98
CA ILE S 147 -40.68 -9.26 -52.68
C ILE S 147 -40.63 -10.09 -53.95
N ALA S 148 -39.92 -9.59 -54.95
CA ALA S 148 -39.81 -10.28 -56.23
C ALA S 148 -38.67 -9.67 -57.01
N ASP S 149 -37.88 -10.49 -57.69
CA ASP S 149 -36.76 -9.97 -58.48
C ASP S 149 -37.06 -9.99 -59.98
N GLU S 150 -36.98 -8.84 -60.60
CA GLU S 150 -37.22 -8.71 -61.99
C GLU S 150 -35.94 -8.85 -62.73
N PRO S 151 -35.95 -9.65 -63.78
CA PRO S 151 -34.75 -9.84 -64.57
C PRO S 151 -34.38 -8.66 -65.47
N HIS S 152 -35.37 -7.92 -65.94
CA HIS S 152 -35.10 -6.77 -66.82
C HIS S 152 -35.43 -5.36 -66.34
N PHE S 153 -36.61 -5.15 -65.81
CA PHE S 153 -36.93 -3.81 -65.37
C PHE S 153 -38.00 -3.72 -64.29
N VAL S 154 -38.00 -2.62 -63.56
CA VAL S 154 -39.01 -2.49 -62.52
C VAL S 154 -39.69 -1.15 -62.69
N VAL S 155 -41.00 -1.13 -62.42
CA VAL S 155 -41.79 0.08 -62.53
C VAL S 155 -42.62 0.24 -61.25
N MET S 156 -42.61 1.46 -60.69
CA MET S 156 -43.36 1.69 -59.47
C MET S 156 -44.01 3.07 -59.46
N GLY S 157 -45.14 3.18 -58.78
CA GLY S 157 -45.82 4.45 -58.66
C GLY S 157 -46.81 4.82 -59.74
N GLY S 158 -47.93 5.41 -59.33
CA GLY S 158 -48.96 5.81 -60.26
C GLY S 158 -49.55 4.64 -61.04
N THR S 159 -49.85 4.88 -62.32
CA THR S 159 -50.41 3.85 -63.20
C THR S 159 -49.23 3.14 -63.87
N THR S 160 -48.96 1.93 -63.40
CA THR S 160 -47.82 1.16 -63.89
C THR S 160 -48.01 0.42 -65.20
N GLU S 161 -49.13 -0.31 -65.32
CA GLU S 161 -49.41 -1.08 -66.53
C GLU S 161 -49.03 -0.38 -67.83
N PRO S 162 -49.52 0.84 -68.06
CA PRO S 162 -49.17 1.58 -69.28
C PRO S 162 -47.66 1.62 -69.51
N ILE S 163 -46.93 2.02 -68.46
CA ILE S 163 -45.48 2.15 -68.49
C ILE S 163 -44.79 0.79 -68.61
N ALA S 164 -45.36 -0.20 -67.94
CA ALA S 164 -44.82 -1.55 -67.95
C ALA S 164 -44.86 -2.10 -69.35
N ASN S 165 -46.06 -2.10 -69.94
CA ASN S 165 -46.25 -2.61 -71.30
C ASN S 165 -45.36 -1.87 -72.29
N ALA S 166 -45.35 -0.54 -72.20
CA ALA S 166 -44.55 0.29 -73.09
C ALA S 166 -43.08 -0.12 -73.05
N LEU S 167 -42.64 -0.45 -71.84
CA LEU S 167 -41.28 -0.87 -71.53
C LEU S 167 -40.92 -2.25 -72.06
N LYS S 168 -41.85 -3.19 -71.99
CA LYS S 168 -41.62 -4.54 -72.46
C LYS S 168 -41.27 -4.63 -73.94
N GLU S 169 -42.01 -3.94 -74.79
CA GLU S 169 -41.70 -4.00 -76.22
C GLU S 169 -40.37 -3.29 -76.46
N SER S 170 -40.24 -2.13 -75.84
CA SER S 170 -39.06 -1.29 -75.94
C SER S 170 -37.77 -1.85 -75.34
N TYR S 171 -37.88 -2.49 -74.18
CA TYR S 171 -36.70 -3.05 -73.54
C TYR S 171 -35.94 -4.16 -74.26
N ALA S 172 -34.62 -4.02 -74.24
CA ALA S 172 -33.70 -4.96 -74.85
C ALA S 172 -32.48 -5.06 -73.94
N GLU S 173 -31.89 -6.23 -73.86
CA GLU S 173 -30.72 -6.43 -73.02
C GLU S 173 -29.48 -5.77 -73.62
N ASN S 174 -28.65 -5.19 -72.76
CA ASN S 174 -27.42 -4.53 -73.20
C ASN S 174 -27.58 -3.22 -73.95
N ALA S 175 -28.77 -2.62 -73.86
CA ALA S 175 -29.02 -1.38 -74.53
C ALA S 175 -27.93 -0.46 -74.02
N SER S 176 -27.50 0.50 -74.82
CA SER S 176 -26.47 1.39 -74.35
C SER S 176 -27.16 2.32 -73.37
N LEU S 177 -26.39 3.19 -72.73
CA LEU S 177 -26.99 4.09 -71.77
C LEU S 177 -27.98 5.06 -72.39
N THR S 178 -27.66 5.65 -73.53
CA THR S 178 -28.61 6.58 -74.15
C THR S 178 -29.88 5.92 -74.59
N ASP S 179 -29.75 4.74 -75.16
CA ASP S 179 -30.92 4.07 -75.63
C ASP S 179 -31.86 3.75 -74.50
N ALA S 180 -31.31 3.25 -73.41
CA ALA S 180 -32.10 2.92 -72.25
C ALA S 180 -32.70 4.16 -71.63
N LEU S 181 -31.92 5.22 -71.58
CA LEU S 181 -32.49 6.39 -71.00
C LEU S 181 -33.71 6.81 -71.82
N ARG S 182 -33.57 6.80 -73.15
CA ARG S 182 -34.66 7.20 -73.99
C ARG S 182 -35.85 6.29 -73.83
N ILE S 183 -35.66 4.97 -73.79
CA ILE S 183 -36.78 4.08 -73.65
C ILE S 183 -37.49 4.33 -72.35
N ALA S 184 -36.71 4.54 -71.30
CA ALA S 184 -37.30 4.76 -70.00
C ALA S 184 -38.10 6.03 -70.00
N VAL S 185 -37.59 7.11 -70.56
CA VAL S 185 -38.37 8.31 -70.57
C VAL S 185 -39.61 8.14 -71.44
N ALA S 186 -39.46 7.47 -72.57
CA ALA S 186 -40.60 7.29 -73.42
C ALA S 186 -41.62 6.44 -72.74
N ALA S 187 -41.19 5.36 -72.12
CA ALA S 187 -42.16 4.52 -71.45
C ALA S 187 -42.80 5.32 -70.35
N LEU S 188 -42.05 6.30 -69.88
CA LEU S 188 -42.55 7.14 -68.82
C LEU S 188 -43.77 7.93 -69.29
N ARG S 189 -43.74 8.41 -70.53
CA ARG S 189 -44.83 9.18 -71.14
C ARG S 189 -46.09 8.37 -71.24
N ALA S 190 -45.97 7.09 -71.48
CA ALA S 190 -47.17 6.28 -71.62
C ALA S 190 -48.07 6.43 -70.39
N GLY S 191 -47.49 6.58 -69.22
CA GLY S 191 -48.27 6.72 -68.01
C GLY S 191 -48.65 8.16 -67.68
N VAL S 205 -35.96 17.65 -68.19
CA VAL S 205 -34.83 17.73 -67.27
C VAL S 205 -35.13 18.35 -65.93
N ALA S 206 -35.80 19.49 -65.92
CA ALA S 206 -36.13 20.16 -64.68
C ALA S 206 -37.20 19.33 -63.98
N SER S 207 -37.75 18.43 -64.77
CA SER S 207 -38.78 17.53 -64.34
C SER S 207 -38.35 16.06 -64.09
N LEU S 208 -37.06 15.78 -64.05
CA LEU S 208 -36.63 14.40 -63.83
C LEU S 208 -35.45 14.15 -62.90
N GLU S 209 -35.33 12.89 -62.50
CA GLU S 209 -34.26 12.46 -61.61
C GLU S 209 -33.59 11.27 -62.28
N VAL S 210 -32.31 11.39 -62.55
CA VAL S 210 -31.60 10.28 -63.19
C VAL S 210 -30.27 9.93 -62.53
N ALA S 211 -30.02 8.64 -62.39
CA ALA S 211 -28.79 8.15 -61.80
C ALA S 211 -28.58 6.70 -62.21
N VAL S 212 -27.32 6.26 -62.12
CA VAL S 212 -27.01 4.89 -62.47
C VAL S 212 -26.07 4.22 -61.49
N LEU S 213 -26.17 2.91 -61.41
CA LEU S 213 -25.24 2.14 -60.66
C LEU S 213 -24.36 1.76 -61.80
N ASP S 214 -23.20 2.37 -61.87
CA ASP S 214 -22.31 2.17 -62.96
C ASP S 214 -21.33 1.08 -62.61
N ALA S 215 -21.48 -0.05 -63.27
CA ALA S 215 -20.60 -1.17 -63.02
C ALA S 215 -19.14 -0.94 -63.33
N ASN S 216 -18.81 0.19 -63.94
CA ASN S 216 -17.43 0.47 -64.26
C ASN S 216 -16.76 1.32 -63.21
N ARG S 217 -17.43 1.51 -62.09
CA ARG S 217 -16.86 2.21 -60.96
C ARG S 217 -16.08 1.24 -60.07
N PRO S 218 -14.81 1.54 -59.82
CA PRO S 218 -13.98 0.68 -58.95
C PRO S 218 -14.70 0.39 -57.65
N ARG S 219 -15.25 1.44 -57.05
CA ARG S 219 -16.07 1.33 -55.86
C ARG S 219 -17.10 2.45 -55.96
N ARG S 220 -18.14 2.39 -55.14
CA ARG S 220 -19.18 3.41 -55.19
C ARG S 220 -19.64 3.65 -56.62
N ALA S 221 -20.44 2.71 -57.10
CA ALA S 221 -21.04 2.72 -58.40
C ALA S 221 -22.10 3.80 -58.60
N PHE S 222 -22.84 4.16 -57.55
CA PHE S 222 -23.87 5.16 -57.70
C PHE S 222 -23.36 6.50 -58.14
N ARG S 223 -24.04 7.06 -59.12
CA ARG S 223 -23.70 8.38 -59.63
C ARG S 223 -24.91 9.00 -60.32
N ARG S 224 -25.13 10.29 -60.04
CA ARG S 224 -26.26 11.00 -60.62
C ARG S 224 -25.87 11.62 -61.95
N ILE S 225 -26.84 11.61 -62.87
CA ILE S 225 -26.66 12.22 -64.19
C ILE S 225 -27.57 13.44 -64.16
N THR S 226 -26.95 14.61 -64.01
CA THR S 226 -27.70 15.84 -63.90
C THR S 226 -27.19 16.97 -64.78
N GLY S 227 -28.06 17.96 -64.97
CA GLY S 227 -27.73 19.14 -65.75
C GLY S 227 -27.44 18.92 -67.22
N SER S 228 -26.50 19.70 -67.74
CA SER S 228 -26.10 19.62 -69.14
C SER S 228 -25.78 18.19 -69.54
N ALA S 229 -25.10 17.48 -68.64
CA ALA S 229 -24.72 16.09 -68.88
C ALA S 229 -25.95 15.25 -69.21
N LEU S 230 -26.99 15.42 -68.41
CA LEU S 230 -28.24 14.68 -68.61
C LEU S 230 -28.87 15.16 -69.90
N GLN S 231 -28.90 16.48 -70.05
CA GLN S 231 -29.42 17.13 -71.24
C GLN S 231 -28.88 16.38 -72.44
N ALA S 232 -27.56 16.15 -72.40
CA ALA S 232 -26.86 15.46 -73.47
C ALA S 232 -27.48 14.09 -73.82
N LEU S 233 -27.51 13.17 -72.85
CA LEU S 233 -28.06 11.84 -73.10
C LEU S 233 -29.49 11.87 -73.61
N LEU S 234 -30.10 13.04 -73.56
CA LEU S 234 -31.46 13.23 -74.02
C LEU S 234 -31.49 13.74 -75.46
N VAL S 235 -32.59 13.48 -76.18
CA VAL S 235 -32.72 13.95 -77.56
C VAL S 235 -34.14 14.43 -77.81
N THR T 1 6.91 4.26 -34.33
CA THR T 1 6.11 4.82 -35.40
C THR T 1 6.32 6.31 -35.63
N THR T 2 6.26 6.68 -36.88
CA THR T 2 6.32 8.09 -37.21
C THR T 2 5.44 8.33 -38.43
N ILE T 3 4.53 9.30 -38.29
CA ILE T 3 3.63 9.65 -39.37
C ILE T 3 3.79 11.14 -39.51
N VAL T 4 4.00 11.63 -40.72
CA VAL T 4 4.16 13.05 -40.93
C VAL T 4 3.14 13.56 -41.95
N ALA T 5 2.95 14.86 -41.94
CA ALA T 5 2.08 15.52 -42.87
C ALA T 5 2.63 16.88 -43.14
N LEU T 6 2.57 17.31 -44.38
CA LEU T 6 3.01 18.64 -44.73
C LEU T 6 2.21 19.24 -45.85
N LYS T 7 2.21 20.56 -45.93
CA LYS T 7 1.51 21.26 -46.98
C LYS T 7 2.47 21.72 -48.05
N TYR T 8 2.08 21.57 -49.30
CA TYR T 8 2.87 22.03 -50.41
C TYR T 8 1.87 22.85 -51.18
N PRO T 9 2.30 23.74 -52.06
CA PRO T 9 1.32 24.58 -52.71
C PRO T 9 0.32 23.77 -53.51
N GLY T 10 -0.95 23.99 -53.22
CA GLY T 10 -2.03 23.23 -53.80
C GLY T 10 -2.42 21.91 -53.15
N GLY T 11 -1.84 21.55 -52.02
CA GLY T 11 -2.21 20.31 -51.36
C GLY T 11 -1.40 19.89 -50.16
N VAL T 12 -1.67 18.67 -49.72
CA VAL T 12 -1.01 18.02 -48.60
C VAL T 12 -0.52 16.63 -48.93
N VAL T 13 0.52 16.21 -48.23
CA VAL T 13 1.06 14.88 -48.36
C VAL T 13 1.19 14.32 -46.93
N MET T 14 0.85 13.04 -46.76
CA MET T 14 0.99 12.36 -45.47
C MET T 14 1.69 11.04 -45.74
N ALA T 15 2.70 10.75 -44.93
CA ALA T 15 3.44 9.51 -45.12
C ALA T 15 3.75 8.88 -43.78
N GLY T 16 3.79 7.55 -43.77
CA GLY T 16 4.10 6.83 -42.55
C GLY T 16 5.08 5.69 -42.74
N ASP T 17 5.72 5.26 -41.66
CA ASP T 17 6.68 4.15 -41.70
C ASP T 17 5.90 2.83 -41.61
N ARG T 18 6.63 1.72 -41.67
CA ARG T 18 5.99 0.38 -41.68
C ARG T 18 6.23 -0.54 -40.48
N ARG T 19 6.94 -0.05 -39.47
CA ARG T 19 7.27 -0.86 -38.34
C ARG T 19 6.23 -1.05 -37.26
N SER T 20 6.32 -2.19 -36.61
CA SER T 20 5.42 -2.56 -35.54
C SER T 20 6.33 -3.20 -34.51
N THR T 21 6.14 -2.84 -33.24
CA THR T 21 6.97 -3.39 -32.17
C THR T 21 6.19 -3.89 -30.97
N GLN T 22 6.83 -4.85 -30.30
CA GLN T 22 6.32 -5.50 -29.09
C GLN T 22 7.56 -5.35 -28.20
N GLY T 23 7.62 -4.25 -27.47
CA GLY T 23 8.79 -3.99 -26.64
C GLY T 23 9.96 -3.68 -27.58
N ASN T 24 11.03 -4.47 -27.46
CA ASN T 24 12.21 -4.31 -28.30
C ASN T 24 12.12 -5.14 -29.58
N MET T 25 11.20 -6.08 -29.60
CA MET T 25 11.06 -6.95 -30.72
C MET T 25 10.27 -6.34 -31.85
N ILE T 26 10.78 -6.51 -33.05
CA ILE T 26 10.12 -6.06 -34.24
C ILE T 26 9.04 -7.07 -34.54
N SER T 27 7.79 -6.64 -34.52
CA SER T 27 6.71 -7.55 -34.80
C SER T 27 6.02 -7.32 -36.16
N GLY T 28 6.38 -6.24 -36.85
CA GLY T 28 5.77 -5.99 -38.14
C GLY T 28 6.74 -5.21 -38.99
N ARG T 29 6.78 -5.50 -40.29
CA ARG T 29 7.68 -4.80 -41.19
C ARG T 29 6.94 -4.13 -42.32
N ASP T 30 5.65 -4.38 -42.44
CA ASP T 30 4.88 -3.86 -43.56
C ASP T 30 3.57 -3.24 -43.18
N VAL T 31 3.44 -2.75 -41.96
CA VAL T 31 2.18 -2.16 -41.55
C VAL T 31 1.89 -0.90 -42.36
N ARG T 32 0.64 -0.74 -42.78
CA ARG T 32 0.21 0.45 -43.53
C ARG T 32 -0.48 1.34 -42.49
N LYS T 33 0.09 2.51 -42.26
CA LYS T 33 -0.48 3.39 -41.25
C LYS T 33 -1.24 4.62 -41.75
N VAL T 34 -1.18 4.90 -43.05
CA VAL T 34 -1.88 6.04 -43.61
C VAL T 34 -3.05 5.56 -44.47
N TYR T 35 -4.26 5.98 -44.13
CA TYR T 35 -5.44 5.57 -44.86
C TYR T 35 -6.13 6.73 -45.57
N ILE T 36 -6.72 6.44 -46.72
CA ILE T 36 -7.48 7.44 -47.42
C ILE T 36 -8.85 7.31 -46.77
N THR T 37 -9.26 8.31 -46.02
CA THR T 37 -10.55 8.26 -45.34
C THR T 37 -11.75 8.52 -46.23
N ASP T 38 -11.62 9.50 -47.12
CA ASP T 38 -12.65 9.84 -48.10
C ASP T 38 -11.92 10.50 -49.26
N ASP T 39 -12.64 11.00 -50.26
CA ASP T 39 -11.97 11.58 -51.42
C ASP T 39 -10.98 12.72 -51.14
N TYR T 40 -11.19 13.44 -50.05
CA TYR T 40 -10.30 14.56 -49.75
C TYR T 40 -9.64 14.53 -48.39
N THR T 41 -9.58 13.34 -47.79
CA THR T 41 -9.02 13.20 -46.46
C THR T 41 -8.20 11.96 -46.23
N ALA T 42 -7.12 12.10 -45.47
CA ALA T 42 -6.28 10.97 -45.12
C ALA T 42 -6.01 10.99 -43.61
N THR T 43 -5.95 9.81 -43.02
CA THR T 43 -5.69 9.67 -41.60
C THR T 43 -4.52 8.77 -41.36
N GLY T 44 -3.67 9.17 -40.42
CA GLY T 44 -2.49 8.39 -40.04
C GLY T 44 -2.56 8.22 -38.53
N ILE T 45 -2.49 6.99 -38.04
CA ILE T 45 -2.60 6.82 -36.61
C ILE T 45 -1.43 6.10 -35.97
N ALA T 46 -0.99 6.61 -34.83
CA ALA T 46 0.13 6.03 -34.11
C ALA T 46 -0.36 5.44 -32.78
N GLY T 47 0.48 4.62 -32.14
CA GLY T 47 0.10 4.03 -30.87
C GLY T 47 -0.26 2.56 -30.95
N THR T 48 -1.22 2.16 -30.14
CA THR T 48 -1.64 0.76 -30.13
C THR T 48 -2.34 0.35 -31.43
N ALA T 49 -1.63 -0.47 -32.21
CA ALA T 49 -2.11 -0.95 -33.50
C ALA T 49 -3.57 -1.34 -33.57
N ALA T 50 -4.00 -2.20 -32.65
CA ALA T 50 -5.39 -2.64 -32.67
C ALA T 50 -6.34 -1.46 -32.68
N VAL T 51 -6.07 -0.50 -31.80
CA VAL T 51 -6.94 0.66 -31.70
C VAL T 51 -6.79 1.58 -32.93
N ALA T 52 -5.56 1.80 -33.35
CA ALA T 52 -5.30 2.65 -34.50
C ALA T 52 -6.10 2.20 -35.74
N VAL T 53 -6.07 0.90 -36.03
CA VAL T 53 -6.78 0.37 -37.19
C VAL T 53 -8.28 0.54 -37.03
N GLU T 54 -8.80 0.18 -35.86
CA GLU T 54 -10.23 0.30 -35.62
C GLU T 54 -10.65 1.76 -35.87
N PHE T 55 -9.89 2.72 -35.35
CA PHE T 55 -10.20 4.14 -35.51
C PHE T 55 -10.36 4.54 -36.97
N ALA T 56 -9.34 4.23 -37.77
CA ALA T 56 -9.33 4.58 -39.19
C ALA T 56 -10.53 3.98 -39.90
N ARG T 57 -10.79 2.73 -39.64
CA ARG T 57 -11.91 2.08 -40.26
C ARG T 57 -13.24 2.67 -39.82
N LEU T 58 -13.44 2.78 -38.53
CA LEU T 58 -14.70 3.34 -38.05
C LEU T 58 -14.90 4.77 -38.57
N TYR T 59 -13.83 5.57 -38.51
CA TYR T 59 -13.90 6.96 -38.96
C TYR T 59 -14.37 7.08 -40.41
N ALA T 60 -13.74 6.30 -41.30
CA ALA T 60 -14.12 6.35 -42.71
C ALA T 60 -15.58 5.96 -42.90
N VAL T 61 -16.02 4.94 -42.17
CA VAL T 61 -17.41 4.54 -42.26
C VAL T 61 -18.32 5.67 -41.79
N GLU T 62 -17.97 6.31 -40.69
CA GLU T 62 -18.80 7.40 -40.16
C GLU T 62 -18.91 8.57 -41.20
N LEU T 63 -17.79 8.93 -41.83
CA LEU T 63 -17.79 10.00 -42.82
C LEU T 63 -18.70 9.68 -44.01
N GLU T 64 -18.63 8.49 -44.54
CA GLU T 64 -19.42 8.09 -45.67
C GLU T 64 -20.84 7.82 -45.28
N HIS T 65 -21.06 7.51 -44.02
CA HIS T 65 -22.40 7.27 -43.53
C HIS T 65 -23.19 8.57 -43.54
N TYR T 66 -22.52 9.66 -43.16
CA TYR T 66 -23.13 10.97 -43.13
C TYR T 66 -23.46 11.37 -44.55
N GLU T 67 -22.48 11.22 -45.44
CA GLU T 67 -22.63 11.58 -46.84
C GLU T 67 -23.84 10.92 -47.51
N LYS T 68 -24.00 9.62 -47.33
CA LYS T 68 -25.11 8.92 -47.94
C LYS T 68 -26.42 9.35 -47.32
N LEU T 69 -26.41 9.55 -46.01
CA LEU T 69 -27.60 9.96 -45.31
C LEU T 69 -28.09 11.35 -45.67
N GLU T 70 -27.16 12.30 -45.73
CA GLU T 70 -27.52 13.67 -45.96
C GLU T 70 -27.30 14.16 -47.38
N GLY T 71 -26.81 13.29 -48.24
CA GLY T 71 -26.56 13.68 -49.61
C GLY T 71 -25.36 14.56 -49.86
N VAL T 72 -24.70 15.01 -48.80
CA VAL T 72 -23.54 15.88 -48.97
C VAL T 72 -22.44 15.54 -47.95
N PRO T 73 -21.17 15.75 -48.30
CA PRO T 73 -20.11 15.44 -47.35
C PRO T 73 -20.14 16.38 -46.16
N LEU T 74 -19.57 15.93 -45.05
CA LEU T 74 -19.44 16.71 -43.83
C LEU T 74 -18.45 17.84 -44.14
N THR T 75 -18.61 19.01 -43.53
CA THR T 75 -17.66 20.10 -43.76
C THR T 75 -16.34 19.65 -43.14
N PHE T 76 -15.22 20.26 -43.51
CA PHE T 76 -13.96 19.83 -42.92
C PHE T 76 -13.98 19.94 -41.38
N ALA T 77 -14.59 21.00 -40.87
CA ALA T 77 -14.66 21.19 -39.43
C ALA T 77 -15.45 20.05 -38.77
N GLY T 78 -16.51 19.60 -39.41
CA GLY T 78 -17.29 18.51 -38.87
C GLY T 78 -16.44 17.24 -38.83
N LYS T 79 -15.62 17.04 -39.86
CA LYS T 79 -14.77 15.87 -39.90
C LYS T 79 -13.84 15.89 -38.69
N ILE T 80 -13.23 17.04 -38.44
CA ILE T 80 -12.32 17.20 -37.33
C ILE T 80 -13.04 16.84 -36.02
N ASN T 81 -14.23 17.37 -35.85
CA ASN T 81 -14.96 17.13 -34.64
C ASN T 81 -15.28 15.68 -34.41
N ARG T 82 -15.68 14.98 -35.43
CA ARG T 82 -16.01 13.58 -35.30
C ARG T 82 -14.84 12.72 -34.90
N LEU T 83 -13.68 13.02 -35.43
CA LEU T 83 -12.46 12.36 -35.05
C LEU T 83 -12.08 12.64 -33.58
N ALA T 84 -12.25 13.88 -33.14
CA ALA T 84 -11.96 14.31 -31.78
C ALA T 84 -12.81 13.64 -30.73
N ILE T 85 -14.08 13.47 -31.06
CA ILE T 85 -15.05 12.83 -30.22
C ILE T 85 -14.69 11.38 -30.00
N MET T 86 -14.22 10.77 -31.06
CA MET T 86 -13.77 9.41 -31.10
C MET T 86 -12.53 9.18 -30.25
N VAL T 87 -11.58 10.09 -30.30
CA VAL T 87 -10.38 10.02 -29.51
C VAL T 87 -10.62 10.19 -28.03
N ARG T 88 -11.50 11.11 -27.70
CA ARG T 88 -11.89 11.41 -26.35
C ARG T 88 -12.56 10.20 -25.76
N GLY T 89 -13.36 9.52 -26.56
CA GLY T 89 -14.12 8.37 -26.18
C GLY T 89 -13.28 7.21 -25.71
N ASN T 90 -12.06 7.17 -26.22
CA ASN T 90 -11.10 6.17 -25.88
C ASN T 90 -10.18 6.54 -24.76
N LEU T 91 -10.40 7.68 -24.13
CA LEU T 91 -9.46 8.16 -23.13
C LEU T 91 -9.24 7.25 -21.92
N ALA T 92 -10.28 6.63 -21.41
CA ALA T 92 -10.12 5.64 -20.38
C ALA T 92 -9.31 4.40 -20.80
N ALA T 93 -9.60 3.86 -21.97
CA ALA T 93 -8.86 2.75 -22.55
C ALA T 93 -7.44 3.17 -22.84
N ALA T 94 -7.24 4.38 -23.29
CA ALA T 94 -5.90 4.87 -23.53
C ALA T 94 -5.05 4.87 -22.25
N MET T 95 -5.68 5.14 -21.13
CA MET T 95 -5.02 5.16 -19.84
C MET T 95 -4.55 3.77 -19.41
N GLN T 96 -5.14 2.76 -20.01
CA GLN T 96 -4.75 1.40 -19.74
C GLN T 96 -3.90 0.74 -20.77
N GLY T 97 -3.36 1.50 -21.72
CA GLY T 97 -2.56 0.92 -22.78
C GLY T 97 -3.18 0.81 -24.16
N LEU T 98 -4.36 1.37 -24.32
CA LEU T 98 -5.00 1.37 -25.61
C LEU T 98 -4.93 2.73 -26.28
N LEU T 99 -3.84 3.45 -26.08
CA LEU T 99 -3.69 4.75 -26.66
C LEU T 99 -3.43 4.82 -28.16
N ALA T 100 -4.25 5.59 -28.84
CA ALA T 100 -4.09 5.82 -30.26
C ALA T 100 -4.26 7.30 -30.61
N LEU T 101 -3.27 7.88 -31.26
CA LEU T 101 -3.33 9.27 -31.66
C LEU T 101 -3.33 9.46 -33.15
N PRO T 102 -4.34 10.11 -33.66
CA PRO T 102 -4.38 10.29 -35.10
C PRO T 102 -3.79 11.61 -35.56
N LEU T 103 -3.47 11.67 -36.85
CA LEU T 103 -2.97 12.85 -37.51
C LEU T 103 -3.89 12.90 -38.73
N LEU T 104 -4.48 14.07 -38.98
CA LEU T 104 -5.43 14.25 -40.08
C LEU T 104 -4.93 15.22 -41.14
N ALA T 105 -5.05 14.81 -42.40
CA ALA T 105 -4.64 15.67 -43.50
C ALA T 105 -5.78 15.71 -44.50
N GLY T 106 -6.02 16.89 -45.07
CA GLY T 106 -7.10 16.98 -46.04
C GLY T 106 -6.98 18.19 -46.93
N TYR T 107 -7.85 18.25 -47.90
CA TYR T 107 -7.92 19.36 -48.82
C TYR T 107 -9.32 19.83 -48.69
N ASP T 108 -9.53 21.10 -48.42
CA ASP T 108 -10.89 21.61 -48.27
C ASP T 108 -11.42 22.30 -49.52
N ILE T 109 -12.35 21.65 -50.21
CA ILE T 109 -12.91 22.13 -51.47
C ILE T 109 -13.62 23.46 -51.33
N HIS T 110 -14.26 23.65 -50.19
CA HIS T 110 -15.00 24.84 -49.85
C HIS T 110 -14.15 25.95 -49.30
N ALA T 111 -12.85 25.69 -49.22
CA ALA T 111 -11.95 26.69 -48.73
C ALA T 111 -12.00 27.86 -49.68
N SER T 112 -11.71 29.02 -49.13
CA SER T 112 -11.65 30.26 -49.85
C SER T 112 -10.58 30.32 -50.94
N ASP T 113 -9.38 29.86 -50.66
CA ASP T 113 -8.33 29.93 -51.65
C ASP T 113 -7.58 28.62 -51.81
N PRO T 114 -7.54 28.13 -53.02
CA PRO T 114 -6.98 26.83 -53.39
C PRO T 114 -5.50 26.53 -53.21
N GLN T 115 -4.59 27.45 -53.45
CA GLN T 115 -3.21 27.07 -53.25
C GLN T 115 -3.05 26.83 -51.76
N SER T 116 -3.97 27.38 -51.00
CA SER T 116 -3.99 27.28 -49.54
C SER T 116 -5.00 26.31 -48.86
N ALA T 117 -5.73 25.51 -49.62
CA ALA T 117 -6.80 24.66 -49.11
C ALA T 117 -6.38 23.43 -48.31
N GLY T 118 -5.09 23.16 -48.30
CA GLY T 118 -4.56 22.02 -47.60
C GLY T 118 -4.77 22.16 -46.10
N ARG T 119 -5.03 21.04 -45.44
CA ARG T 119 -5.26 21.07 -44.00
C ARG T 119 -4.52 19.97 -43.28
N ILE T 120 -3.97 20.32 -42.13
CA ILE T 120 -3.27 19.38 -41.28
C ILE T 120 -3.76 19.59 -39.86
N VAL T 121 -4.32 18.55 -39.26
CA VAL T 121 -4.83 18.64 -37.88
C VAL T 121 -4.20 17.58 -36.96
N SER T 122 -3.62 18.03 -35.85
CA SER T 122 -3.03 17.10 -34.88
C SER T 122 -4.00 16.95 -33.68
N PHE T 123 -3.89 15.84 -32.97
CA PHE T 123 -4.77 15.57 -31.82
C PHE T 123 -3.99 15.09 -30.60
N ASP T 124 -4.43 15.45 -29.39
CA ASP T 124 -3.76 14.95 -28.21
C ASP T 124 -4.66 13.87 -27.66
N ALA T 125 -4.17 13.13 -26.67
CA ALA T 125 -4.92 12.01 -26.08
C ALA T 125 -6.28 12.33 -25.51
N ALA T 126 -6.54 13.59 -25.17
CA ALA T 126 -7.85 13.95 -24.63
C ALA T 126 -8.82 14.36 -25.74
N GLY T 127 -8.36 14.32 -26.99
CA GLY T 127 -9.23 14.70 -28.10
C GLY T 127 -9.01 16.15 -28.52
N GLY T 128 -8.09 16.84 -27.85
CA GLY T 128 -7.81 18.22 -28.19
C GLY T 128 -7.22 18.26 -29.60
N TRP T 129 -7.81 19.08 -30.47
CA TRP T 129 -7.30 19.19 -31.81
C TRP T 129 -6.71 20.56 -32.09
N ASN T 130 -5.84 20.61 -33.08
CA ASN T 130 -5.20 21.84 -33.49
C ASN T 130 -4.92 21.82 -35.00
N ILE T 131 -5.47 22.81 -35.69
CA ILE T 131 -5.23 22.98 -37.11
C ILE T 131 -3.83 23.59 -37.22
N GLU T 132 -2.90 22.83 -37.77
CA GLU T 132 -1.54 23.29 -37.90
C GLU T 132 -1.39 24.43 -38.87
N GLU T 133 -0.74 25.50 -38.43
CA GLU T 133 -0.56 26.66 -39.29
C GLU T 133 0.87 26.80 -39.77
N GLU T 134 1.79 26.00 -39.24
CA GLU T 134 3.17 26.14 -39.68
C GLU T 134 3.64 25.24 -40.83
N GLY T 135 2.71 24.56 -41.49
CA GLY T 135 3.08 23.75 -42.65
C GLY T 135 3.26 22.25 -42.48
N TYR T 136 3.66 21.81 -41.30
CA TYR T 136 3.87 20.38 -41.10
C TYR T 136 3.59 19.94 -39.69
N GLN T 137 3.49 18.63 -39.51
CA GLN T 137 3.22 18.04 -38.20
C GLN T 137 3.59 16.57 -38.25
N ALA T 138 3.73 15.96 -37.09
CA ALA T 138 4.07 14.55 -37.04
C ALA T 138 3.55 13.95 -35.75
N VAL T 139 3.34 12.65 -35.75
CA VAL T 139 2.86 11.98 -34.58
C VAL T 139 3.59 10.63 -34.46
N GLY T 140 3.68 10.13 -33.23
CA GLY T 140 4.36 8.87 -32.97
C GLY T 140 5.67 9.04 -32.21
N SER T 141 6.24 7.91 -31.80
CA SER T 141 7.51 7.88 -31.08
C SER T 141 8.69 8.54 -31.79
N GLY T 142 8.57 8.85 -33.07
CA GLY T 142 9.69 9.50 -33.73
C GLY T 142 9.32 10.89 -34.20
N SER T 143 8.11 11.33 -33.83
CA SER T 143 7.63 12.64 -34.25
C SER T 143 8.55 13.84 -33.95
N LEU T 144 9.26 13.82 -32.83
CA LEU T 144 10.14 14.95 -32.53
C LEU T 144 11.24 15.02 -33.54
N PHE T 145 11.85 13.88 -33.81
CA PHE T 145 12.93 13.79 -34.76
C PHE T 145 12.49 14.22 -36.14
N ALA T 146 11.30 13.81 -36.55
CA ALA T 146 10.76 14.15 -37.86
C ALA T 146 10.44 15.65 -37.94
N LYS T 147 9.83 16.21 -36.90
CA LYS T 147 9.52 17.64 -36.91
C LYS T 147 10.77 18.49 -36.94
N SER T 148 11.82 18.09 -36.23
CA SER T 148 13.03 18.89 -36.23
C SER T 148 13.71 18.80 -37.57
N SER T 149 13.47 17.70 -38.25
CA SER T 149 14.05 17.51 -39.57
C SER T 149 13.28 18.39 -40.59
N MET T 150 11.96 18.32 -40.52
CA MET T 150 11.13 19.10 -41.40
C MET T 150 11.35 20.60 -41.19
N LYS T 151 11.59 21.03 -39.97
CA LYS T 151 11.82 22.43 -39.74
C LYS T 151 12.98 22.94 -40.59
N LYS T 152 14.02 22.15 -40.71
CA LYS T 152 15.16 22.57 -41.50
C LYS T 152 14.99 22.31 -43.01
N LEU T 153 14.02 21.48 -43.39
CA LEU T 153 13.87 21.14 -44.78
C LEU T 153 12.65 21.76 -45.46
N TYR T 154 11.70 22.23 -44.66
CA TYR T 154 10.48 22.75 -45.23
C TYR T 154 10.64 23.81 -46.30
N SER T 155 11.69 24.61 -46.21
CA SER T 155 11.91 25.65 -47.19
C SER T 155 12.08 25.12 -48.61
N GLN T 156 12.51 23.86 -48.76
CA GLN T 156 12.69 23.26 -50.08
C GLN T 156 11.39 22.75 -50.68
N VAL T 157 10.28 22.91 -49.95
CA VAL T 157 9.00 22.43 -50.45
C VAL T 157 8.33 23.44 -51.36
N THR T 158 8.38 23.16 -52.67
CA THR T 158 7.78 24.06 -53.63
C THR T 158 6.62 23.46 -54.42
N ASP T 159 6.44 22.15 -54.28
CA ASP T 159 5.37 21.45 -54.98
C ASP T 159 5.19 20.05 -54.40
N GLY T 160 4.24 19.32 -54.95
CA GLY T 160 3.94 17.99 -54.49
C GLY T 160 5.13 17.03 -54.44
N ASP T 161 6.09 17.15 -55.37
CA ASP T 161 7.19 16.20 -55.34
C ASP T 161 8.30 16.59 -54.39
N SER T 162 8.51 17.88 -54.26
CA SER T 162 9.53 18.33 -53.34
C SER T 162 8.97 18.08 -51.92
N GLY T 163 7.64 18.13 -51.80
CA GLY T 163 7.00 17.91 -50.52
C GLY T 163 7.12 16.46 -50.09
N LEU T 164 6.86 15.55 -51.03
CA LEU T 164 6.93 14.13 -50.79
C LEU T 164 8.37 13.76 -50.45
N ARG T 165 9.31 14.42 -51.10
CA ARG T 165 10.71 14.12 -50.81
C ARG T 165 11.04 14.55 -49.38
N VAL T 166 10.50 15.69 -48.95
CA VAL T 166 10.76 16.17 -47.61
C VAL T 166 10.15 15.20 -46.61
N ALA T 167 8.93 14.78 -46.86
CA ALA T 167 8.24 13.85 -45.98
C ALA T 167 9.03 12.55 -45.77
N VAL T 168 9.54 11.99 -46.87
CA VAL T 168 10.30 10.75 -46.81
C VAL T 168 11.60 10.97 -46.09
N GLU T 169 12.21 12.13 -46.30
CA GLU T 169 13.45 12.37 -45.60
C GLU T 169 13.18 12.54 -44.09
N ALA T 170 12.04 13.14 -43.73
CA ALA T 170 11.74 13.32 -42.33
C ALA T 170 11.56 11.92 -41.67
N LEU T 171 10.84 11.03 -42.35
CA LEU T 171 10.64 9.66 -41.86
C LEU T 171 12.00 8.98 -41.75
N TYR T 172 12.90 9.28 -42.68
CA TYR T 172 14.21 8.66 -42.66
C TYR T 172 14.96 9.12 -41.42
N ASP T 173 14.86 10.38 -41.08
CA ASP T 173 15.51 10.95 -39.93
C ASP T 173 14.91 10.38 -38.65
N ALA T 174 13.61 10.20 -38.65
CA ALA T 174 12.92 9.64 -37.50
C ALA T 174 13.50 8.24 -37.23
N ALA T 175 13.59 7.39 -38.27
CA ALA T 175 14.12 6.03 -38.12
C ALA T 175 15.56 6.00 -37.72
N ASP T 176 16.29 7.04 -38.11
CA ASP T 176 17.69 7.16 -37.78
C ASP T 176 17.89 7.34 -36.27
N ASP T 177 16.92 7.94 -35.61
CA ASP T 177 17.00 8.19 -34.18
C ASP T 177 16.01 7.42 -33.28
N ASP T 178 14.94 6.87 -33.82
CA ASP T 178 13.96 6.13 -33.07
C ASP T 178 13.89 4.66 -33.54
N SER T 179 14.41 3.74 -32.72
CA SER T 179 14.40 2.32 -33.06
C SER T 179 12.98 1.80 -33.27
N ALA T 180 11.96 2.52 -32.77
CA ALA T 180 10.58 2.08 -32.98
C ALA T 180 10.04 2.51 -34.33
N THR T 181 10.84 3.22 -35.11
CA THR T 181 10.38 3.64 -36.44
C THR T 181 11.24 2.91 -37.50
N GLY T 182 10.56 2.35 -38.50
CA GLY T 182 11.30 1.62 -39.52
C GLY T 182 11.81 2.43 -40.70
N GLY T 183 13.10 2.31 -40.97
CA GLY T 183 13.68 3.00 -42.10
C GLY T 183 13.38 2.24 -43.39
N PRO T 184 13.87 2.68 -44.53
CA PRO T 184 13.67 1.93 -45.77
C PRO T 184 14.34 0.57 -45.75
N ASP T 185 13.60 -0.51 -45.98
CA ASP T 185 14.15 -1.85 -46.02
C ASP T 185 14.51 -2.19 -47.46
N LEU T 186 15.78 -2.09 -47.75
CA LEU T 186 16.28 -2.26 -49.09
C LEU T 186 16.31 -3.70 -49.52
N VAL T 187 16.74 -4.57 -48.62
CA VAL T 187 16.79 -6.00 -48.86
C VAL T 187 15.43 -6.55 -49.16
N ARG T 188 14.43 -6.07 -48.48
CA ARG T 188 13.09 -6.58 -48.74
C ARG T 188 12.23 -5.68 -49.64
N GLY T 189 12.75 -4.52 -50.01
CA GLY T 189 11.95 -3.63 -50.85
C GLY T 189 10.71 -3.09 -50.16
N ILE T 190 10.80 -2.76 -48.87
CA ILE T 190 9.64 -2.20 -48.15
C ILE T 190 9.94 -0.75 -47.81
N PHE T 191 9.02 0.12 -48.20
CA PHE T 191 9.21 1.54 -47.99
C PHE T 191 8.03 2.18 -47.32
N PRO T 192 8.20 3.40 -46.83
CA PRO T 192 7.12 4.13 -46.17
C PRO T 192 5.98 4.25 -47.17
N THR T 193 4.74 4.40 -46.69
CA THR T 193 3.63 4.61 -47.62
C THR T 193 3.28 6.09 -47.56
N ALA T 194 2.56 6.59 -48.57
CA ALA T 194 2.19 7.99 -48.62
C ALA T 194 0.94 8.26 -49.43
N VAL T 195 0.24 9.31 -49.02
CA VAL T 195 -0.98 9.76 -49.69
C VAL T 195 -0.82 11.24 -50.01
N ILE T 196 -1.23 11.61 -51.22
CA ILE T 196 -1.17 13.01 -51.61
C ILE T 196 -2.59 13.44 -51.87
N ILE T 197 -2.90 14.66 -51.47
CA ILE T 197 -4.24 15.14 -51.71
C ILE T 197 -4.20 16.55 -52.30
N ASP T 198 -4.95 16.76 -53.36
CA ASP T 198 -5.08 18.07 -53.95
C ASP T 198 -6.48 18.25 -54.44
N ALA T 199 -6.70 19.23 -55.28
CA ALA T 199 -8.05 19.49 -55.73
C ALA T 199 -8.68 18.36 -56.51
N ASP T 200 -7.86 17.45 -57.03
CA ASP T 200 -8.40 16.28 -57.69
C ASP T 200 -8.66 15.09 -56.77
N GLY T 201 -8.44 15.27 -55.46
CA GLY T 201 -8.68 14.18 -54.53
C GLY T 201 -7.45 13.49 -53.93
N ALA T 202 -7.72 12.54 -53.04
CA ALA T 202 -6.69 11.79 -52.33
C ALA T 202 -6.22 10.61 -53.15
N VAL T 203 -4.91 10.45 -53.24
CA VAL T 203 -4.35 9.39 -54.05
C VAL T 203 -3.20 8.70 -53.35
N ASP T 204 -3.09 7.38 -53.49
CA ASP T 204 -1.96 6.67 -52.89
C ASP T 204 -0.73 6.90 -53.75
N VAL T 205 0.39 7.21 -53.12
CA VAL T 205 1.60 7.41 -53.88
C VAL T 205 2.16 6.03 -54.28
N PRO T 206 2.62 5.88 -55.53
CA PRO T 206 3.17 4.60 -55.97
C PRO T 206 4.45 4.27 -55.17
N GLU T 207 4.51 3.07 -54.60
CA GLU T 207 5.67 2.63 -53.80
C GLU T 207 6.99 2.92 -54.51
N SER T 208 7.02 2.67 -55.81
CA SER T 208 8.21 2.89 -56.61
C SER T 208 8.70 4.35 -56.47
N ARG T 209 7.77 5.29 -56.37
CA ARG T 209 8.14 6.70 -56.22
C ARG T 209 8.85 6.91 -54.86
N ILE T 210 8.25 6.38 -53.80
CA ILE T 210 8.82 6.53 -52.48
C ILE T 210 10.20 5.86 -52.41
N ALA T 211 10.34 4.69 -53.06
CA ALA T 211 11.62 3.98 -53.06
C ALA T 211 12.74 4.76 -53.74
N GLU T 212 12.40 5.47 -54.83
CA GLU T 212 13.37 6.26 -55.57
C GLU T 212 13.83 7.43 -54.69
N LEU T 213 12.88 8.03 -53.97
CA LEU T 213 13.19 9.12 -53.05
C LEU T 213 14.10 8.59 -51.89
N ALA T 214 13.70 7.47 -51.28
CA ALA T 214 14.47 6.85 -50.20
C ALA T 214 15.88 6.48 -50.65
N ARG T 215 16.00 5.90 -51.84
CA ARG T 215 17.33 5.53 -52.31
C ARG T 215 18.11 6.82 -52.58
N ALA T 216 17.41 7.87 -53.03
CA ALA T 216 18.12 9.13 -53.29
C ALA T 216 18.67 9.69 -51.98
N ILE T 217 17.85 9.69 -50.92
CA ILE T 217 18.31 10.17 -49.60
C ILE T 217 19.53 9.32 -49.17
N ILE T 218 19.39 8.00 -49.25
CA ILE T 218 20.50 7.15 -48.88
C ILE T 218 21.76 7.47 -49.67
N GLU T 219 21.64 7.59 -51.00
CA GLU T 219 22.81 7.89 -51.85
C GLU T 219 23.43 9.21 -51.40
N SER T 220 22.56 10.18 -51.16
CA SER T 220 22.95 11.49 -50.71
C SER T 220 23.73 11.43 -49.37
N ARG T 221 23.19 10.74 -48.36
CA ARG T 221 23.85 10.64 -47.05
C ARG T 221 25.20 9.90 -47.12
N SER T 222 25.45 9.16 -48.20
CA SER T 222 26.70 8.39 -48.33
C SER T 222 27.95 9.14 -48.85
N SER U 8 -64.76 8.34 -34.39
CA SER U 8 -65.17 9.72 -34.79
C SER U 8 -64.24 10.79 -34.20
N PRO U 9 -62.98 10.84 -34.69
CA PRO U 9 -61.98 11.80 -34.22
C PRO U 9 -62.59 13.17 -33.95
N GLU U 10 -63.36 13.64 -34.92
CA GLU U 10 -64.02 14.93 -34.84
C GLU U 10 -65.10 14.98 -33.76
N GLN U 11 -65.75 13.85 -33.52
CA GLN U 11 -66.79 13.77 -32.50
C GLN U 11 -66.15 13.89 -31.12
N ALA U 12 -65.15 13.05 -30.86
CA ALA U 12 -64.43 13.05 -29.58
C ALA U 12 -63.99 14.47 -29.26
N MET U 13 -63.32 15.10 -30.22
CA MET U 13 -62.85 16.46 -30.07
C MET U 13 -63.98 17.38 -29.57
N ARG U 14 -65.16 17.25 -30.16
CA ARG U 14 -66.30 18.08 -29.78
C ARG U 14 -66.81 17.76 -28.39
N GLU U 15 -67.01 16.48 -28.09
CA GLU U 15 -67.50 16.09 -26.77
C GLU U 15 -66.58 16.53 -25.64
N ARG U 16 -65.31 16.17 -25.76
CA ARG U 16 -64.32 16.53 -24.77
C ARG U 16 -64.39 18.04 -24.55
N SER U 17 -64.35 18.77 -25.65
CA SER U 17 -64.41 20.23 -25.61
C SER U 17 -65.66 20.71 -24.87
N GLU U 18 -66.79 20.07 -25.16
CA GLU U 18 -68.05 20.44 -24.54
C GLU U 18 -67.98 20.17 -23.04
N LEU U 19 -67.58 18.95 -22.70
CA LEU U 19 -67.44 18.52 -21.31
C LEU U 19 -66.63 19.54 -20.51
N ALA U 20 -65.60 20.09 -21.15
CA ALA U 20 -64.73 21.06 -20.51
C ALA U 20 -65.44 22.40 -20.34
N ARG U 21 -65.93 22.94 -21.43
CA ARG U 21 -66.61 24.23 -21.39
C ARG U 21 -67.74 24.24 -20.36
N LYS U 22 -68.49 23.14 -20.28
CA LYS U 22 -69.58 23.04 -19.33
C LYS U 22 -69.09 23.14 -17.90
N GLY U 23 -68.05 22.37 -17.58
CA GLY U 23 -67.50 22.42 -16.24
C GLY U 23 -67.06 23.81 -15.83
N ILE U 24 -66.40 24.51 -16.75
CA ILE U 24 -65.93 25.86 -16.46
C ILE U 24 -67.11 26.82 -16.30
N ALA U 25 -68.17 26.55 -17.05
CA ALA U 25 -69.38 27.36 -17.00
C ALA U 25 -70.05 27.28 -15.62
N ARG U 26 -70.19 26.08 -15.08
CA ARG U 26 -70.83 25.92 -13.79
C ARG U 26 -69.95 26.40 -12.63
N ALA U 27 -68.79 26.94 -12.93
CA ALA U 27 -67.88 27.39 -11.88
C ALA U 27 -67.94 28.88 -11.64
N LYS U 28 -67.52 29.31 -10.44
CA LYS U 28 -67.52 30.72 -10.09
C LYS U 28 -66.59 31.51 -11.01
N SER U 29 -66.81 32.82 -11.09
CA SER U 29 -66.02 33.66 -11.97
C SER U 29 -64.82 34.35 -11.36
N VAL U 30 -63.81 34.61 -12.19
CA VAL U 30 -62.59 35.26 -11.75
C VAL U 30 -62.21 36.34 -12.73
N VAL U 31 -61.66 37.42 -12.21
CA VAL U 31 -61.24 38.52 -13.06
C VAL U 31 -59.86 39.04 -12.68
N ALA U 32 -59.12 39.40 -13.71
CA ALA U 32 -57.80 39.97 -13.60
C ALA U 32 -57.72 41.22 -14.42
N LEU U 33 -57.17 42.29 -13.89
CA LEU U 33 -56.99 43.45 -14.73
C LEU U 33 -55.83 44.31 -14.38
N ALA U 34 -55.31 44.97 -15.40
CA ALA U 34 -54.24 45.92 -15.25
C ALA U 34 -54.76 47.18 -14.58
N TYR U 35 -53.90 47.84 -13.86
CA TYR U 35 -54.27 49.01 -13.16
C TYR U 35 -52.97 49.70 -12.94
N ALA U 36 -53.01 50.90 -12.42
CA ALA U 36 -51.83 51.72 -12.42
C ALA U 36 -50.70 51.12 -11.64
N GLY U 37 -51.03 50.48 -10.53
CA GLY U 37 -50.04 49.94 -9.65
C GLY U 37 -49.48 48.57 -9.95
N GLY U 38 -50.12 47.83 -10.86
CA GLY U 38 -49.76 46.46 -11.12
C GLY U 38 -50.89 45.68 -11.75
N VAL U 39 -51.19 44.52 -11.20
CA VAL U 39 -52.33 43.77 -11.68
C VAL U 39 -53.19 43.45 -10.49
N LEU U 40 -54.48 43.34 -10.67
CA LEU U 40 -55.37 43.00 -9.58
C LEU U 40 -56.17 41.75 -9.88
N PHE U 41 -56.28 40.90 -8.89
CA PHE U 41 -56.97 39.63 -9.02
C PHE U 41 -58.15 39.63 -8.07
N VAL U 42 -59.33 39.36 -8.60
CA VAL U 42 -60.53 39.31 -7.80
C VAL U 42 -61.38 38.14 -8.28
N ALA U 43 -61.71 37.26 -7.34
CA ALA U 43 -62.50 36.10 -7.65
C ALA U 43 -63.60 35.85 -6.62
N GLU U 44 -64.70 35.29 -7.10
CA GLU U 44 -65.81 34.96 -6.25
C GLU U 44 -65.36 33.69 -5.52
N ASN U 45 -65.06 33.82 -4.23
CA ASN U 45 -64.60 32.70 -3.42
C ASN U 45 -65.06 32.68 -1.95
N PRO U 46 -66.02 31.81 -1.65
CA PRO U 46 -66.59 31.66 -0.31
C PRO U 46 -65.65 31.05 0.73
N SER U 47 -64.87 30.06 0.33
CA SER U 47 -63.94 29.38 1.23
C SER U 47 -62.82 30.20 1.85
N ARG U 48 -62.66 30.01 3.15
CA ARG U 48 -61.63 30.71 3.92
C ARG U 48 -60.21 30.27 3.54
N SER U 49 -60.01 28.97 3.36
CA SER U 49 -58.69 28.46 3.00
C SER U 49 -58.40 28.02 1.56
N LEU U 50 -59.41 27.59 0.80
CA LEU U 50 -59.17 27.17 -0.57
C LEU U 50 -58.81 28.39 -1.42
N GLN U 51 -57.83 28.26 -2.31
CA GLN U 51 -57.46 29.40 -3.13
C GLN U 51 -57.40 29.24 -4.65
N LYS U 52 -57.94 30.23 -5.34
CA LYS U 52 -58.01 30.31 -6.78
C LYS U 52 -56.94 31.25 -7.34
N ILE U 53 -56.35 32.07 -6.50
CA ILE U 53 -55.37 33.07 -6.91
C ILE U 53 -54.08 32.78 -6.15
N SER U 54 -52.96 32.77 -6.85
CA SER U 54 -51.71 32.45 -6.17
C SER U 54 -50.48 33.06 -6.79
N GLU U 55 -49.43 33.16 -5.98
CA GLU U 55 -48.15 33.65 -6.46
C GLU U 55 -47.48 32.50 -7.24
N LEU U 56 -46.76 32.81 -8.32
CA LEU U 56 -46.05 31.80 -9.09
C LEU U 56 -44.55 32.04 -8.93
N TYR U 57 -44.16 33.30 -9.15
CA TYR U 57 -42.76 33.69 -9.01
C TYR U 57 -42.70 35.17 -8.63
N ASP U 58 -41.49 35.70 -8.48
CA ASP U 58 -41.30 37.08 -8.08
C ASP U 58 -42.31 38.12 -8.59
N ARG U 59 -42.49 38.20 -9.91
CA ARG U 59 -43.40 39.18 -10.47
C ARG U 59 -44.49 38.50 -11.27
N VAL U 60 -44.70 37.21 -11.06
CA VAL U 60 -45.70 36.50 -11.82
C VAL U 60 -46.81 35.93 -10.95
N GLY U 61 -48.05 36.21 -11.35
CA GLY U 61 -49.21 35.73 -10.59
C GLY U 61 -50.03 34.71 -11.36
N PHE U 62 -50.91 34.03 -10.65
CA PHE U 62 -51.74 32.98 -11.24
C PHE U 62 -53.16 33.06 -10.70
N ALA U 63 -54.11 32.82 -11.60
CA ALA U 63 -55.53 32.84 -11.25
C ALA U 63 -56.21 31.77 -12.08
N ALA U 64 -57.21 31.11 -11.52
CA ALA U 64 -57.89 30.08 -12.26
C ALA U 64 -59.34 29.90 -11.91
N ALA U 65 -60.06 29.26 -12.81
CA ALA U 65 -61.46 28.99 -12.60
C ALA U 65 -61.71 27.56 -13.10
N GLY U 66 -62.65 26.87 -12.47
CA GLY U 66 -62.95 25.51 -12.88
C GLY U 66 -62.86 24.58 -11.69
N LYS U 67 -62.53 23.31 -11.96
CA LYS U 67 -62.40 22.29 -10.91
C LYS U 67 -61.13 22.53 -10.09
N PHE U 68 -61.30 22.80 -8.79
CA PHE U 68 -60.19 23.07 -7.87
C PHE U 68 -59.02 22.10 -7.94
N ASN U 69 -59.28 20.83 -7.66
CA ASN U 69 -58.20 19.86 -7.70
C ASN U 69 -57.43 19.90 -9.03
N GLU U 70 -58.08 20.25 -10.12
CA GLU U 70 -57.36 20.28 -11.39
C GLU U 70 -56.51 21.54 -11.57
N PHE U 71 -57.02 22.71 -11.20
CA PHE U 71 -56.20 23.88 -11.40
C PHE U 71 -55.18 24.06 -10.29
N ASP U 72 -55.40 23.39 -9.14
CA ASP U 72 -54.42 23.48 -8.05
C ASP U 72 -53.24 22.64 -8.54
N ASN U 73 -53.56 21.57 -9.25
CA ASN U 73 -52.56 20.70 -9.83
C ASN U 73 -51.68 21.53 -10.76
N LEU U 74 -52.30 22.32 -11.63
CA LEU U 74 -51.54 23.14 -12.56
C LEU U 74 -50.76 24.22 -11.84
N ARG U 75 -51.33 24.77 -10.78
CA ARG U 75 -50.67 25.81 -9.99
C ARG U 75 -49.36 25.24 -9.45
N ARG U 76 -49.44 24.08 -8.82
CA ARG U 76 -48.26 23.44 -8.27
C ARG U 76 -47.17 23.22 -9.35
N GLY U 77 -47.60 22.68 -10.49
CA GLY U 77 -46.68 22.44 -11.59
C GLY U 77 -46.05 23.73 -12.06
N GLY U 78 -46.82 24.81 -12.00
CA GLY U 78 -46.29 26.09 -12.44
C GLY U 78 -45.19 26.53 -11.49
N ILE U 79 -45.49 26.44 -10.19
CA ILE U 79 -44.52 26.82 -9.19
C ILE U 79 -43.28 25.95 -9.37
N GLN U 80 -43.48 24.65 -9.62
CA GLN U 80 -42.40 23.73 -9.81
C GLN U 80 -41.51 24.21 -10.95
N PHE U 81 -42.14 24.56 -12.06
CA PHE U 81 -41.45 25.02 -13.24
C PHE U 81 -40.72 26.34 -13.05
N ALA U 82 -41.34 27.28 -12.39
CA ALA U 82 -40.72 28.56 -12.12
C ALA U 82 -39.53 28.45 -11.16
N ASP U 83 -39.72 27.75 -10.08
CA ASP U 83 -38.63 27.59 -9.14
C ASP U 83 -37.44 26.90 -9.76
N THR U 84 -37.68 25.89 -10.56
CA THR U 84 -36.64 25.15 -11.23
C THR U 84 -35.86 25.95 -12.25
N ARG U 85 -36.54 26.72 -13.07
CA ARG U 85 -35.88 27.56 -14.03
C ARG U 85 -35.06 28.64 -13.40
N GLY U 86 -35.64 29.27 -12.40
CA GLY U 86 -34.97 30.34 -11.73
C GLY U 86 -33.74 29.81 -11.06
N TYR U 87 -33.78 28.54 -10.67
CA TYR U 87 -32.64 27.94 -10.04
C TYR U 87 -31.57 27.46 -11.01
N ALA U 88 -31.95 26.99 -12.18
CA ALA U 88 -31.01 26.50 -13.18
C ALA U 88 -30.36 27.65 -13.91
N TYR U 89 -31.08 28.74 -14.04
CA TYR U 89 -30.60 29.93 -14.66
C TYR U 89 -30.45 31.00 -13.62
N ASP U 90 -31.26 32.03 -13.69
CA ASP U 90 -31.30 33.08 -12.67
C ASP U 90 -32.75 33.47 -12.48
N ARG U 91 -33.08 34.03 -11.32
CA ARG U 91 -34.45 34.44 -11.04
C ARG U 91 -35.04 35.34 -12.13
N ARG U 92 -34.27 36.34 -12.54
CA ARG U 92 -34.74 37.28 -13.57
C ARG U 92 -34.97 36.67 -14.95
N ASP U 93 -34.66 35.39 -15.11
CA ASP U 93 -34.85 34.73 -16.39
C ASP U 93 -36.24 34.12 -16.48
N VAL U 94 -36.95 34.07 -15.35
CA VAL U 94 -38.30 33.52 -15.31
C VAL U 94 -39.29 34.62 -15.73
N THR U 95 -40.19 34.29 -16.66
CA THR U 95 -41.15 35.29 -17.12
C THR U 95 -42.56 34.75 -17.22
N GLY U 96 -43.51 35.69 -17.21
CA GLY U 96 -44.90 35.29 -17.31
C GLY U 96 -45.13 34.61 -18.64
N ARG U 97 -44.47 35.09 -19.70
CA ARG U 97 -44.62 34.50 -21.02
C ARG U 97 -44.23 33.01 -21.00
N GLN U 98 -43.14 32.69 -20.32
CA GLN U 98 -42.69 31.35 -20.17
C GLN U 98 -43.71 30.51 -19.54
N LEU U 99 -44.24 30.97 -18.43
CA LEU U 99 -45.25 30.20 -17.70
C LEU U 99 -46.52 29.98 -18.52
N ALA U 100 -46.98 31.02 -19.21
CA ALA U 100 -48.18 30.89 -20.03
C ALA U 100 -47.92 29.83 -21.12
N ASN U 101 -46.75 29.91 -21.74
CA ASN U 101 -46.34 28.97 -22.78
C ASN U 101 -46.38 27.54 -22.26
N VAL U 102 -45.81 27.33 -21.06
CA VAL U 102 -45.79 26.01 -20.42
C VAL U 102 -47.20 25.48 -20.15
N TYR U 103 -48.07 26.33 -19.61
CA TYR U 103 -49.45 25.92 -19.34
C TYR U 103 -50.16 25.56 -20.64
N ALA U 104 -49.89 26.35 -21.68
CA ALA U 104 -50.49 26.13 -22.99
C ALA U 104 -50.15 24.73 -23.46
N GLN U 105 -48.87 24.39 -23.39
CA GLN U 105 -48.40 23.07 -23.80
C GLN U 105 -48.96 21.96 -22.90
N THR U 106 -49.02 22.24 -21.61
CA THR U 106 -49.51 21.26 -20.65
C THR U 106 -50.98 20.92 -20.86
N LEU U 107 -51.82 21.95 -20.90
CA LEU U 107 -53.25 21.73 -21.10
C LEU U 107 -53.47 21.09 -22.47
N GLY U 108 -52.72 21.55 -23.47
CA GLY U 108 -52.83 20.98 -24.80
C GLY U 108 -52.68 19.48 -24.72
N THR U 109 -51.64 19.02 -24.02
CA THR U 109 -51.40 17.60 -23.87
C THR U 109 -52.51 16.91 -23.07
N ILE U 110 -52.94 17.52 -21.96
CA ILE U 110 -53.99 16.91 -21.18
C ILE U 110 -55.21 16.70 -22.06
N PHE U 111 -55.65 17.79 -22.68
CA PHE U 111 -56.82 17.78 -23.55
C PHE U 111 -56.76 16.70 -24.61
N THR U 112 -55.56 16.39 -25.06
CA THR U 112 -55.36 15.37 -26.08
C THR U 112 -55.24 13.93 -25.58
N GLU U 113 -54.29 13.68 -24.69
CA GLU U 113 -54.04 12.32 -24.24
C GLU U 113 -54.60 11.83 -22.91
N GLN U 114 -55.22 12.70 -22.12
CA GLN U 114 -55.76 12.24 -20.85
C GLN U 114 -57.21 11.78 -20.95
N ALA U 115 -57.60 10.90 -20.03
CA ALA U 115 -58.95 10.38 -19.98
C ALA U 115 -59.98 11.49 -20.09
N LYS U 116 -59.90 12.47 -19.21
CA LYS U 116 -60.84 13.57 -19.22
C LYS U 116 -60.12 14.89 -19.35
N PRO U 117 -60.69 15.84 -20.10
CA PRO U 117 -60.03 17.13 -20.24
C PRO U 117 -60.08 17.83 -18.90
N TYR U 118 -59.23 18.83 -18.70
CA TYR U 118 -59.23 19.56 -17.46
C TYR U 118 -60.29 20.64 -17.58
N GLU U 119 -61.24 20.67 -16.64
CA GLU U 119 -62.29 21.67 -16.64
C GLU U 119 -61.71 22.93 -15.98
N VAL U 120 -60.80 23.60 -16.68
CA VAL U 120 -60.17 24.79 -16.11
C VAL U 120 -59.83 25.84 -17.15
N GLU U 121 -59.61 27.06 -16.66
CA GLU U 121 -59.24 28.19 -17.49
C GLU U 121 -58.26 28.96 -16.61
N LEU U 122 -57.08 29.26 -17.14
CA LEU U 122 -56.04 29.93 -16.36
C LEU U 122 -55.63 31.29 -16.86
N CYS U 123 -55.09 32.07 -15.93
CA CYS U 123 -54.60 33.37 -16.25
C CYS U 123 -53.23 33.58 -15.59
N VAL U 124 -52.24 33.94 -16.40
CA VAL U 124 -50.91 34.20 -15.87
C VAL U 124 -50.67 35.68 -16.07
N ALA U 125 -50.25 36.38 -15.03
CA ALA U 125 -50.00 37.82 -15.13
C ALA U 125 -48.60 38.16 -14.64
N GLU U 126 -48.03 39.21 -15.21
CA GLU U 126 -46.70 39.64 -14.83
C GLU U 126 -46.62 41.17 -14.78
N VAL U 127 -45.93 41.70 -13.78
CA VAL U 127 -45.73 43.13 -13.65
C VAL U 127 -44.25 43.40 -13.76
N ALA U 128 -43.88 44.67 -13.87
CA ALA U 128 -42.49 45.03 -14.02
C ALA U 128 -41.73 44.75 -12.75
N HIS U 129 -40.40 44.71 -12.88
CA HIS U 129 -39.52 44.51 -11.74
C HIS U 129 -39.41 45.85 -11.03
N TYR U 130 -39.08 45.84 -9.74
CA TYR U 130 -38.98 47.08 -8.99
C TYR U 130 -38.17 48.16 -9.69
N GLY U 131 -38.70 49.38 -9.69
CA GLY U 131 -38.02 50.50 -10.32
C GLY U 131 -37.95 50.41 -11.83
N GLU U 132 -38.38 49.28 -12.38
CA GLU U 132 -38.37 49.10 -13.82
C GLU U 132 -39.66 49.70 -14.35
N THR U 133 -39.72 49.93 -15.65
CA THR U 133 -40.91 50.51 -16.25
C THR U 133 -41.36 49.66 -17.43
N LYS U 134 -42.43 48.90 -17.22
CA LYS U 134 -42.96 48.00 -18.25
C LYS U 134 -44.46 47.79 -18.08
N ARG U 135 -45.15 47.64 -19.19
CA ARG U 135 -46.59 47.46 -19.17
C ARG U 135 -46.96 46.06 -18.70
N PRO U 136 -47.91 45.95 -17.76
CA PRO U 136 -48.35 44.64 -17.25
C PRO U 136 -48.75 43.73 -18.39
N GLU U 137 -48.64 42.42 -18.18
CA GLU U 137 -48.98 41.45 -19.21
C GLU U 137 -49.97 40.45 -18.62
N LEU U 138 -50.96 40.09 -19.39
CA LEU U 138 -51.95 39.14 -18.92
C LEU U 138 -52.10 38.07 -19.98
N TYR U 139 -52.15 36.81 -19.57
CA TYR U 139 -52.30 35.71 -20.51
C TYR U 139 -53.45 34.84 -20.07
N ARG U 140 -54.16 34.32 -21.05
CA ARG U 140 -55.27 33.45 -20.75
C ARG U 140 -55.02 32.13 -21.49
N ILE U 141 -55.05 31.04 -20.75
CA ILE U 141 -54.84 29.73 -21.35
C ILE U 141 -56.11 28.97 -21.08
N THR U 142 -56.63 28.31 -22.11
CA THR U 142 -57.88 27.58 -21.98
C THR U 142 -57.69 26.09 -21.96
N TYR U 143 -58.74 25.39 -21.58
CA TYR U 143 -58.70 23.93 -21.47
C TYR U 143 -58.08 23.14 -22.61
N ASP U 144 -58.02 23.72 -23.80
CA ASP U 144 -57.47 22.99 -24.95
C ASP U 144 -56.04 23.43 -25.28
N GLY U 145 -55.51 24.38 -24.51
CA GLY U 145 -54.15 24.81 -24.73
C GLY U 145 -54.03 26.07 -25.56
N SER U 146 -55.16 26.71 -25.80
CA SER U 146 -55.14 27.92 -26.57
C SER U 146 -54.66 29.02 -25.65
N ILE U 147 -53.87 29.93 -26.19
CA ILE U 147 -53.31 31.00 -25.39
C ILE U 147 -53.58 32.34 -26.07
N ALA U 148 -53.66 33.40 -25.26
CA ALA U 148 -53.91 34.72 -25.80
C ALA U 148 -53.60 35.76 -24.73
N ASP U 149 -52.96 36.85 -25.12
CA ASP U 149 -52.66 37.89 -24.14
C ASP U 149 -53.60 39.08 -24.27
N GLU U 150 -54.28 39.40 -23.17
CA GLU U 150 -55.19 40.52 -23.14
C GLU U 150 -54.40 41.75 -22.71
N PRO U 151 -54.73 42.92 -23.26
CA PRO U 151 -54.02 44.15 -22.90
C PRO U 151 -54.51 44.81 -21.61
N HIS U 152 -55.77 44.59 -21.26
CA HIS U 152 -56.31 45.24 -20.08
C HIS U 152 -56.90 44.38 -18.98
N PHE U 153 -57.64 43.34 -19.34
CA PHE U 153 -58.25 42.50 -18.33
C PHE U 153 -58.59 41.12 -18.85
N VAL U 154 -58.82 40.18 -17.94
CA VAL U 154 -59.16 38.82 -18.35
C VAL U 154 -60.29 38.36 -17.45
N VAL U 155 -61.21 37.59 -18.02
CA VAL U 155 -62.34 37.08 -17.24
C VAL U 155 -62.44 35.58 -17.51
N MET U 156 -62.67 34.80 -16.45
CA MET U 156 -62.78 33.34 -16.59
C MET U 156 -63.81 32.76 -15.63
N GLY U 157 -64.43 31.67 -16.06
CA GLY U 157 -65.41 30.98 -15.22
C GLY U 157 -66.85 31.44 -15.30
N GLY U 158 -67.76 30.48 -15.30
CA GLY U 158 -69.17 30.80 -15.37
C GLY U 158 -69.54 31.53 -16.63
N THR U 159 -70.47 32.47 -16.50
CA THR U 159 -70.92 33.26 -17.64
C THR U 159 -70.04 34.50 -17.72
N THR U 160 -69.13 34.48 -18.69
CA THR U 160 -68.18 35.57 -18.87
C THR U 160 -68.68 36.80 -19.59
N GLU U 161 -69.36 36.62 -20.72
CA GLU U 161 -69.86 37.74 -21.52
C GLU U 161 -70.45 38.88 -20.70
N PRO U 162 -71.41 38.59 -19.80
CA PRO U 162 -71.99 39.65 -18.97
C PRO U 162 -70.91 40.44 -18.27
N ILE U 163 -70.00 39.73 -17.60
CA ILE U 163 -68.90 40.32 -16.85
C ILE U 163 -67.91 41.03 -17.77
N ALA U 164 -67.65 40.42 -18.92
CA ALA U 164 -66.72 40.97 -19.88
C ALA U 164 -67.22 42.32 -20.36
N ASN U 165 -68.45 42.35 -20.88
CA ASN U 165 -69.04 43.58 -21.38
C ASN U 165 -69.08 44.66 -20.30
N ALA U 166 -69.52 44.27 -19.11
CA ALA U 166 -69.62 45.20 -17.99
C ALA U 166 -68.27 45.86 -17.71
N LEU U 167 -67.21 45.07 -17.86
CA LEU U 167 -65.87 45.56 -17.60
C LEU U 167 -65.40 46.33 -18.82
N LYS U 168 -65.74 45.80 -19.99
CA LYS U 168 -65.37 46.39 -21.27
C LYS U 168 -65.75 47.85 -21.34
N GLU U 169 -66.86 48.18 -20.68
CA GLU U 169 -67.37 49.54 -20.63
C GLU U 169 -66.96 50.19 -19.31
N SER U 170 -66.86 49.33 -18.32
CA SER U 170 -66.48 49.73 -17.00
C SER U 170 -65.06 50.19 -17.02
N TYR U 171 -64.25 49.44 -17.75
CA TYR U 171 -62.81 49.59 -17.70
C TYR U 171 -62.17 50.78 -18.36
N ALA U 172 -61.28 51.40 -17.60
CA ALA U 172 -60.43 52.45 -18.06
C ALA U 172 -58.98 52.24 -17.59
N GLU U 173 -58.04 52.44 -18.49
CA GLU U 173 -56.62 52.20 -18.26
C GLU U 173 -56.07 53.04 -17.14
N ASN U 174 -55.07 52.51 -16.45
CA ASN U 174 -54.38 53.20 -15.39
C ASN U 174 -55.17 53.72 -14.19
N ALA U 175 -56.14 52.94 -13.77
CA ALA U 175 -56.91 53.21 -12.56
C ALA U 175 -56.16 52.97 -11.25
N SER U 176 -56.69 53.50 -10.16
CA SER U 176 -56.14 53.31 -8.82
C SER U 176 -56.52 51.95 -8.27
N LEU U 177 -55.95 51.54 -7.15
CA LEU U 177 -56.33 50.23 -6.67
C LEU U 177 -57.79 50.20 -6.30
N THR U 178 -58.26 51.24 -5.64
CA THR U 178 -59.66 51.28 -5.28
C THR U 178 -60.59 51.36 -6.48
N ASP U 179 -60.28 52.20 -7.46
CA ASP U 179 -61.17 52.26 -8.60
C ASP U 179 -61.21 50.94 -9.30
N ALA U 180 -60.04 50.35 -9.46
CA ALA U 180 -59.94 49.07 -10.13
C ALA U 180 -60.72 48.01 -9.42
N LEU U 181 -60.59 47.99 -8.10
CA LEU U 181 -61.29 47.01 -7.31
C LEU U 181 -62.78 47.17 -7.43
N ARG U 182 -63.24 48.41 -7.28
CA ARG U 182 -64.64 48.72 -7.35
C ARG U 182 -65.15 48.34 -8.70
N ILE U 183 -64.37 48.68 -9.69
CA ILE U 183 -64.74 48.35 -11.03
C ILE U 183 -64.85 46.87 -11.24
N ALA U 184 -63.88 46.13 -10.74
CA ALA U 184 -63.85 44.68 -10.91
C ALA U 184 -65.04 44.02 -10.26
N VAL U 185 -65.39 44.49 -9.08
CA VAL U 185 -66.51 43.94 -8.36
C VAL U 185 -67.84 44.14 -9.10
N ALA U 186 -68.02 45.29 -9.71
CA ALA U 186 -69.26 45.52 -10.42
C ALA U 186 -69.36 44.55 -11.57
N ALA U 187 -68.26 44.37 -12.25
CA ALA U 187 -68.22 43.47 -13.37
C ALA U 187 -68.49 42.09 -12.88
N LEU U 188 -68.07 41.83 -11.67
CA LEU U 188 -68.27 40.53 -11.08
C LEU U 188 -69.74 40.17 -10.87
N ARG U 189 -70.53 41.13 -10.43
CA ARG U 189 -71.95 40.91 -10.20
C ARG U 189 -72.79 40.50 -11.40
N ALA U 190 -72.47 41.04 -12.57
CA ALA U 190 -73.23 40.70 -13.75
C ALA U 190 -73.27 39.19 -14.03
N GLY U 191 -72.22 38.47 -13.70
CA GLY U 191 -72.18 37.03 -13.94
C GLY U 191 -73.01 36.23 -12.95
N VAL U 205 -67.26 40.58 1.86
CA VAL U 205 -65.81 40.64 1.67
C VAL U 205 -65.21 39.26 1.76
N ALA U 206 -65.67 38.48 2.74
CA ALA U 206 -65.19 37.12 2.93
C ALA U 206 -65.71 36.34 1.74
N SER U 207 -66.66 36.97 1.04
CA SER U 207 -67.28 36.39 -0.14
C SER U 207 -66.28 36.42 -1.32
N LEU U 208 -65.18 37.14 -1.13
CA LEU U 208 -64.16 37.27 -2.17
C LEU U 208 -62.72 36.93 -1.76
N GLU U 209 -61.90 36.70 -2.78
CA GLU U 209 -60.48 36.42 -2.65
C GLU U 209 -59.82 37.50 -3.50
N VAL U 210 -59.08 38.40 -2.86
CA VAL U 210 -58.45 39.49 -3.57
C VAL U 210 -56.93 39.54 -3.32
N ALA U 211 -56.18 39.82 -4.37
CA ALA U 211 -54.73 39.92 -4.30
C ALA U 211 -54.19 40.71 -5.48
N VAL U 212 -53.00 41.26 -5.31
CA VAL U 212 -52.40 42.02 -6.40
C VAL U 212 -50.91 41.70 -6.62
N LEU U 213 -50.44 42.00 -7.80
CA LEU U 213 -49.05 41.95 -8.09
C LEU U 213 -48.68 43.41 -7.97
N ASP U 214 -48.07 43.76 -6.86
CA ASP U 214 -47.76 45.13 -6.55
C ASP U 214 -46.37 45.48 -7.01
N ALA U 215 -46.33 46.25 -8.07
CA ALA U 215 -45.10 46.67 -8.70
C ALA U 215 -44.23 47.55 -7.87
N ASN U 216 -44.79 48.22 -6.88
CA ASN U 216 -43.93 49.03 -6.02
C ASN U 216 -43.00 48.21 -5.12
N ARG U 217 -43.36 46.96 -4.87
CA ARG U 217 -42.58 46.04 -4.03
C ARG U 217 -41.18 45.70 -4.56
N PRO U 218 -40.22 45.53 -3.66
CA PRO U 218 -38.85 45.24 -4.04
C PRO U 218 -38.55 43.93 -4.79
N ARG U 219 -39.08 42.80 -4.38
CA ARG U 219 -38.84 41.57 -5.12
C ARG U 219 -40.09 40.77 -5.37
N ARG U 220 -40.74 40.35 -4.29
CA ARG U 220 -41.95 39.59 -4.43
C ARG U 220 -43.16 40.48 -4.48
N ALA U 221 -43.69 40.63 -5.68
CA ALA U 221 -44.83 41.47 -5.96
C ALA U 221 -46.14 41.05 -5.38
N PHE U 222 -46.39 39.75 -5.34
CA PHE U 222 -47.66 39.20 -4.88
C PHE U 222 -48.01 39.50 -3.45
N ARG U 223 -49.27 39.80 -3.21
CA ARG U 223 -49.73 40.08 -1.86
C ARG U 223 -51.25 40.03 -1.82
N ARG U 224 -51.80 39.39 -0.79
CA ARG U 224 -53.23 39.28 -0.63
C ARG U 224 -53.80 40.45 0.15
N ILE U 225 -54.99 40.88 -0.25
CA ILE U 225 -55.68 41.99 0.37
C ILE U 225 -56.81 41.25 1.03
N THR U 226 -56.72 41.14 2.34
CA THR U 226 -57.73 40.43 3.10
C THR U 226 -58.24 41.15 4.29
N GLY U 227 -59.43 40.75 4.73
CA GLY U 227 -60.09 41.32 5.89
C GLY U 227 -60.36 42.80 6.03
N SER U 228 -59.91 43.37 7.13
CA SER U 228 -60.13 44.78 7.35
C SER U 228 -59.44 45.60 6.29
N ALA U 229 -58.22 45.23 5.92
CA ALA U 229 -57.56 46.01 4.90
C ALA U 229 -58.44 45.87 3.69
N LEU U 230 -58.96 44.66 3.48
CA LEU U 230 -59.82 44.45 2.33
C LEU U 230 -61.04 45.33 2.51
N GLN U 231 -61.53 45.42 3.75
CA GLN U 231 -62.69 46.25 4.03
C GLN U 231 -62.40 47.75 3.84
N ALA U 232 -61.24 48.19 4.29
CA ALA U 232 -60.88 49.59 4.19
C ALA U 232 -60.86 50.02 2.73
N LEU U 233 -60.37 49.16 1.85
CA LEU U 233 -60.31 49.48 0.44
C LEU U 233 -61.74 49.46 -0.01
N LEU U 234 -62.60 48.94 0.87
CA LEU U 234 -63.99 48.83 0.57
C LEU U 234 -64.77 50.09 0.94
N THR V 1 -12.41 32.11 7.34
CA THR V 1 -13.78 32.53 7.56
C THR V 1 -14.30 32.52 9.00
N THR V 2 -15.12 33.50 9.31
CA THR V 2 -15.79 33.49 10.58
C THR V 2 -17.14 34.14 10.36
N ILE V 3 -18.20 33.47 10.86
CA ILE V 3 -19.53 33.97 10.79
C ILE V 3 -20.03 33.87 12.22
N VAL V 4 -20.61 34.95 12.77
CA VAL V 4 -21.09 34.93 14.16
C VAL V 4 -22.57 35.27 14.19
N ALA V 5 -23.27 34.82 15.20
CA ALA V 5 -24.66 35.12 15.36
C ALA V 5 -24.99 35.30 16.83
N LEU V 6 -25.82 36.28 17.17
CA LEU V 6 -26.19 36.44 18.56
C LEU V 6 -27.62 36.91 18.75
N LYS V 7 -28.19 36.57 19.89
CA LYS V 7 -29.51 36.99 20.29
C LYS V 7 -29.38 38.30 21.06
N TYR V 8 -30.34 39.19 20.90
CA TYR V 8 -30.41 40.46 21.61
C TYR V 8 -31.84 40.60 21.93
N PRO V 9 -32.22 41.46 22.85
CA PRO V 9 -33.62 41.52 23.23
C PRO V 9 -34.48 41.94 22.07
N GLY V 10 -35.35 41.03 21.69
CA GLY V 10 -36.20 41.17 20.52
C GLY V 10 -35.66 40.79 19.15
N GLY V 11 -34.46 40.28 19.03
CA GLY V 11 -33.94 39.96 17.73
C GLY V 11 -32.67 39.16 17.63
N VAL V 12 -32.17 38.99 16.43
CA VAL V 12 -30.92 38.30 16.22
C VAL V 12 -30.05 39.04 15.25
N VAL V 13 -28.75 38.94 15.38
CA VAL V 13 -27.86 39.53 14.44
C VAL V 13 -26.85 38.50 13.95
N MET V 14 -26.56 38.50 12.66
CA MET V 14 -25.60 37.58 12.11
C MET V 14 -24.68 38.40 11.24
N ALA V 15 -23.39 38.20 11.39
CA ALA V 15 -22.41 38.94 10.61
C ALA V 15 -21.28 38.02 10.19
N GLY V 16 -20.67 38.31 9.04
CA GLY V 16 -19.58 37.50 8.56
C GLY V 16 -18.50 38.34 7.92
N ASP V 17 -17.29 37.79 7.82
CA ASP V 17 -16.15 38.45 7.21
C ASP V 17 -16.23 38.32 5.68
N ARG V 18 -15.24 38.89 4.99
CA ARG V 18 -15.26 38.94 3.54
C ARG V 18 -14.13 38.21 2.84
N ARG V 19 -13.30 37.50 3.60
CA ARG V 19 -12.16 36.86 2.99
C ARG V 19 -12.40 35.51 2.33
N SER V 20 -11.55 35.24 1.36
CA SER V 20 -11.58 33.99 0.63
C SER V 20 -10.12 33.58 0.45
N THR V 21 -9.83 32.31 0.67
CA THR V 21 -8.45 31.86 0.51
C THR V 21 -8.28 30.58 -0.31
N GLN V 22 -7.07 30.46 -0.84
CA GLN V 22 -6.62 29.34 -1.64
C GLN V 22 -5.29 29.05 -0.98
N GLY V 23 -5.29 28.18 0.03
CA GLY V 23 -4.08 27.91 0.78
C GLY V 23 -3.75 29.18 1.58
N ASN V 24 -2.54 29.69 1.37
CA ASN V 24 -2.10 30.89 2.04
C ASN V 24 -2.48 32.15 1.26
N MET V 25 -2.85 31.98 -0.01
CA MET V 25 -3.17 33.11 -0.83
C MET V 25 -4.55 33.67 -0.61
N ILE V 26 -4.64 34.99 -0.56
CA ILE V 26 -5.93 35.66 -0.37
C ILE V 26 -6.54 35.69 -1.76
N SER V 27 -7.69 35.04 -1.93
CA SER V 27 -8.27 35.00 -3.25
C SER V 27 -9.54 35.84 -3.38
N GLY V 28 -10.01 36.38 -2.27
CA GLY V 28 -11.20 37.19 -2.30
C GLY V 28 -11.16 38.17 -1.15
N ARG V 29 -11.68 39.39 -1.37
CA ARG V 29 -11.70 40.42 -0.35
C ARG V 29 -13.08 40.95 -0.07
N ASP V 30 -14.05 40.56 -0.89
CA ASP V 30 -15.40 41.07 -0.74
C ASP V 30 -16.50 40.05 -0.81
N VAL V 31 -16.19 38.80 -0.46
CA VAL V 31 -17.22 37.77 -0.50
C VAL V 31 -18.30 38.10 0.51
N ARG V 32 -19.56 37.86 0.16
CA ARG V 32 -20.68 38.10 1.06
C ARG V 32 -21.13 36.72 1.57
N LYS V 33 -20.98 36.48 2.87
CA LYS V 33 -21.28 35.16 3.41
C LYS V 33 -22.58 35.00 4.15
N VAL V 34 -23.26 36.11 4.41
CA VAL V 34 -24.54 36.07 5.14
C VAL V 34 -25.67 36.42 4.19
N TYR V 35 -26.65 35.53 4.06
CA TYR V 35 -27.78 35.71 3.17
C TYR V 35 -29.11 35.76 3.90
N ILE V 36 -30.01 36.60 3.41
CA ILE V 36 -31.34 36.67 4.00
C ILE V 36 -32.02 35.53 3.26
N THR V 37 -32.43 34.49 3.98
CA THR V 37 -33.05 33.32 3.36
C THR V 37 -34.53 33.50 3.09
N ASP V 38 -35.25 34.14 4.02
CA ASP V 38 -36.65 34.46 3.85
C ASP V 38 -36.88 35.68 4.74
N ASP V 39 -38.12 36.12 4.93
CA ASP V 39 -38.35 37.32 5.73
C ASP V 39 -37.91 37.28 7.16
N TYR V 40 -37.78 36.07 7.71
CA TYR V 40 -37.39 35.95 9.10
C TYR V 40 -36.19 35.03 9.36
N THR V 41 -35.37 34.82 8.34
CA THR V 41 -34.26 33.91 8.47
C THR V 41 -33.05 34.34 7.71
N ALA V 42 -31.87 34.06 8.27
CA ALA V 42 -30.60 34.39 7.63
C ALA V 42 -29.69 33.17 7.77
N THR V 43 -28.86 32.97 6.77
CA THR V 43 -27.94 31.86 6.77
C THR V 43 -26.54 32.34 6.49
N GLY V 44 -25.57 31.79 7.21
CA GLY V 44 -24.18 32.15 6.99
C GLY V 44 -23.48 30.82 6.79
N ILE V 45 -22.66 30.69 5.75
CA ILE V 45 -22.02 29.41 5.53
C ILE V 45 -20.51 29.51 5.39
N ALA V 46 -19.82 28.59 6.05
CA ALA V 46 -18.37 28.56 6.03
C ALA V 46 -17.91 27.30 5.30
N GLY V 47 -16.64 27.29 4.89
CA GLY V 47 -16.11 26.14 4.20
C GLY V 47 -15.83 26.38 2.73
N THR V 48 -16.04 25.36 1.92
CA THR V 48 -15.82 25.43 0.49
C THR V 48 -16.81 26.39 -0.15
N ALA V 49 -16.31 27.50 -0.64
CA ALA V 49 -17.12 28.54 -1.26
C ALA V 49 -18.16 28.06 -2.24
N ALA V 50 -17.74 27.25 -3.22
CA ALA V 50 -18.69 26.73 -4.20
C ALA V 50 -19.89 26.07 -3.54
N VAL V 51 -19.62 25.21 -2.58
CA VAL V 51 -20.68 24.54 -1.87
C VAL V 51 -21.48 25.46 -0.97
N ALA V 52 -20.81 26.36 -0.28
CA ALA V 52 -21.49 27.31 0.61
C ALA V 52 -22.54 28.13 -0.16
N VAL V 53 -22.14 28.67 -1.31
CA VAL V 53 -23.05 29.48 -2.12
C VAL V 53 -24.25 28.64 -2.63
N GLU V 54 -23.96 27.45 -3.12
CA GLU V 54 -25.03 26.58 -3.63
C GLU V 54 -26.05 26.31 -2.52
N PHE V 55 -25.56 26.00 -1.33
CA PHE V 55 -26.42 25.72 -0.19
C PHE V 55 -27.40 26.85 0.10
N ALA V 56 -26.86 28.05 0.25
CA ALA V 56 -27.67 29.22 0.56
C ALA V 56 -28.73 29.44 -0.51
N ARG V 57 -28.30 29.33 -1.75
CA ARG V 57 -29.19 29.54 -2.87
C ARG V 57 -30.32 28.49 -2.88
N LEU V 58 -29.92 27.23 -2.84
CA LEU V 58 -30.87 26.14 -2.87
C LEU V 58 -31.82 26.19 -1.68
N TYR V 59 -31.27 26.43 -0.51
CA TYR V 59 -32.05 26.53 0.72
C TYR V 59 -33.16 27.60 0.62
N ALA V 60 -32.78 28.79 0.18
CA ALA V 60 -33.79 29.85 0.08
C ALA V 60 -34.90 29.46 -0.90
N VAL V 61 -34.51 28.86 -2.03
CA VAL V 61 -35.49 28.43 -3.01
C VAL V 61 -36.41 27.39 -2.38
N GLU V 62 -35.86 26.45 -1.65
CA GLU V 62 -36.66 25.42 -1.01
C GLU V 62 -37.67 25.96 -0.01
N LEU V 63 -37.28 26.98 0.72
CA LEU V 63 -38.18 27.61 1.70
C LEU V 63 -39.34 28.35 1.01
N GLU V 64 -39.01 29.14 -0.02
CA GLU V 64 -40.05 29.86 -0.74
C GLU V 64 -40.93 28.92 -1.57
N HIS V 65 -40.35 27.81 -2.02
CA HIS V 65 -41.07 26.81 -2.79
C HIS V 65 -42.21 26.24 -1.96
N TYR V 66 -41.92 25.93 -0.70
CA TYR V 66 -42.92 25.39 0.21
C TYR V 66 -44.03 26.40 0.45
N GLU V 67 -43.62 27.64 0.73
CA GLU V 67 -44.55 28.71 1.01
C GLU V 67 -45.58 28.89 -0.10
N LYS V 68 -45.09 29.02 -1.34
CA LYS V 68 -45.98 29.18 -2.47
C LYS V 68 -46.90 27.96 -2.67
N LEU V 69 -46.35 26.79 -2.48
CA LEU V 69 -47.08 25.57 -2.66
C LEU V 69 -48.17 25.37 -1.61
N GLU V 70 -47.81 25.62 -0.35
CA GLU V 70 -48.74 25.39 0.73
C GLU V 70 -49.42 26.62 1.28
N GLY V 71 -49.10 27.78 0.72
CA GLY V 71 -49.75 29.00 1.16
C GLY V 71 -49.32 29.52 2.51
N VAL V 72 -48.41 28.83 3.19
CA VAL V 72 -47.97 29.28 4.49
C VAL V 72 -46.50 28.94 4.62
N PRO V 73 -45.74 29.73 5.40
CA PRO V 73 -44.31 29.42 5.55
C PRO V 73 -44.15 28.14 6.39
N LEU V 74 -42.97 27.54 6.28
CA LEU V 74 -42.58 26.35 7.01
C LEU V 74 -42.36 26.80 8.46
N THR V 75 -42.65 25.95 9.43
CA THR V 75 -42.40 26.31 10.83
C THR V 75 -40.89 26.43 10.98
N PHE V 76 -40.44 27.09 12.04
CA PHE V 76 -39.02 27.23 12.22
C PHE V 76 -38.33 25.87 12.32
N ALA V 77 -38.98 24.93 13.00
CA ALA V 77 -38.43 23.60 13.16
C ALA V 77 -38.29 22.95 11.77
N GLY V 78 -39.28 23.14 10.91
CA GLY V 78 -39.20 22.58 9.57
C GLY V 78 -38.02 23.17 8.82
N LYS V 79 -37.76 24.45 9.01
CA LYS V 79 -36.66 25.08 8.30
C LYS V 79 -35.36 24.45 8.74
N ILE V 80 -35.23 24.21 10.03
CA ILE V 80 -34.03 23.60 10.57
C ILE V 80 -33.82 22.23 9.93
N ASN V 81 -34.88 21.42 9.96
CA ASN V 81 -34.81 20.09 9.43
C ASN V 81 -34.36 20.05 7.98
N ARG V 82 -34.94 20.91 7.16
CA ARG V 82 -34.57 21.01 5.76
C ARG V 82 -33.13 21.38 5.55
N LEU V 83 -32.59 22.28 6.34
CA LEU V 83 -31.19 22.65 6.24
C LEU V 83 -30.31 21.47 6.68
N ALA V 84 -30.69 20.79 7.76
CA ALA V 84 -29.92 19.65 8.25
C ALA V 84 -29.86 18.53 7.20
N ILE V 85 -30.95 18.30 6.49
CA ILE V 85 -31.00 17.32 5.43
C ILE V 85 -30.05 17.66 4.29
N MET V 86 -30.01 18.93 3.93
CA MET V 86 -29.10 19.41 2.94
C MET V 86 -27.63 19.14 3.36
N VAL V 87 -27.30 19.41 4.61
CA VAL V 87 -25.93 19.18 5.08
C VAL V 87 -25.59 17.69 5.08
N ARG V 88 -26.47 16.85 5.57
CA ARG V 88 -26.19 15.44 5.61
C ARG V 88 -25.97 14.84 4.22
N GLY V 89 -26.76 15.28 3.25
CA GLY V 89 -26.54 14.85 1.89
C GLY V 89 -25.19 15.13 1.28
N ASN V 90 -24.51 16.16 1.76
CA ASN V 90 -23.20 16.53 1.30
C ASN V 90 -22.08 15.82 2.02
N LEU V 91 -22.43 14.98 2.98
CA LEU V 91 -21.45 14.30 3.80
C LEU V 91 -20.37 13.55 3.05
N ALA V 92 -20.70 12.76 2.06
CA ALA V 92 -19.68 12.10 1.25
C ALA V 92 -18.77 13.09 0.48
N ALA V 93 -19.34 14.12 -0.11
CA ALA V 93 -18.58 15.14 -0.80
C ALA V 93 -17.67 15.91 0.15
N ALA V 94 -18.14 16.16 1.36
CA ALA V 94 -17.37 16.82 2.41
C ALA V 94 -16.14 16.04 2.82
N MET V 95 -16.28 14.73 2.86
CA MET V 95 -15.18 13.85 3.23
C MET V 95 -14.11 13.96 2.19
N GLN V 96 -14.50 14.45 1.03
CA GLN V 96 -13.55 14.59 -0.06
C GLN V 96 -13.01 15.98 -0.27
N GLY V 97 -13.44 16.93 0.53
CA GLY V 97 -12.96 18.28 0.38
C GLY V 97 -13.99 19.30 -0.05
N LEU V 98 -15.25 18.97 0.10
CA LEU V 98 -16.28 19.89 -0.26
C LEU V 98 -17.18 20.12 0.91
N LEU V 99 -16.57 20.33 2.06
CA LEU V 99 -17.29 20.57 3.26
C LEU V 99 -17.82 21.97 3.40
N ALA V 100 -19.08 22.10 3.75
CA ALA V 100 -19.66 23.39 3.99
C ALA V 100 -20.55 23.39 5.24
N LEU V 101 -20.25 24.24 6.20
CA LEU V 101 -21.07 24.28 7.42
C LEU V 101 -21.91 25.55 7.59
N PRO V 102 -23.22 25.39 7.70
CA PRO V 102 -24.00 26.62 7.86
C PRO V 102 -24.31 26.97 9.31
N LEU V 103 -24.71 28.23 9.49
CA LEU V 103 -25.11 28.77 10.78
C LEU V 103 -26.44 29.43 10.45
N LEU V 104 -27.48 29.10 11.21
CA LEU V 104 -28.80 29.64 10.95
C LEU V 104 -29.26 30.61 12.05
N ALA V 105 -29.82 31.73 11.64
CA ALA V 105 -30.34 32.72 12.58
C ALA V 105 -31.70 33.12 12.16
N GLY V 106 -32.63 33.22 13.10
CA GLY V 106 -33.98 33.63 12.71
C GLY V 106 -34.80 34.20 13.84
N TYR V 107 -36.01 34.67 13.48
CA TYR V 107 -36.94 35.22 14.45
C TYR V 107 -38.17 34.36 14.25
N ASP V 108 -38.60 33.66 15.30
CA ASP V 108 -39.77 32.80 15.16
C ASP V 108 -41.05 33.60 15.46
N ILE V 109 -41.81 33.91 14.43
CA ILE V 109 -43.03 34.67 14.66
C ILE V 109 -44.01 33.92 15.56
N HIS V 110 -43.97 32.59 15.55
CA HIS V 110 -44.88 31.80 16.39
C HIS V 110 -44.35 31.42 17.76
N ALA V 111 -43.22 31.98 18.15
CA ALA V 111 -42.70 31.69 19.47
C ALA V 111 -43.66 32.37 20.42
N SER V 112 -43.71 31.92 21.67
CA SER V 112 -44.61 32.52 22.65
C SER V 112 -44.19 33.93 23.10
N ASP V 113 -42.96 34.06 23.61
CA ASP V 113 -42.49 35.35 24.07
C ASP V 113 -41.57 36.06 23.08
N PRO V 114 -42.08 37.13 22.46
CA PRO V 114 -41.43 38.00 21.46
C PRO V 114 -40.05 38.54 21.80
N GLN V 115 -39.76 38.73 23.08
CA GLN V 115 -38.45 39.25 23.47
C GLN V 115 -37.36 38.19 23.29
N SER V 116 -37.75 36.93 23.32
CA SER V 116 -36.78 35.85 23.17
C SER V 116 -37.04 34.97 21.96
N ALA V 117 -37.91 35.43 21.06
CA ALA V 117 -38.27 34.69 19.85
C ALA V 117 -37.11 34.53 18.83
N GLY V 118 -35.95 35.07 19.16
CA GLY V 118 -34.78 34.95 18.30
C GLY V 118 -34.28 33.52 18.34
N ARG V 119 -33.68 33.08 17.25
CA ARG V 119 -33.18 31.71 17.18
C ARG V 119 -31.81 31.62 16.55
N ILE V 120 -31.01 30.72 17.06
CA ILE V 120 -29.69 30.50 16.53
C ILE V 120 -29.45 29.00 16.50
N VAL V 121 -29.18 28.46 15.32
CA VAL V 121 -28.96 27.03 15.17
C VAL V 121 -27.62 26.72 14.51
N SER V 122 -26.83 25.87 15.15
CA SER V 122 -25.54 25.47 14.57
C SER V 122 -25.69 24.04 14.02
N PHE V 123 -24.80 23.69 13.09
CA PHE V 123 -24.83 22.37 12.45
C PHE V 123 -23.43 21.80 12.33
N ASP V 124 -23.33 20.48 12.50
CA ASP V 124 -22.03 19.81 12.33
C ASP V 124 -22.04 19.16 10.93
N ALA V 125 -20.89 18.66 10.49
CA ALA V 125 -20.78 18.04 9.15
C ALA V 125 -21.72 16.90 8.83
N ALA V 126 -22.26 16.24 9.85
CA ALA V 126 -23.19 15.13 9.62
C ALA V 126 -24.64 15.59 9.57
N GLY V 127 -24.85 16.90 9.71
CA GLY V 127 -26.20 17.41 9.70
C GLY V 127 -26.80 17.52 11.09
N GLY V 128 -26.03 17.20 12.11
CA GLY V 128 -26.53 17.32 13.47
C GLY V 128 -26.73 18.80 13.76
N TRP V 129 -27.89 19.14 14.28
CA TRP V 129 -28.18 20.51 14.59
C TRP V 129 -28.40 20.72 16.08
N ASN V 130 -28.18 21.97 16.50
CA ASN V 130 -28.37 22.37 17.88
C ASN V 130 -28.88 23.82 18.00
N ILE V 131 -30.02 23.97 18.65
CA ILE V 131 -30.59 25.28 18.89
C ILE V 131 -29.81 25.87 20.05
N GLU V 132 -28.98 26.87 19.79
CA GLU V 132 -28.16 27.49 20.81
C GLU V 132 -28.98 28.14 21.91
N GLU V 133 -28.63 27.82 23.15
CA GLU V 133 -29.37 28.38 24.28
C GLU V 133 -28.55 29.40 25.05
N GLU V 134 -27.27 29.57 24.77
CA GLU V 134 -26.51 30.56 25.52
C GLU V 134 -26.37 31.93 24.87
N GLY V 135 -27.12 32.21 23.83
CA GLY V 135 -27.06 33.53 23.24
C GLY V 135 -26.24 33.80 21.99
N TYR V 136 -25.23 33.01 21.69
CA TYR V 136 -24.37 33.25 20.56
C TYR V 136 -23.74 31.99 20.01
N GLN V 137 -23.19 32.06 18.81
CA GLN V 137 -22.56 30.92 18.21
C GLN V 137 -21.73 31.43 17.05
N ALA V 138 -20.85 30.60 16.52
CA ALA V 138 -20.01 31.01 15.41
C ALA V 138 -19.56 29.78 14.61
N VAL V 139 -19.22 30.00 13.35
CA VAL V 139 -18.79 28.89 12.51
C VAL V 139 -17.65 29.38 11.63
N GLY V 140 -16.76 28.46 11.23
CA GLY V 140 -15.62 28.82 10.38
C GLY V 140 -14.29 28.65 11.06
N SER V 141 -13.20 28.84 10.32
CA SER V 141 -11.87 28.70 10.88
C SER V 141 -11.49 29.67 12.02
N GLY V 142 -12.31 30.69 12.28
CA GLY V 142 -12.00 31.61 13.37
C GLY V 142 -13.08 31.56 14.45
N SER V 143 -14.00 30.60 14.32
CA SER V 143 -15.11 30.49 15.26
C SER V 143 -14.74 30.34 16.74
N LEU V 144 -13.66 29.62 17.03
CA LEU V 144 -13.25 29.48 18.42
C LEU V 144 -12.82 30.86 18.97
N PHE V 145 -12.03 31.61 18.22
CA PHE V 145 -11.62 32.91 18.69
C PHE V 145 -12.83 33.84 18.87
N ALA V 146 -13.78 33.77 17.93
CA ALA V 146 -14.94 34.62 18.00
C ALA V 146 -15.83 34.26 19.18
N LYS V 147 -15.99 32.97 19.43
CA LYS V 147 -16.81 32.55 20.56
C LYS V 147 -16.19 32.93 21.90
N SER V 148 -14.87 32.82 22.03
CA SER V 148 -14.22 33.17 23.27
C SER V 148 -14.28 34.69 23.46
N SER V 149 -14.36 35.43 22.36
CA SER V 149 -14.46 36.86 22.44
C SER V 149 -15.88 37.23 22.92
N MET V 150 -16.89 36.66 22.28
CA MET V 150 -18.27 36.95 22.66
C MET V 150 -18.58 36.51 24.09
N LYS V 151 -17.90 35.51 24.59
CA LYS V 151 -18.16 35.10 25.93
C LYS V 151 -17.90 36.25 26.90
N LYS V 152 -16.81 36.93 26.67
CA LYS V 152 -16.48 38.03 27.50
C LYS V 152 -17.26 39.29 27.19
N LEU V 153 -17.83 39.40 26.01
CA LEU V 153 -18.54 40.62 25.63
C LEU V 153 -20.05 40.54 25.65
N TYR V 154 -20.59 39.33 25.72
CA TYR V 154 -22.02 39.17 25.62
C TYR V 154 -22.89 39.94 26.63
N SER V 155 -22.35 40.18 27.81
CA SER V 155 -23.12 40.87 28.83
C SER V 155 -23.37 42.32 28.44
N GLN V 156 -22.69 42.79 27.43
CA GLN V 156 -22.87 44.13 26.91
C GLN V 156 -23.98 44.23 25.91
N VAL V 157 -24.43 43.13 25.37
CA VAL V 157 -25.52 43.15 24.39
C VAL V 157 -26.85 43.43 25.07
N THR V 158 -27.35 44.66 24.91
CA THR V 158 -28.61 45.06 25.52
C THR V 158 -29.64 45.39 24.48
N ASP V 159 -29.21 45.50 23.23
CA ASP V 159 -30.10 45.86 22.12
C ASP V 159 -29.51 45.53 20.75
N GLY V 160 -30.19 45.93 19.68
CA GLY V 160 -29.71 45.72 18.33
C GLY V 160 -28.38 46.36 18.02
N ASP V 161 -28.14 47.59 18.43
CA ASP V 161 -26.86 48.19 18.09
C ASP V 161 -25.70 47.65 18.88
N SER V 162 -25.91 47.25 20.11
CA SER V 162 -24.81 46.73 20.88
C SER V 162 -24.53 45.27 20.52
N GLY V 163 -25.55 44.57 20.07
CA GLY V 163 -25.43 43.23 19.58
C GLY V 163 -24.58 43.22 18.34
N LEU V 164 -24.86 44.16 17.46
CA LEU V 164 -24.13 44.31 16.26
C LEU V 164 -22.70 44.67 16.52
N ARG V 165 -22.46 45.47 17.54
CA ARG V 165 -21.11 45.90 17.86
C ARG V 165 -20.30 44.77 18.43
N VAL V 166 -20.92 43.95 19.24
CA VAL V 166 -20.24 42.81 19.82
C VAL V 166 -19.89 41.85 18.70
N ALA V 167 -20.75 41.79 17.70
CA ALA V 167 -20.57 40.91 16.58
C ALA V 167 -19.44 41.32 15.69
N VAL V 168 -19.31 42.61 15.47
CA VAL V 168 -18.21 43.12 14.69
C VAL V 168 -16.93 42.98 15.45
N GLU V 169 -16.98 43.14 16.76
CA GLU V 169 -15.82 42.97 17.61
C GLU V 169 -15.39 41.51 17.68
N ALA V 170 -16.34 40.61 17.71
CA ALA V 170 -16.00 39.20 17.67
C ALA V 170 -15.30 38.86 16.32
N LEU V 171 -15.81 39.38 15.21
CA LEU V 171 -15.20 39.10 13.91
C LEU V 171 -13.82 39.72 13.88
N TYR V 172 -13.67 40.86 14.52
CA TYR V 172 -12.38 41.50 14.54
C TYR V 172 -11.43 40.67 15.36
N ASP V 173 -11.93 40.05 16.43
CA ASP V 173 -11.01 39.21 17.21
C ASP V 173 -10.61 37.96 16.45
N ALA V 174 -11.58 37.40 15.72
CA ALA V 174 -11.31 36.23 14.88
C ALA V 174 -10.20 36.58 13.87
N ALA V 175 -10.34 37.74 13.21
CA ALA V 175 -9.33 38.14 12.21
C ALA V 175 -7.96 38.36 12.81
N ASP V 176 -7.94 38.81 14.05
CA ASP V 176 -6.70 39.03 14.75
C ASP V 176 -5.91 37.75 14.97
N ASP V 177 -6.60 36.64 15.16
CA ASP V 177 -5.89 35.37 15.39
C ASP V 177 -5.95 34.33 14.25
N ASP V 178 -6.86 34.55 13.30
CA ASP V 178 -7.01 33.63 12.17
C ASP V 178 -6.75 34.31 10.80
N SER V 179 -5.59 34.02 10.22
CA SER V 179 -5.21 34.59 8.94
C SER V 179 -6.22 34.27 7.84
N ALA V 180 -7.08 33.28 8.05
CA ALA V 180 -8.08 32.97 7.04
C ALA V 180 -9.34 33.84 7.19
N THR V 181 -9.39 34.67 8.23
CA THR V 181 -10.56 35.55 8.42
C THR V 181 -10.09 36.97 8.14
N GLY V 182 -10.88 37.73 7.39
CA GLY V 182 -10.44 39.08 7.05
C GLY V 182 -10.90 40.16 8.00
N GLY V 183 -9.99 41.02 8.40
CA GLY V 183 -10.37 42.10 9.29
C GLY V 183 -10.93 43.25 8.48
N PRO V 184 -11.35 44.35 9.14
CA PRO V 184 -11.89 45.49 8.38
C PRO V 184 -10.80 46.06 7.48
N ASP V 185 -11.11 46.34 6.23
CA ASP V 185 -10.10 46.90 5.32
C ASP V 185 -10.39 48.40 5.20
N LEU V 186 -9.61 49.20 5.93
CA LEU V 186 -9.77 50.64 5.91
C LEU V 186 -9.30 51.26 4.63
N VAL V 187 -8.22 50.74 4.05
CA VAL V 187 -7.73 51.29 2.80
C VAL V 187 -8.76 51.12 1.69
N ARG V 188 -9.37 49.94 1.58
CA ARG V 188 -10.34 49.70 0.51
C ARG V 188 -11.77 49.96 0.89
N GLY V 189 -12.03 50.20 2.17
CA GLY V 189 -13.39 50.44 2.62
C GLY V 189 -14.27 49.20 2.60
N ILE V 190 -13.67 48.04 2.89
CA ILE V 190 -14.46 46.81 2.90
C ILE V 190 -14.64 46.35 4.36
N PHE V 191 -15.88 46.05 4.71
CA PHE V 191 -16.19 45.66 6.06
C PHE V 191 -17.08 44.42 6.09
N PRO V 192 -17.15 43.78 7.26
CA PRO V 192 -17.98 42.59 7.45
C PRO V 192 -19.37 42.98 7.01
N THR V 193 -20.21 42.01 6.69
CA THR V 193 -21.60 42.32 6.34
C THR V 193 -22.41 41.75 7.49
N ALA V 194 -23.64 42.20 7.65
CA ALA V 194 -24.48 41.73 8.73
C ALA V 194 -25.97 41.85 8.41
N VAL V 195 -26.76 40.99 9.06
CA VAL V 195 -28.19 41.00 8.88
C VAL V 195 -28.78 41.03 10.27
N ILE V 196 -29.84 41.83 10.46
CA ILE V 196 -30.53 41.92 11.73
C ILE V 196 -31.93 41.43 11.49
N ILE V 197 -32.48 40.69 12.44
CA ILE V 197 -33.82 40.21 12.27
C ILE V 197 -34.59 40.42 13.57
N ASP V 198 -35.77 41.00 13.44
CA ASP V 198 -36.67 41.19 14.59
C ASP V 198 -38.10 40.96 14.10
N ALA V 199 -39.09 41.33 14.91
CA ALA V 199 -40.48 41.13 14.52
C ALA V 199 -40.84 41.74 13.16
N ASP V 200 -40.12 42.78 12.74
CA ASP V 200 -40.41 43.38 11.45
C ASP V 200 -39.70 42.71 10.28
N GLY V 201 -38.94 41.64 10.54
CA GLY V 201 -38.26 40.96 9.46
C GLY V 201 -36.76 41.09 9.40
N ALA V 202 -36.15 40.38 8.46
CA ALA V 202 -34.72 40.38 8.26
C ALA V 202 -34.33 41.55 7.38
N VAL V 203 -33.30 42.27 7.78
CA VAL V 203 -32.86 43.41 7.03
C VAL V 203 -31.35 43.42 6.96
N ASP V 204 -30.79 43.90 5.87
CA ASP V 204 -29.36 44.06 5.78
C ASP V 204 -28.94 45.23 6.60
N VAL V 205 -27.79 45.14 7.24
CA VAL V 205 -27.28 46.28 7.98
C VAL V 205 -26.50 47.16 7.00
N PRO V 206 -26.71 48.48 7.07
CA PRO V 206 -26.00 49.40 6.16
C PRO V 206 -24.53 49.41 6.39
N GLU V 207 -23.77 49.37 5.32
CA GLU V 207 -22.33 49.37 5.44
C GLU V 207 -21.82 50.47 6.35
N SER V 208 -22.41 51.65 6.27
CA SER V 208 -21.89 52.77 7.06
C SER V 208 -21.91 52.56 8.59
N ARG V 209 -22.97 52.00 9.15
CA ARG V 209 -22.97 51.78 10.60
C ARG V 209 -21.86 50.78 10.95
N ILE V 210 -21.68 49.77 10.10
CA ILE V 210 -20.66 48.77 10.32
C ILE V 210 -19.26 49.35 10.15
N ALA V 211 -19.09 50.28 9.23
CA ALA V 211 -17.76 50.85 9.05
C ALA V 211 -17.41 51.76 10.24
N GLU V 212 -18.42 52.44 10.81
CA GLU V 212 -18.22 53.32 11.97
C GLU V 212 -17.76 52.50 13.19
N LEU V 213 -18.53 51.43 13.42
CA LEU V 213 -18.30 50.51 14.51
C LEU V 213 -16.90 49.89 14.41
N ALA V 214 -16.51 49.48 13.21
CA ALA V 214 -15.19 48.88 12.99
C ALA V 214 -14.06 49.85 13.26
N ARG V 215 -14.21 51.09 12.81
CA ARG V 215 -13.17 52.09 13.08
C ARG V 215 -13.14 52.33 14.60
N ALA V 216 -14.30 52.48 15.22
CA ALA V 216 -14.38 52.71 16.66
C ALA V 216 -13.64 51.58 17.44
N ILE V 217 -13.82 50.33 17.01
CA ILE V 217 -13.18 49.19 17.67
C ILE V 217 -11.68 49.36 17.54
N ILE V 218 -11.27 49.68 16.32
CA ILE V 218 -9.85 49.88 16.03
C ILE V 218 -9.26 51.01 16.86
N GLU V 219 -10.01 52.11 17.03
CA GLU V 219 -9.54 53.24 17.83
C GLU V 219 -9.39 52.76 19.28
N SER V 220 -10.41 52.06 19.76
CA SER V 220 -10.39 51.49 21.09
C SER V 220 -9.16 50.60 21.26
N ARG V 221 -9.02 49.58 20.43
CA ARG V 221 -7.87 48.70 20.57
C ARG V 221 -6.58 49.49 20.54
N SER V 222 -6.51 50.52 19.75
CA SER V 222 -5.25 51.25 19.68
C SER V 222 -4.97 52.01 20.97
N GLY V 223 -6.02 52.56 21.57
CA GLY V 223 -5.81 53.27 22.80
C GLY V 223 -5.33 52.33 23.88
N ALA V 224 -6.04 51.21 23.97
CA ALA V 224 -5.76 50.17 24.93
C ALA V 224 -4.34 49.64 24.80
N ASP V 225 -3.86 49.45 23.59
CA ASP V 225 -2.51 48.93 23.41
C ASP V 225 -1.47 49.93 23.90
N THR V 226 -1.74 51.22 23.71
CA THR V 226 -0.82 52.26 24.15
C THR V 226 -0.82 52.36 25.68
N PHE V 227 -1.99 52.21 26.29
CA PHE V 227 -2.10 52.26 27.76
C PHE V 227 -1.37 51.10 28.43
N GLY V 228 -1.45 49.91 27.80
CA GLY V 228 -0.83 48.73 28.35
C GLY V 228 0.65 48.56 28.02
N SER V 229 1.15 47.34 28.24
CA SER V 229 2.55 46.98 27.97
C SER V 229 2.89 45.56 28.48
N SER W 8 66.25 13.82 27.28
CA SER W 8 65.65 12.70 28.06
C SER W 8 65.04 13.17 29.37
N PRO W 9 64.13 14.16 29.30
CA PRO W 9 63.61 14.87 28.13
C PRO W 9 64.56 15.89 27.48
N GLU W 10 65.54 16.37 28.23
CA GLU W 10 66.48 17.37 27.70
C GLU W 10 67.51 16.77 26.75
N GLN W 11 67.95 15.55 27.03
CA GLN W 11 68.94 14.89 26.18
C GLN W 11 68.32 14.53 24.84
N ALA W 12 67.17 13.87 24.87
CA ALA W 12 66.46 13.46 23.65
C ALA W 12 66.28 14.66 22.74
N MET W 13 65.74 15.72 23.31
CA MET W 13 65.51 16.98 22.60
C MET W 13 66.77 17.41 21.84
N ARG W 14 67.92 17.34 22.52
CA ARG W 14 69.20 17.74 21.91
C ARG W 14 69.66 16.80 20.80
N GLU W 15 69.57 15.49 21.06
CA GLU W 15 69.98 14.51 20.05
C GLU W 15 69.13 14.59 18.79
N ARG W 16 67.82 14.53 18.97
CA ARG W 16 66.89 14.61 17.84
C ARG W 16 67.21 15.86 17.04
N SER W 17 67.34 16.98 17.75
CA SER W 17 67.65 18.26 17.11
C SER W 17 68.97 18.20 16.33
N GLU W 18 69.96 17.53 16.89
CA GLU W 18 71.26 17.41 16.26
C GLU W 18 71.12 16.56 15.00
N LEU W 19 70.49 15.40 15.18
CA LEU W 19 70.27 14.48 14.09
C LEU W 19 69.66 15.19 12.89
N ALA W 20 68.74 16.10 13.19
CA ALA W 20 68.06 16.85 12.14
C ALA W 20 68.97 17.88 11.49
N ARG W 21 69.60 18.70 12.33
CA ARG W 21 70.48 19.74 11.80
C ARG W 21 71.56 19.14 10.91
N LYS W 22 72.13 18.01 11.34
CA LYS W 22 73.16 17.34 10.57
C LYS W 22 72.67 16.94 9.18
N GLY W 23 71.52 16.29 9.12
CA GLY W 23 70.98 15.89 7.83
C GLY W 23 70.78 17.06 6.88
N ILE W 24 70.26 18.17 7.42
CA ILE W 24 70.03 19.35 6.61
C ILE W 24 71.35 19.94 6.14
N ALA W 25 72.37 19.80 6.99
CA ALA W 25 73.70 20.31 6.69
C ALA W 25 74.33 19.57 5.51
N ARG W 26 74.23 18.25 5.49
CA ARG W 26 74.82 17.47 4.41
C ARG W 26 74.02 17.55 3.10
N ALA W 27 72.96 18.35 3.09
CA ALA W 27 72.13 18.48 1.90
C ALA W 27 72.48 19.71 1.08
N LYS W 28 72.12 19.69 -0.20
CA LYS W 28 72.38 20.81 -1.10
C LYS W 28 71.61 22.04 -0.65
N SER W 29 72.06 23.21 -1.06
CA SER W 29 71.43 24.46 -0.65
C SER W 29 70.37 25.03 -1.59
N VAL W 30 69.43 25.76 -0.98
CA VAL W 30 68.33 26.38 -1.72
C VAL W 30 68.19 27.82 -1.27
N VAL W 31 67.81 28.67 -2.22
CA VAL W 31 67.62 30.08 -1.93
C VAL W 31 66.35 30.63 -2.58
N ALA W 32 65.70 31.54 -1.85
CA ALA W 32 64.48 32.19 -2.32
C ALA W 32 64.62 33.67 -1.97
N LEU W 33 64.29 34.53 -2.91
CA LEU W 33 64.39 35.96 -2.66
C LEU W 33 63.40 36.75 -3.48
N ALA W 34 62.96 37.85 -2.87
CA ALA W 34 62.05 38.78 -3.46
C ALA W 34 62.73 39.55 -4.57
N TYR W 35 62.00 39.83 -5.62
CA TYR W 35 62.56 40.55 -6.73
C TYR W 35 61.45 41.36 -7.30
N ALA W 36 61.73 42.15 -8.30
CA ALA W 36 60.74 43.07 -8.81
C ALA W 36 59.48 42.38 -9.33
N GLY W 37 59.65 41.19 -9.89
CA GLY W 37 58.54 40.45 -10.45
C GLY W 37 57.81 39.48 -9.54
N GLY W 38 58.18 39.43 -8.27
CA GLY W 38 57.59 38.51 -7.35
C GLY W 38 58.63 37.71 -6.60
N VAL W 39 58.73 36.42 -6.82
CA VAL W 39 59.72 35.67 -6.06
C VAL W 39 60.49 34.72 -6.92
N LEU W 40 61.76 34.55 -6.59
CA LEU W 40 62.63 33.65 -7.31
C LEU W 40 63.16 32.54 -6.46
N PHE W 41 63.06 31.35 -7.00
CA PHE W 41 63.51 30.14 -6.33
C PHE W 41 64.69 29.55 -7.12
N VAL W 42 65.81 29.35 -6.43
CA VAL W 42 66.98 28.78 -7.06
C VAL W 42 67.63 27.77 -6.12
N ALA W 43 67.75 26.54 -6.61
CA ALA W 43 68.34 25.49 -5.80
C ALA W 43 69.34 24.66 -6.59
N GLU W 44 70.32 24.10 -5.90
CA GLU W 44 71.33 23.33 -6.58
C GLU W 44 70.74 21.97 -6.77
N ASN W 45 70.38 21.63 -7.99
CA ASN W 45 69.82 20.32 -8.23
C ASN W 45 70.46 19.60 -9.37
N PRO W 46 71.08 18.46 -9.09
CA PRO W 46 71.63 17.59 -10.12
C PRO W 46 70.55 16.88 -10.90
N SER W 47 69.53 16.40 -10.20
CA SER W 47 68.53 15.52 -10.76
C SER W 47 67.77 16.03 -11.95
N ARG W 48 67.61 15.16 -12.94
CA ARG W 48 66.82 15.52 -14.07
C ARG W 48 65.43 15.75 -13.61
N SER W 49 64.95 14.84 -12.78
CA SER W 49 63.55 14.81 -12.42
C SER W 49 63.02 14.93 -11.00
N LEU W 50 63.86 15.05 -9.98
CA LEU W 50 63.31 15.11 -8.64
C LEU W 50 63.34 16.56 -8.19
N GLN W 51 62.16 17.14 -7.96
CA GLN W 51 62.05 18.57 -7.60
C GLN W 51 62.30 19.01 -6.16
N LYS W 52 62.84 20.22 -5.98
CA LYS W 52 63.05 20.82 -4.67
C LYS W 52 62.17 22.07 -4.51
N ILE W 53 61.55 22.45 -5.61
CA ILE W 53 60.75 23.66 -5.70
C ILE W 53 59.42 23.31 -6.35
N SER W 54 58.33 23.75 -5.76
CA SER W 54 57.03 23.40 -6.30
C SER W 54 55.95 24.42 -6.03
N GLU W 55 54.91 24.36 -6.84
CA GLU W 55 53.75 25.23 -6.69
C GLU W 55 52.88 24.62 -5.57
N LEU W 56 52.26 25.46 -4.74
CA LEU W 56 51.37 24.99 -3.68
C LEU W 56 49.94 25.39 -4.03
N TYR W 57 49.78 26.66 -4.37
CA TYR W 57 48.49 27.19 -4.75
C TYR W 57 48.69 28.36 -5.70
N ASP W 58 47.60 28.96 -6.10
CA ASP W 58 47.59 30.04 -7.05
C ASP W 58 48.77 30.99 -6.97
N ARG W 59 49.00 31.58 -5.80
CA ARG W 59 50.09 32.52 -5.65
C ARG W 59 51.07 32.09 -4.60
N VAL W 60 51.01 30.83 -4.20
CA VAL W 60 51.89 30.34 -3.16
C VAL W 60 52.88 29.29 -3.63
N GLY W 61 54.15 29.52 -3.34
CA GLY W 61 55.20 28.60 -3.75
C GLY W 61 55.85 27.86 -2.60
N PHE W 62 56.56 26.79 -2.94
CA PHE W 62 57.22 25.94 -1.95
C PHE W 62 58.64 25.56 -2.35
N ALA W 63 59.54 25.56 -1.38
CA ALA W 63 60.93 25.19 -1.62
C ALA W 63 61.43 24.48 -0.37
N ALA W 64 62.30 23.48 -0.55
CA ALA W 64 62.81 22.75 0.59
C ALA W 64 64.21 22.20 0.41
N ALA W 65 64.82 21.85 1.53
CA ALA W 65 66.16 21.29 1.53
C ALA W 65 66.17 20.18 2.57
N GLY W 66 66.92 19.13 2.30
CA GLY W 66 66.98 18.04 3.24
C GLY W 66 66.70 16.73 2.54
N LYS W 67 66.14 15.77 3.29
CA LYS W 67 65.80 14.45 2.76
C LYS W 67 64.57 14.53 1.84
N PHE W 68 64.78 14.22 0.55
CA PHE W 68 63.71 14.29 -0.45
C PHE W 68 62.38 13.64 -0.07
N ASN W 69 62.41 12.35 0.21
CA ASN W 69 61.18 11.65 0.55
C ASN W 69 60.44 12.34 1.69
N GLU W 70 61.17 13.02 2.57
CA GLU W 70 60.51 13.68 3.69
C GLU W 70 59.90 15.03 3.33
N PHE W 71 60.59 15.86 2.55
CA PHE W 71 59.99 17.12 2.20
C PHE W 71 58.98 17.00 1.06
N ASP W 72 59.08 15.92 0.27
CA ASP W 72 58.11 15.71 -0.81
C ASP W 72 56.81 15.35 -0.09
N ASN W 73 56.94 14.64 1.02
CA ASN W 73 55.81 14.26 1.83
C ASN W 73 55.10 15.55 2.26
N LEU W 74 55.89 16.47 2.81
CA LEU W 74 55.32 17.74 3.27
C LEU W 74 54.71 18.52 2.12
N ARG W 75 55.37 18.48 0.97
CA ARG W 75 54.87 19.19 -0.21
C ARG W 75 53.47 18.69 -0.60
N ARG W 76 53.29 17.37 -0.63
CA ARG W 76 52.00 16.80 -0.98
C ARG W 76 50.94 17.21 0.04
N GLY W 77 51.29 17.10 1.32
CA GLY W 77 50.35 17.47 2.36
C GLY W 77 49.97 18.93 2.20
N GLY W 78 50.94 19.76 1.82
CA GLY W 78 50.67 21.18 1.64
C GLY W 78 49.64 21.39 0.54
N ILE W 79 49.88 20.72 -0.59
CA ILE W 79 48.96 20.82 -1.70
C ILE W 79 47.59 20.31 -1.25
N GLN W 80 47.59 19.24 -0.47
CA GLN W 80 46.35 18.67 0.04
C GLN W 80 45.58 19.72 0.84
N PHE W 81 46.27 20.34 1.78
CA PHE W 81 45.69 21.36 2.65
C PHE W 81 45.13 22.55 1.86
N ALA W 82 45.95 23.07 0.95
CA ALA W 82 45.55 24.20 0.13
C ALA W 82 44.30 23.93 -0.72
N ASP W 83 44.33 22.83 -1.47
CA ASP W 83 43.21 22.48 -2.33
C ASP W 83 41.92 22.27 -1.53
N THR W 84 42.03 21.65 -0.37
CA THR W 84 40.87 21.43 0.46
C THR W 84 40.29 22.74 0.99
N ARG W 85 41.13 23.65 1.47
CA ARG W 85 40.67 24.94 1.96
C ARG W 85 40.01 25.76 0.87
N GLY W 86 40.70 25.88 -0.27
CA GLY W 86 40.14 26.66 -1.37
C GLY W 86 38.78 26.15 -1.79
N TYR W 87 38.61 24.84 -1.74
CA TYR W 87 37.33 24.24 -2.13
C TYR W 87 36.26 24.45 -1.05
N ALA W 88 36.63 24.29 0.21
CA ALA W 88 35.69 24.44 1.32
C ALA W 88 35.25 25.90 1.53
N TYR W 89 36.09 26.84 1.12
CA TYR W 89 35.79 28.26 1.23
C TYR W 89 35.88 28.83 -0.17
N ASP W 90 36.90 29.66 -0.44
CA ASP W 90 37.13 30.17 -1.79
C ASP W 90 38.63 30.20 -2.03
N ARG W 91 39.00 30.18 -3.31
CA ARG W 91 40.38 30.18 -3.73
C ARG W 91 41.17 31.28 -3.07
N ARG W 92 40.61 32.46 -3.07
CA ARG W 92 41.26 33.63 -2.50
C ARG W 92 41.38 33.61 -0.98
N ASP W 93 40.87 32.57 -0.34
CA ASP W 93 40.97 32.47 1.10
C ASP W 93 42.24 31.72 1.52
N VAL W 94 42.91 31.12 0.55
CA VAL W 94 44.15 30.38 0.80
C VAL W 94 45.32 31.39 0.79
N THR W 95 46.20 31.30 1.79
CA THR W 95 47.33 32.23 1.88
C THR W 95 48.63 31.55 2.29
N GLY W 96 49.73 32.22 1.97
CA GLY W 96 51.03 31.68 2.32
C GLY W 96 51.17 31.58 3.82
N ARG W 97 50.60 32.55 4.54
CA ARG W 97 50.68 32.52 5.99
C ARG W 97 50.02 31.23 6.53
N GLN W 98 48.84 30.89 6.00
CA GLN W 98 48.14 29.68 6.44
C GLN W 98 48.99 28.46 6.23
N LEU W 99 49.57 28.34 5.03
CA LEU W 99 50.41 27.19 4.73
C LEU W 99 51.64 27.10 5.63
N ALA W 100 52.28 28.24 5.88
CA ALA W 100 53.46 28.27 6.75
C ALA W 100 53.06 27.79 8.14
N ASN W 101 51.95 28.33 8.63
CA ASN W 101 51.39 27.99 9.93
C ASN W 101 51.17 26.48 10.02
N VAL W 102 50.58 25.90 8.97
CA VAL W 102 50.29 24.47 8.93
C VAL W 102 51.58 23.66 8.96
N TYR W 103 52.58 24.10 8.21
CA TYR W 103 53.84 23.37 8.19
C TYR W 103 54.49 23.43 9.57
N ALA W 104 54.45 24.62 10.16
CA ALA W 104 54.99 24.84 11.49
C ALA W 104 54.37 23.83 12.46
N GLN W 105 53.05 23.72 12.45
CA GLN W 105 52.36 22.79 13.35
C GLN W 105 52.69 21.35 13.01
N THR W 106 52.81 21.05 11.72
CA THR W 106 53.09 19.68 11.29
C THR W 106 54.47 19.20 11.70
N LEU W 107 55.50 19.98 11.37
CA LEU W 107 56.86 19.63 11.73
C LEU W 107 57.01 19.58 13.25
N GLY W 108 56.37 20.54 13.93
CA GLY W 108 56.42 20.55 15.37
C GLY W 108 55.98 19.20 15.90
N THR W 109 54.87 18.68 15.36
CA THR W 109 54.35 17.40 15.80
C THR W 109 55.29 16.25 15.46
N ILE W 110 55.83 16.25 14.24
CA ILE W 110 56.74 15.19 13.81
C ILE W 110 57.94 15.16 14.77
N PHE W 111 58.57 16.32 14.93
CA PHE W 111 59.73 16.49 15.79
C PHE W 111 59.50 15.95 17.18
N THR W 112 58.27 16.06 17.64
CA THR W 112 57.88 15.62 18.98
C THR W 112 57.50 14.17 19.10
N GLU W 113 56.51 13.74 18.32
CA GLU W 113 56.02 12.39 18.45
C GLU W 113 56.46 11.32 17.48
N GLN W 114 57.23 11.67 16.46
CA GLN W 114 57.68 10.64 15.51
C GLN W 114 59.02 10.02 15.86
N ALA W 115 59.22 8.78 15.42
CA ALA W 115 60.46 8.05 15.67
C ALA W 115 61.68 8.92 15.41
N LYS W 116 61.76 9.46 14.19
CA LYS W 116 62.88 10.31 13.81
C LYS W 116 62.38 11.66 13.35
N PRO W 117 63.13 12.72 13.65
CA PRO W 117 62.71 14.06 13.22
C PRO W 117 62.88 14.12 11.72
N TYR W 118 62.21 15.08 11.10
CA TYR W 118 62.32 15.24 9.66
C TYR W 118 63.56 16.08 9.38
N GLU W 119 64.47 15.54 8.59
CA GLU W 119 65.69 16.24 8.24
C GLU W 119 65.36 17.21 7.11
N VAL W 120 64.56 18.22 7.40
CA VAL W 120 64.16 19.17 6.36
C VAL W 120 64.06 20.62 6.85
N GLU W 121 64.01 21.53 5.89
CA GLU W 121 63.88 22.96 6.16
C GLU W 121 63.02 23.47 4.98
N LEU W 122 61.91 24.12 5.28
CA LEU W 122 61.01 24.58 4.23
C LEU W 122 60.85 26.08 4.11
N CYS W 123 60.43 26.48 2.93
CA CYS W 123 60.18 27.89 2.65
C CYS W 123 58.88 28.01 1.88
N VAL W 124 57.96 28.82 2.40
CA VAL W 124 56.69 29.07 1.74
C VAL W 124 56.72 30.53 1.31
N ALA W 125 56.39 30.80 0.05
CA ALA W 125 56.40 32.17 -0.45
C ALA W 125 55.08 32.53 -1.11
N GLU W 126 54.74 33.81 -1.06
CA GLU W 126 53.49 34.26 -1.64
C GLU W 126 53.68 35.61 -2.29
N VAL W 127 53.08 35.80 -3.45
CA VAL W 127 53.16 37.07 -4.17
C VAL W 127 51.74 37.61 -4.26
N ALA W 128 51.61 38.86 -4.66
CA ALA W 128 50.31 39.48 -4.77
C ALA W 128 49.49 38.83 -5.87
N HIS W 129 48.18 39.06 -5.84
CA HIS W 129 47.27 38.56 -6.85
C HIS W 129 47.40 39.48 -8.06
N TYR W 130 47.06 38.99 -9.24
CA TYR W 130 47.17 39.81 -10.44
C TYR W 130 46.56 41.19 -10.26
N GLY W 131 47.29 42.22 -10.73
CA GLY W 131 46.81 43.59 -10.63
C GLY W 131 46.76 44.16 -9.22
N GLU W 132 46.99 43.30 -8.24
CA GLU W 132 46.97 43.72 -6.85
C GLU W 132 48.34 44.28 -6.56
N THR W 133 48.46 44.99 -5.44
CA THR W 133 49.75 45.55 -5.06
C THR W 133 50.06 45.18 -3.63
N LYS W 134 50.98 44.23 -3.46
CA LYS W 134 51.36 43.76 -2.12
C LYS W 134 52.79 43.26 -2.10
N ARG W 135 53.45 43.46 -0.98
CA ARG W 135 54.84 43.05 -0.83
C ARG W 135 54.95 41.53 -0.69
N PRO W 136 55.85 40.90 -1.45
CA PRO W 136 56.03 39.45 -1.36
C PRO W 136 56.28 39.03 0.08
N GLU W 137 55.92 37.78 0.39
CA GLU W 137 56.13 37.26 1.74
C GLU W 137 56.91 35.96 1.66
N LEU W 138 57.84 35.77 2.59
CA LEU W 138 58.65 34.57 2.61
C LEU W 138 58.63 34.02 4.02
N TYR W 139 58.43 32.71 4.15
CA TYR W 139 58.39 32.09 5.46
C TYR W 139 59.34 30.93 5.51
N ARG W 140 60.00 30.76 6.64
CA ARG W 140 60.93 29.66 6.80
C ARG W 140 60.46 28.85 8.00
N ILE W 141 60.28 27.56 7.79
CA ILE W 141 59.86 26.67 8.85
C ILE W 141 60.97 25.66 8.99
N THR W 142 61.37 25.41 10.23
CA THR W 142 62.46 24.47 10.50
C THR W 142 61.99 23.15 11.05
N TYR W 143 62.90 22.19 11.04
CA TYR W 143 62.60 20.84 11.49
C TYR W 143 61.88 20.72 12.82
N ASP W 144 61.96 21.74 13.69
CA ASP W 144 61.30 21.64 14.99
C ASP W 144 59.98 22.40 15.05
N GLY W 145 59.61 23.04 13.97
CA GLY W 145 58.36 23.76 13.92
C GLY W 145 58.49 25.22 14.19
N SER W 146 59.70 25.71 14.13
CA SER W 146 59.92 27.12 14.33
C SER W 146 59.60 27.82 13.03
N ILE W 147 59.02 29.00 13.12
CA ILE W 147 58.64 29.73 11.92
C ILE W 147 59.15 31.16 12.02
N ALA W 148 59.39 31.79 10.87
CA ALA W 148 59.88 33.15 10.84
C ALA W 148 59.73 33.66 9.42
N ASP W 149 59.34 34.93 9.28
CA ASP W 149 59.20 35.50 7.95
C ASP W 149 60.32 36.46 7.62
N GLU W 150 61.05 36.17 6.55
CA GLU W 150 62.14 37.01 6.11
C GLU W 150 61.58 38.07 5.18
N PRO W 151 62.13 39.29 5.22
CA PRO W 151 61.66 40.38 4.36
C PRO W 151 62.22 40.35 2.94
N HIS W 152 63.42 39.81 2.77
CA HIS W 152 64.04 39.81 1.45
C HIS W 152 64.44 38.48 0.84
N PHE W 153 65.01 37.59 1.64
CA PHE W 153 65.43 36.31 1.10
C PHE W 153 65.54 35.23 2.17
N VAL W 154 65.56 33.98 1.72
CA VAL W 154 65.67 32.85 2.62
C VAL W 154 66.69 31.86 2.06
N VAL W 155 67.48 31.26 2.95
CA VAL W 155 68.48 30.30 2.53
C VAL W 155 68.33 29.04 3.39
N MET W 156 68.39 27.88 2.74
CA MET W 156 68.25 26.63 3.47
C MET W 156 69.15 25.52 2.90
N GLY W 157 69.56 24.60 3.76
CA GLY W 157 70.38 23.49 3.34
C GLY W 157 71.88 23.69 3.33
N GLY W 158 72.60 22.67 3.76
CA GLY W 158 74.05 22.74 3.79
C GLY W 158 74.58 23.85 4.68
N THR W 159 75.67 24.49 4.24
CA THR W 159 76.28 25.58 4.98
C THR W 159 75.63 26.88 4.50
N THR W 160 74.76 27.41 5.35
CA THR W 160 74.01 28.62 5.01
C THR W 160 74.72 29.95 5.20
N GLU W 161 75.36 30.13 6.35
CA GLU W 161 76.07 31.38 6.63
C GLU W 161 76.84 31.97 5.44
N PRO W 162 77.71 31.18 4.80
CA PRO W 162 78.47 31.69 3.65
C PRO W 162 77.55 32.29 2.61
N ILE W 163 76.51 31.53 2.25
CA ILE W 163 75.51 31.95 1.27
C ILE W 163 74.68 33.12 1.76
N ALA W 164 74.33 33.09 3.04
CA ALA W 164 73.54 34.14 3.65
C ALA W 164 74.26 35.47 3.56
N ASN W 165 75.49 35.50 4.07
CA ASN W 165 76.30 36.71 4.07
C ASN W 165 76.51 37.23 2.66
N ALA W 166 76.88 36.33 1.75
CA ALA W 166 77.11 36.68 0.36
C ALA W 166 75.91 37.38 -0.25
N LEU W 167 74.73 36.91 0.14
CA LEU W 167 73.47 37.46 -0.36
C LEU W 167 73.16 38.73 0.42
N LYS W 168 73.43 38.67 1.72
CA LYS W 168 73.18 39.79 2.62
C LYS W 168 73.73 41.12 2.11
N GLU W 169 74.84 41.09 1.38
CA GLU W 169 75.37 42.35 0.90
C GLU W 169 74.91 42.61 -0.52
N SER W 170 74.58 41.55 -1.22
CA SER W 170 74.29 41.73 -2.62
C SER W 170 72.86 42.04 -2.91
N TYR W 171 72.00 41.87 -1.92
CA TYR W 171 70.59 41.98 -2.17
C TYR W 171 70.14 43.37 -2.50
N ALA W 172 69.37 43.47 -3.58
CA ALA W 172 68.78 44.71 -4.01
C ALA W 172 67.26 44.62 -4.16
N GLU W 173 66.54 45.52 -3.52
CA GLU W 173 65.13 45.51 -3.73
C GLU W 173 64.87 45.87 -5.19
N ASN W 174 63.80 45.31 -5.72
CA ASN W 174 63.40 45.54 -7.09
C ASN W 174 64.38 45.04 -8.11
N ALA W 175 65.16 44.06 -7.70
CA ALA W 175 66.13 43.49 -8.60
C ALA W 175 65.41 42.85 -9.80
N SER W 176 65.98 43.05 -10.97
CA SER W 176 65.40 42.52 -12.16
C SER W 176 65.51 41.06 -11.99
N LEU W 177 64.77 40.32 -12.79
CA LEU W 177 64.83 38.89 -12.64
C LEU W 177 66.26 38.42 -12.83
N THR W 178 66.90 38.95 -13.86
CA THR W 178 68.27 38.59 -14.18
C THR W 178 69.32 38.93 -13.14
N ASP W 179 69.25 40.14 -12.64
CA ASP W 179 70.20 40.51 -11.64
C ASP W 179 70.00 39.57 -10.49
N ALA W 180 68.74 39.35 -10.15
CA ALA W 180 68.45 38.47 -9.03
C ALA W 180 68.97 37.05 -9.19
N LEU W 181 68.79 36.47 -10.35
CA LEU W 181 69.26 35.14 -10.53
C LEU W 181 70.77 35.07 -10.41
N ARG W 182 71.45 36.03 -11.04
CA ARG W 182 72.89 35.97 -10.96
C ARG W 182 73.33 36.11 -9.50
N ILE W 183 72.68 37.01 -8.77
CA ILE W 183 73.03 37.19 -7.40
C ILE W 183 72.83 35.95 -6.55
N ALA W 184 71.71 35.29 -6.76
CA ALA W 184 71.41 34.10 -6.00
C ALA W 184 72.41 33.02 -6.29
N VAL W 185 72.77 32.89 -7.54
CA VAL W 185 73.73 31.87 -7.88
C VAL W 185 75.03 32.14 -7.21
N ALA W 186 75.41 33.41 -7.19
CA ALA W 186 76.66 33.75 -6.57
C ALA W 186 76.64 33.36 -5.11
N ALA W 187 75.58 33.69 -4.40
CA ALA W 187 75.58 33.32 -3.00
C ALA W 187 75.62 31.80 -2.82
N LEU W 188 75.12 31.07 -3.80
CA LEU W 188 75.13 29.62 -3.68
C LEU W 188 76.59 29.10 -3.60
N ARG W 189 77.48 29.73 -4.36
CA ARG W 189 78.90 29.37 -4.39
C ARG W 189 79.66 29.55 -3.07
N ALA W 190 79.32 30.59 -2.34
CA ALA W 190 80.01 30.81 -1.10
C ALA W 190 79.79 29.47 -0.43
N GLY W 191 78.85 28.73 -0.99
CA GLY W 191 78.51 27.41 -0.49
C GLY W 191 78.66 26.42 -1.63
N GLY W 204 75.73 26.45 -12.97
CA GLY W 204 75.19 26.12 -14.29
C GLY W 204 73.81 25.48 -14.33
N VAL W 205 73.12 25.59 -15.47
CA VAL W 205 71.77 25.04 -15.61
C VAL W 205 71.59 23.56 -15.31
N ALA W 206 72.56 22.75 -15.69
CA ALA W 206 72.45 21.32 -15.45
C ALA W 206 72.52 21.04 -13.96
N SER W 207 73.17 21.94 -13.22
CA SER W 207 73.30 21.79 -11.77
C SER W 207 72.25 22.56 -10.96
N LEU W 208 71.33 23.24 -11.64
CA LEU W 208 70.30 24.01 -10.95
C LEU W 208 68.85 23.67 -11.27
N GLU W 209 67.96 24.25 -10.46
CA GLU W 209 66.51 24.13 -10.60
C GLU W 209 66.04 25.57 -10.35
N VAL W 210 65.30 26.14 -11.28
CA VAL W 210 64.86 27.52 -11.13
C VAL W 210 63.38 27.72 -11.46
N ALA W 211 62.72 28.56 -10.67
CA ALA W 211 61.30 28.86 -10.88
C ALA W 211 60.94 30.13 -10.14
N VAL W 212 59.85 30.75 -10.56
CA VAL W 212 59.41 31.98 -9.93
C VAL W 212 57.92 32.03 -9.69
N LEU W 213 57.53 32.90 -8.79
CA LEU W 213 56.14 33.14 -8.61
C LEU W 213 56.09 34.44 -9.34
N ASP W 214 55.39 34.48 -10.45
CA ASP W 214 55.31 35.67 -11.24
C ASP W 214 54.00 36.38 -10.97
N ALA W 215 54.09 37.60 -10.45
CA ALA W 215 52.94 38.40 -10.08
C ALA W 215 52.18 38.82 -11.29
N ASN W 216 52.79 38.70 -12.45
CA ASN W 216 52.12 39.06 -13.65
C ASN W 216 51.23 38.00 -14.25
N ARG W 217 51.26 36.79 -13.73
CA ARG W 217 50.38 35.75 -14.22
C ARG W 217 48.97 36.03 -13.73
N PRO W 218 47.97 35.76 -14.56
CA PRO W 218 46.59 36.02 -14.17
C PRO W 218 46.13 35.17 -12.97
N ARG W 219 46.38 33.87 -12.94
CA ARG W 219 46.00 33.10 -11.76
C ARG W 219 47.13 32.29 -11.18
N ARG W 220 47.70 31.37 -11.93
CA ARG W 220 48.77 30.58 -11.38
C ARG W 220 50.15 31.18 -11.59
N ALA W 221 50.68 31.75 -10.52
CA ALA W 221 51.95 32.42 -10.45
C ALA W 221 53.19 31.56 -10.68
N PHE W 222 53.18 30.35 -10.17
CA PHE W 222 54.33 29.50 -10.28
C PHE W 222 54.62 29.06 -11.69
N ARG W 223 55.89 29.13 -12.04
CA ARG W 223 56.36 28.69 -13.33
C ARG W 223 57.84 28.38 -13.26
N ARG W 224 58.26 27.43 -14.05
CA ARG W 224 59.67 27.02 -14.06
C ARG W 224 60.43 27.66 -15.21
N ILE W 225 61.68 27.97 -14.92
CA ILE W 225 62.58 28.56 -15.86
C ILE W 225 63.64 27.50 -16.07
N THR W 226 63.63 26.89 -17.25
CA THR W 226 64.59 25.86 -17.54
C THR W 226 65.30 25.96 -18.88
N GLY W 227 66.36 25.15 -19.01
CA GLY W 227 67.15 25.12 -20.22
C GLY W 227 67.74 26.40 -20.75
N SER W 228 67.48 26.64 -22.02
CA SER W 228 67.96 27.82 -22.73
C SER W 228 67.43 29.08 -22.12
N ALA W 229 66.16 29.04 -21.73
CA ALA W 229 65.57 30.20 -21.13
C ALA W 229 66.37 30.38 -19.87
N LEU W 230 66.59 29.28 -19.17
CA LEU W 230 67.36 29.38 -17.95
C LEU W 230 68.82 29.71 -18.21
N GLN W 231 69.42 28.99 -19.15
CA GLN W 231 70.82 29.20 -19.50
C GLN W 231 70.93 30.61 -20.04
N ALA W 232 69.93 31.00 -20.83
CA ALA W 232 69.90 32.32 -21.43
C ALA W 232 69.84 33.42 -20.38
N LEU W 233 69.09 33.20 -19.31
CA LEU W 233 68.95 34.22 -18.29
C LEU W 233 70.29 34.59 -17.68
N LEU W 234 71.14 33.60 -17.52
CA LEU W 234 72.46 33.83 -16.94
C LEU W 234 73.39 34.50 -17.95
N THR X 1 17.25 23.42 -20.05
CA THR X 1 18.67 23.61 -20.35
C THR X 1 19.16 22.92 -21.63
N THR X 2 20.09 23.58 -22.29
CA THR X 2 20.70 22.96 -23.44
C THR X 2 22.14 23.41 -23.51
N ILE X 3 23.04 22.41 -23.65
CA ILE X 3 24.45 22.68 -23.77
C ILE X 3 24.83 21.88 -24.99
N VAL X 4 25.58 22.49 -25.91
CA VAL X 4 26.01 21.76 -27.11
C VAL X 4 27.52 21.88 -27.26
N ALA X 5 28.10 20.92 -27.98
CA ALA X 5 29.53 20.92 -28.23
C ALA X 5 29.75 20.35 -29.62
N LEU X 6 30.68 20.93 -30.36
CA LEU X 6 31.00 20.46 -31.69
C LEU X 6 32.45 20.64 -32.05
N LYS X 7 32.94 19.78 -32.94
CA LYS X 7 34.30 19.87 -33.45
C LYS X 7 34.35 20.68 -34.72
N TYR X 8 35.39 21.47 -34.86
CA TYR X 8 35.63 22.24 -36.05
C TYR X 8 37.09 21.96 -36.35
N PRO X 9 37.58 22.22 -37.53
CA PRO X 9 38.96 21.85 -37.81
C PRO X 9 39.92 22.57 -36.89
N GLY X 10 40.70 21.79 -36.19
CA GLY X 10 41.63 22.34 -35.25
C GLY X 10 41.12 22.81 -33.90
N GLY X 11 39.85 22.56 -33.57
CA GLY X 11 39.30 22.97 -32.29
C GLY X 11 37.95 22.43 -31.87
N VAL X 12 37.48 22.85 -30.72
CA VAL X 12 36.13 22.51 -30.29
C VAL X 12 35.45 23.74 -29.76
N VAL X 13 34.15 23.74 -29.81
CA VAL X 13 33.40 24.77 -29.18
C VAL X 13 32.31 24.17 -28.35
N MET X 14 32.03 24.78 -27.21
CA MET X 14 30.94 24.34 -26.35
C MET X 14 30.16 25.61 -25.96
N ALA X 15 28.84 25.55 -26.01
CA ALA X 15 28.04 26.71 -25.69
C ALA X 15 26.82 26.26 -24.93
N GLY X 16 26.32 27.12 -24.03
CA GLY X 16 25.13 26.78 -23.27
C GLY X 16 24.17 27.95 -23.09
N ASP X 17 22.91 27.66 -22.81
CA ASP X 17 21.91 28.69 -22.60
C ASP X 17 22.04 29.27 -21.18
N ARG X 18 21.14 30.19 -20.83
CA ARG X 18 21.23 30.88 -19.53
C ARG X 18 20.03 30.73 -18.58
N ARG X 19 19.07 29.92 -18.95
CA ARG X 19 17.88 29.76 -18.16
C ARG X 19 17.96 28.80 -16.99
N SER X 20 17.15 29.09 -15.99
CA SER X 20 17.05 28.27 -14.81
C SER X 20 15.55 28.20 -14.49
N THR X 21 15.03 27.01 -14.20
CA THR X 21 13.62 26.86 -13.88
C THR X 21 13.31 26.09 -12.58
N GLN X 22 12.13 26.40 -12.05
CA GLN X 22 11.58 25.82 -10.84
C GLN X 22 10.17 25.49 -11.32
N GLY X 23 10.01 24.31 -11.90
CA GLY X 23 8.73 23.93 -12.48
C GLY X 23 8.56 24.77 -13.75
N ASN X 24 7.44 25.48 -13.83
CA ASN X 24 7.15 26.34 -14.96
C ASN X 24 7.72 27.72 -14.78
N MET X 25 8.11 28.06 -13.56
CA MET X 25 8.66 29.38 -13.30
C MET X 25 10.10 29.58 -13.70
N ILE X 26 10.37 30.73 -14.28
CA ILE X 26 11.71 31.08 -14.70
C ILE X 26 12.40 31.57 -13.44
N SER X 27 13.49 30.94 -13.08
CA SER X 27 14.18 31.35 -11.90
C SER X 27 15.53 31.97 -12.13
N GLY X 28 16.06 31.91 -13.32
CA GLY X 28 17.34 32.48 -13.60
C GLY X 28 17.39 32.86 -15.04
N ARG X 29 18.16 33.88 -15.37
CA ARG X 29 18.30 34.35 -16.73
C ARG X 29 19.74 34.61 -17.04
N ASP X 30 20.57 34.47 -16.04
CA ASP X 30 21.99 34.70 -16.15
C ASP X 30 22.89 33.55 -15.86
N VAL X 31 22.40 32.35 -15.68
CA VAL X 31 23.26 31.22 -15.37
C VAL X 31 24.31 30.90 -16.40
N ARG X 32 25.51 30.68 -15.94
CA ARG X 32 26.62 30.36 -16.79
C ARG X 32 26.78 28.88 -16.58
N LYS X 33 26.61 28.11 -17.63
CA LYS X 33 26.73 26.67 -17.52
C LYS X 33 27.96 25.99 -18.09
N VAL X 34 28.75 26.74 -18.82
CA VAL X 34 29.95 26.20 -19.42
C VAL X 34 31.18 26.74 -18.71
N TYR X 35 31.99 25.84 -18.17
CA TYR X 35 33.18 26.23 -17.44
C TYR X 35 34.45 25.78 -18.11
N ILE X 36 35.48 26.61 -17.98
CA ILE X 36 36.78 26.22 -18.47
C ILE X 36 37.36 25.43 -17.30
N THR X 37 37.49 24.12 -17.45
CA THR X 37 38.00 23.27 -16.38
C THR X 37 39.52 23.35 -16.19
N ASP X 38 40.26 23.35 -17.30
CA ASP X 38 41.71 23.50 -17.28
C ASP X 38 42.08 24.15 -18.62
N ASP X 39 43.37 24.34 -18.91
CA ASP X 39 43.75 25.00 -20.15
C ASP X 39 43.23 24.39 -21.45
N TYR X 40 42.87 23.12 -21.44
CA TYR X 40 42.42 22.47 -22.66
C TYR X 40 41.11 21.72 -22.52
N THR X 41 40.32 22.08 -21.52
CA THR X 41 39.08 21.37 -21.27
C THR X 41 37.98 22.27 -20.80
N ALA X 42 36.75 21.96 -21.21
CA ALA X 42 35.61 22.73 -20.75
C ALA X 42 34.53 21.74 -20.40
N THR X 43 33.71 22.12 -19.43
CA THR X 43 32.62 21.29 -18.96
C THR X 43 31.32 22.05 -18.94
N GLY X 44 30.26 21.38 -19.38
CA GLY X 44 28.94 21.98 -19.40
C GLY X 44 28.05 20.98 -18.66
N ILE X 45 27.30 21.44 -17.67
CA ILE X 45 26.47 20.48 -16.95
C ILE X 45 25.01 20.89 -16.92
N ALA X 46 24.15 19.89 -17.09
CA ALA X 46 22.70 20.10 -17.10
C ALA X 46 22.06 19.38 -15.93
N GLY X 47 20.81 19.74 -15.61
CA GLY X 47 20.13 19.08 -14.51
C GLY X 47 20.00 19.96 -13.29
N THR X 48 20.07 19.36 -12.10
CA THR X 48 19.92 20.11 -10.86
C THR X 48 21.10 21.07 -10.65
N ALA X 49 20.79 22.35 -10.70
CA ALA X 49 21.79 23.42 -10.58
C ALA X 49 22.80 23.29 -9.47
N ALA X 50 22.31 23.05 -8.26
CA ALA X 50 23.19 22.91 -7.10
C ALA X 50 24.26 21.85 -7.38
N VAL X 51 23.83 20.69 -7.87
CA VAL X 51 24.77 19.60 -8.15
C VAL X 51 25.67 19.93 -9.34
N ALA X 52 25.08 20.48 -10.41
CA ALA X 52 25.84 20.82 -11.60
C ALA X 52 27.01 21.73 -11.27
N VAL X 53 26.77 22.76 -10.46
CA VAL X 53 27.82 23.69 -10.09
C VAL X 53 28.91 23.03 -9.26
N GLU X 54 28.50 22.24 -8.28
CA GLU X 54 29.42 21.54 -7.41
C GLU X 54 30.34 20.65 -8.27
N PHE X 55 29.74 19.93 -9.23
CA PHE X 55 30.51 19.06 -10.09
C PHE X 55 31.63 19.79 -10.82
N ALA X 56 31.27 20.88 -11.48
CA ALA X 56 32.23 21.65 -12.26
C ALA X 56 33.36 22.16 -11.40
N ARG X 57 33.00 22.65 -10.22
CA ARG X 57 33.97 23.21 -9.29
C ARG X 57 34.90 22.13 -8.75
N LEU X 58 34.32 21.04 -8.26
CA LEU X 58 35.13 19.94 -7.74
C LEU X 58 36.02 19.34 -8.82
N TYR X 59 35.44 19.03 -9.98
CA TYR X 59 36.17 18.49 -11.11
C TYR X 59 37.41 19.30 -11.47
N ALA X 60 37.26 20.61 -11.60
CA ALA X 60 38.40 21.46 -11.94
C ALA X 60 39.48 21.39 -10.85
N VAL X 61 39.06 21.37 -9.59
CA VAL X 61 40.01 21.28 -8.50
C VAL X 61 40.76 19.96 -8.59
N GLU X 62 40.03 18.86 -8.77
CA GLU X 62 40.64 17.54 -8.86
C GLU X 62 41.66 17.46 -10.01
N LEU X 63 41.38 18.09 -11.15
CA LEU X 63 42.30 18.08 -12.28
C LEU X 63 43.60 18.83 -11.96
N GLU X 64 43.47 20.01 -11.37
CA GLU X 64 44.63 20.79 -11.00
C GLU X 64 45.35 20.22 -9.81
N HIS X 65 44.63 19.49 -9.01
CA HIS X 65 45.22 18.84 -7.86
C HIS X 65 46.23 17.80 -8.33
N TYR X 66 45.85 17.05 -9.36
CA TYR X 66 46.70 16.02 -9.92
C TYR X 66 47.94 16.64 -10.54
N GLU X 67 47.73 17.69 -11.30
CA GLU X 67 48.81 18.38 -11.99
C GLU X 67 49.89 18.86 -11.02
N LYS X 68 49.47 19.55 -9.96
CA LYS X 68 50.41 20.07 -8.99
C LYS X 68 51.15 18.94 -8.27
N LEU X 69 50.42 17.92 -7.92
CA LEU X 69 50.97 16.78 -7.24
C LEU X 69 51.96 15.98 -8.09
N GLU X 70 51.60 15.72 -9.34
CA GLU X 70 52.43 14.90 -10.19
C GLU X 70 53.28 15.66 -11.21
N GLY X 71 53.16 16.98 -11.20
CA GLY X 71 53.97 17.78 -12.11
C GLY X 71 53.56 17.74 -13.57
N VAL X 72 52.56 16.95 -13.88
CA VAL X 72 52.10 16.86 -15.26
C VAL X 72 50.58 16.70 -15.30
N PRO X 73 49.92 17.21 -16.35
CA PRO X 73 48.47 17.06 -16.41
C PRO X 73 48.06 15.62 -16.62
N LEU X 74 46.83 15.31 -16.24
CA LEU X 74 46.25 14.00 -16.42
C LEU X 74 46.04 13.83 -17.94
N THR X 75 46.13 12.59 -18.45
CA THR X 75 45.89 12.36 -19.88
C THR X 75 44.41 12.62 -20.11
N PHE X 76 44.01 12.85 -21.35
CA PHE X 76 42.61 13.10 -21.61
C PHE X 76 41.74 11.95 -21.14
N ALA X 77 42.21 10.70 -21.32
CA ALA X 77 41.43 9.55 -20.88
C ALA X 77 41.26 9.58 -19.38
N GLY X 78 42.31 9.96 -18.65
CA GLY X 78 42.20 10.05 -17.20
C GLY X 78 41.18 11.11 -16.80
N LYS X 79 41.14 12.22 -17.55
CA LYS X 79 40.18 13.26 -17.23
C LYS X 79 38.76 12.69 -17.37
N ILE X 80 38.56 11.93 -18.43
CA ILE X 80 37.25 11.34 -18.67
C ILE X 80 36.88 10.44 -17.52
N ASN X 81 37.79 9.56 -17.15
CA ASN X 81 37.51 8.61 -16.09
C ASN X 81 37.15 9.30 -14.76
N ARG X 82 37.88 10.34 -14.43
CA ARG X 82 37.59 11.06 -13.20
C ARG X 82 36.20 11.66 -13.19
N LEU X 83 35.76 12.19 -14.32
CA LEU X 83 34.45 12.77 -14.40
C LEU X 83 33.38 11.68 -14.30
N ALA X 84 33.61 10.56 -14.99
CA ALA X 84 32.66 9.45 -14.98
C ALA X 84 32.47 8.92 -13.57
N ILE X 85 33.57 8.82 -12.83
CA ILE X 85 33.55 8.33 -11.46
C ILE X 85 32.67 9.24 -10.61
N MET X 86 32.83 10.56 -10.80
CA MET X 86 32.07 11.56 -10.07
C MET X 86 30.55 11.39 -10.37
N VAL X 87 30.20 11.21 -11.64
CA VAL X 87 28.80 11.03 -11.98
C VAL X 87 28.24 9.75 -11.37
N ARG X 88 29.00 8.65 -11.47
CA ARG X 88 28.56 7.37 -10.90
C ARG X 88 28.27 7.56 -9.41
N GLY X 89 29.19 8.23 -8.72
CA GLY X 89 29.02 8.48 -7.29
C GLY X 89 27.75 9.22 -6.90
N ASN X 90 27.16 9.93 -7.84
CA ASN X 90 25.93 10.68 -7.56
C ASN X 90 24.66 9.92 -7.94
N LEU X 91 24.84 8.70 -8.45
CA LEU X 91 23.68 7.93 -8.89
C LEU X 91 22.53 7.84 -7.87
N ALA X 92 22.80 7.45 -6.63
CA ALA X 92 21.75 7.35 -5.62
C ALA X 92 21.01 8.67 -5.47
N ALA X 93 21.75 9.74 -5.33
CA ALA X 93 21.21 11.09 -5.24
C ALA X 93 20.44 11.49 -6.48
N ALA X 94 20.91 11.10 -7.65
CA ALA X 94 20.22 11.44 -8.88
C ALA X 94 18.80 10.91 -8.89
N MET X 95 18.63 9.72 -8.36
CA MET X 95 17.35 9.06 -8.25
C MET X 95 16.38 9.73 -7.28
N GLN X 96 16.95 10.51 -6.37
CA GLN X 96 16.16 11.26 -5.43
C GLN X 96 15.89 12.70 -5.90
N GLY X 97 16.20 13.03 -7.15
CA GLY X 97 16.06 14.38 -7.65
C GLY X 97 17.29 15.23 -7.73
N LEU X 98 18.44 14.63 -7.62
CA LEU X 98 19.66 15.39 -7.71
C LEU X 98 20.49 15.11 -8.93
N LEU X 99 19.86 14.76 -10.02
CA LEU X 99 20.58 14.45 -11.22
C LEU X 99 21.35 15.56 -11.90
N ALA X 100 22.59 15.29 -12.22
CA ALA X 100 23.39 16.20 -12.97
C ALA X 100 24.18 15.51 -14.08
N LEU X 101 23.95 15.84 -15.33
CA LEU X 101 24.70 15.24 -16.42
C LEU X 101 25.67 16.19 -17.07
N PRO X 102 26.96 15.83 -17.10
CA PRO X 102 27.90 16.73 -17.75
C PRO X 102 28.12 16.40 -19.23
N LEU X 103 28.74 17.33 -19.93
CA LEU X 103 29.15 17.18 -21.32
C LEU X 103 30.57 17.71 -21.27
N LEU X 104 31.53 16.95 -21.81
CA LEU X 104 32.92 17.36 -21.77
C LEU X 104 33.47 17.67 -23.15
N ALA X 105 34.25 18.75 -23.25
CA ALA X 105 34.86 19.13 -24.52
C ALA X 105 36.31 19.50 -24.24
N GLY X 106 37.20 19.09 -25.13
CA GLY X 106 38.60 19.41 -24.95
C GLY X 106 39.46 19.24 -26.18
N TYR X 107 40.69 19.67 -26.07
CA TYR X 107 41.66 19.56 -27.13
C TYR X 107 42.78 18.69 -26.56
N ASP X 108 43.06 17.56 -27.19
CA ASP X 108 44.11 16.67 -26.70
C ASP X 108 45.47 17.04 -27.29
N ILE X 109 46.27 17.80 -26.56
CA ILE X 109 47.58 18.19 -27.10
C ILE X 109 48.45 16.97 -27.47
N HIS X 110 48.21 15.84 -26.83
CA HIS X 110 49.01 14.65 -27.15
C HIS X 110 48.40 13.78 -28.24
N ALA X 111 47.49 14.34 -29.02
CA ALA X 111 46.90 13.58 -30.11
C ALA X 111 47.82 13.64 -31.33
N SER X 112 47.77 12.58 -32.13
CA SER X 112 48.58 12.49 -33.33
C SER X 112 48.33 13.67 -34.26
N ASP X 113 47.13 13.74 -34.81
CA ASP X 113 46.78 14.81 -35.73
C ASP X 113 46.07 15.98 -35.05
N PRO X 114 46.70 17.17 -35.05
CA PRO X 114 46.23 18.43 -34.47
C PRO X 114 44.87 18.92 -35.01
N GLN X 115 44.63 18.67 -36.29
CA GLN X 115 43.36 19.09 -36.89
C GLN X 115 42.19 18.36 -36.26
N SER X 116 42.46 17.16 -35.73
CA SER X 116 41.43 16.33 -35.11
C SER X 116 41.67 16.04 -33.63
N ALA X 117 42.44 16.89 -32.97
CA ALA X 117 42.73 16.72 -31.56
C ALA X 117 41.55 17.16 -30.69
N GLY X 118 40.44 17.53 -31.33
CA GLY X 118 39.28 17.95 -30.57
C GLY X 118 38.57 16.75 -29.97
N ARG X 119 38.00 16.92 -28.79
CA ARG X 119 37.31 15.81 -28.14
C ARG X 119 35.97 16.23 -27.54
N ILE X 120 34.99 15.36 -27.68
CA ILE X 120 33.68 15.60 -27.13
C ILE X 120 33.24 14.31 -26.46
N VAL X 121 32.93 14.39 -25.16
CA VAL X 121 32.52 13.19 -24.43
C VAL X 121 31.20 13.41 -23.70
N SER X 122 30.23 12.54 -23.95
CA SER X 122 28.93 12.61 -23.27
C SER X 122 28.89 11.55 -22.15
N PHE X 123 27.98 11.73 -21.19
CA PHE X 123 27.86 10.85 -20.04
C PHE X 123 26.41 10.57 -19.73
N ASP X 124 26.10 9.34 -19.32
CA ASP X 124 24.73 9.03 -18.92
C ASP X 124 24.71 9.08 -17.39
N ALA X 125 23.54 8.96 -16.78
CA ALA X 125 23.40 9.05 -15.33
C ALA X 125 24.16 8.02 -14.52
N ALA X 126 24.54 6.91 -15.15
CA ALA X 126 25.28 5.89 -14.42
C ALA X 126 26.78 6.10 -14.56
N GLY X 127 27.17 7.15 -15.26
CA GLY X 127 28.59 7.42 -15.42
C GLY X 127 29.17 6.83 -16.69
N GLY X 128 28.31 6.21 -17.49
CA GLY X 128 28.77 5.66 -18.74
C GLY X 128 29.17 6.83 -19.63
N TRP X 129 30.37 6.75 -20.19
CA TRP X 129 30.82 7.80 -21.07
C TRP X 129 30.97 7.27 -22.49
N ASN X 130 30.97 8.20 -23.43
CA ASN X 130 31.12 7.91 -24.85
C ASN X 130 31.84 9.07 -25.55
N ILE X 131 32.96 8.74 -26.19
CA ILE X 131 33.71 9.75 -26.96
C ILE X 131 32.98 9.87 -28.29
N GLU X 132 32.35 11.02 -28.51
CA GLU X 132 31.57 11.24 -29.71
C GLU X 132 32.43 11.22 -30.97
N GLU X 133 32.01 10.44 -31.95
CA GLU X 133 32.76 10.36 -33.21
C GLU X 133 32.08 11.09 -34.37
N GLU X 134 30.82 11.47 -34.21
CA GLU X 134 30.11 12.16 -35.27
C GLU X 134 30.18 13.69 -35.30
N GLY X 135 31.08 14.29 -34.51
CA GLY X 135 31.24 15.74 -34.56
C GLY X 135 30.54 16.66 -33.58
N TYR X 136 29.39 16.25 -33.03
CA TYR X 136 28.68 17.11 -32.11
C TYR X 136 27.88 16.31 -31.09
N GLN X 137 27.42 16.98 -30.04
CA GLN X 137 26.66 16.30 -29.02
C GLN X 137 25.98 17.38 -28.20
N ALA X 138 24.98 16.99 -27.41
CA ALA X 138 24.27 17.95 -26.60
C ALA X 138 23.68 17.27 -25.38
N VAL X 139 23.43 18.06 -24.33
CA VAL X 139 22.85 17.51 -23.13
C VAL X 139 21.86 18.51 -22.54
N GLY X 140 20.84 18.01 -21.86
CA GLY X 140 19.84 18.87 -21.26
C GLY X 140 18.46 18.61 -21.85
N SER X 141 17.45 19.27 -21.29
CA SER X 141 16.07 19.10 -21.75
C SER X 141 15.82 19.50 -23.21
N GLY X 142 16.76 20.21 -23.83
CA GLY X 142 16.54 20.58 -25.21
C GLY X 142 17.57 19.93 -26.12
N SER X 143 18.32 18.97 -25.59
CA SER X 143 19.35 18.33 -26.38
C SER X 143 18.85 17.61 -27.65
N LEU X 144 17.66 17.02 -27.61
CA LEU X 144 17.11 16.35 -28.77
C LEU X 144 16.98 17.38 -29.90
N PHE X 145 16.34 18.49 -29.60
CA PHE X 145 16.16 19.52 -30.58
C PHE X 145 17.46 20.08 -31.11
N ALA X 146 18.44 20.28 -30.26
CA ALA X 146 19.70 20.82 -30.71
C ALA X 146 20.46 19.84 -31.59
N LYS X 147 20.40 18.55 -31.24
CA LYS X 147 21.09 17.55 -32.04
C LYS X 147 20.48 17.41 -33.41
N SER X 148 19.16 17.44 -33.48
CA SER X 148 18.51 17.34 -34.78
C SER X 148 18.81 18.59 -35.62
N SER X 149 19.03 19.72 -34.95
CA SER X 149 19.34 20.95 -35.63
C SER X 149 20.77 20.83 -36.18
N MET X 150 21.72 20.49 -35.31
CA MET X 150 23.11 20.35 -35.74
C MET X 150 23.28 19.30 -36.85
N LYS X 151 22.48 18.27 -36.85
CA LYS X 151 22.55 17.23 -37.84
C LYS X 151 22.43 17.83 -39.25
N LYS X 152 21.54 18.78 -39.39
CA LYS X 152 21.30 19.45 -40.64
C LYS X 152 22.27 20.62 -40.89
N LEU X 153 22.93 21.11 -39.84
CA LEU X 153 23.79 22.27 -40.01
C LEU X 153 25.25 22.01 -39.98
N TYR X 154 25.62 20.85 -39.46
CA TYR X 154 27.02 20.51 -39.30
C TYR X 154 27.91 20.63 -40.53
N SER X 155 27.34 20.38 -41.70
CA SER X 155 28.14 20.48 -42.92
C SER X 155 28.63 21.89 -43.18
N GLN X 156 28.04 22.88 -42.52
CA GLN X 156 28.48 24.26 -42.70
C GLN X 156 29.68 24.62 -41.78
N VAL X 157 30.03 23.78 -40.84
CA VAL X 157 31.14 24.12 -40.01
C VAL X 157 32.43 23.86 -40.76
N THR X 158 33.16 24.93 -41.06
CA THR X 158 34.43 24.83 -41.77
C THR X 158 35.54 25.45 -40.99
N ASP X 159 35.21 26.13 -39.93
CA ASP X 159 36.18 26.80 -39.08
C ASP X 159 35.55 27.19 -37.76
N GLY X 160 36.32 27.83 -36.92
CA GLY X 160 35.83 28.25 -35.64
C GLY X 160 34.65 29.20 -35.64
N ASP X 161 34.61 30.17 -36.54
CA ASP X 161 33.50 31.11 -36.59
C ASP X 161 32.21 30.41 -36.98
N SER X 162 32.29 29.52 -37.95
CA SER X 162 31.13 28.78 -38.39
C SER X 162 30.66 27.76 -37.33
N GLY X 163 31.61 27.14 -36.62
CA GLY X 163 31.28 26.17 -35.60
C GLY X 163 30.53 26.89 -34.50
N LEU X 164 31.07 28.01 -34.07
CA LEU X 164 30.42 28.80 -33.04
C LEU X 164 29.03 29.24 -33.48
N ARG X 165 28.87 29.59 -34.75
CA ARG X 165 27.57 30.01 -35.26
C ARG X 165 26.59 28.84 -35.27
N VAL X 166 27.06 27.67 -35.67
CA VAL X 166 26.17 26.52 -35.70
C VAL X 166 25.75 26.22 -34.27
N ALA X 167 26.70 26.33 -33.33
CA ALA X 167 26.41 26.09 -31.92
C ALA X 167 25.26 26.98 -31.46
N VAL X 168 25.41 28.28 -31.70
CA VAL X 168 24.39 29.24 -31.29
C VAL X 168 23.07 28.98 -31.95
N GLU X 169 23.08 28.59 -33.22
CA GLU X 169 21.82 28.31 -33.89
C GLU X 169 21.17 27.06 -33.29
N ALA X 170 22.00 26.09 -32.91
CA ALA X 170 21.48 24.87 -32.29
C ALA X 170 20.75 25.24 -30.96
N LEU X 171 21.39 26.10 -30.16
CA LEU X 171 20.80 26.55 -28.91
C LEU X 171 19.50 27.29 -29.22
N TYR X 172 19.53 28.09 -30.27
CA TYR X 172 18.33 28.84 -30.65
C TYR X 172 17.19 27.87 -30.98
N ASP X 173 17.48 26.81 -31.68
CA ASP X 173 16.47 25.84 -32.04
C ASP X 173 15.97 25.14 -30.81
N ALA X 174 16.86 24.88 -29.88
CA ALA X 174 16.49 24.22 -28.64
C ALA X 174 15.48 25.09 -27.89
N ALA X 175 15.80 26.37 -27.73
CA ALA X 175 14.89 27.27 -27.02
C ALA X 175 13.58 27.39 -27.75
N ASP X 176 13.64 27.30 -29.07
CA ASP X 176 12.41 27.39 -29.89
C ASP X 176 11.41 26.29 -29.53
N ASP X 177 11.88 25.11 -29.21
CA ASP X 177 11.01 23.99 -28.85
C ASP X 177 10.93 23.59 -27.37
N ASP X 178 11.92 23.96 -26.58
CA ASP X 178 11.95 23.61 -25.16
C ASP X 178 11.85 24.84 -24.25
N SER X 179 10.69 25.01 -23.61
CA SER X 179 10.47 26.15 -22.73
C SER X 179 11.47 26.22 -21.58
N ALA X 180 12.15 25.11 -21.27
CA ALA X 180 13.14 25.15 -20.20
C ALA X 180 14.51 25.62 -20.70
N THR X 181 14.64 25.92 -21.99
CA THR X 181 15.90 26.42 -22.51
C THR X 181 15.65 27.89 -22.90
N GLY X 182 16.56 28.77 -22.51
CA GLY X 182 16.36 30.19 -22.79
C GLY X 182 16.98 30.64 -24.09
N GLY X 183 16.19 31.34 -24.90
CA GLY X 183 16.72 31.84 -26.16
C GLY X 183 17.46 33.16 -25.89
N PRO X 184 18.01 33.80 -26.93
CA PRO X 184 18.72 35.07 -26.74
C PRO X 184 17.72 36.11 -26.21
N ASP X 185 18.10 36.88 -25.19
CA ASP X 185 17.20 37.91 -24.65
C ASP X 185 17.72 39.28 -25.15
N LEU X 186 17.07 39.78 -26.20
CA LEU X 186 17.46 41.04 -26.80
C LEU X 186 17.14 42.25 -25.93
N VAL X 187 16.05 42.17 -25.19
CA VAL X 187 15.67 43.26 -24.29
C VAL X 187 16.71 43.46 -23.19
N ARG X 188 17.17 42.38 -22.58
CA ARG X 188 18.15 42.47 -21.49
C ARG X 188 19.58 42.31 -21.93
N GLY X 189 19.80 41.95 -23.19
CA GLY X 189 21.17 41.77 -23.65
C GLY X 189 21.85 40.54 -23.07
N ILE X 190 21.10 39.48 -22.83
CA ILE X 190 21.68 38.24 -22.30
C ILE X 190 21.72 37.20 -23.41
N PHE X 191 22.89 36.62 -23.61
CA PHE X 191 23.07 35.62 -24.64
C PHE X 191 23.75 34.37 -24.11
N PRO X 192 23.67 33.28 -24.89
CA PRO X 192 24.30 32.01 -24.50
C PRO X 192 25.76 32.32 -24.28
N THR X 193 26.45 31.50 -23.47
CA THR X 193 27.89 31.70 -23.28
C THR X 193 28.58 30.59 -24.08
N ALA X 194 29.87 30.77 -24.35
CA ALA X 194 30.58 29.75 -25.12
C ALA X 194 32.06 29.75 -24.87
N VAL X 195 32.66 28.57 -25.01
CA VAL X 195 34.10 28.39 -24.86
C VAL X 195 34.63 27.74 -26.13
N ILE X 196 35.79 28.22 -26.57
CA ILE X 196 36.41 27.68 -27.76
C ILE X 196 37.77 27.19 -27.34
N ILE X 197 38.11 25.97 -27.76
CA ILE X 197 39.40 25.38 -27.43
C ILE X 197 40.14 24.89 -28.66
N ASP X 198 41.40 25.31 -28.78
CA ASP X 198 42.27 24.86 -29.87
C ASP X 198 43.67 24.66 -29.30
N ALA X 199 44.66 24.49 -30.15
CA ALA X 199 46.02 24.25 -29.69
C ALA X 199 46.53 25.32 -28.72
N ASP X 200 45.97 26.52 -28.80
CA ASP X 200 46.44 27.56 -27.92
C ASP X 200 45.69 27.60 -26.61
N GLY X 201 44.79 26.65 -26.40
CA GLY X 201 44.05 26.61 -25.15
C GLY X 201 42.58 26.99 -25.19
N ALA X 202 41.93 26.88 -24.03
CA ALA X 202 40.52 27.20 -23.91
C ALA X 202 40.33 28.69 -23.64
N VAL X 203 39.43 29.31 -24.38
CA VAL X 203 39.14 30.73 -24.19
C VAL X 203 37.64 30.98 -24.12
N ASP X 204 37.23 31.97 -23.33
CA ASP X 204 35.81 32.32 -23.27
C ASP X 204 35.49 33.16 -24.50
N VAL X 205 34.39 32.87 -25.17
CA VAL X 205 34.03 33.64 -26.35
C VAL X 205 33.39 34.96 -25.88
N PRO X 206 33.80 36.09 -26.47
CA PRO X 206 33.27 37.42 -26.11
C PRO X 206 31.79 37.52 -26.35
N GLU X 207 31.06 38.16 -25.44
CA GLU X 207 29.60 38.28 -25.60
C GLU X 207 29.16 38.97 -26.89
N SER X 208 29.96 39.93 -27.34
CA SER X 208 29.63 40.68 -28.54
C SER X 208 29.56 39.77 -29.75
N ARG X 209 30.55 38.88 -29.92
CA ARG X 209 30.52 37.97 -31.06
C ARG X 209 29.25 37.11 -31.00
N ILE X 210 28.93 36.58 -29.83
CA ILE X 210 27.74 35.75 -29.72
C ILE X 210 26.50 36.57 -30.01
N ALA X 211 26.49 37.82 -29.56
CA ALA X 211 25.35 38.70 -29.80
C ALA X 211 25.15 38.95 -31.31
N GLU X 212 26.23 39.23 -32.04
CA GLU X 212 26.10 39.46 -33.48
C GLU X 212 25.53 38.19 -34.16
N LEU X 213 26.09 37.03 -33.81
CA LEU X 213 25.63 35.77 -34.37
C LEU X 213 24.16 35.54 -34.06
N ALA X 214 23.77 35.81 -32.82
CA ALA X 214 22.40 35.60 -32.40
C ALA X 214 21.40 36.47 -33.18
N ARG X 215 21.76 37.74 -33.36
CA ARG X 215 20.91 38.69 -34.09
C ARG X 215 20.80 38.26 -35.55
N ALA X 216 21.89 37.76 -36.11
CA ALA X 216 21.86 37.31 -37.49
C ALA X 216 20.97 36.08 -37.64
N ILE X 217 21.10 35.11 -36.73
CA ILE X 217 20.23 33.92 -36.81
C ILE X 217 18.76 34.40 -36.71
N ILE X 218 18.48 35.33 -35.80
CA ILE X 218 17.11 35.83 -35.67
C ILE X 218 16.60 36.55 -36.93
N GLU X 219 17.38 37.48 -37.48
CA GLU X 219 16.99 38.19 -38.71
C GLU X 219 16.62 37.14 -39.74
N SER X 220 17.59 36.26 -39.98
CA SER X 220 17.46 35.15 -40.90
C SER X 220 16.18 34.33 -40.76
N ARG X 221 15.70 34.11 -39.55
CA ARG X 221 14.47 33.33 -39.35
C ARG X 221 13.28 34.22 -39.62
N SER X 222 13.46 35.51 -39.45
CA SER X 222 12.38 36.47 -39.66
C SER X 222 11.92 36.56 -41.11
N SER Y 8 72.02 6.74 22.25
CA SER Y 8 72.52 7.29 21.02
C SER Y 8 71.50 7.01 19.96
N PRO Y 9 70.52 7.87 19.75
CA PRO Y 9 69.55 7.57 18.71
C PRO Y 9 70.24 7.51 17.35
N GLU Y 10 71.15 8.46 17.13
CA GLU Y 10 71.91 8.56 15.90
C GLU Y 10 72.84 7.37 15.71
N GLN Y 11 73.42 6.94 16.81
CA GLN Y 11 74.33 5.82 16.83
C GLN Y 11 73.56 4.57 16.47
N ALA Y 12 72.34 4.50 17.00
CA ALA Y 12 71.48 3.38 16.76
C ALA Y 12 71.14 3.37 15.30
N MET Y 13 70.80 4.56 14.84
CA MET Y 13 70.45 4.77 13.47
C MET Y 13 71.69 4.50 12.65
N ARG Y 14 72.78 4.21 13.37
CA ARG Y 14 74.05 3.95 12.72
C ARG Y 14 74.12 2.46 12.56
N GLU Y 15 73.92 1.76 13.65
CA GLU Y 15 73.94 0.32 13.61
C GLU Y 15 72.83 -0.17 12.66
N ARG Y 16 71.62 0.36 12.85
CA ARG Y 16 70.49 -0.02 12.02
C ARG Y 16 70.97 -0.03 10.63
N SER Y 17 71.61 1.06 10.25
CA SER Y 17 72.10 1.21 8.91
C SER Y 17 73.21 0.26 8.53
N GLU Y 18 73.95 -0.24 9.51
CA GLU Y 18 75.02 -1.15 9.16
C GLU Y 18 74.37 -2.48 8.98
N LEU Y 19 73.42 -2.75 9.83
CA LEU Y 19 72.67 -3.97 9.79
C LEU Y 19 72.09 -4.18 8.39
N ALA Y 20 71.49 -3.13 7.84
CA ALA Y 20 70.94 -3.22 6.50
C ALA Y 20 72.04 -3.36 5.44
N ARG Y 21 73.03 -2.48 5.49
CA ARG Y 21 74.09 -2.56 4.50
C ARG Y 21 74.81 -3.92 4.44
N LYS Y 22 74.98 -4.55 5.59
CA LYS Y 22 75.67 -5.81 5.62
C LYS Y 22 74.85 -6.95 5.07
N GLY Y 23 73.54 -6.75 4.95
CA GLY Y 23 72.68 -7.78 4.40
C GLY Y 23 72.68 -7.65 2.90
N ILE Y 24 72.69 -6.41 2.45
CA ILE Y 24 72.71 -6.08 1.06
C ILE Y 24 74.07 -6.47 0.55
N ALA Y 25 75.08 -6.28 1.39
CA ALA Y 25 76.43 -6.62 1.00
C ALA Y 25 76.58 -8.10 0.74
N ARG Y 26 76.10 -8.90 1.68
CA ARG Y 26 76.21 -10.35 1.59
C ARG Y 26 75.28 -10.94 0.53
N ALA Y 27 74.57 -10.10 -0.21
CA ALA Y 27 73.64 -10.60 -1.22
C ALA Y 27 74.23 -10.54 -2.63
N LYS Y 28 73.69 -11.36 -3.53
CA LYS Y 28 74.15 -11.40 -4.90
C LYS Y 28 73.92 -10.05 -5.59
N SER Y 29 74.66 -9.81 -6.66
CA SER Y 29 74.57 -8.53 -7.35
C SER Y 29 73.62 -8.47 -8.55
N VAL Y 30 73.10 -7.27 -8.79
CA VAL Y 30 72.17 -7.02 -9.89
C VAL Y 30 72.58 -5.78 -10.66
N VAL Y 31 72.37 -5.83 -11.97
CA VAL Y 31 72.72 -4.70 -12.81
C VAL Y 31 71.64 -4.37 -13.82
N ALA Y 32 71.40 -3.09 -14.04
CA ALA Y 32 70.43 -2.65 -15.03
C ALA Y 32 71.06 -1.64 -15.96
N LEU Y 33 70.92 -1.83 -17.26
CA LEU Y 33 71.47 -0.85 -18.17
C LEU Y 33 70.64 -0.44 -19.37
N ALA Y 34 70.78 0.83 -19.73
CA ALA Y 34 70.12 1.37 -20.89
C ALA Y 34 70.80 0.87 -22.15
N TYR Y 35 70.03 0.71 -23.20
CA TYR Y 35 70.57 0.23 -24.43
C TYR Y 35 69.63 0.60 -25.56
N ALA Y 36 70.05 0.34 -26.78
CA ALA Y 36 69.33 0.85 -27.90
C ALA Y 36 67.90 0.41 -27.81
N GLY Y 37 67.67 -0.82 -27.40
CA GLY Y 37 66.35 -1.38 -27.41
C GLY Y 37 65.43 -1.21 -26.21
N GLY Y 38 65.90 -0.57 -25.15
CA GLY Y 38 65.12 -0.47 -23.96
C GLY Y 38 66.04 -0.52 -22.76
N VAL Y 39 65.61 -1.13 -21.67
CA VAL Y 39 66.50 -1.31 -20.53
C VAL Y 39 66.78 -2.78 -20.40
N LEU Y 40 67.94 -3.12 -19.87
CA LEU Y 40 68.32 -4.51 -19.68
C LEU Y 40 68.58 -4.82 -18.24
N PHE Y 41 68.05 -5.94 -17.78
CA PHE Y 41 68.18 -6.35 -16.40
C PHE Y 41 68.94 -7.66 -16.36
N VAL Y 42 70.02 -7.69 -15.59
CA VAL Y 42 70.82 -8.91 -15.44
C VAL Y 42 71.25 -9.09 -13.99
N ALA Y 43 70.86 -10.22 -13.41
CA ALA Y 43 71.20 -10.50 -12.03
C ALA Y 43 71.74 -11.91 -11.84
N GLU Y 44 72.54 -12.09 -10.82
CA GLU Y 44 73.10 -13.37 -10.53
C GLU Y 44 71.99 -14.13 -9.89
N ASN Y 45 71.51 -15.17 -10.55
CA ASN Y 45 70.42 -15.90 -9.98
C ASN Y 45 70.34 -17.37 -10.32
N PRO Y 46 70.82 -18.18 -9.39
CA PRO Y 46 70.80 -19.65 -9.47
C PRO Y 46 69.43 -20.26 -9.35
N SER Y 47 68.52 -19.56 -8.67
CA SER Y 47 67.20 -20.10 -8.40
C SER Y 47 66.35 -20.38 -9.60
N ARG Y 48 65.68 -21.51 -9.55
CA ARG Y 48 64.75 -21.93 -10.56
C ARG Y 48 63.58 -21.01 -10.65
N SER Y 49 63.05 -20.69 -9.47
CA SER Y 49 61.78 -20.01 -9.35
C SER Y 49 61.67 -18.78 -8.49
N LEU Y 50 62.76 -18.25 -7.99
CA LEU Y 50 62.63 -17.07 -7.17
C LEU Y 50 63.24 -15.94 -7.97
N GLN Y 51 62.45 -14.91 -8.22
CA GLN Y 51 62.86 -13.86 -9.12
C GLN Y 51 63.20 -12.54 -8.45
N LYS Y 52 64.25 -11.90 -8.94
CA LYS Y 52 64.71 -10.60 -8.47
C LYS Y 52 64.39 -9.48 -9.45
N ILE Y 53 63.92 -9.83 -10.64
CA ILE Y 53 63.57 -8.87 -11.68
C ILE Y 53 62.11 -9.08 -12.05
N SER Y 54 61.34 -8.00 -12.08
CA SER Y 54 59.93 -8.16 -12.40
C SER Y 54 59.30 -6.99 -13.14
N GLU Y 55 58.19 -7.27 -13.80
CA GLU Y 55 57.43 -6.23 -14.48
C GLU Y 55 56.61 -5.50 -13.40
N LEU Y 56 56.48 -4.18 -13.51
CA LEU Y 56 55.66 -3.39 -12.58
C LEU Y 56 54.41 -2.88 -13.30
N TYR Y 57 54.63 -2.27 -14.46
CA TYR Y 57 53.55 -1.76 -15.29
C TYR Y 57 53.95 -1.81 -16.77
N ASP Y 58 53.10 -1.33 -17.65
CA ASP Y 58 53.37 -1.31 -19.08
C ASP Y 58 54.80 -1.00 -19.52
N ARG Y 59 55.36 0.12 -19.10
CA ARG Y 59 56.71 0.40 -19.51
C ARG Y 59 57.59 0.55 -18.28
N VAL Y 60 57.22 -0.04 -17.17
CA VAL Y 60 58.03 0.10 -15.97
C VAL Y 60 58.50 -1.22 -15.40
N GLY Y 61 59.81 -1.31 -15.17
CA GLY Y 61 60.41 -2.53 -14.65
C GLY Y 61 60.94 -2.40 -13.24
N PHE Y 62 61.20 -3.55 -12.63
CA PHE Y 62 61.67 -3.61 -11.24
C PHE Y 62 62.80 -4.63 -11.08
N ALA Y 63 63.81 -4.25 -10.29
CA ALA Y 63 64.94 -5.13 -10.00
C ALA Y 63 65.36 -4.85 -8.58
N ALA Y 64 65.80 -5.88 -7.87
CA ALA Y 64 66.21 -5.67 -6.48
C ALA Y 64 67.28 -6.63 -6.02
N ALA Y 65 67.93 -6.26 -4.92
CA ALA Y 65 68.97 -7.07 -4.33
C ALA Y 65 68.77 -6.96 -2.83
N GLY Y 66 69.08 -8.05 -2.12
CA GLY Y 66 68.92 -8.06 -0.68
C GLY Y 66 68.13 -9.28 -0.25
N LYS Y 67 67.39 -9.13 0.83
CA LYS Y 67 66.57 -10.21 1.38
C LYS Y 67 65.32 -10.40 0.50
N PHE Y 68 65.18 -11.58 -0.09
CA PHE Y 68 64.06 -11.88 -0.96
C PHE Y 68 62.68 -11.55 -0.42
N ASN Y 69 62.31 -12.11 0.74
CA ASN Y 69 60.99 -11.85 1.28
C ASN Y 69 60.71 -10.37 1.47
N GLU Y 70 61.76 -9.57 1.68
CA GLU Y 70 61.56 -8.15 1.88
C GLU Y 70 61.40 -7.38 0.57
N PHE Y 71 62.16 -7.71 -0.46
CA PHE Y 71 61.98 -6.97 -1.69
C PHE Y 71 60.83 -7.52 -2.52
N ASP Y 72 60.40 -8.75 -2.25
CA ASP Y 72 59.27 -9.31 -2.97
C ASP Y 72 58.05 -8.58 -2.40
N ASN Y 73 58.15 -8.23 -1.12
CA ASN Y 73 57.09 -7.52 -0.46
C ASN Y 73 56.92 -6.19 -1.16
N LEU Y 74 58.03 -5.49 -1.37
CA LEU Y 74 58.01 -4.19 -2.05
C LEU Y 74 57.56 -4.31 -3.51
N ARG Y 75 57.95 -5.39 -4.16
CA ARG Y 75 57.56 -5.62 -5.54
C ARG Y 75 56.03 -5.70 -5.59
N ARG Y 76 55.45 -6.51 -4.71
CA ARG Y 76 54.00 -6.66 -4.69
C ARG Y 76 53.29 -5.33 -4.44
N GLY Y 77 53.80 -4.57 -3.47
CA GLY Y 77 53.24 -3.27 -3.15
C GLY Y 77 53.34 -2.34 -4.36
N GLY Y 78 54.42 -2.49 -5.11
CA GLY Y 78 54.60 -1.65 -6.28
C GLY Y 78 53.54 -1.94 -7.33
N ILE Y 79 53.34 -3.24 -7.58
CA ILE Y 79 52.35 -3.66 -8.55
C ILE Y 79 50.98 -3.18 -8.07
N GLN Y 80 50.73 -3.27 -6.77
CA GLN Y 80 49.47 -2.85 -6.20
C GLN Y 80 49.24 -1.37 -6.52
N PHE Y 81 50.26 -0.56 -6.22
CA PHE Y 81 50.19 0.87 -6.44
C PHE Y 81 49.95 1.22 -7.90
N ALA Y 82 50.73 0.64 -8.80
CA ALA Y 82 50.60 0.90 -10.23
C ALA Y 82 49.21 0.54 -10.77
N ASP Y 83 48.74 -0.67 -10.53
CA ASP Y 83 47.43 -1.11 -11.00
C ASP Y 83 46.30 -0.26 -10.44
N THR Y 84 46.41 0.15 -9.20
CA THR Y 84 45.37 0.97 -8.63
C THR Y 84 45.32 2.34 -9.31
N ARG Y 85 46.48 2.91 -9.54
CA ARG Y 85 46.62 4.21 -10.18
C ARG Y 85 46.14 4.25 -11.60
N GLY Y 86 46.48 3.22 -12.37
CA GLY Y 86 46.10 3.11 -13.75
C GLY Y 86 44.62 3.00 -13.92
N TYR Y 87 43.99 2.26 -13.03
CA TYR Y 87 42.57 2.05 -13.04
C TYR Y 87 41.82 3.27 -12.58
N ALA Y 88 42.38 3.93 -11.58
CA ALA Y 88 41.81 5.14 -11.01
C ALA Y 88 41.80 6.31 -11.99
N TYR Y 89 42.86 6.41 -12.76
CA TYR Y 89 43.04 7.44 -13.75
C TYR Y 89 43.16 6.73 -15.10
N ASP Y 90 44.35 6.67 -15.66
CA ASP Y 90 44.54 5.97 -16.94
C ASP Y 90 45.89 5.30 -16.94
N ARG Y 91 46.08 4.32 -17.80
CA ARG Y 91 47.34 3.61 -17.86
C ARG Y 91 48.52 4.50 -18.11
N ARG Y 92 48.33 5.47 -18.99
CA ARG Y 92 49.36 6.40 -19.35
C ARG Y 92 49.79 7.28 -18.23
N ASP Y 93 49.00 7.33 -17.18
CA ASP Y 93 49.35 8.17 -16.05
C ASP Y 93 50.30 7.55 -15.08
N VAL Y 94 50.65 6.30 -15.30
CA VAL Y 94 51.59 5.61 -14.41
C VAL Y 94 53.00 5.79 -14.95
N THR Y 95 53.89 6.24 -14.11
CA THR Y 95 55.25 6.43 -14.55
C THR Y 95 56.28 5.90 -13.60
N GLY Y 96 57.46 5.60 -14.13
CA GLY Y 96 58.54 5.09 -13.33
C GLY Y 96 58.87 6.05 -12.20
N ARG Y 97 58.81 7.35 -12.50
CA ARG Y 97 59.10 8.35 -11.49
C ARG Y 97 58.16 8.21 -10.29
N GLN Y 98 56.87 7.96 -10.55
CA GLN Y 98 55.88 7.81 -9.48
C GLN Y 98 56.24 6.62 -8.62
N LEU Y 99 56.54 5.51 -9.27
CA LEU Y 99 56.90 4.29 -8.53
C LEU Y 99 58.16 4.45 -7.68
N ALA Y 100 59.17 5.09 -8.23
CA ALA Y 100 60.41 5.33 -7.51
C ALA Y 100 60.08 6.18 -6.28
N ASN Y 101 59.29 7.23 -6.50
CA ASN Y 101 58.88 8.15 -5.44
C ASN Y 101 58.18 7.38 -4.31
N VAL Y 102 57.29 6.46 -4.69
CA VAL Y 102 56.53 5.66 -3.73
C VAL Y 102 57.47 4.74 -2.93
N TYR Y 103 58.40 4.09 -3.63
CA TYR Y 103 59.36 3.21 -2.95
C TYR Y 103 60.20 4.03 -1.98
N ALA Y 104 60.63 5.20 -2.44
CA ALA Y 104 61.43 6.10 -1.62
C ALA Y 104 60.69 6.37 -0.31
N GLN Y 105 59.44 6.78 -0.42
CA GLN Y 105 58.64 7.07 0.76
C GLN Y 105 58.42 5.82 1.62
N THR Y 106 58.21 4.69 0.97
CA THR Y 106 57.95 3.45 1.69
C THR Y 106 59.14 2.98 2.51
N LEU Y 107 60.28 2.86 1.84
CA LEU Y 107 61.49 2.44 2.53
C LEU Y 107 61.86 3.44 3.62
N GLY Y 108 61.68 4.72 3.33
CA GLY Y 108 61.98 5.74 4.32
C GLY Y 108 61.19 5.46 5.59
N THR Y 109 59.92 5.12 5.43
CA THR Y 109 59.07 4.84 6.58
C THR Y 109 59.51 3.57 7.29
N ILE Y 110 59.79 2.51 6.53
CA ILE Y 110 60.24 1.26 7.14
C ILE Y 110 61.49 1.51 7.96
N PHE Y 111 62.48 2.12 7.32
CA PHE Y 111 63.76 2.44 7.94
C PHE Y 111 63.61 3.18 9.26
N THR Y 112 62.57 4.01 9.33
CA THR Y 112 62.29 4.81 10.50
C THR Y 112 61.46 4.16 11.59
N GLU Y 113 60.28 3.68 11.24
CA GLU Y 113 59.40 3.12 12.26
C GLU Y 113 59.30 1.61 12.42
N GLN Y 114 59.97 0.84 11.56
CA GLN Y 114 59.88 -0.61 11.71
C GLN Y 114 60.98 -1.19 12.58
N ALA Y 115 60.69 -2.35 13.18
CA ALA Y 115 61.63 -3.03 14.05
C ALA Y 115 63.02 -3.13 13.42
N LYS Y 116 63.07 -3.68 12.22
CA LYS Y 116 64.32 -3.83 11.51
C LYS Y 116 64.23 -3.17 10.15
N PRO Y 117 65.32 -2.55 9.69
CA PRO Y 117 65.29 -1.91 8.37
C PRO Y 117 65.24 -3.02 7.33
N TYR Y 118 64.83 -2.66 6.12
CA TYR Y 118 64.74 -3.63 5.06
C TYR Y 118 66.12 -3.73 4.44
N GLU Y 119 66.65 -4.95 4.39
CA GLU Y 119 67.96 -5.19 3.80
C GLU Y 119 67.78 -5.30 2.29
N VAL Y 120 67.43 -4.18 1.65
CA VAL Y 120 67.21 -4.20 0.21
C VAL Y 120 67.67 -2.93 -0.48
N GLU Y 121 67.80 -3.03 -1.80
CA GLU Y 121 68.19 -1.93 -2.66
C GLU Y 121 67.37 -2.17 -3.94
N LEU Y 122 66.63 -1.14 -4.37
CA LEU Y 122 65.77 -1.30 -5.55
C LEU Y 122 66.10 -0.43 -6.75
N CYS Y 123 65.68 -0.92 -7.90
CA CYS Y 123 65.85 -0.16 -9.12
C CYS Y 123 64.53 -0.17 -9.92
N VAL Y 124 64.05 1.02 -10.26
CA VAL Y 124 62.85 1.13 -11.05
C VAL Y 124 63.29 1.70 -12.40
N ALA Y 125 62.86 1.06 -13.49
CA ALA Y 125 63.26 1.53 -14.80
C ALA Y 125 62.04 1.73 -15.70
N GLU Y 126 62.15 2.72 -16.58
CA GLU Y 126 61.09 3.07 -17.47
C GLU Y 126 61.63 3.20 -18.87
N VAL Y 127 60.88 2.75 -19.84
CA VAL Y 127 61.20 2.92 -21.24
C VAL Y 127 60.09 3.77 -21.77
N ALA Y 128 60.30 4.35 -22.94
CA ALA Y 128 59.32 5.20 -23.53
C ALA Y 128 58.18 4.35 -24.00
N HIS Y 129 57.02 4.96 -24.17
CA HIS Y 129 55.88 4.25 -24.65
C HIS Y 129 56.20 3.93 -26.07
N TYR Y 130 55.36 3.16 -26.70
CA TYR Y 130 55.60 2.79 -28.06
C TYR Y 130 55.64 4.03 -28.91
N GLY Y 131 56.75 4.24 -29.58
CA GLY Y 131 56.88 5.31 -30.53
C GLY Y 131 57.37 6.62 -30.00
N GLU Y 132 57.25 6.85 -28.71
CA GLU Y 132 57.75 8.08 -28.17
C GLU Y 132 59.24 7.98 -28.17
N THR Y 133 59.93 9.07 -28.33
CA THR Y 133 61.37 8.97 -28.32
C THR Y 133 61.61 9.56 -26.95
N LYS Y 134 62.15 8.76 -26.06
CA LYS Y 134 62.42 9.23 -24.74
C LYS Y 134 63.56 8.42 -24.32
N ARG Y 135 64.48 9.02 -23.59
CA ARG Y 135 65.66 8.31 -23.12
C ARG Y 135 65.17 7.52 -21.92
N PRO Y 136 65.70 6.33 -21.68
CA PRO Y 136 65.24 5.55 -20.55
C PRO Y 136 65.65 6.14 -19.21
N GLU Y 137 64.86 5.87 -18.20
CA GLU Y 137 65.11 6.37 -16.87
C GLU Y 137 65.39 5.27 -15.85
N LEU Y 138 66.46 5.40 -15.09
CA LEU Y 138 66.76 4.38 -14.13
C LEU Y 138 66.84 5.04 -12.78
N TYR Y 139 66.09 4.50 -11.82
CA TYR Y 139 66.07 5.04 -10.49
C TYR Y 139 66.54 4.03 -9.49
N ARG Y 140 67.29 4.48 -8.49
CA ARG Y 140 67.81 3.60 -7.48
C ARG Y 140 67.32 4.11 -6.14
N ILE Y 141 66.64 3.24 -5.39
CA ILE Y 141 66.13 3.61 -4.08
C ILE Y 141 66.85 2.72 -3.09
N THR Y 142 67.35 3.31 -2.02
CA THR Y 142 68.09 2.56 -1.02
C THR Y 142 67.32 2.31 0.27
N TYR Y 143 67.84 1.42 1.08
CA TYR Y 143 67.22 1.03 2.31
C TYR Y 143 66.70 2.15 3.20
N ASP Y 144 67.25 3.35 3.07
CA ASP Y 144 66.82 4.45 3.94
C ASP Y 144 65.85 5.42 3.25
N GLY Y 145 65.51 5.14 2.00
CA GLY Y 145 64.58 5.99 1.29
C GLY Y 145 65.23 7.02 0.40
N SER Y 146 66.54 6.90 0.23
CA SER Y 146 67.25 7.82 -0.63
C SER Y 146 66.96 7.39 -2.06
N ILE Y 147 66.83 8.36 -2.95
CA ILE Y 147 66.54 8.06 -4.34
C ILE Y 147 67.51 8.82 -5.23
N ALA Y 148 67.77 8.29 -6.42
CA ALA Y 148 68.67 8.93 -7.36
C ALA Y 148 68.50 8.30 -8.73
N ASP Y 149 68.50 9.11 -9.78
CA ASP Y 149 68.35 8.57 -11.12
C ASP Y 149 69.66 8.54 -11.88
N GLU Y 150 70.06 7.35 -12.32
CA GLU Y 150 71.29 7.16 -13.08
C GLU Y 150 70.96 7.31 -14.54
N PRO Y 151 71.87 7.92 -15.29
CA PRO Y 151 71.66 8.12 -16.73
C PRO Y 151 71.94 6.91 -17.60
N HIS Y 152 72.83 6.05 -17.15
CA HIS Y 152 73.18 4.90 -17.97
C HIS Y 152 73.02 3.50 -17.39
N PHE Y 153 73.39 3.34 -16.12
CA PHE Y 153 73.29 2.02 -15.50
C PHE Y 153 73.20 2.08 -13.97
N VAL Y 154 72.70 1.00 -13.37
CA VAL Y 154 72.58 0.91 -11.92
C VAL Y 154 73.09 -0.45 -11.49
N VAL Y 155 73.78 -0.47 -10.34
CA VAL Y 155 74.33 -1.70 -9.80
C VAL Y 155 73.92 -1.80 -8.33
N MET Y 156 73.48 -2.97 -7.91
CA MET Y 156 73.04 -3.17 -6.53
C MET Y 156 73.39 -4.56 -6.01
N GLY Y 157 73.63 -4.64 -4.70
CA GLY Y 157 73.93 -5.92 -4.08
C GLY Y 157 75.39 -6.33 -4.04
N GLY Y 158 75.80 -6.89 -2.91
CA GLY Y 158 77.18 -7.32 -2.75
C GLY Y 158 78.18 -6.19 -2.86
N THR Y 159 79.32 -6.50 -3.47
CA THR Y 159 80.37 -5.50 -3.66
C THR Y 159 80.13 -4.83 -5.00
N THR Y 160 79.63 -3.59 -4.94
CA THR Y 160 79.29 -2.84 -6.13
C THR Y 160 80.44 -2.15 -6.87
N GLU Y 161 81.30 -1.46 -6.13
CA GLU Y 161 82.42 -0.73 -6.72
C GLU Y 161 83.13 -1.48 -7.85
N PRO Y 162 83.57 -2.70 -7.59
CA PRO Y 162 84.25 -3.47 -8.63
C PRO Y 162 83.41 -3.52 -9.91
N ILE Y 163 82.15 -3.90 -9.76
CA ILE Y 163 81.20 -4.02 -10.87
C ILE Y 163 80.89 -2.67 -11.49
N ALA Y 164 80.79 -1.66 -10.64
CA ALA Y 164 80.49 -0.30 -11.08
C ALA Y 164 81.59 0.20 -12.00
N ASN Y 165 82.82 0.15 -11.50
CA ASN Y 165 83.98 0.61 -12.26
C ASN Y 165 84.12 -0.16 -13.58
N ALA Y 166 84.00 -1.48 -13.50
CA ALA Y 166 84.10 -2.34 -14.68
C ALA Y 166 83.12 -1.92 -15.75
N LEU Y 167 81.93 -1.54 -15.32
CA LEU Y 167 80.87 -1.11 -16.22
C LEU Y 167 81.13 0.32 -16.65
N LYS Y 168 81.57 1.13 -15.70
CA LYS Y 168 81.88 2.54 -15.92
C LYS Y 168 82.82 2.73 -17.10
N GLU Y 169 83.69 1.73 -17.32
CA GLU Y 169 84.66 1.76 -18.40
C GLU Y 169 84.24 1.25 -19.80
N SER Y 170 83.37 0.24 -19.87
CA SER Y 170 82.96 -0.28 -21.16
C SER Y 170 81.59 0.14 -21.55
N TYR Y 171 81.04 1.05 -20.78
CA TYR Y 171 79.69 1.48 -21.11
C TYR Y 171 79.55 2.13 -22.46
N ALA Y 172 78.60 1.64 -23.23
CA ALA Y 172 78.29 2.24 -24.49
C ALA Y 172 76.80 2.60 -24.58
N GLU Y 173 76.51 3.86 -24.88
CA GLU Y 173 75.15 4.24 -25.15
C GLU Y 173 74.74 3.75 -26.53
N ASN Y 174 73.47 3.45 -26.70
CA ASN Y 174 72.96 3.05 -27.99
C ASN Y 174 73.45 1.67 -28.26
N ALA Y 175 74.07 1.08 -27.25
CA ALA Y 175 74.61 -0.26 -27.37
C ALA Y 175 73.55 -1.34 -27.61
N SER Y 176 73.87 -2.34 -28.43
CA SER Y 176 72.95 -3.44 -28.77
C SER Y 176 72.65 -4.46 -27.68
N LEU Y 177 71.62 -5.26 -27.87
CA LEU Y 177 71.21 -6.19 -26.83
C LEU Y 177 72.28 -7.19 -26.53
N THR Y 178 72.83 -7.80 -27.55
CA THR Y 178 73.93 -8.74 -27.34
C THR Y 178 75.17 -8.07 -26.74
N ASP Y 179 75.51 -6.90 -27.26
CA ASP Y 179 76.65 -6.15 -26.76
C ASP Y 179 76.44 -5.75 -25.31
N ALA Y 180 75.27 -5.20 -25.02
CA ALA Y 180 74.94 -4.77 -23.67
C ALA Y 180 74.94 -5.94 -22.72
N LEU Y 181 74.39 -7.07 -23.15
CA LEU Y 181 74.33 -8.27 -22.32
C LEU Y 181 75.71 -8.69 -21.87
N ARG Y 182 76.60 -8.90 -22.85
CA ARG Y 182 77.97 -9.30 -22.57
C ARG Y 182 78.65 -8.27 -21.68
N ILE Y 183 78.53 -7.00 -22.03
CA ILE Y 183 79.13 -5.94 -21.24
C ILE Y 183 78.70 -6.09 -19.78
N ALA Y 184 77.40 -6.29 -19.59
CA ALA Y 184 76.83 -6.44 -18.26
C ALA Y 184 77.39 -7.67 -17.55
N VAL Y 185 77.20 -8.84 -18.16
CA VAL Y 185 77.69 -10.09 -17.57
C VAL Y 185 79.16 -9.97 -17.15
N ALA Y 186 79.97 -9.27 -17.94
CA ALA Y 186 81.38 -9.11 -17.56
C ALA Y 186 81.45 -8.38 -16.24
N ALA Y 187 81.08 -7.10 -16.23
CA ALA Y 187 81.12 -6.29 -15.01
C ALA Y 187 80.59 -7.05 -13.80
N LEU Y 188 79.71 -8.02 -14.02
CA LEU Y 188 79.14 -8.76 -12.91
C LEU Y 188 80.14 -9.78 -12.36
N ARG Y 189 80.96 -10.30 -13.26
CA ARG Y 189 82.09 -11.18 -12.95
C ARG Y 189 83.18 -10.49 -12.14
N ALA Y 190 83.39 -9.22 -12.41
CA ALA Y 190 84.46 -8.45 -11.82
C ALA Y 190 84.33 -8.45 -10.31
N GLY Y 191 83.12 -8.39 -9.81
CA GLY Y 191 82.89 -8.38 -8.38
C GLY Y 191 82.34 -9.71 -7.92
N GLY Y 204 76.73 -17.80 -16.76
CA GLY Y 204 75.98 -18.81 -17.50
C GLY Y 204 74.48 -18.75 -17.32
N VAL Y 205 73.76 -19.49 -18.17
CA VAL Y 205 72.30 -19.52 -18.12
C VAL Y 205 71.66 -20.07 -16.84
N ALA Y 206 72.21 -21.15 -16.32
CA ALA Y 206 71.69 -21.77 -15.11
C ALA Y 206 71.78 -20.85 -13.90
N SER Y 207 72.70 -19.89 -13.98
CA SER Y 207 72.93 -18.95 -12.89
C SER Y 207 72.46 -17.51 -13.12
N LEU Y 208 71.74 -17.24 -14.21
CA LEU Y 208 71.32 -15.85 -14.40
C LEU Y 208 69.88 -15.59 -14.72
N GLU Y 209 69.39 -14.44 -14.28
CA GLU Y 209 68.02 -14.02 -14.52
C GLU Y 209 68.15 -12.82 -15.47
N VAL Y 210 67.65 -12.95 -16.67
CA VAL Y 210 67.74 -11.88 -17.65
C VAL Y 210 66.41 -11.48 -18.25
N ALA Y 211 66.19 -10.18 -18.36
CA ALA Y 211 64.97 -9.61 -18.93
C ALA Y 211 65.18 -8.20 -19.38
N VAL Y 212 64.31 -7.74 -20.26
CA VAL Y 212 64.41 -6.39 -20.77
C VAL Y 212 63.06 -5.67 -20.86
N LEU Y 213 63.13 -4.36 -20.78
CA LEU Y 213 61.99 -3.53 -21.03
C LEU Y 213 62.28 -3.18 -22.46
N ASP Y 214 61.51 -3.78 -23.35
CA ASP Y 214 61.70 -3.65 -24.76
C ASP Y 214 60.83 -2.54 -25.23
N ALA Y 215 61.43 -1.39 -25.52
CA ALA Y 215 60.66 -0.23 -25.92
C ALA Y 215 59.92 -0.48 -27.22
N ASN Y 216 60.37 -1.45 -27.99
CA ASN Y 216 59.70 -1.79 -29.23
C ASN Y 216 58.38 -2.52 -29.08
N ARG Y 217 58.09 -3.02 -27.89
CA ARG Y 217 56.83 -3.69 -27.63
C ARG Y 217 55.68 -2.68 -27.63
N PRO Y 218 54.53 -3.07 -28.13
CA PRO Y 218 53.38 -2.16 -28.17
C PRO Y 218 52.86 -1.70 -26.82
N ARG Y 219 52.66 -2.59 -25.87
CA ARG Y 219 52.16 -2.18 -24.59
C ARG Y 219 53.03 -2.60 -23.44
N ARG Y 220 53.12 -3.91 -23.21
CA ARG Y 220 53.92 -4.45 -22.12
C ARG Y 220 55.31 -4.69 -22.60
N ALA Y 221 56.18 -3.78 -22.24
CA ALA Y 221 57.55 -3.84 -22.62
C ALA Y 221 58.31 -5.00 -22.04
N PHE Y 222 58.08 -5.32 -20.78
CA PHE Y 222 58.81 -6.37 -20.07
C PHE Y 222 58.71 -7.73 -20.67
N ARG Y 223 59.85 -8.40 -20.72
CA ARG Y 223 59.93 -9.74 -21.28
C ARG Y 223 61.23 -10.40 -20.81
N ARG Y 224 61.13 -11.67 -20.45
CA ARG Y 224 62.28 -12.44 -19.97
C ARG Y 224 63.02 -13.13 -21.10
N ILE Y 225 64.34 -13.14 -21.00
CA ILE Y 225 65.19 -13.80 -21.97
C ILE Y 225 65.73 -15.01 -21.24
N THR Y 226 65.16 -16.17 -21.56
CA THR Y 226 65.53 -17.40 -20.90
C THR Y 226 65.83 -18.57 -21.82
N GLY Y 227 66.51 -19.57 -21.26
CA GLY Y 227 66.84 -20.78 -21.99
C GLY Y 227 67.74 -20.64 -23.20
N SER Y 228 67.47 -21.44 -24.22
CA SER Y 228 68.26 -21.41 -25.45
C SER Y 228 68.42 -19.99 -25.98
N ALA Y 229 67.38 -19.17 -25.86
CA ALA Y 229 67.50 -17.77 -26.28
C ALA Y 229 68.54 -17.03 -25.46
N LEU Y 230 68.51 -17.20 -24.15
CA LEU Y 230 69.51 -16.53 -23.36
C LEU Y 230 70.79 -17.17 -23.79
N GLN Y 231 70.70 -18.47 -24.06
CA GLN Y 231 71.88 -19.20 -24.45
C GLN Y 231 72.43 -18.63 -25.74
N ALA Y 232 71.56 -18.35 -26.70
CA ALA Y 232 72.01 -17.79 -27.96
C ALA Y 232 72.66 -16.46 -27.75
N LEU Y 233 72.08 -15.64 -26.90
CA LEU Y 233 72.67 -14.32 -26.66
C LEU Y 233 74.04 -14.39 -26.03
N LEU Y 234 74.22 -15.32 -25.10
CA LEU Y 234 75.52 -15.46 -24.46
C LEU Y 234 76.52 -15.97 -25.49
N VAL Y 235 76.06 -16.89 -26.33
CA VAL Y 235 76.88 -17.46 -27.38
C VAL Y 235 77.94 -16.46 -27.77
N THR Z 1 21.23 -5.09 -27.86
CA THR Z 1 22.56 -5.64 -27.98
C THR Z 1 22.58 -7.13 -28.23
N THR Z 2 23.58 -7.56 -29.01
CA THR Z 2 23.79 -8.97 -29.25
C THR Z 2 25.27 -9.20 -29.41
N ILE Z 3 25.80 -10.17 -28.64
CA ILE Z 3 27.19 -10.54 -28.69
C ILE Z 3 27.16 -12.04 -28.90
N VAL Z 4 27.91 -12.52 -29.88
CA VAL Z 4 27.94 -13.95 -30.16
C VAL Z 4 29.35 -14.49 -30.03
N ALA Z 5 29.46 -15.78 -29.76
CA ALA Z 5 30.74 -16.45 -29.72
C ALA Z 5 30.64 -17.86 -30.32
N LEU Z 6 31.65 -18.29 -31.06
CA LEU Z 6 31.61 -19.64 -31.59
C LEU Z 6 32.98 -20.32 -31.63
N LYS Z 7 32.96 -21.63 -31.79
CA LYS Z 7 34.19 -22.39 -31.85
C LYS Z 7 34.40 -22.95 -33.25
N TYR Z 8 35.61 -22.74 -33.77
CA TYR Z 8 36.00 -23.21 -35.08
C TYR Z 8 37.23 -24.04 -34.79
N PRO Z 9 37.60 -24.95 -35.67
CA PRO Z 9 38.77 -25.78 -35.37
C PRO Z 9 40.01 -24.94 -35.11
N GLY Z 10 40.60 -25.17 -33.93
CA GLY Z 10 41.80 -24.48 -33.50
C GLY Z 10 41.59 -23.08 -32.96
N GLY Z 11 40.34 -22.62 -32.86
CA GLY Z 11 40.10 -21.27 -32.37
C GLY Z 11 38.69 -20.83 -32.04
N VAL Z 12 38.58 -19.62 -31.52
CA VAL Z 12 37.30 -19.00 -31.17
C VAL Z 12 37.12 -17.63 -31.79
N VAL Z 13 35.89 -17.31 -32.14
CA VAL Z 13 35.56 -15.98 -32.60
C VAL Z 13 34.43 -15.39 -31.76
N MET Z 14 34.55 -14.12 -31.39
CA MET Z 14 33.50 -13.42 -30.66
C MET Z 14 33.24 -12.11 -31.41
N ALA Z 15 31.97 -11.81 -31.63
CA ALA Z 15 31.60 -10.60 -32.33
C ALA Z 15 30.39 -9.92 -31.71
N GLY Z 16 30.37 -8.59 -31.74
CA GLY Z 16 29.25 -7.86 -31.18
C GLY Z 16 28.78 -6.72 -32.05
N ASP Z 17 27.53 -6.28 -31.86
CA ASP Z 17 26.98 -5.17 -32.62
C ASP Z 17 27.48 -3.83 -32.05
N ARG Z 18 27.02 -2.71 -32.62
CA ARG Z 18 27.49 -1.39 -32.22
C ARG Z 18 26.46 -0.42 -31.62
N ARG Z 19 25.23 -0.88 -31.46
CA ARG Z 19 24.16 -0.04 -30.99
C ARG Z 19 24.08 0.20 -29.49
N SER Z 20 23.52 1.35 -29.16
CA SER Z 20 23.31 1.74 -27.78
C SER Z 20 21.91 2.39 -27.78
N THR Z 21 21.10 2.06 -26.78
CA THR Z 21 19.77 2.63 -26.70
C THR Z 21 19.40 3.19 -25.33
N GLN Z 22 18.50 4.15 -25.34
CA GLN Z 22 17.95 4.79 -24.17
C GLN Z 22 16.47 4.74 -24.39
N GLY Z 23 15.82 3.62 -24.12
CA GLY Z 23 14.42 3.41 -24.43
C GLY Z 23 14.37 3.07 -25.91
N ASN Z 24 13.53 3.78 -26.66
CA ASN Z 24 13.40 3.57 -28.09
C ASN Z 24 14.44 4.35 -28.86
N MET Z 25 15.06 5.33 -28.20
CA MET Z 25 16.03 6.17 -28.88
C MET Z 25 17.37 5.53 -29.07
N ILE Z 26 17.92 5.72 -30.26
CA ILE Z 26 19.23 5.18 -30.55
C ILE Z 26 20.20 6.19 -29.97
N SER Z 27 21.01 5.77 -29.02
CA SER Z 27 21.95 6.71 -28.40
C SER Z 27 23.40 6.48 -28.77
N GLY Z 28 23.68 5.40 -29.48
CA GLY Z 28 25.04 5.13 -29.90
C GLY Z 28 25.04 4.30 -31.17
N ARG Z 29 26.01 4.52 -32.03
CA ARG Z 29 26.09 3.80 -33.29
C ARG Z 29 27.43 3.08 -33.49
N ASP Z 30 28.41 3.42 -32.66
CA ASP Z 30 29.75 2.87 -32.80
C ASP Z 30 30.34 2.31 -31.50
N VAL Z 31 29.49 1.82 -30.60
CA VAL Z 31 29.98 1.27 -29.34
C VAL Z 31 30.74 -0.04 -29.62
N ARG Z 32 31.87 -0.21 -28.94
CA ARG Z 32 32.68 -1.43 -29.08
C ARG Z 32 32.37 -2.30 -27.88
N LYS Z 33 31.75 -3.44 -28.10
CA LYS Z 33 31.37 -4.30 -26.99
C LYS Z 33 32.22 -5.53 -26.72
N VAL Z 34 33.15 -5.84 -27.62
CA VAL Z 34 34.04 -7.00 -27.46
C VAL Z 34 35.46 -6.54 -27.14
N TYR Z 35 36.00 -6.96 -26.00
CA TYR Z 35 37.34 -6.56 -25.58
C TYR Z 35 38.32 -7.72 -25.51
N ILE Z 36 39.59 -7.43 -25.80
CA ILE Z 36 40.59 -8.46 -25.67
C ILE Z 36 41.01 -8.29 -24.23
N THR Z 37 40.70 -9.26 -23.39
CA THR Z 37 41.02 -9.19 -21.97
C THR Z 37 42.47 -9.50 -21.66
N ASP Z 38 43.01 -10.52 -22.29
CA ASP Z 38 44.42 -10.87 -22.16
C ASP Z 38 44.82 -11.52 -23.49
N ASP Z 39 46.04 -12.02 -23.60
CA ASP Z 39 46.47 -12.61 -24.86
C ASP Z 39 45.62 -13.74 -25.40
N TYR Z 40 44.89 -14.43 -24.54
CA TYR Z 40 44.07 -15.57 -24.97
C TYR Z 40 42.61 -15.51 -24.55
N THR Z 41 42.14 -14.32 -24.22
CA THR Z 41 40.78 -14.17 -23.76
C THR Z 41 40.09 -12.93 -24.28
N ALA Z 42 38.80 -13.05 -24.52
CA ALA Z 42 38.01 -11.93 -24.97
C ALA Z 42 36.69 -11.93 -24.21
N THR Z 43 36.23 -10.72 -23.88
CA THR Z 43 34.98 -10.56 -23.16
C THR Z 43 34.00 -9.66 -23.91
N GLY Z 44 32.75 -10.06 -23.92
CA GLY Z 44 31.72 -9.27 -24.57
C GLY Z 44 30.68 -9.04 -23.51
N ILE Z 45 30.27 -7.80 -23.27
CA ILE Z 45 29.27 -7.58 -22.23
C ILE Z 45 28.03 -6.84 -22.71
N ALA Z 46 26.87 -7.31 -22.24
CA ALA Z 46 25.58 -6.77 -22.61
C ALA Z 46 24.90 -6.15 -21.40
N GLY Z 47 23.86 -5.35 -21.64
CA GLY Z 47 23.14 -4.72 -20.53
C GLY Z 47 23.48 -3.26 -20.35
N THR Z 48 23.51 -2.81 -19.11
CA THR Z 48 23.82 -1.43 -18.82
C THR Z 48 25.25 -1.04 -19.17
N ALA Z 49 25.38 -0.19 -20.18
CA ALA Z 49 26.66 0.26 -20.70
C ALA Z 49 27.70 0.66 -19.68
N ALA Z 50 27.33 1.52 -18.74
CA ALA Z 50 28.28 1.99 -17.72
C ALA Z 50 28.89 0.81 -16.98
N VAL Z 51 28.04 -0.12 -16.56
CA VAL Z 51 28.50 -1.28 -15.83
C VAL Z 51 29.30 -2.23 -16.72
N ALA Z 52 28.82 -2.42 -17.96
CA ALA Z 52 29.48 -3.31 -18.92
C ALA Z 52 30.92 -2.90 -19.15
N VAL Z 53 31.13 -1.61 -19.35
CA VAL Z 53 32.48 -1.10 -19.59
C VAL Z 53 33.36 -1.26 -18.37
N GLU Z 54 32.84 -0.89 -17.21
CA GLU Z 54 33.59 -1.01 -15.97
C GLU Z 54 34.05 -2.48 -15.79
N PHE Z 55 33.12 -3.43 -16.01
CA PHE Z 55 33.43 -4.85 -15.88
C PHE Z 55 34.62 -5.28 -16.73
N ALA Z 56 34.56 -5.00 -18.02
CA ALA Z 56 35.62 -5.36 -18.93
C ALA Z 56 36.94 -4.77 -18.49
N ARG Z 57 36.91 -3.52 -18.12
CA ARG Z 57 38.12 -2.82 -17.72
C ARG Z 57 38.70 -3.39 -16.43
N LEU Z 58 37.84 -3.57 -15.43
CA LEU Z 58 38.30 -4.12 -14.15
C LEU Z 58 38.81 -5.55 -14.31
N TYR Z 59 38.06 -6.35 -15.04
CA TYR Z 59 38.42 -7.73 -15.28
C TYR Z 59 39.80 -7.89 -15.91
N ALA Z 60 40.08 -7.10 -16.93
CA ALA Z 60 41.37 -7.20 -17.58
C ALA Z 60 42.49 -6.81 -16.62
N VAL Z 61 42.24 -5.80 -15.80
CA VAL Z 61 43.24 -5.36 -14.84
C VAL Z 61 43.49 -6.46 -13.83
N GLU Z 62 42.44 -7.07 -13.33
CA GLU Z 62 42.56 -8.16 -12.39
C GLU Z 62 43.27 -9.41 -12.91
N LEU Z 63 43.12 -9.71 -14.19
CA LEU Z 63 43.84 -10.81 -14.82
C LEU Z 63 45.34 -10.52 -14.94
N GLU Z 64 45.67 -9.29 -15.31
CA GLU Z 64 47.04 -8.90 -15.49
C GLU Z 64 47.72 -8.66 -14.19
N HIS Z 65 46.97 -8.31 -13.18
CA HIS Z 65 47.46 -8.06 -11.86
C HIS Z 65 47.92 -9.38 -11.23
N TYR Z 66 47.24 -10.46 -11.55
CA TYR Z 66 47.56 -11.77 -11.03
C TYR Z 66 48.82 -12.24 -11.68
N GLU Z 67 48.90 -12.07 -12.99
CA GLU Z 67 50.06 -12.48 -13.78
C GLU Z 67 51.35 -11.83 -13.30
N LYS Z 68 51.33 -10.51 -13.10
CA LYS Z 68 52.52 -9.79 -12.66
C LYS Z 68 52.94 -10.20 -11.26
N LEU Z 69 51.98 -10.38 -10.39
CA LEU Z 69 52.23 -10.77 -9.03
C LEU Z 69 52.73 -12.20 -8.87
N GLU Z 70 52.15 -13.10 -9.61
CA GLU Z 70 52.55 -14.49 -9.50
C GLU Z 70 53.44 -15.00 -10.61
N GLY Z 71 53.81 -14.14 -11.54
CA GLY Z 71 54.68 -14.56 -12.61
C GLY Z 71 54.07 -15.51 -13.63
N VAL Z 72 52.82 -15.91 -13.44
CA VAL Z 72 52.18 -16.82 -14.38
C VAL Z 72 50.70 -16.45 -14.53
N PRO Z 73 50.11 -16.70 -15.71
CA PRO Z 73 48.70 -16.36 -15.90
C PRO Z 73 47.83 -17.28 -15.08
N LEU Z 74 46.63 -16.80 -14.81
CA LEU Z 74 45.62 -17.54 -14.07
C LEU Z 74 45.17 -18.67 -15.01
N THR Z 75 44.77 -19.82 -14.45
CA THR Z 75 44.31 -20.92 -15.29
C THR Z 75 42.99 -20.46 -15.88
N PHE Z 76 42.53 -21.12 -16.93
CA PHE Z 76 41.27 -20.67 -17.51
C PHE Z 76 40.13 -20.74 -16.50
N ALA Z 77 40.12 -21.78 -15.66
CA ALA Z 77 39.07 -21.93 -14.66
C ALA Z 77 39.11 -20.77 -13.67
N GLY Z 78 40.31 -20.30 -13.35
CA GLY Z 78 40.44 -19.20 -12.41
C GLY Z 78 39.88 -17.94 -13.05
N LYS Z 79 40.12 -17.79 -14.34
CA LYS Z 79 39.61 -16.61 -15.03
C LYS Z 79 38.08 -16.61 -14.96
N ILE Z 80 37.49 -17.79 -15.17
CA ILE Z 80 36.04 -17.93 -15.14
C ILE Z 80 35.52 -17.53 -13.77
N ASN Z 81 36.13 -18.11 -12.76
CA ASN Z 81 35.72 -17.85 -11.39
C ASN Z 81 35.77 -16.35 -11.02
N ARG Z 82 36.84 -15.68 -11.42
CA ARG Z 82 36.98 -14.26 -11.10
C ARG Z 82 35.88 -13.44 -11.75
N LEU Z 83 35.54 -13.78 -13.00
CA LEU Z 83 34.49 -13.07 -13.70
C LEU Z 83 33.15 -13.35 -13.02
N ALA Z 84 32.92 -14.60 -12.64
CA ALA Z 84 31.66 -14.97 -11.98
C ALA Z 84 31.50 -14.20 -10.67
N ILE Z 85 32.58 -14.07 -9.94
CA ILE Z 85 32.55 -13.37 -8.67
C ILE Z 85 32.13 -11.92 -8.90
N MET Z 86 32.70 -11.31 -9.93
CA MET Z 86 32.39 -9.93 -10.27
C MET Z 86 30.90 -9.77 -10.57
N VAL Z 87 30.33 -10.69 -11.33
CA VAL Z 87 28.92 -10.61 -11.67
C VAL Z 87 28.05 -10.77 -10.42
N ARG Z 88 28.35 -11.78 -9.60
CA ARG Z 88 27.59 -12.01 -8.37
C ARG Z 88 27.61 -10.73 -7.50
N GLY Z 89 28.77 -10.08 -7.45
CA GLY Z 89 28.89 -8.87 -6.64
C GLY Z 89 28.01 -7.72 -7.09
N ASN Z 90 27.54 -7.78 -8.34
CA ASN Z 90 26.70 -6.72 -8.87
C ASN Z 90 25.23 -7.05 -8.81
N LEU Z 91 24.89 -8.19 -8.21
CA LEU Z 91 23.49 -8.62 -8.16
C LEU Z 91 22.52 -7.61 -7.56
N ALA Z 92 22.85 -7.01 -6.43
CA ALA Z 92 21.94 -6.05 -5.84
C ALA Z 92 21.71 -4.90 -6.81
N ALA Z 93 22.78 -4.36 -7.36
CA ALA Z 93 22.71 -3.25 -8.30
C ALA Z 93 21.93 -3.61 -9.54
N ALA Z 94 22.09 -4.83 -10.00
CA ALA Z 94 21.40 -5.32 -11.17
C ALA Z 94 19.90 -5.30 -11.01
N MET Z 95 19.42 -5.57 -9.81
CA MET Z 95 18.01 -5.57 -9.50
C MET Z 95 17.44 -4.16 -9.46
N GLN Z 96 18.34 -3.20 -9.43
CA GLN Z 96 17.98 -1.81 -9.44
C GLN Z 96 18.17 -1.20 -10.82
N GLY Z 97 18.34 -2.03 -11.83
CA GLY Z 97 18.56 -1.54 -13.17
C GLY Z 97 19.97 -1.37 -13.64
N LEU Z 98 20.92 -1.86 -12.89
CA LEU Z 98 22.30 -1.76 -13.30
C LEU Z 98 22.87 -3.10 -13.77
N LEU Z 99 22.04 -3.95 -14.33
CA LEU Z 99 22.44 -5.27 -14.81
C LEU Z 99 23.44 -5.35 -15.95
N ALA Z 100 24.46 -6.15 -15.79
CA ALA Z 100 25.42 -6.39 -16.84
C ALA Z 100 25.76 -7.88 -17.01
N LEU Z 101 25.57 -8.47 -18.18
CA LEU Z 101 25.92 -9.87 -18.39
C LEU Z 101 27.05 -10.07 -19.36
N PRO Z 102 28.12 -10.75 -18.92
CA PRO Z 102 29.24 -10.98 -19.84
C PRO Z 102 29.17 -12.35 -20.52
N LEU Z 103 29.94 -12.46 -21.60
CA LEU Z 103 30.10 -13.68 -22.39
C LEU Z 103 31.61 -13.78 -22.54
N LEU Z 104 32.17 -14.93 -22.19
CA LEU Z 104 33.62 -15.12 -22.24
C LEU Z 104 34.06 -16.09 -23.32
N ALA Z 105 35.13 -15.74 -24.02
CA ALA Z 105 35.64 -16.62 -25.06
C ALA Z 105 37.13 -16.64 -24.89
N GLY Z 106 37.74 -17.81 -25.10
CA GLY Z 106 39.18 -17.91 -24.96
C GLY Z 106 39.75 -19.18 -25.55
N TYR Z 107 41.07 -19.25 -25.53
CA TYR Z 107 41.79 -20.40 -26.04
C TYR Z 107 42.63 -20.85 -24.86
N ASP Z 108 42.44 -22.09 -24.43
CA ASP Z 108 43.18 -22.60 -23.29
C ASP Z 108 44.50 -23.22 -23.75
N ILE Z 109 45.62 -22.50 -23.62
CA ILE Z 109 46.91 -23.02 -24.05
C ILE Z 109 47.27 -24.31 -23.30
N HIS Z 110 46.64 -24.53 -22.15
CA HIS Z 110 46.92 -25.72 -21.35
C HIS Z 110 45.94 -26.86 -21.52
N ALA Z 111 45.13 -26.81 -22.55
CA ALA Z 111 44.20 -27.90 -22.79
C ALA Z 111 45.01 -29.01 -23.45
N SER Z 112 44.44 -30.21 -23.52
CA SER Z 112 45.07 -31.37 -24.12
C SER Z 112 45.18 -31.26 -25.65
N ASP Z 113 44.02 -31.26 -26.30
CA ASP Z 113 43.97 -31.16 -27.76
C ASP Z 113 43.77 -29.73 -28.27
N PRO Z 114 44.75 -29.19 -29.01
CA PRO Z 114 44.78 -27.84 -29.60
C PRO Z 114 43.61 -27.47 -30.55
N GLN Z 115 43.04 -28.45 -31.22
CA GLN Z 115 41.91 -28.17 -32.13
C GLN Z 115 40.63 -27.94 -31.32
N SER Z 116 40.66 -28.38 -30.07
CA SER Z 116 39.52 -28.26 -29.16
C SER Z 116 39.84 -27.41 -27.93
N ALA Z 117 40.86 -26.58 -28.04
CA ALA Z 117 41.31 -25.71 -26.96
C ALA Z 117 40.45 -24.46 -26.78
N GLY Z 118 39.50 -24.25 -27.70
CA GLY Z 118 38.63 -23.09 -27.65
C GLY Z 118 37.64 -23.18 -26.50
N ARG Z 119 37.30 -22.04 -25.92
CA ARG Z 119 36.38 -22.02 -24.80
C ARG Z 119 35.35 -20.92 -24.89
N ILE Z 120 34.12 -21.27 -24.53
CA ILE Z 120 33.03 -20.32 -24.51
C ILE Z 120 32.30 -20.50 -23.19
N VAL Z 121 32.16 -19.41 -22.44
CA VAL Z 121 31.49 -19.45 -21.13
C VAL Z 121 30.41 -18.37 -21.00
N SER Z 122 29.19 -18.79 -20.71
CA SER Z 122 28.11 -17.85 -20.52
C SER Z 122 27.84 -17.68 -19.02
N PHE Z 123 27.23 -16.56 -18.64
CA PHE Z 123 26.93 -16.24 -17.24
C PHE Z 123 25.50 -15.74 -17.05
N ASP Z 124 24.89 -16.06 -15.91
CA ASP Z 124 23.55 -15.55 -15.64
C ASP Z 124 23.74 -14.42 -14.63
N ALA Z 125 22.67 -13.68 -14.32
CA ALA Z 125 22.75 -12.53 -13.40
C ALA Z 125 23.24 -12.82 -11.98
N ALA Z 126 23.16 -14.07 -11.54
CA ALA Z 126 23.63 -14.41 -10.20
C ALA Z 126 25.08 -14.84 -10.22
N GLY Z 127 25.69 -14.85 -11.40
CA GLY Z 127 27.09 -15.25 -11.51
C GLY Z 127 27.24 -16.71 -11.88
N GLY Z 128 26.13 -17.40 -12.08
CA GLY Z 128 26.19 -18.79 -12.47
C GLY Z 128 26.86 -18.85 -13.83
N TRP Z 129 27.86 -19.71 -13.97
CA TRP Z 129 28.55 -19.83 -15.25
C TRP Z 129 28.33 -21.21 -15.85
N ASN Z 130 28.58 -21.32 -17.14
CA ASN Z 130 28.42 -22.57 -17.86
C ASN Z 130 29.37 -22.57 -19.04
N ILE Z 131 30.19 -23.62 -19.12
CA ILE Z 131 31.13 -23.78 -20.21
C ILE Z 131 30.31 -24.40 -21.33
N GLU Z 132 30.13 -23.65 -22.40
CA GLU Z 132 29.33 -24.11 -23.52
C GLU Z 132 29.94 -25.31 -24.22
N GLU Z 133 29.14 -26.36 -24.40
CA GLU Z 133 29.64 -27.55 -25.06
C GLU Z 133 29.10 -27.71 -26.48
N GLU Z 134 28.09 -26.94 -26.85
CA GLU Z 134 27.54 -27.10 -28.19
C GLU Z 134 28.10 -26.23 -29.32
N GLY Z 135 29.23 -25.55 -29.07
CA GLY Z 135 29.85 -24.76 -30.11
C GLY Z 135 29.63 -23.25 -30.19
N TYR Z 136 28.51 -22.76 -29.68
CA TYR Z 136 28.25 -21.33 -29.76
C TYR Z 136 27.35 -20.83 -28.64
N GLN Z 137 27.35 -19.53 -28.41
CA GLN Z 137 26.52 -18.96 -27.37
C GLN Z 137 26.33 -17.48 -27.72
N ALA Z 138 25.38 -16.84 -27.05
CA ALA Z 138 25.12 -15.43 -27.30
C ALA Z 138 24.48 -14.77 -26.07
N VAL Z 139 24.67 -13.46 -25.94
CA VAL Z 139 24.09 -12.73 -24.85
C VAL Z 139 23.56 -11.38 -25.33
N GLY Z 140 22.52 -10.89 -24.65
CA GLY Z 140 21.93 -9.60 -25.00
C GLY Z 140 20.50 -9.73 -25.46
N SER Z 141 19.86 -8.59 -25.73
CA SER Z 141 18.46 -8.58 -26.16
C SER Z 141 18.17 -9.33 -27.48
N GLY Z 142 19.20 -9.61 -28.26
CA GLY Z 142 18.94 -10.32 -29.51
C GLY Z 142 19.54 -11.72 -29.49
N SER Z 143 20.03 -12.15 -28.33
CA SER Z 143 20.66 -13.45 -28.20
C SER Z 143 19.83 -14.68 -28.64
N LEU Z 144 18.54 -14.70 -28.37
CA LEU Z 144 17.74 -15.81 -28.79
C LEU Z 144 17.71 -15.88 -30.32
N PHE Z 145 17.58 -14.77 -30.99
CA PHE Z 145 17.57 -14.78 -32.43
C PHE Z 145 18.89 -15.25 -32.97
N ALA Z 146 19.96 -14.74 -32.40
CA ALA Z 146 21.28 -15.11 -32.87
C ALA Z 146 21.54 -16.61 -32.66
N LYS Z 147 21.12 -17.12 -31.50
CA LYS Z 147 21.33 -18.52 -31.24
C LYS Z 147 20.53 -19.41 -32.17
N SER Z 148 19.29 -19.06 -32.45
CA SER Z 148 18.48 -19.88 -33.35
C SER Z 148 19.05 -19.78 -34.77
N SER Z 149 19.72 -18.68 -35.07
CA SER Z 149 20.31 -18.55 -36.39
C SER Z 149 21.56 -19.43 -36.45
N MET Z 150 22.42 -19.32 -35.46
CA MET Z 150 23.63 -20.14 -35.42
C MET Z 150 23.29 -21.64 -35.44
N LYS Z 151 22.20 -22.02 -34.76
CA LYS Z 151 21.80 -23.42 -34.74
C LYS Z 151 21.70 -23.98 -36.17
N LYS Z 152 21.15 -23.19 -37.08
CA LYS Z 152 21.01 -23.63 -38.45
C LYS Z 152 22.25 -23.42 -39.30
N LEU Z 153 23.17 -22.57 -38.87
CA LEU Z 153 24.34 -22.28 -39.67
C LEU Z 153 25.64 -22.89 -39.19
N TYR Z 154 25.67 -23.32 -37.94
CA TYR Z 154 26.91 -23.83 -37.36
C TYR Z 154 27.62 -24.89 -38.18
N SER Z 155 26.83 -25.74 -38.84
CA SER Z 155 27.41 -26.82 -39.62
C SER Z 155 28.29 -26.33 -40.75
N GLN Z 156 28.28 -25.03 -41.01
CA GLN Z 156 29.09 -24.45 -42.08
C GLN Z 156 30.45 -24.01 -41.57
N VAL Z 157 30.59 -23.92 -40.26
CA VAL Z 157 31.86 -23.48 -39.73
C VAL Z 157 32.88 -24.60 -39.87
N THR Z 158 33.95 -24.31 -40.61
CA THR Z 158 35.02 -25.28 -40.86
C THR Z 158 36.40 -24.61 -40.71
N ASP Z 159 36.43 -23.32 -40.43
CA ASP Z 159 37.70 -22.60 -40.27
C ASP Z 159 37.44 -21.20 -39.71
N GLY Z 160 38.53 -20.50 -39.38
CA GLY Z 160 38.41 -19.16 -38.84
C GLY Z 160 37.47 -18.25 -39.63
N ASP Z 161 37.67 -18.20 -40.95
CA ASP Z 161 36.85 -17.33 -41.79
C ASP Z 161 35.38 -17.70 -41.87
N SER Z 162 35.07 -18.98 -42.07
CA SER Z 162 33.65 -19.38 -42.15
C SER Z 162 32.94 -19.17 -40.81
N GLY Z 163 33.74 -19.27 -39.75
CA GLY Z 163 33.20 -19.08 -38.41
C GLY Z 163 32.83 -17.62 -38.24
N LEU Z 164 33.75 -16.75 -38.66
CA LEU Z 164 33.57 -15.31 -38.61
C LEU Z 164 32.35 -14.89 -39.42
N ARG Z 165 32.12 -15.57 -40.53
CA ARG Z 165 30.99 -15.21 -41.38
C ARG Z 165 29.69 -15.63 -40.70
N VAL Z 166 29.71 -16.75 -39.99
CA VAL Z 166 28.50 -17.22 -39.32
C VAL Z 166 28.20 -16.30 -38.15
N ALA Z 167 29.25 -15.88 -37.47
CA ALA Z 167 29.08 -14.96 -36.37
C ALA Z 167 28.39 -13.67 -36.89
N VAL Z 168 28.94 -13.11 -37.97
CA VAL Z 168 28.38 -11.91 -38.55
C VAL Z 168 26.97 -12.11 -39.03
N GLU Z 169 26.68 -13.27 -39.58
CA GLU Z 169 25.32 -13.49 -40.06
C GLU Z 169 24.35 -13.62 -38.86
N ALA Z 170 24.86 -14.18 -37.76
CA ALA Z 170 24.03 -14.35 -36.57
C ALA Z 170 23.66 -12.95 -36.03
N LEU Z 171 24.64 -12.06 -36.01
CA LEU Z 171 24.41 -10.70 -35.56
C LEU Z 171 23.42 -10.01 -36.47
N TYR Z 172 23.55 -10.29 -37.76
CA TYR Z 172 22.66 -9.71 -38.74
C TYR Z 172 21.23 -10.18 -38.45
N ASP Z 173 21.07 -11.47 -38.19
CA ASP Z 173 19.77 -12.01 -37.89
C ASP Z 173 19.20 -11.45 -36.60
N ALA Z 174 20.08 -11.16 -35.66
CA ALA Z 174 19.66 -10.57 -34.41
C ALA Z 174 19.10 -9.16 -34.69
N ALA Z 175 19.83 -8.34 -35.44
CA ALA Z 175 19.35 -6.99 -35.73
C ALA Z 175 18.04 -7.02 -36.52
N ASP Z 176 17.88 -8.03 -37.37
CA ASP Z 176 16.70 -8.15 -38.19
C ASP Z 176 15.43 -8.27 -37.33
N ASP Z 177 15.57 -8.86 -36.15
CA ASP Z 177 14.45 -9.10 -35.25
C ASP Z 177 14.39 -8.28 -33.97
N ASP Z 178 15.50 -7.72 -33.56
CA ASP Z 178 15.61 -6.94 -32.33
C ASP Z 178 16.06 -5.50 -32.62
N SER Z 179 15.14 -4.56 -32.40
CA SER Z 179 15.42 -3.15 -32.65
C SER Z 179 16.52 -2.63 -31.76
N ALA Z 180 16.83 -3.35 -30.69
CA ALA Z 180 17.91 -2.89 -29.82
C ALA Z 180 19.28 -3.34 -30.31
N THR Z 181 19.32 -4.13 -31.38
CA THR Z 181 20.62 -4.57 -31.92
C THR Z 181 20.82 -3.86 -33.26
N GLY Z 182 22.02 -3.33 -33.46
CA GLY Z 182 22.27 -2.62 -34.70
C GLY Z 182 22.84 -3.43 -35.85
N GLY Z 183 22.18 -3.39 -37.00
CA GLY Z 183 22.68 -4.12 -38.17
C GLY Z 183 23.83 -3.35 -38.80
N PRO Z 184 24.44 -3.94 -39.81
CA PRO Z 184 25.54 -3.26 -40.46
C PRO Z 184 25.01 -1.98 -41.07
N ASP Z 185 25.71 -0.88 -40.91
CA ASP Z 185 25.28 0.38 -41.43
C ASP Z 185 26.15 0.72 -42.61
N LEU Z 186 25.62 0.54 -43.80
CA LEU Z 186 26.30 0.85 -45.05
C LEU Z 186 26.51 2.33 -45.32
N VAL Z 187 25.56 3.17 -44.96
CA VAL Z 187 25.72 4.58 -45.17
C VAL Z 187 26.89 5.18 -44.40
N ARG Z 188 27.09 4.73 -43.17
CA ARG Z 188 28.15 5.25 -42.34
C ARG Z 188 29.42 4.42 -42.29
N GLY Z 189 29.40 3.23 -42.85
CA GLY Z 189 30.55 2.35 -42.78
C GLY Z 189 30.85 1.80 -41.41
N ILE Z 190 29.82 1.56 -40.63
CA ILE Z 190 29.98 0.99 -39.31
C ILE Z 190 29.52 -0.46 -39.31
N PHE Z 191 30.38 -1.33 -38.83
CA PHE Z 191 30.11 -2.76 -38.79
C PHE Z 191 30.40 -3.38 -37.43
N PRO Z 192 29.86 -4.58 -37.19
CA PRO Z 192 30.08 -5.27 -35.93
C PRO Z 192 31.58 -5.38 -35.74
N THR Z 193 32.04 -5.54 -34.51
CA THR Z 193 33.47 -5.73 -34.27
C THR Z 193 33.64 -7.23 -33.92
N ALA Z 194 34.86 -7.72 -34.03
CA ALA Z 194 35.11 -9.12 -33.73
C ALA Z 194 36.54 -9.40 -33.32
N VAL Z 195 36.69 -10.43 -32.49
CA VAL Z 195 38.00 -10.84 -32.04
C VAL Z 195 38.14 -12.32 -32.37
N ILE Z 196 39.30 -12.68 -32.87
CA ILE Z 196 39.61 -14.07 -33.21
C ILE Z 196 40.72 -14.56 -32.28
N ILE Z 197 40.55 -15.73 -31.68
CA ILE Z 197 41.59 -16.26 -30.81
C ILE Z 197 41.96 -17.71 -31.17
N ASP Z 198 43.26 -17.94 -31.33
CA ASP Z 198 43.81 -19.24 -31.62
C ASP Z 198 45.11 -19.42 -30.89
N ALA Z 199 45.84 -20.49 -31.17
CA ALA Z 199 47.10 -20.73 -30.48
C ALA Z 199 48.05 -19.53 -30.49
N ASP Z 200 47.91 -18.65 -31.48
CA ASP Z 200 48.79 -17.51 -31.55
C ASP Z 200 48.27 -16.30 -30.79
N GLY Z 201 47.17 -16.46 -30.08
CA GLY Z 201 46.64 -15.33 -29.32
C GLY Z 201 45.37 -14.66 -29.85
N ALA Z 202 44.90 -13.66 -29.10
CA ALA Z 202 43.70 -12.94 -29.47
C ALA Z 202 44.04 -11.79 -30.41
N VAL Z 203 43.32 -11.73 -31.54
CA VAL Z 203 43.54 -10.68 -32.53
C VAL Z 203 42.24 -9.95 -32.91
N ASP Z 204 42.29 -8.63 -33.08
CA ASP Z 204 41.10 -7.89 -33.48
C ASP Z 204 40.90 -8.17 -34.96
N VAL Z 205 39.67 -8.45 -35.37
CA VAL Z 205 39.44 -8.70 -36.78
C VAL Z 205 39.36 -7.33 -37.52
N PRO Z 206 40.00 -7.23 -38.69
CA PRO Z 206 39.98 -5.98 -39.46
C PRO Z 206 38.57 -5.60 -39.94
N GLU Z 207 38.20 -4.33 -39.78
CA GLU Z 207 36.89 -3.83 -40.18
C GLU Z 207 36.51 -4.21 -41.61
N SER Z 208 37.50 -4.14 -42.51
CA SER Z 208 37.30 -4.43 -43.92
C SER Z 208 36.75 -5.81 -44.20
N ARG Z 209 37.24 -6.82 -43.47
CA ARG Z 209 36.76 -8.17 -43.68
C ARG Z 209 35.28 -8.24 -43.25
N ILE Z 210 34.98 -7.70 -42.06
CA ILE Z 210 33.61 -7.75 -41.60
C ILE Z 210 32.67 -7.08 -42.61
N ALA Z 211 33.10 -5.95 -43.16
CA ALA Z 211 32.31 -5.22 -44.16
C ALA Z 211 32.03 -6.08 -45.43
N GLU Z 212 33.07 -6.77 -45.94
CA GLU Z 212 32.92 -7.63 -47.13
C GLU Z 212 31.89 -8.72 -46.81
N LEU Z 213 32.10 -9.40 -45.68
CA LEU Z 213 31.18 -10.43 -45.22
C LEU Z 213 29.75 -9.86 -45.08
N ALA Z 214 29.64 -8.69 -44.45
CA ALA Z 214 28.34 -8.06 -44.26
C ALA Z 214 27.62 -7.88 -45.59
N ARG Z 215 28.30 -7.23 -46.53
CA ARG Z 215 27.72 -6.98 -47.85
C ARG Z 215 27.30 -8.25 -48.54
N ALA Z 216 28.12 -9.30 -48.43
CA ALA Z 216 27.77 -10.56 -49.07
C ALA Z 216 26.51 -11.12 -48.42
N ILE Z 217 26.43 -11.00 -47.08
CA ILE Z 217 25.25 -11.49 -46.40
C ILE Z 217 24.01 -10.72 -46.86
N ILE Z 218 24.13 -9.39 -46.94
CA ILE Z 218 23.01 -8.56 -47.36
C ILE Z 218 22.58 -8.89 -48.78
N GLU Z 219 23.56 -8.97 -49.68
CA GLU Z 219 23.34 -9.29 -51.08
C GLU Z 219 22.54 -10.58 -51.15
N SER Z 220 23.02 -11.56 -50.40
CA SER Z 220 22.40 -12.85 -50.35
C SER Z 220 20.95 -12.84 -49.84
N ARG Z 221 20.63 -11.91 -48.95
CA ARG Z 221 19.27 -11.85 -48.45
C ARG Z 221 18.35 -11.15 -49.42
N SER Z 222 18.92 -10.25 -50.23
CA SER Z 222 18.13 -9.48 -51.20
C SER Z 222 17.55 -10.31 -52.37
N SER AA 8 -62.16 1.55 -39.62
CA SER AA 8 -62.03 1.84 -41.08
C SER AA 8 -60.78 2.69 -41.37
N PRO AA 9 -59.64 2.03 -41.64
CA PRO AA 9 -58.40 2.76 -41.93
C PRO AA 9 -58.57 3.93 -42.90
N GLU AA 10 -59.51 3.78 -43.84
CA GLU AA 10 -59.77 4.83 -44.82
C GLU AA 10 -60.62 5.96 -44.27
N GLN AA 11 -61.57 5.63 -43.40
CA GLN AA 11 -62.43 6.64 -42.81
C GLN AA 11 -61.63 7.51 -41.83
N ALA AA 12 -60.92 6.85 -40.91
CA ALA AA 12 -60.11 7.54 -39.92
C ALA AA 12 -59.18 8.53 -40.63
N MET AA 13 -58.47 8.02 -41.62
CA MET AA 13 -57.55 8.83 -42.41
C MET AA 13 -58.24 10.12 -42.88
N ARG AA 14 -59.47 9.99 -43.39
CA ARG AA 14 -60.23 11.12 -43.89
C ARG AA 14 -60.66 12.10 -42.80
N GLU AA 15 -61.20 11.56 -41.70
CA GLU AA 15 -61.64 12.39 -40.60
C GLU AA 15 -60.48 13.17 -39.98
N ARG AA 16 -59.41 12.46 -39.65
CA ARG AA 16 -58.24 13.10 -39.06
C ARG AA 16 -57.77 14.22 -39.98
N SER AA 17 -57.67 13.91 -41.26
CA SER AA 17 -57.24 14.89 -42.24
C SER AA 17 -58.15 16.12 -42.31
N GLU AA 18 -59.43 15.85 -42.19
CA GLU AA 18 -60.44 16.88 -42.24
C GLU AA 18 -60.36 17.84 -41.06
N LEU AA 19 -60.16 17.29 -39.87
CA LEU AA 19 -60.07 18.08 -38.66
C LEU AA 19 -58.90 19.03 -38.74
N ALA AA 20 -57.76 18.51 -39.18
CA ALA AA 20 -56.60 19.34 -39.30
C ALA AA 20 -56.82 20.41 -40.33
N ARG AA 21 -57.43 20.05 -41.44
CA ARG AA 21 -57.69 21.00 -42.50
C ARG AA 21 -58.55 22.12 -42.01
N LYS AA 22 -59.60 21.78 -41.29
CA LYS AA 22 -60.47 22.81 -40.79
C LYS AA 22 -59.80 23.74 -39.82
N GLY AA 23 -58.98 23.17 -38.96
CA GLY AA 23 -58.29 23.99 -38.00
C GLY AA 23 -57.37 24.96 -38.71
N ILE AA 24 -56.66 24.48 -39.71
CA ILE AA 24 -55.76 25.36 -40.45
C ILE AA 24 -56.53 26.45 -41.12
N ALA AA 25 -57.69 26.07 -41.61
CA ALA AA 25 -58.56 26.99 -42.28
C ALA AA 25 -59.07 28.13 -41.36
N ARG AA 26 -59.40 27.87 -40.11
CA ARG AA 26 -59.88 28.95 -39.24
C ARG AA 26 -58.77 29.85 -38.70
N ALA AA 27 -57.56 29.49 -39.04
CA ALA AA 27 -56.38 30.20 -38.61
C ALA AA 27 -56.03 31.38 -39.45
N LYS AA 28 -55.24 32.26 -38.87
CA LYS AA 28 -54.81 33.44 -39.54
C LYS AA 28 -53.84 32.97 -40.60
N SER AA 29 -53.52 33.84 -41.54
CA SER AA 29 -52.62 33.48 -42.63
C SER AA 29 -51.19 33.98 -42.50
N VAL AA 30 -50.29 33.25 -43.12
CA VAL AA 30 -48.89 33.60 -43.09
C VAL AA 30 -48.36 33.51 -44.49
N VAL AA 31 -47.33 34.29 -44.80
CA VAL AA 31 -46.70 34.25 -46.10
C VAL AA 31 -45.17 34.43 -46.00
N ALA AA 32 -44.47 33.69 -46.86
CA ALA AA 32 -43.03 33.77 -46.93
C ALA AA 32 -42.68 33.84 -48.42
N LEU AA 33 -41.75 34.73 -48.75
CA LEU AA 33 -41.33 34.87 -50.14
C LEU AA 33 -39.90 35.36 -50.30
N ALA AA 34 -39.27 34.91 -51.38
CA ALA AA 34 -37.89 35.29 -51.68
C ALA AA 34 -37.82 36.71 -52.23
N TYR AA 35 -36.68 37.34 -52.03
CA TYR AA 35 -36.48 38.70 -52.42
C TYR AA 35 -35.00 38.97 -52.55
N ALA AA 36 -34.63 40.14 -53.00
CA ALA AA 36 -33.25 40.41 -53.33
C ALA AA 36 -32.31 40.19 -52.16
N GLY AA 37 -32.77 40.55 -50.96
CA GLY AA 37 -31.97 40.44 -49.75
C GLY AA 37 -32.10 39.14 -48.98
N GLY AA 38 -32.85 38.19 -49.51
CA GLY AA 38 -33.06 36.91 -48.87
C GLY AA 38 -34.50 36.43 -48.73
N VAL AA 39 -35.03 36.31 -47.53
CA VAL AA 39 -36.39 35.83 -47.43
C VAL AA 39 -37.17 36.71 -46.54
N LEU AA 40 -38.46 36.80 -46.77
CA LEU AA 40 -39.27 37.66 -45.96
C LEU AA 40 -40.44 36.90 -45.41
N PHE AA 41 -40.69 37.16 -44.15
CA PHE AA 41 -41.77 36.49 -43.42
C PHE AA 41 -42.77 37.54 -42.98
N VAL AA 42 -44.02 37.34 -43.36
CA VAL AA 42 -45.09 38.25 -42.95
C VAL AA 42 -46.33 37.45 -42.57
N ALA AA 43 -46.79 37.68 -41.36
CA ALA AA 43 -47.96 36.97 -40.86
C ALA AA 43 -48.90 37.90 -40.13
N GLU AA 44 -50.16 37.57 -40.21
CA GLU AA 44 -51.19 38.33 -39.55
C GLU AA 44 -51.10 37.85 -38.14
N ASN AA 45 -50.77 38.75 -37.23
CA ASN AA 45 -50.66 38.40 -35.84
C ASN AA 45 -50.81 39.64 -34.97
N PRO AA 46 -51.92 39.69 -34.26
CA PRO AA 46 -52.27 40.72 -33.30
C PRO AA 46 -51.41 40.73 -32.05
N SER AA 47 -51.03 39.55 -31.58
CA SER AA 47 -50.36 39.46 -30.31
C SER AA 47 -49.07 40.20 -30.16
N ARG AA 48 -48.93 40.86 -29.03
CA ARG AA 48 -47.72 41.56 -28.74
C ARG AA 48 -46.54 40.63 -28.61
N SER AA 49 -46.74 39.50 -27.93
CA SER AA 49 -45.64 38.59 -27.68
C SER AA 49 -45.73 37.13 -28.09
N LEU AA 50 -46.83 36.68 -28.65
CA LEU AA 50 -46.86 35.28 -29.04
C LEU AA 50 -46.48 35.21 -30.51
N GLN AA 51 -45.38 34.55 -30.81
CA GLN AA 51 -44.82 34.55 -32.17
C GLN AA 51 -45.06 33.33 -33.08
N LYS AA 52 -45.08 33.53 -34.39
CA LYS AA 52 -45.31 32.47 -35.37
C LYS AA 52 -44.17 32.38 -36.34
N ILE AA 53 -43.27 33.32 -36.23
CA ILE AA 53 -42.13 33.37 -37.08
C ILE AA 53 -40.93 33.30 -36.17
N SER AA 54 -39.98 32.44 -36.48
CA SER AA 54 -38.84 32.30 -35.60
C SER AA 54 -37.55 31.85 -36.26
N GLU AA 55 -36.43 32.18 -35.65
CA GLU AA 55 -35.13 31.75 -36.13
C GLU AA 55 -34.96 30.25 -35.72
N LEU AA 56 -34.35 29.45 -36.59
CA LEU AA 56 -34.09 28.04 -36.28
C LEU AA 56 -32.59 27.86 -36.12
N TYR AA 57 -31.83 28.33 -37.10
CA TYR AA 57 -30.38 28.24 -37.07
C TYR AA 57 -29.80 29.41 -37.85
N ASP AA 58 -28.47 29.48 -37.93
CA ASP AA 58 -27.79 30.58 -38.61
C ASP AA 58 -28.46 31.19 -39.86
N ARG AA 59 -28.81 30.37 -40.83
CA ARG AA 59 -29.42 30.85 -42.03
C ARG AA 59 -30.73 30.17 -42.26
N VAL AA 60 -31.34 29.61 -41.24
CA VAL AA 60 -32.61 28.92 -41.43
C VAL AA 60 -33.73 29.51 -40.61
N GLY AA 61 -34.84 29.83 -41.28
CA GLY AA 61 -35.99 30.43 -40.63
C GLY AA 61 -37.20 29.53 -40.55
N PHE AA 62 -38.12 29.88 -39.69
CA PHE AA 62 -39.30 29.10 -39.47
C PHE AA 62 -40.56 29.96 -39.47
N ALA AA 63 -41.63 29.46 -40.07
CA ALA AA 63 -42.91 30.13 -40.02
C ALA AA 63 -44.00 29.12 -39.95
N ALA AA 64 -45.02 29.41 -39.18
CA ALA AA 64 -46.11 28.47 -39.03
C ALA AA 64 -47.48 29.07 -38.94
N ALA AA 65 -48.49 28.25 -39.18
CA ALA AA 65 -49.87 28.67 -39.11
C ALA AA 65 -50.62 27.53 -38.45
N GLY AA 66 -51.64 27.83 -37.66
CA GLY AA 66 -52.40 26.81 -36.99
C GLY AA 66 -52.49 27.01 -35.49
N LYS AA 67 -52.63 25.92 -34.73
CA LYS AA 67 -52.72 25.97 -33.27
C LYS AA 67 -51.33 26.31 -32.68
N PHE AA 68 -51.25 27.46 -32.00
CA PHE AA 68 -50.00 27.92 -31.42
C PHE AA 68 -49.22 26.90 -30.59
N ASN AA 69 -49.85 26.36 -29.55
CA ASN AA 69 -49.18 25.39 -28.70
C ASN AA 69 -48.61 24.24 -29.52
N GLU AA 70 -49.28 23.87 -30.62
CA GLU AA 70 -48.75 22.77 -31.42
C GLU AA 70 -47.56 23.17 -32.32
N PHE AA 71 -47.61 24.34 -32.92
CA PHE AA 71 -46.49 24.68 -33.74
C PHE AA 71 -45.34 25.24 -32.96
N ASP AA 72 -45.61 25.74 -31.77
CA ASP AA 72 -44.52 26.25 -30.94
C ASP AA 72 -43.75 24.97 -30.50
N ASN AA 73 -44.50 23.91 -30.26
CA ASN AA 73 -43.92 22.63 -29.89
C ASN AA 73 -42.93 22.23 -30.99
N LEU AA 74 -43.39 22.26 -32.24
CA LEU AA 74 -42.54 21.90 -33.38
C LEU AA 74 -41.33 22.84 -33.53
N ARG AA 75 -41.55 24.13 -33.24
CA ARG AA 75 -40.48 25.11 -33.35
C ARG AA 75 -39.36 24.72 -32.37
N ARG AA 76 -39.73 24.45 -31.13
CA ARG AA 76 -38.75 24.07 -30.13
C ARG AA 76 -37.99 22.82 -30.55
N GLY AA 77 -38.72 21.81 -31.02
CA GLY AA 77 -38.09 20.58 -31.47
C GLY AA 77 -37.09 20.86 -32.58
N GLY AA 78 -37.47 21.80 -33.46
CA GLY AA 78 -36.61 22.15 -34.56
C GLY AA 78 -35.31 22.76 -34.08
N ILE AA 79 -35.43 23.71 -33.15
CA ILE AA 79 -34.28 24.37 -32.59
C ILE AA 79 -33.40 23.31 -31.90
N GLN AA 80 -34.06 22.40 -31.20
CA GLN AA 80 -33.38 21.31 -30.52
C GLN AA 80 -32.56 20.50 -31.55
N PHE AA 81 -33.20 20.11 -32.64
CA PHE AA 81 -32.54 19.32 -33.67
C PHE AA 81 -31.33 20.06 -34.29
N ALA AA 82 -31.55 21.31 -34.67
CA ALA AA 82 -30.51 22.10 -35.29
C ALA AA 82 -29.31 22.30 -34.38
N ASP AA 83 -29.56 22.73 -33.15
CA ASP AA 83 -28.44 22.95 -32.23
C ASP AA 83 -27.64 21.67 -31.96
N THR AA 84 -28.35 20.54 -31.83
CA THR AA 84 -27.69 19.27 -31.59
C THR AA 84 -26.83 18.87 -32.79
N ARG AA 85 -27.37 18.96 -33.99
CA ARG AA 85 -26.60 18.62 -35.17
C ARG AA 85 -25.38 19.48 -35.33
N GLY AA 86 -25.57 20.80 -35.22
CA GLY AA 86 -24.47 21.72 -35.37
C GLY AA 86 -23.36 21.45 -34.39
N TYR AA 87 -23.75 21.02 -33.19
CA TYR AA 87 -22.77 20.73 -32.17
C TYR AA 87 -22.08 19.39 -32.41
N ALA AA 88 -22.85 18.38 -32.80
CA ALA AA 88 -22.28 17.06 -33.07
C ALA AA 88 -21.35 17.03 -34.29
N TYR AA 89 -21.58 17.94 -35.21
CA TYR AA 89 -20.79 18.05 -36.42
C TYR AA 89 -20.16 19.41 -36.43
N ASP AA 90 -20.74 20.32 -37.17
CA ASP AA 90 -20.31 21.71 -37.32
C ASP AA 90 -21.56 22.48 -37.73
N ARG AA 91 -21.51 23.79 -37.61
CA ARG AA 91 -22.61 24.68 -37.95
C ARG AA 91 -23.04 24.63 -39.39
N ARG AA 92 -22.08 24.54 -40.30
CA ARG AA 92 -22.38 24.50 -41.69
C ARG AA 92 -23.00 23.23 -42.20
N ASP AA 93 -23.11 22.24 -41.34
CA ASP AA 93 -23.69 20.99 -41.74
C ASP AA 93 -25.19 21.07 -41.53
N VAL AA 94 -25.67 22.14 -40.95
CA VAL AA 94 -27.09 22.29 -40.73
C VAL AA 94 -27.65 22.97 -41.97
N THR AA 95 -28.74 22.44 -42.48
CA THR AA 95 -29.36 23.00 -43.65
C THR AA 95 -30.84 23.00 -43.50
N GLY AA 96 -31.48 23.84 -44.28
CA GLY AA 96 -32.91 23.97 -44.28
C GLY AA 96 -33.54 22.69 -44.74
N ARG AA 97 -32.91 22.03 -45.69
CA ARG AA 97 -33.43 20.79 -46.21
C ARG AA 97 -33.50 19.74 -45.10
N GLN AA 98 -32.52 19.71 -44.21
CA GLN AA 98 -32.51 18.77 -43.11
C GLN AA 98 -33.67 19.02 -42.20
N LEU AA 99 -33.89 20.28 -41.83
CA LEU AA 99 -34.99 20.65 -40.95
C LEU AA 99 -36.37 20.35 -41.54
N ALA AA 100 -36.54 20.62 -42.83
CA ALA AA 100 -37.81 20.36 -43.50
C ALA AA 100 -38.06 18.85 -43.43
N ASN AA 101 -37.01 18.11 -43.76
CA ASN AA 101 -37.06 16.64 -43.76
C ASN AA 101 -37.49 16.14 -42.37
N VAL AA 102 -36.88 16.70 -41.33
CA VAL AA 102 -37.21 16.32 -39.96
C VAL AA 102 -38.67 16.63 -39.61
N TYR AA 103 -39.14 17.82 -40.00
CA TYR AA 103 -40.53 18.19 -39.73
C TYR AA 103 -41.47 17.27 -40.48
N ALA AA 104 -41.09 16.91 -41.70
CA ALA AA 104 -41.89 16.02 -42.53
C ALA AA 104 -42.08 14.71 -41.80
N GLN AA 105 -40.97 14.14 -41.34
CA GLN AA 105 -41.02 12.87 -40.60
C GLN AA 105 -41.81 13.02 -39.28
N THR AA 106 -41.60 14.12 -38.56
CA THR AA 106 -42.28 14.33 -37.30
C THR AA 106 -43.80 14.46 -37.44
N LEU AA 107 -44.26 15.32 -38.34
CA LEU AA 107 -45.70 15.48 -38.52
C LEU AA 107 -46.30 14.19 -39.06
N GLY AA 108 -45.54 13.51 -39.91
CA GLY AA 108 -46.01 12.25 -40.46
C GLY AA 108 -46.35 11.32 -39.31
N THR AA 109 -45.44 11.22 -38.36
CA THR AA 109 -45.64 10.36 -37.21
C THR AA 109 -46.81 10.82 -36.33
N ILE AA 110 -46.90 12.13 -36.08
CA ILE AA 110 -47.99 12.64 -35.25
C ILE AA 110 -49.32 12.29 -35.90
N PHE AA 111 -49.43 12.65 -37.18
CA PHE AA 111 -50.64 12.39 -37.96
C PHE AA 111 -51.08 10.92 -37.91
N THR AA 112 -50.10 10.04 -37.81
CA THR AA 112 -50.36 8.60 -37.77
C THR AA 112 -50.64 8.02 -36.40
N GLU AA 113 -49.72 8.22 -35.46
CA GLU AA 113 -49.87 7.62 -34.16
C GLU AA 113 -50.39 8.43 -32.98
N GLN AA 114 -50.61 9.72 -33.16
CA GLN AA 114 -51.11 10.51 -32.03
C GLN AA 114 -52.63 10.61 -31.99
N ALA AA 115 -53.16 10.86 -30.80
CA ALA AA 115 -54.60 10.97 -30.60
C ALA AA 115 -55.24 11.90 -31.61
N LYS AA 116 -54.72 13.12 -31.69
CA LYS AA 116 -55.24 14.08 -32.63
C LYS AA 116 -54.13 14.59 -33.53
N PRO AA 117 -54.45 14.85 -34.80
CA PRO AA 117 -53.42 15.36 -35.71
C PRO AA 117 -53.09 16.78 -35.29
N TYR AA 118 -51.93 17.26 -35.71
CA TYR AA 118 -51.53 18.62 -35.38
C TYR AA 118 -52.17 19.54 -36.40
N GLU AA 119 -52.92 20.52 -35.91
CA GLU AA 119 -53.60 21.50 -36.77
C GLU AA 119 -52.58 22.57 -37.15
N VAL AA 120 -51.58 22.19 -37.95
CA VAL AA 120 -50.54 23.13 -38.32
C VAL AA 120 -50.01 22.95 -39.73
N GLU AA 121 -49.34 23.99 -40.22
CA GLU AA 121 -48.73 24.01 -41.54
C GLU AA 121 -47.43 24.80 -41.32
N LEU AA 122 -46.31 24.23 -41.74
CA LEU AA 122 -45.03 24.89 -41.51
C LEU AA 122 -44.28 25.28 -42.74
N CYS AA 123 -43.41 26.27 -42.57
CA CYS AA 123 -42.55 26.70 -43.64
C CYS AA 123 -41.11 26.86 -43.13
N VAL AA 124 -40.16 26.19 -43.79
CA VAL AA 124 -38.77 26.30 -43.40
C VAL AA 124 -38.07 26.99 -44.54
N ALA AA 125 -37.31 28.03 -44.23
CA ALA AA 125 -36.60 28.77 -45.26
C ALA AA 125 -35.12 28.88 -44.97
N GLU AA 126 -34.32 28.98 -46.03
CA GLU AA 126 -32.88 29.09 -45.90
C GLU AA 126 -32.32 30.03 -46.94
N VAL AA 127 -31.38 30.86 -46.54
CA VAL AA 127 -30.72 31.79 -47.45
C VAL AA 127 -29.25 31.42 -47.47
N ALA AA 128 -28.52 31.96 -48.43
CA ALA AA 128 -27.11 31.65 -48.56
C ALA AA 128 -26.33 32.19 -47.37
N HIS AA 129 -25.13 31.64 -47.28
CA HIS AA 129 -24.18 31.96 -46.28
C HIS AA 129 -23.57 33.24 -46.76
N TYR AA 130 -23.21 34.06 -45.82
CA TYR AA 130 -22.62 35.32 -46.15
C TYR AA 130 -21.65 35.25 -47.29
N GLY AA 131 -21.58 36.33 -48.05
CA GLY AA 131 -20.65 36.34 -49.17
C GLY AA 131 -20.84 35.20 -50.14
N GLU AA 132 -21.67 34.23 -49.78
CA GLU AA 132 -21.91 33.09 -50.64
C GLU AA 132 -22.98 33.51 -51.64
N THR AA 133 -23.15 32.74 -52.70
CA THR AA 133 -24.15 33.06 -53.72
C THR AA 133 -24.99 31.82 -53.99
N LYS AA 134 -26.21 31.83 -53.49
CA LYS AA 134 -27.13 30.70 -53.64
C LYS AA 134 -28.57 31.19 -53.59
N ARG AA 135 -29.43 30.50 -54.33
CA ARG AA 135 -30.83 30.85 -54.41
C ARG AA 135 -31.58 30.44 -53.16
N PRO AA 136 -32.38 31.34 -52.57
CA PRO AA 136 -33.14 31.03 -51.36
C PRO AA 136 -33.97 29.76 -51.54
N GLU AA 137 -34.23 29.06 -50.45
CA GLU AA 137 -35.01 27.83 -50.50
C GLU AA 137 -36.17 27.93 -49.54
N LEU AA 138 -37.34 27.48 -49.97
CA LEU AA 138 -38.52 27.52 -49.14
C LEU AA 138 -39.13 26.13 -49.13
N TYR AA 139 -39.55 25.68 -47.95
CA TYR AA 139 -40.15 24.37 -47.85
C TYR AA 139 -41.47 24.49 -47.10
N ARG AA 140 -42.45 23.70 -47.52
CA ARG AA 140 -43.74 23.71 -46.88
C ARG AA 140 -44.02 22.29 -46.44
N ILE AA 141 -44.30 22.13 -45.15
CA ILE AA 141 -44.60 20.81 -44.62
C ILE AA 141 -46.02 20.92 -44.09
N THR AA 142 -46.84 19.96 -44.43
CA THR AA 142 -48.23 19.96 -44.00
C THR AA 142 -48.52 18.96 -42.88
N TYR AA 143 -49.70 19.11 -42.29
CA TYR AA 143 -50.11 18.30 -41.17
C TYR AA 143 -49.94 16.80 -41.30
N ASP AA 144 -49.87 16.28 -42.53
CA ASP AA 144 -49.73 14.84 -42.71
C ASP AA 144 -48.29 14.41 -43.02
N GLY AA 145 -47.38 15.37 -43.07
CA GLY AA 145 -45.99 15.04 -43.33
C GLY AA 145 -45.57 15.23 -44.77
N SER AA 146 -46.44 15.82 -45.57
CA SER AA 146 -46.13 16.05 -46.96
C SER AA 146 -45.20 17.24 -47.02
N ILE AA 147 -44.24 17.17 -47.92
CA ILE AA 147 -43.27 18.24 -48.07
C ILE AA 147 -43.17 18.67 -49.52
N ALA AA 148 -42.80 19.93 -49.74
CA ALA AA 148 -42.68 20.46 -51.09
C ALA AA 148 -41.92 21.76 -51.04
N ASP AA 149 -41.04 21.99 -51.99
CA ASP AA 149 -40.29 23.24 -52.01
C ASP AA 149 -40.79 24.20 -53.06
N GLU AA 150 -41.20 25.39 -52.63
CA GLU AA 150 -41.67 26.42 -53.53
C GLU AA 150 -40.48 27.27 -53.97
N PRO AA 151 -40.47 27.69 -55.24
CA PRO AA 151 -39.37 28.48 -55.77
C PRO AA 151 -39.44 29.96 -55.43
N HIS AA 152 -40.64 30.48 -55.20
CA HIS AA 152 -40.76 31.90 -54.93
C HIS AA 152 -41.47 32.33 -53.67
N PHE AA 153 -42.54 31.63 -53.33
CA PHE AA 153 -43.30 32.01 -52.16
C PHE AA 153 -44.12 30.89 -51.53
N VAL AA 154 -44.47 31.02 -50.26
CA VAL AA 154 -45.29 30.00 -49.61
C VAL AA 154 -46.39 30.72 -48.83
N VAL AA 155 -47.57 30.13 -48.80
CA VAL AA 155 -48.72 30.70 -48.12
C VAL AA 155 -49.37 29.65 -47.25
N MET AA 156 -49.65 29.96 -45.99
CA MET AA 156 -50.24 28.99 -45.08
C MET AA 156 -51.29 29.61 -44.18
N GLY AA 157 -52.29 28.81 -43.82
CA GLY AA 157 -53.32 29.27 -42.91
C GLY AA 157 -54.51 29.97 -43.50
N GLY AA 158 -55.69 29.74 -42.95
CA GLY AA 158 -56.89 30.40 -43.42
C GLY AA 158 -57.25 30.04 -44.84
N THR AA 159 -57.49 31.03 -45.68
CA THR AA 159 -57.85 30.79 -47.08
C THR AA 159 -56.74 31.26 -48.05
N THR AA 160 -56.13 30.29 -48.72
CA THR AA 160 -54.92 30.50 -49.51
C THR AA 160 -55.09 31.08 -50.91
N GLU AA 161 -56.05 30.55 -51.66
CA GLU AA 161 -56.30 30.98 -53.03
C GLU AA 161 -56.17 32.49 -53.28
N PRO AA 162 -56.99 33.29 -52.64
CA PRO AA 162 -56.88 34.71 -52.91
C PRO AA 162 -55.50 35.21 -52.65
N ILE AA 163 -54.87 34.82 -51.55
CA ILE AA 163 -53.52 35.29 -51.29
C ILE AA 163 -52.54 34.77 -52.31
N ALA AA 164 -52.63 33.49 -52.58
CA ALA AA 164 -51.73 32.87 -53.52
C ALA AA 164 -51.93 33.41 -54.90
N ASN AA 165 -53.20 33.51 -55.29
CA ASN AA 165 -53.51 34.00 -56.61
C ASN AA 165 -52.95 35.39 -56.73
N ALA AA 166 -53.08 36.21 -55.71
CA ALA AA 166 -52.55 37.55 -55.82
C ALA AA 166 -51.05 37.53 -56.00
N LEU AA 167 -50.35 36.69 -55.26
CA LEU AA 167 -48.90 36.68 -55.37
C LEU AA 167 -48.41 36.31 -56.75
N LYS AA 168 -49.01 35.33 -57.39
CA LYS AA 168 -48.54 34.96 -58.71
C LYS AA 168 -48.76 36.16 -59.61
N GLU AA 169 -49.92 36.75 -59.44
CA GLU AA 169 -50.22 37.93 -60.20
C GLU AA 169 -49.27 39.03 -59.73
N SER AA 170 -48.96 39.05 -58.44
CA SER AA 170 -48.10 40.09 -57.86
C SER AA 170 -46.60 39.83 -57.62
N TYR AA 171 -46.10 38.64 -57.90
CA TYR AA 171 -44.69 38.35 -57.61
C TYR AA 171 -43.60 38.69 -58.61
N ALA AA 172 -42.58 39.35 -58.09
CA ALA AA 172 -41.42 39.70 -58.86
C ALA AA 172 -40.15 39.26 -58.14
N GLU AA 173 -39.30 38.52 -58.84
CA GLU AA 173 -38.05 38.08 -58.29
C GLU AA 173 -37.19 39.30 -58.10
N ASN AA 174 -36.45 39.35 -57.00
CA ASN AA 174 -35.53 40.45 -56.76
C ASN AA 174 -36.13 41.76 -56.29
N ALA AA 175 -37.39 41.70 -55.88
CA ALA AA 175 -38.05 42.87 -55.37
C ALA AA 175 -37.30 43.32 -54.16
N SER AA 176 -37.26 44.63 -53.95
CA SER AA 176 -36.59 45.22 -52.82
C SER AA 176 -37.40 44.77 -51.66
N LEU AA 177 -36.87 44.95 -50.48
CA LEU AA 177 -37.59 44.52 -49.31
C LEU AA 177 -38.90 45.23 -49.19
N THR AA 178 -38.90 46.56 -49.34
CA THR AA 178 -40.11 47.35 -49.24
C THR AA 178 -41.14 46.89 -50.22
N ASP AA 179 -40.73 46.73 -51.45
CA ASP AA 179 -41.65 46.31 -52.45
C ASP AA 179 -42.25 44.96 -52.15
N ALA AA 180 -41.45 44.06 -51.61
CA ALA AA 180 -41.91 42.73 -51.28
C ALA AA 180 -42.83 42.80 -50.08
N LEU AA 181 -42.48 43.60 -49.10
CA LEU AA 181 -43.34 43.69 -47.93
C LEU AA 181 -44.73 43.99 -48.43
N ARG AA 182 -44.88 45.17 -49.05
CA ARG AA 182 -46.16 45.63 -49.62
C ARG AA 182 -46.88 44.59 -50.42
N ILE AA 183 -46.22 44.04 -51.40
CA ILE AA 183 -46.85 43.03 -52.18
C ILE AA 183 -47.43 41.95 -51.28
N ALA AA 184 -46.66 41.48 -50.30
CA ALA AA 184 -47.16 40.43 -49.40
C ALA AA 184 -48.36 40.85 -48.56
N VAL AA 185 -48.32 42.05 -48.01
CA VAL AA 185 -49.43 42.53 -47.22
C VAL AA 185 -50.68 42.67 -48.08
N ALA AA 186 -50.48 43.08 -49.32
CA ALA AA 186 -51.58 43.23 -50.25
C ALA AA 186 -52.08 41.83 -50.56
N ALA AA 187 -51.17 40.92 -50.84
CA ALA AA 187 -51.53 39.54 -51.12
C ALA AA 187 -52.24 38.95 -49.93
N LEU AA 188 -51.80 39.37 -48.75
CA LEU AA 188 -52.39 38.94 -47.51
C LEU AA 188 -53.74 39.56 -47.34
N ARG AA 189 -53.86 40.81 -47.78
CA ARG AA 189 -55.11 41.56 -47.68
C ARG AA 189 -56.23 40.91 -48.41
N ALA AA 190 -55.97 40.42 -49.60
CA ALA AA 190 -57.00 39.78 -50.34
C ALA AA 190 -57.41 38.66 -49.43
N GLY AA 191 -56.44 38.03 -48.77
CA GLY AA 191 -56.74 36.94 -47.87
C GLY AA 191 -58.23 36.78 -47.62
N GLY AA 204 -51.58 46.78 -40.95
CA GLY AA 204 -51.09 47.63 -39.87
C GLY AA 204 -49.97 47.03 -39.02
N VAL AA 205 -48.99 47.83 -38.62
CA VAL AA 205 -47.86 47.33 -37.82
C VAL AA 205 -48.24 46.70 -36.48
N ALA AA 206 -49.32 47.19 -35.90
CA ALA AA 206 -49.78 46.67 -34.61
C ALA AA 206 -50.52 45.35 -34.83
N SER AA 207 -50.63 44.93 -36.09
CA SER AA 207 -51.33 43.71 -36.43
C SER AA 207 -50.49 42.77 -37.32
N LEU AA 208 -49.21 43.07 -37.47
CA LEU AA 208 -48.37 42.24 -38.31
C LEU AA 208 -47.11 41.75 -37.62
N GLU AA 209 -46.61 40.60 -38.06
CA GLU AA 209 -45.39 40.07 -37.52
C GLU AA 209 -44.50 40.01 -38.72
N VAL AA 210 -43.38 40.69 -38.67
CA VAL AA 210 -42.47 40.71 -39.80
C VAL AA 210 -41.02 40.44 -39.43
N ALA AA 211 -40.37 39.62 -40.26
CA ALA AA 211 -38.97 39.27 -40.05
C ALA AA 211 -38.38 38.75 -41.34
N VAL AA 212 -37.06 38.85 -41.45
CA VAL AA 212 -36.39 38.39 -42.65
C VAL AA 212 -35.13 37.57 -42.37
N LEU AA 213 -34.76 36.74 -43.32
CA LEU AA 213 -33.55 36.03 -43.19
C LEU AA 213 -32.72 36.89 -44.05
N ASP AA 214 -31.87 37.67 -43.43
CA ASP AA 214 -31.12 38.63 -44.14
C ASP AA 214 -29.81 38.04 -44.56
N ALA AA 215 -29.73 37.63 -45.81
CA ALA AA 215 -28.53 37.04 -46.33
C ALA AA 215 -27.31 37.92 -46.21
N ASN AA 216 -27.49 39.22 -46.08
CA ASN AA 216 -26.35 40.09 -45.96
C ASN AA 216 -25.55 39.99 -44.66
N ARG AA 217 -26.24 39.60 -43.59
CA ARG AA 217 -25.64 39.44 -42.27
C ARG AA 217 -24.62 38.31 -42.30
N PRO AA 218 -23.53 38.48 -41.58
CA PRO AA 218 -22.46 37.48 -41.51
C PRO AA 218 -22.83 36.11 -40.97
N ARG AA 219 -23.35 35.98 -39.77
CA ARG AA 219 -23.68 34.66 -39.29
C ARG AA 219 -25.14 34.37 -39.05
N ARG AA 220 -25.77 35.08 -38.12
CA ARG AA 220 -27.17 34.85 -37.83
C ARG AA 220 -28.01 35.80 -38.61
N ALA AA 221 -28.65 35.24 -39.62
CA ALA AA 221 -29.52 35.92 -40.53
C ALA AA 221 -30.86 36.43 -40.08
N PHE AA 222 -31.53 35.71 -39.22
CA PHE AA 222 -32.83 36.11 -38.75
C PHE AA 222 -32.82 37.42 -38.05
N ARG AA 223 -33.77 38.27 -38.41
CA ARG AA 223 -33.90 39.57 -37.81
C ARG AA 223 -35.32 40.02 -37.99
N ARG AA 224 -35.91 40.53 -36.94
CA ARG AA 224 -37.27 41.00 -37.00
C ARG AA 224 -37.44 42.49 -37.25
N ILE AA 225 -38.46 42.84 -38.03
CA ILE AA 225 -38.71 44.24 -38.33
C ILE AA 225 -39.96 44.57 -37.53
N THR AA 226 -39.79 45.37 -36.51
CA THR AA 226 -40.89 45.77 -35.64
C THR AA 226 -40.91 47.24 -35.36
N GLY AA 227 -41.99 47.68 -34.73
CA GLY AA 227 -42.17 49.08 -34.36
C GLY AA 227 -41.99 50.14 -35.42
N SER AA 228 -41.12 51.11 -35.13
CA SER AA 228 -40.85 52.21 -36.04
C SER AA 228 -40.26 51.76 -37.37
N ALA AA 229 -39.33 50.81 -37.32
CA ALA AA 229 -38.71 50.32 -38.54
C ALA AA 229 -39.74 49.69 -39.44
N LEU AA 230 -40.65 48.93 -38.85
CA LEU AA 230 -41.71 48.28 -39.63
C LEU AA 230 -42.59 49.34 -40.27
N GLN AA 231 -42.87 50.38 -39.51
CA GLN AA 231 -43.71 51.48 -39.98
C GLN AA 231 -43.12 52.17 -41.19
N ALA AA 232 -41.81 52.38 -41.16
CA ALA AA 232 -41.12 53.05 -42.26
C ALA AA 232 -41.27 52.25 -43.53
N LEU AA 233 -41.17 50.93 -43.41
CA LEU AA 233 -41.29 50.02 -44.54
C LEU AA 233 -42.66 50.05 -45.19
N LEU AA 234 -43.70 50.18 -44.36
CA LEU AA 234 -45.07 50.23 -44.84
C LEU AA 234 -45.39 51.60 -45.41
N THR BA 1 -0.07 29.08 -19.67
CA THR BA 1 -1.20 29.92 -20.04
C THR BA 1 -1.51 31.06 -19.09
N THR BA 2 -1.90 32.19 -19.67
CA THR BA 2 -2.35 33.33 -18.89
C THR BA 2 -3.45 34.04 -19.67
N ILE BA 3 -4.59 34.24 -19.00
CA ILE BA 3 -5.70 34.94 -19.61
C ILE BA 3 -6.05 36.02 -18.62
N VAL BA 4 -6.17 37.26 -19.09
CA VAL BA 4 -6.51 38.37 -18.23
C VAL BA 4 -7.80 39.04 -18.68
N ALA BA 5 -8.44 39.73 -17.75
CA ALA BA 5 -9.63 40.51 -17.97
C ALA BA 5 -9.66 41.76 -17.10
N LEU BA 6 -10.13 42.87 -17.64
CA LEU BA 6 -10.19 44.08 -16.88
C LEU BA 6 -11.30 45.00 -17.30
N LYS BA 7 -11.69 45.90 -16.42
CA LYS BA 7 -12.73 46.83 -16.74
C LYS BA 7 -12.13 48.16 -17.00
N TYR BA 8 -12.83 48.95 -17.81
CA TYR BA 8 -12.47 50.31 -18.11
C TYR BA 8 -13.80 50.99 -18.18
N PRO BA 9 -13.85 52.31 -18.11
CA PRO BA 9 -15.14 52.97 -18.14
C PRO BA 9 -15.85 52.64 -19.42
N GLY BA 10 -17.06 52.11 -19.28
CA GLY BA 10 -17.82 51.66 -20.41
C GLY BA 10 -17.57 50.25 -20.94
N GLY BA 11 -16.67 49.48 -20.37
CA GLY BA 11 -16.45 48.14 -20.88
C GLY BA 11 -15.43 47.21 -20.25
N VAL BA 12 -15.22 46.09 -20.92
CA VAL BA 12 -14.26 45.08 -20.53
C VAL BA 12 -13.37 44.66 -21.68
N VAL BA 13 -12.14 44.29 -21.39
CA VAL BA 13 -11.25 43.71 -22.37
C VAL BA 13 -10.74 42.40 -21.74
N MET BA 14 -10.58 41.37 -22.58
CA MET BA 14 -10.04 40.09 -22.17
C MET BA 14 -9.00 39.72 -23.22
N ALA BA 15 -7.85 39.24 -22.76
CA ALA BA 15 -6.79 38.88 -23.67
C ALA BA 15 -6.06 37.64 -23.15
N GLY BA 16 -5.58 36.80 -24.07
CA GLY BA 16 -4.87 35.58 -23.73
C GLY BA 16 -3.64 35.33 -24.57
N ASP BA 17 -2.72 34.52 -24.05
CA ASP BA 17 -1.49 34.20 -24.76
C ASP BA 17 -1.77 33.07 -25.74
N ARG BA 18 -0.76 32.61 -26.43
CA ARG BA 18 -0.93 31.66 -27.50
C ARG BA 18 -0.24 30.34 -27.34
N ARG BA 19 0.40 30.12 -26.21
CA ARG BA 19 1.20 28.94 -25.92
C ARG BA 19 0.48 27.68 -25.50
N SER BA 20 1.03 26.56 -25.88
CA SER BA 20 0.48 25.26 -25.54
C SER BA 20 1.69 24.42 -25.16
N THR BA 21 1.60 23.68 -24.06
CA THR BA 21 2.72 22.85 -23.62
C THR BA 21 2.33 21.42 -23.28
N GLN BA 22 3.33 20.57 -23.40
CA GLN BA 22 3.25 19.15 -23.10
C GLN BA 22 4.51 19.04 -22.22
N GLY BA 23 4.35 19.19 -20.91
CA GLY BA 23 5.50 19.15 -20.04
C GLY BA 23 6.32 20.39 -20.31
N ASN BA 24 7.60 20.21 -20.60
CA ASN BA 24 8.50 21.30 -20.91
C ASN BA 24 8.48 21.67 -22.40
N MET BA 25 7.94 20.77 -23.22
CA MET BA 25 7.91 21.01 -24.66
C MET BA 25 6.81 21.94 -25.09
N ILE BA 26 7.17 22.85 -25.99
CA ILE BA 26 6.20 23.80 -26.51
C ILE BA 26 5.46 23.00 -27.60
N SER BA 27 4.16 22.84 -27.44
CA SER BA 27 3.41 22.08 -28.41
C SER BA 27 2.48 22.95 -29.28
N GLY BA 28 2.34 24.22 -28.94
CA GLY BA 28 1.50 25.10 -29.72
C GLY BA 28 2.04 26.52 -29.61
N ARG BA 29 1.92 27.26 -30.69
CA ARG BA 29 2.40 28.62 -30.73
C ARG BA 29 1.34 29.61 -31.13
N ASP BA 30 0.19 29.13 -31.54
CA ASP BA 30 -0.84 30.02 -32.02
C ASP BA 30 -2.22 29.66 -31.52
N VAL BA 31 -2.32 29.05 -30.35
CA VAL BA 31 -3.63 28.70 -29.83
C VAL BA 31 -4.44 29.96 -29.49
N ARG BA 32 -5.73 29.93 -29.79
CA ARG BA 32 -6.62 31.06 -29.50
C ARG BA 32 -7.41 30.66 -28.27
N LYS BA 33 -7.20 31.38 -27.17
CA LYS BA 33 -7.86 31.02 -25.92
C LYS BA 33 -9.05 31.86 -25.52
N VAL BA 34 -9.24 32.99 -26.19
CA VAL BA 34 -10.37 33.86 -25.86
C VAL BA 34 -11.44 33.77 -26.95
N TYR BA 35 -12.65 33.43 -26.55
CA TYR BA 35 -13.78 33.28 -27.47
C TYR BA 35 -14.91 34.26 -27.21
N ILE BA 36 -15.53 34.72 -28.28
CA ILE BA 36 -16.69 35.58 -28.13
C ILE BA 36 -17.80 34.55 -27.96
N THR BA 37 -18.43 34.55 -26.79
CA THR BA 37 -19.48 33.58 -26.51
C THR BA 37 -20.84 33.98 -27.04
N ASP BA 38 -21.15 35.26 -26.97
CA ASP BA 38 -22.39 35.81 -27.54
C ASP BA 38 -22.09 37.29 -27.78
N ASP BA 39 -23.08 38.07 -28.19
CA ASP BA 39 -22.80 39.48 -28.49
C ASP BA 39 -22.20 40.31 -27.38
N TYR BA 40 -22.44 39.92 -26.13
CA TYR BA 40 -21.95 40.69 -24.99
C TYR BA 40 -21.11 39.93 -23.99
N THR BA 41 -20.56 38.80 -24.43
CA THR BA 41 -19.79 37.95 -23.54
C THR BA 41 -18.58 37.29 -24.19
N ALA BA 42 -17.50 37.19 -23.42
CA ALA BA 42 -16.29 36.54 -23.89
C ALA BA 42 -15.80 35.56 -22.80
N THR BA 43 -15.27 34.44 -23.24
CA THR BA 43 -14.75 33.42 -22.34
C THR BA 43 -13.31 33.06 -22.65
N GLY BA 44 -12.50 32.95 -21.61
CA GLY BA 44 -11.10 32.59 -21.77
C GLY BA 44 -10.87 31.39 -20.87
N ILE BA 45 -10.35 30.29 -21.41
CA ILE BA 45 -10.19 29.12 -20.55
C ILE BA 45 -8.79 28.62 -20.48
N ALA BA 46 -8.38 28.25 -19.26
CA ALA BA 46 -7.02 27.77 -19.00
C ALA BA 46 -7.03 26.32 -18.57
N GLY BA 47 -5.90 25.66 -18.67
CA GLY BA 47 -5.86 24.26 -18.28
C GLY BA 47 -5.72 23.31 -19.43
N THR BA 48 -6.35 22.15 -19.31
CA THR BA 48 -6.30 21.10 -20.33
C THR BA 48 -7.03 21.56 -21.61
N ALA BA 49 -6.24 21.81 -22.64
CA ALA BA 49 -6.74 22.27 -23.92
C ALA BA 49 -8.00 21.58 -24.43
N ALA BA 50 -8.00 20.25 -24.44
CA ALA BA 50 -9.16 19.54 -24.95
C ALA BA 50 -10.42 19.97 -24.23
N VAL BA 51 -10.34 20.02 -22.91
CA VAL BA 51 -11.50 20.40 -22.12
C VAL BA 51 -11.84 21.88 -22.28
N ALA BA 52 -10.83 22.73 -22.28
CA ALA BA 52 -11.04 24.18 -22.43
C ALA BA 52 -11.83 24.50 -23.69
N VAL BA 53 -11.43 23.90 -24.81
CA VAL BA 53 -12.10 24.14 -26.07
C VAL BA 53 -13.53 23.62 -26.04
N GLU BA 54 -13.72 22.40 -25.54
CA GLU BA 54 -15.06 21.84 -25.47
C GLU BA 54 -15.97 22.78 -24.65
N PHE BA 55 -15.47 23.28 -23.52
CA PHE BA 55 -16.26 24.18 -22.67
C PHE BA 55 -16.76 25.40 -23.43
N ALA BA 56 -15.84 26.13 -24.04
CA ALA BA 56 -16.16 27.33 -24.78
C ALA BA 56 -17.22 27.08 -25.84
N ARG BA 57 -17.02 26.00 -26.58
CA ARG BA 57 -17.93 25.63 -27.65
C ARG BA 57 -19.31 25.24 -27.10
N LEU BA 58 -19.32 24.37 -26.10
CA LEU BA 58 -20.60 23.95 -25.53
C LEU BA 58 -21.32 25.14 -24.88
N TYR BA 59 -20.57 25.96 -24.15
CA TYR BA 59 -21.14 27.11 -23.47
C TYR BA 59 -21.84 28.08 -24.43
N ALA BA 60 -21.18 28.40 -25.54
CA ALA BA 60 -21.79 29.32 -26.49
C ALA BA 60 -23.05 28.72 -27.09
N VAL BA 61 -23.02 27.43 -27.39
CA VAL BA 61 -24.20 26.79 -27.95
C VAL BA 61 -25.32 26.86 -26.92
N GLU BA 62 -25.02 26.58 -25.65
CA GLU BA 62 -26.07 26.60 -24.64
C GLU BA 62 -26.71 28.01 -24.50
N LEU BA 63 -25.88 29.06 -24.58
CA LEU BA 63 -26.40 30.42 -24.46
C LEU BA 63 -27.34 30.76 -25.64
N GLU BA 64 -26.92 30.44 -26.86
CA GLU BA 64 -27.72 30.73 -28.02
C GLU BA 64 -28.95 29.82 -28.08
N HIS BA 65 -28.83 28.64 -27.52
CA HIS BA 65 -29.93 27.71 -27.51
C HIS BA 65 -31.07 28.28 -26.70
N TYR BA 66 -30.76 28.94 -25.60
CA TYR BA 66 -31.76 29.52 -24.73
C TYR BA 66 -32.41 30.72 -25.35
N GLU BA 67 -31.61 31.52 -26.01
CA GLU BA 67 -32.09 32.70 -26.71
C GLU BA 67 -33.11 32.37 -27.79
N LYS BA 68 -32.78 31.37 -28.62
CA LYS BA 68 -33.68 30.97 -29.69
C LYS BA 68 -34.96 30.35 -29.12
N LEU BA 69 -34.81 29.56 -28.07
CA LEU BA 69 -35.94 28.90 -27.45
C LEU BA 69 -36.88 29.88 -26.76
N GLU BA 70 -36.32 30.82 -26.03
CA GLU BA 70 -37.11 31.71 -25.22
C GLU BA 70 -37.32 33.06 -25.84
N GLY BA 71 -36.65 33.32 -26.94
CA GLY BA 71 -36.79 34.60 -27.61
C GLY BA 71 -36.04 35.74 -26.97
N VAL BA 72 -35.39 35.50 -25.85
CA VAL BA 72 -34.63 36.56 -25.17
C VAL BA 72 -33.36 35.97 -24.59
N PRO BA 73 -32.27 36.76 -24.53
CA PRO BA 73 -31.03 36.23 -23.96
C PRO BA 73 -31.16 35.98 -22.46
N LEU BA 74 -30.31 35.11 -21.97
CA LEU BA 74 -30.24 34.77 -20.56
C LEU BA 74 -29.70 36.03 -19.85
N THR BA 75 -30.12 36.26 -18.61
CA THR BA 75 -29.59 37.41 -17.87
C THR BA 75 -28.11 37.13 -17.62
N PHE BA 76 -27.35 38.14 -17.26
CA PHE BA 76 -25.93 37.88 -17.02
C PHE BA 76 -25.75 36.86 -15.88
N ALA BA 77 -26.57 36.96 -14.84
CA ALA BA 77 -26.44 36.04 -13.72
C ALA BA 77 -26.71 34.61 -14.21
N GLY BA 78 -27.70 34.45 -15.08
CA GLY BA 78 -27.99 33.13 -15.61
C GLY BA 78 -26.80 32.59 -16.38
N LYS BA 79 -26.12 33.46 -17.13
CA LYS BA 79 -24.95 33.02 -17.89
C LYS BA 79 -23.89 32.52 -16.92
N ILE BA 80 -23.69 33.26 -15.83
CA ILE BA 80 -22.70 32.87 -14.84
C ILE BA 80 -23.05 31.48 -14.30
N ASN BA 81 -24.31 31.31 -13.90
CA ASN BA 81 -24.75 30.06 -13.32
C ASN BA 81 -24.51 28.86 -14.21
N ARG BA 82 -24.81 29.02 -15.49
CA ARG BA 82 -24.65 27.94 -16.47
C ARG BA 82 -23.20 27.52 -16.63
N LEU BA 83 -22.31 28.51 -16.66
CA LEU BA 83 -20.89 28.25 -16.77
C LEU BA 83 -20.41 27.54 -15.49
N ALA BA 84 -20.85 28.01 -14.33
CA ALA BA 84 -20.44 27.39 -13.07
C ALA BA 84 -20.89 25.93 -13.01
N ILE BA 85 -22.09 25.66 -13.49
CA ILE BA 85 -22.63 24.31 -13.47
C ILE BA 85 -21.77 23.40 -14.35
N MET BA 86 -21.32 23.93 -15.48
CA MET BA 86 -20.48 23.18 -16.40
C MET BA 86 -19.14 22.85 -15.70
N VAL BA 87 -18.54 23.84 -15.02
CA VAL BA 87 -17.30 23.56 -14.32
C VAL BA 87 -17.47 22.52 -13.20
N ARG BA 88 -18.50 22.67 -12.38
CA ARG BA 88 -18.76 21.72 -11.31
C ARG BA 88 -18.87 20.31 -11.88
N GLY BA 89 -19.54 20.18 -13.01
CA GLY BA 89 -19.75 18.89 -13.62
C GLY BA 89 -18.46 18.21 -14.06
N ASN BA 90 -17.39 18.98 -14.22
CA ASN BA 90 -16.12 18.41 -14.66
C ASN BA 90 -15.19 18.11 -13.49
N LEU BA 91 -15.64 18.32 -12.27
CA LEU BA 91 -14.81 18.12 -11.10
C LEU BA 91 -14.14 16.75 -10.97
N ALA BA 92 -14.90 15.69 -11.09
CA ALA BA 92 -14.28 14.36 -11.04
C ALA BA 92 -13.14 14.24 -12.08
N ALA BA 93 -13.40 14.57 -13.33
CA ALA BA 93 -12.39 14.49 -14.38
C ALA BA 93 -11.20 15.42 -14.12
N ALA BA 94 -11.45 16.60 -13.59
CA ALA BA 94 -10.40 17.54 -13.28
C ALA BA 94 -9.41 17.00 -12.27
N MET BA 95 -9.89 16.23 -11.32
CA MET BA 95 -9.05 15.57 -10.33
C MET BA 95 -8.15 14.53 -10.96
N GLN BA 96 -8.62 13.92 -12.03
CA GLN BA 96 -7.89 12.91 -12.75
C GLN BA 96 -6.94 13.54 -13.74
N GLY BA 97 -6.86 14.86 -13.75
CA GLY BA 97 -6.00 15.56 -14.69
C GLY BA 97 -6.63 16.23 -15.89
N LEU BA 98 -7.94 16.37 -15.88
CA LEU BA 98 -8.66 17.03 -16.95
C LEU BA 98 -9.20 18.39 -16.54
N LEU BA 99 -8.51 19.08 -15.65
CA LEU BA 99 -8.93 20.36 -15.21
C LEU BA 99 -8.89 21.52 -16.21
N ALA BA 100 -9.99 22.25 -16.31
CA ALA BA 100 -10.05 23.48 -17.07
C ALA BA 100 -10.79 24.60 -16.31
N LEU BA 101 -10.20 25.76 -16.21
CA LEU BA 101 -10.77 26.90 -15.50
C LEU BA 101 -11.11 28.08 -16.40
N PRO BA 102 -12.38 28.51 -16.37
CA PRO BA 102 -12.70 29.63 -17.22
C PRO BA 102 -12.64 30.98 -16.53
N LEU BA 103 -12.57 32.03 -17.35
CA LEU BA 103 -12.61 33.43 -16.91
C LEU BA 103 -13.69 34.03 -17.80
N LEU BA 104 -14.67 34.68 -17.20
CA LEU BA 104 -15.78 35.26 -17.96
C LEU BA 104 -15.74 36.79 -17.97
N ALA BA 105 -15.99 37.39 -19.13
CA ALA BA 105 -16.03 38.84 -19.23
C ALA BA 105 -17.24 39.23 -20.02
N GLY BA 106 -17.92 40.28 -19.60
CA GLY BA 106 -19.10 40.68 -20.34
C GLY BA 106 -19.58 42.09 -20.05
N TYR BA 107 -20.55 42.53 -20.84
CA TYR BA 107 -21.12 43.85 -20.69
C TYR BA 107 -22.57 43.56 -20.40
N ASP BA 108 -23.07 44.03 -19.27
CA ASP BA 108 -24.46 43.77 -18.92
C ASP BA 108 -25.39 44.87 -19.44
N ILE BA 109 -26.07 44.59 -20.55
CA ILE BA 109 -26.98 45.57 -21.14
C ILE BA 109 -28.09 46.02 -20.20
N HIS BA 110 -28.42 45.19 -19.20
CA HIS BA 110 -29.47 45.53 -18.24
C HIS BA 110 -28.93 46.08 -16.94
N ALA BA 111 -27.70 46.52 -16.90
CA ALA BA 111 -27.18 47.14 -15.72
C ALA BA 111 -27.72 48.55 -15.73
N SER BA 112 -27.76 49.18 -14.56
CA SER BA 112 -28.28 50.53 -14.46
C SER BA 112 -27.28 51.52 -14.99
N ASP BA 113 -26.10 51.55 -14.42
CA ASP BA 113 -25.14 52.54 -14.87
C ASP BA 113 -24.20 52.02 -15.95
N PRO BA 114 -24.45 52.40 -17.22
CA PRO BA 114 -23.71 52.04 -18.43
C PRO BA 114 -22.20 52.05 -18.32
N GLN BA 115 -21.66 53.04 -17.62
CA GLN BA 115 -20.21 53.18 -17.44
C GLN BA 115 -19.61 51.99 -16.71
N SER BA 116 -20.37 51.45 -15.77
CA SER BA 116 -19.96 50.33 -14.95
C SER BA 116 -20.58 48.98 -15.32
N ALA BA 117 -21.18 48.89 -16.50
CA ALA BA 117 -21.85 47.64 -16.94
C ALA BA 117 -20.88 46.48 -17.21
N GLY BA 118 -19.59 46.76 -17.19
CA GLY BA 118 -18.60 45.73 -17.43
C GLY BA 118 -18.63 44.68 -16.32
N ARG BA 119 -18.42 43.43 -16.69
CA ARG BA 119 -18.42 42.35 -15.72
C ARG BA 119 -17.24 41.38 -15.91
N ILE BA 120 -16.66 40.98 -14.80
CA ILE BA 120 -15.57 40.03 -14.80
C ILE BA 120 -15.86 38.96 -13.74
N VAL BA 121 -15.95 37.71 -14.15
CA VAL BA 121 -16.24 36.64 -13.22
C VAL BA 121 -15.18 35.54 -13.28
N SER BA 122 -14.61 35.20 -12.12
CA SER BA 122 -13.60 34.13 -12.05
C SER BA 122 -14.25 32.89 -11.45
N PHE BA 123 -13.67 31.73 -11.71
CA PHE BA 123 -14.22 30.44 -11.26
C PHE BA 123 -13.15 29.53 -10.66
N ASP BA 124 -13.50 28.78 -9.63
CA ASP BA 124 -12.53 27.84 -9.08
C ASP BA 124 -12.93 26.44 -9.58
N ALA BA 125 -12.08 25.45 -9.37
CA ALA BA 125 -12.32 24.08 -9.85
C ALA BA 125 -13.61 23.42 -9.43
N ALA BA 126 -14.22 23.88 -8.35
CA ALA BA 126 -15.48 23.29 -7.89
C ALA BA 126 -16.68 24.04 -8.45
N GLY BA 127 -16.42 25.04 -9.29
CA GLY BA 127 -17.51 25.81 -9.86
C GLY BA 127 -17.86 27.06 -9.07
N GLY BA 128 -17.13 27.32 -7.99
CA GLY BA 128 -17.40 28.50 -7.19
C GLY BA 128 -17.08 29.70 -8.06
N TRP BA 129 -18.02 30.63 -8.16
CA TRP BA 129 -17.77 31.82 -8.97
C TRP BA 129 -17.72 33.09 -8.10
N ASN BA 130 -17.06 34.11 -8.66
CA ASN BA 130 -16.92 35.39 -7.99
C ASN BA 130 -16.90 36.56 -8.97
N ILE BA 131 -17.86 37.46 -8.82
CA ILE BA 131 -17.90 38.66 -9.68
C ILE BA 131 -16.84 39.61 -9.13
N GLU BA 132 -15.77 39.80 -9.90
CA GLU BA 132 -14.66 40.64 -9.49
C GLU BA 132 -15.06 42.09 -9.28
N GLU BA 133 -14.73 42.65 -8.12
CA GLU BA 133 -15.07 44.03 -7.85
C GLU BA 133 -13.88 44.97 -7.91
N GLU BA 134 -12.67 44.42 -8.00
CA GLU BA 134 -11.50 45.27 -8.07
C GLU BA 134 -10.97 45.65 -9.45
N GLY BA 135 -11.76 45.39 -10.50
CA GLY BA 135 -11.34 45.79 -11.83
C GLY BA 135 -10.61 44.84 -12.76
N TYR BA 136 -9.97 43.82 -12.25
CA TYR BA 136 -9.27 42.88 -13.09
C TYR BA 136 -9.20 41.49 -12.52
N GLN BA 137 -8.76 40.56 -13.31
CA GLN BA 137 -8.63 39.20 -12.85
C GLN BA 137 -7.82 38.40 -13.87
N ALA BA 138 -7.32 37.24 -13.48
CA ALA BA 138 -6.53 36.46 -14.41
C ALA BA 138 -6.65 35.00 -14.05
N VAL BA 139 -6.38 34.13 -15.00
CA VAL BA 139 -6.43 32.70 -14.77
C VAL BA 139 -5.31 32.04 -15.55
N GLY BA 140 -4.85 30.88 -15.08
CA GLY BA 140 -3.76 30.17 -15.73
C GLY BA 140 -2.49 30.13 -14.90
N SER BA 141 -1.50 29.39 -15.40
CA SER BA 141 -0.21 29.26 -14.72
C SER BA 141 0.57 30.56 -14.56
N GLY BA 142 0.17 31.62 -15.23
CA GLY BA 142 0.90 32.85 -15.05
C GLY BA 142 0.01 33.94 -14.44
N SER BA 143 -1.18 33.56 -14.00
CA SER BA 143 -2.11 34.51 -13.43
C SER BA 143 -1.57 35.32 -12.21
N LEU BA 144 -0.71 34.75 -11.38
CA LEU BA 144 -0.22 35.54 -10.27
C LEU BA 144 0.67 36.65 -10.79
N PHE BA 145 1.49 36.33 -11.77
CA PHE BA 145 2.37 37.35 -12.29
C PHE BA 145 1.55 38.44 -12.98
N ALA BA 146 0.54 38.04 -13.72
CA ALA BA 146 -0.28 39.00 -14.42
C ALA BA 146 -1.05 39.90 -13.44
N LYS BA 147 -1.62 39.32 -12.41
CA LYS BA 147 -2.36 40.08 -11.45
C LYS BA 147 -1.51 41.06 -10.67
N SER BA 148 -0.31 40.68 -10.32
CA SER BA 148 0.58 41.59 -9.61
C SER BA 148 1.04 42.70 -10.53
N SER BA 149 1.06 42.41 -11.83
CA SER BA 149 1.46 43.41 -12.79
C SER BA 149 0.30 44.43 -12.92
N MET BA 150 -0.91 43.92 -13.12
CA MET BA 150 -2.06 44.77 -13.26
C MET BA 150 -2.32 45.60 -12.02
N LYS BA 151 -2.04 45.09 -10.84
CA LYS BA 151 -2.19 45.88 -9.65
C LYS BA 151 -1.45 47.19 -9.73
N LYS BA 152 -0.24 47.13 -10.24
CA LYS BA 152 0.56 48.32 -10.37
C LYS BA 152 0.22 49.18 -11.60
N LEU BA 153 -0.44 48.60 -12.58
CA LEU BA 153 -0.73 49.34 -13.81
C LEU BA 153 -2.16 49.78 -13.99
N TYR BA 154 -3.06 49.20 -13.20
CA TYR BA 154 -4.48 49.50 -13.34
C TYR BA 154 -4.91 50.96 -13.28
N SER BA 155 -4.25 51.75 -12.46
CA SER BA 155 -4.61 53.16 -12.32
C SER BA 155 -4.44 53.92 -13.63
N GLN BA 156 -3.76 53.31 -14.60
CA GLN BA 156 -3.54 53.94 -15.89
C GLN BA 156 -4.68 53.66 -16.86
N VAL BA 157 -5.61 52.80 -16.46
CA VAL BA 157 -6.69 52.46 -17.35
C VAL BA 157 -7.80 53.46 -17.27
N THR BA 158 -7.91 54.26 -18.33
CA THR BA 158 -8.92 55.31 -18.42
C THR BA 158 -9.93 55.05 -19.52
N ASP BA 159 -9.61 54.15 -20.44
CA ASP BA 159 -10.52 53.84 -21.54
C ASP BA 159 -10.13 52.49 -22.13
N GLY BA 160 -10.89 52.05 -23.13
CA GLY BA 160 -10.60 50.79 -23.78
C GLY BA 160 -9.17 50.68 -24.29
N ASP BA 161 -8.63 51.75 -24.84
CA ASP BA 161 -7.29 51.63 -25.37
C ASP BA 161 -6.26 51.39 -24.29
N SER BA 162 -6.27 52.24 -23.26
CA SER BA 162 -5.31 52.08 -22.18
C SER BA 162 -5.57 50.69 -21.52
N GLY BA 163 -6.86 50.34 -21.36
CA GLY BA 163 -7.23 49.06 -20.81
C GLY BA 163 -6.55 47.92 -21.56
N LEU BA 164 -6.65 47.97 -22.89
CA LEU BA 164 -6.06 46.96 -23.74
C LEU BA 164 -4.54 46.96 -23.59
N ARG BA 165 -3.95 48.13 -23.36
CA ARG BA 165 -2.51 48.14 -23.22
C ARG BA 165 -2.06 47.48 -21.94
N VAL BA 166 -2.80 47.70 -20.86
CA VAL BA 166 -2.45 47.14 -19.58
C VAL BA 166 -2.62 45.61 -19.64
N ALA BA 167 -3.62 45.17 -20.38
CA ALA BA 167 -3.85 43.74 -20.54
C ALA BA 167 -2.66 43.08 -21.25
N VAL BA 168 -2.20 43.67 -22.34
CA VAL BA 168 -1.08 43.10 -23.08
C VAL BA 168 0.20 43.16 -22.23
N GLU BA 169 0.37 44.22 -21.45
CA GLU BA 169 1.58 44.30 -20.65
C GLU BA 169 1.52 43.23 -19.53
N ALA BA 170 0.33 43.00 -18.99
CA ALA BA 170 0.17 42.00 -17.97
C ALA BA 170 0.58 40.60 -18.56
N LEU BA 171 0.10 40.28 -19.77
CA LEU BA 171 0.46 39.01 -20.41
C LEU BA 171 1.96 38.97 -20.64
N TYR BA 172 2.53 40.12 -21.00
CA TYR BA 172 3.96 40.17 -21.24
C TYR BA 172 4.71 39.86 -19.96
N ASP BA 173 4.25 40.38 -18.84
CA ASP BA 173 4.86 40.14 -17.56
C ASP BA 173 4.67 38.70 -17.11
N ALA BA 174 3.53 38.10 -17.44
CA ALA BA 174 3.28 36.70 -17.16
C ALA BA 174 4.31 35.84 -17.91
N ALA BA 175 4.50 36.13 -19.20
CA ALA BA 175 5.43 35.33 -19.99
C ALA BA 175 6.83 35.51 -19.52
N ASP BA 176 7.13 36.67 -18.98
CA ASP BA 176 8.45 36.98 -18.48
C ASP BA 176 8.88 36.03 -17.35
N ASP BA 177 7.91 35.64 -16.56
CA ASP BA 177 8.11 34.80 -15.39
C ASP BA 177 7.59 33.35 -15.44
N ASP BA 178 6.65 33.05 -16.33
CA ASP BA 178 6.08 31.71 -16.48
C ASP BA 178 6.39 31.12 -17.86
N SER BA 179 7.30 30.14 -17.91
CA SER BA 179 7.69 29.53 -19.18
C SER BA 179 6.50 28.92 -19.90
N ALA BA 180 5.42 28.64 -19.18
CA ALA BA 180 4.24 28.05 -19.82
C ALA BA 180 3.36 29.09 -20.47
N THR BA 181 3.75 30.36 -20.41
CA THR BA 181 2.95 31.42 -21.04
C THR BA 181 3.81 31.98 -22.16
N GLY BA 182 3.25 32.15 -23.34
CA GLY BA 182 4.02 32.63 -24.47
C GLY BA 182 4.06 34.14 -24.62
N GLY BA 183 5.23 34.69 -24.79
CA GLY BA 183 5.36 36.12 -24.99
C GLY BA 183 5.10 36.47 -26.46
N PRO BA 184 5.14 37.76 -26.83
CA PRO BA 184 4.92 38.12 -28.23
C PRO BA 184 6.06 37.51 -29.07
N ASP BA 185 5.72 36.85 -30.18
CA ASP BA 185 6.72 36.25 -31.06
C ASP BA 185 6.94 37.19 -32.26
N LEU BA 186 7.97 38.01 -32.18
CA LEU BA 186 8.29 38.95 -33.24
C LEU BA 186 8.81 38.26 -34.49
N VAL BA 187 9.55 37.16 -34.35
CA VAL BA 187 10.05 36.45 -35.51
C VAL BA 187 8.92 35.87 -36.36
N ARG BA 188 7.92 35.24 -35.72
CA ARG BA 188 6.81 34.67 -36.45
C ARG BA 188 5.58 35.58 -36.57
N GLY BA 189 5.60 36.71 -35.88
CA GLY BA 189 4.45 37.60 -35.95
C GLY BA 189 3.24 37.05 -35.24
N ILE BA 190 3.44 36.34 -34.14
CA ILE BA 190 2.31 35.84 -33.36
C ILE BA 190 2.17 36.64 -32.06
N PHE BA 191 0.97 37.11 -31.81
CA PHE BA 191 0.72 37.93 -30.63
C PHE BA 191 -0.51 37.46 -29.88
N PRO BA 192 -0.64 37.91 -28.63
CA PRO BA 192 -1.79 37.54 -27.81
C PRO BA 192 -3.06 37.92 -28.58
N THR BA 193 -4.19 37.29 -28.28
CA THR BA 193 -5.42 37.70 -28.93
C THR BA 193 -6.23 38.44 -27.87
N ALA BA 194 -7.26 39.19 -28.27
CA ALA BA 194 -8.05 39.95 -27.31
C ALA BA 194 -9.42 40.28 -27.83
N VAL BA 195 -10.35 40.42 -26.91
CA VAL BA 195 -11.71 40.79 -27.25
C VAL BA 195 -12.07 42.01 -26.38
N ILE BA 196 -12.75 42.99 -26.98
CA ILE BA 196 -13.19 44.16 -26.23
C ILE BA 196 -14.71 44.14 -26.27
N ILE BA 197 -15.34 44.46 -25.15
CA ILE BA 197 -16.79 44.48 -25.14
C ILE BA 197 -17.31 45.76 -24.53
N ASP BA 198 -18.24 46.43 -25.24
CA ASP BA 198 -18.85 47.65 -24.72
C ASP BA 198 -20.32 47.61 -25.10
N ALA BA 199 -21.03 48.73 -24.93
CA ALA BA 199 -22.45 48.76 -25.29
C ALA BA 199 -22.74 48.29 -26.71
N ASP BA 200 -21.78 48.43 -27.63
CA ASP BA 200 -22.02 48.00 -28.99
C ASP BA 200 -21.72 46.53 -29.23
N GLY BA 201 -21.39 45.80 -28.17
CA GLY BA 201 -21.11 44.39 -28.33
C GLY BA 201 -19.65 43.96 -28.26
N ALA BA 202 -19.44 42.65 -28.36
CA ALA BA 202 -18.12 42.08 -28.28
C ALA BA 202 -17.46 42.06 -29.65
N VAL BA 203 -16.20 42.43 -29.71
CA VAL BA 203 -15.50 42.44 -30.98
C VAL BA 203 -14.07 42.00 -30.81
N ASP BA 204 -13.53 41.31 -31.82
CA ASP BA 204 -12.15 40.85 -31.76
C ASP BA 204 -11.21 42.00 -32.02
N VAL BA 205 -10.12 42.09 -31.28
CA VAL BA 205 -9.18 43.17 -31.47
C VAL BA 205 -8.27 42.79 -32.64
N PRO BA 206 -8.04 43.73 -33.56
CA PRO BA 206 -7.18 43.46 -34.72
C PRO BA 206 -5.77 43.12 -34.29
N GLU BA 207 -5.23 42.05 -34.85
CA GLU BA 207 -3.89 41.58 -34.52
C GLU BA 207 -2.86 42.67 -34.60
N SER BA 208 -3.02 43.55 -35.59
CA SER BA 208 -2.07 44.67 -35.81
C SER BA 208 -2.02 45.61 -34.62
N ARG BA 209 -3.16 45.75 -33.95
CA ARG BA 209 -3.25 46.64 -32.81
C ARG BA 209 -2.47 46.02 -31.66
N ILE BA 210 -2.67 44.72 -31.43
CA ILE BA 210 -1.95 44.04 -30.37
C ILE BA 210 -0.46 44.01 -30.67
N ALA BA 211 -0.10 43.83 -31.94
CA ALA BA 211 1.32 43.84 -32.32
C ALA BA 211 1.99 45.19 -31.99
N GLU BA 212 1.29 46.28 -32.28
CA GLU BA 212 1.76 47.65 -32.03
C GLU BA 212 1.98 47.78 -30.50
N LEU BA 213 0.99 47.39 -29.72
CA LEU BA 213 1.10 47.45 -28.27
C LEU BA 213 2.34 46.67 -27.79
N ALA BA 214 2.42 45.41 -28.19
CA ALA BA 214 3.53 44.53 -27.81
C ALA BA 214 4.89 45.11 -28.15
N ARG BA 215 5.04 45.63 -29.36
CA ARG BA 215 6.33 46.21 -29.75
C ARG BA 215 6.68 47.44 -28.89
N ALA BA 216 5.68 48.16 -28.41
CA ALA BA 216 5.92 49.34 -27.59
C ALA BA 216 6.46 48.91 -26.24
N ILE BA 217 5.80 47.90 -25.68
CA ILE BA 217 6.21 47.38 -24.39
C ILE BA 217 7.68 46.96 -24.51
N ILE BA 218 7.97 46.16 -25.52
CA ILE BA 218 9.33 45.68 -25.72
C ILE BA 218 10.37 46.81 -25.87
N GLU BA 219 10.00 47.88 -26.60
CA GLU BA 219 10.90 49.02 -26.81
C GLU BA 219 11.11 49.72 -25.48
N SER BA 220 10.03 49.82 -24.71
CA SER BA 220 10.08 50.44 -23.40
C SER BA 220 11.07 49.66 -22.51
N ARG BA 221 10.82 48.37 -22.26
CA ARG BA 221 11.73 47.57 -21.44
C ARG BA 221 13.20 47.56 -21.95
N SER BA 222 13.43 47.73 -23.24
CA SER BA 222 14.80 47.74 -23.80
C SER BA 222 15.69 48.92 -23.39
N ASN CA 1 -14.86 -26.12 5.02
CA ASN CA 1 -14.14 -27.43 4.97
C ASN CA 1 -13.72 -27.70 3.49
N GLN CA 2 -12.53 -28.30 3.45
CA GLN CA 2 -11.80 -28.72 2.28
C GLN CA 2 -11.90 -30.22 2.20
N LEU CA 3 -12.02 -30.70 0.96
CA LEU CA 3 -12.13 -32.12 0.63
C LEU CA 3 -10.83 -32.53 -0.08
N ASN DA 1 10.29 -27.59 7.15
CA ASN DA 1 9.31 -28.61 7.63
C ASN DA 1 8.89 -28.20 9.07
N GLN DA 2 7.65 -28.59 9.33
CA GLN DA 2 6.95 -28.38 10.58
C GLN DA 2 6.79 -29.71 11.31
N LEU DA 3 6.93 -29.59 12.63
CA LEU DA 3 6.79 -30.70 13.59
C LEU DA 3 5.42 -30.53 14.29
N ASN EA 1 6.18 26.41 13.73
CA ASN EA 1 5.71 27.72 13.14
C ASN EA 1 6.56 27.95 11.86
N GLN EA 2 5.85 28.57 10.94
CA GLN EA 2 6.35 28.96 9.64
C GLN EA 2 6.44 30.47 9.67
N LEU EA 3 7.53 30.93 9.11
CA LEU EA 3 7.88 32.34 8.96
C LEU EA 3 7.48 32.70 7.49
N ASN FA 1 -21.96 -8.05 19.84
CA ASN FA 1 -21.78 -9.15 20.85
C ASN FA 1 -21.70 -10.54 20.10
N GLN FA 2 -20.82 -11.32 20.68
CA GLN FA 2 -20.48 -12.68 20.30
C GLN FA 2 -21.11 -13.61 21.29
N LEU FA 3 -21.62 -14.71 20.74
CA LEU FA 3 -22.24 -15.80 21.51
C LEU FA 3 -21.21 -16.95 21.57
N ASN GA 1 -4.75 -24.69 -17.10
CA ASN GA 1 -3.65 -25.21 -18.03
C ASN GA 1 -3.41 -24.18 -19.19
N GLN GA 2 -2.13 -24.18 -19.54
CA GLN GA 2 -1.51 -23.40 -20.57
C GLN GA 2 -1.08 -24.33 -21.70
N LEU GA 3 -1.43 -23.90 -22.90
CA LEU GA 3 -1.12 -24.58 -24.17
C LEU GA 3 0.21 -23.97 -24.70
N ASN HA 1 1.27 -15.34 26.17
CA ASN HA 1 0.10 -15.34 27.12
C ASN HA 1 0.03 -13.91 27.74
N GLN HA 2 -1.21 -13.59 27.99
CA GLN HA 2 -1.68 -12.35 28.55
C GLN HA 2 -2.16 -12.60 29.96
N LEU HA 3 -1.72 -11.72 30.82
CA LEU HA 3 -2.07 -11.71 32.26
C LEU HA 3 -3.18 -10.63 32.42
N ASN IA 1 -0.44 8.78 29.06
CA ASN IA 1 -1.39 9.82 29.58
C ASN IA 1 -0.96 11.21 28.99
N GLN IA 2 -1.99 11.93 28.71
CA GLN IA 2 -1.89 13.27 28.18
C GLN IA 2 -2.22 14.26 29.28
N LEU IA 3 -1.41 15.32 29.27
CA LEU IA 3 -1.53 16.47 30.20
C LEU IA 3 -2.19 17.62 29.37
N ASN JA 1 -20.59 15.84 16.01
CA ASN JA 1 -20.59 15.82 17.50
C ASN JA 1 -21.08 14.40 17.96
N GLN JA 2 -20.43 14.01 19.05
CA GLN JA 2 -20.58 12.79 19.81
C GLN JA 2 -21.34 13.14 21.09
N LEU JA 3 -22.20 12.24 21.46
CA LEU JA 3 -23.03 12.35 22.64
C LEU JA 3 -22.46 11.36 23.70
N ASN KA 1 19.44 -18.96 -13.61
CA ASN KA 1 18.94 -20.28 -14.12
C ASN KA 1 18.65 -21.19 -12.87
N GLN KA 2 17.63 -21.99 -13.10
CA GLN KA 2 17.08 -22.97 -12.20
C GLN KA 2 17.53 -24.33 -12.67
N LEU KA 3 17.95 -25.13 -11.68
CA LEU KA 3 18.43 -26.51 -11.85
C LEU KA 3 17.25 -27.42 -11.45
N ASN LA 1 0.68 -4.84 -30.12
CA ASN LA 1 1.76 -4.17 -30.96
C ASN LA 1 1.48 -2.60 -31.00
N GLN LA 2 2.65 -1.95 -31.06
CA GLN LA 2 2.87 -0.53 -31.10
C GLN LA 2 3.30 -0.10 -32.48
N LEU LA 3 2.64 0.96 -32.96
CA LEU LA 3 2.83 1.65 -34.26
C LEU LA 3 3.63 2.95 -34.01
N ASN MA 1 -11.75 27.63 -3.46
CA ASN MA 1 -11.48 28.70 -2.44
C ASN MA 1 -12.32 28.28 -1.16
N GLN MA 2 -11.71 28.68 -0.04
CA GLN MA 2 -12.20 28.49 1.32
C GLN MA 2 -12.66 29.84 1.85
N LEU MA 3 -13.78 29.76 2.55
CA LEU MA 3 -14.41 30.91 3.20
C LEU MA 3 -13.99 30.88 4.70
N ASN NA 1 16.40 24.26 -8.33
CA ASN NA 1 16.34 24.83 -9.74
C ASN NA 1 17.11 23.85 -10.70
N GLN NA 2 16.45 23.76 -11.85
CA GLN NA 2 16.84 22.98 -13.02
C GLN NA 2 17.42 23.91 -14.05
N LEU NA 3 18.48 23.39 -14.68
CA LEU NA 3 19.21 24.09 -15.73
C LEU NA 3 18.77 23.42 -17.06
N ASN OA 1 22.41 4.20 -20.59
CA ASN OA 1 22.35 3.52 -21.93
C ASN OA 1 22.54 1.98 -21.74
N GLN OA 2 21.81 1.32 -22.62
CA GLN OA 2 21.72 -0.11 -22.78
C GLN OA 2 22.45 -0.48 -24.04
N LEU OA 3 23.21 -1.58 -23.93
CA LEU OA 3 23.99 -2.17 -25.03
C LEU OA 3 23.20 -3.38 -25.58
N ASN PA 1 -2.46 18.47 -24.01
CA ASN PA 1 -1.78 19.80 -24.01
C ASN PA 1 -2.52 20.70 -22.96
N GLN PA 2 -1.64 21.49 -22.36
CA GLN PA 2 -1.92 22.47 -21.35
C GLN PA 2 -1.80 23.86 -21.96
N LEU PA 3 -2.77 24.65 -21.58
CA LEU PA 3 -2.90 26.04 -21.99
C LEU PA 3 -2.45 26.89 -20.76
#